data_7NIT
#
_entry.id   7NIT
#
_cell.length_a   116.947
_cell.length_b   130.042
_cell.length_c   200.580
_cell.angle_alpha   86.991
_cell.angle_beta   84.830
_cell.angle_gamma   83.788
#
_symmetry.space_group_name_H-M   'P 1'
#
loop_
_entity.id
_entity.type
_entity.pdbx_description
1 polymer Beta-galactosidase
2 non-polymer 'SULFATE ION'
3 non-polymer GLYCEROL
4 non-polymer 'CALCIUM ION'
5 water water
#
_entity_poly.entity_id   1
_entity_poly.type   'polypeptide(L)'
_entity_poly.pdbx_seq_one_letter_code
;VEDATRSDSTTQMSSTPEVVYSSAVDSKQNRTSDFDANWKFMLSDSVQAQDPAFDDSAWQQVDLPHDYSITQKYSQSNEA
ESAYLPGGTGWYRKSFTIDRDLAGKRIAINFDGVYMNATVWFNGVKLGTHPYGYSPFSFDLTGNAKFGGENTIVVKVENR
LPSSRWYSGSGIYRDVTLTVTDGVHVGNNGVAIKTPSLATQNGGNVTMNLTTKVANDTKAAANITLKQTVFPKGGKTDAA
IGTVTTASKSIAAGASADVTSTITAASPKLWSIKNPNLYTVRTEVLNGGKVLDTYDTEYGFRWTGFDATSGFSLNGEKVK
LKGVSMHHDQGSLGAVANRRAIERQVEILQKMGVNSIRTTHNPAAKALIDVCNEKGVLVVEEVFDMWNRSKNGNTEDYGK
WFGQAIAGDNAVLGGDKDETWAKFDLTSTINRDRNAPSVIMWSLGNEMMEGISGSVSGFPATSAKLVAWTKAADSTRPMT
YGDNKIKANWNESNTMGDNLTANGGVVGTNYSDGANYDKIRTTHPSWAIYGSETASAINSRGIYNRTTGGAQSSDKQLTS
YDNSAVGWGAVASSAWYDVVQRDFVAGTYVWTGFDYLGEPTPWNGTGSGAVGSWPSPKNSYFGIVDTAGFPKDTYYFYQS
QWNDDVHTLHILPAWNENVVAKGSGNNVPVVVYTDAAKVKLYFTPKGSTEKRLIGEKSFTKKTTAAGYTYQVYEGADKDS
TAHKNMYLTWNVPWAEGTISAEAYDENNRLIPEGSTEGNASVTTTGKAAKLKADADRKTITADGKDLSYIEVDVTDANGH
IVPDAANRVTFDVKGAGKLVGVDNGSSPDHDSYQADNRKAFSGKVLAIVQSTKEAGEITVTAKADGLQSSTVKIATTAVP
GTSTEKTVRSFYYSRNYYVKTGNKPILPSDVEVRYSDGTSDRQNVTWDAVSDDQIAKAGSFSVAGTVAGQKISVRVTMID
EIGALLNYSASTPVGTPAVLPGSRPAVLPDGTVTSANFAVDWTKPADTVYNTAGTVKVPGTATVFGKEFKVTATIRVQRS
QVTIGSSVSGNALRLTQNIPADKQSDTLDAIKDGSTTVDANTGGGANPSAWTNWAYSKAGHNTAEITFEYATEQQLGQIV
MYFFRDSNAVRFPDAGKTKIQISADGKNWTDLAATETIAAQESSERVKPYTYDFAPVGATFVKVTVTNADTTTPSGVVCA
GLTEIELKTATSKFVTNTSAALSSLTVNGTKVSDSVLAAGSYNTPAIIADVKAEGEGNASVTVLPAHDNVIRVITESEDH
VTRKTFTINLGTEQEFPADSDERD
;
_entity_poly.pdbx_strand_id   A,B,C,D,E,F
#
loop_
_chem_comp.id
_chem_comp.type
_chem_comp.name
_chem_comp.formula
CA non-polymer 'CALCIUM ION' 'Ca 2'
GOL non-polymer GLYCEROL 'C3 H8 O3'
SO4 non-polymer 'SULFATE ION' 'O4 S -2'
#
# COMPACT_ATOMS: atom_id res chain seq x y z
N THR A 11 -17.40 126.68 9.28
CA THR A 11 -16.27 127.46 8.63
C THR A 11 -16.19 127.02 7.16
N GLN A 12 -15.03 126.52 6.71
CA GLN A 12 -14.87 125.85 5.41
C GLN A 12 -13.71 124.86 5.50
N MET A 13 -13.76 123.79 4.68
CA MET A 13 -12.67 122.83 4.54
C MET A 13 -12.24 122.77 3.07
N SER A 14 -10.95 122.46 2.87
CA SER A 14 -10.32 122.44 1.56
C SER A 14 -9.55 121.13 1.38
N SER A 15 -9.58 120.58 0.16
CA SER A 15 -8.78 119.44 -0.29
C SER A 15 -7.30 119.75 -0.16
N THR A 16 -6.45 118.71 -0.03
CA THR A 16 -5.02 118.97 0.06
C THR A 16 -4.50 119.42 -1.30
N PRO A 17 -3.39 120.18 -1.36
CA PRO A 17 -2.87 120.69 -2.63
C PRO A 17 -2.39 119.54 -3.52
N GLU A 18 -2.91 119.53 -4.76
CA GLU A 18 -2.57 118.56 -5.79
C GLU A 18 -1.89 119.30 -6.95
N VAL A 19 -1.09 118.57 -7.74
CA VAL A 19 -0.50 119.13 -8.95
C VAL A 19 -1.59 119.19 -10.02
N VAL A 20 -1.97 120.40 -10.45
CA VAL A 20 -2.97 120.58 -11.49
C VAL A 20 -2.28 120.91 -12.80
N TYR A 21 -2.49 120.03 -13.79
CA TYR A 21 -2.01 120.17 -15.15
C TYR A 21 -3.18 120.69 -15.98
N SER A 22 -2.94 121.74 -16.79
CA SER A 22 -3.99 122.20 -17.70
C SER A 22 -3.90 121.46 -19.03
N SER A 23 -4.93 120.67 -19.33
CA SER A 23 -5.00 119.89 -20.55
C SER A 23 -6.02 120.58 -21.46
N ALA A 24 -5.65 120.81 -22.73
CA ALA A 24 -6.50 121.55 -23.63
C ALA A 24 -6.63 120.86 -24.99
N VAL A 25 -7.81 120.92 -25.58
CA VAL A 25 -8.05 120.43 -26.93
C VAL A 25 -8.51 121.62 -27.78
N ASP A 26 -7.66 122.04 -28.74
CA ASP A 26 -8.00 123.10 -29.67
C ASP A 26 -7.80 122.56 -31.10
N SER A 27 -8.11 123.40 -32.09
CA SER A 27 -8.07 123.02 -33.50
C SER A 27 -6.66 123.10 -34.04
N LYS A 28 -5.75 123.74 -33.29
CA LYS A 28 -4.33 123.79 -33.63
C LYS A 28 -3.72 122.38 -33.66
N GLN A 29 -4.31 121.44 -32.89
CA GLN A 29 -3.81 120.07 -32.77
C GLN A 29 -4.07 119.27 -34.05
N ASN A 30 -3.32 118.16 -34.24
CA ASN A 30 -3.49 117.29 -35.40
C ASN A 30 -4.76 116.46 -35.25
N ARG A 31 -5.23 115.90 -36.38
CA ARG A 31 -6.52 115.25 -36.48
C ARG A 31 -6.68 114.27 -35.32
N THR A 32 -5.66 113.42 -35.18
CA THR A 32 -5.51 112.46 -34.11
C THR A 32 -4.30 112.85 -33.29
N SER A 33 -4.49 113.02 -31.97
CA SER A 33 -3.51 113.55 -31.03
C SER A 33 -3.36 112.60 -29.85
N ASP A 34 -2.14 112.49 -29.33
CA ASP A 34 -1.83 111.69 -28.15
C ASP A 34 -2.57 112.29 -26.95
N PHE A 35 -3.31 111.45 -26.22
CA PHE A 35 -4.14 111.90 -25.11
C PHE A 35 -3.74 111.15 -23.83
N ASP A 36 -2.45 110.78 -23.74
CA ASP A 36 -1.97 109.83 -22.75
C ASP A 36 -1.71 110.52 -21.40
N ALA A 37 -1.43 111.82 -21.45
CA ALA A 37 -0.84 112.55 -20.33
C ALA A 37 -1.91 112.99 -19.33
N ASN A 38 -1.51 113.10 -18.05
CA ASN A 38 -2.22 113.77 -16.98
C ASN A 38 -3.58 113.13 -16.72
N TRP A 39 -3.56 111.85 -16.33
CA TRP A 39 -4.76 111.18 -15.86
C TRP A 39 -4.65 111.00 -14.34
N LYS A 40 -5.80 110.96 -13.68
CA LYS A 40 -5.84 110.62 -12.27
C LYS A 40 -6.36 109.19 -12.16
N PHE A 41 -5.72 108.39 -11.29
CA PHE A 41 -6.05 106.99 -11.13
C PHE A 41 -6.28 106.69 -9.65
N MET A 42 -7.19 105.76 -9.38
CA MET A 42 -7.43 105.23 -8.04
C MET A 42 -7.89 103.79 -8.13
N LEU A 43 -7.19 102.89 -7.43
CA LEU A 43 -7.64 101.52 -7.25
C LEU A 43 -8.64 101.48 -6.10
N SER A 44 -9.91 101.13 -6.38
CA SER A 44 -10.94 101.09 -5.36
C SER A 44 -12.19 100.37 -5.86
N ASP A 45 -12.55 99.33 -5.10
CA ASP A 45 -13.70 98.49 -5.39
C ASP A 45 -15.02 99.24 -5.12
N SER A 46 -14.95 100.36 -4.39
CA SER A 46 -16.09 100.96 -3.71
C SER A 46 -16.50 102.30 -4.29
N VAL A 47 -15.50 103.14 -4.65
CA VAL A 47 -15.72 104.53 -5.05
C VAL A 47 -16.67 104.61 -6.24
N GLN A 48 -17.35 105.76 -6.37
CA GLN A 48 -18.17 106.12 -7.54
C GLN A 48 -17.72 107.48 -8.08
N ALA A 49 -16.86 107.47 -9.12
CA ALA A 49 -16.15 108.68 -9.54
C ALA A 49 -16.59 109.17 -10.91
N GLN A 50 -17.82 108.81 -11.35
CA GLN A 50 -18.30 109.13 -12.69
C GLN A 50 -18.61 110.62 -12.86
N ASP A 51 -19.22 111.22 -11.83
CA ASP A 51 -19.66 112.60 -11.83
C ASP A 51 -18.44 113.53 -11.91
N PRO A 52 -18.47 114.58 -12.78
CA PRO A 52 -17.31 115.46 -12.94
C PRO A 52 -16.91 116.21 -11.68
N ALA A 53 -17.84 116.28 -10.71
CA ALA A 53 -17.69 117.05 -9.49
C ALA A 53 -16.75 116.37 -8.50
N PHE A 54 -16.65 115.03 -8.60
CA PHE A 54 -15.93 114.19 -7.65
C PHE A 54 -14.56 114.77 -7.34
N ASP A 55 -14.13 114.62 -6.07
CA ASP A 55 -12.88 115.15 -5.56
C ASP A 55 -11.74 114.17 -5.81
N ASP A 56 -11.08 114.33 -6.96
CA ASP A 56 -10.00 113.44 -7.38
C ASP A 56 -8.65 114.01 -6.98
N SER A 57 -8.66 115.00 -6.08
CA SER A 57 -7.48 115.69 -5.61
C SER A 57 -6.49 114.71 -4.98
N ALA A 58 -7.05 113.73 -4.25
CA ALA A 58 -6.22 112.78 -3.51
C ALA A 58 -5.82 111.60 -4.39
N TRP A 59 -6.03 111.68 -5.71
CA TRP A 59 -5.74 110.57 -6.60
C TRP A 59 -4.32 110.71 -7.14
N GLN A 60 -3.76 109.57 -7.54
CA GLN A 60 -2.43 109.48 -8.11
C GLN A 60 -2.45 109.96 -9.56
N GLN A 61 -1.50 110.83 -9.93
CA GLN A 61 -1.40 111.31 -11.30
C GLN A 61 -0.49 110.37 -12.07
N VAL A 62 -0.97 109.90 -13.24
CA VAL A 62 -0.29 108.89 -14.04
C VAL A 62 -0.35 109.30 -15.50
N ASP A 63 0.69 108.90 -16.26
CA ASP A 63 0.67 109.01 -17.72
C ASP A 63 0.39 107.63 -18.29
N LEU A 64 -0.61 107.53 -19.18
CA LEU A 64 -0.88 106.29 -19.90
C LEU A 64 0.22 106.07 -20.93
N PRO A 65 0.57 104.81 -21.29
CA PRO A 65 -0.18 103.63 -20.82
C PRO A 65 0.23 103.23 -19.41
N HIS A 66 -0.63 102.47 -18.74
CA HIS A 66 -0.55 102.22 -17.30
C HIS A 66 -1.19 100.87 -16.97
N ASP A 67 -0.49 100.06 -16.17
CA ASP A 67 -0.97 98.77 -15.69
C ASP A 67 -1.04 98.80 -14.17
N TYR A 68 -2.24 98.66 -13.61
CA TYR A 68 -2.46 98.81 -12.17
C TYR A 68 -2.41 97.48 -11.42
N SER A 69 -2.16 96.37 -12.14
CA SER A 69 -1.96 95.06 -11.54
C SER A 69 -0.51 94.90 -11.09
N ILE A 70 0.41 95.50 -11.87
CA ILE A 70 1.84 95.19 -11.73
C ILE A 70 2.39 95.83 -10.47
N THR A 71 1.65 96.79 -9.89
CA THR A 71 2.13 97.57 -8.76
C THR A 71 1.64 97.00 -7.42
N GLN A 72 0.50 96.28 -7.45
CA GLN A 72 0.00 95.53 -6.30
C GLN A 72 0.96 94.40 -5.93
N LYS A 73 0.82 93.87 -4.70
CA LYS A 73 1.76 92.92 -4.12
C LYS A 73 1.28 91.51 -4.44
N TYR A 74 2.22 90.58 -4.64
CA TYR A 74 1.89 89.19 -4.92
C TYR A 74 1.12 88.61 -3.73
N SER A 75 0.29 87.59 -3.95
CA SER A 75 -0.49 86.97 -2.88
C SER A 75 -0.94 85.56 -3.26
N GLN A 76 -0.70 84.60 -2.35
CA GLN A 76 -1.03 83.20 -2.56
C GLN A 76 -2.53 82.96 -2.69
N SER A 77 -3.35 83.93 -2.30
CA SER A 77 -4.79 83.79 -2.40
C SER A 77 -5.21 83.89 -3.87
N ASN A 78 -4.36 84.53 -4.68
CA ASN A 78 -4.51 84.62 -6.12
C ASN A 78 -4.05 83.32 -6.78
N GLU A 79 -4.00 83.31 -8.12
CA GLU A 79 -3.73 82.10 -8.89
C GLU A 79 -2.41 82.26 -9.64
N ALA A 80 -1.71 81.14 -9.84
CA ALA A 80 -0.39 81.11 -10.47
C ALA A 80 -0.45 81.56 -11.93
N GLU A 81 -1.41 81.02 -12.68
CA GLU A 81 -1.59 81.35 -14.09
C GLU A 81 -1.52 82.87 -14.30
N SER A 82 -2.13 83.65 -13.39
CA SER A 82 -2.25 85.11 -13.49
C SER A 82 -1.18 85.83 -12.67
N ALA A 83 -0.09 85.11 -12.31
CA ALA A 83 1.16 85.59 -11.73
C ALA A 83 1.06 85.86 -10.23
N TYR A 84 0.05 85.25 -9.59
CA TYR A 84 -0.32 85.50 -8.20
C TYR A 84 -0.63 86.98 -7.96
N LEU A 85 -0.79 87.76 -9.04
CA LEU A 85 -1.11 89.17 -8.91
C LEU A 85 -2.61 89.39 -9.09
N PRO A 86 -3.15 90.41 -8.39
CA PRO A 86 -4.59 90.67 -8.40
C PRO A 86 -4.96 91.67 -9.49
N GLY A 87 -6.28 91.80 -9.71
CA GLY A 87 -6.77 92.79 -10.66
C GLY A 87 -7.60 93.86 -9.96
N GLY A 88 -8.92 93.73 -10.09
CA GLY A 88 -9.86 94.54 -9.33
C GLY A 88 -10.30 95.74 -10.14
N THR A 89 -10.87 96.73 -9.45
CA THR A 89 -11.56 97.86 -10.06
C THR A 89 -10.66 99.09 -10.02
N GLY A 90 -10.32 99.62 -11.20
CA GLY A 90 -9.54 100.82 -11.38
C GLY A 90 -10.37 101.94 -11.99
N TRP A 91 -10.14 103.16 -11.50
CA TRP A 91 -10.82 104.35 -12.00
C TRP A 91 -9.78 105.30 -12.59
N TYR A 92 -10.02 105.71 -13.83
CA TYR A 92 -9.22 106.74 -14.48
C TYR A 92 -10.12 107.92 -14.76
N ARG A 93 -9.62 109.12 -14.44
CA ARG A 93 -10.32 110.38 -14.66
C ARG A 93 -9.33 111.35 -15.28
N LYS A 94 -9.80 112.11 -16.28
CA LYS A 94 -9.02 113.18 -16.89
C LYS A 94 -9.95 114.36 -17.19
N SER A 95 -9.57 115.53 -16.69
CA SER A 95 -10.29 116.78 -16.90
C SER A 95 -9.50 117.68 -17.82
N PHE A 96 -10.21 118.35 -18.74
CA PHE A 96 -9.58 119.09 -19.83
C PHE A 96 -10.59 120.08 -20.40
N THR A 97 -10.08 121.21 -20.90
CA THR A 97 -10.88 122.20 -21.60
C THR A 97 -10.92 121.82 -23.08
N ILE A 98 -12.07 122.09 -23.71
CA ILE A 98 -12.23 122.03 -25.15
C ILE A 98 -12.40 123.48 -25.61
N ASP A 99 -11.39 124.02 -26.32
CA ASP A 99 -11.42 125.38 -26.84
C ASP A 99 -12.66 125.56 -27.71
N ARG A 100 -13.22 126.78 -27.72
CA ARG A 100 -14.49 127.02 -28.39
C ARG A 100 -14.31 127.02 -29.92
N ASP A 101 -13.05 127.01 -30.38
CA ASP A 101 -12.76 126.95 -31.81
C ASP A 101 -13.16 125.59 -32.38
N LEU A 102 -13.44 124.61 -31.51
CA LEU A 102 -13.83 123.26 -31.89
C LEU A 102 -15.34 123.14 -32.06
N ALA A 103 -16.05 124.25 -31.79
CA ALA A 103 -17.48 124.28 -32.06
C ALA A 103 -17.69 123.92 -33.52
N GLY A 104 -18.65 123.01 -33.76
CA GLY A 104 -18.89 122.57 -35.12
C GLY A 104 -18.19 121.24 -35.41
N LYS A 105 -17.02 121.03 -34.79
CA LYS A 105 -16.19 119.86 -35.04
C LYS A 105 -16.78 118.65 -34.33
N ARG A 106 -16.35 117.45 -34.77
CA ARG A 106 -16.64 116.17 -34.12
C ARG A 106 -15.41 115.68 -33.35
N ILE A 107 -15.66 115.11 -32.16
CA ILE A 107 -14.60 114.70 -31.26
C ILE A 107 -14.87 113.26 -30.83
N ALA A 108 -13.83 112.43 -30.86
CA ALA A 108 -13.91 111.05 -30.43
C ALA A 108 -12.67 110.66 -29.62
N ILE A 109 -12.85 109.77 -28.63
CA ILE A 109 -11.76 109.17 -27.88
C ILE A 109 -11.54 107.72 -28.35
N ASN A 110 -10.26 107.34 -28.50
CA ASN A 110 -9.90 106.04 -29.03
C ASN A 110 -8.96 105.33 -28.07
N PHE A 111 -9.39 104.12 -27.64
CA PHE A 111 -8.62 103.24 -26.77
C PHE A 111 -8.08 102.07 -27.61
N ASP A 112 -6.76 101.82 -27.55
CA ASP A 112 -6.17 100.71 -28.31
C ASP A 112 -6.33 99.42 -27.53
N GLY A 113 -6.40 99.54 -26.20
CA GLY A 113 -6.70 98.43 -25.33
C GLY A 113 -7.01 98.91 -23.92
N VAL A 114 -7.96 98.24 -23.26
CA VAL A 114 -8.29 98.46 -21.85
C VAL A 114 -8.73 97.12 -21.28
N TYR A 115 -7.91 96.55 -20.36
CA TYR A 115 -8.17 95.25 -19.75
C TYR A 115 -8.61 95.41 -18.31
N MET A 116 -9.87 95.06 -18.01
CA MET A 116 -10.94 94.79 -18.95
C MET A 116 -12.29 95.24 -18.35
N ASN A 117 -13.40 94.90 -19.02
CA ASN A 117 -14.73 95.35 -18.64
C ASN A 117 -14.73 96.85 -18.37
N ALA A 118 -14.48 97.63 -19.42
CA ALA A 118 -14.38 99.08 -19.28
C ALA A 118 -15.78 99.68 -19.37
N THR A 119 -15.99 100.78 -18.62
CA THR A 119 -17.20 101.59 -18.64
C THR A 119 -16.75 103.03 -18.78
N VAL A 120 -17.37 103.76 -19.72
CA VAL A 120 -16.91 105.11 -20.03
C VAL A 120 -18.06 106.10 -19.82
N TRP A 121 -17.77 107.17 -19.06
CA TRP A 121 -18.63 108.33 -18.90
C TRP A 121 -17.91 109.54 -19.46
N PHE A 122 -18.69 110.44 -20.07
CA PHE A 122 -18.21 111.77 -20.43
C PHE A 122 -19.15 112.82 -19.85
N ASN A 123 -18.58 113.69 -19.01
CA ASN A 123 -19.33 114.72 -18.33
C ASN A 123 -20.58 114.11 -17.69
N GLY A 124 -20.39 113.02 -16.95
CA GLY A 124 -21.49 112.42 -16.21
C GLY A 124 -22.42 111.54 -17.06
N VAL A 125 -22.48 111.73 -18.38
CA VAL A 125 -23.26 110.84 -19.24
C VAL A 125 -22.48 109.53 -19.48
N LYS A 126 -23.18 108.40 -19.29
CA LYS A 126 -22.59 107.08 -19.45
C LYS A 126 -22.67 106.67 -20.91
N LEU A 127 -21.50 106.51 -21.56
CA LEU A 127 -21.45 106.30 -23.00
C LEU A 127 -21.69 104.83 -23.33
N GLY A 128 -21.00 103.94 -22.62
CA GLY A 128 -21.22 102.51 -22.77
C GLY A 128 -20.10 101.70 -22.13
N THR A 129 -19.97 100.44 -22.58
CA THR A 129 -19.04 99.50 -22.00
C THR A 129 -18.32 98.73 -23.11
N HIS A 130 -17.17 98.14 -22.76
CA HIS A 130 -16.42 97.27 -23.63
C HIS A 130 -15.73 96.15 -22.85
N PRO A 131 -16.27 94.90 -22.94
CA PRO A 131 -15.75 93.77 -22.15
C PRO A 131 -14.32 93.34 -22.47
N TYR A 132 -14.03 93.07 -23.76
CA TYR A 132 -12.76 92.46 -24.15
C TYR A 132 -11.56 93.35 -23.83
N GLY A 133 -10.48 92.71 -23.37
CA GLY A 133 -9.34 93.44 -22.85
C GLY A 133 -8.26 93.77 -23.88
N TYR A 134 -8.32 93.19 -25.09
CA TYR A 134 -7.23 93.35 -26.05
C TYR A 134 -7.65 93.95 -27.40
N SER A 135 -8.95 94.03 -27.69
CA SER A 135 -9.44 94.63 -28.91
C SER A 135 -9.56 96.14 -28.72
N PRO A 136 -9.31 96.95 -29.77
CA PRO A 136 -9.41 98.42 -29.68
C PRO A 136 -10.85 98.85 -29.86
N PHE A 137 -11.19 100.06 -29.36
CA PHE A 137 -12.54 100.63 -29.42
C PHE A 137 -12.54 102.14 -29.20
N SER A 138 -13.68 102.77 -29.53
CA SER A 138 -13.84 104.23 -29.56
C SER A 138 -15.18 104.64 -28.96
N PHE A 139 -15.25 105.90 -28.47
CA PHE A 139 -16.52 106.53 -28.14
C PHE A 139 -16.59 107.95 -28.71
N ASP A 140 -17.77 108.31 -29.23
CA ASP A 140 -18.05 109.68 -29.63
C ASP A 140 -18.24 110.56 -28.39
N LEU A 141 -17.62 111.75 -28.40
CA LEU A 141 -17.74 112.71 -27.31
C LEU A 141 -18.50 113.95 -27.75
N THR A 142 -18.71 114.10 -29.07
CA THR A 142 -19.29 115.30 -29.67
C THR A 142 -20.55 115.71 -28.90
N GLY A 143 -21.53 114.78 -28.85
CA GLY A 143 -22.88 115.09 -28.39
C GLY A 143 -22.94 115.60 -26.95
N ASN A 144 -21.93 115.27 -26.15
CA ASN A 144 -21.94 115.49 -24.72
C ASN A 144 -20.85 116.46 -24.29
N ALA A 145 -20.04 116.92 -25.26
CA ALA A 145 -18.96 117.85 -24.97
C ALA A 145 -19.56 119.18 -24.55
N LYS A 146 -18.87 119.85 -23.61
CA LYS A 146 -19.14 121.23 -23.27
C LYS A 146 -18.06 122.07 -23.93
N PHE A 147 -18.43 122.80 -24.99
CA PHE A 147 -17.45 123.52 -25.81
C PHE A 147 -17.07 124.83 -25.13
N GLY A 148 -15.79 125.19 -25.23
CA GLY A 148 -15.21 126.30 -24.50
C GLY A 148 -15.30 126.15 -22.98
N GLY A 149 -15.37 124.90 -22.50
CA GLY A 149 -15.56 124.64 -21.08
C GLY A 149 -14.70 123.47 -20.56
N GLU A 150 -14.82 123.21 -19.25
CA GLU A 150 -14.17 122.09 -18.58
C GLU A 150 -14.98 120.82 -18.88
N ASN A 151 -14.28 119.75 -19.28
CA ASN A 151 -14.86 118.43 -19.53
C ASN A 151 -14.07 117.38 -18.75
N THR A 152 -14.77 116.28 -18.42
CA THR A 152 -14.21 115.21 -17.60
C THR A 152 -14.64 113.85 -18.17
N ILE A 153 -13.64 113.10 -18.66
CA ILE A 153 -13.80 111.74 -19.12
C ILE A 153 -13.39 110.79 -17.99
N VAL A 154 -14.14 109.68 -17.85
CA VAL A 154 -13.94 108.73 -16.77
C VAL A 154 -14.07 107.30 -17.32
N VAL A 155 -13.04 106.49 -17.06
CA VAL A 155 -13.00 105.09 -17.46
C VAL A 155 -12.92 104.24 -16.19
N LYS A 156 -13.89 103.33 -16.02
CA LYS A 156 -13.89 102.37 -14.93
C LYS A 156 -13.54 100.99 -15.49
N VAL A 157 -12.40 100.45 -15.04
CA VAL A 157 -11.86 99.17 -15.45
C VAL A 157 -12.12 98.15 -14.35
N GLU A 158 -12.89 97.11 -14.65
CA GLU A 158 -13.15 96.02 -13.72
C GLU A 158 -12.55 94.72 -14.26
N ASN A 159 -11.29 94.47 -13.90
CA ASN A 159 -10.65 93.19 -14.15
C ASN A 159 -10.96 92.26 -12.98
N ARG A 160 -12.16 91.66 -13.00
CA ARG A 160 -12.56 90.75 -11.95
C ARG A 160 -11.90 89.42 -12.27
N LEU A 161 -10.98 88.96 -11.40
CA LEU A 161 -10.34 87.67 -11.59
C LEU A 161 -11.31 86.53 -11.26
N PRO A 162 -11.15 85.32 -11.85
CA PRO A 162 -10.08 85.05 -12.82
C PRO A 162 -10.50 85.27 -14.28
N SER A 163 -9.61 85.88 -15.09
CA SER A 163 -9.99 86.28 -16.45
C SER A 163 -8.94 85.93 -17.51
N SER A 164 -7.85 85.25 -17.11
CA SER A 164 -6.76 84.98 -18.04
C SER A 164 -6.01 83.74 -17.63
N ARG A 165 -5.43 83.02 -18.60
CA ARG A 165 -4.59 81.86 -18.32
C ARG A 165 -3.14 82.34 -18.21
N TRP A 166 -2.93 83.64 -18.39
CA TRP A 166 -1.62 84.27 -18.30
C TRP A 166 -1.79 85.62 -17.62
N TYR A 167 -0.70 86.28 -17.25
CA TYR A 167 -0.81 87.61 -16.68
C TYR A 167 -1.42 88.59 -17.68
N SER A 168 -2.67 89.00 -17.41
CA SER A 168 -3.36 90.05 -18.15
C SER A 168 -2.72 91.40 -17.90
N GLY A 169 -2.49 91.72 -16.62
CA GLY A 169 -2.42 93.12 -16.20
C GLY A 169 -3.81 93.74 -16.19
N SER A 170 -3.89 95.00 -15.76
CA SER A 170 -5.15 95.70 -15.57
C SER A 170 -4.99 97.16 -15.97
N GLY A 171 -6.06 97.73 -16.53
CA GLY A 171 -6.15 99.16 -16.75
C GLY A 171 -6.01 99.54 -18.23
N ILE A 172 -5.66 100.81 -18.45
CA ILE A 172 -5.47 101.38 -19.77
C ILE A 172 -4.00 101.21 -20.13
N TYR A 173 -3.69 100.02 -20.64
CA TYR A 173 -2.31 99.57 -20.80
C TYR A 173 -1.76 99.89 -22.19
N ARG A 174 -2.51 100.70 -22.97
CA ARG A 174 -2.17 101.05 -24.34
C ARG A 174 -2.73 102.42 -24.70
N ASP A 175 -1.99 103.12 -25.56
CA ASP A 175 -2.18 104.53 -25.89
C ASP A 175 -3.66 104.86 -26.12
N VAL A 176 -4.05 106.02 -25.59
CA VAL A 176 -5.33 106.65 -25.87
C VAL A 176 -5.07 107.87 -26.76
N THR A 177 -6.06 108.21 -27.60
CA THR A 177 -5.97 109.36 -28.50
C THR A 177 -7.34 110.01 -28.66
N LEU A 178 -7.31 111.28 -29.11
CA LEU A 178 -8.48 112.05 -29.49
C LEU A 178 -8.45 112.29 -30.99
N THR A 179 -9.60 112.11 -31.64
CA THR A 179 -9.78 112.40 -33.05
C THR A 179 -10.78 113.55 -33.20
N VAL A 180 -10.31 114.67 -33.76
CA VAL A 180 -11.10 115.86 -34.05
C VAL A 180 -11.19 116.04 -35.57
N THR A 181 -12.43 116.17 -36.10
CA THR A 181 -12.67 116.21 -37.54
C THR A 181 -13.86 117.10 -37.87
N ASP A 182 -13.94 117.48 -39.16
CA ASP A 182 -15.10 118.14 -39.73
C ASP A 182 -16.33 117.22 -39.62
N GLY A 183 -17.51 117.79 -39.88
CA GLY A 183 -18.78 117.05 -39.80
C GLY A 183 -18.87 116.05 -40.94
N VAL A 184 -18.23 116.40 -42.07
CA VAL A 184 -18.01 115.50 -43.18
C VAL A 184 -16.57 115.02 -43.09
N HIS A 185 -16.40 113.71 -42.89
CA HIS A 185 -15.10 113.14 -42.54
C HIS A 185 -15.02 111.72 -43.06
N VAL A 186 -13.78 111.23 -43.22
CA VAL A 186 -13.51 109.82 -43.46
C VAL A 186 -13.88 109.11 -42.16
N GLY A 187 -14.36 107.87 -42.28
CA GLY A 187 -14.82 107.14 -41.11
C GLY A 187 -13.66 106.72 -40.22
N ASN A 188 -14.00 106.10 -39.09
CA ASN A 188 -13.03 105.38 -38.30
C ASN A 188 -12.40 104.34 -39.21
N ASN A 189 -11.06 104.31 -39.27
CA ASN A 189 -10.35 103.33 -40.07
C ASN A 189 -10.97 103.20 -41.45
N GLY A 190 -11.29 104.34 -42.07
CA GLY A 190 -12.25 104.42 -43.16
C GLY A 190 -11.76 103.94 -44.53
N VAL A 191 -10.45 103.67 -44.65
CA VAL A 191 -9.89 103.41 -45.98
C VAL A 191 -9.37 101.98 -46.03
N ALA A 192 -9.75 101.27 -47.09
CA ALA A 192 -9.36 99.89 -47.32
C ALA A 192 -8.72 99.81 -48.70
N ILE A 193 -7.51 99.24 -48.75
CA ILE A 193 -6.72 99.20 -49.97
C ILE A 193 -6.55 97.74 -50.40
N LYS A 194 -6.75 97.48 -51.70
CA LYS A 194 -6.56 96.17 -52.29
C LYS A 194 -5.75 96.30 -53.59
N THR A 195 -4.84 95.33 -53.80
CA THR A 195 -4.03 95.28 -55.01
C THR A 195 -4.13 93.88 -55.57
N PRO A 196 -5.28 93.52 -56.18
CA PRO A 196 -5.66 92.13 -56.44
C PRO A 196 -4.74 91.43 -57.42
N SER A 197 -3.95 92.22 -58.17
CA SER A 197 -3.16 91.69 -59.27
C SER A 197 -1.67 91.89 -59.04
N LEU A 198 -1.26 92.29 -57.84
CA LEU A 198 0.12 92.70 -57.61
C LEU A 198 1.07 91.62 -58.11
N ALA A 199 0.75 90.35 -57.79
CA ALA A 199 1.62 89.23 -58.11
C ALA A 199 1.98 89.23 -59.60
N THR A 200 1.00 89.57 -60.43
CA THR A 200 1.03 89.65 -61.87
C THR A 200 1.66 90.96 -62.32
N GLN A 201 1.27 92.08 -61.72
CA GLN A 201 1.65 93.41 -62.17
C GLN A 201 3.03 93.81 -61.63
N ASN A 202 3.60 92.98 -60.74
CA ASN A 202 4.80 93.37 -60.02
C ASN A 202 5.87 93.81 -61.01
N GLY A 203 6.50 94.96 -60.73
CA GLY A 203 7.54 95.51 -61.58
C GLY A 203 6.99 96.60 -62.51
N GLY A 204 5.74 96.41 -62.94
CA GLY A 204 5.05 97.36 -63.78
C GLY A 204 4.15 98.29 -62.98
N ASN A 205 3.04 98.68 -63.61
CA ASN A 205 2.02 99.50 -62.99
C ASN A 205 1.10 98.59 -62.18
N VAL A 206 0.84 98.96 -60.92
CA VAL A 206 0.02 98.17 -60.02
C VAL A 206 -1.34 98.86 -59.84
N THR A 207 -2.43 98.08 -59.99
CA THR A 207 -3.77 98.56 -59.75
C THR A 207 -4.07 98.49 -58.25
N MET A 208 -4.41 99.65 -57.67
CA MET A 208 -4.88 99.81 -56.30
C MET A 208 -6.36 100.14 -56.35
N ASN A 209 -7.18 99.35 -55.63
CA ASN A 209 -8.60 99.58 -55.47
C ASN A 209 -8.90 100.01 -54.03
N LEU A 210 -9.24 101.28 -53.86
CA LEU A 210 -9.57 101.84 -52.57
C LEU A 210 -11.09 101.85 -52.40
N THR A 211 -11.53 101.63 -51.15
CA THR A 211 -12.89 101.88 -50.70
C THR A 211 -12.79 102.71 -49.43
N THR A 212 -13.52 103.82 -49.39
CA THR A 212 -13.42 104.84 -48.35
C THR A 212 -14.82 105.18 -47.83
N LYS A 213 -15.06 104.93 -46.53
CA LYS A 213 -16.29 105.35 -45.89
C LYS A 213 -16.16 106.83 -45.60
N VAL A 214 -17.08 107.60 -46.18
CA VAL A 214 -17.19 109.03 -45.93
C VAL A 214 -18.50 109.24 -45.21
N ALA A 215 -18.43 109.79 -43.99
CA ALA A 215 -19.61 110.01 -43.17
C ALA A 215 -20.01 111.47 -43.30
N ASN A 216 -21.33 111.70 -43.52
CA ASN A 216 -21.87 113.04 -43.54
C ASN A 216 -22.65 113.27 -42.25
N ASP A 217 -21.93 113.67 -41.19
CA ASP A 217 -22.53 113.87 -39.88
C ASP A 217 -22.89 115.35 -39.72
N THR A 218 -23.63 115.88 -40.71
CA THR A 218 -24.16 117.23 -40.69
C THR A 218 -25.67 117.16 -40.94
N LYS A 219 -26.32 118.33 -40.91
CA LYS A 219 -27.77 118.41 -41.06
C LYS A 219 -28.15 118.71 -42.51
N ALA A 220 -27.19 118.53 -43.44
CA ALA A 220 -27.32 118.91 -44.83
C ALA A 220 -26.76 117.79 -45.70
N ALA A 221 -27.43 117.49 -46.82
CA ALA A 221 -26.78 116.72 -47.88
C ALA A 221 -25.47 117.39 -48.24
N ALA A 222 -24.48 116.58 -48.66
CA ALA A 222 -23.14 117.06 -48.99
C ALA A 222 -22.67 116.49 -50.31
N ASN A 223 -21.95 117.31 -51.08
CA ASN A 223 -21.41 116.90 -52.36
C ASN A 223 -19.88 116.84 -52.27
N ILE A 224 -19.36 115.62 -52.37
CA ILE A 224 -18.01 115.30 -51.96
C ILE A 224 -17.24 114.71 -53.14
N THR A 225 -15.95 115.05 -53.21
CA THR A 225 -15.00 114.33 -54.04
C THR A 225 -13.81 113.94 -53.18
N LEU A 226 -13.16 112.80 -53.52
CA LEU A 226 -11.98 112.34 -52.80
C LEU A 226 -10.75 112.57 -53.66
N LYS A 227 -9.68 113.07 -53.06
CA LYS A 227 -8.41 113.23 -53.75
C LYS A 227 -7.38 112.41 -53.00
N GLN A 228 -7.02 111.25 -53.57
CA GLN A 228 -6.13 110.29 -52.94
C GLN A 228 -4.77 110.31 -53.63
N THR A 229 -3.70 110.09 -52.85
CA THR A 229 -2.32 110.17 -53.31
C THR A 229 -1.46 109.13 -52.58
N VAL A 230 -0.70 108.33 -53.33
CA VAL A 230 0.19 107.31 -52.77
C VAL A 230 1.62 107.79 -52.95
N PHE A 231 2.32 108.00 -51.83
CA PHE A 231 3.69 108.51 -51.84
C PHE A 231 4.51 107.82 -50.76
N PRO A 232 5.85 107.80 -50.83
CA PRO A 232 6.67 107.02 -49.90
C PRO A 232 6.54 107.60 -48.49
N LYS A 233 6.40 106.71 -47.50
CA LYS A 233 6.15 107.14 -46.12
C LYS A 233 7.33 107.98 -45.67
N GLY A 234 7.04 109.15 -45.12
CA GLY A 234 8.07 110.02 -44.60
C GLY A 234 8.56 111.04 -45.63
N GLY A 235 8.22 110.83 -46.91
CA GLY A 235 8.58 111.76 -47.97
C GLY A 235 7.48 112.79 -48.21
N LYS A 236 7.69 113.66 -49.22
CA LYS A 236 6.75 114.71 -49.56
C LYS A 236 5.79 114.20 -50.64
N THR A 237 4.63 114.86 -50.79
CA THR A 237 3.57 114.44 -51.70
C THR A 237 4.01 114.48 -53.16
N ASP A 238 5.05 115.28 -53.44
CA ASP A 238 5.50 115.50 -54.81
C ASP A 238 6.24 114.26 -55.34
N ALA A 239 6.52 113.30 -54.45
CA ALA A 239 7.16 112.04 -54.82
C ALA A 239 6.12 110.94 -55.04
N ALA A 240 4.85 111.32 -55.15
CA ALA A 240 3.75 110.39 -55.36
C ALA A 240 4.03 109.49 -56.54
N ILE A 241 3.48 108.27 -56.51
CA ILE A 241 3.63 107.28 -57.57
C ILE A 241 2.24 106.92 -58.11
N GLY A 242 1.24 107.73 -57.71
CA GLY A 242 -0.12 107.60 -58.19
C GLY A 242 -1.06 108.58 -57.46
N THR A 243 -2.08 109.05 -58.20
CA THR A 243 -3.13 109.93 -57.69
C THR A 243 -4.44 109.56 -58.36
N VAL A 244 -5.56 109.89 -57.70
CA VAL A 244 -6.87 109.89 -58.32
C VAL A 244 -7.72 110.95 -57.65
N THR A 245 -8.72 111.47 -58.39
CA THR A 245 -9.77 112.33 -57.89
C THR A 245 -11.09 111.76 -58.38
N THR A 246 -12.01 111.51 -57.45
CA THR A 246 -13.26 110.83 -57.75
C THR A 246 -14.24 111.82 -58.37
N ALA A 247 -15.25 111.27 -59.06
CA ALA A 247 -16.41 112.07 -59.43
C ALA A 247 -17.16 112.47 -58.16
N SER A 248 -17.96 113.53 -58.24
CA SER A 248 -18.81 113.95 -57.15
C SER A 248 -19.77 112.83 -56.78
N LYS A 249 -19.82 112.47 -55.47
CA LYS A 249 -20.87 111.64 -54.90
C LYS A 249 -21.64 112.52 -53.90
N SER A 250 -22.97 112.42 -53.98
CA SER A 250 -23.86 113.09 -53.05
C SER A 250 -24.10 112.16 -51.86
N ILE A 251 -23.80 112.64 -50.64
CA ILE A 251 -24.04 111.87 -49.41
C ILE A 251 -25.10 112.58 -48.56
N ALA A 252 -26.23 111.89 -48.30
CA ALA A 252 -27.37 112.48 -47.61
C ALA A 252 -26.98 112.88 -46.18
N ALA A 253 -27.83 113.71 -45.55
CA ALA A 253 -27.58 114.16 -44.18
C ALA A 253 -27.60 113.00 -43.21
N GLY A 254 -26.58 112.93 -42.34
CA GLY A 254 -26.49 111.91 -41.31
C GLY A 254 -26.29 110.50 -41.87
N ALA A 255 -26.01 110.43 -43.17
CA ALA A 255 -25.72 109.18 -43.85
C ALA A 255 -24.21 109.09 -44.04
N SER A 256 -23.78 107.94 -44.54
CA SER A 256 -22.43 107.74 -44.98
C SER A 256 -22.44 106.82 -46.20
N ALA A 257 -21.34 106.85 -46.95
CA ALA A 257 -21.23 106.16 -48.23
C ALA A 257 -19.83 105.61 -48.40
N ASP A 258 -19.77 104.42 -49.04
CA ASP A 258 -18.50 103.81 -49.38
C ASP A 258 -18.15 104.30 -50.77
N VAL A 259 -17.01 104.98 -50.91
CA VAL A 259 -16.62 105.62 -52.15
C VAL A 259 -15.44 104.84 -52.74
N THR A 260 -15.72 104.10 -53.83
CA THR A 260 -14.69 103.37 -54.55
C THR A 260 -13.87 104.30 -55.46
N SER A 261 -12.56 104.06 -55.49
CA SER A 261 -11.60 104.72 -56.35
C SER A 261 -10.56 103.72 -56.82
N THR A 262 -9.80 104.08 -57.85
CA THR A 262 -8.64 103.33 -58.29
C THR A 262 -7.46 104.26 -58.50
N ILE A 263 -6.29 103.82 -58.03
CA ILE A 263 -5.03 104.48 -58.28
C ILE A 263 -4.15 103.48 -59.03
N THR A 264 -3.35 103.99 -59.97
CA THR A 264 -2.36 103.19 -60.65
C THR A 264 -0.99 103.56 -60.09
N ALA A 265 -0.37 102.62 -59.38
CA ALA A 265 0.92 102.86 -58.77
C ALA A 265 2.02 102.59 -59.78
N ALA A 266 2.83 103.63 -60.04
CA ALA A 266 3.96 103.57 -60.94
C ALA A 266 5.10 102.79 -60.28
N SER A 267 5.17 101.49 -60.59
CA SER A 267 6.26 100.62 -60.19
C SER A 267 6.57 100.79 -58.70
N PRO A 268 5.60 100.49 -57.80
CA PRO A 268 5.82 100.65 -56.37
C PRO A 268 6.93 99.70 -55.89
N LYS A 269 7.70 100.13 -54.90
CA LYS A 269 8.68 99.28 -54.25
C LYS A 269 7.98 98.30 -53.29
N LEU A 270 8.28 97.00 -53.46
CA LEU A 270 7.67 95.96 -52.65
C LEU A 270 8.08 96.10 -51.19
N TRP A 271 7.13 95.88 -50.26
CA TRP A 271 7.42 95.61 -48.86
C TRP A 271 7.86 94.16 -48.71
N SER A 272 9.04 93.93 -48.14
CA SER A 272 9.61 92.59 -47.94
C SER A 272 10.28 92.50 -46.57
N ILE A 273 10.68 91.29 -46.16
CA ILE A 273 11.33 91.11 -44.86
C ILE A 273 12.65 91.87 -44.85
N LYS A 274 13.44 91.72 -45.92
CA LYS A 274 14.74 92.37 -46.01
C LYS A 274 14.55 93.89 -46.21
N ASN A 275 13.52 94.28 -46.95
CA ASN A 275 13.33 95.66 -47.36
C ASN A 275 11.88 96.09 -47.10
N PRO A 276 11.54 96.39 -45.84
CA PRO A 276 10.18 96.79 -45.48
C PRO A 276 9.76 98.21 -45.88
N ASN A 277 9.66 98.45 -47.17
CA ASN A 277 9.34 99.77 -47.71
C ASN A 277 7.86 100.07 -47.51
N LEU A 278 7.57 101.21 -46.87
CA LEU A 278 6.20 101.64 -46.61
C LEU A 278 5.83 102.84 -47.47
N TYR A 279 4.54 102.98 -47.78
CA TYR A 279 3.96 104.11 -48.48
C TYR A 279 2.85 104.70 -47.61
N THR A 280 2.54 106.00 -47.80
CA THR A 280 1.40 106.64 -47.17
C THR A 280 0.33 106.83 -48.23
N VAL A 281 -0.94 106.63 -47.84
CA VAL A 281 -2.05 106.80 -48.78
C VAL A 281 -2.99 107.83 -48.18
N ARG A 282 -2.81 109.06 -48.65
CA ARG A 282 -3.56 110.22 -48.16
C ARG A 282 -4.86 110.37 -48.94
N THR A 283 -5.96 110.49 -48.19
CA THR A 283 -7.29 110.69 -48.74
C THR A 283 -7.81 112.03 -48.21
N GLU A 284 -8.07 112.96 -49.14
CA GLU A 284 -8.64 114.26 -48.84
C GLU A 284 -10.11 114.26 -49.27
N VAL A 285 -10.98 114.74 -48.38
CA VAL A 285 -12.40 114.89 -48.65
C VAL A 285 -12.65 116.35 -48.99
N LEU A 286 -13.17 116.59 -50.20
CA LEU A 286 -13.31 117.92 -50.78
C LEU A 286 -14.79 118.24 -50.96
N ASN A 287 -15.14 119.49 -50.62
CA ASN A 287 -16.42 120.11 -50.92
C ASN A 287 -16.13 121.50 -51.49
N GLY A 288 -16.64 121.76 -52.71
CA GLY A 288 -16.21 122.91 -53.47
C GLY A 288 -14.70 122.91 -53.63
N GLY A 289 -14.06 124.04 -53.35
CA GLY A 289 -12.61 124.15 -53.42
C GLY A 289 -11.93 123.53 -52.19
N LYS A 290 -12.58 123.63 -51.03
CA LYS A 290 -11.94 123.43 -49.74
C LYS A 290 -11.86 121.94 -49.35
N VAL A 291 -10.76 121.60 -48.69
CA VAL A 291 -10.52 120.29 -48.08
C VAL A 291 -11.20 120.26 -46.71
N LEU A 292 -12.14 119.33 -46.51
CA LEU A 292 -12.86 119.20 -45.25
C LEU A 292 -12.17 118.25 -44.26
N ASP A 293 -11.57 117.17 -44.77
CA ASP A 293 -10.92 116.17 -43.94
C ASP A 293 -9.77 115.55 -44.72
N THR A 294 -8.71 115.16 -44.01
CA THR A 294 -7.53 114.54 -44.59
C THR A 294 -7.10 113.34 -43.73
N TYR A 295 -7.12 112.13 -44.33
CA TYR A 295 -6.93 110.88 -43.64
C TYR A 295 -5.80 110.06 -44.28
N ASP A 296 -4.74 109.79 -43.49
CA ASP A 296 -3.61 108.98 -43.94
C ASP A 296 -3.74 107.54 -43.42
N THR A 297 -3.18 106.57 -44.17
CA THR A 297 -3.02 105.19 -43.74
C THR A 297 -1.74 104.64 -44.36
N GLU A 298 -0.95 103.94 -43.53
CA GLU A 298 0.31 103.32 -43.90
C GLU A 298 0.00 102.06 -44.71
N TYR A 299 0.72 101.87 -45.84
CA TYR A 299 0.53 100.74 -46.73
C TYR A 299 1.88 100.15 -47.15
N GLY A 300 1.86 98.87 -47.53
CA GLY A 300 3.01 98.20 -48.14
C GLY A 300 2.53 97.40 -49.36
N PHE A 301 3.38 97.31 -50.40
CA PHE A 301 3.01 96.48 -51.54
C PHE A 301 3.66 95.12 -51.35
N ARG A 302 2.83 94.09 -51.16
CA ARG A 302 3.32 92.74 -50.89
C ARG A 302 2.20 91.75 -51.13
N TRP A 303 2.57 90.48 -51.42
CA TRP A 303 1.58 89.43 -51.53
C TRP A 303 2.13 88.12 -50.95
N THR A 304 1.23 87.23 -50.53
CA THR A 304 1.65 85.95 -49.98
C THR A 304 1.07 84.83 -50.85
N GLY A 305 1.57 83.61 -50.64
CA GLY A 305 0.91 82.41 -51.12
C GLY A 305 1.20 81.22 -50.23
N PHE A 306 0.24 80.29 -50.19
CA PHE A 306 0.35 79.06 -49.43
C PHE A 306 0.10 77.92 -50.41
N ASP A 307 1.05 77.00 -50.50
CA ASP A 307 0.90 75.79 -51.30
C ASP A 307 0.88 74.63 -50.30
N ALA A 308 0.02 73.63 -50.53
CA ALA A 308 -0.18 72.58 -49.54
C ALA A 308 1.02 71.64 -49.47
N THR A 309 2.00 71.83 -50.36
CA THR A 309 3.13 70.93 -50.51
C THR A 309 4.47 71.61 -50.23
N SER A 310 4.64 72.84 -50.76
CA SER A 310 5.87 73.61 -50.70
C SER A 310 5.78 74.78 -49.72
N GLY A 311 4.58 74.97 -49.12
CA GLY A 311 4.42 75.86 -47.99
C GLY A 311 4.27 77.33 -48.35
N PHE A 312 4.91 78.20 -47.54
CA PHE A 312 4.67 79.63 -47.62
C PHE A 312 5.63 80.27 -48.61
N SER A 313 5.21 81.44 -49.11
CA SER A 313 5.95 82.28 -50.04
C SER A 313 5.50 83.74 -49.88
N LEU A 314 6.48 84.66 -49.84
CA LEU A 314 6.27 86.10 -49.78
C LEU A 314 6.86 86.77 -51.01
N ASN A 315 5.98 87.44 -51.78
CA ASN A 315 6.31 88.21 -52.98
C ASN A 315 6.96 87.31 -54.03
N GLY A 316 6.50 86.04 -54.13
CA GLY A 316 7.03 85.17 -55.14
C GLY A 316 8.17 84.26 -54.65
N GLU A 317 8.91 84.70 -53.62
CA GLU A 317 9.99 83.90 -53.04
C GLU A 317 9.47 82.95 -51.95
N LYS A 318 10.01 81.72 -51.93
CA LYS A 318 9.66 80.76 -50.89
C LYS A 318 10.31 81.19 -49.57
N VAL A 319 9.53 81.25 -48.49
CA VAL A 319 10.04 81.62 -47.17
C VAL A 319 9.55 80.61 -46.14
N LYS A 320 10.43 80.29 -45.18
CA LYS A 320 10.04 79.44 -44.06
C LYS A 320 9.60 80.33 -42.91
N LEU A 321 8.40 80.07 -42.37
CA LEU A 321 7.92 80.86 -41.23
C LEU A 321 8.65 80.39 -39.98
N LYS A 322 9.72 81.13 -39.65
CA LYS A 322 10.52 80.91 -38.46
C LYS A 322 9.97 81.82 -37.38
N GLY A 323 9.01 81.28 -36.61
CA GLY A 323 8.11 82.10 -35.83
C GLY A 323 8.23 81.87 -34.32
N VAL A 324 7.86 82.89 -33.55
CA VAL A 324 7.69 82.77 -32.12
C VAL A 324 6.28 83.24 -31.78
N SER A 325 5.69 82.59 -30.77
CA SER A 325 4.52 83.10 -30.07
C SER A 325 5.01 84.14 -29.06
N MET A 326 4.27 85.26 -28.91
CA MET A 326 4.58 86.31 -27.95
C MET A 326 3.29 86.78 -27.27
N HIS A 327 3.30 86.76 -25.93
CA HIS A 327 2.25 87.40 -25.17
C HIS A 327 2.53 88.89 -25.14
N HIS A 328 1.62 89.66 -24.53
CA HIS A 328 1.69 91.10 -24.66
C HIS A 328 2.56 91.75 -23.58
N ASP A 329 2.62 91.17 -22.38
CA ASP A 329 3.32 91.87 -21.30
C ASP A 329 4.78 92.13 -21.67
N GLN A 330 5.35 93.17 -21.05
CA GLN A 330 6.72 93.60 -21.27
C GLN A 330 7.51 93.45 -19.98
N GLY A 331 7.40 92.27 -19.38
CA GLY A 331 8.20 91.89 -18.22
C GLY A 331 7.92 92.76 -17.01
N SER A 332 8.99 93.38 -16.51
CA SER A 332 8.95 94.15 -15.28
C SER A 332 8.02 95.35 -15.43
N LEU A 333 7.76 95.81 -16.66
CA LEU A 333 6.84 96.92 -16.89
C LEU A 333 5.37 96.47 -16.88
N GLY A 334 5.12 95.16 -16.80
CA GLY A 334 3.76 94.63 -16.86
C GLY A 334 3.14 94.74 -18.25
N ALA A 335 1.81 94.89 -18.31
CA ALA A 335 1.05 94.90 -19.55
C ALA A 335 1.35 96.14 -20.39
N VAL A 336 1.93 97.15 -19.77
CA VAL A 336 2.19 98.44 -20.42
C VAL A 336 2.82 98.19 -21.79
N ALA A 337 2.17 98.71 -22.85
CA ALA A 337 2.60 98.48 -24.21
C ALA A 337 3.47 99.64 -24.66
N ASN A 338 4.60 99.81 -23.97
CA ASN A 338 5.59 100.83 -24.29
C ASN A 338 6.24 100.50 -25.64
N ARG A 339 6.22 101.48 -26.56
CA ARG A 339 6.68 101.24 -27.93
C ARG A 339 8.11 100.69 -27.96
N ARG A 340 9.00 101.28 -27.17
CA ARG A 340 10.40 100.88 -27.18
C ARG A 340 10.58 99.48 -26.62
N ALA A 341 9.87 99.19 -25.51
CA ALA A 341 9.86 97.86 -24.93
C ALA A 341 9.55 96.84 -26.03
N ILE A 342 8.42 97.06 -26.73
CA ILE A 342 7.93 96.21 -27.79
C ILE A 342 8.96 96.12 -28.92
N GLU A 343 9.53 97.27 -29.29
CA GLU A 343 10.51 97.33 -30.36
C GLU A 343 11.74 96.49 -29.99
N ARG A 344 12.24 96.66 -28.76
CA ARG A 344 13.39 95.92 -28.24
C ARG A 344 13.15 94.42 -28.39
N GLN A 345 11.95 93.94 -28.02
CA GLN A 345 11.63 92.53 -28.14
C GLN A 345 11.85 92.07 -29.59
N VAL A 346 11.26 92.80 -30.55
CA VAL A 346 11.36 92.43 -31.95
C VAL A 346 12.82 92.38 -32.37
N GLU A 347 13.60 93.36 -31.92
CA GLU A 347 15.01 93.48 -32.29
C GLU A 347 15.75 92.21 -31.88
N ILE A 348 15.54 91.80 -30.63
CA ILE A 348 16.17 90.62 -30.06
C ILE A 348 15.75 89.37 -30.83
N LEU A 349 14.46 89.30 -31.17
CA LEU A 349 13.92 88.19 -31.93
C LEU A 349 14.57 88.13 -33.31
N GLN A 350 14.69 89.30 -33.97
CA GLN A 350 15.27 89.36 -35.29
C GLN A 350 16.70 88.81 -35.27
N LYS A 351 17.47 89.19 -34.23
CA LYS A 351 18.84 88.73 -34.07
C LYS A 351 18.88 87.21 -33.93
N MET A 352 17.80 86.60 -33.43
CA MET A 352 17.70 85.16 -33.29
C MET A 352 17.47 84.50 -34.65
N GLY A 353 17.07 85.31 -35.65
CA GLY A 353 16.71 84.77 -36.95
C GLY A 353 15.20 84.66 -37.18
N VAL A 354 14.39 85.20 -36.24
CA VAL A 354 12.93 85.17 -36.32
C VAL A 354 12.49 86.06 -37.47
N ASN A 355 11.40 85.68 -38.17
CA ASN A 355 10.83 86.48 -39.25
C ASN A 355 9.33 86.62 -39.10
N SER A 356 8.77 86.03 -38.02
CA SER A 356 7.33 86.06 -37.84
C SER A 356 6.95 85.95 -36.37
N ILE A 357 5.92 86.71 -35.98
CA ILE A 357 5.37 86.70 -34.62
C ILE A 357 3.88 86.39 -34.68
N ARG A 358 3.46 85.44 -33.83
CA ARG A 358 2.05 85.11 -33.62
C ARG A 358 1.62 85.81 -32.35
N THR A 359 0.59 86.67 -32.47
CA THR A 359 0.13 87.49 -31.36
C THR A 359 -0.79 86.68 -30.46
N THR A 360 -0.15 85.76 -29.72
CA THR A 360 -0.85 84.78 -28.89
C THR A 360 -1.28 85.44 -27.59
N HIS A 361 -2.58 85.34 -27.26
CA HIS A 361 -3.66 84.88 -28.11
C HIS A 361 -4.74 85.95 -28.12
N ASN A 362 -4.41 87.07 -28.79
CA ASN A 362 -5.21 88.28 -28.68
C ASN A 362 -4.63 89.35 -29.61
N PRO A 363 -5.42 90.37 -30.04
CA PRO A 363 -4.90 91.43 -30.90
C PRO A 363 -3.70 92.08 -30.22
N ALA A 364 -2.65 92.38 -31.01
CA ALA A 364 -1.48 93.11 -30.54
C ALA A 364 -1.83 94.58 -30.29
N ALA A 365 -0.95 95.28 -29.54
CA ALA A 365 -0.96 96.73 -29.49
C ALA A 365 -0.64 97.26 -30.89
N LYS A 366 -1.29 98.37 -31.29
CA LYS A 366 -0.99 98.91 -32.61
C LYS A 366 0.52 99.10 -32.74
N ALA A 367 1.14 99.51 -31.64
CA ALA A 367 2.58 99.71 -31.59
C ALA A 367 3.33 98.50 -32.17
N LEU A 368 2.88 97.28 -31.86
CA LEU A 368 3.59 96.11 -32.35
C LEU A 368 3.47 96.04 -33.87
N ILE A 369 2.22 96.25 -34.33
CA ILE A 369 1.94 96.23 -35.76
C ILE A 369 2.79 97.29 -36.45
N ASP A 370 2.80 98.50 -35.88
CA ASP A 370 3.62 99.61 -36.36
C ASP A 370 5.07 99.15 -36.50
N VAL A 371 5.60 98.54 -35.42
CA VAL A 371 6.99 98.14 -35.37
C VAL A 371 7.25 97.15 -36.49
N CYS A 372 6.41 96.11 -36.56
CA CYS A 372 6.61 95.06 -37.53
C CYS A 372 6.56 95.60 -38.96
N ASN A 373 5.67 96.58 -39.19
CA ASN A 373 5.61 97.24 -40.48
C ASN A 373 6.96 97.83 -40.83
N GLU A 374 7.60 98.54 -39.89
CA GLU A 374 8.82 99.25 -40.25
C GLU A 374 10.02 98.32 -40.21
N LYS A 375 9.99 97.32 -39.32
CA LYS A 375 11.13 96.44 -39.07
C LYS A 375 11.14 95.24 -40.02
N GLY A 376 10.00 94.96 -40.66
CA GLY A 376 9.90 93.89 -41.63
C GLY A 376 9.79 92.50 -41.00
N VAL A 377 8.70 92.28 -40.24
CA VAL A 377 8.45 91.00 -39.58
C VAL A 377 6.99 90.60 -39.85
N LEU A 378 6.78 89.33 -40.21
CA LEU A 378 5.45 88.85 -40.54
C LEU A 378 4.66 88.56 -39.26
N VAL A 379 3.49 89.18 -39.15
CA VAL A 379 2.61 89.05 -38.00
C VAL A 379 1.43 88.15 -38.38
N VAL A 380 1.18 87.13 -37.56
CA VAL A 380 -0.08 86.39 -37.58
C VAL A 380 -0.89 86.93 -36.41
N GLU A 381 -1.84 87.82 -36.68
CA GLU A 381 -2.56 88.50 -35.62
C GLU A 381 -3.76 87.63 -35.21
N GLU A 382 -3.66 87.06 -34.00
CA GLU A 382 -4.70 86.23 -33.40
C GLU A 382 -5.64 87.13 -32.60
N VAL A 383 -6.95 86.93 -32.75
CA VAL A 383 -7.96 87.79 -32.15
C VAL A 383 -8.48 87.19 -30.84
N PHE A 384 -8.56 85.85 -30.79
CA PHE A 384 -9.20 85.17 -29.67
C PHE A 384 -8.36 84.01 -29.15
N ASP A 385 -8.55 83.70 -27.85
CA ASP A 385 -8.07 82.45 -27.30
C ASP A 385 -9.24 81.49 -27.27
N MET A 386 -10.08 81.60 -26.23
CA MET A 386 -11.26 80.75 -26.12
C MET A 386 -12.36 81.37 -26.93
N TRP A 387 -13.44 80.61 -27.17
CA TRP A 387 -14.61 81.17 -27.84
C TRP A 387 -15.75 81.34 -26.85
N ASN A 388 -16.78 80.51 -26.97
CA ASN A 388 -18.01 80.60 -26.19
C ASN A 388 -17.93 79.80 -24.89
N ARG A 389 -16.84 79.08 -24.67
CA ARG A 389 -16.67 78.33 -23.45
C ARG A 389 -15.36 78.78 -22.80
N SER A 390 -15.41 79.11 -21.50
CA SER A 390 -14.25 79.68 -20.83
C SER A 390 -13.28 78.56 -20.47
N LYS A 391 -12.00 78.93 -20.25
CA LYS A 391 -10.97 77.93 -20.01
C LYS A 391 -10.52 78.02 -18.56
N ASN A 392 -10.19 76.86 -17.99
CA ASN A 392 -9.50 76.75 -16.71
C ASN A 392 -10.32 77.39 -15.60
N GLY A 393 -11.65 77.38 -15.75
CA GLY A 393 -12.55 77.91 -14.76
C GLY A 393 -12.31 79.39 -14.47
N ASN A 394 -11.68 80.06 -15.43
CA ASN A 394 -11.59 81.51 -15.48
C ASN A 394 -12.94 82.07 -15.89
N THR A 395 -13.88 82.13 -14.94
CA THR A 395 -15.28 82.35 -15.26
C THR A 395 -15.50 83.76 -15.80
N GLU A 396 -14.54 84.65 -15.55
CA GLU A 396 -14.61 86.05 -15.94
C GLU A 396 -13.85 86.35 -17.24
N ASP A 397 -13.28 85.31 -17.88
CA ASP A 397 -12.55 85.41 -19.14
C ASP A 397 -13.54 85.66 -20.28
N TYR A 398 -13.00 86.05 -21.46
CA TYR A 398 -13.84 86.56 -22.54
C TYR A 398 -14.92 85.56 -22.98
N GLY A 399 -14.74 84.28 -22.61
CA GLY A 399 -15.75 83.26 -22.85
C GLY A 399 -17.13 83.73 -22.40
N LYS A 400 -17.15 84.46 -21.27
CA LYS A 400 -18.36 84.99 -20.66
C LYS A 400 -19.10 85.86 -21.66
N TRP A 401 -18.35 86.55 -22.54
CA TRP A 401 -18.89 87.63 -23.33
C TRP A 401 -19.00 87.30 -24.83
N PHE A 402 -18.19 86.32 -25.29
CA PHE A 402 -18.01 86.01 -26.69
C PHE A 402 -19.34 85.99 -27.43
N GLY A 403 -20.35 85.36 -26.85
CA GLY A 403 -21.60 85.12 -27.58
C GLY A 403 -22.72 86.06 -27.18
N GLN A 404 -22.43 87.01 -26.26
CA GLN A 404 -23.43 87.94 -25.78
C GLN A 404 -23.64 89.05 -26.82
N ALA A 405 -24.89 89.52 -26.93
CA ALA A 405 -25.28 90.60 -27.82
C ALA A 405 -24.86 91.94 -27.20
N ILE A 406 -24.82 93.02 -28.01
CA ILE A 406 -24.41 94.31 -27.48
C ILE A 406 -25.65 95.09 -27.08
N ALA A 407 -25.57 95.83 -25.97
CA ALA A 407 -26.73 96.57 -25.47
C ALA A 407 -27.08 97.70 -26.42
N GLY A 408 -28.39 97.98 -26.53
CA GLY A 408 -28.88 99.06 -27.37
C GLY A 408 -28.33 100.42 -26.94
N ASP A 409 -28.20 100.61 -25.62
CA ASP A 409 -27.76 101.86 -25.05
C ASP A 409 -26.23 101.98 -25.08
N ASN A 410 -25.55 100.93 -25.54
CA ASN A 410 -24.09 100.88 -25.56
C ASN A 410 -23.54 101.51 -26.85
N ALA A 411 -22.85 102.64 -26.72
CA ALA A 411 -22.48 103.48 -27.85
C ALA A 411 -21.01 103.25 -28.25
N VAL A 412 -20.48 102.10 -27.83
CA VAL A 412 -19.10 101.75 -28.17
C VAL A 412 -18.99 101.62 -29.68
N LEU A 413 -17.80 101.92 -30.21
CA LEU A 413 -17.55 101.93 -31.65
C LEU A 413 -16.27 101.20 -31.99
N GLY A 414 -16.23 100.68 -33.23
CA GLY A 414 -14.96 100.18 -33.76
C GLY A 414 -15.14 99.01 -34.70
N GLY A 415 -16.20 98.22 -34.45
CA GLY A 415 -16.56 97.04 -35.21
C GLY A 415 -18.08 96.93 -35.33
N ASP A 416 -18.56 95.83 -35.92
CA ASP A 416 -19.98 95.65 -36.21
C ASP A 416 -20.73 95.32 -34.91
N LYS A 417 -21.86 96.01 -34.72
CA LYS A 417 -22.58 95.89 -33.46
C LYS A 417 -23.84 95.05 -33.62
N ASP A 418 -24.01 94.41 -34.79
CA ASP A 418 -25.29 93.83 -35.13
C ASP A 418 -25.39 92.40 -34.64
N GLU A 419 -24.29 91.82 -34.12
CA GLU A 419 -24.38 90.43 -33.66
C GLU A 419 -23.80 90.32 -32.26
N THR A 420 -22.72 89.55 -32.11
CA THR A 420 -22.12 89.27 -30.81
C THR A 420 -20.84 90.07 -30.64
N TRP A 421 -20.32 90.06 -29.40
CA TRP A 421 -19.09 90.74 -29.08
C TRP A 421 -17.96 90.22 -29.96
N ALA A 422 -18.02 88.92 -30.22
CA ALA A 422 -17.04 88.21 -31.03
C ALA A 422 -16.89 88.94 -32.36
N LYS A 423 -18.02 89.19 -33.04
CA LYS A 423 -18.01 89.88 -34.33
C LYS A 423 -17.40 91.26 -34.17
N PHE A 424 -17.86 92.01 -33.15
CA PHE A 424 -17.41 93.37 -32.90
C PHE A 424 -15.88 93.42 -32.70
N ASP A 425 -15.37 92.52 -31.85
CA ASP A 425 -13.97 92.53 -31.47
C ASP A 425 -13.10 92.10 -32.67
N LEU A 426 -13.63 91.16 -33.45
CA LEU A 426 -12.95 90.64 -34.63
C LEU A 426 -12.88 91.72 -35.68
N THR A 427 -14.06 92.27 -36.03
CA THR A 427 -14.18 93.30 -37.06
C THR A 427 -13.42 94.57 -36.66
N SER A 428 -13.42 94.89 -35.36
CA SER A 428 -12.68 96.04 -34.90
C SER A 428 -11.17 95.83 -35.15
N THR A 429 -10.65 94.65 -34.81
CA THR A 429 -9.23 94.41 -34.95
C THR A 429 -8.85 94.50 -36.42
N ILE A 430 -9.64 93.85 -37.28
CA ILE A 430 -9.37 93.84 -38.71
C ILE A 430 -9.41 95.27 -39.25
N ASN A 431 -10.43 96.05 -38.85
CA ASN A 431 -10.55 97.43 -39.26
C ASN A 431 -9.28 98.23 -38.99
N ARG A 432 -8.67 97.99 -37.82
CA ARG A 432 -7.48 98.71 -37.41
C ARG A 432 -6.28 98.35 -38.27
N ASP A 433 -6.15 97.06 -38.62
CA ASP A 433 -4.90 96.52 -39.10
C ASP A 433 -4.95 96.12 -40.58
N ARG A 434 -6.07 96.42 -41.25
CA ARG A 434 -6.35 95.85 -42.57
C ARG A 434 -5.30 96.29 -43.60
N ASN A 435 -4.58 97.38 -43.33
CA ASN A 435 -3.68 97.91 -44.35
C ASN A 435 -2.22 97.63 -44.00
N ALA A 436 -2.00 96.93 -42.89
CA ALA A 436 -0.66 96.70 -42.38
C ALA A 436 0.01 95.60 -43.21
N PRO A 437 1.07 95.92 -44.00
CA PRO A 437 1.77 94.92 -44.78
C PRO A 437 2.25 93.72 -43.95
N SER A 438 2.56 93.94 -42.67
CA SER A 438 3.18 92.91 -41.84
C SER A 438 2.22 91.77 -41.51
N VAL A 439 0.92 92.07 -41.44
CA VAL A 439 -0.10 91.10 -41.05
C VAL A 439 -0.38 90.20 -42.26
N ILE A 440 -0.12 88.90 -42.11
CA ILE A 440 -0.24 87.95 -43.23
C ILE A 440 -1.50 87.09 -43.08
N MET A 441 -1.91 86.82 -41.83
CA MET A 441 -3.10 86.02 -41.53
C MET A 441 -3.84 86.56 -40.31
N TRP A 442 -5.16 86.36 -40.27
CA TRP A 442 -5.99 86.54 -39.08
C TRP A 442 -6.23 85.18 -38.42
N SER A 443 -5.65 84.95 -37.22
CA SER A 443 -5.89 83.75 -36.42
C SER A 443 -7.14 84.00 -35.57
N LEU A 444 -8.09 83.06 -35.65
CA LEU A 444 -9.45 83.28 -35.16
C LEU A 444 -9.74 82.57 -33.84
N GLY A 445 -8.72 81.90 -33.28
CA GLY A 445 -8.87 81.18 -32.02
C GLY A 445 -7.65 80.29 -31.76
N ASN A 446 -7.53 79.85 -30.52
CA ASN A 446 -6.40 79.04 -30.07
C ASN A 446 -6.89 77.99 -29.10
N GLU A 447 -6.57 76.72 -29.36
CA GLU A 447 -6.97 75.60 -28.51
C GLU A 447 -8.39 75.79 -28.01
N MET A 448 -9.31 76.04 -28.94
CA MET A 448 -10.69 76.42 -28.65
C MET A 448 -11.36 75.41 -27.73
N MET A 449 -10.91 74.14 -27.84
CA MET A 449 -11.63 73.06 -27.20
C MET A 449 -10.84 72.45 -26.02
N GLU A 450 -9.79 73.16 -25.59
CA GLU A 450 -8.89 72.77 -24.52
C GLU A 450 -9.26 73.55 -23.26
N GLY A 451 -9.27 72.85 -22.12
CA GLY A 451 -9.45 73.47 -20.81
C GLY A 451 -10.89 73.89 -20.54
N ILE A 452 -11.84 73.23 -21.19
CA ILE A 452 -13.24 73.62 -21.17
C ILE A 452 -14.10 72.39 -20.83
N SER A 453 -15.42 72.59 -20.72
CA SER A 453 -16.36 71.55 -20.30
C SER A 453 -17.49 71.39 -21.32
N GLY A 454 -18.07 70.19 -21.36
CA GLY A 454 -19.33 69.98 -22.05
C GLY A 454 -19.13 69.67 -23.52
N SER A 455 -20.23 69.54 -24.28
CA SER A 455 -20.16 69.09 -25.67
C SER A 455 -19.35 70.09 -26.45
N VAL A 456 -18.66 69.60 -27.49
CA VAL A 456 -17.93 70.49 -28.38
C VAL A 456 -18.55 70.46 -29.77
N SER A 457 -19.68 69.76 -29.91
CA SER A 457 -20.33 69.54 -31.20
C SER A 457 -20.73 70.87 -31.83
N GLY A 458 -20.83 71.92 -31.01
CA GLY A 458 -21.22 73.23 -31.50
C GLY A 458 -20.07 74.00 -32.15
N PHE A 459 -18.84 73.60 -31.82
CA PHE A 459 -17.64 74.34 -32.18
C PHE A 459 -17.48 74.52 -33.69
N PRO A 460 -17.55 73.46 -34.53
CA PRO A 460 -17.37 73.62 -35.96
C PRO A 460 -18.29 74.68 -36.57
N ALA A 461 -19.50 74.82 -36.01
CA ALA A 461 -20.45 75.82 -36.45
C ALA A 461 -19.99 77.22 -36.06
N THR A 462 -19.51 77.38 -34.82
CA THR A 462 -18.97 78.63 -34.32
C THR A 462 -17.74 79.03 -35.15
N SER A 463 -16.88 78.05 -35.50
CA SER A 463 -15.73 78.30 -36.34
C SER A 463 -16.16 78.96 -37.65
N ALA A 464 -17.12 78.32 -38.33
CA ALA A 464 -17.57 78.76 -39.64
C ALA A 464 -18.07 80.19 -39.59
N LYS A 465 -18.83 80.50 -38.53
CA LYS A 465 -19.40 81.83 -38.32
C LYS A 465 -18.28 82.87 -38.29
N LEU A 466 -17.18 82.56 -37.58
CA LEU A 466 -16.04 83.45 -37.43
C LEU A 466 -15.32 83.59 -38.76
N VAL A 467 -15.14 82.46 -39.45
CA VAL A 467 -14.49 82.42 -40.76
C VAL A 467 -15.25 83.34 -41.72
N ALA A 468 -16.57 83.15 -41.81
CA ALA A 468 -17.44 83.96 -42.66
C ALA A 468 -17.25 85.45 -42.36
N TRP A 469 -17.31 85.83 -41.10
CA TRP A 469 -17.16 87.22 -40.69
C TRP A 469 -15.84 87.79 -41.19
N THR A 470 -14.76 87.00 -41.03
CA THR A 470 -13.41 87.40 -41.38
C THR A 470 -13.34 87.62 -42.89
N LYS A 471 -13.83 86.64 -43.65
CA LYS A 471 -13.80 86.69 -45.09
C LYS A 471 -14.47 87.98 -45.55
N ALA A 472 -15.60 88.31 -44.92
CA ALA A 472 -16.39 89.47 -45.31
C ALA A 472 -15.71 90.74 -44.85
N ALA A 473 -14.88 90.64 -43.81
CA ALA A 473 -14.21 91.80 -43.23
C ALA A 473 -12.95 92.16 -44.03
N ASP A 474 -12.26 91.17 -44.54
CA ASP A 474 -10.99 91.36 -45.25
C ASP A 474 -10.74 90.15 -46.12
N SER A 475 -11.05 90.29 -47.41
CA SER A 475 -10.89 89.24 -48.41
C SER A 475 -9.42 88.95 -48.65
N THR A 476 -8.53 89.86 -48.22
CA THR A 476 -7.20 89.92 -48.78
C THR A 476 -6.22 88.96 -48.10
N ARG A 477 -6.58 88.42 -46.93
CA ARG A 477 -5.61 87.63 -46.15
C ARG A 477 -6.27 86.35 -45.69
N PRO A 478 -5.58 85.20 -45.73
CA PRO A 478 -6.16 83.96 -45.23
C PRO A 478 -6.40 84.04 -43.73
N MET A 479 -7.55 83.51 -43.28
CA MET A 479 -7.82 83.31 -41.87
C MET A 479 -7.29 81.93 -41.49
N THR A 480 -7.12 81.73 -40.17
CA THR A 480 -6.50 80.54 -39.61
C THR A 480 -6.90 80.46 -38.13
N TYR A 481 -6.43 79.41 -37.46
CA TYR A 481 -6.55 79.23 -36.02
C TYR A 481 -5.44 78.28 -35.58
N GLY A 482 -5.39 77.99 -34.29
CA GLY A 482 -4.39 77.08 -33.77
C GLY A 482 -5.10 76.03 -32.93
N ASP A 483 -5.21 74.83 -33.50
CA ASP A 483 -6.02 73.76 -32.96
C ASP A 483 -5.09 72.65 -32.47
N ASN A 484 -5.35 72.16 -31.25
CA ASN A 484 -4.49 71.18 -30.62
C ASN A 484 -5.19 69.82 -30.55
N LYS A 485 -6.39 69.72 -31.17
CA LYS A 485 -7.10 68.47 -31.26
C LYS A 485 -6.98 67.87 -32.66
N ILE A 486 -6.25 68.55 -33.56
CA ILE A 486 -5.90 67.94 -34.84
C ILE A 486 -5.04 66.71 -34.57
N LYS A 487 -4.12 66.84 -33.61
CA LYS A 487 -3.24 65.74 -33.26
C LYS A 487 -4.03 64.57 -32.67
N ALA A 488 -5.19 64.84 -32.09
CA ALA A 488 -6.03 63.80 -31.48
C ALA A 488 -7.09 63.28 -32.46
N ASN A 489 -7.09 63.81 -33.68
CA ASN A 489 -8.02 63.41 -34.73
C ASN A 489 -9.47 63.53 -34.31
N TRP A 490 -9.79 64.56 -33.50
CA TRP A 490 -11.18 64.87 -33.18
C TRP A 490 -11.96 65.25 -34.45
N ASN A 491 -13.21 64.80 -34.51
CA ASN A 491 -14.08 65.03 -35.64
C ASN A 491 -14.21 66.52 -35.88
N GLU A 492 -14.63 67.23 -34.82
CA GLU A 492 -14.77 68.68 -34.84
C GLU A 492 -13.58 69.32 -35.54
N SER A 493 -12.37 68.90 -35.17
CA SER A 493 -11.12 69.49 -35.65
C SER A 493 -10.98 69.36 -37.17
N ASN A 494 -11.49 68.23 -37.70
CA ASN A 494 -11.42 67.87 -39.10
C ASN A 494 -12.42 68.71 -39.90
N THR A 495 -13.68 68.74 -39.45
CA THR A 495 -14.72 69.54 -40.08
C THR A 495 -14.23 70.98 -40.21
N MET A 496 -13.61 71.50 -39.15
CA MET A 496 -13.26 72.90 -39.02
C MET A 496 -12.16 73.29 -40.01
N GLY A 497 -11.24 72.36 -40.24
CA GLY A 497 -10.13 72.57 -41.16
C GLY A 497 -10.56 72.52 -42.61
N ASP A 498 -11.55 71.67 -42.91
CA ASP A 498 -12.12 71.65 -44.25
C ASP A 498 -12.72 73.03 -44.53
N ASN A 499 -13.51 73.55 -43.58
CA ASN A 499 -14.18 74.84 -43.74
C ASN A 499 -13.15 75.96 -43.79
N LEU A 500 -12.07 75.85 -43.00
CA LEU A 500 -10.96 76.79 -43.13
C LEU A 500 -10.46 76.76 -44.56
N THR A 501 -10.07 75.56 -45.02
CA THR A 501 -9.50 75.35 -46.33
C THR A 501 -10.46 75.91 -47.38
N ALA A 502 -11.76 75.65 -47.22
CA ALA A 502 -12.77 75.99 -48.20
C ALA A 502 -12.90 77.50 -48.37
N ASN A 503 -12.46 78.27 -47.38
CA ASN A 503 -12.62 79.71 -47.44
C ASN A 503 -11.24 80.37 -47.54
N GLY A 504 -10.28 79.60 -48.04
CA GLY A 504 -8.96 80.10 -48.36
C GLY A 504 -8.09 80.27 -47.13
N GLY A 505 -8.38 79.46 -46.10
CA GLY A 505 -7.65 79.48 -44.86
C GLY A 505 -6.46 78.52 -44.87
N VAL A 506 -5.52 78.79 -43.95
CA VAL A 506 -4.42 77.90 -43.62
C VAL A 506 -4.71 77.30 -42.24
N VAL A 507 -4.39 76.02 -42.06
CA VAL A 507 -4.75 75.27 -40.85
C VAL A 507 -3.53 75.20 -39.93
N GLY A 508 -3.69 75.71 -38.70
CA GLY A 508 -2.62 75.65 -37.72
C GLY A 508 -2.86 74.48 -36.75
N THR A 509 -1.90 73.54 -36.75
CA THR A 509 -1.88 72.47 -35.77
C THR A 509 -0.91 72.84 -34.67
N ASN A 510 -1.36 72.65 -33.43
CA ASN A 510 -0.61 72.92 -32.22
C ASN A 510 -0.05 71.60 -31.70
N TYR A 511 1.26 71.57 -31.47
CA TYR A 511 1.93 70.50 -30.76
C TYR A 511 1.82 69.18 -31.50
N SER A 512 2.06 69.21 -32.83
CA SER A 512 2.16 67.99 -33.64
C SER A 512 3.61 67.52 -33.77
N ASP A 513 3.84 66.20 -33.64
CA ASP A 513 5.18 65.66 -33.95
C ASP A 513 5.26 65.45 -35.47
N GLY A 514 6.46 65.13 -35.96
CA GLY A 514 6.68 64.86 -37.37
C GLY A 514 5.68 63.83 -37.89
N ALA A 515 5.50 62.76 -37.11
CA ALA A 515 4.65 61.65 -37.51
C ALA A 515 3.22 62.12 -37.77
N ASN A 516 2.77 63.07 -36.93
CA ASN A 516 1.42 63.61 -36.99
C ASN A 516 1.31 64.59 -38.18
N TYR A 517 2.35 65.41 -38.41
CA TYR A 517 2.38 66.26 -39.60
C TYR A 517 2.10 65.41 -40.83
N ASP A 518 2.72 64.23 -40.90
CA ASP A 518 2.56 63.32 -42.02
C ASP A 518 1.14 62.75 -42.06
N LYS A 519 0.59 62.37 -40.89
CA LYS A 519 -0.77 61.82 -40.87
C LYS A 519 -1.72 62.87 -41.45
N ILE A 520 -1.51 64.14 -41.12
CA ILE A 520 -2.40 65.21 -41.56
C ILE A 520 -2.34 65.34 -43.09
N ARG A 521 -1.14 65.32 -43.67
CA ARG A 521 -1.02 65.48 -45.10
C ARG A 521 -1.79 64.39 -45.81
N THR A 522 -1.60 63.16 -45.34
CA THR A 522 -2.20 62.01 -46.01
C THR A 522 -3.72 62.06 -45.84
N THR A 523 -4.16 62.40 -44.64
CA THR A 523 -5.57 62.43 -44.30
C THR A 523 -6.26 63.67 -44.88
N HIS A 524 -5.49 64.74 -45.15
CA HIS A 524 -6.05 66.03 -45.56
C HIS A 524 -5.16 66.70 -46.59
N PRO A 525 -5.12 66.19 -47.83
CA PRO A 525 -4.23 66.74 -48.87
C PRO A 525 -4.58 68.18 -49.25
N SER A 526 -5.84 68.59 -49.06
CA SER A 526 -6.32 69.93 -49.38
C SER A 526 -5.71 70.98 -48.46
N TRP A 527 -5.44 70.58 -47.22
CA TRP A 527 -5.00 71.51 -46.18
C TRP A 527 -3.59 71.99 -46.47
N ALA A 528 -3.38 73.31 -46.35
CA ALA A 528 -2.05 73.87 -46.16
C ALA A 528 -1.86 74.04 -44.66
N ILE A 529 -0.74 73.54 -44.13
CA ILE A 529 -0.60 73.47 -42.67
C ILE A 529 0.71 74.13 -42.20
N TYR A 530 0.69 74.62 -40.96
CA TYR A 530 1.86 75.10 -40.25
C TYR A 530 1.78 74.65 -38.79
N GLY A 531 2.90 74.71 -38.08
CA GLY A 531 2.88 74.56 -36.64
C GLY A 531 2.52 75.87 -35.93
N SER A 532 1.24 76.02 -35.59
CA SER A 532 0.72 77.24 -35.02
C SER A 532 1.28 77.48 -33.62
N GLU A 533 1.58 76.41 -32.89
CA GLU A 533 2.19 76.50 -31.58
C GLU A 533 2.99 75.22 -31.34
N THR A 534 4.29 75.38 -31.04
CA THR A 534 5.22 74.27 -31.05
C THR A 534 6.17 74.37 -29.86
N ALA A 535 6.77 73.22 -29.50
CA ALA A 535 7.84 73.14 -28.50
C ALA A 535 7.30 73.18 -27.07
N SER A 536 7.07 74.40 -26.53
CA SER A 536 6.71 74.56 -25.14
C SER A 536 7.79 73.93 -24.25
N ALA A 537 9.07 74.16 -24.63
CA ALA A 537 10.20 73.70 -23.84
C ALA A 537 10.34 74.62 -22.63
N ILE A 538 10.68 74.02 -21.47
CA ILE A 538 10.78 74.76 -20.22
C ILE A 538 12.20 74.71 -19.66
N ASN A 539 12.85 75.88 -19.63
CA ASN A 539 14.24 76.05 -19.22
C ASN A 539 14.37 77.37 -18.47
N SER A 540 15.31 77.46 -17.50
CA SER A 540 15.71 78.72 -16.89
C SER A 540 16.99 79.20 -17.55
N ARG A 541 17.47 80.42 -17.22
CA ARG A 541 18.72 80.91 -17.79
C ARG A 541 19.92 80.52 -16.91
N GLY A 542 20.94 79.92 -17.54
CA GLY A 542 22.24 79.78 -16.90
C GLY A 542 22.34 78.67 -15.86
N ILE A 543 21.38 77.73 -15.85
CA ILE A 543 21.37 76.59 -14.93
C ILE A 543 21.98 75.37 -15.62
N TYR A 544 22.99 74.75 -15.00
CA TYR A 544 23.78 73.72 -15.68
C TYR A 544 24.10 72.49 -14.80
N ASN A 545 23.73 72.57 -13.52
CA ASN A 545 24.15 71.61 -12.52
C ASN A 545 23.42 70.29 -12.71
N ARG A 546 22.36 70.26 -13.52
CA ARG A 546 21.72 69.03 -13.95
C ARG A 546 21.47 69.14 -15.46
N THR A 547 21.06 68.03 -16.11
CA THR A 547 20.73 68.06 -17.53
C THR A 547 19.34 67.49 -17.79
N THR A 548 18.51 67.50 -16.75
CA THR A 548 17.18 66.93 -16.86
C THR A 548 16.16 67.95 -16.39
N GLY A 549 14.90 67.74 -16.82
CA GLY A 549 13.87 68.65 -16.39
C GLY A 549 12.49 68.12 -16.70
N GLY A 550 11.63 69.04 -17.15
CA GLY A 550 10.27 68.66 -17.54
C GLY A 550 9.41 68.35 -16.32
N ALA A 551 9.96 68.62 -15.13
CA ALA A 551 9.24 68.42 -13.89
C ALA A 551 9.70 69.42 -12.85
N GLN A 552 8.86 69.57 -11.81
CA GLN A 552 9.15 70.46 -10.69
C GLN A 552 10.47 70.06 -10.04
N SER A 553 11.41 71.01 -9.99
CA SER A 553 12.68 70.86 -9.31
C SER A 553 12.55 71.30 -7.86
N SER A 554 13.54 70.92 -7.05
CA SER A 554 13.68 71.36 -5.67
C SER A 554 14.03 72.85 -5.61
N ASP A 555 14.86 73.34 -6.55
CA ASP A 555 15.40 74.68 -6.51
C ASP A 555 14.59 75.68 -7.33
N LYS A 556 13.39 75.28 -7.80
CA LYS A 556 12.45 76.16 -8.46
C LYS A 556 13.03 76.77 -9.75
N GLN A 557 13.95 76.04 -10.39
CA GLN A 557 14.50 76.38 -11.70
C GLN A 557 14.60 75.11 -12.54
N LEU A 558 14.97 75.26 -13.83
CA LEU A 558 15.06 74.16 -14.77
C LEU A 558 16.32 74.29 -15.61
N THR A 559 16.90 73.12 -15.96
CA THR A 559 18.13 73.06 -16.74
C THR A 559 18.06 73.92 -18.00
N SER A 560 19.21 74.50 -18.38
CA SER A 560 19.32 75.32 -19.57
C SER A 560 19.62 74.46 -20.80
N TYR A 561 20.04 73.20 -20.56
CA TYR A 561 20.21 72.20 -21.60
C TYR A 561 18.84 71.94 -22.21
N ASP A 562 18.81 71.59 -23.51
CA ASP A 562 17.54 71.45 -24.21
C ASP A 562 16.96 70.04 -24.07
N ASN A 563 16.65 69.66 -22.83
CA ASN A 563 16.22 68.31 -22.49
C ASN A 563 14.96 68.39 -21.63
N SER A 564 14.45 69.60 -21.46
CA SER A 564 13.34 69.85 -20.57
C SER A 564 12.19 70.44 -21.39
N ALA A 565 11.01 69.80 -21.31
CA ALA A 565 9.80 70.23 -21.99
C ALA A 565 8.57 69.67 -21.28
N VAL A 566 7.42 70.30 -21.51
CA VAL A 566 6.15 69.87 -20.93
C VAL A 566 5.73 68.55 -21.59
N GLY A 567 4.70 67.92 -21.01
CA GLY A 567 4.26 66.61 -21.41
C GLY A 567 3.67 66.59 -22.81
N TRP A 568 3.03 67.69 -23.22
CA TRP A 568 2.36 67.77 -24.50
C TRP A 568 3.32 68.23 -25.61
N GLY A 569 4.39 68.90 -25.20
CA GLY A 569 5.31 69.54 -26.12
C GLY A 569 6.48 68.66 -26.53
N ALA A 570 7.60 69.31 -26.85
CA ALA A 570 8.86 68.69 -27.22
C ALA A 570 9.98 69.74 -27.16
N VAL A 571 11.22 69.28 -27.00
CA VAL A 571 12.39 70.16 -26.93
C VAL A 571 12.62 70.86 -28.29
N ALA A 572 13.42 71.93 -28.27
CA ALA A 572 13.64 72.76 -29.43
C ALA A 572 14.15 71.95 -30.62
N SER A 573 15.25 71.22 -30.40
CA SER A 573 15.83 70.33 -31.39
C SER A 573 14.74 69.52 -32.10
N SER A 574 13.77 69.02 -31.33
CA SER A 574 12.77 68.10 -31.85
C SER A 574 11.74 68.83 -32.73
N ALA A 575 11.19 69.92 -32.22
CA ALA A 575 10.09 70.62 -32.87
C ALA A 575 10.57 71.34 -34.13
N TRP A 576 11.85 71.73 -34.15
CA TRP A 576 12.43 72.31 -35.34
C TRP A 576 12.75 71.25 -36.39
N TYR A 577 13.34 70.13 -35.95
CA TYR A 577 13.74 69.04 -36.82
C TYR A 577 12.52 68.56 -37.59
N ASP A 578 11.43 68.28 -36.86
CA ASP A 578 10.19 67.81 -37.45
C ASP A 578 9.67 68.78 -38.51
N VAL A 579 9.99 70.08 -38.37
CA VAL A 579 9.46 71.10 -39.27
C VAL A 579 10.38 71.30 -40.47
N VAL A 580 11.70 71.41 -40.22
CA VAL A 580 12.63 71.91 -41.23
C VAL A 580 12.66 70.96 -42.43
N GLN A 581 12.55 69.66 -42.12
CA GLN A 581 12.58 68.54 -43.05
C GLN A 581 11.38 68.52 -43.99
N ARG A 582 10.23 69.06 -43.55
CA ARG A 582 8.99 68.97 -44.31
C ARG A 582 8.63 70.32 -44.95
N ASP A 583 8.77 70.38 -46.28
CA ASP A 583 8.43 71.58 -47.05
C ASP A 583 6.95 71.96 -46.89
N PHE A 584 6.10 70.96 -46.58
CA PHE A 584 4.65 71.11 -46.52
C PHE A 584 4.18 71.62 -45.16
N VAL A 585 5.11 71.70 -44.20
CA VAL A 585 4.89 72.36 -42.93
C VAL A 585 5.48 73.76 -43.05
N ALA A 586 4.60 74.75 -43.27
CA ALA A 586 4.97 76.05 -43.81
C ALA A 586 5.93 76.80 -42.88
N GLY A 587 5.79 76.54 -41.58
CA GLY A 587 6.65 77.10 -40.55
C GLY A 587 6.25 76.67 -39.14
N THR A 588 6.96 77.21 -38.13
CA THR A 588 6.74 76.95 -36.72
C THR A 588 6.53 78.30 -36.01
N TYR A 589 5.68 78.32 -34.97
CA TYR A 589 5.57 79.45 -34.06
C TYR A 589 5.80 78.98 -32.62
N VAL A 590 7.06 79.07 -32.19
CA VAL A 590 7.55 78.44 -30.97
C VAL A 590 6.90 79.12 -29.77
N TRP A 591 6.56 78.29 -28.78
CA TRP A 591 6.07 78.76 -27.49
C TRP A 591 7.22 78.72 -26.48
N THR A 592 7.71 79.90 -26.06
CA THR A 592 7.43 81.21 -26.64
C THR A 592 8.74 81.93 -26.93
N GLY A 593 8.65 83.08 -27.60
CA GLY A 593 9.82 83.90 -27.89
C GLY A 593 10.43 84.45 -26.60
N PHE A 594 9.59 85.11 -25.79
CA PHE A 594 9.96 85.68 -24.50
C PHE A 594 9.11 85.09 -23.39
N ASP A 595 9.71 84.87 -22.21
CA ASP A 595 9.00 84.52 -21.00
C ASP A 595 7.96 85.60 -20.73
N TYR A 596 6.82 85.20 -20.17
CA TYR A 596 5.76 86.14 -19.82
C TYR A 596 5.37 85.94 -18.36
N LEU A 597 4.77 86.97 -17.74
CA LEU A 597 4.29 86.80 -16.37
C LEU A 597 3.11 85.84 -16.36
N GLY A 598 3.09 84.94 -15.37
CA GLY A 598 2.03 83.94 -15.25
C GLY A 598 2.43 82.59 -15.81
N GLU A 599 1.47 81.67 -15.93
CA GLU A 599 1.65 80.33 -16.47
C GLU A 599 3.04 79.78 -16.11
N PRO A 600 3.32 79.57 -14.81
CA PRO A 600 4.64 79.14 -14.39
C PRO A 600 4.84 77.62 -14.51
N THR A 601 4.16 76.98 -15.47
CA THR A 601 4.34 75.57 -15.73
C THR A 601 5.83 75.25 -15.73
N PRO A 602 6.33 74.19 -15.06
CA PRO A 602 5.50 73.17 -14.41
C PRO A 602 4.85 73.43 -13.05
N TRP A 603 5.05 74.64 -12.49
CA TRP A 603 4.42 75.04 -11.24
C TRP A 603 3.16 75.87 -11.47
N ASN A 604 2.26 75.37 -12.32
CA ASN A 604 1.11 76.15 -12.73
C ASN A 604 -0.05 75.94 -11.75
N GLY A 605 -0.98 76.91 -11.72
CA GLY A 605 -2.14 76.80 -10.86
C GLY A 605 -3.32 77.57 -11.44
N THR A 606 -4.36 76.83 -11.83
CA THR A 606 -5.59 77.40 -12.35
C THR A 606 -6.51 77.79 -11.21
N GLY A 607 -6.21 77.29 -10.01
CA GLY A 607 -6.96 77.57 -8.80
C GLY A 607 -6.19 78.44 -7.83
N SER A 608 -6.92 78.99 -6.84
CA SER A 608 -6.37 79.81 -5.79
C SER A 608 -5.36 79.02 -4.96
N GLY A 609 -4.25 79.65 -4.54
CA GLY A 609 -3.30 79.02 -3.65
C GLY A 609 -1.89 78.91 -4.21
N ALA A 610 -0.87 78.94 -3.34
CA ALA A 610 0.53 78.79 -3.74
C ALA A 610 0.82 77.37 -4.24
N VAL A 611 1.86 77.25 -5.07
CA VAL A 611 2.24 75.99 -5.70
C VAL A 611 3.67 75.67 -5.26
N GLY A 612 3.81 74.56 -4.52
CA GLY A 612 5.04 74.33 -3.77
C GLY A 612 5.20 75.37 -2.67
N SER A 613 6.41 75.47 -2.11
CA SER A 613 6.69 76.49 -1.11
C SER A 613 6.67 77.88 -1.75
N TRP A 614 6.08 78.85 -1.04
CA TRP A 614 6.13 80.27 -1.36
C TRP A 614 7.52 80.79 -0.97
N PRO A 615 8.14 81.70 -1.75
CA PRO A 615 7.54 82.29 -2.93
C PRO A 615 7.55 81.31 -4.11
N SER A 616 6.37 81.11 -4.71
CA SER A 616 6.19 80.18 -5.83
C SER A 616 6.64 80.86 -7.13
N PRO A 617 7.02 80.10 -8.19
CA PRO A 617 7.39 80.73 -9.46
C PRO A 617 6.15 81.46 -9.98
N LYS A 618 6.35 82.72 -10.42
CA LYS A 618 5.28 83.65 -10.77
C LYS A 618 5.29 84.00 -12.27
N ASN A 619 6.30 83.54 -13.01
CA ASN A 619 6.40 83.80 -14.45
C ASN A 619 6.76 82.51 -15.19
N SER A 620 6.94 82.61 -16.53
CA SER A 620 7.02 81.45 -17.42
C SER A 620 8.43 80.88 -17.52
N TYR A 621 8.51 79.62 -18.01
CA TYR A 621 9.81 79.01 -18.29
C TYR A 621 9.98 78.72 -19.79
N PHE A 622 8.97 79.10 -20.59
CA PHE A 622 8.86 78.69 -21.98
C PHE A 622 9.77 79.49 -22.92
N GLY A 623 9.97 80.76 -22.56
CA GLY A 623 10.72 81.72 -23.37
C GLY A 623 12.10 81.22 -23.79
N ILE A 624 12.46 81.53 -25.04
CA ILE A 624 13.83 81.42 -25.53
C ILE A 624 14.64 82.50 -24.82
N VAL A 625 13.98 83.62 -24.50
CA VAL A 625 14.55 84.77 -23.84
C VAL A 625 13.72 85.03 -22.58
N ASP A 626 14.38 85.38 -21.47
CA ASP A 626 13.69 85.65 -20.21
C ASP A 626 13.08 87.04 -20.22
N THR A 627 12.24 87.32 -19.21
CA THR A 627 11.44 88.53 -19.15
C THR A 627 12.31 89.78 -19.32
N ALA A 628 13.60 89.69 -18.97
CA ALA A 628 14.49 90.84 -18.99
C ALA A 628 15.06 91.08 -20.38
N GLY A 629 14.99 90.05 -21.24
CA GLY A 629 15.55 90.19 -22.56
C GLY A 629 16.94 89.55 -22.63
N PHE A 630 17.26 88.77 -21.60
CA PHE A 630 18.48 87.97 -21.59
C PHE A 630 18.21 86.63 -22.26
N PRO A 631 18.95 86.29 -23.33
CA PRO A 631 18.77 85.01 -24.01
C PRO A 631 19.11 83.84 -23.09
N LYS A 632 18.35 82.75 -23.20
CA LYS A 632 18.76 81.46 -22.65
C LYS A 632 19.63 80.78 -23.71
N ASP A 633 20.14 79.58 -23.38
CA ASP A 633 21.19 79.01 -24.23
C ASP A 633 20.60 78.58 -25.57
N THR A 634 19.39 78.01 -25.47
CA THR A 634 18.59 77.51 -26.58
C THR A 634 18.53 78.56 -27.70
N TYR A 635 18.65 79.85 -27.35
CA TYR A 635 18.57 80.99 -28.26
C TYR A 635 19.56 80.84 -29.40
N TYR A 636 20.77 80.39 -29.05
CA TYR A 636 21.84 80.26 -30.01
C TYR A 636 21.65 79.01 -30.87
N PHE A 637 20.93 78.02 -30.34
CA PHE A 637 20.47 76.94 -31.20
C PHE A 637 19.59 77.51 -32.31
N TYR A 638 18.52 78.24 -31.92
CA TYR A 638 17.61 78.83 -32.89
C TYR A 638 18.38 79.70 -33.89
N GLN A 639 19.31 80.50 -33.38
CA GLN A 639 20.11 81.37 -34.24
C GLN A 639 20.88 80.54 -35.25
N SER A 640 21.44 79.41 -34.77
CA SER A 640 22.23 78.52 -35.61
C SER A 640 21.37 77.99 -36.76
N GLN A 641 20.07 77.85 -36.45
CA GLN A 641 19.12 77.23 -37.38
C GLN A 641 18.42 78.27 -38.25
N TRP A 642 18.38 79.56 -37.86
CA TRP A 642 17.46 80.53 -38.47
C TRP A 642 18.11 81.78 -39.08
N ASN A 643 19.22 82.28 -38.50
CA ASN A 643 19.83 83.53 -38.93
C ASN A 643 20.91 83.28 -39.98
N ASP A 644 20.59 83.67 -41.22
CA ASP A 644 21.52 83.47 -42.33
C ASP A 644 22.33 84.73 -42.59
N ASP A 645 22.23 85.71 -41.69
CA ASP A 645 22.99 86.95 -41.78
C ASP A 645 24.11 87.00 -40.75
N VAL A 646 24.22 85.97 -39.90
CA VAL A 646 25.31 85.86 -38.93
C VAL A 646 25.74 84.39 -38.84
N HIS A 647 26.87 84.18 -38.17
CA HIS A 647 27.42 82.87 -37.85
C HIS A 647 27.41 82.67 -36.34
N THR A 648 26.70 81.62 -35.91
CA THR A 648 26.63 81.27 -34.50
C THR A 648 27.69 80.22 -34.18
N LEU A 649 28.41 80.44 -33.07
CA LEU A 649 29.26 79.45 -32.44
C LEU A 649 29.23 79.68 -30.92
N HIS A 650 28.45 78.83 -30.23
CA HIS A 650 28.10 79.02 -28.83
C HIS A 650 28.26 77.72 -28.05
N ILE A 651 28.88 77.82 -26.87
CA ILE A 651 29.17 76.70 -25.99
C ILE A 651 28.41 76.86 -24.69
N LEU A 652 27.94 75.72 -24.16
CA LEU A 652 27.53 75.58 -22.78
C LEU A 652 28.02 74.22 -22.28
N PRO A 653 28.11 73.97 -20.95
CA PRO A 653 27.75 74.93 -19.92
C PRO A 653 28.88 75.88 -19.54
N ALA A 654 28.65 76.72 -18.52
CA ALA A 654 29.71 77.52 -17.91
C ALA A 654 30.66 76.57 -17.17
N TRP A 655 31.91 77.02 -16.93
CA TRP A 655 32.98 76.09 -16.61
C TRP A 655 33.58 76.34 -15.21
N ASN A 656 32.73 76.20 -14.17
CA ASN A 656 33.10 76.27 -12.77
C ASN A 656 32.64 74.99 -12.07
N GLU A 657 33.47 74.49 -11.15
CA GLU A 657 33.22 73.26 -10.40
C GLU A 657 31.75 73.11 -10.02
N ASN A 658 31.19 74.17 -9.43
CA ASN A 658 29.96 74.10 -8.65
C ASN A 658 28.69 74.11 -9.53
N VAL A 659 28.83 74.41 -10.84
CA VAL A 659 27.70 74.67 -11.72
C VAL A 659 27.51 73.57 -12.77
N VAL A 660 28.60 72.87 -13.15
CA VAL A 660 28.57 71.83 -14.18
C VAL A 660 27.88 70.58 -13.62
N ALA A 661 27.48 69.67 -14.52
CA ALA A 661 26.90 68.42 -14.08
C ALA A 661 27.86 67.26 -14.33
N LYS A 662 28.55 66.84 -13.27
CA LYS A 662 29.47 65.74 -13.39
C LYS A 662 28.70 64.45 -13.20
N GLY A 663 29.11 63.45 -13.98
CA GLY A 663 28.68 62.08 -13.88
C GLY A 663 29.60 61.29 -14.80
N SER A 664 29.40 59.97 -14.88
CA SER A 664 30.29 59.08 -15.63
C SER A 664 31.73 59.57 -15.49
N GLY A 665 32.23 59.54 -14.25
CA GLY A 665 33.61 59.84 -13.89
C GLY A 665 34.05 61.25 -14.24
N ASN A 666 33.29 62.26 -13.80
CA ASN A 666 33.67 63.65 -13.98
C ASN A 666 33.51 64.12 -15.41
N ASN A 667 32.74 63.38 -16.22
CA ASN A 667 32.42 63.80 -17.57
C ASN A 667 31.22 64.73 -17.55
N VAL A 668 31.39 65.91 -18.16
CA VAL A 668 30.38 66.95 -18.27
C VAL A 668 29.97 67.09 -19.74
N PRO A 669 28.67 66.94 -20.07
CA PRO A 669 28.21 67.15 -21.45
C PRO A 669 28.42 68.60 -21.83
N VAL A 670 29.30 68.81 -22.81
CA VAL A 670 29.53 70.11 -23.42
C VAL A 670 28.78 70.12 -24.75
N VAL A 671 27.97 71.16 -24.97
CA VAL A 671 27.12 71.31 -26.15
C VAL A 671 27.57 72.53 -26.93
N VAL A 672 27.54 72.40 -28.27
CA VAL A 672 27.87 73.49 -29.17
C VAL A 672 26.73 73.67 -30.16
N TYR A 673 26.27 74.93 -30.29
CA TYR A 673 25.30 75.34 -31.29
C TYR A 673 26.04 76.16 -32.34
N THR A 674 25.93 75.77 -33.63
CA THR A 674 26.66 76.49 -34.67
C THR A 674 26.11 76.24 -36.07
N ASP A 675 26.28 77.25 -36.95
CA ASP A 675 25.86 77.13 -38.34
C ASP A 675 27.05 76.76 -39.21
N ALA A 676 28.19 76.50 -38.56
CA ALA A 676 29.42 76.11 -39.24
C ALA A 676 29.34 74.66 -39.70
N ALA A 677 30.20 74.33 -40.69
CA ALA A 677 30.28 72.99 -41.24
C ALA A 677 31.08 72.04 -40.34
N LYS A 678 32.17 72.55 -39.74
CA LYS A 678 33.07 71.76 -38.89
C LYS A 678 33.46 72.57 -37.66
N VAL A 679 33.53 71.88 -36.51
CA VAL A 679 33.91 72.45 -35.23
C VAL A 679 35.00 71.59 -34.59
N LYS A 680 36.14 72.23 -34.27
CA LYS A 680 37.21 71.66 -33.45
C LYS A 680 37.08 72.27 -32.05
N LEU A 681 37.03 71.38 -31.04
CA LEU A 681 36.86 71.79 -29.65
C LEU A 681 38.20 71.59 -28.93
N TYR A 682 38.72 72.69 -28.35
CA TYR A 682 39.97 72.69 -27.59
C TYR A 682 39.71 72.92 -26.11
N PHE A 683 40.65 72.46 -25.26
CA PHE A 683 40.67 72.66 -23.81
C PHE A 683 42.05 73.14 -23.39
N THR A 684 42.10 74.24 -22.62
CA THR A 684 43.33 74.84 -22.14
C THR A 684 43.31 74.86 -20.62
N PRO A 685 44.17 74.09 -19.91
CA PRO A 685 44.13 74.05 -18.44
C PRO A 685 44.55 75.42 -17.88
N LYS A 686 44.14 75.72 -16.64
CA LYS A 686 44.27 77.08 -16.12
C LYS A 686 45.74 77.44 -16.03
N GLY A 687 46.06 78.72 -16.31
CA GLY A 687 47.42 79.25 -16.19
C GLY A 687 48.36 78.73 -17.28
N SER A 688 47.98 77.65 -17.98
CA SER A 688 48.65 77.15 -19.16
C SER A 688 48.24 77.99 -20.38
N THR A 689 49.00 77.85 -21.47
CA THR A 689 48.76 78.67 -22.65
C THR A 689 48.71 77.78 -23.89
N GLU A 690 48.58 76.46 -23.66
CA GLU A 690 48.64 75.44 -24.70
C GLU A 690 47.27 74.75 -24.82
N LYS A 691 46.58 75.00 -25.93
CA LYS A 691 45.25 74.45 -26.23
C LYS A 691 45.37 72.99 -26.67
N ARG A 692 44.63 72.08 -26.04
CA ARG A 692 44.63 70.66 -26.39
C ARG A 692 43.32 70.28 -27.08
N LEU A 693 43.41 69.88 -28.35
CA LEU A 693 42.27 69.46 -29.16
C LEU A 693 41.57 68.24 -28.53
N ILE A 694 40.30 68.41 -28.14
CA ILE A 694 39.50 67.37 -27.49
C ILE A 694 38.80 66.50 -28.54
N GLY A 695 38.60 67.05 -29.74
CA GLY A 695 37.78 66.38 -30.74
C GLY A 695 37.40 67.35 -31.86
N GLU A 696 36.77 66.77 -32.89
CA GLU A 696 36.43 67.48 -34.11
C GLU A 696 35.21 66.79 -34.70
N LYS A 697 34.20 67.58 -35.13
CA LYS A 697 32.96 67.04 -35.67
C LYS A 697 32.51 67.85 -36.89
N SER A 698 31.99 67.14 -37.90
CA SER A 698 31.53 67.74 -39.15
C SER A 698 30.05 67.47 -39.38
N PHE A 699 29.35 68.50 -39.85
CA PHE A 699 27.94 68.42 -40.15
C PHE A 699 27.74 67.84 -41.55
N THR A 700 26.50 67.46 -41.84
CA THR A 700 26.02 67.04 -43.16
C THR A 700 24.97 68.06 -43.60
N LYS A 701 25.21 68.76 -44.72
CA LYS A 701 24.34 69.85 -45.14
C LYS A 701 23.31 69.37 -46.15
N LYS A 702 22.18 68.86 -45.63
CA LYS A 702 21.02 68.47 -46.42
C LYS A 702 20.22 69.72 -46.83
N THR A 703 19.57 69.66 -48.01
CA THR A 703 18.70 70.68 -48.57
C THR A 703 17.48 70.00 -49.18
N THR A 704 16.27 70.46 -48.82
CA THR A 704 15.04 69.80 -49.22
C THR A 704 14.71 70.17 -50.65
N ALA A 705 13.67 69.52 -51.21
CA ALA A 705 13.27 69.76 -52.59
C ALA A 705 12.97 71.24 -52.82
N ALA A 706 12.20 71.85 -51.91
CA ALA A 706 11.79 73.25 -52.01
C ALA A 706 12.97 74.18 -51.81
N GLY A 707 14.05 73.67 -51.22
CA GLY A 707 15.30 74.42 -51.21
C GLY A 707 15.71 74.93 -49.84
N TYR A 708 15.03 74.46 -48.79
CA TYR A 708 15.38 74.78 -47.40
C TYR A 708 16.51 73.84 -46.98
N THR A 709 17.60 74.42 -46.47
CA THR A 709 18.82 73.66 -46.20
C THR A 709 19.16 73.70 -44.70
N TYR A 710 19.32 72.52 -44.09
CA TYR A 710 19.66 72.38 -42.68
C TYR A 710 20.89 71.48 -42.49
N GLN A 711 21.37 71.38 -41.25
CA GLN A 711 22.57 70.59 -40.93
C GLN A 711 22.26 69.60 -39.80
N VAL A 712 22.59 68.32 -40.03
CA VAL A 712 22.56 67.29 -39.01
C VAL A 712 23.93 66.62 -38.92
N TYR A 713 24.29 66.11 -37.72
CA TYR A 713 25.53 65.38 -37.51
C TYR A 713 25.27 63.88 -37.64
N GLU A 714 26.07 63.21 -38.50
CA GLU A 714 25.82 61.81 -38.80
C GLU A 714 27.04 60.91 -38.57
N GLY A 715 28.01 61.39 -37.78
CA GLY A 715 29.19 60.64 -37.40
C GLY A 715 28.89 59.41 -36.54
N ALA A 716 29.93 58.66 -36.16
CA ALA A 716 29.76 57.40 -35.45
C ALA A 716 29.25 57.64 -34.04
N ASP A 717 29.68 58.76 -33.43
CA ASP A 717 29.33 59.10 -32.06
C ASP A 717 28.04 59.93 -32.01
N LYS A 718 27.29 59.97 -33.14
CA LYS A 718 26.02 60.67 -33.22
C LYS A 718 25.04 60.11 -32.18
N ASP A 719 24.14 60.98 -31.70
CA ASP A 719 23.15 60.61 -30.70
C ASP A 719 22.19 59.61 -31.34
N SER A 720 21.67 58.69 -30.51
CA SER A 720 20.76 57.66 -30.99
C SER A 720 19.43 58.25 -31.41
N THR A 721 18.93 59.24 -30.64
CA THR A 721 17.74 60.00 -30.97
C THR A 721 18.14 61.14 -31.93
N ALA A 722 17.52 61.16 -33.13
CA ALA A 722 18.02 61.88 -34.29
C ALA A 722 18.10 63.39 -34.10
N HIS A 723 17.05 63.97 -33.50
CA HIS A 723 16.88 65.41 -33.48
C HIS A 723 18.02 66.11 -32.73
N LYS A 724 18.60 65.40 -31.75
CA LYS A 724 19.68 65.94 -30.92
C LYS A 724 20.94 66.18 -31.74
N ASN A 725 20.98 65.60 -32.96
CA ASN A 725 22.11 65.72 -33.84
C ASN A 725 22.01 67.00 -34.67
N MET A 726 21.07 67.89 -34.31
CA MET A 726 21.01 69.19 -34.95
C MET A 726 22.06 70.10 -34.30
N TYR A 727 22.62 69.63 -33.16
CA TYR A 727 23.74 70.24 -32.47
C TYR A 727 24.79 69.16 -32.14
N LEU A 728 25.97 69.61 -31.68
CA LEU A 728 27.12 68.77 -31.35
C LEU A 728 27.31 68.68 -29.83
N THR A 729 27.64 67.46 -29.35
CA THR A 729 27.82 67.22 -27.92
C THR A 729 29.08 66.38 -27.71
N TRP A 730 30.01 66.92 -26.92
CA TRP A 730 31.21 66.23 -26.45
C TRP A 730 31.10 65.97 -24.94
N ASN A 731 31.82 64.94 -24.47
CA ASN A 731 31.95 64.68 -23.04
C ASN A 731 33.36 65.02 -22.57
N VAL A 732 33.55 66.23 -22.06
CA VAL A 732 34.82 66.69 -21.53
C VAL A 732 34.87 66.37 -20.03
N PRO A 733 36.03 65.93 -19.48
CA PRO A 733 36.16 65.74 -18.04
C PRO A 733 36.40 67.10 -17.37
N TRP A 734 35.85 67.26 -16.16
CA TRP A 734 35.91 68.53 -15.45
C TRP A 734 37.35 68.83 -15.02
N ALA A 735 37.84 70.01 -15.39
CA ALA A 735 39.15 70.49 -14.97
C ALA A 735 39.17 72.00 -15.15
N GLU A 736 39.67 72.73 -14.15
CA GLU A 736 39.77 74.17 -14.24
C GLU A 736 40.48 74.56 -15.53
N GLY A 737 39.88 75.49 -16.29
CA GLY A 737 40.48 75.96 -17.53
C GLY A 737 39.46 76.64 -18.45
N THR A 738 39.74 76.57 -19.76
CA THR A 738 39.01 77.27 -20.80
C THR A 738 38.66 76.28 -21.91
N ILE A 739 37.36 75.93 -22.04
CA ILE A 739 36.89 75.20 -23.21
C ILE A 739 36.59 76.22 -24.33
N SER A 740 37.41 76.20 -25.38
CA SER A 740 37.20 77.03 -26.56
C SER A 740 36.82 76.13 -27.75
N ALA A 741 36.29 76.76 -28.81
CA ALA A 741 35.92 76.06 -30.03
C ALA A 741 36.23 76.96 -31.23
N GLU A 742 36.75 76.36 -32.30
CA GLU A 742 36.95 77.07 -33.55
C GLU A 742 36.07 76.42 -34.61
N ALA A 743 35.71 77.22 -35.64
CA ALA A 743 34.70 76.83 -36.62
C ALA A 743 35.23 77.01 -38.03
N TYR A 744 34.92 76.04 -38.90
CA TYR A 744 35.32 76.04 -40.30
C TYR A 744 34.10 75.89 -41.20
N ASP A 745 34.11 76.58 -42.35
CA ASP A 745 33.06 76.51 -43.37
C ASP A 745 33.21 75.25 -44.23
N GLU A 746 32.32 75.12 -45.23
CA GLU A 746 32.27 73.97 -46.11
C GLU A 746 33.60 73.74 -46.83
N ASN A 747 34.26 74.84 -47.25
CA ASN A 747 35.54 74.79 -47.94
C ASN A 747 36.72 74.65 -46.97
N ASN A 748 36.42 74.49 -45.69
CA ASN A 748 37.40 74.21 -44.65
C ASN A 748 38.19 75.46 -44.25
N ARG A 749 37.83 76.63 -44.83
CA ARG A 749 38.33 77.92 -44.42
C ARG A 749 37.84 78.21 -43.00
N LEU A 750 38.75 78.57 -42.11
CA LEU A 750 38.42 78.92 -40.74
C LEU A 750 37.48 80.13 -40.70
N ILE A 751 36.51 80.10 -39.79
CA ILE A 751 35.63 81.24 -39.51
C ILE A 751 36.36 82.19 -38.57
N PRO A 752 36.60 83.46 -38.96
CA PRO A 752 37.39 84.40 -38.18
C PRO A 752 36.96 84.50 -36.71
N GLU A 753 37.94 84.62 -35.80
CA GLU A 753 37.72 84.54 -34.35
C GLU A 753 36.76 85.61 -33.85
N GLY A 754 36.80 86.79 -34.48
CA GLY A 754 35.96 87.91 -34.07
C GLY A 754 34.47 87.75 -34.39
N SER A 755 34.16 87.17 -35.56
CA SER A 755 32.88 87.30 -36.25
C SER A 755 31.78 86.40 -35.69
N THR A 756 32.10 85.46 -34.81
CA THR A 756 31.12 84.54 -34.25
C THR A 756 30.13 85.27 -33.34
N GLU A 757 28.91 84.69 -33.19
CA GLU A 757 27.91 85.10 -32.22
C GLU A 757 27.79 84.01 -31.16
N GLY A 758 27.50 84.41 -29.91
CA GLY A 758 27.46 83.50 -28.77
C GLY A 758 28.87 83.28 -28.21
N ASN A 759 28.94 82.56 -27.07
CA ASN A 759 30.18 82.30 -26.35
C ASN A 759 31.03 81.26 -27.07
N ALA A 760 32.10 81.73 -27.72
CA ALA A 760 33.05 80.92 -28.46
C ALA A 760 33.91 80.09 -27.50
N SER A 761 33.88 80.46 -26.21
CA SER A 761 34.65 79.82 -25.14
C SER A 761 34.03 80.14 -23.78
N VAL A 762 33.96 79.11 -22.93
CA VAL A 762 33.68 79.27 -21.51
C VAL A 762 35.01 79.10 -20.79
N THR A 763 35.12 79.69 -19.58
CA THR A 763 36.34 79.66 -18.80
C THR A 763 35.98 79.59 -17.32
N THR A 764 36.87 79.00 -16.50
CA THR A 764 36.68 78.93 -15.06
C THR A 764 36.91 80.33 -14.47
N THR A 765 35.94 80.82 -13.69
CA THR A 765 35.93 82.21 -13.28
C THR A 765 36.37 82.35 -11.82
N GLY A 766 36.86 83.54 -11.48
CA GLY A 766 37.20 83.91 -10.11
C GLY A 766 35.94 84.18 -9.31
N LYS A 767 36.11 84.68 -8.08
CA LYS A 767 34.98 85.08 -7.26
C LYS A 767 34.44 86.40 -7.79
N ALA A 768 33.18 86.69 -7.42
CA ALA A 768 32.50 87.93 -7.80
C ALA A 768 33.36 89.13 -7.41
N ALA A 769 33.63 90.04 -8.34
CA ALA A 769 34.56 91.13 -8.14
C ALA A 769 34.02 92.48 -8.64
N LYS A 770 33.49 92.52 -9.88
CA LYS A 770 33.04 93.77 -10.46
C LYS A 770 31.64 93.64 -11.05
N LEU A 771 30.96 94.80 -11.15
CA LEU A 771 29.79 94.99 -11.98
C LEU A 771 30.22 95.70 -13.26
N LYS A 772 29.88 95.10 -14.41
CA LYS A 772 29.94 95.77 -15.70
C LYS A 772 28.50 96.09 -16.10
N ALA A 773 28.24 97.38 -16.37
CA ALA A 773 26.90 97.85 -16.71
C ALA A 773 26.97 98.59 -18.05
N ASP A 774 26.14 98.14 -19.00
CA ASP A 774 26.01 98.81 -20.27
C ASP A 774 24.52 99.14 -20.51
N ALA A 775 24.26 100.30 -21.15
CA ALA A 775 22.94 100.71 -21.57
C ALA A 775 22.79 100.52 -23.07
N ASP A 776 21.64 99.97 -23.49
CA ASP A 776 21.40 99.61 -24.87
C ASP A 776 21.48 100.84 -25.77
N ARG A 777 20.91 101.96 -25.33
CA ARG A 777 20.95 103.21 -26.09
C ARG A 777 21.44 104.35 -25.20
N LYS A 778 22.48 105.05 -25.69
CA LYS A 778 23.16 106.07 -24.92
C LYS A 778 22.45 107.41 -25.06
N THR A 779 21.53 107.48 -26.04
CA THR A 779 20.66 108.62 -26.27
C THR A 779 19.23 108.13 -26.48
N ILE A 780 18.27 108.79 -25.81
CA ILE A 780 16.85 108.47 -25.92
C ILE A 780 16.07 109.79 -26.06
N THR A 781 14.77 109.69 -26.38
CA THR A 781 13.95 110.88 -26.59
C THR A 781 13.36 111.32 -25.26
N ALA A 782 13.32 112.65 -25.06
CA ALA A 782 12.82 113.24 -23.83
C ALA A 782 11.33 113.53 -23.98
N ASP A 783 10.52 112.46 -23.97
CA ASP A 783 9.10 112.53 -24.28
C ASP A 783 8.28 111.92 -23.14
N GLY A 784 8.97 111.39 -22.12
CA GLY A 784 8.32 110.72 -21.01
C GLY A 784 7.92 109.30 -21.37
N LYS A 785 8.48 108.80 -22.49
CA LYS A 785 8.07 107.57 -23.14
C LYS A 785 9.28 106.65 -23.35
N ASP A 786 10.27 107.10 -24.13
CA ASP A 786 11.42 106.30 -24.53
C ASP A 786 12.10 105.65 -23.31
N LEU A 787 12.71 104.48 -23.51
CA LEU A 787 13.41 103.76 -22.45
C LEU A 787 14.87 103.49 -22.85
N SER A 788 15.74 103.48 -21.84
CA SER A 788 17.07 102.89 -21.92
C SER A 788 17.11 101.64 -21.07
N TYR A 789 17.58 100.53 -21.66
CA TYR A 789 17.67 99.24 -20.97
C TYR A 789 19.13 99.03 -20.54
N ILE A 790 19.34 98.88 -19.22
CA ILE A 790 20.67 98.77 -18.63
C ILE A 790 20.90 97.36 -18.12
N GLU A 791 21.73 96.60 -18.86
CA GLU A 791 22.18 95.27 -18.46
C GLU A 791 23.34 95.45 -17.49
N VAL A 792 23.32 94.67 -16.40
CA VAL A 792 24.41 94.63 -15.44
C VAL A 792 24.82 93.17 -15.24
N ASP A 793 26.07 92.87 -15.61
CA ASP A 793 26.68 91.56 -15.41
C ASP A 793 27.56 91.61 -14.18
N VAL A 794 27.63 90.48 -13.45
CA VAL A 794 28.53 90.27 -12.33
C VAL A 794 29.71 89.44 -12.83
N THR A 795 30.88 90.09 -12.94
CA THR A 795 32.09 89.46 -13.46
C THR A 795 33.09 89.23 -12.32
N ASP A 796 34.10 88.39 -12.60
CA ASP A 796 35.29 88.26 -11.78
C ASP A 796 36.24 89.40 -12.13
N ALA A 797 37.46 89.35 -11.58
CA ALA A 797 38.44 90.42 -11.70
C ALA A 797 38.81 90.70 -13.16
N ASN A 798 38.69 89.68 -14.02
CA ASN A 798 39.12 89.73 -15.41
C ASN A 798 37.95 90.04 -16.35
N GLY A 799 36.73 90.06 -15.81
CA GLY A 799 35.55 90.44 -16.57
C GLY A 799 34.73 89.23 -17.05
N HIS A 800 35.02 88.04 -16.50
CA HIS A 800 34.31 86.82 -16.81
C HIS A 800 33.02 86.74 -15.99
N ILE A 801 31.87 86.68 -16.67
CA ILE A 801 30.57 86.67 -15.98
C ILE A 801 30.53 85.47 -15.04
N VAL A 802 30.14 85.70 -13.79
CA VAL A 802 30.20 84.62 -12.81
C VAL A 802 28.91 83.83 -12.90
N PRO A 803 28.98 82.54 -13.29
CA PRO A 803 27.81 81.68 -13.50
C PRO A 803 26.66 81.78 -12.51
N ASP A 804 26.96 81.72 -11.21
CA ASP A 804 25.89 81.54 -10.24
C ASP A 804 25.67 82.81 -9.42
N ALA A 805 26.37 83.88 -9.79
CA ALA A 805 26.29 85.15 -9.08
C ALA A 805 24.84 85.55 -8.84
N ALA A 806 24.51 85.94 -7.60
CA ALA A 806 23.16 86.38 -7.25
C ALA A 806 23.19 87.64 -6.38
N ASN A 807 24.26 88.43 -6.54
CA ASN A 807 24.54 89.61 -5.73
C ASN A 807 23.48 90.68 -5.97
N ARG A 808 22.80 91.10 -4.90
CA ARG A 808 21.82 92.16 -4.93
C ARG A 808 22.43 93.47 -5.43
N VAL A 809 21.92 93.99 -6.53
CA VAL A 809 22.43 95.20 -7.15
C VAL A 809 21.42 96.32 -6.92
N THR A 810 21.95 97.50 -6.57
CA THR A 810 21.16 98.68 -6.24
C THR A 810 21.49 99.76 -7.25
N PHE A 811 20.43 100.36 -7.80
CA PHE A 811 20.54 101.34 -8.87
C PHE A 811 20.29 102.73 -8.31
N ASP A 812 21.22 103.64 -8.62
CA ASP A 812 21.11 105.05 -8.29
C ASP A 812 20.89 105.82 -9.58
N VAL A 813 19.64 106.23 -9.84
CA VAL A 813 19.29 106.99 -11.03
C VAL A 813 19.18 108.47 -10.65
N LYS A 814 20.10 109.28 -11.20
CA LYS A 814 20.08 110.73 -11.04
C LYS A 814 20.06 111.35 -12.43
N GLY A 815 19.17 112.32 -12.63
CA GLY A 815 19.16 113.09 -13.87
C GLY A 815 17.77 113.26 -14.46
N ALA A 816 17.72 113.51 -15.78
CA ALA A 816 16.48 113.70 -16.53
C ALA A 816 15.87 112.36 -16.95
N GLY A 817 15.82 111.43 -15.99
CA GLY A 817 15.19 110.12 -16.13
C GLY A 817 14.61 109.64 -14.79
N LYS A 818 14.20 108.37 -14.75
CA LYS A 818 13.77 107.71 -13.53
C LYS A 818 13.66 106.22 -13.77
N LEU A 819 13.96 105.42 -12.74
CA LEU A 819 13.93 103.98 -12.86
C LEU A 819 12.49 103.48 -12.85
N VAL A 820 12.09 102.75 -13.89
CA VAL A 820 10.72 102.28 -14.05
C VAL A 820 10.64 100.77 -13.82
N GLY A 821 11.79 100.07 -13.87
CA GLY A 821 11.79 98.64 -13.58
C GLY A 821 13.19 98.06 -13.37
N VAL A 822 13.21 96.92 -12.65
CA VAL A 822 14.37 96.05 -12.46
C VAL A 822 13.91 94.60 -12.57
N ASP A 823 14.76 93.73 -13.16
CA ASP A 823 14.36 92.37 -13.49
C ASP A 823 15.59 91.47 -13.58
N ASN A 824 15.34 90.15 -13.47
CA ASN A 824 16.34 89.09 -13.62
C ASN A 824 15.77 87.86 -14.33
N GLY A 825 14.45 87.87 -14.62
CA GLY A 825 13.82 86.78 -15.35
C GLY A 825 13.83 85.47 -14.56
N SER A 826 13.93 85.63 -13.23
CA SER A 826 13.86 84.53 -12.29
C SER A 826 12.41 84.36 -11.83
N SER A 827 11.87 83.17 -12.10
CA SER A 827 10.44 82.92 -11.97
C SER A 827 10.00 83.05 -10.51
N PRO A 828 10.76 82.54 -9.51
CA PRO A 828 10.32 82.56 -8.12
C PRO A 828 10.77 83.77 -7.30
N ASP A 829 11.48 84.71 -7.94
CA ASP A 829 11.89 85.95 -7.28
C ASP A 829 10.69 86.90 -7.23
N HIS A 830 10.20 87.20 -6.02
CA HIS A 830 9.03 88.05 -5.83
C HIS A 830 9.38 89.50 -5.49
N ASP A 831 10.67 89.88 -5.53
CA ASP A 831 11.05 91.26 -5.25
C ASP A 831 10.28 92.19 -6.18
N SER A 832 9.86 93.34 -5.65
CA SER A 832 9.15 94.36 -6.41
C SER A 832 9.94 94.74 -7.65
N TYR A 833 9.22 94.82 -8.79
CA TYR A 833 9.73 95.25 -10.08
C TYR A 833 10.04 96.75 -10.03
N GLN A 834 9.29 97.46 -9.15
CA GLN A 834 9.36 98.90 -9.00
C GLN A 834 10.23 99.26 -7.80
N ALA A 835 11.29 98.47 -7.57
CA ALA A 835 12.25 98.74 -6.52
C ALA A 835 13.55 99.25 -7.16
N ASP A 836 14.48 99.71 -6.32
CA ASP A 836 15.73 100.29 -6.80
C ASP A 836 16.84 99.24 -6.74
N ASN A 837 16.47 98.03 -6.35
CA ASN A 837 17.42 96.94 -6.20
C ASN A 837 16.78 95.60 -6.58
N ARG A 838 17.62 94.66 -7.03
CA ARG A 838 17.18 93.29 -7.25
C ARG A 838 18.41 92.40 -7.31
N LYS A 839 18.26 91.15 -6.84
CA LYS A 839 19.31 90.15 -6.96
C LYS A 839 19.62 89.95 -8.44
N ALA A 840 20.90 89.84 -8.78
CA ALA A 840 21.28 89.22 -10.03
C ALA A 840 20.81 87.77 -10.01
N PHE A 841 20.65 87.19 -11.20
CA PHE A 841 20.35 85.78 -11.33
C PHE A 841 21.19 85.23 -12.46
N SER A 842 21.79 84.05 -12.24
CA SER A 842 22.80 83.55 -13.13
C SER A 842 23.63 84.70 -13.69
N GLY A 843 24.07 85.61 -12.82
CA GLY A 843 25.12 86.59 -13.11
C GLY A 843 24.64 87.81 -13.88
N LYS A 844 23.33 88.06 -13.89
CA LYS A 844 22.79 89.17 -14.68
C LYS A 844 21.61 89.80 -13.95
N VAL A 845 21.47 91.13 -14.14
CA VAL A 845 20.31 91.87 -13.68
C VAL A 845 20.06 93.04 -14.63
N LEU A 846 18.79 93.40 -14.81
CA LEU A 846 18.38 94.45 -15.72
C LEU A 846 17.73 95.59 -14.94
N ALA A 847 18.05 96.83 -15.35
CA ALA A 847 17.39 98.04 -14.91
C ALA A 847 16.88 98.80 -16.12
N ILE A 848 15.59 99.19 -16.09
CA ILE A 848 14.92 99.94 -17.15
C ILE A 848 14.71 101.38 -16.66
N VAL A 849 15.26 102.33 -17.41
CA VAL A 849 15.19 103.74 -17.10
C VAL A 849 14.39 104.45 -18.19
N GLN A 850 13.46 105.31 -17.78
CA GLN A 850 12.60 106.07 -18.69
C GLN A 850 13.00 107.54 -18.68
N SER A 851 12.74 108.24 -19.81
CA SER A 851 13.05 109.65 -19.94
C SER A 851 12.01 110.49 -19.21
N THR A 852 12.30 111.79 -19.05
CA THR A 852 11.33 112.80 -18.66
C THR A 852 10.95 113.57 -19.91
N LYS A 853 10.14 114.63 -19.72
CA LYS A 853 9.65 115.42 -20.84
C LYS A 853 10.52 116.67 -21.04
N GLU A 854 11.56 116.80 -20.21
CA GLU A 854 12.58 117.84 -20.35
C GLU A 854 13.90 117.15 -20.70
N ALA A 855 14.62 117.76 -21.65
CA ALA A 855 15.92 117.27 -22.09
C ALA A 855 16.90 117.29 -20.91
N GLY A 856 17.99 116.54 -21.02
CA GLY A 856 18.95 116.47 -19.92
C GLY A 856 19.92 115.30 -20.06
N GLU A 857 20.43 114.87 -18.90
CA GLU A 857 21.36 113.75 -18.81
C GLU A 857 20.89 112.84 -17.68
N ILE A 858 21.08 111.52 -17.86
CA ILE A 858 20.80 110.53 -16.84
C ILE A 858 22.11 109.84 -16.50
N THR A 859 22.44 109.85 -15.21
CA THR A 859 23.55 109.08 -14.65
C THR A 859 22.93 107.95 -13.86
N VAL A 860 23.30 106.71 -14.22
CA VAL A 860 22.83 105.54 -13.50
C VAL A 860 24.05 104.78 -12.97
N THR A 861 23.94 104.34 -11.71
CA THR A 861 25.04 103.71 -10.99
C THR A 861 24.56 102.39 -10.38
N ALA A 862 25.24 101.32 -10.80
CA ALA A 862 25.04 99.98 -10.29
C ALA A 862 26.03 99.76 -9.17
N LYS A 863 25.52 99.41 -7.99
CA LYS A 863 26.29 99.22 -6.78
C LYS A 863 25.90 97.89 -6.13
N ALA A 864 26.88 97.22 -5.52
CA ALA A 864 26.64 96.00 -4.77
C ALA A 864 27.78 95.78 -3.77
N ASP A 865 27.45 95.13 -2.65
CA ASP A 865 28.36 95.02 -1.53
C ASP A 865 29.63 94.30 -1.96
N GLY A 866 30.75 95.03 -1.87
CA GLY A 866 32.07 94.44 -2.03
C GLY A 866 32.47 94.25 -3.48
N LEU A 867 31.75 94.90 -4.41
CA LEU A 867 32.01 94.79 -5.84
C LEU A 867 32.19 96.18 -6.43
N GLN A 868 33.06 96.28 -7.44
CA GLN A 868 33.37 97.54 -8.09
C GLN A 868 32.12 98.05 -8.82
N SER A 869 31.63 99.22 -8.41
CA SER A 869 30.50 99.89 -9.04
C SER A 869 30.74 100.11 -10.53
N SER A 870 29.64 100.30 -11.27
CA SER A 870 29.65 100.66 -12.67
C SER A 870 28.62 101.78 -12.89
N THR A 871 28.95 102.67 -13.84
CA THR A 871 28.17 103.89 -14.05
C THR A 871 28.00 104.13 -15.55
N VAL A 872 26.77 104.48 -15.96
CA VAL A 872 26.42 104.70 -17.35
C VAL A 872 25.74 106.07 -17.48
N LYS A 873 25.98 106.74 -18.62
CA LYS A 873 25.42 108.06 -18.89
C LYS A 873 24.52 107.98 -20.12
N ILE A 874 23.29 108.50 -19.98
CA ILE A 874 22.26 108.48 -21.02
C ILE A 874 21.75 109.91 -21.21
N ALA A 875 21.81 110.40 -22.45
CA ALA A 875 21.37 111.74 -22.81
C ALA A 875 19.96 111.69 -23.38
N THR A 876 19.08 112.57 -22.87
CA THR A 876 17.71 112.69 -23.36
C THR A 876 17.61 113.97 -24.20
N THR A 877 17.22 113.82 -25.48
CA THR A 877 17.10 114.93 -26.41
C THR A 877 15.63 115.32 -26.57
N ALA A 878 15.38 116.63 -26.62
CA ALA A 878 14.01 117.13 -26.62
C ALA A 878 13.34 116.85 -27.97
N VAL A 879 12.00 116.72 -27.91
CA VAL A 879 11.20 116.39 -29.07
C VAL A 879 11.24 117.58 -30.02
N PRO A 880 11.51 117.37 -31.33
CA PRO A 880 11.60 118.48 -32.27
C PRO A 880 10.42 119.44 -32.13
N GLY A 881 10.73 120.73 -32.11
CA GLY A 881 9.72 121.77 -32.06
C GLY A 881 9.27 122.18 -30.66
N THR A 882 9.79 121.55 -29.60
CA THR A 882 9.60 122.06 -28.24
C THR A 882 10.44 123.33 -28.05
N SER A 883 9.86 124.36 -27.41
CA SER A 883 10.42 125.70 -27.34
C SER A 883 11.52 125.79 -26.28
N THR A 884 12.71 126.29 -26.66
CA THR A 884 13.81 126.44 -25.74
C THR A 884 13.48 127.48 -24.66
N GLU A 885 12.64 128.47 -24.98
CA GLU A 885 12.15 129.44 -24.01
C GLU A 885 11.20 128.79 -22.99
N LYS A 886 11.32 129.18 -21.69
CA LYS A 886 10.67 128.49 -20.58
C LYS A 886 9.16 128.69 -20.69
N THR A 887 8.40 127.63 -20.37
CA THR A 887 6.95 127.58 -20.50
C THR A 887 6.33 127.23 -19.14
N VAL A 888 5.04 127.54 -18.97
CA VAL A 888 4.28 127.13 -17.79
C VAL A 888 4.01 125.63 -17.87
N ARG A 889 4.33 124.87 -16.81
CA ARG A 889 4.16 123.42 -16.77
C ARG A 889 2.87 123.03 -16.04
N SER A 890 2.77 123.44 -14.77
CA SER A 890 1.67 123.05 -13.90
C SER A 890 1.55 124.02 -12.73
N PHE A 891 0.42 123.92 -12.00
CA PHE A 891 0.13 124.75 -10.83
C PHE A 891 -0.15 123.84 -9.62
N TYR A 892 0.49 124.15 -8.48
CA TYR A 892 0.35 123.39 -7.25
C TYR A 892 -0.54 124.17 -6.27
N TYR A 893 -1.77 123.67 -6.07
CA TYR A 893 -2.78 124.31 -5.24
C TYR A 893 -3.95 123.35 -5.00
N SER A 894 -4.79 123.70 -4.00
CA SER A 894 -6.02 122.97 -3.71
C SER A 894 -7.15 123.52 -4.57
N ARG A 895 -7.87 122.64 -5.28
CA ARG A 895 -8.88 123.09 -6.22
C ARG A 895 -10.30 122.82 -5.70
N ASN A 896 -10.41 122.14 -4.55
CA ASN A 896 -11.72 121.78 -4.03
C ASN A 896 -11.96 122.43 -2.67
N TYR A 897 -13.06 123.20 -2.58
CA TYR A 897 -13.45 123.98 -1.42
C TYR A 897 -14.90 123.71 -1.06
N TYR A 898 -15.14 123.26 0.18
CA TYR A 898 -16.47 123.05 0.73
C TYR A 898 -16.71 124.07 1.84
N VAL A 899 -17.61 125.03 1.58
CA VAL A 899 -17.84 126.17 2.46
C VAL A 899 -19.25 126.09 3.03
N LYS A 900 -19.38 126.45 4.32
CA LYS A 900 -20.68 126.55 4.96
C LYS A 900 -21.46 127.69 4.32
N THR A 901 -22.78 127.52 4.17
CA THR A 901 -23.63 128.51 3.53
C THR A 901 -23.62 129.80 4.35
N GLY A 902 -23.75 130.93 3.66
CA GLY A 902 -23.70 132.23 4.30
C GLY A 902 -22.28 132.74 4.54
N ASN A 903 -21.28 131.88 4.33
CA ASN A 903 -19.88 132.28 4.44
C ASN A 903 -19.28 132.44 3.06
N LYS A 904 -18.52 133.54 2.88
CA LYS A 904 -17.72 133.81 1.70
C LYS A 904 -16.64 132.73 1.55
N PRO A 905 -16.38 132.25 0.30
CA PRO A 905 -15.28 131.32 0.06
C PRO A 905 -13.94 132.01 0.21
N ILE A 906 -13.08 131.49 1.09
CA ILE A 906 -11.73 132.01 1.27
C ILE A 906 -10.80 131.23 0.35
N LEU A 907 -10.40 131.90 -0.74
CA LEU A 907 -9.53 131.29 -1.74
C LEU A 907 -8.10 131.72 -1.43
N PRO A 908 -7.06 130.97 -1.88
CA PRO A 908 -5.68 131.36 -1.62
C PRO A 908 -5.25 132.53 -2.51
N SER A 909 -4.40 133.40 -1.95
CA SER A 909 -3.93 134.59 -2.64
C SER A 909 -2.93 134.22 -3.73
N ASP A 910 -2.10 133.20 -3.46
CA ASP A 910 -1.02 132.78 -4.34
C ASP A 910 -1.09 131.28 -4.59
N VAL A 911 -0.47 130.87 -5.70
CA VAL A 911 -0.37 129.49 -6.15
C VAL A 911 1.05 129.26 -6.68
N GLU A 912 1.64 128.11 -6.34
CA GLU A 912 2.95 127.71 -6.86
C GLU A 912 2.84 127.34 -8.33
N VAL A 913 3.69 127.94 -9.17
CA VAL A 913 3.75 127.67 -10.60
C VAL A 913 5.06 126.93 -10.90
N ARG A 914 4.98 125.91 -11.77
CA ARG A 914 6.15 125.20 -12.28
C ARG A 914 6.37 125.56 -13.74
N TYR A 915 7.64 125.42 -14.19
CA TYR A 915 8.06 125.77 -15.53
C TYR A 915 8.85 124.60 -16.13
N SER A 916 9.11 124.70 -17.45
CA SER A 916 9.86 123.69 -18.19
C SER A 916 11.25 123.47 -17.56
N ASP A 917 11.85 124.53 -17.01
CA ASP A 917 13.14 124.49 -16.34
C ASP A 917 13.09 123.63 -15.08
N GLY A 918 11.89 123.35 -14.58
CA GLY A 918 11.72 122.71 -13.28
C GLY A 918 11.80 123.71 -12.13
N THR A 919 11.81 125.00 -12.49
CA THR A 919 11.80 126.11 -11.54
C THR A 919 10.38 126.31 -11.01
N SER A 920 10.28 126.80 -9.76
CA SER A 920 9.00 126.99 -9.08
C SER A 920 8.89 128.40 -8.49
N ASP A 921 8.01 129.24 -9.08
CA ASP A 921 7.78 130.58 -8.59
C ASP A 921 6.36 130.64 -8.06
N ARG A 922 6.15 131.13 -6.83
CA ARG A 922 4.81 131.35 -6.32
C ARG A 922 4.35 132.72 -6.83
N GLN A 923 3.24 132.81 -7.56
CA GLN A 923 2.73 134.06 -8.09
C GLN A 923 1.26 134.23 -7.67
N ASN A 924 0.73 135.44 -7.77
CA ASN A 924 -0.58 135.77 -7.21
C ASN A 924 -1.68 135.47 -8.23
N VAL A 925 -2.90 135.25 -7.72
CA VAL A 925 -4.08 134.88 -8.50
C VAL A 925 -5.17 135.91 -8.26
N THR A 926 -5.76 136.40 -9.37
CA THR A 926 -6.89 137.32 -9.34
C THR A 926 -8.18 136.55 -9.59
N TRP A 927 -8.88 136.22 -8.51
CA TRP A 927 -10.06 135.37 -8.55
C TRP A 927 -11.28 136.16 -8.98
N ASP A 928 -12.20 135.50 -9.68
CA ASP A 928 -13.47 136.09 -10.08
C ASP A 928 -14.37 136.27 -8.87
N ALA A 929 -15.35 137.17 -9.03
CA ALA A 929 -16.30 137.52 -7.98
C ALA A 929 -17.29 136.38 -7.77
N VAL A 930 -17.75 136.24 -6.52
CA VAL A 930 -18.68 135.21 -6.09
C VAL A 930 -20.01 135.89 -5.75
N SER A 931 -21.09 135.48 -6.44
CA SER A 931 -22.40 136.07 -6.25
C SER A 931 -22.88 135.89 -4.80
N ASP A 932 -23.60 136.90 -4.30
CA ASP A 932 -24.21 136.88 -2.98
C ASP A 932 -25.21 135.72 -2.91
N ASP A 933 -25.98 135.55 -4.00
CA ASP A 933 -26.94 134.49 -4.22
C ASP A 933 -26.26 133.13 -4.04
N GLN A 934 -25.08 133.00 -4.67
CA GLN A 934 -24.30 131.78 -4.69
C GLN A 934 -23.87 131.38 -3.28
N ILE A 935 -23.55 132.36 -2.43
CA ILE A 935 -23.00 132.12 -1.09
C ILE A 935 -24.00 131.38 -0.21
N ALA A 936 -25.30 131.73 -0.31
CA ALA A 936 -26.32 131.08 0.49
C ALA A 936 -27.10 130.01 -0.29
N LYS A 937 -26.66 129.71 -1.53
CA LYS A 937 -27.39 128.88 -2.48
C LYS A 937 -27.40 127.40 -2.08
N ALA A 938 -26.36 126.95 -1.36
CA ALA A 938 -26.25 125.59 -0.85
C ALA A 938 -26.16 124.58 -2.00
N GLY A 939 -25.32 124.87 -3.00
CA GLY A 939 -25.03 123.98 -4.12
C GLY A 939 -23.57 124.08 -4.55
N SER A 940 -23.21 123.49 -5.69
CA SER A 940 -21.85 123.54 -6.20
C SER A 940 -21.75 124.50 -7.39
N PHE A 941 -20.58 125.17 -7.53
CA PHE A 941 -20.24 126.04 -8.65
C PHE A 941 -18.71 126.13 -8.77
N SER A 942 -18.22 126.66 -9.91
CA SER A 942 -16.79 126.83 -10.16
C SER A 942 -16.41 128.31 -10.19
N VAL A 943 -15.12 128.60 -9.90
CA VAL A 943 -14.58 129.96 -9.82
C VAL A 943 -13.28 130.00 -10.63
N ALA A 944 -13.16 131.00 -11.51
CA ALA A 944 -11.99 131.21 -12.35
C ALA A 944 -11.04 132.23 -11.72
N GLY A 945 -9.74 132.07 -11.98
CA GLY A 945 -8.70 133.02 -11.65
C GLY A 945 -7.68 133.10 -12.78
N THR A 946 -6.69 134.00 -12.66
CA THR A 946 -5.67 134.13 -13.71
C THR A 946 -4.29 134.27 -13.07
N VAL A 947 -3.31 133.49 -13.57
CA VAL A 947 -1.91 133.56 -13.16
C VAL A 947 -1.05 133.29 -14.40
N ALA A 948 0.08 133.99 -14.49
CA ALA A 948 1.04 133.89 -15.59
C ALA A 948 0.32 133.66 -16.93
N GLY A 949 -0.78 134.40 -17.14
CA GLY A 949 -1.51 134.40 -18.40
C GLY A 949 -2.58 133.30 -18.49
N GLN A 950 -2.41 132.21 -17.73
CA GLN A 950 -3.25 131.03 -17.88
C GLN A 950 -4.43 131.12 -16.92
N LYS A 951 -5.53 130.43 -17.27
CA LYS A 951 -6.76 130.45 -16.48
C LYS A 951 -6.83 129.21 -15.59
N ILE A 952 -6.82 129.43 -14.26
CA ILE A 952 -6.99 128.40 -13.27
C ILE A 952 -8.46 128.38 -12.85
N SER A 953 -8.93 127.27 -12.26
CA SER A 953 -10.29 127.16 -11.75
C SER A 953 -10.31 126.41 -10.42
N VAL A 954 -11.34 126.68 -9.60
CA VAL A 954 -11.59 126.02 -8.33
C VAL A 954 -13.07 125.69 -8.23
N ARG A 955 -13.37 124.50 -7.69
CA ARG A 955 -14.73 124.03 -7.51
C ARG A 955 -15.14 124.24 -6.05
N VAL A 956 -16.28 124.93 -5.86
CA VAL A 956 -16.79 125.28 -4.55
C VAL A 956 -18.19 124.67 -4.38
N THR A 957 -18.38 123.90 -3.30
CA THR A 957 -19.67 123.32 -2.94
C THR A 957 -20.13 123.89 -1.60
N MET A 958 -21.33 124.49 -1.58
CA MET A 958 -21.90 125.14 -0.41
C MET A 958 -22.81 124.15 0.33
N ILE A 959 -22.63 124.06 1.66
CA ILE A 959 -23.38 123.12 2.48
C ILE A 959 -24.07 123.85 3.64
N ASP A 960 -25.38 123.67 3.76
CA ASP A 960 -26.16 124.33 4.81
C ASP A 960 -26.03 123.56 6.11
N GLU A 961 -26.35 122.25 6.04
CA GLU A 961 -26.28 121.34 7.17
C GLU A 961 -26.19 119.91 6.66
N ILE A 962 -25.50 119.05 7.41
CA ILE A 962 -25.36 117.63 7.08
C ILE A 962 -26.02 116.81 8.20
N GLY A 963 -27.03 116.02 7.81
CA GLY A 963 -27.74 115.09 8.69
C GLY A 963 -26.80 114.01 9.25
N ALA A 964 -26.16 113.26 8.35
CA ALA A 964 -25.21 112.20 8.69
C ALA A 964 -24.41 111.77 7.46
N LEU A 965 -23.37 110.96 7.71
CA LEU A 965 -22.54 110.37 6.67
C LEU A 965 -23.00 108.93 6.44
N LEU A 966 -23.19 108.57 5.15
CA LEU A 966 -23.71 107.27 4.76
C LEU A 966 -22.82 106.15 5.30
N ASN A 967 -23.45 105.13 5.89
CA ASN A 967 -22.76 103.95 6.38
C ASN A 967 -22.29 103.11 5.19
N TYR A 968 -21.39 102.15 5.46
CA TYR A 968 -20.76 101.32 4.45
C TYR A 968 -20.97 99.84 4.75
N SER A 969 -21.06 99.05 3.68
CA SER A 969 -21.14 97.60 3.74
C SER A 969 -20.34 97.03 2.58
N ALA A 970 -19.63 95.91 2.82
CA ALA A 970 -18.93 95.17 1.78
C ALA A 970 -18.92 93.67 2.11
N SER A 971 -18.28 92.90 1.23
CA SER A 971 -17.96 91.49 1.47
C SER A 971 -16.48 91.29 1.22
N THR A 972 -15.88 90.36 1.95
CA THR A 972 -14.49 89.98 1.72
C THR A 972 -14.38 88.46 1.82
N PRO A 973 -13.49 87.83 1.02
CA PRO A 973 -13.16 86.42 1.22
C PRO A 973 -12.50 86.22 2.58
N VAL A 974 -12.78 85.07 3.21
CA VAL A 974 -12.05 84.64 4.40
C VAL A 974 -10.56 84.67 4.07
N GLY A 975 -9.78 85.27 4.96
CA GLY A 975 -8.33 85.28 4.79
C GLY A 975 -7.83 86.56 4.11
N THR A 976 -8.76 87.34 3.56
CA THR A 976 -8.42 88.62 2.95
C THR A 976 -9.12 89.73 3.74
N PRO A 977 -8.36 90.61 4.43
CA PRO A 977 -8.96 91.71 5.17
C PRO A 977 -9.64 92.68 4.21
N ALA A 978 -10.80 93.20 4.62
CA ALA A 978 -11.56 94.17 3.85
C ALA A 978 -10.79 95.49 3.71
N VAL A 979 -10.79 96.08 2.51
CA VAL A 979 -10.25 97.43 2.30
C VAL A 979 -11.37 98.44 2.53
N LEU A 980 -11.20 99.24 3.59
CA LEU A 980 -12.23 100.16 4.05
C LEU A 980 -12.10 101.48 3.28
N PRO A 981 -13.22 102.13 2.93
CA PRO A 981 -13.21 103.35 2.11
C PRO A 981 -12.37 104.47 2.71
N GLY A 982 -11.67 105.22 1.84
CA GLY A 982 -10.94 106.41 2.25
C GLY A 982 -11.84 107.48 2.86
N SER A 983 -13.11 107.53 2.41
CA SER A 983 -14.07 108.58 2.70
C SER A 983 -15.48 108.01 2.58
N ARG A 984 -16.48 108.76 3.09
CA ARG A 984 -17.88 108.39 2.99
C ARG A 984 -18.73 109.60 2.60
N PRO A 985 -19.78 109.43 1.77
CA PRO A 985 -20.61 110.55 1.33
C PRO A 985 -21.46 111.15 2.44
N ALA A 986 -21.92 112.39 2.22
CA ALA A 986 -22.74 113.12 3.17
C ALA A 986 -24.20 113.08 2.74
N VAL A 987 -25.09 112.91 3.74
CA VAL A 987 -26.53 112.89 3.52
C VAL A 987 -27.13 114.08 4.26
N LEU A 988 -27.95 114.88 3.55
CA LEU A 988 -28.58 116.07 4.10
C LEU A 988 -29.75 115.63 4.99
N PRO A 989 -30.31 116.50 5.88
CA PRO A 989 -31.56 116.15 6.57
C PRO A 989 -32.67 115.86 5.55
N ASP A 990 -32.61 116.56 4.41
CA ASP A 990 -33.34 116.27 3.18
C ASP A 990 -32.84 114.93 2.64
N GLY A 991 -33.72 114.19 1.96
CA GLY A 991 -33.38 112.90 1.36
C GLY A 991 -32.04 112.87 0.62
N THR A 992 -31.63 114.02 0.05
CA THR A 992 -30.58 114.09 -0.96
C THR A 992 -29.26 113.57 -0.39
N VAL A 993 -28.57 112.74 -1.17
CA VAL A 993 -27.24 112.23 -0.89
C VAL A 993 -26.23 113.02 -1.75
N THR A 994 -25.24 113.65 -1.11
CA THR A 994 -24.30 114.53 -1.78
C THR A 994 -23.20 113.75 -2.47
N SER A 995 -22.58 114.35 -3.50
CA SER A 995 -21.40 113.80 -4.13
C SER A 995 -20.14 114.27 -3.40
N ALA A 996 -20.34 114.96 -2.27
CA ALA A 996 -19.28 115.36 -1.36
C ALA A 996 -18.99 114.24 -0.36
N ASN A 997 -17.73 113.80 -0.36
CA ASN A 997 -17.24 112.74 0.51
C ASN A 997 -16.28 113.33 1.55
N PHE A 998 -16.34 112.81 2.78
CA PHE A 998 -15.53 113.29 3.90
C PHE A 998 -14.66 112.15 4.45
N ALA A 999 -13.36 112.43 4.61
CA ALA A 999 -12.35 111.48 5.04
C ALA A 999 -12.72 110.87 6.39
N VAL A 1000 -12.66 109.54 6.48
CA VAL A 1000 -13.02 108.78 7.67
C VAL A 1000 -11.78 108.12 8.27
N ASP A 1001 -11.66 108.15 9.60
CA ASP A 1001 -10.64 107.39 10.31
C ASP A 1001 -11.31 106.22 11.03
N TRP A 1002 -10.85 105.01 10.69
CA TRP A 1002 -11.41 103.76 11.19
C TRP A 1002 -10.59 103.26 12.37
N THR A 1003 -11.31 102.82 13.42
CA THR A 1003 -10.72 102.07 14.52
C THR A 1003 -10.71 100.59 14.13
N LYS A 1004 -9.66 100.22 13.37
CA LYS A 1004 -9.54 98.94 12.66
C LYS A 1004 -9.26 97.79 13.62
N PRO A 1005 -10.09 96.72 13.66
CA PRO A 1005 -9.74 95.47 14.34
C PRO A 1005 -8.48 94.83 13.76
N ALA A 1006 -8.02 93.73 14.37
CA ALA A 1006 -6.86 92.98 13.91
C ALA A 1006 -7.19 92.25 12.61
N ASP A 1007 -6.16 92.02 11.78
CA ASP A 1007 -6.30 91.37 10.49
C ASP A 1007 -6.82 89.93 10.67
N THR A 1008 -6.51 89.37 11.85
CA THR A 1008 -6.87 88.01 12.20
C THR A 1008 -8.39 87.81 12.22
N VAL A 1009 -9.15 88.89 12.49
CA VAL A 1009 -10.60 88.81 12.64
C VAL A 1009 -11.26 88.32 11.34
N TYR A 1010 -10.60 88.62 10.21
CA TYR A 1010 -11.11 88.30 8.88
C TYR A 1010 -10.77 86.86 8.47
N ASN A 1011 -10.20 86.08 9.41
CA ASN A 1011 -9.74 84.73 9.10
C ASN A 1011 -10.75 83.69 9.54
N THR A 1012 -11.96 84.15 9.91
CA THR A 1012 -13.10 83.27 10.09
C THR A 1012 -14.34 83.89 9.45
N ALA A 1013 -15.26 83.02 9.05
CA ALA A 1013 -16.53 83.40 8.46
C ALA A 1013 -17.41 84.08 9.51
N GLY A 1014 -18.14 85.10 9.08
CA GLY A 1014 -19.10 85.82 9.91
C GLY A 1014 -19.20 87.26 9.48
N THR A 1015 -19.98 88.08 10.19
CA THR A 1015 -20.03 89.52 9.95
C THR A 1015 -19.09 90.21 10.95
N VAL A 1016 -18.52 91.36 10.53
CA VAL A 1016 -17.52 92.13 11.28
C VAL A 1016 -17.87 93.62 11.16
N LYS A 1017 -18.13 94.28 12.31
CA LYS A 1017 -18.43 95.71 12.37
C LYS A 1017 -17.16 96.47 12.76
N VAL A 1018 -16.91 97.59 12.06
CA VAL A 1018 -15.74 98.44 12.25
C VAL A 1018 -16.24 99.88 12.43
N PRO A 1019 -16.01 100.53 13.60
CA PRO A 1019 -16.39 101.93 13.79
C PRO A 1019 -15.35 102.88 13.19
N GLY A 1020 -15.86 104.03 12.72
CA GLY A 1020 -15.02 105.09 12.16
C GLY A 1020 -15.73 106.44 12.23
N THR A 1021 -14.93 107.49 12.37
CA THR A 1021 -15.44 108.84 12.59
C THR A 1021 -14.69 109.84 11.72
N ALA A 1022 -15.42 110.87 11.30
CA ALA A 1022 -14.94 111.94 10.44
C ALA A 1022 -15.44 113.26 10.99
N THR A 1023 -14.55 114.26 10.97
CA THR A 1023 -14.86 115.59 11.50
C THR A 1023 -15.25 116.50 10.34
N VAL A 1024 -16.54 116.85 10.27
CA VAL A 1024 -17.13 117.66 9.21
C VAL A 1024 -17.54 119.00 9.81
N PHE A 1025 -16.84 120.07 9.41
CA PHE A 1025 -17.06 121.42 9.93
C PHE A 1025 -17.00 121.41 11.46
N GLY A 1026 -15.98 120.74 12.02
CA GLY A 1026 -15.76 120.69 13.46
C GLY A 1026 -16.61 119.62 14.17
N LYS A 1027 -17.76 119.26 13.57
CA LYS A 1027 -18.68 118.28 14.14
C LYS A 1027 -18.29 116.87 13.68
N GLU A 1028 -17.84 116.03 14.63
CA GLU A 1028 -17.48 114.64 14.37
C GLU A 1028 -18.75 113.81 14.14
N PHE A 1029 -18.72 112.93 13.12
CA PHE A 1029 -19.82 112.06 12.77
C PHE A 1029 -19.38 110.59 12.88
N LYS A 1030 -20.31 109.74 13.32
CA LYS A 1030 -20.07 108.33 13.64
C LYS A 1030 -20.63 107.46 12.52
N VAL A 1031 -19.75 106.63 11.93
CA VAL A 1031 -20.04 105.76 10.80
C VAL A 1031 -19.69 104.32 11.18
N THR A 1032 -20.52 103.37 10.70
CA THR A 1032 -20.28 101.95 10.89
C THR A 1032 -20.09 101.27 9.53
N ALA A 1033 -18.98 100.53 9.40
CA ALA A 1033 -18.73 99.66 8.27
C ALA A 1033 -18.94 98.19 8.70
N THR A 1034 -19.98 97.57 8.14
CA THR A 1034 -20.37 96.21 8.45
C THR A 1034 -20.00 95.32 7.25
N ILE A 1035 -18.91 94.56 7.38
CA ILE A 1035 -18.38 93.76 6.30
C ILE A 1035 -18.66 92.27 6.59
N ARG A 1036 -19.02 91.50 5.55
CA ARG A 1036 -19.34 90.08 5.69
C ARG A 1036 -18.20 89.23 5.11
N VAL A 1037 -17.58 88.41 5.96
CA VAL A 1037 -16.48 87.54 5.57
C VAL A 1037 -17.11 86.22 5.10
N GLN A 1038 -16.77 85.78 3.88
CA GLN A 1038 -17.42 84.64 3.25
C GLN A 1038 -16.39 83.67 2.68
N ARG A 1039 -16.77 82.40 2.58
CA ARG A 1039 -16.01 81.34 1.95
C ARG A 1039 -16.41 81.25 0.47
N SER A 1040 -15.53 80.67 -0.37
CA SER A 1040 -15.80 80.49 -1.80
C SER A 1040 -17.08 79.68 -1.97
N GLN A 1041 -17.84 79.95 -3.03
CA GLN A 1041 -19.00 79.14 -3.37
C GLN A 1041 -18.63 78.22 -4.54
N VAL A 1042 -18.44 76.93 -4.22
CA VAL A 1042 -17.92 75.95 -5.17
C VAL A 1042 -19.08 75.22 -5.85
N THR A 1043 -19.06 75.17 -7.19
CA THR A 1043 -20.06 74.48 -8.00
C THR A 1043 -19.36 73.44 -8.88
N ILE A 1044 -19.82 72.19 -8.83
CA ILE A 1044 -19.18 71.07 -9.51
C ILE A 1044 -19.75 70.97 -10.91
N GLY A 1045 -18.86 70.81 -11.90
CA GLY A 1045 -19.22 70.75 -13.32
C GLY A 1045 -19.38 69.33 -13.83
N SER A 1046 -19.10 69.12 -15.12
CA SER A 1046 -19.25 67.84 -15.80
C SER A 1046 -17.89 67.16 -15.99
N SER A 1047 -17.91 65.88 -16.37
CA SER A 1047 -16.72 65.06 -16.58
C SER A 1047 -15.84 65.70 -17.65
N VAL A 1048 -14.52 65.56 -17.51
CA VAL A 1048 -13.58 66.01 -18.52
C VAL A 1048 -12.65 64.86 -18.87
N SER A 1049 -13.12 63.64 -18.61
CA SER A 1049 -12.33 62.45 -18.85
C SER A 1049 -12.04 62.34 -20.34
N GLY A 1050 -13.04 62.70 -21.15
CA GLY A 1050 -12.93 62.80 -22.61
C GLY A 1050 -11.69 63.58 -23.07
N ASN A 1051 -11.41 64.74 -22.44
CA ASN A 1051 -10.37 65.64 -22.89
C ASN A 1051 -8.96 65.17 -22.49
N ALA A 1052 -8.81 63.93 -22.00
CA ALA A 1052 -7.50 63.47 -21.56
C ALA A 1052 -6.51 63.48 -22.73
N LEU A 1053 -5.30 64.01 -22.49
CA LEU A 1053 -4.21 63.94 -23.45
C LEU A 1053 -3.73 62.50 -23.61
N ARG A 1054 -3.67 61.76 -22.50
CA ARG A 1054 -3.20 60.37 -22.51
C ARG A 1054 -3.86 59.63 -21.35
N LEU A 1055 -4.09 58.33 -21.53
CA LEU A 1055 -4.66 57.44 -20.51
C LEU A 1055 -3.91 56.12 -20.55
N THR A 1056 -2.94 55.97 -19.64
CA THR A 1056 -2.05 54.82 -19.61
C THR A 1056 -2.45 53.84 -18.49
N GLN A 1057 -1.70 52.75 -18.36
CA GLN A 1057 -2.01 51.61 -17.51
C GLN A 1057 -0.71 51.13 -16.85
N ASN A 1058 -0.78 50.67 -15.60
CA ASN A 1058 0.38 50.18 -14.87
C ASN A 1058 0.84 48.87 -15.51
N ILE A 1059 -0.14 48.07 -15.94
CA ILE A 1059 0.01 46.69 -16.36
C ILE A 1059 0.81 46.62 -17.66
N PRO A 1060 1.82 45.72 -17.78
CA PRO A 1060 2.56 45.52 -19.02
C PRO A 1060 1.62 45.10 -20.16
N ALA A 1061 2.07 45.33 -21.39
CA ALA A 1061 1.26 45.24 -22.60
C ALA A 1061 0.62 43.85 -22.75
N ASP A 1062 1.41 42.78 -22.53
CA ASP A 1062 1.01 41.41 -22.81
C ASP A 1062 -0.06 40.92 -21.83
N LYS A 1063 -0.08 41.50 -20.61
CA LYS A 1063 -0.92 41.03 -19.52
C LYS A 1063 -2.15 41.94 -19.32
N GLN A 1064 -2.45 42.80 -20.30
CA GLN A 1064 -3.61 43.68 -20.24
C GLN A 1064 -4.84 42.92 -20.71
N SER A 1065 -6.00 43.30 -20.17
CA SER A 1065 -7.24 42.65 -20.52
C SER A 1065 -8.32 43.73 -20.66
N ASP A 1066 -9.13 43.58 -21.72
CA ASP A 1066 -10.26 44.46 -22.01
C ASP A 1066 -9.72 45.82 -22.45
N THR A 1067 -10.64 46.78 -22.72
CA THR A 1067 -10.28 48.03 -23.37
C THR A 1067 -10.24 49.18 -22.37
N LEU A 1068 -9.08 49.86 -22.28
CA LEU A 1068 -8.87 50.90 -21.29
C LEU A 1068 -9.65 52.17 -21.67
N ASP A 1069 -9.49 52.60 -22.94
CA ASP A 1069 -10.04 53.85 -23.42
C ASP A 1069 -11.55 53.91 -23.22
N ALA A 1070 -12.13 52.78 -22.81
CA ALA A 1070 -13.57 52.67 -22.59
C ALA A 1070 -14.00 53.52 -21.41
N ILE A 1071 -13.05 53.89 -20.53
CA ILE A 1071 -13.39 54.48 -19.25
C ILE A 1071 -13.59 55.99 -19.37
N LYS A 1072 -13.33 56.55 -20.56
CA LYS A 1072 -13.55 57.96 -20.87
C LYS A 1072 -14.56 58.14 -22.02
N ASP A 1073 -15.24 57.07 -22.41
CA ASP A 1073 -16.14 57.09 -23.56
C ASP A 1073 -17.50 57.71 -23.21
N GLY A 1074 -17.71 58.10 -21.96
CA GLY A 1074 -18.92 58.79 -21.56
C GLY A 1074 -20.11 57.88 -21.28
N SER A 1075 -19.96 56.55 -21.40
CA SER A 1075 -21.01 55.59 -21.07
C SER A 1075 -20.62 54.76 -19.83
N THR A 1076 -21.63 54.38 -19.02
CA THR A 1076 -21.36 53.77 -17.71
C THR A 1076 -21.70 52.27 -17.67
N THR A 1077 -22.43 51.75 -18.67
CA THR A 1077 -23.01 50.41 -18.63
C THR A 1077 -21.97 49.38 -19.09
N VAL A 1078 -22.20 48.10 -18.72
CA VAL A 1078 -21.35 47.00 -19.18
C VAL A 1078 -22.07 46.17 -20.22
N ASP A 1079 -21.35 45.87 -21.32
CA ASP A 1079 -21.75 44.80 -22.21
C ASP A 1079 -21.44 43.49 -21.50
N ALA A 1080 -22.41 42.57 -21.51
CA ALA A 1080 -22.32 41.29 -20.81
C ALA A 1080 -21.23 40.42 -21.42
N ASN A 1081 -20.84 40.68 -22.68
CA ASN A 1081 -19.67 40.09 -23.34
C ASN A 1081 -19.65 38.57 -23.15
N THR A 1082 -20.79 37.92 -23.37
CA THR A 1082 -20.92 36.48 -23.19
C THR A 1082 -20.33 35.80 -24.43
N GLY A 1083 -19.54 34.74 -24.19
CA GLY A 1083 -18.86 34.03 -25.26
C GLY A 1083 -17.51 34.67 -25.60
N GLY A 1084 -16.89 35.30 -24.59
CA GLY A 1084 -15.46 35.56 -24.59
C GLY A 1084 -15.06 36.74 -25.45
N GLY A 1085 -13.75 37.02 -25.46
CA GLY A 1085 -13.18 38.15 -26.19
C GLY A 1085 -13.06 39.38 -25.29
N ALA A 1086 -12.11 40.26 -25.66
CA ALA A 1086 -11.94 41.57 -25.01
C ALA A 1086 -13.25 42.34 -24.99
N ASN A 1087 -13.62 42.88 -23.80
CA ASN A 1087 -14.84 43.65 -23.60
C ASN A 1087 -14.62 45.07 -24.11
N PRO A 1088 -15.45 45.54 -25.07
CA PRO A 1088 -15.26 46.88 -25.63
C PRO A 1088 -15.83 47.99 -24.76
N SER A 1089 -16.59 47.63 -23.71
CA SER A 1089 -17.35 48.59 -22.91
C SER A 1089 -16.60 49.01 -21.66
N ALA A 1090 -15.63 48.20 -21.23
CA ALA A 1090 -15.05 48.34 -19.89
C ALA A 1090 -13.59 47.91 -19.88
N TRP A 1091 -12.93 48.27 -18.77
CA TRP A 1091 -11.58 47.84 -18.43
C TRP A 1091 -11.62 46.91 -17.23
N THR A 1092 -10.61 46.02 -17.14
CA THR A 1092 -10.40 45.15 -16.00
C THR A 1092 -8.91 44.88 -15.85
N ASN A 1093 -8.55 44.16 -14.78
CA ASN A 1093 -7.18 43.72 -14.59
C ASN A 1093 -7.12 42.19 -14.55
N TRP A 1094 -8.13 41.53 -15.12
CA TRP A 1094 -8.30 40.09 -15.07
C TRP A 1094 -6.98 39.36 -15.33
N ALA A 1095 -6.35 39.66 -16.47
CA ALA A 1095 -5.08 39.07 -16.86
C ALA A 1095 -4.05 39.21 -15.73
N TYR A 1096 -3.80 40.45 -15.28
CA TYR A 1096 -2.79 40.74 -14.29
C TYR A 1096 -3.16 40.14 -12.93
N SER A 1097 -4.47 40.09 -12.63
CA SER A 1097 -5.04 39.46 -11.45
C SER A 1097 -4.69 37.96 -11.41
N LYS A 1098 -4.91 37.28 -12.54
CA LYS A 1098 -4.66 35.85 -12.69
C LYS A 1098 -3.19 35.56 -12.42
N ALA A 1099 -2.31 36.42 -12.96
CA ALA A 1099 -0.87 36.35 -12.72
C ALA A 1099 -0.52 36.72 -11.28
N GLY A 1100 -1.55 36.94 -10.45
CA GLY A 1100 -1.43 37.13 -9.01
C GLY A 1100 -1.04 38.55 -8.59
N HIS A 1101 -1.42 39.56 -9.39
CA HIS A 1101 -1.13 40.95 -9.09
C HIS A 1101 -2.35 41.63 -8.48
N ASN A 1102 -2.16 42.18 -7.27
CA ASN A 1102 -3.24 42.56 -6.39
C ASN A 1102 -3.86 43.89 -6.81
N THR A 1103 -3.04 44.72 -7.46
CA THR A 1103 -3.41 46.08 -7.78
C THR A 1103 -3.16 46.38 -9.27
N ALA A 1104 -3.46 47.64 -9.65
CA ALA A 1104 -3.27 48.20 -10.98
C ALA A 1104 -3.40 49.72 -10.85
N GLU A 1105 -2.69 50.47 -11.70
CA GLU A 1105 -2.72 51.93 -11.68
C GLU A 1105 -3.07 52.49 -13.06
N ILE A 1106 -4.24 53.12 -13.16
CA ILE A 1106 -4.68 53.90 -14.32
C ILE A 1106 -4.28 55.37 -14.11
N THR A 1107 -3.65 55.98 -15.13
CA THR A 1107 -3.23 57.37 -15.06
C THR A 1107 -3.78 58.19 -16.24
N PHE A 1108 -4.58 59.21 -15.92
CA PHE A 1108 -4.98 60.25 -16.87
C PHE A 1108 -3.94 61.35 -16.86
N GLU A 1109 -3.51 61.79 -18.06
CA GLU A 1109 -2.71 62.98 -18.24
C GLU A 1109 -3.48 64.01 -19.05
N TYR A 1110 -3.32 65.30 -18.70
CA TYR A 1110 -3.95 66.42 -19.36
C TYR A 1110 -2.88 67.38 -19.87
N ALA A 1111 -3.25 68.23 -20.85
CA ALA A 1111 -2.31 69.20 -21.40
C ALA A 1111 -2.44 70.54 -20.66
N THR A 1112 -3.61 70.76 -20.04
CA THR A 1112 -3.81 71.86 -19.11
C THR A 1112 -4.24 71.30 -17.75
N GLU A 1113 -3.72 71.88 -16.66
CA GLU A 1113 -4.18 71.54 -15.32
C GLU A 1113 -5.70 71.66 -15.22
N GLN A 1114 -6.34 70.57 -14.77
CA GLN A 1114 -7.77 70.54 -14.51
C GLN A 1114 -8.07 70.84 -13.04
N GLN A 1115 -9.07 71.68 -12.79
CA GLN A 1115 -9.59 71.99 -11.47
C GLN A 1115 -10.71 71.00 -11.16
N LEU A 1116 -10.34 69.89 -10.49
CA LEU A 1116 -11.27 68.82 -10.17
C LEU A 1116 -12.04 69.16 -8.89
N GLY A 1117 -13.31 68.75 -8.87
CA GLY A 1117 -14.20 68.98 -7.74
C GLY A 1117 -14.95 67.72 -7.30
N GLN A 1118 -14.81 66.63 -8.07
CA GLN A 1118 -15.43 65.36 -7.75
C GLN A 1118 -14.92 64.29 -8.72
N ILE A 1119 -14.91 63.03 -8.27
CA ILE A 1119 -14.60 61.88 -9.13
C ILE A 1119 -15.66 60.82 -8.89
N VAL A 1120 -16.25 60.27 -9.95
CA VAL A 1120 -17.16 59.15 -9.82
C VAL A 1120 -16.60 57.98 -10.62
N MET A 1121 -16.39 56.85 -9.93
CA MET A 1121 -15.92 55.62 -10.55
C MET A 1121 -17.07 54.64 -10.66
N TYR A 1122 -17.27 54.12 -11.87
CA TYR A 1122 -18.32 53.15 -12.17
C TYR A 1122 -17.65 51.78 -12.24
N PHE A 1123 -17.51 51.16 -11.07
CA PHE A 1123 -17.04 49.79 -10.99
C PHE A 1123 -18.19 48.86 -11.38
N PHE A 1124 -17.83 47.70 -11.96
CA PHE A 1124 -18.79 46.68 -12.34
C PHE A 1124 -18.32 45.34 -11.78
N ARG A 1125 -19.22 44.34 -11.88
CA ARG A 1125 -18.98 42.97 -11.47
C ARG A 1125 -19.60 42.02 -12.50
N ASP A 1126 -18.98 40.84 -12.66
CA ASP A 1126 -19.53 39.71 -13.41
C ASP A 1126 -19.75 38.54 -12.43
N SER A 1127 -20.09 37.36 -12.97
CA SER A 1127 -20.36 36.20 -12.14
C SER A 1127 -19.08 35.46 -11.76
N ASN A 1128 -18.14 35.36 -12.72
CA ASN A 1128 -16.96 34.53 -12.57
C ASN A 1128 -15.92 35.15 -11.65
N ALA A 1129 -15.56 36.43 -11.89
CA ALA A 1129 -14.32 36.99 -11.38
C ALA A 1129 -14.47 38.44 -10.88
N VAL A 1130 -14.89 39.35 -11.76
CA VAL A 1130 -14.90 40.77 -11.47
C VAL A 1130 -15.85 41.08 -10.31
N ARG A 1131 -15.36 41.80 -9.29
CA ARG A 1131 -16.11 42.16 -8.10
C ARG A 1131 -15.85 43.61 -7.73
N PHE A 1132 -16.94 44.28 -7.29
CA PHE A 1132 -16.90 45.64 -6.77
C PHE A 1132 -15.84 45.72 -5.68
N PRO A 1133 -14.97 46.74 -5.67
CA PRO A 1133 -13.87 46.79 -4.69
C PRO A 1133 -14.38 47.06 -3.28
N ASP A 1134 -13.56 46.72 -2.26
CA ASP A 1134 -13.91 46.94 -0.87
C ASP A 1134 -13.88 48.43 -0.53
N ALA A 1135 -14.67 48.85 0.45
CA ALA A 1135 -14.78 50.26 0.78
C ALA A 1135 -13.47 50.81 1.32
N GLY A 1136 -13.11 52.00 0.86
CA GLY A 1136 -11.99 52.76 1.40
C GLY A 1136 -10.64 52.26 0.89
N LYS A 1137 -10.64 51.30 -0.04
CA LYS A 1137 -9.39 50.67 -0.48
C LYS A 1137 -8.85 51.35 -1.75
N THR A 1138 -9.76 51.75 -2.64
CA THR A 1138 -9.42 52.45 -3.88
C THR A 1138 -8.84 53.80 -3.51
N LYS A 1139 -7.70 54.17 -4.14
CA LYS A 1139 -6.97 55.39 -3.78
C LYS A 1139 -6.64 56.23 -5.02
N ILE A 1140 -6.65 57.56 -4.86
CA ILE A 1140 -6.40 58.53 -5.92
C ILE A 1140 -5.18 59.39 -5.58
N GLN A 1141 -4.43 59.82 -6.59
CA GLN A 1141 -3.32 60.76 -6.43
C GLN A 1141 -3.27 61.72 -7.62
N ILE A 1142 -2.59 62.87 -7.44
CA ILE A 1142 -2.56 63.98 -8.37
C ILE A 1142 -1.12 64.47 -8.49
N SER A 1143 -0.74 65.03 -9.66
CA SER A 1143 0.52 65.75 -9.82
C SER A 1143 0.45 66.78 -10.93
N ALA A 1144 1.48 67.65 -10.99
CA ALA A 1144 1.59 68.70 -11.99
C ALA A 1144 2.53 68.23 -13.10
N ASP A 1145 3.67 67.65 -12.72
CA ASP A 1145 4.50 66.86 -13.61
C ASP A 1145 4.09 65.41 -13.40
N GLY A 1146 4.50 64.52 -14.32
CA GLY A 1146 4.11 63.13 -14.16
C GLY A 1146 4.89 62.38 -13.07
N LYS A 1147 5.78 63.11 -12.36
CA LYS A 1147 6.83 62.54 -11.54
C LYS A 1147 6.51 62.63 -10.05
N ASN A 1148 6.23 63.85 -9.54
CA ASN A 1148 5.99 64.12 -8.14
C ASN A 1148 4.50 64.08 -7.81
N TRP A 1149 4.08 63.09 -7.02
CA TRP A 1149 2.69 62.78 -6.72
C TRP A 1149 2.27 63.31 -5.34
N THR A 1150 0.97 63.21 -5.05
CA THR A 1150 0.31 63.75 -3.87
C THR A 1150 -1.05 63.07 -3.69
N ASP A 1151 -1.35 62.64 -2.46
CA ASP A 1151 -2.57 61.88 -2.22
C ASP A 1151 -3.76 62.85 -2.21
N LEU A 1152 -4.84 62.45 -2.85
CA LEU A 1152 -6.04 63.28 -2.89
C LEU A 1152 -6.84 63.00 -1.61
N ALA A 1153 -7.04 64.04 -0.81
CA ALA A 1153 -7.74 63.88 0.44
C ALA A 1153 -9.24 63.81 0.14
N ALA A 1154 -9.77 62.59 -0.01
CA ALA A 1154 -11.16 62.48 -0.43
C ALA A 1154 -11.99 61.54 0.44
N THR A 1155 -13.31 61.64 0.32
CA THR A 1155 -14.27 60.79 1.01
C THR A 1155 -14.96 59.90 -0.02
N GLU A 1156 -15.02 58.61 0.22
CA GLU A 1156 -15.64 57.67 -0.71
C GLU A 1156 -17.10 57.42 -0.29
N THR A 1157 -18.01 57.42 -1.26
CA THR A 1157 -19.39 57.04 -1.03
C THR A 1157 -19.79 55.99 -2.05
N ILE A 1158 -20.04 54.76 -1.59
CA ILE A 1158 -20.54 53.69 -2.44
C ILE A 1158 -22.07 53.76 -2.44
N ALA A 1159 -22.64 53.98 -3.62
CA ALA A 1159 -24.07 54.24 -3.77
C ALA A 1159 -24.87 53.02 -3.30
N ALA A 1160 -26.08 53.30 -2.81
CA ALA A 1160 -27.00 52.29 -2.31
C ALA A 1160 -27.33 51.25 -3.40
N GLN A 1161 -27.82 51.72 -4.56
CA GLN A 1161 -28.29 50.84 -5.64
C GLN A 1161 -27.33 50.91 -6.82
N GLU A 1162 -27.34 49.89 -7.68
CA GLU A 1162 -26.56 49.89 -8.91
C GLU A 1162 -27.17 50.88 -9.91
N SER A 1163 -26.30 51.61 -10.62
CA SER A 1163 -26.73 52.58 -11.63
C SER A 1163 -27.26 51.87 -12.88
N SER A 1164 -26.63 50.75 -13.26
CA SER A 1164 -27.03 49.87 -14.36
C SER A 1164 -26.69 48.45 -13.93
N GLU A 1165 -27.28 47.46 -14.60
CA GLU A 1165 -27.10 46.09 -14.12
C GLU A 1165 -25.61 45.80 -13.95
N ARG A 1166 -25.21 45.51 -12.69
CA ARG A 1166 -23.87 45.10 -12.27
C ARG A 1166 -22.83 46.22 -12.39
N VAL A 1167 -23.29 47.48 -12.24
CA VAL A 1167 -22.44 48.65 -12.17
C VAL A 1167 -22.86 49.46 -10.94
N LYS A 1168 -21.89 49.77 -10.06
CA LYS A 1168 -22.12 50.59 -8.88
C LYS A 1168 -21.17 51.79 -8.92
N PRO A 1169 -21.71 53.03 -8.84
CA PRO A 1169 -20.87 54.22 -8.79
C PRO A 1169 -20.32 54.53 -7.40
N TYR A 1170 -19.00 54.58 -7.31
CA TYR A 1170 -18.25 55.06 -6.14
C TYR A 1170 -17.90 56.53 -6.35
N THR A 1171 -18.46 57.41 -5.52
CA THR A 1171 -18.26 58.85 -5.65
C THR A 1171 -17.23 59.34 -4.64
N TYR A 1172 -16.20 60.01 -5.15
CA TYR A 1172 -15.12 60.58 -4.35
C TYR A 1172 -15.29 62.09 -4.25
N ASP A 1173 -15.31 62.60 -3.02
CA ASP A 1173 -15.55 64.01 -2.74
C ASP A 1173 -14.35 64.60 -2.03
N PHE A 1174 -14.09 65.87 -2.29
CA PHE A 1174 -12.89 66.54 -1.87
C PHE A 1174 -13.00 68.02 -2.25
N ALA A 1175 -12.25 68.87 -1.57
CA ALA A 1175 -12.21 70.28 -1.93
C ALA A 1175 -11.49 70.44 -3.26
N PRO A 1176 -11.95 71.36 -4.14
CA PRO A 1176 -11.27 71.66 -5.39
C PRO A 1176 -9.73 71.59 -5.32
N VAL A 1177 -9.12 70.84 -6.23
CA VAL A 1177 -7.66 70.77 -6.38
C VAL A 1177 -7.31 70.75 -7.88
N GLY A 1178 -6.18 71.37 -8.21
CA GLY A 1178 -5.64 71.33 -9.56
C GLY A 1178 -4.80 70.08 -9.78
N ALA A 1179 -5.04 69.39 -10.89
CA ALA A 1179 -4.35 68.18 -11.27
C ALA A 1179 -4.10 68.21 -12.78
N THR A 1180 -2.84 68.08 -13.20
CA THR A 1180 -2.60 67.84 -14.61
C THR A 1180 -2.52 66.32 -14.87
N PHE A 1181 -2.22 65.55 -13.81
CA PHE A 1181 -2.28 64.09 -13.84
C PHE A 1181 -3.14 63.58 -12.68
N VAL A 1182 -3.86 62.48 -12.93
CA VAL A 1182 -4.67 61.79 -11.91
C VAL A 1182 -4.42 60.28 -12.00
N LYS A 1183 -3.76 59.72 -10.98
CA LYS A 1183 -3.46 58.29 -10.91
C LYS A 1183 -4.35 57.59 -9.90
N VAL A 1184 -5.31 56.81 -10.41
CA VAL A 1184 -6.19 55.97 -9.63
C VAL A 1184 -5.54 54.59 -9.45
N THR A 1185 -5.32 54.19 -8.19
CA THR A 1185 -4.75 52.88 -7.85
C THR A 1185 -5.86 51.96 -7.36
N VAL A 1186 -6.21 50.95 -8.18
CA VAL A 1186 -7.32 50.04 -7.93
C VAL A 1186 -6.78 48.77 -7.28
N THR A 1187 -7.35 48.43 -6.11
CA THR A 1187 -6.98 47.23 -5.36
C THR A 1187 -8.20 46.32 -5.36
N ASN A 1188 -7.97 45.03 -5.67
CA ASN A 1188 -9.04 44.05 -5.86
C ASN A 1188 -9.79 43.83 -4.55
N ALA A 1189 -11.04 43.35 -4.65
CA ALA A 1189 -11.79 42.98 -3.46
C ALA A 1189 -11.09 41.81 -2.76
N ASP A 1190 -11.39 41.67 -1.47
CA ASP A 1190 -10.87 40.60 -0.64
C ASP A 1190 -11.99 39.59 -0.43
N THR A 1191 -12.33 38.92 -1.53
CA THR A 1191 -13.40 37.92 -1.58
C THR A 1191 -12.90 36.77 -2.45
N THR A 1192 -13.68 35.68 -2.52
CA THR A 1192 -13.37 34.59 -3.45
C THR A 1192 -14.50 34.45 -4.46
N THR A 1193 -14.12 33.93 -5.63
CA THR A 1193 -14.97 33.92 -6.81
C THR A 1193 -15.08 32.49 -7.33
N PRO A 1194 -16.17 32.14 -8.05
CA PRO A 1194 -16.26 30.86 -8.77
C PRO A 1194 -14.99 30.53 -9.55
N SER A 1195 -14.46 31.50 -10.30
CA SER A 1195 -13.26 31.30 -11.11
C SER A 1195 -12.04 31.00 -10.22
N GLY A 1196 -12.08 31.49 -8.97
CA GLY A 1196 -10.93 31.42 -8.08
C GLY A 1196 -9.88 32.47 -8.41
N VAL A 1197 -10.28 33.44 -9.25
CA VAL A 1197 -9.52 34.64 -9.59
C VAL A 1197 -10.39 35.84 -9.26
N VAL A 1198 -9.90 36.73 -8.39
CA VAL A 1198 -10.64 37.95 -8.06
C VAL A 1198 -10.11 39.08 -8.92
N CYS A 1199 -11.05 39.88 -9.47
CA CYS A 1199 -10.75 40.95 -10.40
C CYS A 1199 -11.54 42.21 -10.04
N ALA A 1200 -11.11 43.35 -10.58
CA ALA A 1200 -11.81 44.62 -10.46
C ALA A 1200 -12.09 45.17 -11.85
N GLY A 1201 -13.21 45.87 -12.01
CA GLY A 1201 -13.59 46.33 -13.34
C GLY A 1201 -14.30 47.68 -13.34
N LEU A 1202 -13.94 48.51 -14.33
CA LEU A 1202 -14.46 49.85 -14.51
C LEU A 1202 -15.04 50.03 -15.92
N THR A 1203 -16.23 50.63 -16.00
CA THR A 1203 -16.80 51.09 -17.26
C THR A 1203 -16.42 52.56 -17.52
N GLU A 1204 -16.33 53.35 -16.45
CA GLU A 1204 -16.09 54.79 -16.55
C GLU A 1204 -15.43 55.31 -15.27
N ILE A 1205 -14.54 56.30 -15.44
CA ILE A 1205 -14.08 57.19 -14.39
C ILE A 1205 -14.39 58.62 -14.84
N GLU A 1206 -15.42 59.24 -14.25
CA GLU A 1206 -15.73 60.63 -14.51
C GLU A 1206 -14.87 61.52 -13.62
N LEU A 1207 -14.01 62.36 -14.23
CA LEU A 1207 -13.27 63.39 -13.50
C LEU A 1207 -13.99 64.73 -13.68
N LYS A 1208 -14.85 65.11 -12.73
CA LYS A 1208 -15.65 66.32 -12.80
C LYS A 1208 -14.84 67.54 -12.34
N THR A 1209 -15.02 68.65 -13.05
CA THR A 1209 -14.32 69.89 -12.73
C THR A 1209 -15.16 70.66 -11.73
N ALA A 1210 -14.60 71.73 -11.17
CA ALA A 1210 -15.35 72.63 -10.32
C ALA A 1210 -14.84 74.06 -10.48
N THR A 1211 -15.73 75.03 -10.25
CA THR A 1211 -15.41 76.45 -10.26
C THR A 1211 -15.76 77.05 -8.90
N SER A 1212 -15.03 78.10 -8.50
CA SER A 1212 -15.27 78.88 -7.28
C SER A 1212 -15.59 80.34 -7.62
N LYS A 1213 -16.69 80.85 -7.05
CA LYS A 1213 -17.01 82.27 -7.10
C LYS A 1213 -17.10 82.80 -5.68
N PHE A 1214 -16.79 84.08 -5.52
CA PHE A 1214 -17.13 84.82 -4.31
C PHE A 1214 -18.31 85.74 -4.60
N VAL A 1215 -19.51 85.30 -4.21
CA VAL A 1215 -20.75 86.01 -4.49
C VAL A 1215 -20.88 87.16 -3.50
N THR A 1216 -21.05 88.38 -4.04
CA THR A 1216 -21.43 89.53 -3.21
C THR A 1216 -22.87 89.90 -3.62
N ASN A 1217 -23.74 90.23 -2.65
CA ASN A 1217 -25.18 90.34 -2.85
C ASN A 1217 -25.55 91.65 -3.54
N THR A 1218 -26.73 91.66 -4.18
CA THR A 1218 -27.35 92.88 -4.69
C THR A 1218 -28.80 92.96 -4.20
N SER A 1219 -29.01 93.79 -3.18
CA SER A 1219 -30.35 94.20 -2.77
C SER A 1219 -30.22 95.41 -1.87
N ALA A 1220 -31.23 96.28 -1.95
CA ALA A 1220 -31.37 97.45 -1.11
C ALA A 1220 -32.57 97.30 -0.15
N ALA A 1221 -33.24 96.13 -0.20
CA ALA A 1221 -34.39 95.85 0.65
C ALA A 1221 -33.93 95.58 2.09
N LEU A 1222 -34.91 95.53 3.01
CA LEU A 1222 -34.66 95.46 4.45
C LEU A 1222 -35.30 94.20 5.03
N SER A 1223 -34.82 93.77 6.21
CA SER A 1223 -35.26 92.56 6.89
C SER A 1223 -34.80 92.56 8.35
N SER A 1224 -35.77 92.62 9.28
CA SER A 1224 -35.53 92.53 10.72
C SER A 1224 -34.86 93.79 11.25
N ALA A 1253 -33.42 98.34 12.01
CA ALA A 1253 -33.54 97.68 10.69
C ALA A 1253 -32.24 97.00 10.31
N GLU A 1254 -32.31 96.15 9.27
CA GLU A 1254 -31.16 95.42 8.72
C GLU A 1254 -31.34 95.22 7.22
N GLY A 1255 -30.23 95.22 6.49
CA GLY A 1255 -30.23 95.03 5.05
C GLY A 1255 -30.24 93.54 4.70
N GLU A 1256 -31.11 93.19 3.74
CA GLU A 1256 -31.36 91.81 3.33
C GLU A 1256 -30.05 91.14 2.95
N GLY A 1257 -29.37 91.74 1.97
CA GLY A 1257 -28.12 91.20 1.47
C GLY A 1257 -26.92 91.88 2.13
N ASN A 1258 -26.95 91.97 3.46
CA ASN A 1258 -25.97 92.67 4.26
C ASN A 1258 -25.78 94.09 3.71
N ALA A 1259 -26.86 94.72 3.25
CA ALA A 1259 -26.84 96.06 2.72
C ALA A 1259 -26.62 97.07 3.85
N SER A 1260 -25.94 98.18 3.54
CA SER A 1260 -25.64 99.20 4.53
C SER A 1260 -26.94 99.86 5.01
N VAL A 1261 -27.16 99.84 6.33
CA VAL A 1261 -28.35 100.42 6.94
C VAL A 1261 -27.95 101.79 7.49
N THR A 1262 -28.58 102.84 6.96
CA THR A 1262 -28.34 104.22 7.37
C THR A 1262 -29.67 104.86 7.78
N VAL A 1263 -29.67 105.53 8.94
CA VAL A 1263 -30.87 106.08 9.59
C VAL A 1263 -30.67 107.57 9.90
N VAL A 1273 -34.59 105.63 6.29
CA VAL A 1273 -33.64 104.52 5.97
C VAL A 1273 -33.32 104.55 4.48
N ILE A 1274 -32.10 105.03 4.16
CA ILE A 1274 -31.45 104.86 2.86
C ILE A 1274 -30.49 103.69 2.98
N THR A 1275 -30.46 102.84 1.94
CA THR A 1275 -29.70 101.59 1.93
C THR A 1275 -28.83 101.53 0.68
N GLU A 1276 -27.76 100.70 0.79
CA GLU A 1276 -26.78 100.48 -0.26
C GLU A 1276 -26.43 98.99 -0.27
N SER A 1277 -26.56 98.37 -1.44
CA SER A 1277 -26.29 96.95 -1.63
C SER A 1277 -24.80 96.65 -1.41
N GLU A 1278 -24.49 95.37 -1.17
CA GLU A 1278 -23.13 94.91 -0.91
C GLU A 1278 -22.20 95.30 -2.07
N ASP A 1279 -22.61 95.01 -3.31
CA ASP A 1279 -22.04 95.66 -4.48
C ASP A 1279 -22.56 97.09 -4.46
N HIS A 1280 -21.64 98.06 -4.40
CA HIS A 1280 -22.01 99.43 -4.13
C HIS A 1280 -22.56 100.07 -5.40
N VAL A 1281 -23.72 99.59 -5.87
CA VAL A 1281 -24.25 99.92 -7.18
C VAL A 1281 -25.65 100.54 -7.06
N THR A 1282 -26.52 99.89 -6.27
CA THR A 1282 -27.90 100.31 -6.13
C THR A 1282 -28.15 100.80 -4.70
N ARG A 1283 -28.44 102.11 -4.56
CA ARG A 1283 -28.87 102.73 -3.32
C ARG A 1283 -30.35 103.10 -3.46
N LYS A 1284 -31.21 102.51 -2.62
CA LYS A 1284 -32.66 102.76 -2.64
C LYS A 1284 -33.14 103.32 -1.30
N THR A 1285 -33.43 104.63 -1.29
CA THR A 1285 -33.97 105.37 -0.15
C THR A 1285 -35.45 105.06 -0.02
N PHE A 1286 -35.89 104.77 1.22
CA PHE A 1286 -37.30 104.62 1.58
C PHE A 1286 -37.59 105.39 2.88
N SER B 15 -13.06 20.74 68.58
CA SER B 15 -13.63 20.97 67.22
C SER B 15 -13.13 19.87 66.29
N THR B 16 -13.89 19.56 65.23
CA THR B 16 -13.43 18.55 64.28
C THR B 16 -12.28 19.14 63.46
N PRO B 17 -11.37 18.31 62.90
CA PRO B 17 -10.23 18.80 62.14
C PRO B 17 -10.66 19.58 60.89
N GLU B 18 -10.13 20.81 60.77
CA GLU B 18 -10.38 21.73 59.66
C GLU B 18 -9.06 21.98 58.94
N VAL B 19 -9.13 22.36 57.65
CA VAL B 19 -7.96 22.76 56.89
C VAL B 19 -7.56 24.17 57.35
N VAL B 20 -6.38 24.29 57.97
CA VAL B 20 -5.88 25.59 58.43
C VAL B 20 -4.80 26.07 57.47
N TYR B 21 -5.03 27.25 56.88
CA TYR B 21 -4.19 27.84 55.84
C TYR B 21 -3.12 28.74 56.48
N SER B 22 -1.86 28.60 56.04
CA SER B 22 -0.73 29.11 56.79
C SER B 22 -0.42 30.53 56.36
N SER B 23 -0.57 31.47 57.31
CA SER B 23 -0.10 32.84 57.12
C SER B 23 1.30 33.07 57.72
N ALA B 24 2.30 32.93 56.85
CA ALA B 24 3.72 32.94 57.22
C ALA B 24 4.48 33.65 56.11
N VAL B 25 5.49 34.45 56.48
CA VAL B 25 6.33 35.16 55.54
C VAL B 25 7.77 34.68 55.73
N ASP B 26 8.30 33.97 54.74
CA ASP B 26 9.68 33.51 54.76
C ASP B 26 10.36 33.96 53.46
N SER B 27 11.66 33.66 53.33
CA SER B 27 12.46 34.10 52.19
C SER B 27 12.27 33.17 50.99
N LYS B 28 11.63 32.01 51.21
CA LYS B 28 11.25 31.12 50.13
C LYS B 28 10.28 31.81 49.17
N GLN B 29 9.49 32.79 49.65
CA GLN B 29 8.49 33.50 48.87
C GLN B 29 9.13 34.45 47.87
N ASN B 30 8.37 34.85 46.85
CA ASN B 30 8.81 35.76 45.80
C ASN B 30 8.82 37.18 46.35
N ARG B 31 9.53 38.08 45.65
CA ARG B 31 9.84 39.42 46.16
C ARG B 31 8.55 40.09 46.63
N THR B 32 7.55 40.03 45.72
CA THR B 32 6.19 40.47 45.97
C THR B 32 5.28 39.25 45.92
N SER B 33 4.50 39.05 46.99
CA SER B 33 3.69 37.86 47.23
C SER B 33 2.26 38.27 47.56
N ASP B 34 1.29 37.43 47.14
CA ASP B 34 -0.12 37.61 47.46
C ASP B 34 -0.32 37.52 48.97
N PHE B 35 -0.98 38.52 49.56
CA PHE B 35 -1.18 38.58 51.00
C PHE B 35 -2.67 38.68 51.32
N ASP B 36 -3.50 38.09 50.45
CA ASP B 36 -4.95 38.29 50.44
C ASP B 36 -5.63 37.39 51.46
N ALA B 37 -4.98 36.25 51.79
CA ALA B 37 -5.60 35.14 52.47
C ALA B 37 -5.64 35.39 53.98
N ASN B 38 -6.67 34.83 54.63
CA ASN B 38 -6.76 34.66 56.07
C ASN B 38 -6.78 36.00 56.80
N TRP B 39 -7.77 36.82 56.51
CA TRP B 39 -8.00 38.04 57.27
C TRP B 39 -9.25 37.85 58.14
N LYS B 40 -9.28 38.56 59.26
CA LYS B 40 -10.46 38.61 60.09
C LYS B 40 -11.12 39.96 59.88
N PHE B 41 -12.45 39.95 59.73
CA PHE B 41 -13.22 41.16 59.49
C PHE B 41 -14.34 41.27 60.52
N MET B 42 -14.67 42.53 60.88
CA MET B 42 -15.83 42.85 61.70
C MET B 42 -16.33 44.24 61.32
N LEU B 43 -17.62 44.34 60.98
CA LEU B 43 -18.28 45.64 60.81
C LEU B 43 -18.71 46.15 62.17
N SER B 44 -18.15 47.28 62.62
CA SER B 44 -18.48 47.84 63.93
C SER B 44 -18.00 49.27 64.06
N ASP B 45 -18.96 50.16 64.33
CA ASP B 45 -18.73 51.58 64.49
C ASP B 45 -17.95 51.89 65.77
N SER B 46 -17.92 50.92 66.69
CA SER B 46 -17.61 51.17 68.10
C SER B 46 -16.29 50.52 68.53
N VAL B 47 -16.01 49.30 68.06
CA VAL B 47 -14.87 48.50 68.51
C VAL B 47 -13.55 49.25 68.35
N GLN B 48 -12.55 48.88 69.15
CA GLN B 48 -11.16 49.34 69.02
C GLN B 48 -10.23 48.13 68.92
N ALA B 49 -9.84 47.74 67.69
CA ALA B 49 -9.18 46.45 67.47
C ALA B 49 -7.71 46.60 67.03
N GLN B 50 -7.09 47.75 67.35
CA GLN B 50 -5.74 48.05 66.90
C GLN B 50 -4.66 47.22 67.59
N ASP B 51 -4.83 46.99 68.90
CA ASP B 51 -3.86 46.29 69.73
C ASP B 51 -3.76 44.82 69.30
N PRO B 52 -2.54 44.23 69.15
CA PRO B 52 -2.41 42.85 68.69
C PRO B 52 -3.07 41.82 69.60
N ALA B 53 -3.33 42.22 70.85
CA ALA B 53 -3.84 41.35 71.90
C ALA B 53 -5.33 41.07 71.72
N PHE B 54 -6.05 41.99 71.05
CA PHE B 54 -7.48 41.96 70.88
C PHE B 54 -7.97 40.56 70.46
N ASP B 55 -9.14 40.17 70.99
CA ASP B 55 -9.70 38.85 70.77
C ASP B 55 -10.53 38.82 69.48
N ASP B 56 -9.87 38.47 68.36
CA ASP B 56 -10.51 38.45 67.06
C ASP B 56 -11.00 37.04 66.74
N SER B 57 -10.98 36.17 67.75
CA SER B 57 -11.40 34.78 67.60
C SER B 57 -12.84 34.69 67.09
N ALA B 58 -13.68 35.62 67.58
CA ALA B 58 -15.10 35.69 67.27
C ALA B 58 -15.33 36.10 65.82
N TRP B 59 -14.35 36.80 65.21
CA TRP B 59 -14.52 37.54 63.97
C TRP B 59 -14.61 36.60 62.78
N GLN B 60 -15.26 37.10 61.70
CA GLN B 60 -15.42 36.36 60.46
C GLN B 60 -14.10 36.26 59.71
N GLN B 61 -13.78 35.07 59.19
CA GLN B 61 -12.64 34.91 58.31
C GLN B 61 -13.05 35.23 56.87
N VAL B 62 -12.25 36.08 56.20
CA VAL B 62 -12.46 36.46 54.81
C VAL B 62 -11.13 36.37 54.07
N ASP B 63 -11.22 36.08 52.76
CA ASP B 63 -10.11 36.28 51.83
C ASP B 63 -10.37 37.58 51.08
N LEU B 64 -9.37 38.47 51.05
CA LEU B 64 -9.43 39.67 50.22
C LEU B 64 -9.27 39.26 48.76
N PRO B 65 -9.86 40.00 47.79
CA PRO B 65 -10.51 41.27 48.07
C PRO B 65 -11.94 41.05 48.59
N HIS B 66 -12.48 42.10 49.24
CA HIS B 66 -13.69 42.01 50.04
C HIS B 66 -14.39 43.37 50.09
N ASP B 67 -15.71 43.36 49.85
CA ASP B 67 -16.57 44.55 49.91
C ASP B 67 -17.63 44.33 50.98
N TYR B 68 -17.59 45.17 52.03
CA TYR B 68 -18.46 44.97 53.18
C TYR B 68 -19.73 45.82 53.11
N SER B 69 -19.91 46.57 52.00
CA SER B 69 -21.14 47.29 51.73
C SER B 69 -22.16 46.37 51.06
N ILE B 70 -21.68 45.44 50.24
CA ILE B 70 -22.53 44.68 49.33
C ILE B 70 -23.32 43.65 50.11
N THR B 71 -22.91 43.36 51.35
CA THR B 71 -23.50 42.30 52.14
C THR B 71 -24.56 42.85 53.10
N GLN B 72 -24.45 44.13 53.48
CA GLN B 72 -25.48 44.86 54.22
C GLN B 72 -26.77 44.97 53.39
N LYS B 73 -27.89 45.25 54.07
CA LYS B 73 -29.23 45.18 53.47
C LYS B 73 -29.58 46.57 52.96
N TYR B 74 -30.35 46.64 51.86
CA TYR B 74 -30.78 47.91 51.29
C TYR B 74 -31.64 48.65 52.30
N SER B 75 -31.70 49.99 52.23
CA SER B 75 -32.52 50.77 53.15
C SER B 75 -32.81 52.17 52.58
N GLN B 76 -34.09 52.56 52.61
CA GLN B 76 -34.56 53.83 52.07
C GLN B 76 -33.97 55.04 52.80
N SER B 77 -33.41 54.83 54.00
CA SER B 77 -32.81 55.91 54.75
C SER B 77 -31.49 56.35 54.09
N ASN B 78 -30.91 55.43 53.29
CA ASN B 78 -29.73 55.70 52.47
C ASN B 78 -30.15 56.44 51.20
N GLU B 79 -29.20 56.66 50.29
CA GLU B 79 -29.43 57.46 49.08
C GLU B 79 -29.34 56.57 47.83
N ALA B 80 -30.09 56.95 46.79
CA ALA B 80 -30.19 56.20 45.55
C ALA B 80 -28.84 56.13 44.81
N GLU B 81 -28.18 57.28 44.70
CA GLU B 81 -26.90 57.39 44.04
C GLU B 81 -25.96 56.27 44.47
N SER B 82 -25.95 55.98 45.78
CA SER B 82 -25.05 55.02 46.41
C SER B 82 -25.69 53.65 46.61
N ALA B 83 -26.78 53.38 45.86
CA ALA B 83 -27.47 52.10 45.68
C ALA B 83 -28.36 51.73 46.87
N TYR B 84 -28.75 52.74 47.65
CA TYR B 84 -29.48 52.60 48.90
C TYR B 84 -28.72 51.70 49.87
N LEU B 85 -27.44 51.43 49.60
CA LEU B 85 -26.63 50.60 50.49
C LEU B 85 -25.75 51.47 51.39
N PRO B 86 -25.46 50.98 52.61
CA PRO B 86 -24.71 51.75 53.60
C PRO B 86 -23.21 51.46 53.53
N GLY B 87 -22.42 52.25 54.26
CA GLY B 87 -20.99 52.02 54.33
C GLY B 87 -20.53 51.67 55.74
N GLY B 88 -19.93 52.66 56.40
CA GLY B 88 -19.66 52.58 57.82
C GLY B 88 -18.24 52.11 58.08
N THR B 89 -17.97 51.64 59.30
CA THR B 89 -16.63 51.37 59.80
C THR B 89 -16.36 49.87 59.79
N GLY B 90 -15.37 49.45 59.01
CA GLY B 90 -14.94 48.06 58.93
C GLY B 90 -13.53 47.88 59.46
N TRP B 91 -13.31 46.77 60.17
CA TRP B 91 -12.02 46.43 60.75
C TRP B 91 -11.51 45.13 60.13
N TYR B 92 -10.28 45.20 59.61
CA TYR B 92 -9.59 44.04 59.10
C TYR B 92 -8.35 43.82 59.96
N ARG B 93 -8.14 42.56 60.37
CA ARG B 93 -7.01 42.15 61.17
C ARG B 93 -6.43 40.89 60.55
N LYS B 94 -5.10 40.81 60.47
CA LYS B 94 -4.42 39.60 60.02
C LYS B 94 -3.15 39.43 60.86
N SER B 95 -3.02 38.22 61.45
CA SER B 95 -1.89 37.83 62.25
C SER B 95 -1.07 36.79 61.51
N PHE B 96 0.25 36.90 61.59
CA PHE B 96 1.15 36.12 60.75
C PHE B 96 2.55 36.15 61.37
N THR B 97 3.27 35.04 61.16
CA THR B 97 4.65 34.94 61.59
C THR B 97 5.53 35.46 60.45
N ILE B 98 6.63 36.13 60.84
CA ILE B 98 7.71 36.46 59.94
C ILE B 98 8.90 35.57 60.33
N ASP B 99 9.24 34.60 59.47
CA ASP B 99 10.35 33.66 59.69
C ASP B 99 11.63 34.44 59.95
N ARG B 100 12.52 33.90 60.80
CA ARG B 100 13.70 34.65 61.21
C ARG B 100 14.74 34.73 60.09
N ASP B 101 14.51 33.99 58.99
CA ASP B 101 15.38 34.08 57.83
C ASP B 101 15.25 35.45 57.15
N LEU B 102 14.20 36.20 57.50
CA LEU B 102 13.93 37.53 56.94
C LEU B 102 14.59 38.62 57.76
N ALA B 103 15.25 38.24 58.88
CA ALA B 103 16.05 39.18 59.62
C ALA B 103 17.05 39.84 58.66
N GLY B 104 17.15 41.16 58.73
CA GLY B 104 18.03 41.87 57.82
C GLY B 104 17.24 42.45 56.65
N LYS B 105 16.17 41.76 56.21
CA LYS B 105 15.38 42.15 55.05
C LYS B 105 14.45 43.31 55.41
N ARG B 106 13.97 44.00 54.35
CA ARG B 106 12.95 45.04 54.43
C ARG B 106 11.59 44.48 54.00
N ILE B 107 10.52 44.87 54.71
CA ILE B 107 9.17 44.39 54.43
C ILE B 107 8.23 45.57 54.28
N ALA B 108 7.36 45.51 53.26
CA ALA B 108 6.37 46.54 53.00
C ALA B 108 5.05 45.88 52.59
N ILE B 109 3.93 46.50 52.99
CA ILE B 109 2.59 46.06 52.60
C ILE B 109 2.04 47.04 51.54
N ASN B 110 1.38 46.48 50.51
CA ASN B 110 0.89 47.28 49.39
C ASN B 110 -0.60 47.02 49.20
N PHE B 111 -1.40 48.11 49.27
CA PHE B 111 -2.83 48.09 49.01
C PHE B 111 -3.11 48.72 47.65
N ASP B 112 -3.88 48.01 46.80
CA ASP B 112 -4.16 48.53 45.46
C ASP B 112 -5.35 49.48 45.52
N GLY B 113 -6.21 49.25 46.50
CA GLY B 113 -7.33 50.12 46.81
C GLY B 113 -7.93 49.73 48.15
N VAL B 114 -8.40 50.75 48.89
CA VAL B 114 -9.15 50.60 50.13
C VAL B 114 -10.11 51.79 50.21
N TYR B 115 -11.42 51.53 50.09
CA TYR B 115 -12.46 52.55 50.11
C TYR B 115 -13.24 52.51 51.42
N MET B 116 -13.10 53.56 52.25
CA MET B 116 -12.12 54.62 52.16
C MET B 116 -11.72 55.08 53.58
N ASN B 117 -10.94 56.18 53.67
CA ASN B 117 -10.40 56.69 54.92
C ASN B 117 -9.80 55.55 55.74
N ALA B 118 -8.71 54.98 55.22
CA ALA B 118 -8.06 53.84 55.85
C ALA B 118 -7.08 54.33 56.90
N THR B 119 -6.96 53.55 57.98
CA THR B 119 -6.00 53.77 59.05
C THR B 119 -5.31 52.43 59.31
N VAL B 120 -3.98 52.47 59.34
CA VAL B 120 -3.21 51.24 59.41
C VAL B 120 -2.35 51.24 60.67
N TRP B 121 -2.43 50.14 61.43
CA TRP B 121 -1.54 49.83 62.54
C TRP B 121 -0.77 48.57 62.20
N PHE B 122 0.50 48.53 62.62
CA PHE B 122 1.29 47.31 62.60
C PHE B 122 1.87 47.08 64.01
N ASN B 123 1.51 45.91 64.58
CA ASN B 123 1.89 45.54 65.93
C ASN B 123 1.58 46.72 66.85
N GLY B 124 0.37 47.26 66.76
CA GLY B 124 -0.04 48.30 67.69
C GLY B 124 0.50 49.69 67.39
N VAL B 125 1.60 49.82 66.63
CA VAL B 125 2.05 51.13 66.17
C VAL B 125 1.17 51.61 65.01
N LYS B 126 0.69 52.86 65.09
CA LYS B 126 -0.16 53.46 64.07
C LYS B 126 0.72 54.04 62.97
N LEU B 127 0.62 53.48 61.76
CA LEU B 127 1.51 53.81 60.66
C LEU B 127 1.07 55.10 59.99
N GLY B 128 -0.23 55.18 59.65
CA GLY B 128 -0.79 56.39 59.09
C GLY B 128 -2.16 56.12 58.47
N THR B 129 -2.57 57.03 57.59
CA THR B 129 -3.91 57.04 57.02
C THR B 129 -3.83 57.34 55.52
N HIS B 130 -4.91 56.94 54.83
CA HIS B 130 -5.05 57.17 53.40
C HIS B 130 -6.51 57.40 53.02
N PRO B 131 -6.89 58.67 52.74
CA PRO B 131 -8.28 59.03 52.50
C PRO B 131 -8.90 58.45 51.23
N TYR B 132 -8.23 58.66 50.07
CA TYR B 132 -8.83 58.33 48.77
C TYR B 132 -9.09 56.83 48.63
N GLY B 133 -10.23 56.51 48.02
CA GLY B 133 -10.67 55.13 47.97
C GLY B 133 -10.22 54.33 46.75
N TYR B 134 -9.64 54.97 45.72
CA TYR B 134 -9.32 54.26 44.48
C TYR B 134 -7.84 54.32 44.07
N SER B 135 -7.03 55.18 44.72
CA SER B 135 -5.61 55.24 44.43
C SER B 135 -4.88 54.19 45.28
N PRO B 136 -3.78 53.59 44.76
CA PRO B 136 -3.01 52.58 45.49
C PRO B 136 -2.03 53.25 46.44
N PHE B 137 -1.59 52.52 47.50
CA PHE B 137 -0.68 53.03 48.53
C PHE B 137 -0.02 51.89 49.31
N SER B 138 1.05 52.24 50.05
CA SER B 138 1.95 51.29 50.71
C SER B 138 2.30 51.79 52.11
N PHE B 139 2.68 50.85 53.00
CA PHE B 139 3.36 51.20 54.25
C PHE B 139 4.59 50.32 54.44
N ASP B 140 5.69 50.92 54.93
CA ASP B 140 6.82 50.13 55.43
C ASP B 140 6.46 49.47 56.77
N LEU B 141 6.83 48.19 56.91
CA LEU B 141 6.59 47.43 58.12
C LEU B 141 7.90 47.10 58.83
N THR B 142 9.03 47.32 58.15
CA THR B 142 10.35 46.89 58.61
C THR B 142 10.54 47.32 60.05
N GLY B 143 10.43 48.64 60.29
CA GLY B 143 10.79 49.27 61.55
C GLY B 143 10.09 48.68 62.77
N ASN B 144 8.89 48.11 62.56
CA ASN B 144 7.98 47.71 63.61
C ASN B 144 7.77 46.20 63.61
N ALA B 145 8.37 45.49 62.65
CA ALA B 145 8.21 44.05 62.54
C ALA B 145 8.89 43.37 63.72
N LYS B 146 8.29 42.27 64.18
CA LYS B 146 8.92 41.35 65.13
C LYS B 146 9.37 40.13 64.34
N PHE B 147 10.69 40.01 64.15
CA PHE B 147 11.25 38.97 63.30
C PHE B 147 11.33 37.65 64.05
N GLY B 148 11.06 36.53 63.34
CA GLY B 148 10.87 35.24 63.96
C GLY B 148 9.72 35.18 64.98
N GLY B 149 8.72 36.07 64.81
CA GLY B 149 7.65 36.16 65.77
C GLY B 149 6.27 36.39 65.15
N GLU B 150 5.25 36.52 66.02
CA GLU B 150 3.89 36.79 65.63
C GLU B 150 3.76 38.29 65.40
N ASN B 151 3.15 38.67 64.25
CA ASN B 151 2.87 40.05 63.92
C ASN B 151 1.40 40.16 63.54
N THR B 152 0.85 41.39 63.72
CA THR B 152 -0.55 41.69 63.51
C THR B 152 -0.70 43.05 62.82
N ILE B 153 -1.20 43.03 61.58
CA ILE B 153 -1.55 44.21 60.81
C ILE B 153 -3.06 44.43 60.95
N VAL B 154 -3.45 45.71 61.07
CA VAL B 154 -4.84 46.10 61.27
C VAL B 154 -5.18 47.30 60.40
N VAL B 155 -6.25 47.17 59.60
CA VAL B 155 -6.73 48.23 58.73
C VAL B 155 -8.16 48.58 59.16
N LYS B 156 -8.37 49.86 59.51
CA LYS B 156 -9.68 50.39 59.82
C LYS B 156 -10.16 51.26 58.66
N VAL B 157 -11.27 50.83 58.05
CA VAL B 157 -11.89 51.47 56.91
C VAL B 157 -13.12 52.22 57.39
N GLU B 158 -13.13 53.56 57.21
CA GLU B 158 -14.29 54.38 57.54
C GLU B 158 -14.86 55.01 56.26
N ASN B 159 -15.80 54.29 55.62
CA ASN B 159 -16.58 54.85 54.53
C ASN B 159 -17.80 55.56 55.08
N ARG B 160 -17.61 56.81 55.52
CA ARG B 160 -18.72 57.58 56.05
C ARG B 160 -19.46 58.16 54.86
N LEU B 161 -20.71 57.75 54.65
CA LEU B 161 -21.56 58.29 53.59
C LEU B 161 -22.00 59.71 53.93
N PRO B 162 -22.31 60.58 52.95
CA PRO B 162 -22.21 60.24 51.52
C PRO B 162 -20.85 60.60 50.91
N SER B 163 -20.29 59.68 50.08
CA SER B 163 -18.93 59.83 49.59
C SER B 163 -18.80 59.57 48.09
N SER B 164 -19.92 59.41 47.38
CA SER B 164 -19.89 58.91 46.01
C SER B 164 -21.19 59.24 45.28
N ARG B 165 -21.10 59.51 43.98
CA ARG B 165 -22.28 59.72 43.13
C ARG B 165 -22.73 58.39 42.55
N TRP B 166 -21.98 57.33 42.84
CA TRP B 166 -22.26 55.96 42.40
C TRP B 166 -21.93 55.01 43.55
N TYR B 167 -22.31 53.73 43.42
CA TYR B 167 -21.96 52.75 44.45
C TYR B 167 -20.45 52.61 44.58
N SER B 168 -19.89 53.10 45.70
CA SER B 168 -18.48 52.90 46.05
C SER B 168 -18.20 51.44 46.40
N GLY B 169 -19.04 50.85 47.25
CA GLY B 169 -18.62 49.73 48.07
C GLY B 169 -17.70 50.20 49.20
N SER B 170 -17.31 49.26 50.08
CA SER B 170 -16.53 49.57 51.27
C SER B 170 -15.51 48.46 51.51
N GLY B 171 -14.35 48.85 52.05
CA GLY B 171 -13.37 47.90 52.54
C GLY B 171 -12.16 47.76 51.63
N ILE B 172 -11.45 46.64 51.81
CA ILE B 172 -10.27 46.30 51.04
C ILE B 172 -10.74 45.48 49.85
N TYR B 173 -11.16 46.21 48.80
CA TYR B 173 -11.86 45.65 47.66
C TYR B 173 -10.91 45.24 46.53
N ARG B 174 -9.59 45.26 46.81
CA ARG B 174 -8.54 44.99 45.84
C ARG B 174 -7.31 44.38 46.51
N ASP B 175 -6.63 43.49 45.75
CA ASP B 175 -5.50 42.70 46.22
C ASP B 175 -4.54 43.50 47.10
N VAL B 176 -4.11 42.86 48.20
CA VAL B 176 -3.00 43.30 49.03
C VAL B 176 -1.81 42.38 48.78
N THR B 177 -0.59 42.90 48.95
CA THR B 177 0.64 42.15 48.76
C THR B 177 1.71 42.62 49.73
N LEU B 178 2.72 41.77 49.93
CA LEU B 178 3.91 42.06 50.72
C LEU B 178 5.11 42.07 49.79
N THR B 179 5.98 43.07 50.00
CA THR B 179 7.24 43.17 49.30
C THR B 179 8.37 43.01 50.29
N VAL B 180 9.19 41.97 50.08
CA VAL B 180 10.36 41.66 50.90
C VAL B 180 11.61 41.81 50.04
N THR B 181 12.59 42.60 50.52
CA THR B 181 13.77 42.95 49.73
C THR B 181 15.01 43.12 50.60
N ASP B 182 16.18 43.08 49.94
CA ASP B 182 17.44 43.39 50.60
C ASP B 182 17.44 44.85 51.03
N GLY B 183 18.47 45.23 51.80
CA GLY B 183 18.65 46.58 52.31
C GLY B 183 18.98 47.54 51.16
N VAL B 184 19.67 47.00 50.15
CA VAL B 184 19.92 47.67 48.89
C VAL B 184 18.94 47.08 47.89
N HIS B 185 18.04 47.93 47.39
CA HIS B 185 16.90 47.47 46.60
C HIS B 185 16.49 48.56 45.60
N VAL B 186 15.82 48.12 44.53
CA VAL B 186 15.13 49.03 43.63
C VAL B 186 13.96 49.63 44.42
N GLY B 187 13.61 50.89 44.11
CA GLY B 187 12.55 51.58 44.82
C GLY B 187 11.19 50.98 44.55
N ASN B 188 10.17 51.48 45.27
CA ASN B 188 8.79 51.21 44.91
C ASN B 188 8.60 51.70 43.48
N ASN B 189 8.06 50.84 42.60
CA ASN B 189 7.81 51.23 41.22
C ASN B 189 9.02 51.94 40.63
N GLY B 190 10.21 51.40 40.89
CA GLY B 190 11.46 52.13 40.79
C GLY B 190 11.99 52.32 39.36
N VAL B 191 11.37 51.67 38.37
CA VAL B 191 11.93 51.69 37.03
C VAL B 191 10.95 52.38 36.09
N ALA B 192 11.49 53.34 35.33
CA ALA B 192 10.75 54.10 34.34
C ALA B 192 11.43 53.93 32.99
N ILE B 193 10.64 53.55 31.97
CA ILE B 193 11.17 53.24 30.66
C ILE B 193 10.64 54.24 29.65
N LYS B 194 11.53 54.72 28.76
CA LYS B 194 11.19 55.60 27.66
C LYS B 194 11.82 55.11 26.35
N THR B 195 11.09 55.26 25.23
CA THR B 195 11.58 54.90 23.92
C THR B 195 11.33 56.07 22.98
N PRO B 196 12.11 57.17 23.10
CA PRO B 196 11.71 58.46 22.55
C PRO B 196 11.71 58.48 21.03
N SER B 197 12.34 57.47 20.41
CA SER B 197 12.52 57.44 18.97
C SER B 197 11.78 56.28 18.31
N LEU B 198 10.92 55.58 19.05
CA LEU B 198 10.36 54.32 18.56
C LEU B 198 9.74 54.53 17.19
N ALA B 199 8.99 55.64 17.02
CA ALA B 199 8.26 55.93 15.81
C ALA B 199 9.18 55.84 14.59
N THR B 200 10.42 56.34 14.76
CA THR B 200 11.50 56.39 13.79
C THR B 200 12.20 55.04 13.68
N GLN B 201 12.53 54.44 14.84
CA GLN B 201 13.37 53.25 14.90
C GLN B 201 12.57 51.99 14.62
N ASN B 202 11.23 52.10 14.52
CA ASN B 202 10.36 50.94 14.45
C ASN B 202 10.86 50.02 13.35
N GLY B 203 10.96 48.73 13.67
CA GLY B 203 11.41 47.71 12.74
C GLY B 203 12.89 47.38 12.95
N GLY B 204 13.66 48.41 13.30
CA GLY B 204 15.10 48.31 13.52
C GLY B 204 15.42 48.15 14.99
N ASN B 205 16.58 48.67 15.40
CA ASN B 205 17.03 48.71 16.78
C ASN B 205 16.36 49.89 17.49
N VAL B 206 15.74 49.63 18.65
CA VAL B 206 15.01 50.64 19.41
C VAL B 206 15.82 51.02 20.64
N THR B 207 16.01 52.34 20.86
CA THR B 207 16.65 52.87 22.05
C THR B 207 15.64 52.95 23.18
N MET B 208 15.96 52.27 24.29
CA MET B 208 15.23 52.32 25.55
C MET B 208 16.10 53.07 26.56
N ASN B 209 15.52 54.10 27.20
CA ASN B 209 16.16 54.85 28.26
C ASN B 209 15.47 54.57 29.59
N LEU B 210 16.18 53.84 30.47
CA LEU B 210 15.69 53.51 31.79
C LEU B 210 16.24 54.52 32.81
N THR B 211 15.42 54.83 33.82
CA THR B 211 15.83 55.48 35.06
C THR B 211 15.31 54.60 36.20
N THR B 212 16.21 54.28 37.14
CA THR B 212 15.96 53.32 38.21
C THR B 212 16.37 53.91 39.54
N LYS B 213 15.42 54.06 40.46
CA LYS B 213 15.75 54.48 41.82
C LYS B 213 16.28 53.26 42.55
N VAL B 214 17.54 53.35 43.02
CA VAL B 214 18.15 52.34 43.86
C VAL B 214 18.34 52.95 45.24
N ALA B 215 17.73 52.33 46.26
CA ALA B 215 17.81 52.83 47.63
C ALA B 215 18.85 52.01 48.39
N ASN B 216 19.70 52.72 49.12
CA ASN B 216 20.68 52.10 50.00
C ASN B 216 20.21 52.24 51.45
N ASP B 217 19.33 51.33 51.89
CA ASP B 217 18.75 51.36 53.22
C ASP B 217 19.61 50.49 54.15
N THR B 218 20.93 50.70 54.13
CA THR B 218 21.87 49.99 54.98
C THR B 218 22.74 51.00 55.72
N LYS B 219 23.64 50.47 56.58
CA LYS B 219 24.47 51.30 57.45
C LYS B 219 25.83 51.58 56.80
N ALA B 220 25.96 51.28 55.51
CA ALA B 220 27.22 51.29 54.79
C ALA B 220 26.99 51.94 53.43
N ALA B 221 27.94 52.78 52.99
CA ALA B 221 27.98 53.13 51.58
C ALA B 221 28.00 51.85 50.75
N ALA B 222 27.42 51.88 49.55
CA ALA B 222 27.28 50.70 48.70
C ALA B 222 27.70 51.03 47.28
N ASN B 223 28.38 50.04 46.66
CA ASN B 223 28.84 50.17 45.30
C ASN B 223 28.05 49.20 44.41
N ILE B 224 27.25 49.78 43.53
CA ILE B 224 26.16 49.07 42.87
C ILE B 224 26.36 49.14 41.37
N THR B 225 26.01 48.05 40.68
CA THR B 225 25.81 48.05 39.25
C THR B 225 24.44 47.44 38.96
N LEU B 226 23.79 47.91 37.88
CA LEU B 226 22.52 47.36 37.44
C LEU B 226 22.75 46.47 36.22
N LYS B 227 22.13 45.28 36.20
CA LYS B 227 22.12 44.44 35.02
C LYS B 227 20.68 44.29 34.56
N GLN B 228 20.32 45.01 33.49
CA GLN B 228 18.97 45.08 32.98
C GLN B 228 18.86 44.27 31.68
N THR B 229 17.71 43.63 31.47
CA THR B 229 17.47 42.68 30.41
C THR B 229 16.02 42.76 29.94
N VAL B 230 15.79 42.90 28.62
CA VAL B 230 14.47 43.00 28.02
C VAL B 230 14.18 41.71 27.28
N PHE B 231 13.18 40.95 27.73
CA PHE B 231 12.86 39.66 27.14
C PHE B 231 11.36 39.47 27.10
N PRO B 232 10.80 38.57 26.25
CA PRO B 232 9.36 38.46 26.06
C PRO B 232 8.71 37.98 27.36
N LYS B 233 7.58 38.59 27.70
CA LYS B 233 6.90 38.28 28.94
C LYS B 233 6.51 36.81 28.94
N GLY B 234 6.85 36.09 30.03
CA GLY B 234 6.49 34.69 30.12
C GLY B 234 7.58 33.76 29.60
N GLY B 235 8.57 34.31 28.89
CA GLY B 235 9.74 33.55 28.44
C GLY B 235 10.87 33.63 29.47
N LYS B 236 12.01 33.00 29.15
CA LYS B 236 13.21 33.02 29.99
C LYS B 236 14.11 34.17 29.52
N THR B 237 15.09 34.56 30.36
CA THR B 237 16.04 35.64 30.10
C THR B 237 16.88 35.38 28.85
N ASP B 238 17.02 34.10 28.46
CA ASP B 238 17.89 33.73 27.37
C ASP B 238 17.30 34.15 26.03
N ALA B 239 16.03 34.57 26.04
CA ALA B 239 15.35 35.06 24.84
C ALA B 239 15.39 36.59 24.77
N ALA B 240 16.27 37.20 25.56
CA ALA B 240 16.40 38.65 25.62
C ALA B 240 16.65 39.20 24.23
N ILE B 241 16.25 40.46 24.01
CA ILE B 241 16.46 41.18 22.77
C ILE B 241 17.27 42.45 23.08
N GLY B 242 17.84 42.49 24.30
CA GLY B 242 18.60 43.65 24.77
C GLY B 242 19.08 43.47 26.20
N THR B 243 20.33 43.89 26.48
CA THR B 243 20.91 43.89 27.82
C THR B 243 21.76 45.13 27.99
N VAL B 244 21.95 45.56 29.24
CA VAL B 244 22.98 46.52 29.60
C VAL B 244 23.43 46.21 31.03
N THR B 245 24.69 46.59 31.34
CA THR B 245 25.24 46.59 32.68
C THR B 245 25.86 47.96 32.90
N THR B 246 25.45 48.63 33.99
CA THR B 246 25.83 50.01 34.25
C THR B 246 27.24 50.05 34.82
N ALA B 247 27.87 51.23 34.73
CA ALA B 247 29.08 51.46 35.52
C ALA B 247 28.71 51.47 36.99
N SER B 248 29.70 51.28 37.86
CA SER B 248 29.49 51.30 39.29
C SER B 248 28.99 52.68 39.72
N LYS B 249 27.99 52.70 40.62
CA LYS B 249 27.49 53.95 41.20
C LYS B 249 27.66 53.81 42.71
N SER B 250 28.24 54.84 43.33
CA SER B 250 28.42 54.84 44.78
C SER B 250 27.18 55.46 45.40
N ILE B 251 26.46 54.70 46.24
CA ILE B 251 25.27 55.24 46.92
C ILE B 251 25.54 55.27 48.42
N ALA B 252 25.51 56.47 49.02
CA ALA B 252 25.81 56.67 50.44
C ALA B 252 24.83 55.91 51.33
N ALA B 253 25.21 55.70 52.61
CA ALA B 253 24.34 55.00 53.54
C ALA B 253 23.03 55.76 53.76
N GLY B 254 21.91 55.03 53.66
CA GLY B 254 20.58 55.61 53.88
C GLY B 254 20.17 56.60 52.81
N ALA B 255 20.94 56.65 51.72
CA ALA B 255 20.63 57.49 50.57
C ALA B 255 20.01 56.63 49.48
N SER B 256 19.58 57.30 48.41
CA SER B 256 19.17 56.60 47.20
C SER B 256 19.57 57.45 46.00
N ALA B 257 19.63 56.81 44.82
CA ALA B 257 20.11 57.43 43.60
C ALA B 257 19.29 56.97 42.40
N ASP B 258 19.08 57.89 41.45
CA ASP B 258 18.45 57.54 40.19
C ASP B 258 19.55 57.14 39.22
N VAL B 259 19.50 55.89 38.72
CA VAL B 259 20.54 55.32 37.89
C VAL B 259 20.03 55.21 36.46
N THR B 260 20.55 56.08 35.57
CA THR B 260 20.21 56.04 34.15
C THR B 260 20.99 54.95 33.43
N SER B 261 20.30 54.26 32.52
CA SER B 261 20.86 53.24 31.64
C SER B 261 20.19 53.33 30.27
N THR B 262 20.83 52.68 29.27
CA THR B 262 20.21 52.52 27.96
C THR B 262 20.34 51.08 27.52
N ILE B 263 19.25 50.55 26.97
CA ILE B 263 19.25 49.25 26.32
C ILE B 263 18.88 49.48 24.86
N THR B 264 19.51 48.70 23.97
CA THR B 264 19.13 48.69 22.57
C THR B 264 18.36 47.41 22.30
N ALA B 265 17.07 47.56 22.00
CA ALA B 265 16.21 46.43 21.74
C ALA B 265 16.33 46.05 20.27
N ALA B 266 16.73 44.80 20.06
CA ALA B 266 16.85 44.20 18.73
C ALA B 266 15.45 43.92 18.18
N SER B 267 14.95 44.86 17.36
CA SER B 267 13.72 44.71 16.62
C SER B 267 12.60 44.20 17.50
N PRO B 268 12.21 44.96 18.56
CA PRO B 268 11.15 44.51 19.46
C PRO B 268 9.83 44.42 18.69
N LYS B 269 8.98 43.46 19.05
CA LYS B 269 7.63 43.36 18.52
C LYS B 269 6.73 44.44 19.15
N LEU B 270 6.08 45.23 18.31
CA LEU B 270 5.21 46.31 18.78
C LEU B 270 4.02 45.73 19.56
N TRP B 271 3.63 46.43 20.65
CA TRP B 271 2.35 46.21 21.30
C TRP B 271 1.28 46.96 20.53
N SER B 272 0.23 46.25 20.10
CA SER B 272 -0.87 46.81 19.32
C SER B 272 -2.19 46.22 19.79
N ILE B 273 -3.31 46.76 19.30
CA ILE B 273 -4.63 46.28 19.73
C ILE B 273 -4.81 44.85 19.23
N LYS B 274 -4.43 44.59 17.96
CA LYS B 274 -4.58 43.24 17.39
C LYS B 274 -3.55 42.30 18.02
N ASN B 275 -2.36 42.82 18.33
CA ASN B 275 -1.23 42.00 18.75
C ASN B 275 -0.59 42.61 19.97
N PRO B 276 -1.19 42.44 21.16
CA PRO B 276 -0.65 43.02 22.39
C PRO B 276 0.57 42.32 22.98
N ASN B 277 1.70 42.39 22.26
CA ASN B 277 2.93 41.72 22.64
C ASN B 277 3.59 42.46 23.81
N LEU B 278 3.81 41.71 24.92
CA LEU B 278 4.40 42.30 26.12
C LEU B 278 5.82 41.78 26.33
N TYR B 279 6.65 42.59 26.99
CA TYR B 279 8.01 42.25 27.35
C TYR B 279 8.14 42.44 28.86
N THR B 280 9.09 41.74 29.49
CA THR B 280 9.50 41.98 30.86
C THR B 280 10.84 42.68 30.85
N VAL B 281 11.04 43.62 31.78
CA VAL B 281 12.29 44.35 31.88
C VAL B 281 12.83 44.15 33.28
N ARG B 282 13.75 43.17 33.37
CA ARG B 282 14.34 42.75 34.62
C ARG B 282 15.55 43.62 34.94
N THR B 283 15.57 44.15 36.16
CA THR B 283 16.65 44.97 36.68
C THR B 283 17.20 44.25 37.90
N GLU B 284 18.48 43.86 37.84
CA GLU B 284 19.18 43.19 38.92
C GLU B 284 20.16 44.21 39.51
N VAL B 285 20.15 44.31 40.86
CA VAL B 285 21.03 45.19 41.59
C VAL B 285 22.18 44.33 42.11
N LEU B 286 23.41 44.67 41.70
CA LEU B 286 24.59 43.86 41.96
C LEU B 286 25.53 44.65 42.88
N ASN B 287 26.07 43.92 43.87
CA ASN B 287 27.18 44.35 44.70
C ASN B 287 28.21 43.24 44.75
N GLY B 288 29.44 43.56 44.32
CA GLY B 288 30.44 42.53 44.09
C GLY B 288 29.91 41.52 43.07
N GLY B 289 30.02 40.22 43.40
CA GLY B 289 29.51 39.17 42.54
C GLY B 289 28.00 39.00 42.66
N LYS B 290 27.47 39.24 43.86
CA LYS B 290 26.15 38.80 44.27
C LYS B 290 25.06 39.77 43.78
N VAL B 291 23.91 39.18 43.39
CA VAL B 291 22.69 39.89 43.08
C VAL B 291 21.95 40.17 44.40
N LEU B 292 21.72 41.45 44.73
CA LEU B 292 21.07 41.84 45.97
C LEU B 292 19.55 41.96 45.83
N ASP B 293 19.09 42.43 44.66
CA ASP B 293 17.67 42.63 44.40
C ASP B 293 17.40 42.43 42.92
N THR B 294 16.22 41.93 42.59
CA THR B 294 15.79 41.71 41.21
C THR B 294 14.35 42.20 41.06
N TYR B 295 14.17 43.21 40.19
CA TYR B 295 12.91 43.92 40.02
C TYR B 295 12.44 43.85 38.55
N ASP B 296 11.27 43.23 38.33
CA ASP B 296 10.65 43.12 37.02
C ASP B 296 9.56 44.19 36.84
N THR B 297 9.34 44.60 35.58
CA THR B 297 8.29 45.55 35.18
C THR B 297 7.84 45.19 33.77
N GLU B 298 6.52 45.08 33.56
CA GLU B 298 5.93 44.71 32.28
C GLU B 298 5.97 45.93 31.37
N TYR B 299 6.34 45.74 30.10
CA TYR B 299 6.46 46.81 29.12
C TYR B 299 5.89 46.38 27.78
N GLY B 300 5.49 47.37 26.97
CA GLY B 300 5.10 47.17 25.59
C GLY B 300 5.76 48.23 24.72
N PHE B 301 6.10 47.88 23.47
CA PHE B 301 6.67 48.90 22.58
C PHE B 301 5.54 49.44 21.73
N ARG B 302 5.22 50.73 21.93
CA ARG B 302 4.10 51.34 21.21
C ARG B 302 4.22 52.85 21.31
N TRP B 303 3.60 53.56 20.36
CA TRP B 303 3.56 55.03 20.43
C TRP B 303 2.20 55.54 19.90
N THR B 304 1.78 56.71 20.40
CA THR B 304 0.49 57.25 19.98
C THR B 304 0.73 58.61 19.35
N GLY B 305 -0.30 59.13 18.66
CA GLY B 305 -0.39 60.54 18.35
C GLY B 305 -1.84 61.03 18.37
N PHE B 306 -2.00 62.32 18.70
CA PHE B 306 -3.26 63.01 18.51
C PHE B 306 -3.03 64.19 17.58
N ASP B 307 -3.76 64.20 16.46
CA ASP B 307 -3.72 65.32 15.52
C ASP B 307 -5.06 66.01 15.62
N ALA B 308 -5.06 67.35 15.56
CA ALA B 308 -6.27 68.11 15.82
C ALA B 308 -7.32 67.97 14.71
N THR B 309 -6.93 67.30 13.61
CA THR B 309 -7.74 67.25 12.40
C THR B 309 -8.14 65.81 12.04
N SER B 310 -7.15 64.90 12.14
CA SER B 310 -7.28 63.50 11.76
C SER B 310 -7.37 62.57 12.97
N GLY B 311 -7.26 63.14 14.18
CA GLY B 311 -7.59 62.44 15.40
C GLY B 311 -6.51 61.51 15.92
N PHE B 312 -6.92 60.31 16.39
CA PHE B 312 -6.01 59.46 17.11
C PHE B 312 -5.32 58.54 16.13
N SER B 313 -4.15 58.05 16.55
CA SER B 313 -3.30 57.11 15.80
C SER B 313 -2.43 56.32 16.78
N LEU B 314 -2.36 55.00 16.58
CA LEU B 314 -1.54 54.08 17.36
C LEU B 314 -0.54 53.38 16.45
N ASN B 315 0.76 53.58 16.75
CA ASN B 315 1.88 52.96 16.06
C ASN B 315 1.89 53.35 14.59
N GLY B 316 1.51 54.60 14.30
CA GLY B 316 1.55 55.06 12.92
C GLY B 316 0.21 54.95 12.19
N GLU B 317 -0.63 53.99 12.58
CA GLU B 317 -1.93 53.76 11.97
C GLU B 317 -3.00 54.63 12.62
N LYS B 318 -3.91 55.17 11.79
CA LYS B 318 -5.05 55.90 12.32
C LYS B 318 -6.04 54.92 12.95
N VAL B 319 -6.47 55.20 14.18
CA VAL B 319 -7.43 54.36 14.88
C VAL B 319 -8.53 55.24 15.47
N LYS B 320 -9.77 54.73 15.43
CA LYS B 320 -10.88 55.44 16.05
C LYS B 320 -11.05 54.92 17.48
N LEU B 321 -11.09 55.84 18.46
CA LEU B 321 -11.30 55.45 19.84
C LEU B 321 -12.78 55.10 20.02
N LYS B 322 -13.06 53.79 19.90
CA LYS B 322 -14.38 53.23 20.10
C LYS B 322 -14.47 52.79 21.56
N GLY B 323 -14.93 53.72 22.41
CA GLY B 323 -14.72 53.62 23.85
C GLY B 323 -15.99 53.49 24.67
N VAL B 324 -15.85 52.89 25.86
CA VAL B 324 -16.89 52.87 26.86
C VAL B 324 -16.29 53.44 28.14
N SER B 325 -17.12 54.18 28.90
CA SER B 325 -16.87 54.48 30.30
C SER B 325 -17.24 53.24 31.12
N MET B 326 -16.42 52.92 32.15
CA MET B 326 -16.68 51.80 33.04
C MET B 326 -16.39 52.23 34.48
N HIS B 327 -17.41 52.06 35.34
CA HIS B 327 -17.19 52.19 36.77
C HIS B 327 -16.53 50.90 37.27
N HIS B 328 -16.20 50.85 38.57
CA HIS B 328 -15.33 49.77 39.04
C HIS B 328 -16.12 48.55 39.50
N ASP B 329 -17.34 48.74 40.02
CA ASP B 329 -18.02 47.60 40.61
C ASP B 329 -18.21 46.47 39.58
N GLN B 330 -18.34 45.25 40.10
CA GLN B 330 -18.51 44.05 39.31
C GLN B 330 -19.88 43.45 39.61
N GLY B 331 -20.92 44.30 39.60
CA GLY B 331 -22.29 43.83 39.69
C GLY B 331 -22.59 43.17 41.04
N SER B 332 -23.05 41.92 40.96
CA SER B 332 -23.48 41.19 42.15
C SER B 332 -22.33 40.99 43.12
N LEU B 333 -21.08 41.03 42.65
CA LEU B 333 -19.90 40.88 43.50
C LEU B 333 -19.55 42.19 44.21
N GLY B 334 -20.25 43.29 43.90
CA GLY B 334 -19.92 44.59 44.49
C GLY B 334 -18.58 45.17 43.98
N ALA B 335 -17.91 45.95 44.82
CA ALA B 335 -16.68 46.64 44.46
C ALA B 335 -15.52 45.67 44.24
N VAL B 336 -15.66 44.43 44.73
CA VAL B 336 -14.62 43.43 44.67
C VAL B 336 -14.02 43.39 43.26
N ALA B 337 -12.70 43.62 43.17
CA ALA B 337 -12.01 43.70 41.90
C ALA B 337 -11.42 42.34 41.56
N ASN B 338 -12.30 41.34 41.42
CA ASN B 338 -11.92 39.99 41.04
C ASN B 338 -11.37 39.99 39.61
N ARG B 339 -10.16 39.44 39.41
CA ARG B 339 -9.50 39.54 38.11
C ARG B 339 -10.36 38.95 36.99
N ARG B 340 -11.00 37.81 37.23
CA ARG B 340 -11.80 37.14 36.19
C ARG B 340 -13.04 37.96 35.88
N ALA B 341 -13.70 38.49 36.92
CA ALA B 341 -14.83 39.39 36.75
C ALA B 341 -14.45 40.49 35.77
N ILE B 342 -13.36 41.18 36.08
CA ILE B 342 -12.81 42.29 35.32
C ILE B 342 -12.48 41.82 33.90
N GLU B 343 -11.83 40.67 33.79
CA GLU B 343 -11.43 40.10 32.51
C GLU B 343 -12.66 39.86 31.64
N ARG B 344 -13.68 39.22 32.23
CA ARG B 344 -14.93 38.91 31.55
C ARG B 344 -15.54 40.19 30.96
N GLN B 345 -15.56 41.28 31.74
CA GLN B 345 -16.08 42.54 31.26
C GLN B 345 -15.38 42.95 29.96
N VAL B 346 -14.04 42.95 29.99
CA VAL B 346 -13.27 43.36 28.84
C VAL B 346 -13.60 42.49 27.64
N GLU B 347 -13.72 41.18 27.88
CA GLU B 347 -13.97 40.21 26.82
C GLU B 347 -15.28 40.57 26.11
N ILE B 348 -16.33 40.82 26.90
CA ILE B 348 -17.65 41.14 26.40
C ILE B 348 -17.58 42.45 25.61
N LEU B 349 -16.83 43.44 26.14
CA LEU B 349 -16.66 44.71 25.49
C LEU B 349 -15.96 44.53 24.14
N GLN B 350 -14.89 43.71 24.13
CA GLN B 350 -14.15 43.46 22.90
C GLN B 350 -15.06 42.88 21.82
N LYS B 351 -15.92 41.94 22.22
CA LYS B 351 -16.86 41.33 21.30
C LYS B 351 -17.82 42.37 20.71
N MET B 352 -18.06 43.47 21.45
CA MET B 352 -18.89 44.55 20.98
C MET B 352 -18.16 45.39 19.94
N GLY B 353 -16.82 45.24 19.86
CA GLY B 353 -16.00 46.05 18.99
C GLY B 353 -15.27 47.19 19.71
N VAL B 354 -15.34 47.21 21.04
CA VAL B 354 -14.69 48.22 21.88
C VAL B 354 -13.18 48.04 21.78
N ASN B 355 -12.42 49.16 21.82
CA ASN B 355 -10.97 49.12 21.80
C ASN B 355 -10.39 50.05 22.87
N SER B 356 -11.27 50.67 23.67
CA SER B 356 -10.79 51.60 24.67
C SER B 356 -11.76 51.72 25.85
N ILE B 357 -11.20 51.85 27.05
CA ILE B 357 -11.97 52.01 28.28
C ILE B 357 -11.46 53.25 29.02
N ARG B 358 -12.42 54.09 29.45
CA ARG B 358 -12.15 55.24 30.29
C ARG B 358 -12.52 54.81 31.70
N THR B 359 -11.55 54.89 32.62
CA THR B 359 -11.72 54.44 34.00
C THR B 359 -12.43 55.52 34.81
N THR B 360 -13.72 55.66 34.52
CA THR B 360 -14.57 56.70 35.08
C THR B 360 -14.98 56.32 36.49
N HIS B 361 -14.72 57.22 37.46
CA HIS B 361 -13.89 58.39 37.37
C HIS B 361 -12.84 58.32 38.47
N ASN B 362 -11.89 57.40 38.30
CA ASN B 362 -10.98 57.01 39.36
C ASN B 362 -9.97 55.99 38.85
N PRO B 363 -8.78 55.83 39.48
CA PRO B 363 -7.80 54.84 39.01
C PRO B 363 -8.44 53.46 39.01
N ALA B 364 -8.13 52.65 37.98
CA ALA B 364 -8.55 51.25 37.88
C ALA B 364 -7.80 50.39 38.89
N ALA B 365 -8.33 49.18 39.16
CA ALA B 365 -7.59 48.11 39.80
C ALA B 365 -6.42 47.72 38.91
N LYS B 366 -5.26 47.40 39.52
CA LYS B 366 -4.13 47.00 38.69
C LYS B 366 -4.57 45.87 37.78
N ALA B 367 -5.43 44.99 38.31
CA ALA B 367 -5.95 43.88 37.52
C ALA B 367 -6.49 44.35 36.17
N LEU B 368 -7.19 45.49 36.14
CA LEU B 368 -7.77 45.94 34.88
C LEU B 368 -6.65 46.31 33.92
N ILE B 369 -5.66 47.05 34.46
CA ILE B 369 -4.51 47.47 33.68
C ILE B 369 -3.80 46.23 33.14
N ASP B 370 -3.55 45.25 34.02
CA ASP B 370 -2.95 43.98 33.65
C ASP B 370 -3.71 43.36 32.49
N VAL B 371 -5.04 43.28 32.63
CA VAL B 371 -5.90 42.64 31.65
C VAL B 371 -5.76 43.37 30.32
N CYS B 372 -5.90 44.69 30.35
CA CYS B 372 -5.86 45.49 29.14
C CYS B 372 -4.50 45.35 28.46
N ASN B 373 -3.44 45.27 29.24
CA ASN B 373 -2.11 45.01 28.70
C ASN B 373 -2.12 43.72 27.88
N GLU B 374 -2.70 42.65 28.41
CA GLU B 374 -2.56 41.38 27.71
C GLU B 374 -3.63 41.24 26.64
N LYS B 375 -4.79 41.87 26.83
CA LYS B 375 -5.93 41.73 25.92
C LYS B 375 -5.85 42.73 24.76
N GLY B 376 -5.05 43.80 24.92
CA GLY B 376 -4.88 44.80 23.88
C GLY B 376 -6.04 45.79 23.81
N VAL B 377 -6.26 46.56 24.89
CA VAL B 377 -7.33 47.54 24.98
C VAL B 377 -6.74 48.84 25.53
N LEU B 378 -7.08 49.96 24.86
CA LEU B 378 -6.52 51.24 25.24
C LEU B 378 -7.28 51.81 26.45
N VAL B 379 -6.53 52.13 27.50
CA VAL B 379 -7.08 52.64 28.75
C VAL B 379 -6.78 54.12 28.84
N VAL B 380 -7.82 54.91 29.12
CA VAL B 380 -7.64 56.29 29.53
C VAL B 380 -7.89 56.27 31.03
N GLU B 381 -6.80 56.30 31.82
CA GLU B 381 -6.91 56.14 33.26
C GLU B 381 -7.15 57.50 33.88
N GLU B 382 -8.39 57.68 34.38
CA GLU B 382 -8.85 58.89 35.04
C GLU B 382 -8.56 58.75 36.52
N VAL B 383 -8.01 59.80 37.14
CA VAL B 383 -7.55 59.77 38.53
C VAL B 383 -8.63 60.33 39.47
N PHE B 384 -9.37 61.32 39.00
CA PHE B 384 -10.27 62.08 39.85
C PHE B 384 -11.63 62.30 39.20
N ASP B 385 -12.65 62.46 40.07
CA ASP B 385 -13.94 62.97 39.62
C ASP B 385 -13.98 64.46 39.91
N MET B 386 -14.31 64.80 41.15
CA MET B 386 -14.35 66.20 41.57
C MET B 386 -12.92 66.59 41.96
N TRP B 387 -12.68 67.88 42.16
CA TRP B 387 -11.39 68.35 42.66
C TRP B 387 -11.55 68.84 44.10
N ASN B 388 -11.44 70.15 44.30
CA ASN B 388 -11.43 70.77 45.62
C ASN B 388 -12.82 71.08 46.15
N ARG B 389 -13.85 70.83 45.34
CA ARG B 389 -15.21 71.12 45.77
C ARG B 389 -16.04 69.86 45.57
N SER B 390 -16.78 69.44 46.59
CA SER B 390 -17.50 68.18 46.56
C SER B 390 -18.77 68.32 45.72
N LYS B 391 -19.31 67.21 45.25
CA LYS B 391 -20.45 67.23 44.34
C LYS B 391 -21.66 66.66 45.06
N ASN B 392 -22.84 67.24 44.78
CA ASN B 392 -24.14 66.72 45.15
C ASN B 392 -24.25 66.53 46.66
N GLY B 393 -23.55 67.41 47.41
CA GLY B 393 -23.60 67.43 48.86
C GLY B 393 -23.13 66.12 49.47
N ASN B 394 -22.33 65.36 48.69
CA ASN B 394 -21.57 64.24 49.20
C ASN B 394 -20.37 64.79 49.99
N THR B 395 -20.64 65.22 51.22
CA THR B 395 -19.70 66.04 51.98
C THR B 395 -18.44 65.24 52.33
N GLU B 396 -18.55 63.91 52.28
CA GLU B 396 -17.48 63.00 52.67
C GLU B 396 -16.70 62.46 51.46
N ASP B 397 -17.04 62.94 50.24
CA ASP B 397 -16.37 62.59 48.99
C ASP B 397 -14.99 63.23 48.93
N TYR B 398 -14.14 62.76 47.99
CA TYR B 398 -12.72 63.10 48.01
C TYR B 398 -12.48 64.61 47.97
N GLY B 399 -13.51 65.38 47.58
CA GLY B 399 -13.46 66.84 47.61
C GLY B 399 -12.94 67.34 48.95
N LYS B 400 -13.36 66.64 50.02
CA LYS B 400 -12.99 66.95 51.39
C LYS B 400 -11.47 66.96 51.54
N TRP B 401 -10.80 66.10 50.78
CA TRP B 401 -9.40 65.79 51.02
C TRP B 401 -8.46 66.33 49.94
N PHE B 402 -8.98 66.59 48.74
CA PHE B 402 -8.20 66.91 47.55
C PHE B 402 -7.10 67.91 47.86
N GLY B 403 -7.42 68.95 48.63
CA GLY B 403 -6.50 70.06 48.82
C GLY B 403 -5.77 70.02 50.17
N GLN B 404 -6.05 68.99 50.98
CA GLN B 404 -5.49 68.87 52.32
C GLN B 404 -4.05 68.37 52.23
N ALA B 405 -3.19 68.85 53.14
CA ALA B 405 -1.80 68.45 53.22
C ALA B 405 -1.71 67.10 53.91
N ILE B 406 -0.56 66.41 53.78
CA ILE B 406 -0.40 65.12 54.43
C ILE B 406 0.27 65.34 55.77
N ALA B 407 -0.16 64.59 56.79
CA ALA B 407 0.37 64.76 58.14
C ALA B 407 1.84 64.31 58.21
N GLY B 408 2.62 65.00 59.03
CA GLY B 408 4.04 64.68 59.19
C GLY B 408 4.24 63.27 59.74
N ASP B 409 3.33 62.85 60.63
CA ASP B 409 3.41 61.56 61.29
C ASP B 409 2.84 60.45 60.38
N ASN B 410 2.30 60.82 59.22
CA ASN B 410 1.64 59.89 58.31
C ASN B 410 2.66 59.28 57.36
N ALA B 411 2.90 57.98 57.49
CA ALA B 411 4.00 57.29 56.85
C ALA B 411 3.53 56.54 55.59
N VAL B 412 2.37 56.95 55.07
CA VAL B 412 1.83 56.36 53.86
C VAL B 412 2.81 56.61 52.71
N LEU B 413 2.85 55.69 51.74
CA LEU B 413 3.80 55.72 50.64
C LEU B 413 3.10 55.44 49.31
N GLY B 414 3.68 55.97 48.23
CA GLY B 414 3.28 55.57 46.90
C GLY B 414 3.43 56.71 45.90
N GLY B 415 3.27 57.94 46.40
CA GLY B 415 3.32 59.15 45.62
C GLY B 415 4.03 60.25 46.40
N ASP B 416 4.09 61.46 45.83
CA ASP B 416 4.79 62.58 46.43
C ASP B 416 3.96 63.14 47.60
N LYS B 417 4.65 63.36 48.73
CA LYS B 417 3.96 63.73 49.94
C LYS B 417 4.13 65.22 50.26
N ASP B 418 4.70 65.98 49.32
CA ASP B 418 5.21 67.30 49.65
C ASP B 418 4.15 68.37 49.40
N GLU B 419 2.99 68.01 48.84
CA GLU B 419 1.95 69.02 48.65
C GLU B 419 0.62 68.50 49.20
N THR B 420 -0.37 68.31 48.33
CA THR B 420 -1.71 67.89 48.72
C THR B 420 -1.93 66.42 48.37
N TRP B 421 -3.05 65.88 48.86
CA TRP B 421 -3.44 64.50 48.62
C TRP B 421 -3.57 64.28 47.12
N ALA B 422 -4.06 65.32 46.43
CA ALA B 422 -4.27 65.30 45.00
C ALA B 422 -2.97 64.88 44.32
N LYS B 423 -1.86 65.54 44.67
CA LYS B 423 -0.57 65.23 44.09
C LYS B 423 -0.21 63.78 44.40
N PHE B 424 -0.35 63.39 45.67
CA PHE B 424 0.02 62.04 46.12
C PHE B 424 -0.75 60.98 45.36
N ASP B 425 -2.08 61.16 45.24
CA ASP B 425 -2.94 60.17 44.63
C ASP B 425 -2.67 60.08 43.13
N LEU B 426 -2.39 61.24 42.52
CA LEU B 426 -2.11 61.34 41.10
C LEU B 426 -0.77 60.67 40.81
N THR B 427 0.28 61.11 41.53
CA THR B 427 1.63 60.61 41.33
C THR B 427 1.71 59.12 41.68
N SER B 428 0.95 58.68 42.68
CA SER B 428 0.92 57.27 43.03
C SER B 428 0.36 56.46 41.86
N THR B 429 -0.76 56.92 41.28
CA THR B 429 -1.38 56.16 40.21
C THR B 429 -0.41 56.06 39.03
N ILE B 430 0.19 57.20 38.66
CA ILE B 430 1.14 57.26 37.55
C ILE B 430 2.31 56.32 37.83
N ASN B 431 2.87 56.38 39.05
CA ASN B 431 3.99 55.52 39.43
C ASN B 431 3.68 54.04 39.18
N ARG B 432 2.45 53.64 39.49
CA ARG B 432 2.04 52.25 39.38
C ARG B 432 1.94 51.84 37.91
N ASP B 433 1.44 52.74 37.05
CA ASP B 433 0.98 52.37 35.73
C ASP B 433 1.86 52.92 34.60
N ARG B 434 2.98 53.54 34.96
CA ARG B 434 3.77 54.33 34.03
C ARG B 434 4.30 53.48 32.87
N ASN B 435 4.38 52.15 33.05
CA ASN B 435 5.03 51.33 32.05
C ASN B 435 3.99 50.51 31.29
N ALA B 436 2.71 50.72 31.59
CA ALA B 436 1.64 49.92 31.01
C ALA B 436 1.38 50.37 29.57
N PRO B 437 1.67 49.55 28.54
CA PRO B 437 1.39 49.91 27.16
C PRO B 437 -0.06 50.36 26.91
N SER B 438 -1.00 49.79 27.67
CA SER B 438 -2.42 50.00 27.42
C SER B 438 -2.87 51.43 27.76
N VAL B 439 -2.19 52.08 28.72
CA VAL B 439 -2.58 53.39 29.20
C VAL B 439 -2.07 54.42 28.20
N ILE B 440 -2.99 55.18 27.58
CA ILE B 440 -2.63 56.11 26.52
C ILE B 440 -2.67 57.55 27.03
N MET B 441 -3.55 57.84 28.01
CA MET B 441 -3.67 59.18 28.59
C MET B 441 -4.01 59.10 30.07
N TRP B 442 -3.60 60.15 30.80
CA TRP B 442 -3.99 60.41 32.18
C TRP B 442 -5.12 61.44 32.18
N SER B 443 -6.35 61.02 32.53
CA SER B 443 -7.49 61.92 32.69
C SER B 443 -7.46 62.47 34.12
N LEU B 444 -7.52 63.81 34.25
CA LEU B 444 -7.17 64.49 35.49
C LEU B 444 -8.41 64.97 36.25
N GLY B 445 -9.62 64.68 35.73
CA GLY B 445 -10.85 65.12 36.36
C GLY B 445 -12.04 64.92 35.42
N ASN B 446 -13.25 64.95 36.00
CA ASN B 446 -14.47 64.76 35.24
C ASN B 446 -15.54 65.71 35.76
N GLU B 447 -16.16 66.47 34.85
CA GLU B 447 -17.20 67.42 35.20
C GLU B 447 -16.84 68.16 36.49
N MET B 448 -15.62 68.71 36.55
CA MET B 448 -15.03 69.28 37.75
C MET B 448 -15.93 70.37 38.34
N MET B 449 -16.72 71.03 37.47
CA MET B 449 -17.42 72.23 37.90
C MET B 449 -18.94 72.00 37.97
N GLU B 450 -19.35 70.73 37.87
CA GLU B 450 -20.74 70.30 37.88
C GLU B 450 -21.09 69.79 39.27
N GLY B 451 -22.27 70.17 39.75
CA GLY B 451 -22.81 69.66 41.00
C GLY B 451 -22.15 70.24 42.25
N ILE B 452 -21.59 71.46 42.12
CA ILE B 452 -20.76 72.04 43.17
C ILE B 452 -21.26 73.44 43.54
N SER B 453 -20.62 74.06 44.54
CA SER B 453 -21.05 75.36 45.08
C SER B 453 -19.95 76.41 44.98
N GLY B 454 -20.35 77.66 44.77
CA GLY B 454 -19.43 78.77 44.88
C GLY B 454 -18.68 79.03 43.58
N SER B 455 -17.74 79.99 43.63
CA SER B 455 -17.06 80.49 42.46
C SER B 455 -16.32 79.33 41.81
N VAL B 456 -16.17 79.42 40.47
CA VAL B 456 -15.37 78.44 39.76
C VAL B 456 -14.10 79.09 39.19
N SER B 457 -13.90 80.37 39.49
CA SER B 457 -12.81 81.15 38.91
C SER B 457 -11.46 80.55 39.30
N GLY B 458 -11.44 79.75 40.37
CA GLY B 458 -10.22 79.13 40.85
C GLY B 458 -9.82 77.89 40.04
N PHE B 459 -10.79 77.31 39.34
CA PHE B 459 -10.65 76.01 38.68
C PHE B 459 -9.52 76.00 37.66
N PRO B 460 -9.45 76.95 36.70
CA PRO B 460 -8.39 76.92 35.70
C PRO B 460 -6.99 76.87 36.30
N ALA B 461 -6.82 77.49 37.47
CA ALA B 461 -5.55 77.46 38.19
C ALA B 461 -5.27 76.07 38.76
N THR B 462 -6.29 75.45 39.35
CA THR B 462 -6.21 74.09 39.89
C THR B 462 -5.91 73.12 38.75
N SER B 463 -6.55 73.30 37.59
CA SER B 463 -6.29 72.48 36.43
C SER B 463 -4.80 72.49 36.08
N ALA B 464 -4.23 73.69 35.95
CA ALA B 464 -2.86 73.86 35.52
C ALA B 464 -1.91 73.14 36.48
N LYS B 465 -2.20 73.25 37.78
CA LYS B 465 -1.39 72.63 38.82
C LYS B 465 -1.33 71.12 38.61
N LEU B 466 -2.50 70.52 38.28
CA LEU B 466 -2.60 69.08 38.05
C LEU B 466 -1.87 68.71 36.77
N VAL B 467 -2.06 69.52 35.71
CA VAL B 467 -1.39 69.32 34.44
C VAL B 467 0.13 69.30 34.66
N ALA B 468 0.65 70.31 35.35
CA ALA B 468 2.07 70.43 35.66
C ALA B 468 2.58 69.16 36.34
N TRP B 469 1.85 68.72 37.38
CA TRP B 469 2.25 67.55 38.15
C TRP B 469 2.38 66.33 37.24
N THR B 470 1.38 66.17 36.35
CA THR B 470 1.29 65.03 35.45
C THR B 470 2.48 65.06 34.50
N LYS B 471 2.71 66.22 33.87
CA LYS B 471 3.78 66.39 32.90
C LYS B 471 5.09 65.95 33.54
N ALA B 472 5.28 66.37 34.80
CA ALA B 472 6.52 66.12 35.51
C ALA B 472 6.59 64.66 35.95
N ALA B 473 5.43 64.03 36.10
CA ALA B 473 5.37 62.67 36.60
C ALA B 473 5.60 61.67 35.46
N ASP B 474 5.11 61.99 34.25
CA ASP B 474 5.22 61.11 33.11
C ASP B 474 5.14 61.93 31.84
N SER B 475 6.30 62.20 31.24
CA SER B 475 6.40 62.98 30.01
C SER B 475 5.79 62.23 28.83
N THR B 476 5.57 60.92 28.98
CA THR B 476 5.41 60.07 27.81
C THR B 476 3.98 60.03 27.27
N ARG B 477 3.00 60.54 28.03
CA ARG B 477 1.60 60.37 27.64
C ARG B 477 0.86 61.69 27.80
N PRO B 478 -0.06 62.06 26.88
CA PRO B 478 -0.84 63.28 27.05
C PRO B 478 -1.78 63.17 28.24
N MET B 479 -1.91 64.28 28.98
CA MET B 479 -2.92 64.41 30.00
C MET B 479 -4.20 64.97 29.37
N THR B 480 -5.33 64.81 30.07
CA THR B 480 -6.65 65.18 29.58
C THR B 480 -7.60 65.26 30.77
N TYR B 481 -8.87 65.59 30.47
CA TYR B 481 -9.96 65.60 31.44
C TYR B 481 -11.27 65.47 30.65
N GLY B 482 -12.39 65.47 31.36
CA GLY B 482 -13.69 65.34 30.69
C GLY B 482 -14.60 66.44 31.21
N ASP B 483 -14.76 67.46 30.37
CA ASP B 483 -15.38 68.72 30.75
C ASP B 483 -16.73 68.83 30.04
N ASN B 484 -17.77 69.18 30.81
CA ASN B 484 -19.13 69.24 30.29
C ASN B 484 -19.58 70.70 30.19
N LYS B 485 -18.67 71.64 30.47
CA LYS B 485 -18.94 73.06 30.31
C LYS B 485 -18.27 73.60 29.04
N ILE B 486 -17.57 72.74 28.29
CA ILE B 486 -17.08 73.13 26.97
C ILE B 486 -18.29 73.40 26.09
N LYS B 487 -19.31 72.54 26.20
CA LYS B 487 -20.51 72.70 25.39
C LYS B 487 -21.26 73.97 25.77
N ALA B 488 -21.05 74.48 26.99
CA ALA B 488 -21.70 75.70 27.45
C ALA B 488 -20.84 76.93 27.23
N ASN B 489 -19.65 76.74 26.64
CA ASN B 489 -18.71 77.80 26.34
C ASN B 489 -18.35 78.64 27.57
N TRP B 490 -18.24 78.00 28.73
CA TRP B 490 -17.76 78.67 29.94
C TRP B 490 -16.31 79.12 29.76
N ASN B 491 -16.00 80.30 30.31
CA ASN B 491 -14.69 80.92 30.20
C ASN B 491 -13.65 79.96 30.77
N GLU B 492 -13.87 79.57 32.04
CA GLU B 492 -13.01 78.63 32.74
C GLU B 492 -12.66 77.45 31.82
N SER B 493 -13.66 76.88 31.15
CA SER B 493 -13.52 75.68 30.31
C SER B 493 -12.54 75.92 29.16
N ASN B 494 -12.54 77.15 28.64
CA ASN B 494 -11.73 77.58 27.50
C ASN B 494 -10.28 77.76 27.95
N THR B 495 -10.06 78.52 29.04
CA THR B 495 -8.73 78.72 29.58
C THR B 495 -8.07 77.37 29.82
N MET B 496 -8.84 76.41 30.37
CA MET B 496 -8.32 75.15 30.86
C MET B 496 -7.85 74.28 29.69
N GLY B 497 -8.58 74.35 28.57
CA GLY B 497 -8.28 73.61 27.35
C GLY B 497 -7.04 74.15 26.63
N ASP B 498 -6.87 75.48 26.67
CA ASP B 498 -5.67 76.09 26.13
C ASP B 498 -4.47 75.53 26.87
N ASN B 499 -4.54 75.53 28.21
CA ASN B 499 -3.45 75.07 29.05
C ASN B 499 -3.22 73.56 28.86
N LEU B 500 -4.32 72.81 28.69
CA LEU B 500 -4.19 71.41 28.31
C LEU B 500 -3.36 71.31 27.03
N THR B 501 -3.85 72.00 25.99
CA THR B 501 -3.26 71.95 24.67
C THR B 501 -1.79 72.36 24.75
N ALA B 502 -1.51 73.41 25.54
CA ALA B 502 -0.18 73.98 25.61
C ALA B 502 0.82 72.99 26.21
N ASN B 503 0.34 71.98 26.95
CA ASN B 503 1.23 71.05 27.61
C ASN B 503 1.09 69.67 26.99
N GLY B 504 0.61 69.65 25.76
CA GLY B 504 0.57 68.43 24.97
C GLY B 504 -0.62 67.56 25.33
N GLY B 505 -1.67 68.20 25.86
CA GLY B 505 -2.88 67.50 26.27
C GLY B 505 -3.91 67.36 25.15
N VAL B 506 -4.82 66.42 25.34
CA VAL B 506 -6.02 66.25 24.53
C VAL B 506 -7.22 66.70 25.38
N VAL B 507 -8.18 67.39 24.75
CA VAL B 507 -9.32 67.98 25.45
C VAL B 507 -10.54 67.08 25.27
N GLY B 508 -11.12 66.64 26.40
CA GLY B 508 -12.32 65.82 26.35
C GLY B 508 -13.55 66.65 26.63
N THR B 509 -14.46 66.70 25.64
CA THR B 509 -15.76 67.31 25.82
C THR B 509 -16.79 66.22 26.11
N ASN B 510 -17.62 66.49 27.12
CA ASN B 510 -18.68 65.60 27.55
C ASN B 510 -20.00 66.09 26.96
N TYR B 511 -20.71 65.16 26.30
CA TYR B 511 -22.09 65.34 25.88
C TYR B 511 -22.23 66.49 24.89
N SER B 512 -21.35 66.56 23.89
CA SER B 512 -21.43 67.51 22.78
C SER B 512 -22.19 66.89 21.60
N ASP B 513 -23.08 67.67 20.96
CA ASP B 513 -23.67 67.23 19.69
C ASP B 513 -22.71 67.54 18.55
N GLY B 514 -23.01 67.02 17.35
CA GLY B 514 -22.19 67.29 16.18
C GLY B 514 -21.93 68.78 15.99
N ALA B 515 -22.98 69.59 16.17
CA ALA B 515 -22.92 71.03 15.96
C ALA B 515 -21.88 71.67 16.88
N ASN B 516 -21.81 71.16 18.12
CA ASN B 516 -20.90 71.65 19.14
C ASN B 516 -19.48 71.18 18.84
N TYR B 517 -19.32 69.93 18.38
CA TYR B 517 -18.00 69.46 17.95
C TYR B 517 -17.43 70.45 16.94
N ASP B 518 -18.26 70.91 16.00
CA ASP B 518 -17.85 71.86 14.98
C ASP B 518 -17.55 73.22 15.60
N LYS B 519 -18.37 73.69 16.54
CA LYS B 519 -18.12 74.98 17.19
C LYS B 519 -16.73 74.95 17.81
N ILE B 520 -16.38 73.81 18.44
CA ILE B 520 -15.12 73.66 19.15
C ILE B 520 -13.97 73.76 18.15
N ARG B 521 -14.07 73.01 17.04
CA ARG B 521 -12.99 72.98 16.05
C ARG B 521 -12.70 74.40 15.55
N THR B 522 -13.78 75.14 15.25
CA THR B 522 -13.69 76.49 14.72
C THR B 522 -13.09 77.42 15.76
N THR B 523 -13.66 77.40 16.97
CA THR B 523 -13.30 78.30 18.04
C THR B 523 -11.93 77.98 18.64
N HIS B 524 -11.46 76.73 18.49
CA HIS B 524 -10.23 76.26 19.13
C HIS B 524 -9.48 75.33 18.18
N PRO B 525 -8.85 75.86 17.11
CA PRO B 525 -8.19 75.03 16.12
C PRO B 525 -7.01 74.23 16.67
N SER B 526 -6.39 74.74 17.74
CA SER B 526 -5.22 74.13 18.36
C SER B 526 -5.60 72.84 19.09
N TRP B 527 -6.83 72.79 19.61
CA TRP B 527 -7.29 71.68 20.43
C TRP B 527 -7.42 70.41 19.60
N ALA B 528 -6.87 69.30 20.12
CA ALA B 528 -7.25 67.96 19.71
C ALA B 528 -8.36 67.49 20.63
N ILE B 529 -9.47 67.00 20.08
CA ILE B 529 -10.65 66.74 20.91
C ILE B 529 -11.18 65.31 20.72
N TYR B 530 -11.84 64.80 21.76
CA TYR B 530 -12.59 63.54 21.71
C TYR B 530 -13.87 63.71 22.53
N GLY B 531 -14.82 62.79 22.35
CA GLY B 531 -15.98 62.71 23.23
C GLY B 531 -15.66 61.91 24.49
N SER B 532 -15.30 62.61 25.57
CA SER B 532 -14.85 62.01 26.81
C SER B 532 -15.98 61.24 27.50
N GLU B 533 -17.21 61.71 27.33
CA GLU B 533 -18.38 61.03 27.87
C GLU B 533 -19.57 61.36 26.97
N THR B 534 -20.24 60.32 26.45
CA THR B 534 -21.22 60.49 25.39
C THR B 534 -22.42 59.58 25.64
N ALA B 535 -23.57 59.93 25.02
CA ALA B 535 -24.78 59.12 25.01
C ALA B 535 -25.58 59.26 26.30
N SER B 536 -25.22 58.47 27.34
CA SER B 536 -26.00 58.38 28.56
C SER B 536 -27.44 57.96 28.22
N ALA B 537 -27.56 57.00 27.30
CA ALA B 537 -28.85 56.42 26.96
C ALA B 537 -29.31 55.49 28.07
N ILE B 538 -30.62 55.51 28.37
CA ILE B 538 -31.18 54.72 29.46
C ILE B 538 -32.19 53.71 28.94
N ASN B 539 -31.84 52.42 29.08
CA ASN B 539 -32.60 51.28 28.57
C ASN B 539 -32.49 50.11 29.56
N SER B 540 -33.50 49.25 29.66
CA SER B 540 -33.45 47.98 30.37
C SER B 540 -33.23 46.89 29.33
N ARG B 541 -33.07 45.62 29.79
CA ARG B 541 -32.88 44.52 28.87
C ARG B 541 -34.21 43.86 28.54
N GLY B 542 -34.49 43.68 27.24
CA GLY B 542 -35.56 42.80 26.78
C GLY B 542 -36.96 43.38 26.93
N ILE B 543 -37.09 44.69 27.11
CA ILE B 543 -38.36 45.38 27.25
C ILE B 543 -38.78 45.96 25.89
N TYR B 544 -40.00 45.61 25.42
CA TYR B 544 -40.41 45.91 24.05
C TYR B 544 -41.83 46.44 23.92
N ASN B 545 -42.58 46.43 25.03
CA ASN B 545 -43.99 46.72 25.02
C ASN B 545 -44.26 48.20 24.77
N ARG B 546 -43.23 49.05 24.90
CA ARG B 546 -43.30 50.43 24.46
C ARG B 546 -42.04 50.75 23.66
N THR B 547 -41.99 51.92 23.01
CA THR B 547 -40.80 52.32 22.26
C THR B 547 -40.31 53.70 22.69
N THR B 548 -40.71 54.12 23.89
CA THR B 548 -40.42 55.46 24.38
C THR B 548 -39.82 55.34 25.77
N GLY B 549 -39.16 56.41 26.21
CA GLY B 549 -38.55 56.39 27.54
C GLY B 549 -38.05 57.77 27.91
N GLY B 550 -36.83 57.81 28.46
CA GLY B 550 -36.21 59.06 28.83
C GLY B 550 -36.82 59.66 30.08
N ALA B 551 -37.75 58.91 30.70
CA ALA B 551 -38.42 59.37 31.91
C ALA B 551 -38.89 58.16 32.72
N GLN B 552 -39.23 58.44 33.99
CA GLN B 552 -39.69 57.40 34.91
C GLN B 552 -40.91 56.71 34.33
N SER B 553 -40.84 55.38 34.19
CA SER B 553 -41.93 54.53 33.80
C SER B 553 -42.74 54.09 35.03
N SER B 554 -43.95 53.57 34.76
CA SER B 554 -44.81 52.94 35.73
C SER B 554 -44.20 51.64 36.25
N ASP B 555 -43.58 50.85 35.37
CA ASP B 555 -43.12 49.50 35.68
C ASP B 555 -41.64 49.45 36.07
N LYS B 556 -41.02 50.62 36.31
CA LYS B 556 -39.67 50.72 36.83
C LYS B 556 -38.64 50.08 35.88
N GLN B 557 -38.95 50.08 34.58
CA GLN B 557 -38.04 49.65 33.53
C GLN B 557 -38.14 50.63 32.35
N LEU B 558 -37.28 50.46 31.35
CA LEU B 558 -37.20 51.36 30.20
C LEU B 558 -37.02 50.54 28.91
N THR B 559 -37.62 51.05 27.83
CA THR B 559 -37.60 50.38 26.53
C THR B 559 -36.18 49.99 26.11
N SER B 560 -36.07 48.86 25.40
CA SER B 560 -34.80 48.40 24.87
C SER B 560 -34.49 49.01 23.51
N TYR B 561 -35.52 49.59 22.88
CA TYR B 561 -35.36 50.37 21.65
C TYR B 561 -34.49 51.58 21.98
N ASP B 562 -33.73 52.07 20.98
CA ASP B 562 -32.78 53.13 21.20
C ASP B 562 -33.43 54.51 21.03
N ASN B 563 -34.42 54.79 21.89
CA ASN B 563 -35.21 56.00 21.79
C ASN B 563 -35.29 56.69 23.14
N SER B 564 -34.54 56.13 24.10
CA SER B 564 -34.61 56.56 25.49
C SER B 564 -33.21 57.02 25.90
N ALA B 565 -33.14 58.26 26.37
CA ALA B 565 -31.91 58.88 26.85
C ALA B 565 -32.24 60.01 27.82
N VAL B 566 -31.27 60.39 28.65
CA VAL B 566 -31.40 61.49 29.59
C VAL B 566 -31.45 62.79 28.79
N GLY B 567 -31.81 63.88 29.49
CA GLY B 567 -32.07 65.15 28.83
C GLY B 567 -30.79 65.78 28.30
N TRP B 568 -29.65 65.52 28.97
CA TRP B 568 -28.38 66.13 28.60
C TRP B 568 -27.68 65.33 27.49
N GLY B 569 -28.05 64.05 27.39
CA GLY B 569 -27.36 63.11 26.52
C GLY B 569 -28.02 63.00 25.15
N ALA B 570 -27.94 61.80 24.58
CA ALA B 570 -28.48 61.46 23.27
C ALA B 570 -28.45 59.95 23.10
N VAL B 571 -29.33 59.44 22.22
CA VAL B 571 -29.39 58.01 21.91
C VAL B 571 -28.13 57.56 21.18
N ALA B 572 -27.89 56.24 21.15
CA ALA B 572 -26.67 55.66 20.63
C ALA B 572 -26.44 56.10 19.18
N SER B 573 -27.46 55.85 18.33
CA SER B 573 -27.45 56.26 16.94
C SER B 573 -26.92 57.68 16.79
N SER B 574 -27.36 58.59 17.68
CA SER B 574 -27.05 60.01 17.56
C SER B 574 -25.58 60.29 17.91
N ALA B 575 -25.14 59.80 19.07
CA ALA B 575 -23.85 60.13 19.60
C ALA B 575 -22.74 59.50 18.77
N TRP B 576 -23.03 58.34 18.14
CA TRP B 576 -22.07 57.70 17.25
C TRP B 576 -22.01 58.40 15.91
N TYR B 577 -23.19 58.75 15.36
CA TYR B 577 -23.30 59.40 14.07
C TYR B 577 -22.48 60.69 14.09
N ASP B 578 -22.72 61.52 15.12
CA ASP B 578 -22.02 62.78 15.29
C ASP B 578 -20.49 62.58 15.31
N VAL B 579 -20.04 61.40 15.77
CA VAL B 579 -18.62 61.16 15.96
C VAL B 579 -18.00 60.56 14.70
N VAL B 580 -18.67 59.55 14.12
CA VAL B 580 -18.04 58.71 13.12
C VAL B 580 -17.66 59.55 11.89
N GLN B 581 -18.53 60.53 11.59
CA GLN B 581 -18.45 61.45 10.46
C GLN B 581 -17.24 62.40 10.56
N ARG B 582 -16.82 62.72 11.78
CA ARG B 582 -15.79 63.73 12.00
C ARG B 582 -14.45 63.10 12.40
N ASP B 583 -13.48 63.11 11.49
CA ASP B 583 -12.14 62.61 11.74
C ASP B 583 -11.45 63.37 12.87
N PHE B 584 -11.87 64.60 13.14
CA PHE B 584 -11.23 65.48 14.13
C PHE B 584 -11.75 65.22 15.55
N VAL B 585 -12.83 64.41 15.64
CA VAL B 585 -13.31 63.89 16.91
C VAL B 585 -12.74 62.48 17.08
N ALA B 586 -11.67 62.38 17.90
CA ALA B 586 -10.73 61.26 17.88
C ALA B 586 -11.42 59.94 18.22
N GLY B 587 -12.47 60.02 19.05
CA GLY B 587 -13.32 58.90 19.42
C GLY B 587 -14.40 59.28 20.44
N THR B 588 -15.16 58.28 20.89
CA THR B 588 -16.25 58.40 21.86
C THR B 588 -15.97 57.47 23.03
N TYR B 589 -16.36 57.87 24.24
CA TYR B 589 -16.37 56.99 25.42
C TYR B 589 -17.78 56.96 26.03
N VAL B 590 -18.58 55.99 25.57
CA VAL B 590 -20.00 55.92 25.82
C VAL B 590 -20.25 55.66 27.31
N TRP B 591 -21.28 56.33 27.83
CA TRP B 591 -21.75 56.15 29.19
C TRP B 591 -22.99 55.26 29.16
N THR B 592 -22.85 54.01 29.65
CA THR B 592 -21.60 53.35 30.00
C THR B 592 -21.55 51.97 29.34
N GLY B 593 -20.39 51.31 29.46
CA GLY B 593 -20.22 49.98 28.89
C GLY B 593 -21.11 48.97 29.58
N PHE B 594 -21.00 48.93 30.91
CA PHE B 594 -21.77 48.06 31.79
C PHE B 594 -22.54 48.90 32.80
N ASP B 595 -23.76 48.46 33.12
CA ASP B 595 -24.54 49.02 34.21
C ASP B 595 -23.73 48.91 35.49
N TYR B 596 -23.86 49.90 36.39
CA TYR B 596 -23.17 49.88 37.66
C TYR B 596 -24.18 50.06 38.79
N LEU B 597 -23.85 49.62 40.01
CA LEU B 597 -24.72 49.84 41.16
C LEU B 597 -24.77 51.34 41.48
N GLY B 598 -25.97 51.85 41.77
CA GLY B 598 -26.16 53.26 42.10
C GLY B 598 -26.65 54.05 40.89
N GLU B 599 -26.67 55.39 41.04
CA GLU B 599 -27.06 56.31 39.98
C GLU B 599 -28.19 55.72 39.12
N PRO B 600 -29.37 55.46 39.73
CA PRO B 600 -30.45 54.81 39.01
C PRO B 600 -31.27 55.77 38.14
N THR B 601 -30.62 56.83 37.64
CA THR B 601 -31.28 57.78 36.74
C THR B 601 -32.05 57.00 35.70
N PRO B 602 -33.34 57.32 35.38
CA PRO B 602 -34.02 58.53 35.88
C PRO B 602 -34.61 58.55 37.30
N TRP B 603 -34.46 57.46 38.06
CA TRP B 603 -34.90 57.39 39.46
C TRP B 603 -33.76 57.67 40.44
N ASN B 604 -33.02 58.77 40.22
CA ASN B 604 -31.82 59.05 41.00
C ASN B 604 -32.18 59.86 42.26
N GLY B 605 -31.30 59.82 43.26
CA GLY B 605 -31.49 60.58 44.48
C GLY B 605 -30.16 60.90 45.17
N THR B 606 -29.83 62.19 45.24
CA THR B 606 -28.63 62.68 45.89
C THR B 606 -28.87 62.85 47.40
N GLY B 607 -30.16 62.83 47.79
CA GLY B 607 -30.55 62.92 49.19
C GLY B 607 -31.13 61.62 49.73
N SER B 608 -31.24 61.55 51.06
CA SER B 608 -31.77 60.39 51.77
C SER B 608 -33.24 60.16 51.38
N GLY B 609 -33.67 58.90 51.24
CA GLY B 609 -35.07 58.58 50.99
C GLY B 609 -35.29 57.81 49.69
N ALA B 610 -36.32 56.94 49.66
CA ALA B 610 -36.70 56.18 48.47
C ALA B 610 -37.20 57.08 47.34
N VAL B 611 -37.10 56.60 46.09
CA VAL B 611 -37.49 57.36 44.91
C VAL B 611 -38.57 56.56 44.19
N GLY B 612 -39.78 57.14 44.13
CA GLY B 612 -40.95 56.37 43.75
C GLY B 612 -41.26 55.32 44.81
N SER B 613 -42.11 54.34 44.45
CA SER B 613 -42.43 53.28 45.39
C SER B 613 -41.21 52.38 45.57
N TRP B 614 -40.99 51.96 46.83
CA TRP B 614 -40.00 50.96 47.21
C TRP B 614 -40.56 49.59 46.84
N PRO B 615 -39.76 48.62 46.35
CA PRO B 615 -38.31 48.79 46.18
C PRO B 615 -37.99 49.67 44.97
N SER B 616 -37.17 50.72 45.21
CA SER B 616 -36.79 51.67 44.18
C SER B 616 -35.66 51.09 43.32
N PRO B 617 -35.45 51.54 42.07
CA PRO B 617 -34.35 51.03 41.26
C PRO B 617 -33.05 51.42 41.99
N LYS B 618 -32.13 50.45 42.11
CA LYS B 618 -30.93 50.55 42.93
C LYS B 618 -29.65 50.53 42.09
N ASN B 619 -29.77 50.31 40.77
CA ASN B 619 -28.63 50.28 39.87
C ASN B 619 -28.94 51.07 38.59
N SER B 620 -27.99 51.09 37.63
CA SER B 620 -27.99 52.02 36.50
C SER B 620 -28.80 51.49 35.32
N TYR B 621 -29.17 52.41 34.40
CA TYR B 621 -29.84 52.03 33.17
C TYR B 621 -28.98 52.35 31.94
N PHE B 622 -27.78 52.90 32.18
CA PHE B 622 -26.93 53.48 31.15
C PHE B 622 -26.21 52.42 30.32
N GLY B 623 -25.86 51.31 30.96
CA GLY B 623 -25.06 50.23 30.39
C GLY B 623 -25.60 49.73 29.05
N ILE B 624 -24.66 49.47 28.13
CA ILE B 624 -24.94 48.70 26.92
C ILE B 624 -25.20 47.26 27.36
N VAL B 625 -24.55 46.86 28.45
CA VAL B 625 -24.64 45.53 29.02
C VAL B 625 -25.07 45.70 30.48
N ASP B 626 -25.98 44.83 30.95
CA ASP B 626 -26.48 44.90 32.32
C ASP B 626 -25.48 44.29 33.28
N THR B 627 -25.73 44.49 34.59
CA THR B 627 -24.78 44.15 35.64
C THR B 627 -24.32 42.70 35.53
N ALA B 628 -25.16 41.83 34.95
CA ALA B 628 -24.87 40.41 34.88
C ALA B 628 -23.97 40.08 33.69
N GLY B 629 -23.87 40.99 32.73
CA GLY B 629 -23.05 40.73 31.56
C GLY B 629 -23.90 40.28 30.38
N PHE B 630 -25.22 40.46 30.53
CA PHE B 630 -26.18 40.20 29.46
C PHE B 630 -26.30 41.47 28.60
N PRO B 631 -26.03 41.38 27.29
CA PRO B 631 -26.13 42.53 26.39
C PRO B 631 -27.58 43.00 26.30
N LYS B 632 -27.77 44.33 26.23
CA LYS B 632 -29.04 44.91 25.80
C LYS B 632 -29.00 44.97 24.27
N ASP B 633 -30.10 45.40 23.63
CA ASP B 633 -30.20 45.22 22.19
C ASP B 633 -29.24 46.16 21.49
N THR B 634 -29.14 47.38 22.03
CA THR B 634 -28.27 48.44 21.55
C THR B 634 -26.86 47.90 21.30
N TYR B 635 -26.46 46.83 22.02
CA TYR B 635 -25.13 46.22 21.97
C TYR B 635 -24.81 45.82 20.53
N TYR B 636 -25.80 45.26 19.84
CA TYR B 636 -25.60 44.78 18.49
C TYR B 636 -25.58 45.94 17.49
N PHE B 637 -26.20 47.06 17.85
CA PHE B 637 -25.97 48.28 17.09
C PHE B 637 -24.48 48.64 17.15
N TYR B 638 -23.93 48.77 18.37
CA TYR B 638 -22.52 49.12 18.53
C TYR B 638 -21.65 48.11 17.78
N GLN B 639 -21.97 46.82 17.90
CA GLN B 639 -21.22 45.78 17.22
C GLN B 639 -21.24 46.01 15.72
N SER B 640 -22.42 46.37 15.19
CA SER B 640 -22.62 46.61 13.77
C SER B 640 -21.71 47.76 13.32
N GLN B 641 -21.47 48.70 14.25
CA GLN B 641 -20.74 49.91 13.95
C GLN B 641 -19.25 49.78 14.26
N TRP B 642 -18.82 48.81 15.12
CA TRP B 642 -17.47 48.84 15.70
C TRP B 642 -16.63 47.59 15.44
N ASN B 643 -17.24 46.40 15.35
CA ASN B 643 -16.48 45.15 15.24
C ASN B 643 -16.28 44.76 13.79
N ASP B 644 -15.01 44.87 13.35
CA ASP B 644 -14.67 44.57 11.96
C ASP B 644 -14.13 43.15 11.84
N ASP B 645 -14.27 42.35 12.91
CA ASP B 645 -13.86 40.95 12.91
C ASP B 645 -15.06 40.03 12.90
N VAL B 646 -16.28 40.57 12.96
CA VAL B 646 -17.50 39.80 12.90
C VAL B 646 -18.54 40.55 12.09
N HIS B 647 -19.60 39.80 11.73
CA HIS B 647 -20.74 40.33 11.01
C HIS B 647 -21.99 40.24 11.87
N THR B 648 -22.58 41.40 12.15
CA THR B 648 -23.76 41.50 12.98
C THR B 648 -25.00 41.50 12.08
N LEU B 649 -26.00 40.70 12.47
CA LEU B 649 -27.33 40.75 11.93
C LEU B 649 -28.30 40.37 13.06
N HIS B 650 -28.94 41.40 13.64
CA HIS B 650 -29.70 41.29 14.86
C HIS B 650 -31.05 42.00 14.72
N ILE B 651 -32.11 41.32 15.19
CA ILE B 651 -33.48 41.80 15.12
C ILE B 651 -34.03 42.00 16.53
N LEU B 652 -34.84 43.06 16.69
CA LEU B 652 -35.75 43.20 17.82
C LEU B 652 -37.06 43.78 17.28
N PRO B 653 -38.20 43.67 18.00
CA PRO B 653 -38.29 43.05 19.32
C PRO B 653 -38.54 41.55 19.27
N ALA B 654 -38.76 40.94 20.44
CA ALA B 654 -39.22 39.56 20.55
C ALA B 654 -40.65 39.49 20.03
N TRP B 655 -41.09 38.29 19.63
CA TRP B 655 -42.27 38.18 18.79
C TRP B 655 -43.41 37.39 19.45
N ASN B 656 -43.89 37.90 20.58
CA ASN B 656 -45.04 37.38 21.33
C ASN B 656 -46.06 38.50 21.51
N GLU B 657 -47.35 38.17 21.39
CA GLU B 657 -48.46 39.11 21.51
C GLU B 657 -48.21 40.14 22.62
N ASN B 658 -47.85 39.64 23.81
CA ASN B 658 -47.93 40.38 25.07
C ASN B 658 -46.76 41.34 25.28
N VAL B 659 -45.70 41.25 24.44
CA VAL B 659 -44.45 41.97 24.66
C VAL B 659 -44.22 43.09 23.63
N VAL B 660 -44.77 42.93 22.41
CA VAL B 660 -44.55 43.86 21.31
C VAL B 660 -45.31 45.16 21.55
N ALA B 661 -44.95 46.22 20.81
CA ALA B 661 -45.65 47.49 20.90
C ALA B 661 -46.34 47.78 19.58
N LYS B 662 -47.68 47.76 19.60
CA LYS B 662 -48.50 48.03 18.45
C LYS B 662 -49.29 49.33 18.71
N GLY B 663 -49.55 50.08 17.64
CA GLY B 663 -50.27 51.34 17.77
C GLY B 663 -50.95 51.75 16.47
N SER B 664 -50.15 51.88 15.39
CA SER B 664 -50.64 52.04 14.03
C SER B 664 -51.28 50.75 13.58
N GLY B 665 -52.36 50.31 14.24
CA GLY B 665 -53.22 49.22 13.84
C GLY B 665 -52.50 47.88 13.74
N ASN B 666 -51.85 47.46 14.83
CA ASN B 666 -51.15 46.18 14.88
C ASN B 666 -49.80 46.27 14.19
N ASN B 667 -49.31 47.48 13.85
CA ASN B 667 -47.98 47.62 13.32
C ASN B 667 -46.97 47.73 14.46
N VAL B 668 -45.95 46.87 14.41
CA VAL B 668 -44.88 46.79 15.41
C VAL B 668 -43.58 47.21 14.74
N PRO B 669 -42.87 48.25 15.25
CA PRO B 669 -41.56 48.63 14.72
C PRO B 669 -40.58 47.48 14.95
N VAL B 670 -40.12 46.89 13.84
CA VAL B 670 -39.06 45.89 13.84
C VAL B 670 -37.79 46.61 13.42
N VAL B 671 -36.72 46.44 14.21
CA VAL B 671 -35.43 47.10 14.01
C VAL B 671 -34.38 46.04 13.73
N VAL B 672 -33.47 46.37 12.80
CA VAL B 672 -32.37 45.50 12.43
C VAL B 672 -31.07 46.29 12.55
N TYR B 673 -30.11 45.71 13.28
CA TYR B 673 -28.76 46.22 13.40
C TYR B 673 -27.85 45.29 12.57
N THR B 674 -27.08 45.85 11.61
CA THR B 674 -26.25 44.99 10.78
C THR B 674 -25.11 45.74 10.10
N ASP B 675 -24.00 45.03 9.83
CA ASP B 675 -22.87 45.59 9.13
C ASP B 675 -22.93 45.21 7.64
N ALA B 676 -24.03 44.53 7.28
CA ALA B 676 -24.24 44.08 5.90
C ALA B 676 -24.67 45.24 5.02
N ALA B 677 -24.48 45.07 3.70
CA ALA B 677 -24.82 46.08 2.70
C ALA B 677 -26.33 46.12 2.41
N LYS B 678 -26.96 44.93 2.34
CA LYS B 678 -28.37 44.78 2.04
C LYS B 678 -29.00 43.75 2.99
N VAL B 679 -30.24 44.03 3.41
CA VAL B 679 -31.03 43.15 4.25
C VAL B 679 -32.41 42.94 3.64
N LYS B 680 -32.78 41.67 3.42
CA LYS B 680 -34.13 41.24 3.09
C LYS B 680 -34.77 40.67 4.36
N LEU B 681 -35.94 41.20 4.71
CA LEU B 681 -36.69 40.77 5.89
C LEU B 681 -37.87 39.90 5.47
N TYR B 682 -37.92 38.66 5.98
CA TYR B 682 -38.99 37.71 5.73
C TYR B 682 -39.83 37.48 6.99
N PHE B 683 -41.09 37.05 6.78
CA PHE B 683 -42.03 36.64 7.82
C PHE B 683 -42.64 35.29 7.44
N THR B 684 -42.61 34.34 8.38
CA THR B 684 -43.13 33.00 8.19
C THR B 684 -44.22 32.73 9.24
N PRO B 685 -45.52 32.59 8.86
CA PRO B 685 -46.59 32.41 9.84
C PRO B 685 -46.43 31.05 10.53
N LYS B 686 -47.01 30.93 11.74
CA LYS B 686 -46.78 29.75 12.57
C LYS B 686 -47.28 28.51 11.83
N GLY B 687 -46.55 27.40 12.02
CA GLY B 687 -46.90 26.10 11.45
C GLY B 687 -46.87 26.04 9.91
N SER B 688 -46.55 27.17 9.29
CA SER B 688 -46.29 27.28 7.86
C SER B 688 -44.79 27.12 7.61
N THR B 689 -44.42 26.89 6.34
CA THR B 689 -43.04 26.61 5.98
C THR B 689 -42.59 27.53 4.84
N GLU B 690 -43.39 28.56 4.58
CA GLU B 690 -43.21 29.43 3.43
C GLU B 690 -42.93 30.86 3.92
N LYS B 691 -41.70 31.34 3.68
CA LYS B 691 -41.25 32.67 4.07
C LYS B 691 -41.79 33.73 3.12
N ARG B 692 -42.44 34.78 3.64
CA ARG B 692 -42.98 35.87 2.82
C ARG B 692 -42.14 37.14 3.00
N LEU B 693 -41.50 37.58 1.92
CA LEU B 693 -40.64 38.76 1.91
C LEU B 693 -41.43 40.02 2.27
N ILE B 694 -41.08 40.69 3.38
CA ILE B 694 -41.76 41.88 3.88
C ILE B 694 -41.16 43.15 3.25
N GLY B 695 -39.92 43.06 2.77
CA GLY B 695 -39.20 44.25 2.36
C GLY B 695 -37.70 43.99 2.24
N GLU B 696 -37.00 45.00 1.71
CA GLU B 696 -35.59 44.90 1.38
C GLU B 696 -35.03 46.32 1.46
N LYS B 697 -33.86 46.49 2.12
CA LYS B 697 -33.23 47.79 2.28
C LYS B 697 -31.71 47.69 2.07
N SER B 698 -31.15 48.71 1.40
CA SER B 698 -29.72 48.76 1.08
C SER B 698 -29.06 49.99 1.71
N PHE B 699 -27.87 49.77 2.29
CA PHE B 699 -27.13 50.83 2.94
C PHE B 699 -26.29 51.57 1.90
N THR B 700 -25.76 52.73 2.31
CA THR B 700 -24.83 53.54 1.54
C THR B 700 -23.52 53.57 2.33
N LYS B 701 -22.42 53.06 1.73
CA LYS B 701 -21.16 52.86 2.44
C LYS B 701 -20.21 54.04 2.21
N LYS B 702 -20.39 55.08 3.03
CA LYS B 702 -19.47 56.21 3.10
C LYS B 702 -18.18 55.84 3.87
N THR B 703 -17.05 56.44 3.49
CA THR B 703 -15.73 56.32 4.12
C THR B 703 -15.09 57.70 4.19
N THR B 704 -14.62 58.12 5.38
CA THR B 704 -14.12 59.48 5.60
C THR B 704 -12.72 59.59 5.04
N ALA B 705 -12.20 60.83 5.04
CA ALA B 705 -10.86 61.08 4.50
C ALA B 705 -9.82 60.21 5.22
N ALA B 706 -9.89 60.19 6.55
CA ALA B 706 -8.95 59.45 7.39
C ALA B 706 -9.12 57.95 7.23
N GLY B 707 -10.25 57.52 6.68
CA GLY B 707 -10.38 56.15 6.22
C GLY B 707 -11.36 55.32 7.03
N TYR B 708 -12.13 55.98 7.90
CA TYR B 708 -13.15 55.31 8.72
C TYR B 708 -14.40 55.21 7.88
N THR B 709 -14.94 53.99 7.75
CA THR B 709 -16.04 53.72 6.85
C THR B 709 -17.29 53.26 7.62
N TYR B 710 -18.41 53.96 7.41
CA TYR B 710 -19.68 53.67 8.06
C TYR B 710 -20.80 53.52 7.03
N GLN B 711 -21.99 53.12 7.49
CA GLN B 711 -23.14 52.88 6.63
C GLN B 711 -24.35 53.64 7.16
N VAL B 712 -24.99 54.41 6.28
CA VAL B 712 -26.29 55.04 6.53
C VAL B 712 -27.27 54.63 5.46
N TYR B 713 -28.57 54.59 5.81
CA TYR B 713 -29.64 54.26 4.88
C TYR B 713 -30.24 55.54 4.32
N GLU B 714 -30.30 55.61 2.98
CA GLU B 714 -30.73 56.84 2.32
C GLU B 714 -31.88 56.61 1.34
N GLY B 715 -32.59 55.48 1.48
CA GLY B 715 -33.76 55.14 0.67
C GLY B 715 -34.93 56.10 0.89
N ALA B 716 -36.05 55.81 0.19
CA ALA B 716 -37.18 56.73 0.16
C ALA B 716 -37.90 56.73 1.52
N ASP B 717 -37.93 55.55 2.17
CA ASP B 717 -38.63 55.37 3.43
C ASP B 717 -37.69 55.64 4.61
N LYS B 718 -36.55 56.27 4.35
CA LYS B 718 -35.57 56.66 5.37
C LYS B 718 -36.24 57.55 6.41
N ASP B 719 -35.74 57.46 7.65
CA ASP B 719 -36.27 58.22 8.77
C ASP B 719 -35.95 59.69 8.51
N SER B 720 -36.86 60.56 8.96
CA SER B 720 -36.73 61.99 8.77
C SER B 720 -35.54 62.54 9.56
N THR B 721 -35.36 62.05 10.79
CA THR B 721 -34.20 62.37 11.63
C THR B 721 -33.03 61.44 11.24
N ALA B 722 -31.90 62.05 10.84
CA ALA B 722 -30.84 61.39 10.07
C ALA B 722 -30.20 60.20 10.80
N HIS B 723 -29.89 60.40 12.09
CA HIS B 723 -29.03 59.48 12.82
C HIS B 723 -29.66 58.09 12.93
N LYS B 724 -31.00 58.03 12.94
CA LYS B 724 -31.76 56.79 13.06
C LYS B 724 -31.54 55.89 11.85
N ASN B 725 -30.97 56.49 10.77
CA ASN B 725 -30.74 55.77 9.53
C ASN B 725 -29.41 55.03 9.60
N MET B 726 -28.81 54.95 10.80
CA MET B 726 -27.63 54.12 10.97
C MET B 726 -28.05 52.66 11.15
N TYR B 727 -29.38 52.47 11.36
CA TYR B 727 -30.03 51.16 11.40
C TYR B 727 -31.27 51.19 10.52
N LEU B 728 -31.85 50.00 10.30
CA LEU B 728 -33.04 49.78 9.47
C LEU B 728 -34.26 49.48 10.35
N THR B 729 -35.41 50.06 9.96
CA THR B 729 -36.66 49.88 10.69
C THR B 729 -37.79 49.61 9.69
N TRP B 730 -38.46 48.47 9.87
CA TRP B 730 -39.68 48.09 9.16
C TRP B 730 -40.86 48.11 10.13
N ASN B 731 -42.07 48.29 9.59
CA ASN B 731 -43.30 48.19 10.35
C ASN B 731 -44.07 46.94 9.93
N VAL B 732 -43.85 45.84 10.66
CA VAL B 732 -44.50 44.58 10.40
C VAL B 732 -45.79 44.50 11.22
N PRO B 733 -46.90 43.97 10.68
CA PRO B 733 -48.13 43.77 11.47
C PRO B 733 -47.99 42.51 12.31
N TRP B 734 -48.56 42.56 13.53
CA TRP B 734 -48.40 41.48 14.49
C TRP B 734 -49.14 40.24 14.02
N ALA B 735 -48.44 39.10 13.99
CA ALA B 735 -49.04 37.81 13.69
C ALA B 735 -48.10 36.72 14.18
N GLU B 736 -48.63 35.70 14.85
CA GLU B 736 -47.83 34.60 15.36
C GLU B 736 -46.96 34.05 14.23
N GLY B 737 -45.65 33.92 14.48
CA GLY B 737 -44.73 33.38 13.51
C GLY B 737 -43.27 33.70 13.82
N THR B 738 -42.47 33.77 12.75
CA THR B 738 -41.02 33.93 12.80
C THR B 738 -40.61 35.05 11.85
N ILE B 739 -40.18 36.20 12.41
CA ILE B 739 -39.53 37.22 11.61
C ILE B 739 -38.04 36.88 11.47
N SER B 740 -37.62 36.52 10.25
CA SER B 740 -36.23 36.24 9.94
C SER B 740 -35.70 37.35 9.01
N ALA B 741 -34.36 37.42 8.89
CA ALA B 741 -33.70 38.36 8.00
C ALA B 741 -32.48 37.69 7.40
N GLU B 742 -32.24 37.95 6.11
CA GLU B 742 -31.04 37.49 5.43
C GLU B 742 -30.23 38.71 4.99
N ALA B 743 -28.92 38.52 4.84
CA ALA B 743 -27.98 39.63 4.68
C ALA B 743 -27.07 39.37 3.48
N TYR B 744 -26.85 40.42 2.67
CA TYR B 744 -26.01 40.36 1.48
C TYR B 744 -24.93 41.43 1.55
N ASP B 745 -23.73 41.09 1.05
CA ASP B 745 -22.59 42.00 0.97
C ASP B 745 -22.71 42.95 -0.23
N GLU B 746 -21.69 43.80 -0.43
CA GLU B 746 -21.70 44.80 -1.48
C GLU B 746 -21.85 44.18 -2.87
N ASN B 747 -21.23 43.01 -3.08
CA ASN B 747 -21.30 42.27 -4.34
C ASN B 747 -22.58 41.44 -4.46
N ASN B 748 -23.45 41.54 -3.46
CA ASN B 748 -24.75 40.90 -3.45
C ASN B 748 -24.66 39.38 -3.19
N ARG B 749 -23.45 38.89 -2.86
CA ARG B 749 -23.25 37.56 -2.29
C ARG B 749 -23.94 37.48 -0.92
N LEU B 750 -24.80 36.47 -0.74
CA LEU B 750 -25.45 36.23 0.53
C LEU B 750 -24.42 35.97 1.64
N ILE B 751 -24.67 36.52 2.83
CA ILE B 751 -23.88 36.23 4.03
C ILE B 751 -24.42 34.94 4.65
N PRO B 752 -23.59 33.87 4.78
CA PRO B 752 -24.06 32.55 5.22
C PRO B 752 -24.86 32.60 6.52
N GLU B 753 -25.93 31.77 6.61
CA GLU B 753 -26.90 31.82 7.70
C GLU B 753 -26.24 31.56 9.07
N GLY B 754 -25.21 30.72 9.09
CA GLY B 754 -24.51 30.38 10.33
C GLY B 754 -23.67 31.51 10.93
N SER B 755 -23.02 32.30 10.09
CA SER B 755 -21.89 33.16 10.46
C SER B 755 -22.30 34.47 11.14
N THR B 756 -23.59 34.80 11.16
CA THR B 756 -24.05 36.06 11.75
C THR B 756 -23.89 36.06 13.28
N GLU B 757 -23.80 37.24 13.89
CA GLU B 757 -23.87 37.47 15.33
C GLU B 757 -25.19 38.19 15.63
N GLY B 758 -25.76 37.93 16.81
CA GLY B 758 -27.06 38.44 17.19
C GLY B 758 -28.18 37.58 16.61
N ASN B 759 -29.43 37.90 17.00
CA ASN B 759 -30.61 37.14 16.61
C ASN B 759 -31.01 37.43 15.17
N ALA B 760 -30.69 36.48 14.28
CA ALA B 760 -31.01 36.55 12.85
C ALA B 760 -32.51 36.38 12.62
N SER B 761 -33.23 35.94 13.66
CA SER B 761 -34.68 35.72 13.65
C SER B 761 -35.24 35.71 15.07
N VAL B 762 -36.38 36.36 15.24
CA VAL B 762 -37.22 36.20 16.43
C VAL B 762 -38.37 35.30 16.03
N THR B 763 -38.98 34.62 17.02
CA THR B 763 -40.07 33.69 16.79
C THR B 763 -41.06 33.76 17.97
N THR B 764 -42.33 33.46 17.71
CA THR B 764 -43.35 33.42 18.77
C THR B 764 -43.12 32.17 19.62
N THR B 765 -43.03 32.35 20.94
CA THR B 765 -42.58 31.29 21.84
C THR B 765 -43.75 30.66 22.58
N GLY B 766 -43.54 29.42 23.01
CA GLY B 766 -44.48 28.70 23.87
C GLY B 766 -44.42 29.23 25.30
N LYS B 767 -45.10 28.54 26.22
CA LYS B 767 -45.04 28.90 27.62
C LYS B 767 -43.71 28.41 28.19
N ALA B 768 -43.32 29.00 29.33
CA ALA B 768 -42.09 28.64 30.05
C ALA B 768 -42.08 27.13 30.32
N ALA B 769 -41.00 26.45 29.92
CA ALA B 769 -40.95 25.00 29.95
C ALA B 769 -39.63 24.46 30.54
N LYS B 770 -38.49 24.98 30.08
CA LYS B 770 -37.19 24.47 30.52
C LYS B 770 -36.26 25.61 30.92
N LEU B 771 -35.28 25.26 31.75
CA LEU B 771 -34.07 26.03 31.98
C LEU B 771 -32.95 25.41 31.16
N LYS B 772 -32.28 26.24 30.35
CA LYS B 772 -31.00 25.92 29.76
C LYS B 772 -29.94 26.72 30.51
N ALA B 773 -28.94 26.02 31.04
CA ALA B 773 -27.84 26.64 31.79
C ALA B 773 -26.51 26.27 31.14
N ASP B 774 -25.73 27.31 30.81
CA ASP B 774 -24.38 27.13 30.30
C ASP B 774 -23.40 27.89 31.21
N ALA B 775 -22.21 27.30 31.41
CA ALA B 775 -21.13 27.92 32.16
C ALA B 775 -20.05 28.42 31.19
N ASP B 776 -19.57 29.65 31.41
CA ASP B 776 -18.70 30.32 30.45
C ASP B 776 -17.40 29.54 30.30
N ARG B 777 -16.85 29.06 31.42
CA ARG B 777 -15.66 28.23 31.38
C ARG B 777 -15.90 26.96 32.18
N LYS B 778 -15.63 25.81 31.53
CA LYS B 778 -15.97 24.51 32.10
C LYS B 778 -14.82 24.00 32.97
N THR B 779 -13.68 24.71 32.90
CA THR B 779 -12.52 24.52 33.77
C THR B 779 -12.02 25.86 34.29
N ILE B 780 -11.75 25.92 35.60
CA ILE B 780 -11.24 27.12 36.26
C ILE B 780 -10.10 26.73 37.20
N THR B 781 -9.37 27.70 37.74
CA THR B 781 -8.23 27.42 38.59
C THR B 781 -8.68 27.30 40.04
N ALA B 782 -8.09 26.33 40.75
CA ALA B 782 -8.44 26.05 42.13
C ALA B 782 -7.56 26.87 43.07
N ASP B 783 -7.81 28.17 43.12
CA ASP B 783 -6.95 29.13 43.81
C ASP B 783 -7.78 29.95 44.80
N GLY B 784 -9.10 29.69 44.84
CA GLY B 784 -10.00 30.45 45.69
C GLY B 784 -10.34 31.80 45.08
N LYS B 785 -10.05 31.95 43.78
CA LYS B 785 -10.08 33.22 43.08
C LYS B 785 -10.94 33.13 41.81
N ASP B 786 -10.54 32.24 40.90
CA ASP B 786 -11.16 32.11 39.59
C ASP B 786 -12.68 31.93 39.71
N LEU B 787 -13.44 32.40 38.69
CA LEU B 787 -14.88 32.27 38.67
C LEU B 787 -15.33 31.54 37.41
N SER B 788 -16.43 30.79 37.54
CA SER B 788 -17.26 30.37 36.43
C SER B 788 -18.58 31.14 36.47
N TYR B 789 -18.93 31.75 35.31
CA TYR B 789 -20.17 32.49 35.16
C TYR B 789 -21.20 31.59 34.47
N ILE B 790 -22.34 31.34 35.15
CA ILE B 790 -23.38 30.44 34.68
C ILE B 790 -24.61 31.24 34.28
N GLU B 791 -24.83 31.34 32.96
CA GLU B 791 -26.03 31.95 32.38
C GLU B 791 -27.11 30.89 32.41
N VAL B 792 -28.33 31.30 32.81
CA VAL B 792 -29.50 30.44 32.78
C VAL B 792 -30.61 31.18 32.03
N ASP B 793 -31.04 30.60 30.91
CA ASP B 793 -32.15 31.10 30.11
C ASP B 793 -33.39 30.29 30.44
N VAL B 794 -34.56 30.96 30.41
CA VAL B 794 -35.86 30.32 30.50
C VAL B 794 -36.42 30.21 29.08
N THR B 795 -36.47 28.97 28.56
CA THR B 795 -36.93 28.69 27.21
C THR B 795 -38.30 28.01 27.25
N ASP B 796 -38.96 27.97 26.09
CA ASP B 796 -40.13 27.14 25.84
C ASP B 796 -39.65 25.73 25.51
N ALA B 797 -40.59 24.87 25.10
CA ALA B 797 -40.34 23.46 24.88
C ALA B 797 -39.26 23.23 23.81
N ASN B 798 -39.12 24.18 22.87
CA ASN B 798 -38.24 24.07 21.72
C ASN B 798 -36.90 24.76 21.96
N GLY B 799 -36.79 25.49 23.07
CA GLY B 799 -35.54 26.13 23.45
C GLY B 799 -35.50 27.62 23.12
N HIS B 800 -36.66 28.21 22.78
CA HIS B 800 -36.79 29.63 22.50
C HIS B 800 -36.90 30.41 23.81
N ILE B 801 -35.98 31.34 24.07
CA ILE B 801 -35.97 32.14 25.27
C ILE B 801 -37.31 32.86 25.39
N VAL B 802 -37.95 32.76 26.57
CA VAL B 802 -39.27 33.34 26.71
C VAL B 802 -39.10 34.81 27.10
N PRO B 803 -39.53 35.75 26.24
CA PRO B 803 -39.30 37.18 26.44
C PRO B 803 -39.52 37.74 27.84
N ASP B 804 -40.63 37.40 28.49
CA ASP B 804 -41.00 38.12 29.72
C ASP B 804 -40.81 37.23 30.95
N ALA B 805 -40.29 36.01 30.74
CA ALA B 805 -40.08 35.05 31.82
C ALA B 805 -39.42 35.71 33.04
N ALA B 806 -39.95 35.47 34.23
CA ALA B 806 -39.42 36.02 35.47
C ALA B 806 -39.39 34.95 36.59
N ASN B 807 -39.30 33.69 36.17
CA ASN B 807 -39.35 32.52 37.04
C ASN B 807 -38.17 32.53 38.00
N ARG B 808 -38.45 32.50 39.31
CA ARG B 808 -37.43 32.40 40.35
C ARG B 808 -36.63 31.10 40.18
N VAL B 809 -35.31 31.26 39.99
CA VAL B 809 -34.41 30.13 39.78
C VAL B 809 -33.57 29.96 41.05
N THR B 810 -33.38 28.70 41.45
CA THR B 810 -32.63 28.34 42.65
C THR B 810 -31.43 27.50 42.22
N PHE B 811 -30.27 27.87 42.75
CA PHE B 811 -29.01 27.26 42.36
C PHE B 811 -28.50 26.37 43.47
N ASP B 812 -28.18 25.13 43.11
CA ASP B 812 -27.65 24.13 44.01
C ASP B 812 -26.20 23.86 43.62
N VAL B 813 -25.25 24.44 44.38
CA VAL B 813 -23.83 24.29 44.11
C VAL B 813 -23.26 23.24 45.05
N LYS B 814 -22.82 22.11 44.48
CA LYS B 814 -22.18 21.04 45.20
C LYS B 814 -20.81 20.77 44.56
N GLY B 815 -19.75 20.71 45.38
CA GLY B 815 -18.44 20.31 44.89
C GLY B 815 -17.32 21.21 45.40
N ALA B 816 -16.21 21.29 44.63
CA ALA B 816 -15.04 22.10 44.97
C ALA B 816 -15.22 23.55 44.52
N GLY B 817 -16.42 24.11 44.80
CA GLY B 817 -16.76 25.49 44.56
C GLY B 817 -17.81 26.00 45.54
N LYS B 818 -18.30 27.22 45.34
CA LYS B 818 -19.37 27.81 46.12
C LYS B 818 -19.93 29.05 45.43
N LEU B 819 -21.22 29.30 45.59
CA LEU B 819 -21.92 30.36 44.89
C LEU B 819 -21.57 31.71 45.54
N VAL B 820 -21.04 32.65 44.75
CA VAL B 820 -20.60 33.95 45.27
C VAL B 820 -21.55 35.06 44.82
N GLY B 821 -22.39 34.79 43.79
CA GLY B 821 -23.42 35.75 43.45
C GLY B 821 -24.48 35.20 42.49
N VAL B 822 -25.62 35.91 42.47
CA VAL B 822 -26.71 35.73 41.52
C VAL B 822 -27.22 37.11 41.09
N ASP B 823 -27.62 37.26 39.80
CA ASP B 823 -27.96 38.56 39.26
C ASP B 823 -28.89 38.40 38.06
N ASN B 824 -29.60 39.50 37.75
CA ASN B 824 -30.49 39.61 36.58
C ASN B 824 -30.41 41.00 35.92
N GLY B 825 -29.65 41.91 36.53
CA GLY B 825 -29.44 43.24 35.97
C GLY B 825 -30.72 44.06 35.96
N SER B 826 -31.65 43.67 36.84
CA SER B 826 -32.91 44.37 37.05
C SER B 826 -32.73 45.40 38.17
N SER B 827 -32.97 46.66 37.81
CA SER B 827 -32.61 47.79 38.65
C SER B 827 -33.41 47.76 39.95
N PRO B 828 -34.73 47.47 39.94
CA PRO B 828 -35.54 47.54 41.15
C PRO B 828 -35.67 46.22 41.93
N ASP B 829 -34.99 45.16 41.49
CA ASP B 829 -34.95 43.89 42.21
C ASP B 829 -33.99 44.02 43.39
N HIS B 830 -34.51 43.94 44.61
CA HIS B 830 -33.71 44.09 45.82
C HIS B 830 -33.34 42.75 46.47
N ASP B 831 -33.66 41.62 45.82
CA ASP B 831 -33.26 40.32 46.36
C ASP B 831 -31.75 40.30 46.56
N SER B 832 -31.31 39.67 47.66
CA SER B 832 -29.90 39.55 48.02
C SER B 832 -29.12 38.94 46.86
N TYR B 833 -27.95 39.55 46.59
CA TYR B 833 -26.98 39.09 45.61
C TYR B 833 -26.34 37.78 46.10
N GLN B 834 -26.29 37.64 47.43
CA GLN B 834 -25.63 36.53 48.12
C GLN B 834 -26.55 35.34 48.37
N ALA B 835 -27.78 35.39 47.85
CA ALA B 835 -28.77 34.33 48.01
C ALA B 835 -28.50 33.21 47.00
N ASP B 836 -29.25 32.11 47.13
CA ASP B 836 -29.07 30.95 46.26
C ASP B 836 -30.15 30.95 45.17
N ASN B 837 -30.96 32.01 45.15
CA ASN B 837 -32.08 32.11 44.23
C ASN B 837 -32.28 33.56 43.80
N ARG B 838 -32.85 33.72 42.59
CA ARG B 838 -33.20 35.04 42.09
C ARG B 838 -34.16 34.88 40.93
N LYS B 839 -35.12 35.83 40.80
CA LYS B 839 -36.00 35.85 39.65
C LYS B 839 -35.16 36.00 38.38
N ALA B 840 -35.49 35.26 37.33
CA ALA B 840 -35.08 35.63 35.99
C ALA B 840 -35.68 36.99 35.67
N PHE B 841 -35.07 37.69 34.72
CA PHE B 841 -35.62 38.94 34.21
C PHE B 841 -35.45 38.94 32.71
N SER B 842 -36.49 39.36 32.00
CA SER B 842 -36.54 39.17 30.57
C SER B 842 -35.85 37.86 30.17
N GLY B 843 -36.19 36.78 30.87
CA GLY B 843 -35.88 35.42 30.44
C GLY B 843 -34.46 34.97 30.77
N LYS B 844 -33.76 35.66 31.67
CA LYS B 844 -32.37 35.36 31.93
C LYS B 844 -32.04 35.58 33.40
N VAL B 845 -31.13 34.76 33.94
CA VAL B 845 -30.57 34.95 35.27
C VAL B 845 -29.15 34.41 35.28
N LEU B 846 -28.28 35.04 36.10
CA LEU B 846 -26.88 34.68 36.18
C LEU B 846 -26.54 34.18 37.59
N ALA B 847 -25.71 33.14 37.63
CA ALA B 847 -25.09 32.64 38.86
C ALA B 847 -23.59 32.61 38.68
N ILE B 848 -22.86 33.20 39.65
CA ILE B 848 -21.41 33.24 39.66
C ILE B 848 -20.90 32.28 40.73
N VAL B 849 -20.08 31.31 40.30
CA VAL B 849 -19.52 30.28 41.17
C VAL B 849 -18.00 30.44 41.23
N GLN B 850 -17.45 30.39 42.45
CA GLN B 850 -16.02 30.55 42.68
C GLN B 850 -15.38 29.22 43.08
N SER B 851 -14.08 29.05 42.77
CA SER B 851 -13.36 27.84 43.10
C SER B 851 -12.97 27.83 44.57
N THR B 852 -12.48 26.68 45.04
CA THR B 852 -11.81 26.54 46.33
C THR B 852 -10.31 26.45 46.05
N LYS B 853 -9.53 26.19 47.12
CA LYS B 853 -8.08 26.11 47.00
C LYS B 853 -7.62 24.66 46.85
N GLU B 854 -8.59 23.74 46.76
CA GLU B 854 -8.34 22.33 46.50
C GLU B 854 -9.01 22.00 45.17
N ALA B 855 -8.30 21.24 44.34
CA ALA B 855 -8.80 20.78 43.05
C ALA B 855 -10.05 19.92 43.25
N GLY B 856 -10.86 19.76 42.19
CA GLY B 856 -12.07 18.99 42.31
C GLY B 856 -13.04 19.22 41.14
N GLU B 857 -14.32 19.02 41.43
CA GLU B 857 -15.40 19.18 40.46
C GLU B 857 -16.52 19.96 41.14
N ILE B 858 -17.20 20.82 40.36
CA ILE B 858 -18.36 21.57 40.80
C ILE B 858 -19.53 21.12 39.94
N THR B 859 -20.60 20.71 40.62
CA THR B 859 -21.89 20.46 39.98
C THR B 859 -22.81 21.59 40.41
N VAL B 860 -23.37 22.30 39.41
CA VAL B 860 -24.33 23.36 39.69
C VAL B 860 -25.63 23.01 38.99
N THR B 861 -26.75 23.20 39.72
CA THR B 861 -28.08 22.80 39.27
C THR B 861 -29.04 23.98 39.40
N ALA B 862 -29.60 24.37 38.26
CA ALA B 862 -30.60 25.41 38.15
C ALA B 862 -31.95 24.74 38.18
N LYS B 863 -32.79 25.16 39.14
CA LYS B 863 -34.10 24.57 39.39
C LYS B 863 -35.12 25.70 39.48
N ALA B 864 -36.34 25.42 38.96
CA ALA B 864 -37.43 26.37 39.07
C ALA B 864 -38.77 25.66 38.94
N ASP B 865 -39.80 26.25 39.56
CA ASP B 865 -41.06 25.56 39.79
C ASP B 865 -41.69 25.20 38.44
N GLY B 866 -41.83 23.90 38.18
CA GLY B 866 -42.58 23.41 37.04
C GLY B 866 -41.82 23.46 35.73
N LEU B 867 -40.48 23.62 35.82
CA LEU B 867 -39.63 23.72 34.64
C LEU B 867 -38.51 22.68 34.74
N GLN B 868 -38.07 22.18 33.59
CA GLN B 868 -37.03 21.17 33.54
C GLN B 868 -35.70 21.77 34.02
N SER B 869 -35.15 21.21 35.09
CA SER B 869 -33.86 21.61 35.64
C SER B 869 -32.76 21.51 34.59
N SER B 870 -31.66 22.26 34.82
CA SER B 870 -30.44 22.17 34.05
C SER B 870 -29.25 22.10 35.00
N THR B 871 -28.22 21.37 34.56
CA THR B 871 -27.04 21.07 35.38
C THR B 871 -25.77 21.27 34.56
N VAL B 872 -24.78 21.92 35.18
CA VAL B 872 -23.48 22.16 34.56
C VAL B 872 -22.39 21.63 35.49
N LYS B 873 -21.31 21.13 34.88
CA LYS B 873 -20.16 20.59 35.59
C LYS B 873 -18.93 21.44 35.27
N ILE B 874 -18.22 21.86 36.31
CA ILE B 874 -17.06 22.73 36.23
C ILE B 874 -15.94 22.06 37.02
N ALA B 875 -14.80 21.86 36.35
CA ALA B 875 -13.61 21.25 36.95
C ALA B 875 -12.65 22.33 37.41
N THR B 876 -12.16 22.22 38.65
CA THR B 876 -11.15 23.11 39.21
C THR B 876 -9.81 22.38 39.24
N THR B 877 -8.79 22.95 38.55
CA THR B 877 -7.46 22.37 38.44
C THR B 877 -6.52 23.07 39.42
N ALA B 878 -5.63 22.27 40.05
CA ALA B 878 -4.81 22.81 41.12
C ALA B 878 -3.71 23.69 40.53
N VAL B 879 -3.26 24.66 41.34
CA VAL B 879 -2.22 25.59 40.93
C VAL B 879 -0.92 24.79 40.88
N PRO B 880 -0.11 24.88 39.78
CA PRO B 880 1.15 24.13 39.73
C PRO B 880 1.96 24.36 41.00
N GLY B 881 2.25 25.63 41.30
CA GLY B 881 2.84 26.12 42.52
C GLY B 881 4.23 25.62 42.90
N THR B 882 4.97 25.02 41.94
CA THR B 882 6.28 24.47 42.28
C THR B 882 7.31 25.57 42.14
N SER B 883 8.15 25.73 43.18
CA SER B 883 9.37 26.53 43.14
C SER B 883 10.50 25.58 42.74
N THR B 884 10.10 24.33 42.56
CA THR B 884 10.96 23.19 42.28
C THR B 884 11.48 22.57 43.57
N GLU B 885 11.52 23.31 44.70
CA GLU B 885 11.53 22.69 46.04
C GLU B 885 10.15 22.92 46.66
N LYS B 886 9.53 21.83 47.13
CA LYS B 886 8.15 21.78 47.62
C LYS B 886 8.02 22.66 48.86
N THR B 887 6.89 23.37 48.95
CA THR B 887 6.63 24.35 49.99
C THR B 887 5.38 23.97 50.77
N VAL B 888 5.24 24.45 52.03
CA VAL B 888 4.10 24.10 52.86
C VAL B 888 2.87 24.85 52.34
N ARG B 889 1.74 24.12 52.13
CA ARG B 889 0.49 24.72 51.71
C ARG B 889 -0.47 24.94 52.88
N SER B 890 -0.76 23.87 53.65
CA SER B 890 -1.75 23.95 54.74
C SER B 890 -1.55 22.82 55.74
N PHE B 891 -2.20 22.93 56.91
CA PHE B 891 -2.16 21.93 57.96
C PHE B 891 -3.58 21.47 58.31
N TYR B 892 -3.78 20.15 58.39
CA TYR B 892 -5.07 19.55 58.73
C TYR B 892 -5.07 19.05 60.18
N TYR B 893 -5.80 19.76 61.05
CA TYR B 893 -5.85 19.51 62.48
C TYR B 893 -6.98 20.33 63.13
N SER B 894 -7.34 19.98 64.36
CA SER B 894 -8.32 20.72 65.14
C SER B 894 -7.61 21.81 65.94
N ARG B 895 -8.08 23.05 65.84
CA ARG B 895 -7.36 24.17 66.46
C ARG B 895 -8.09 24.69 67.70
N ASN B 896 -9.23 24.09 68.05
CA ASN B 896 -10.01 24.51 69.21
C ASN B 896 -10.08 23.42 70.26
N TYR B 897 -9.58 23.74 71.47
CA TYR B 897 -9.54 22.81 72.60
C TYR B 897 -10.17 23.47 73.84
N TYR B 898 -11.29 22.88 74.28
CA TYR B 898 -12.03 23.35 75.44
C TYR B 898 -11.91 22.31 76.55
N VAL B 899 -11.14 22.63 77.59
CA VAL B 899 -10.73 21.69 78.62
C VAL B 899 -11.32 22.16 79.96
N LYS B 900 -11.76 21.20 80.77
CA LYS B 900 -12.21 21.43 82.14
C LYS B 900 -11.06 22.03 82.96
N THR B 901 -11.39 23.00 83.85
CA THR B 901 -10.36 23.74 84.59
C THR B 901 -9.61 22.77 85.50
N GLY B 902 -8.31 23.02 85.70
CA GLY B 902 -7.48 22.17 86.52
C GLY B 902 -6.94 20.95 85.78
N ASN B 903 -7.43 20.70 84.56
CA ASN B 903 -6.94 19.61 83.73
C ASN B 903 -6.06 20.18 82.61
N LYS B 904 -4.92 19.53 82.36
CA LYS B 904 -4.00 19.92 81.30
C LYS B 904 -4.65 19.63 79.95
N PRO B 905 -4.50 20.52 78.93
CA PRO B 905 -4.96 20.22 77.57
C PRO B 905 -4.06 19.17 76.94
N ILE B 906 -4.65 18.09 76.43
CA ILE B 906 -3.90 17.07 75.69
C ILE B 906 -3.86 17.46 74.21
N LEU B 907 -2.69 17.90 73.75
CA LEU B 907 -2.52 18.35 72.39
C LEU B 907 -1.97 17.19 71.53
N PRO B 908 -2.21 17.19 70.19
CA PRO B 908 -1.84 16.05 69.37
C PRO B 908 -0.34 16.03 69.10
N SER B 909 0.22 14.82 68.98
CA SER B 909 1.65 14.65 68.72
C SER B 909 2.00 15.06 67.28
N ASP B 910 1.11 14.75 66.32
CA ASP B 910 1.36 14.99 64.91
C ASP B 910 0.16 15.67 64.27
N VAL B 911 0.42 16.32 63.12
CA VAL B 911 -0.55 17.04 62.31
C VAL B 911 -0.26 16.72 60.83
N GLU B 912 -1.31 16.53 60.03
CA GLU B 912 -1.16 16.32 58.59
C GLU B 912 -0.77 17.64 57.90
N VAL B 913 0.33 17.60 57.11
CA VAL B 913 0.82 18.76 56.37
C VAL B 913 0.59 18.53 54.87
N ARG B 914 0.18 19.58 54.15
CA ARG B 914 0.05 19.58 52.70
C ARG B 914 1.13 20.46 52.09
N TYR B 915 1.49 20.15 50.82
CA TYR B 915 2.58 20.81 50.12
C TYR B 915 2.12 21.25 48.73
N SER B 916 2.96 22.04 48.05
CA SER B 916 2.75 22.51 46.70
C SER B 916 2.50 21.34 45.74
N ASP B 917 3.17 20.19 45.98
CA ASP B 917 3.02 19.00 45.16
C ASP B 917 1.62 18.40 45.30
N GLY B 918 0.89 18.82 46.34
CA GLY B 918 -0.37 18.18 46.70
C GLY B 918 -0.16 16.94 47.56
N THR B 919 1.10 16.72 47.97
CA THR B 919 1.51 15.61 48.82
C THR B 919 1.12 15.92 50.26
N SER B 920 0.85 14.86 51.04
CA SER B 920 0.42 14.97 52.43
C SER B 920 1.29 14.08 53.34
N ASP B 921 2.14 14.71 54.16
CA ASP B 921 2.98 14.00 55.11
C ASP B 921 2.53 14.39 56.50
N ARG B 922 2.31 13.41 57.37
CA ARG B 922 2.03 13.73 58.77
C ARG B 922 3.37 13.95 59.47
N GLN B 923 3.62 15.14 60.06
CA GLN B 923 4.85 15.40 60.76
C GLN B 923 4.54 15.89 62.18
N ASN B 924 5.55 15.81 63.06
CA ASN B 924 5.37 15.96 64.50
C ASN B 924 5.44 17.43 64.89
N VAL B 925 4.79 17.79 66.00
CA VAL B 925 4.63 19.15 66.49
C VAL B 925 5.19 19.25 67.91
N THR B 926 6.06 20.25 68.12
CA THR B 926 6.62 20.55 69.43
C THR B 926 5.88 21.74 70.04
N TRP B 927 4.94 21.44 70.94
CA TRP B 927 4.03 22.43 71.50
C TRP B 927 4.70 23.19 72.64
N ASP B 928 4.34 24.46 72.78
CA ASP B 928 4.83 25.31 73.86
C ASP B 928 4.16 24.89 75.16
N ALA B 929 4.80 25.29 76.28
CA ALA B 929 4.35 24.99 77.62
C ALA B 929 3.10 25.79 77.95
N VAL B 930 2.25 25.18 78.79
CA VAL B 930 1.03 25.77 79.32
C VAL B 930 1.25 26.03 80.81
N SER B 931 1.09 27.29 81.24
CA SER B 931 1.30 27.68 82.64
C SER B 931 0.33 26.94 83.55
N ASP B 932 0.81 26.60 84.76
CA ASP B 932 0.01 25.99 85.81
C ASP B 932 -1.14 26.91 86.17
N ASP B 933 -0.84 28.21 86.27
CA ASP B 933 -1.81 29.29 86.52
C ASP B 933 -2.93 29.25 85.49
N GLN B 934 -2.52 29.12 84.21
CA GLN B 934 -3.42 29.11 83.08
C GLN B 934 -4.42 27.96 83.16
N ILE B 935 -3.96 26.80 83.65
CA ILE B 935 -4.75 25.56 83.66
C ILE B 935 -5.99 25.71 84.56
N ALA B 936 -5.84 26.39 85.72
CA ALA B 936 -6.93 26.58 86.66
C ALA B 936 -7.58 27.97 86.51
N LYS B 937 -7.16 28.75 85.50
CA LYS B 937 -7.54 30.15 85.33
C LYS B 937 -9.01 30.31 84.94
N ALA B 938 -9.59 29.33 84.23
CA ALA B 938 -10.97 29.41 83.73
C ALA B 938 -11.15 30.58 82.76
N GLY B 939 -10.20 30.70 81.80
CA GLY B 939 -10.27 31.69 80.74
C GLY B 939 -9.80 31.11 79.39
N SER B 940 -9.67 31.98 78.38
CA SER B 940 -9.19 31.58 77.07
C SER B 940 -7.78 32.11 76.83
N PHE B 941 -6.96 31.34 76.08
CA PHE B 941 -5.59 31.66 75.69
C PHE B 941 -5.18 30.84 74.46
N SER B 942 -4.06 31.18 73.80
CA SER B 942 -3.55 30.44 72.65
C SER B 942 -2.23 29.73 72.98
N VAL B 943 -1.89 28.66 72.22
CA VAL B 943 -0.68 27.85 72.41
C VAL B 943 -0.02 27.65 71.04
N ALA B 944 1.29 27.91 70.97
CA ALA B 944 2.08 27.78 69.75
C ALA B 944 2.78 26.43 69.68
N GLY B 945 3.01 25.95 68.44
CA GLY B 945 3.82 24.76 68.14
C GLY B 945 4.62 24.99 66.87
N THR B 946 5.50 24.06 66.48
CA THR B 946 6.32 24.21 65.29
C THR B 946 6.36 22.90 64.50
N VAL B 947 6.10 22.99 63.18
CA VAL B 947 6.16 21.88 62.24
C VAL B 947 6.69 22.40 60.91
N ALA B 948 7.50 21.57 60.22
CA ALA B 948 8.17 21.91 58.97
C ALA B 948 8.60 23.38 58.95
N GLY B 949 9.15 23.84 60.07
CA GLY B 949 9.74 25.16 60.22
C GLY B 949 8.73 26.31 60.15
N GLN B 950 7.44 26.04 60.34
CA GLN B 950 6.43 27.09 60.44
C GLN B 950 5.71 26.96 61.79
N LYS B 951 5.14 28.08 62.28
CA LYS B 951 4.44 28.14 63.56
C LYS B 951 2.94 27.91 63.35
N ILE B 952 2.42 26.88 64.02
CA ILE B 952 0.99 26.62 64.16
C ILE B 952 0.56 27.17 65.52
N SER B 953 -0.73 27.44 65.71
CA SER B 953 -1.29 27.84 67.00
C SER B 953 -2.65 27.19 67.23
N VAL B 954 -3.00 27.00 68.51
CA VAL B 954 -4.25 26.37 68.93
C VAL B 954 -4.85 27.21 70.07
N ARG B 955 -6.17 27.39 70.01
CA ARG B 955 -6.89 28.24 70.94
C ARG B 955 -7.56 27.37 72.00
N VAL B 956 -7.27 27.67 73.27
CA VAL B 956 -7.71 26.88 74.41
C VAL B 956 -8.56 27.76 75.32
N THR B 957 -9.80 27.33 75.59
CA THR B 957 -10.68 27.97 76.56
C THR B 957 -10.95 26.99 77.71
N MET B 958 -10.70 27.46 78.94
CA MET B 958 -10.90 26.67 80.15
C MET B 958 -12.31 26.88 80.69
N ILE B 959 -12.99 25.77 81.04
CA ILE B 959 -14.39 25.75 81.40
C ILE B 959 -14.54 25.14 82.79
N ASP B 960 -15.13 25.95 83.66
CA ASP B 960 -15.48 25.56 85.02
C ASP B 960 -16.80 24.77 84.98
N GLU B 961 -17.82 25.37 84.34
CA GLU B 961 -19.14 24.80 84.13
C GLU B 961 -19.75 25.34 82.84
N ILE B 962 -20.77 24.65 82.31
CA ILE B 962 -21.37 24.93 81.00
C ILE B 962 -22.85 25.33 81.12
N GLY B 963 -23.24 26.45 80.44
CA GLY B 963 -24.59 26.98 80.53
C GLY B 963 -25.69 26.02 80.05
N ALA B 964 -25.58 25.53 78.80
CA ALA B 964 -26.48 24.51 78.26
C ALA B 964 -25.89 23.87 77.00
N LEU B 965 -26.54 22.81 76.50
CA LEU B 965 -26.29 22.27 75.16
C LEU B 965 -27.37 22.81 74.23
N LEU B 966 -26.95 23.29 73.05
CA LEU B 966 -27.82 23.97 72.10
C LEU B 966 -28.95 23.04 71.66
N ASN B 967 -30.18 23.56 71.67
CA ASN B 967 -31.35 22.83 71.17
C ASN B 967 -31.26 22.69 69.65
N TYR B 968 -32.09 21.78 69.10
CA TYR B 968 -32.06 21.45 67.69
C TYR B 968 -33.46 21.58 67.10
N SER B 969 -33.48 21.97 65.81
CA SER B 969 -34.68 22.05 65.00
C SER B 969 -34.32 21.60 63.58
N ALA B 970 -35.23 20.86 62.93
CA ALA B 970 -35.08 20.49 61.52
C ALA B 970 -36.45 20.38 60.85
N SER B 971 -36.42 20.03 59.55
CA SER B 971 -37.59 19.64 58.79
C SER B 971 -37.35 18.26 58.19
N THR B 972 -38.42 17.47 58.07
CA THR B 972 -38.34 16.20 57.37
C THR B 972 -39.55 16.07 56.44
N PRO B 973 -39.39 15.42 55.27
CA PRO B 973 -40.53 15.05 54.45
C PRO B 973 -41.45 14.09 55.18
N VAL B 974 -42.77 14.22 54.95
CA VAL B 974 -43.73 13.23 55.41
C VAL B 974 -43.29 11.87 54.88
N GLY B 975 -43.29 10.88 55.78
CA GLY B 975 -42.99 9.52 55.41
C GLY B 975 -41.52 9.18 55.60
N THR B 976 -40.68 10.20 55.85
CA THR B 976 -39.27 9.99 56.14
C THR B 976 -39.00 10.45 57.57
N PRO B 977 -38.65 9.51 58.50
CA PRO B 977 -38.37 9.88 59.88
C PRO B 977 -37.13 10.78 59.92
N ALA B 978 -37.15 11.78 60.80
CA ALA B 978 -36.07 12.72 61.01
C ALA B 978 -34.83 12.01 61.52
N VAL B 979 -33.67 12.37 60.94
CA VAL B 979 -32.39 11.92 61.46
C VAL B 979 -31.92 12.97 62.47
N LEU B 980 -31.91 12.54 63.74
CA LEU B 980 -31.60 13.41 64.86
C LEU B 980 -30.09 13.40 65.05
N PRO B 981 -29.48 14.57 65.39
CA PRO B 981 -28.02 14.71 65.40
C PRO B 981 -27.35 13.71 66.34
N GLY B 982 -26.16 13.23 65.92
CA GLY B 982 -25.31 12.37 66.73
C GLY B 982 -24.88 13.03 68.04
N SER B 983 -24.73 14.37 67.99
CA SER B 983 -24.25 15.19 69.09
C SER B 983 -24.89 16.58 69.01
N ARG B 984 -24.70 17.38 70.07
CA ARG B 984 -25.13 18.78 70.12
C ARG B 984 -24.02 19.64 70.72
N PRO B 985 -23.81 20.87 70.21
CA PRO B 985 -22.76 21.76 70.71
C PRO B 985 -23.05 22.26 72.13
N ALA B 986 -21.98 22.73 72.80
CA ALA B 986 -22.04 23.26 74.15
C ALA B 986 -22.03 24.79 74.14
N VAL B 987 -22.88 25.40 74.98
CA VAL B 987 -23.03 26.85 75.07
C VAL B 987 -22.59 27.29 76.47
N LEU B 988 -21.69 28.28 76.51
CA LEU B 988 -21.22 28.88 77.77
C LEU B 988 -22.29 29.82 78.31
N PRO B 989 -22.31 30.15 79.63
CA PRO B 989 -23.44 30.85 80.23
C PRO B 989 -23.61 32.22 79.59
N ASP B 990 -22.48 32.80 79.16
CA ASP B 990 -22.42 34.05 78.43
C ASP B 990 -23.22 34.02 77.13
N GLY B 991 -23.28 32.87 76.44
CA GLY B 991 -24.01 32.77 75.17
C GLY B 991 -23.20 32.20 74.02
N THR B 992 -21.86 32.16 74.15
CA THR B 992 -20.94 31.59 73.19
C THR B 992 -21.32 30.15 72.90
N VAL B 993 -21.28 29.78 71.61
CA VAL B 993 -21.46 28.40 71.14
C VAL B 993 -20.09 27.81 70.82
N THR B 994 -19.73 26.71 71.49
CA THR B 994 -18.44 26.05 71.31
C THR B 994 -18.49 25.15 70.09
N SER B 995 -17.33 24.84 69.51
CA SER B 995 -17.21 23.85 68.45
C SER B 995 -17.05 22.45 69.03
N ALA B 996 -17.16 22.36 70.37
CA ALA B 996 -17.16 21.10 71.10
C ALA B 996 -18.58 20.55 71.19
N ASN B 997 -18.78 19.35 70.62
CA ASN B 997 -20.07 18.70 70.50
C ASN B 997 -20.07 17.42 71.34
N PHE B 998 -21.16 17.18 72.07
CA PHE B 998 -21.27 16.09 73.03
C PHE B 998 -22.45 15.17 72.68
N ALA B 999 -22.16 13.86 72.66
CA ALA B 999 -23.06 12.80 72.21
C ALA B 999 -24.38 12.83 72.96
N VAL B 1000 -25.51 12.78 72.23
CA VAL B 1000 -26.86 12.83 72.80
C VAL B 1000 -27.58 11.51 72.55
N ASP B 1001 -28.33 11.03 73.56
CA ASP B 1001 -29.23 9.89 73.41
C ASP B 1001 -30.68 10.38 73.44
N TRP B 1002 -31.41 10.08 72.36
CA TRP B 1002 -32.77 10.55 72.15
C TRP B 1002 -33.79 9.48 72.54
N THR B 1003 -34.82 9.90 73.28
CA THR B 1003 -35.99 9.07 73.56
C THR B 1003 -37.00 9.21 72.41
N LYS B 1004 -36.75 8.45 71.33
CA LYS B 1004 -37.38 8.60 70.03
C LYS B 1004 -38.84 8.13 70.04
N PRO B 1005 -39.84 8.97 69.66
CA PRO B 1005 -41.20 8.50 69.37
C PRO B 1005 -41.25 7.49 68.23
N ALA B 1006 -42.44 6.97 67.93
CA ALA B 1006 -42.64 5.97 66.89
C ALA B 1006 -42.45 6.58 65.51
N ASP B 1007 -42.00 5.75 64.54
CA ASP B 1007 -41.74 6.19 63.18
C ASP B 1007 -43.02 6.69 62.52
N THR B 1008 -44.15 6.17 63.00
CA THR B 1008 -45.47 6.49 62.46
C THR B 1008 -45.77 7.98 62.61
N VAL B 1009 -45.19 8.63 63.63
CA VAL B 1009 -45.48 10.04 63.94
C VAL B 1009 -45.13 10.94 62.77
N TYR B 1010 -44.12 10.53 61.99
CA TYR B 1010 -43.57 11.30 60.87
C TYR B 1010 -44.40 11.09 59.60
N ASN B 1011 -45.53 10.38 59.69
CA ASN B 1011 -46.30 10.02 58.52
C ASN B 1011 -47.51 10.94 58.35
N THR B 1012 -47.55 12.02 59.14
CA THR B 1012 -48.53 13.08 58.93
C THR B 1012 -47.88 14.43 59.16
N ALA B 1013 -48.41 15.45 58.47
CA ALA B 1013 -47.90 16.79 58.53
C ALA B 1013 -48.19 17.40 59.89
N GLY B 1014 -47.22 18.18 60.42
CA GLY B 1014 -47.29 18.76 61.75
C GLY B 1014 -45.92 18.80 62.43
N THR B 1015 -45.87 19.33 63.65
CA THR B 1015 -44.62 19.46 64.39
C THR B 1015 -44.52 18.31 65.41
N VAL B 1016 -43.29 17.90 65.77
CA VAL B 1016 -42.98 16.72 66.59
C VAL B 1016 -41.79 17.03 67.50
N LYS B 1017 -41.97 16.93 68.84
CA LYS B 1017 -40.92 17.21 69.83
C LYS B 1017 -40.33 15.89 70.34
N VAL B 1018 -39.00 15.82 70.42
CA VAL B 1018 -38.26 14.63 70.83
C VAL B 1018 -37.27 15.00 71.93
N PRO B 1019 -37.40 14.44 73.17
CA PRO B 1019 -36.43 14.69 74.23
C PRO B 1019 -35.18 13.84 74.10
N GLY B 1020 -34.04 14.36 74.56
CA GLY B 1020 -32.75 13.68 74.55
C GLY B 1020 -31.80 14.28 75.59
N THR B 1021 -30.91 13.43 76.12
CA THR B 1021 -30.01 13.81 77.20
C THR B 1021 -28.60 13.32 76.91
N ALA B 1022 -27.62 14.11 77.38
CA ALA B 1022 -26.20 13.87 77.20
C ALA B 1022 -25.49 14.19 78.51
N THR B 1023 -24.45 13.41 78.84
CA THR B 1023 -23.58 13.69 79.97
C THR B 1023 -22.33 14.44 79.47
N VAL B 1024 -22.23 15.72 79.88
CA VAL B 1024 -21.11 16.60 79.57
C VAL B 1024 -20.29 16.82 80.85
N PHE B 1025 -19.06 16.28 80.87
CA PHE B 1025 -18.18 16.32 82.03
C PHE B 1025 -18.90 15.82 83.28
N GLY B 1026 -19.59 14.67 83.15
CA GLY B 1026 -20.30 14.06 84.26
C GLY B 1026 -21.68 14.65 84.54
N LYS B 1027 -21.91 15.91 84.13
CA LYS B 1027 -23.18 16.62 84.33
C LYS B 1027 -24.13 16.37 83.14
N GLU B 1028 -25.24 15.67 83.42
CA GLU B 1028 -26.26 15.32 82.43
C GLU B 1028 -27.09 16.56 82.08
N PHE B 1029 -27.36 16.77 80.78
CA PHE B 1029 -28.14 17.89 80.27
C PHE B 1029 -29.37 17.40 79.51
N LYS B 1030 -30.49 18.14 79.63
CA LYS B 1030 -31.77 17.84 78.97
C LYS B 1030 -31.97 18.75 77.76
N VAL B 1031 -32.13 18.16 76.56
CA VAL B 1031 -32.17 18.86 75.27
C VAL B 1031 -33.44 18.48 74.50
N THR B 1032 -34.02 19.42 73.74
CA THR B 1032 -35.23 19.20 72.94
C THR B 1032 -34.96 19.42 71.45
N ALA B 1033 -35.36 18.42 70.65
CA ALA B 1033 -35.38 18.51 69.19
C ALA B 1033 -36.82 18.66 68.70
N THR B 1034 -37.13 19.82 68.11
CA THR B 1034 -38.43 20.07 67.49
C THR B 1034 -38.33 19.97 65.96
N ILE B 1035 -38.88 18.88 65.39
CA ILE B 1035 -38.85 18.65 63.94
C ILE B 1035 -40.23 18.93 63.33
N ARG B 1036 -40.24 19.54 62.13
CA ARG B 1036 -41.47 19.85 61.40
C ARG B 1036 -41.58 18.89 60.21
N VAL B 1037 -42.64 18.07 60.18
CA VAL B 1037 -42.92 17.20 59.05
C VAL B 1037 -43.71 17.99 58.01
N GLN B 1038 -43.25 17.95 56.75
CA GLN B 1038 -43.89 18.71 55.67
C GLN B 1038 -44.13 17.82 54.46
N ARG B 1039 -45.13 18.17 53.64
CA ARG B 1039 -45.39 17.48 52.38
C ARG B 1039 -44.62 18.17 51.25
N SER B 1040 -44.34 17.44 50.16
CA SER B 1040 -43.70 18.00 48.98
C SER B 1040 -44.51 19.20 48.50
N GLN B 1041 -43.82 20.21 47.95
CA GLN B 1041 -44.51 21.29 47.27
C GLN B 1041 -44.44 21.03 45.76
N VAL B 1042 -45.55 20.53 45.19
CA VAL B 1042 -45.62 20.12 43.80
C VAL B 1042 -46.16 21.31 42.99
N THR B 1043 -45.44 21.67 41.91
CA THR B 1043 -45.96 22.64 40.96
C THR B 1043 -46.04 21.98 39.60
N ILE B 1044 -47.28 22.01 39.05
CA ILE B 1044 -47.60 21.36 37.80
C ILE B 1044 -47.26 22.35 36.69
N GLY B 1045 -46.58 21.84 35.65
CA GLY B 1045 -46.09 22.64 34.54
C GLY B 1045 -47.07 22.66 33.37
N SER B 1046 -46.51 22.81 32.15
CA SER B 1046 -47.30 22.89 30.94
C SER B 1046 -47.28 21.55 30.22
N SER B 1047 -48.22 21.39 29.27
CA SER B 1047 -48.34 20.21 28.43
C SER B 1047 -47.03 19.97 27.67
N VAL B 1048 -46.68 18.71 27.46
CA VAL B 1048 -45.53 18.36 26.64
C VAL B 1048 -45.99 17.38 25.56
N SER B 1049 -47.29 17.40 25.28
CA SER B 1049 -47.88 16.51 24.28
C SER B 1049 -47.25 16.81 22.93
N GLY B 1050 -47.03 18.12 22.67
CA GLY B 1050 -46.35 18.60 21.49
C GLY B 1050 -45.04 17.85 21.18
N ASN B 1051 -44.22 17.66 22.22
CA ASN B 1051 -42.87 17.14 22.05
C ASN B 1051 -42.84 15.60 21.89
N ALA B 1052 -44.01 14.98 21.65
CA ALA B 1052 -44.03 13.52 21.54
C ALA B 1052 -43.17 13.06 20.37
N LEU B 1053 -42.35 12.03 20.60
CA LEU B 1053 -41.60 11.40 19.51
C LEU B 1053 -42.54 10.68 18.55
N ARG B 1054 -43.57 10.03 19.07
CA ARG B 1054 -44.54 9.28 18.28
C ARG B 1054 -45.88 9.26 18.99
N LEU B 1055 -46.96 9.24 18.21
CA LEU B 1055 -48.34 9.17 18.71
C LEU B 1055 -49.11 8.19 17.83
N THR B 1056 -49.27 6.96 18.31
CA THR B 1056 -49.91 5.89 17.57
C THR B 1056 -51.33 5.64 18.08
N GLN B 1057 -52.02 4.66 17.48
CA GLN B 1057 -53.40 4.29 17.72
C GLN B 1057 -53.49 2.76 17.73
N ASN B 1058 -54.40 2.22 18.55
CA ASN B 1058 -54.64 0.79 18.64
C ASN B 1058 -55.26 0.30 17.34
N ILE B 1059 -56.13 1.14 16.77
CA ILE B 1059 -57.02 0.83 15.66
C ILE B 1059 -56.21 0.61 14.39
N PRO B 1060 -56.48 -0.46 13.60
CA PRO B 1060 -55.81 -0.67 12.31
C PRO B 1060 -56.07 0.50 11.35
N ALA B 1061 -55.18 0.63 10.37
CA ALA B 1061 -55.10 1.79 9.49
C ALA B 1061 -56.42 2.07 8.77
N ASP B 1062 -57.05 1.02 8.23
CA ASP B 1062 -58.22 1.13 7.35
C ASP B 1062 -59.45 1.57 8.13
N LYS B 1063 -59.51 1.26 9.43
CA LYS B 1063 -60.70 1.47 10.25
C LYS B 1063 -60.57 2.70 11.16
N GLN B 1064 -59.58 3.57 10.87
CA GLN B 1064 -59.37 4.79 11.64
C GLN B 1064 -60.32 5.89 11.14
N SER B 1065 -60.70 6.78 12.05
CA SER B 1065 -61.58 7.88 11.72
C SER B 1065 -61.05 9.15 12.38
N ASP B 1066 -61.09 10.25 11.63
CA ASP B 1066 -60.70 11.58 12.09
C ASP B 1066 -59.20 11.61 12.31
N THR B 1067 -58.67 12.76 12.74
CA THR B 1067 -57.23 13.02 12.75
C THR B 1067 -56.67 12.87 14.16
N LEU B 1068 -55.68 11.98 14.33
CA LEU B 1068 -55.12 11.68 15.64
C LEU B 1068 -54.22 12.83 16.10
N ASP B 1069 -53.31 13.28 15.22
CA ASP B 1069 -52.30 14.27 15.56
C ASP B 1069 -52.93 15.56 16.08
N ALA B 1070 -54.26 15.64 15.99
CA ALA B 1070 -55.01 16.80 16.44
C ALA B 1070 -54.94 16.95 17.96
N ILE B 1071 -54.60 15.86 18.66
CA ILE B 1071 -54.74 15.75 20.11
C ILE B 1071 -53.53 16.36 20.81
N LYS B 1072 -52.48 16.72 20.05
CA LYS B 1072 -51.28 17.37 20.58
C LYS B 1072 -51.06 18.75 19.96
N ASP B 1073 -52.07 19.25 19.22
CA ASP B 1073 -51.94 20.49 18.47
C ASP B 1073 -52.10 21.72 19.36
N GLY B 1074 -52.38 21.51 20.66
CA GLY B 1074 -52.39 22.60 21.61
C GLY B 1074 -53.70 23.39 21.64
N SER B 1075 -54.71 22.97 20.86
CA SER B 1075 -56.04 23.57 20.90
C SER B 1075 -57.06 22.55 21.41
N THR B 1076 -58.11 23.01 22.11
CA THR B 1076 -59.03 22.10 22.79
C THR B 1076 -60.43 22.04 22.14
N THR B 1077 -60.71 22.95 21.20
CA THR B 1077 -62.07 23.15 20.66
C THR B 1077 -62.36 22.15 19.55
N VAL B 1078 -63.67 21.93 19.26
CA VAL B 1078 -64.09 21.08 18.15
C VAL B 1078 -64.64 21.94 17.01
N ASP B 1079 -64.20 21.64 15.79
CA ASP B 1079 -64.90 22.07 14.59
C ASP B 1079 -66.14 21.21 14.47
N ALA B 1080 -67.31 21.85 14.22
CA ALA B 1080 -68.59 21.17 14.21
C ALA B 1080 -68.68 20.15 13.07
N ASN B 1081 -67.91 20.37 11.99
CA ASN B 1081 -67.69 19.45 10.89
C ASN B 1081 -68.98 18.72 10.49
N THR B 1082 -70.06 19.48 10.21
CA THR B 1082 -71.28 18.86 9.68
C THR B 1082 -71.09 18.58 8.18
N GLY B 1083 -71.44 17.35 7.77
CA GLY B 1083 -71.24 16.83 6.44
C GLY B 1083 -69.79 16.83 5.92
N GLY B 1084 -68.83 16.76 6.84
CA GLY B 1084 -67.45 17.08 6.49
C GLY B 1084 -66.50 15.89 6.34
N GLY B 1085 -66.97 14.66 6.60
CA GLY B 1085 -66.07 13.49 6.67
C GLY B 1085 -65.05 13.63 7.82
N ALA B 1086 -63.75 13.44 7.53
CA ALA B 1086 -62.70 13.54 8.55
C ALA B 1086 -62.72 14.89 9.26
N ASN B 1087 -62.72 14.84 10.61
CA ASN B 1087 -62.63 16.04 11.44
C ASN B 1087 -61.17 16.40 11.61
N PRO B 1088 -60.73 17.61 11.21
CA PRO B 1088 -59.33 18.00 11.35
C PRO B 1088 -58.95 18.45 12.76
N SER B 1089 -59.96 18.65 13.63
CA SER B 1089 -59.76 19.28 14.93
C SER B 1089 -59.63 18.24 16.05
N ALA B 1090 -60.09 17.01 15.79
CA ALA B 1090 -60.27 16.02 16.84
C ALA B 1090 -60.05 14.61 16.32
N TRP B 1091 -59.96 13.67 17.28
CA TRP B 1091 -59.88 12.23 17.05
C TRP B 1091 -61.14 11.56 17.59
N THR B 1092 -61.50 10.42 17.00
CA THR B 1092 -62.60 9.59 17.46
C THR B 1092 -62.28 8.13 17.11
N ASN B 1093 -63.14 7.22 17.55
CA ASN B 1093 -63.03 5.81 17.18
C ASN B 1093 -64.28 5.36 16.43
N TRP B 1094 -65.00 6.33 15.84
CA TRP B 1094 -66.28 6.11 15.16
C TRP B 1094 -66.24 4.86 14.28
N ALA B 1095 -65.28 4.82 13.35
CA ALA B 1095 -65.10 3.71 12.45
C ALA B 1095 -65.03 2.38 13.20
N TYR B 1096 -64.09 2.28 14.15
CA TYR B 1096 -63.84 1.05 14.89
C TYR B 1096 -65.03 0.72 15.79
N SER B 1097 -65.71 1.75 16.33
CA SER B 1097 -66.93 1.65 17.12
C SER B 1097 -68.04 0.98 16.31
N LYS B 1098 -68.25 1.46 15.08
CA LYS B 1098 -69.27 0.95 14.17
C LYS B 1098 -69.05 -0.53 13.91
N ALA B 1099 -67.78 -0.91 13.69
CA ALA B 1099 -67.37 -2.30 13.53
C ALA B 1099 -67.50 -3.08 14.84
N GLY B 1100 -68.06 -2.44 15.88
CA GLY B 1100 -68.41 -3.07 17.13
C GLY B 1100 -67.25 -3.24 18.12
N HIS B 1101 -66.25 -2.35 18.05
CA HIS B 1101 -65.08 -2.40 18.92
C HIS B 1101 -65.24 -1.37 20.05
N ASN B 1102 -65.16 -1.89 21.28
CA ASN B 1102 -65.66 -1.23 22.48
C ASN B 1102 -64.69 -0.15 22.94
N THR B 1103 -63.40 -0.36 22.63
CA THR B 1103 -62.30 0.40 23.17
C THR B 1103 -61.35 0.82 22.04
N ALA B 1104 -60.28 1.52 22.44
CA ALA B 1104 -59.22 2.05 21.60
C ALA B 1104 -58.10 2.52 22.52
N GLU B 1105 -56.85 2.40 22.07
CA GLU B 1105 -55.68 2.74 22.86
C GLU B 1105 -54.78 3.71 22.09
N ILE B 1106 -54.70 4.95 22.57
CA ILE B 1106 -53.79 5.98 22.09
C ILE B 1106 -52.50 5.92 22.92
N THR B 1107 -51.34 5.89 22.25
CA THR B 1107 -50.04 5.78 22.91
C THR B 1107 -49.09 6.89 22.46
N PHE B 1108 -48.69 7.72 23.44
CA PHE B 1108 -47.61 8.69 23.27
C PHE B 1108 -46.29 8.01 23.63
N GLU B 1109 -45.28 8.22 22.77
CA GLU B 1109 -43.90 7.84 23.04
C GLU B 1109 -43.04 9.09 23.04
N TYR B 1110 -42.05 9.10 23.95
CA TYR B 1110 -41.08 10.17 24.10
C TYR B 1110 -39.68 9.58 23.93
N ALA B 1111 -38.68 10.44 23.67
CA ALA B 1111 -37.30 9.99 23.57
C ALA B 1111 -36.61 10.09 24.94
N THR B 1112 -37.13 10.97 25.80
CA THR B 1112 -36.67 11.16 27.16
C THR B 1112 -37.85 10.94 28.11
N GLU B 1113 -37.57 10.26 29.23
CA GLU B 1113 -38.57 10.10 30.28
C GLU B 1113 -39.10 11.46 30.71
N GLN B 1114 -40.43 11.63 30.68
CA GLN B 1114 -41.12 12.82 31.12
C GLN B 1114 -41.58 12.68 32.57
N GLN B 1115 -41.41 13.75 33.36
CA GLN B 1115 -41.88 13.80 34.73
C GLN B 1115 -43.29 14.38 34.76
N LEU B 1116 -44.31 13.51 34.69
CA LEU B 1116 -45.71 13.91 34.59
C LEU B 1116 -46.28 14.17 35.98
N GLY B 1117 -47.16 15.18 36.06
CA GLY B 1117 -47.80 15.56 37.31
C GLY B 1117 -49.31 15.77 37.19
N GLN B 1118 -49.82 15.68 35.95
CA GLN B 1118 -51.24 15.80 35.67
C GLN B 1118 -51.51 15.45 34.22
N ILE B 1119 -52.71 14.94 33.94
CA ILE B 1119 -53.19 14.71 32.58
C ILE B 1119 -54.59 15.29 32.45
N VAL B 1120 -54.82 16.09 31.41
CA VAL B 1120 -56.15 16.64 31.15
C VAL B 1120 -56.59 16.16 29.77
N MET B 1121 -57.73 15.45 29.73
CA MET B 1121 -58.31 14.94 28.50
C MET B 1121 -59.54 15.77 28.16
N TYR B 1122 -59.56 16.29 26.93
CA TYR B 1122 -60.65 17.09 26.43
C TYR B 1122 -61.49 16.20 25.53
N PHE B 1123 -62.42 15.45 26.15
CA PHE B 1123 -63.41 14.69 25.43
C PHE B 1123 -64.46 15.66 24.88
N PHE B 1124 -65.04 15.29 23.73
CA PHE B 1124 -66.10 16.06 23.09
C PHE B 1124 -67.26 15.12 22.76
N ARG B 1125 -68.39 15.73 22.37
CA ARG B 1125 -69.60 15.02 21.95
C ARG B 1125 -70.20 15.74 20.74
N ASP B 1126 -70.86 14.95 19.87
CA ASP B 1126 -71.71 15.45 18.79
C ASP B 1126 -73.15 15.01 19.05
N SER B 1127 -74.03 15.24 18.07
CA SER B 1127 -75.44 14.88 18.22
C SER B 1127 -75.70 13.42 17.87
N ASN B 1128 -75.02 12.90 16.85
CA ASN B 1128 -75.29 11.60 16.27
C ASN B 1128 -74.74 10.47 17.14
N ALA B 1129 -73.46 10.54 17.54
CA ALA B 1129 -72.72 9.36 17.98
C ALA B 1129 -71.79 9.66 19.17
N VAL B 1130 -70.84 10.58 18.99
CA VAL B 1130 -69.79 10.82 19.96
C VAL B 1130 -70.40 11.32 21.28
N ARG B 1131 -70.02 10.65 22.38
CA ARG B 1131 -70.49 10.94 23.72
C ARG B 1131 -69.32 10.94 24.70
N PHE B 1132 -69.36 11.90 25.64
CA PHE B 1132 -68.44 11.97 26.78
C PHE B 1132 -68.44 10.62 27.48
N PRO B 1133 -67.26 10.05 27.83
CA PRO B 1133 -67.19 8.70 28.41
C PRO B 1133 -67.75 8.68 29.83
N ASP B 1134 -68.10 7.48 30.33
CA ASP B 1134 -68.64 7.32 31.68
C ASP B 1134 -67.52 7.53 32.71
N ALA B 1135 -67.90 7.95 33.92
CA ALA B 1135 -66.92 8.25 34.94
C ALA B 1135 -66.15 6.99 35.38
N GLY B 1136 -64.84 7.14 35.53
CA GLY B 1136 -64.00 6.11 36.10
C GLY B 1136 -63.63 5.00 35.11
N LYS B 1137 -64.05 5.13 33.85
CA LYS B 1137 -63.89 4.06 32.88
C LYS B 1137 -62.63 4.26 32.05
N THR B 1138 -62.31 5.53 31.73
CA THR B 1138 -61.08 5.87 31.01
C THR B 1138 -59.90 5.53 31.90
N LYS B 1139 -58.88 4.86 31.35
CA LYS B 1139 -57.74 4.35 32.12
C LYS B 1139 -56.41 4.71 31.45
N ILE B 1140 -55.39 4.99 32.27
CA ILE B 1140 -54.06 5.42 31.84
C ILE B 1140 -53.02 4.41 32.32
N GLN B 1141 -51.97 4.22 31.50
CA GLN B 1141 -50.83 3.40 31.87
C GLN B 1141 -49.54 4.07 31.39
N ILE B 1142 -48.42 3.70 32.03
CA ILE B 1142 -47.10 4.28 31.83
C ILE B 1142 -46.09 3.13 31.67
N SER B 1143 -45.00 3.39 30.94
CA SER B 1143 -43.84 2.49 30.90
C SER B 1143 -42.57 3.24 30.51
N ALA B 1144 -41.43 2.54 30.70
CA ALA B 1144 -40.10 3.06 30.39
C ALA B 1144 -39.65 2.51 29.02
N ASP B 1145 -39.85 1.22 28.83
CA ASP B 1145 -39.81 0.58 27.53
C ASP B 1145 -41.24 0.55 27.02
N GLY B 1146 -41.44 0.31 25.72
CA GLY B 1146 -42.79 0.26 25.18
C GLY B 1146 -43.58 -0.99 25.57
N LYS B 1147 -42.95 -1.88 26.38
CA LYS B 1147 -43.34 -3.27 26.51
C LYS B 1147 -44.04 -3.52 27.85
N ASN B 1148 -43.37 -3.18 28.97
CA ASN B 1148 -43.84 -3.43 30.33
C ASN B 1148 -44.58 -2.22 30.88
N TRP B 1149 -45.90 -2.40 31.08
CA TRP B 1149 -46.82 -1.33 31.45
C TRP B 1149 -47.15 -1.39 32.94
N THR B 1150 -47.81 -0.32 33.42
CA THR B 1150 -48.04 -0.05 34.84
C THR B 1150 -49.19 0.95 34.94
N ASP B 1151 -50.14 0.63 35.84
CA ASP B 1151 -51.34 1.45 35.96
C ASP B 1151 -50.98 2.73 36.68
N LEU B 1152 -51.53 3.85 36.16
CA LEU B 1152 -51.28 5.13 36.79
C LEU B 1152 -52.30 5.29 37.92
N ALA B 1153 -51.78 5.45 39.14
CA ALA B 1153 -52.67 5.55 40.28
C ALA B 1153 -53.19 6.98 40.34
N ALA B 1154 -54.36 7.21 39.74
CA ALA B 1154 -54.84 8.57 39.59
C ALA B 1154 -56.31 8.71 40.01
N THR B 1155 -56.74 9.97 40.19
CA THR B 1155 -58.14 10.33 40.41
C THR B 1155 -58.65 11.11 39.21
N GLU B 1156 -59.82 10.72 38.71
CA GLU B 1156 -60.51 11.43 37.64
C GLU B 1156 -61.40 12.51 38.23
N THR B 1157 -61.39 13.69 37.61
CA THR B 1157 -62.35 14.75 37.91
C THR B 1157 -62.98 15.23 36.60
N ILE B 1158 -64.28 14.98 36.42
CA ILE B 1158 -65.03 15.48 35.28
C ILE B 1158 -65.57 16.85 35.64
N ALA B 1159 -65.15 17.86 34.87
CA ALA B 1159 -65.46 19.26 35.19
C ALA B 1159 -66.97 19.50 35.13
N ALA B 1160 -67.42 20.46 35.94
CA ALA B 1160 -68.84 20.78 36.08
C ALA B 1160 -69.42 21.26 34.74
N GLN B 1161 -68.79 22.29 34.14
CA GLN B 1161 -69.19 22.88 32.88
C GLN B 1161 -68.23 22.53 31.75
N GLU B 1162 -68.69 22.65 30.51
CA GLU B 1162 -67.88 22.44 29.33
C GLU B 1162 -66.88 23.59 29.15
N SER B 1163 -65.66 23.27 28.72
CA SER B 1163 -64.61 24.25 28.48
C SER B 1163 -64.91 25.06 27.21
N SER B 1164 -65.43 24.38 26.18
CA SER B 1164 -65.84 24.96 24.91
C SER B 1164 -67.04 24.15 24.42
N GLU B 1165 -67.83 24.71 23.50
CA GLU B 1165 -69.08 24.05 23.14
C GLU B 1165 -68.80 22.59 22.80
N ARG B 1166 -69.40 21.69 23.59
CA ARG B 1166 -69.40 20.23 23.43
C ARG B 1166 -68.02 19.59 23.68
N VAL B 1167 -67.22 20.23 24.55
CA VAL B 1167 -65.96 19.72 25.05
C VAL B 1167 -65.97 19.81 26.58
N LYS B 1168 -65.70 18.68 27.24
CA LYS B 1168 -65.60 18.61 28.70
C LYS B 1168 -64.23 18.06 29.09
N PRO B 1169 -63.45 18.81 29.90
CA PRO B 1169 -62.14 18.33 30.34
C PRO B 1169 -62.24 17.38 31.54
N TYR B 1170 -61.71 16.17 31.35
CA TYR B 1170 -61.49 15.18 32.40
C TYR B 1170 -60.05 15.30 32.89
N THR B 1171 -59.87 15.70 34.15
CA THR B 1171 -58.55 15.94 34.73
C THR B 1171 -58.15 14.75 35.60
N TYR B 1172 -56.97 14.19 35.30
CA TYR B 1172 -56.40 13.06 36.01
C TYR B 1172 -55.26 13.54 36.90
N ASP B 1173 -55.36 13.23 38.20
CA ASP B 1173 -54.42 13.70 39.19
C ASP B 1173 -53.71 12.53 39.85
N PHE B 1174 -52.45 12.75 40.18
CA PHE B 1174 -51.60 11.66 40.66
C PHE B 1174 -50.29 12.25 41.12
N ALA B 1175 -49.58 11.51 41.99
CA ALA B 1175 -48.27 11.98 42.45
C ALA B 1175 -47.29 11.86 41.28
N PRO B 1176 -46.36 12.84 41.15
CA PRO B 1176 -45.37 12.83 40.06
C PRO B 1176 -44.81 11.44 39.76
N VAL B 1177 -44.80 11.06 38.48
CA VAL B 1177 -44.22 9.81 37.99
C VAL B 1177 -43.46 10.06 36.69
N GLY B 1178 -42.37 9.32 36.49
CA GLY B 1178 -41.65 9.28 35.24
C GLY B 1178 -42.31 8.32 34.25
N ALA B 1179 -42.49 8.80 33.02
CA ALA B 1179 -43.05 8.00 31.95
C ALA B 1179 -42.34 8.34 30.65
N THR B 1180 -41.81 7.33 29.93
CA THR B 1180 -41.34 7.59 28.58
C THR B 1180 -42.45 7.26 27.58
N PHE B 1181 -43.40 6.40 28.00
CA PHE B 1181 -44.60 6.10 27.22
C PHE B 1181 -45.84 6.27 28.09
N VAL B 1182 -46.95 6.71 27.46
CA VAL B 1182 -48.22 6.93 28.13
C VAL B 1182 -49.33 6.38 27.22
N LYS B 1183 -49.99 5.30 27.66
CA LYS B 1183 -51.07 4.66 26.91
C LYS B 1183 -52.41 4.92 27.60
N VAL B 1184 -53.23 5.78 26.98
CA VAL B 1184 -54.60 6.04 27.37
C VAL B 1184 -55.53 5.04 26.68
N THR B 1185 -56.28 4.26 27.47
CA THR B 1185 -57.26 3.30 26.96
C THR B 1185 -58.65 3.90 27.12
N VAL B 1186 -59.28 4.26 25.99
CA VAL B 1186 -60.59 4.91 25.96
C VAL B 1186 -61.66 3.84 25.74
N THR B 1187 -62.64 3.78 26.65
CA THR B 1187 -63.78 2.86 26.56
C THR B 1187 -65.02 3.72 26.37
N ASN B 1188 -65.86 3.35 25.40
CA ASN B 1188 -67.02 4.12 24.98
C ASN B 1188 -68.04 4.23 26.12
N ALA B 1189 -68.88 5.27 26.07
CA ALA B 1189 -69.96 5.40 27.04
C ALA B 1189 -70.92 4.23 26.86
N ASP B 1190 -71.69 3.98 27.92
CA ASP B 1190 -72.73 2.96 27.94
C ASP B 1190 -74.08 3.64 27.80
N THR B 1191 -74.29 4.24 26.62
CA THR B 1191 -75.49 4.99 26.30
C THR B 1191 -75.91 4.62 24.87
N THR B 1192 -77.10 5.07 24.45
CA THR B 1192 -77.55 4.89 23.08
C THR B 1192 -77.72 6.26 22.42
N THR B 1193 -77.53 6.26 21.10
CA THR B 1193 -77.38 7.47 20.33
C THR B 1193 -78.39 7.45 19.18
N PRO B 1194 -78.81 8.62 18.64
CA PRO B 1194 -79.57 8.66 17.40
C PRO B 1194 -79.04 7.73 16.30
N SER B 1195 -77.72 7.76 16.07
CA SER B 1195 -77.09 6.93 15.06
C SER B 1195 -77.23 5.45 15.39
N GLY B 1196 -77.36 5.13 16.68
CA GLY B 1196 -77.34 3.76 17.17
C GLY B 1196 -75.92 3.18 17.23
N VAL B 1197 -74.93 4.08 17.09
CA VAL B 1197 -73.51 3.80 17.25
C VAL B 1197 -72.98 4.77 18.32
N VAL B 1198 -72.41 4.21 19.39
CA VAL B 1198 -71.81 5.03 20.43
C VAL B 1198 -70.31 5.16 20.17
N CYS B 1199 -69.81 6.39 20.31
CA CYS B 1199 -68.43 6.73 20.03
C CYS B 1199 -67.86 7.61 21.15
N ALA B 1200 -66.52 7.70 21.18
CA ALA B 1200 -65.81 8.58 22.09
C ALA B 1200 -64.90 9.50 21.28
N GLY B 1201 -64.71 10.74 21.76
CA GLY B 1201 -63.96 11.69 20.96
C GLY B 1201 -63.12 12.66 21.80
N LEU B 1202 -61.90 12.93 21.32
CA LEU B 1202 -60.91 13.78 21.97
C LEU B 1202 -60.44 14.87 21.01
N THR B 1203 -60.37 16.12 21.52
CA THR B 1203 -59.70 17.21 20.82
C THR B 1203 -58.23 17.33 21.25
N GLU B 1204 -57.97 17.01 22.53
CA GLU B 1204 -56.64 17.18 23.11
C GLU B 1204 -56.46 16.23 24.30
N ILE B 1205 -55.23 15.75 24.46
CA ILE B 1205 -54.74 15.14 25.68
C ILE B 1205 -53.49 15.92 26.10
N GLU B 1206 -53.62 16.76 27.13
CA GLU B 1206 -52.48 17.45 27.71
C GLU B 1206 -51.77 16.53 28.71
N LEU B 1207 -50.49 16.19 28.45
CA LEU B 1207 -49.64 15.54 29.43
C LEU B 1207 -48.74 16.59 30.10
N LYS B 1208 -49.17 17.07 31.27
CA LYS B 1208 -48.47 18.14 31.98
C LYS B 1208 -47.35 17.57 32.85
N THR B 1209 -46.22 18.26 32.87
CA THR B 1209 -45.07 17.86 33.67
C THR B 1209 -45.21 18.44 35.07
N ALA B 1210 -44.36 18.01 36.01
CA ALA B 1210 -44.38 18.59 37.35
C ALA B 1210 -42.98 18.52 37.98
N THR B 1211 -42.74 19.45 38.93
CA THR B 1211 -41.56 19.44 39.79
C THR B 1211 -41.99 19.44 41.25
N SER B 1212 -41.17 18.84 42.13
CA SER B 1212 -41.42 18.69 43.57
C SER B 1212 -40.23 19.23 44.37
N LYS B 1213 -40.48 20.12 45.34
CA LYS B 1213 -39.42 20.64 46.23
C LYS B 1213 -39.88 20.50 47.68
N PHE B 1214 -38.92 20.33 48.60
CA PHE B 1214 -39.17 20.39 50.02
C PHE B 1214 -38.54 21.66 50.58
N VAL B 1215 -39.34 22.70 50.84
CA VAL B 1215 -38.84 23.97 51.36
C VAL B 1215 -38.57 23.88 52.86
N THR B 1216 -37.33 24.20 53.30
CA THR B 1216 -37.01 24.34 54.72
C THR B 1216 -36.74 25.82 55.01
N ASN B 1217 -37.20 26.35 56.17
CA ASN B 1217 -37.24 27.78 56.42
C ASN B 1217 -35.88 28.33 56.83
N THR B 1218 -35.69 29.66 56.64
CA THR B 1218 -34.56 30.41 57.17
C THR B 1218 -35.06 31.64 57.91
N SER B 1219 -35.04 31.58 59.24
CA SER B 1219 -35.14 32.76 60.09
C SER B 1219 -34.72 32.38 61.50
N ALA B 1220 -34.19 33.37 62.23
CA ALA B 1220 -33.84 33.23 63.64
C ALA B 1220 -34.76 34.07 64.53
N ALA B 1221 -35.73 34.76 63.92
CA ALA B 1221 -36.65 35.66 64.62
C ALA B 1221 -37.66 34.86 65.43
N LEU B 1222 -38.36 35.53 66.35
CA LEU B 1222 -39.22 34.90 67.34
C LEU B 1222 -40.66 35.40 67.20
N SER B 1223 -41.63 34.57 67.62
CA SER B 1223 -43.05 34.83 67.42
C SER B 1223 -43.88 33.97 68.36
N SER B 1224 -44.56 34.64 69.31
CA SER B 1224 -45.43 34.01 70.30
C SER B 1224 -44.61 33.22 71.34
N ALA B 1253 -41.45 31.34 74.36
CA ALA B 1253 -41.09 31.88 73.02
C ALA B 1253 -41.16 30.77 71.97
N GLU B 1254 -41.22 31.18 70.70
CA GLU B 1254 -41.26 30.27 69.55
C GLU B 1254 -40.54 30.90 68.37
N GLY B 1255 -39.88 30.03 67.58
CA GLY B 1255 -39.17 30.43 66.38
C GLY B 1255 -40.12 30.55 65.20
N GLU B 1256 -39.99 31.66 64.46
CA GLU B 1256 -40.85 31.99 63.33
C GLU B 1256 -40.88 30.83 62.35
N GLY B 1257 -39.69 30.46 61.85
CA GLY B 1257 -39.60 29.38 60.88
C GLY B 1257 -39.26 28.04 61.52
N ASN B 1258 -39.99 27.71 62.60
CA ASN B 1258 -39.73 26.54 63.43
C ASN B 1258 -38.25 26.52 63.84
N ALA B 1259 -37.72 27.70 64.15
CA ALA B 1259 -36.34 27.84 64.59
C ALA B 1259 -36.20 27.26 66.00
N SER B 1260 -35.02 26.68 66.30
CA SER B 1260 -34.77 26.10 67.62
C SER B 1260 -34.78 27.20 68.67
N VAL B 1261 -35.65 27.05 69.68
CA VAL B 1261 -35.77 27.95 70.81
C VAL B 1261 -34.97 27.34 71.96
N THR B 1262 -33.96 28.08 72.42
CA THR B 1262 -33.15 27.68 73.57
C THR B 1262 -33.15 28.82 74.58
N VAL B 1263 -33.41 28.52 75.87
CA VAL B 1263 -33.46 29.51 76.95
C VAL B 1263 -32.51 29.13 78.10
N VAL B 1273 -32.32 33.91 75.14
CA VAL B 1273 -32.86 33.10 74.00
C VAL B 1273 -31.93 33.25 72.81
N ILE B 1274 -31.13 32.20 72.54
CA ILE B 1274 -30.40 31.99 71.30
C ILE B 1274 -31.23 31.07 70.41
N THR B 1275 -31.27 31.40 69.11
CA THR B 1275 -32.09 30.70 68.13
C THR B 1275 -31.24 30.24 66.95
N GLU B 1276 -31.75 29.20 66.25
CA GLU B 1276 -31.12 28.59 65.10
C GLU B 1276 -32.21 28.25 64.08
N SER B 1277 -32.04 28.72 62.84
CA SER B 1277 -32.99 28.52 61.75
C SER B 1277 -33.08 27.04 61.38
N GLU B 1278 -34.17 26.67 60.68
CA GLU B 1278 -34.43 25.30 60.27
C GLU B 1278 -33.25 24.73 59.47
N ASP B 1279 -32.82 25.48 58.44
CA ASP B 1279 -31.49 25.28 57.86
C ASP B 1279 -30.50 25.78 58.89
N HIS B 1280 -29.62 24.89 59.34
CA HIS B 1280 -28.78 25.17 60.50
C HIS B 1280 -27.61 26.07 60.07
N VAL B 1281 -27.93 27.32 59.70
CA VAL B 1281 -26.99 28.21 59.03
C VAL B 1281 -26.84 29.51 59.82
N THR B 1282 -27.99 30.11 60.19
CA THR B 1282 -28.01 31.40 60.87
C THR B 1282 -28.51 31.24 62.30
N ARG B 1283 -27.62 31.47 63.29
CA ARG B 1283 -27.96 31.50 64.70
C ARG B 1283 -27.86 32.95 65.19
N LYS B 1284 -28.99 33.52 65.65
CA LYS B 1284 -29.06 34.89 66.14
C LYS B 1284 -29.50 34.93 67.61
N THR B 1285 -28.53 35.18 68.51
CA THR B 1285 -28.72 35.31 69.95
C THR B 1285 -29.34 36.68 70.25
N PHE B 1286 -30.39 36.69 71.08
CA PHE B 1286 -31.18 37.90 71.37
C PHE B 1286 -31.53 37.92 72.86
N SER C 7 -122.06 -25.15 87.56
CA SER C 7 -120.99 -25.90 88.26
C SER C 7 -121.57 -26.59 89.51
N ASP C 8 -121.12 -27.83 89.72
CA ASP C 8 -121.60 -28.69 90.79
C ASP C 8 -121.35 -28.06 92.16
N SER C 9 -122.40 -27.98 92.98
CA SER C 9 -122.30 -27.37 94.30
C SER C 9 -121.07 -27.87 95.07
N THR C 10 -120.99 -29.19 95.28
CA THR C 10 -120.11 -29.77 96.30
C THR C 10 -119.36 -30.99 95.79
N THR C 11 -119.93 -31.66 94.79
CA THR C 11 -119.40 -32.94 94.33
C THR C 11 -118.02 -32.69 93.71
N GLN C 12 -118.02 -31.75 92.76
CA GLN C 12 -116.88 -31.44 91.92
C GLN C 12 -117.02 -30.01 91.37
N MET C 13 -115.86 -29.41 91.02
CA MET C 13 -115.83 -28.25 90.13
C MET C 13 -115.10 -28.58 88.83
N SER C 14 -115.44 -27.80 87.81
CA SER C 14 -114.81 -27.84 86.50
C SER C 14 -114.31 -26.45 86.12
N SER C 15 -113.15 -26.39 85.43
CA SER C 15 -112.63 -25.22 84.74
C SER C 15 -113.62 -24.75 83.68
N THR C 16 -113.59 -23.46 83.32
CA THR C 16 -114.51 -22.99 82.28
C THR C 16 -114.03 -23.51 80.93
N PRO C 17 -114.94 -23.68 79.94
CA PRO C 17 -114.58 -24.30 78.67
C PRO C 17 -113.58 -23.43 77.89
N GLU C 18 -112.48 -24.08 77.47
CA GLU C 18 -111.38 -23.48 76.72
C GLU C 18 -111.33 -24.13 75.34
N VAL C 19 -110.79 -23.41 74.34
CA VAL C 19 -110.55 -23.96 73.03
C VAL C 19 -109.33 -24.87 73.11
N VAL C 20 -109.52 -26.18 72.89
CA VAL C 20 -108.41 -27.13 72.90
C VAL C 20 -108.07 -27.48 71.45
N TYR C 21 -106.82 -27.20 71.05
CA TYR C 21 -106.26 -27.54 69.75
C TYR C 21 -105.45 -28.83 69.93
N SER C 22 -105.67 -29.84 69.08
CA SER C 22 -104.87 -31.05 69.17
C SER C 22 -103.64 -30.93 68.27
N SER C 23 -102.47 -30.90 68.92
CA SER C 23 -101.19 -30.80 68.24
C SER C 23 -100.56 -32.18 68.30
N ALA C 24 -100.05 -32.68 67.16
CA ALA C 24 -99.52 -34.04 67.10
C ALA C 24 -98.16 -34.07 66.40
N VAL C 25 -97.25 -34.90 66.91
CA VAL C 25 -95.94 -35.13 66.32
C VAL C 25 -95.86 -36.61 65.91
N ASP C 26 -95.85 -36.86 64.59
CA ASP C 26 -95.74 -38.20 64.05
C ASP C 26 -94.57 -38.23 63.07
N SER C 27 -94.30 -39.42 62.50
CA SER C 27 -93.17 -39.61 61.61
C SER C 27 -93.48 -39.14 60.19
N LYS C 28 -94.77 -38.89 59.91
CA LYS C 28 -95.20 -38.30 58.64
C LYS C 28 -94.59 -36.91 58.44
N GLN C 29 -94.26 -36.21 59.53
CA GLN C 29 -93.73 -34.85 59.49
C GLN C 29 -92.28 -34.82 58.98
N ASN C 30 -91.86 -33.63 58.50
CA ASN C 30 -90.52 -33.40 57.99
C ASN C 30 -89.55 -33.29 59.16
N ARG C 31 -88.25 -33.46 58.84
CA ARG C 31 -87.19 -33.61 59.83
C ARG C 31 -87.31 -32.49 60.86
N THR C 32 -87.37 -31.27 60.33
CA THR C 32 -87.60 -30.05 61.08
C THR C 32 -88.94 -29.47 60.65
N SER C 33 -89.83 -29.23 61.64
CA SER C 33 -91.21 -28.82 61.44
C SER C 33 -91.51 -27.57 62.27
N ASP C 34 -92.37 -26.69 61.72
CA ASP C 34 -92.80 -25.48 62.40
C ASP C 34 -93.59 -25.85 63.65
N PHE C 35 -93.22 -25.30 64.81
CA PHE C 35 -93.86 -25.65 66.07
C PHE C 35 -94.44 -24.39 66.73
N ASP C 36 -94.85 -23.42 65.91
CA ASP C 36 -95.17 -22.07 66.36
C ASP C 36 -96.57 -21.98 66.92
N ALA C 37 -97.46 -22.87 66.44
CA ALA C 37 -98.90 -22.71 66.60
C ALA C 37 -99.36 -23.24 67.96
N ASN C 38 -100.46 -22.64 68.47
CA ASN C 38 -101.26 -23.15 69.59
C ASN C 38 -100.44 -23.25 70.86
N TRP C 39 -99.94 -22.10 71.33
CA TRP C 39 -99.32 -21.99 72.65
C TRP C 39 -100.29 -21.25 73.56
N LYS C 40 -100.18 -21.56 74.86
CA LYS C 40 -100.89 -20.79 75.86
C LYS C 40 -99.89 -19.89 76.56
N PHE C 41 -100.29 -18.64 76.78
CA PHE C 41 -99.44 -17.63 77.39
C PHE C 41 -100.16 -16.99 78.57
N MET C 42 -99.39 -16.62 79.59
CA MET C 42 -99.87 -15.83 80.71
C MET C 42 -98.75 -14.96 81.25
N LEU C 43 -99.00 -13.65 81.32
CA LEU C 43 -98.11 -12.74 82.01
C LEU C 43 -98.40 -12.78 83.52
N SER C 44 -97.44 -13.25 84.33
CA SER C 44 -97.64 -13.37 85.77
C SER C 44 -96.32 -13.60 86.50
N ASP C 45 -96.02 -12.68 87.41
CA ASP C 45 -94.81 -12.70 88.21
C ASP C 45 -94.82 -13.84 89.23
N SER C 46 -96.02 -14.40 89.48
CA SER C 46 -96.32 -15.14 90.70
C SER C 46 -96.58 -16.64 90.42
N VAL C 47 -97.28 -16.93 89.31
CA VAL C 47 -97.74 -18.28 88.99
C VAL C 47 -96.56 -19.26 88.92
N GLN C 48 -96.86 -20.56 89.15
CA GLN C 48 -95.93 -21.66 88.95
C GLN C 48 -96.58 -22.71 88.02
N ALA C 49 -96.25 -22.68 86.72
CA ALA C 49 -96.99 -23.42 85.70
C ALA C 49 -96.18 -24.55 85.07
N GLN C 50 -95.13 -25.03 85.77
CA GLN C 50 -94.20 -26.00 85.20
C GLN C 50 -94.82 -27.39 85.06
N ASP C 51 -95.60 -27.81 86.07
CA ASP C 51 -96.21 -29.12 86.14
C ASP C 51 -97.26 -29.27 85.01
N PRO C 52 -97.27 -30.41 84.27
CA PRO C 52 -98.22 -30.57 83.15
C PRO C 52 -99.69 -30.51 83.55
N ALA C 53 -99.95 -30.69 84.86
CA ALA C 53 -101.29 -30.76 85.42
C ALA C 53 -101.97 -29.40 85.48
N PHE C 54 -101.16 -28.34 85.57
CA PHE C 54 -101.60 -26.97 85.80
C PHE C 54 -102.77 -26.61 84.87
N ASP C 55 -103.72 -25.83 85.41
CA ASP C 55 -104.94 -25.43 84.74
C ASP C 55 -104.69 -24.17 83.90
N ASP C 56 -104.34 -24.40 82.63
CA ASP C 56 -104.01 -23.32 81.70
C ASP C 56 -105.25 -22.96 80.85
N SER C 57 -106.41 -23.42 81.31
CA SER C 57 -107.69 -23.17 80.66
C SER C 57 -107.95 -21.67 80.51
N ALA C 58 -107.57 -20.92 81.55
CA ALA C 58 -107.79 -19.47 81.63
C ALA C 58 -106.95 -18.72 80.59
N TRP C 59 -105.83 -19.34 80.17
CA TRP C 59 -104.73 -18.67 79.52
C TRP C 59 -105.07 -18.31 78.08
N GLN C 60 -104.40 -17.27 77.58
CA GLN C 60 -104.55 -16.76 76.23
C GLN C 60 -103.89 -17.71 75.24
N GLN C 61 -104.58 -18.04 74.14
CA GLN C 61 -103.98 -18.79 73.04
C GLN C 61 -103.28 -17.82 72.08
N VAL C 62 -102.01 -18.12 71.76
CA VAL C 62 -101.21 -17.31 70.86
C VAL C 62 -100.44 -18.21 69.90
N ASP C 63 -100.13 -17.68 68.70
CA ASP C 63 -99.21 -18.30 67.77
C ASP C 63 -97.88 -17.54 67.85
N LEU C 64 -96.78 -18.28 68.05
CA LEU C 64 -95.44 -17.73 68.01
C LEU C 64 -95.10 -17.36 66.56
N PRO C 65 -94.26 -16.33 66.31
CA PRO C 65 -93.54 -15.61 67.38
C PRO C 65 -94.44 -14.57 68.04
N HIS C 66 -94.06 -14.16 69.25
CA HIS C 66 -94.91 -13.41 70.15
C HIS C 66 -94.05 -12.55 71.08
N ASP C 67 -94.41 -11.26 71.20
CA ASP C 67 -93.76 -10.31 72.09
C ASP C 67 -94.77 -9.81 73.11
N TYR C 68 -94.51 -10.09 74.40
CA TYR C 68 -95.48 -9.80 75.46
C TYR C 68 -95.21 -8.46 76.14
N SER C 69 -94.19 -7.72 75.66
CA SER C 69 -93.92 -6.37 76.12
C SER C 69 -94.77 -5.38 75.34
N ILE C 70 -95.02 -5.67 74.06
CA ILE C 70 -95.54 -4.68 73.13
C ILE C 70 -97.02 -4.42 73.41
N THR C 71 -97.66 -5.32 74.16
CA THR C 71 -99.10 -5.28 74.39
C THR C 71 -99.42 -4.60 75.73
N GLN C 72 -98.48 -4.62 76.70
CA GLN C 72 -98.58 -3.86 77.94
C GLN C 72 -98.59 -2.36 77.65
N LYS C 73 -99.04 -1.55 78.62
CA LYS C 73 -99.27 -0.12 78.41
C LYS C 73 -98.01 0.64 78.83
N TYR C 74 -97.72 1.75 78.14
CA TYR C 74 -96.56 2.58 78.46
C TYR C 74 -96.70 3.10 79.89
N SER C 75 -95.58 3.42 80.56
CA SER C 75 -95.60 3.92 81.92
C SER C 75 -94.32 4.68 82.26
N GLN C 76 -94.47 5.88 82.82
CA GLN C 76 -93.36 6.76 83.17
C GLN C 76 -92.46 6.17 84.28
N SER C 77 -92.94 5.13 84.98
CA SER C 77 -92.14 4.49 86.01
C SER C 77 -91.01 3.66 85.37
N ASN C 78 -91.22 3.30 84.10
CA ASN C 78 -90.24 2.61 83.28
C ASN C 78 -89.23 3.63 82.73
N GLU C 79 -88.32 3.16 81.85
CA GLU C 79 -87.21 3.96 81.35
C GLU C 79 -87.40 4.20 79.86
N ALA C 80 -86.90 5.36 79.39
CA ALA C 80 -87.03 5.78 78.00
C ALA C 80 -86.29 4.85 77.05
N GLU C 81 -85.04 4.52 77.39
CA GLU C 81 -84.21 3.65 76.57
C GLU C 81 -84.99 2.41 76.13
N SER C 82 -85.80 1.84 77.05
CA SER C 82 -86.54 0.60 76.84
C SER C 82 -87.99 0.86 76.43
N ALA C 83 -88.28 2.09 75.94
CA ALA C 83 -89.51 2.55 75.28
C ALA C 83 -90.64 2.83 76.27
N TYR C 84 -90.28 3.06 77.54
CA TYR C 84 -91.20 3.20 78.65
C TYR C 84 -92.10 1.97 78.78
N LEU C 85 -91.76 0.87 78.08
CA LEU C 85 -92.54 -0.36 78.17
C LEU C 85 -91.90 -1.33 79.16
N PRO C 86 -92.73 -2.15 79.83
CA PRO C 86 -92.25 -3.07 80.87
C PRO C 86 -91.94 -4.44 80.29
N GLY C 87 -91.31 -5.28 81.12
CA GLY C 87 -91.03 -6.65 80.70
C GLY C 87 -91.76 -7.67 81.56
N GLY C 88 -91.00 -8.27 82.50
CA GLY C 88 -91.56 -9.09 83.56
C GLY C 88 -91.54 -10.56 83.15
N THR C 89 -92.35 -11.36 83.85
CA THR C 89 -92.31 -12.81 83.76
C THR C 89 -93.46 -13.33 82.91
N GLY C 90 -93.12 -14.00 81.80
CA GLY C 90 -94.07 -14.61 80.89
C GLY C 90 -93.94 -16.13 80.92
N TRP C 91 -95.10 -16.81 80.86
CA TRP C 91 -95.17 -18.26 80.85
C TRP C 91 -95.80 -18.71 79.53
N TYR C 92 -95.11 -19.61 78.83
CA TYR C 92 -95.63 -20.25 77.64
C TYR C 92 -95.76 -21.75 77.93
N ARG C 93 -96.92 -22.32 77.57
CA ARG C 93 -97.21 -23.74 77.72
C ARG C 93 -97.79 -24.24 76.40
N LYS C 94 -97.35 -25.44 75.97
CA LYS C 94 -97.92 -26.10 74.80
C LYS C 94 -97.98 -27.60 75.07
N SER C 95 -99.20 -28.17 74.89
CA SER C 95 -99.45 -29.59 75.07
C SER C 95 -99.71 -30.25 73.73
N PHE C 96 -99.18 -31.46 73.55
CA PHE C 96 -99.17 -32.15 72.27
C PHE C 96 -98.93 -33.64 72.47
N THR C 97 -99.50 -34.46 71.59
CA THR C 97 -99.26 -35.90 71.59
C THR C 97 -98.05 -36.18 70.71
N ILE C 98 -97.25 -37.18 71.11
CA ILE C 98 -96.20 -37.75 70.29
C ILE C 98 -96.67 -39.15 69.91
N ASP C 99 -97.00 -39.35 68.62
CA ASP C 99 -97.44 -40.63 68.08
C ASP C 99 -96.41 -41.72 68.41
N ARG C 100 -96.87 -42.96 68.63
CA ARG C 100 -96.00 -44.03 69.10
C ARG C 100 -95.08 -44.51 67.98
N ASP C 101 -95.33 -44.08 66.74
CA ASP C 101 -94.47 -44.41 65.61
C ASP C 101 -93.11 -43.75 65.76
N LEU C 102 -92.98 -42.76 66.68
CA LEU C 102 -91.75 -42.03 66.92
C LEU C 102 -90.91 -42.72 67.99
N ALA C 103 -91.43 -43.82 68.56
CA ALA C 103 -90.63 -44.60 69.49
C ALA C 103 -89.31 -44.96 68.82
N GLY C 104 -88.21 -44.75 69.54
CA GLY C 104 -86.91 -45.03 68.97
C GLY C 104 -86.25 -43.78 68.41
N LYS C 105 -87.07 -42.85 67.88
CA LYS C 105 -86.61 -41.62 67.24
C LYS C 105 -86.18 -40.62 68.31
N ARG C 106 -85.38 -39.62 67.88
CA ARG C 106 -84.90 -38.53 68.73
C ARG C 106 -85.67 -37.24 68.41
N ILE C 107 -86.01 -36.48 69.46
CA ILE C 107 -86.79 -35.26 69.32
C ILE C 107 -86.07 -34.14 70.05
N ALA C 108 -86.00 -32.98 69.39
CA ALA C 108 -85.41 -31.79 69.97
C ALA C 108 -86.27 -30.57 69.65
N ILE C 109 -86.33 -29.60 70.59
CA ILE C 109 -86.98 -28.31 70.37
C ILE C 109 -85.90 -27.24 70.16
N ASN C 110 -86.14 -26.34 69.18
CA ASN C 110 -85.14 -25.34 68.80
C ASN C 110 -85.78 -23.96 68.86
N PHE C 111 -85.17 -23.10 69.68
CA PHE C 111 -85.57 -21.71 69.84
C PHE C 111 -84.54 -20.82 69.12
N ASP C 112 -85.03 -19.94 68.24
CA ASP C 112 -84.12 -19.06 67.51
C ASP C 112 -83.79 -17.85 68.37
N GLY C 113 -84.74 -17.50 69.26
CA GLY C 113 -84.53 -16.46 70.25
C GLY C 113 -85.65 -16.48 71.28
N VAL C 114 -85.27 -16.18 72.54
CA VAL C 114 -86.19 -15.99 73.65
C VAL C 114 -85.58 -14.94 74.59
N TYR C 115 -86.22 -13.76 74.67
CA TYR C 115 -85.74 -12.64 75.47
C TYR C 115 -86.61 -12.45 76.71
N MET C 116 -86.04 -12.70 77.90
CA MET C 116 -84.77 -13.36 78.14
C MET C 116 -84.84 -14.18 79.43
N ASN C 117 -83.71 -14.70 79.89
CA ASN C 117 -83.64 -15.58 81.06
C ASN C 117 -84.69 -16.67 80.97
N ALA C 118 -84.57 -17.55 79.98
CA ALA C 118 -85.54 -18.60 79.75
C ALA C 118 -85.24 -19.79 80.64
N THR C 119 -86.31 -20.47 81.09
CA THR C 119 -86.24 -21.71 81.83
C THR C 119 -87.21 -22.68 81.16
N VAL C 120 -86.73 -23.90 80.88
CA VAL C 120 -87.53 -24.85 80.11
C VAL C 120 -87.75 -26.12 80.91
N TRP C 121 -89.03 -26.53 81.01
CA TRP C 121 -89.44 -27.81 81.54
C TRP C 121 -90.10 -28.61 80.42
N PHE C 122 -89.86 -29.93 80.43
CA PHE C 122 -90.60 -30.86 79.59
C PHE C 122 -91.19 -31.95 80.47
N ASN C 123 -92.52 -32.05 80.43
CA ASN C 123 -93.28 -32.98 81.24
C ASN C 123 -92.80 -32.88 82.69
N GLY C 124 -92.72 -31.65 83.20
CA GLY C 124 -92.40 -31.47 84.61
C GLY C 124 -90.91 -31.57 84.94
N VAL C 125 -90.11 -32.23 84.09
CA VAL C 125 -88.66 -32.24 84.30
C VAL C 125 -88.06 -30.92 83.80
N LYS C 126 -87.20 -30.31 84.65
CA LYS C 126 -86.56 -29.04 84.34
C LYS C 126 -85.31 -29.31 83.52
N LEU C 127 -85.31 -28.82 82.27
CA LEU C 127 -84.24 -29.13 81.32
C LEU C 127 -83.04 -28.23 81.56
N GLY C 128 -83.29 -26.92 81.65
CA GLY C 128 -82.24 -25.96 81.95
C GLY C 128 -82.68 -24.52 81.68
N THR C 129 -81.69 -23.65 81.53
CA THR C 129 -81.91 -22.22 81.40
C THR C 129 -81.01 -21.65 80.30
N HIS C 130 -81.42 -20.48 79.77
CA HIS C 130 -80.67 -19.76 78.77
C HIS C 130 -80.83 -18.25 78.95
N PRO C 131 -79.80 -17.55 79.49
CA PRO C 131 -79.90 -16.13 79.83
C PRO C 131 -80.05 -15.18 78.65
N TYR C 132 -79.16 -15.30 77.64
CA TYR C 132 -79.09 -14.33 76.56
C TYR C 132 -80.36 -14.33 75.70
N GLY C 133 -80.76 -13.13 75.31
CA GLY C 133 -82.05 -12.94 74.67
C GLY C 133 -82.03 -13.04 73.13
N TYR C 134 -80.84 -13.07 72.51
CA TYR C 134 -80.78 -13.00 71.05
C TYR C 134 -80.05 -14.17 70.39
N SER C 135 -79.32 -14.98 71.18
CA SER C 135 -78.63 -16.14 70.63
C SER C 135 -79.59 -17.32 70.57
N PRO C 136 -79.47 -18.22 69.55
CA PRO C 136 -80.36 -19.37 69.42
C PRO C 136 -79.88 -20.51 70.30
N PHE C 137 -80.78 -21.45 70.66
CA PHE C 137 -80.48 -22.59 71.52
C PHE C 137 -81.55 -23.68 71.38
N SER C 138 -81.19 -24.88 71.89
CA SER C 138 -81.98 -26.11 71.73
C SER C 138 -82.04 -26.86 73.06
N PHE C 139 -83.11 -27.68 73.20
CA PHE C 139 -83.13 -28.71 74.22
C PHE C 139 -83.53 -30.06 73.61
N ASP C 140 -82.85 -31.12 74.08
CA ASP C 140 -83.28 -32.47 73.78
C ASP C 140 -84.52 -32.81 74.60
N LEU C 141 -85.51 -33.44 73.95
CA LEU C 141 -86.75 -33.85 74.61
C LEU C 141 -86.85 -35.36 74.69
N THR C 142 -85.97 -36.07 73.96
CA THR C 142 -86.03 -37.52 73.82
C THR C 142 -86.18 -38.18 75.18
N GLY C 143 -85.22 -37.93 76.07
CA GLY C 143 -85.10 -38.62 77.35
C GLY C 143 -86.34 -38.55 78.23
N ASN C 144 -87.15 -37.49 78.05
CA ASN C 144 -88.25 -37.17 78.94
C ASN C 144 -89.60 -37.26 78.24
N ALA C 145 -89.57 -37.57 76.93
CA ALA C 145 -90.80 -37.66 76.15
C ALA C 145 -91.60 -38.86 76.64
N LYS C 146 -92.93 -38.72 76.62
CA LYS C 146 -93.84 -39.84 76.78
C LYS C 146 -94.37 -40.19 75.39
N PHE C 147 -93.93 -41.34 74.88
CA PHE C 147 -94.24 -41.73 73.52
C PHE C 147 -95.65 -42.34 73.48
N GLY C 148 -96.38 -42.05 72.40
CA GLY C 148 -97.79 -42.37 72.28
C GLY C 148 -98.66 -41.71 73.35
N GLY C 149 -98.21 -40.58 73.91
CA GLY C 149 -98.90 -39.94 75.02
C GLY C 149 -98.96 -38.41 74.89
N GLU C 150 -99.61 -37.77 75.86
CA GLU C 150 -99.71 -36.32 75.98
C GLU C 150 -98.40 -35.83 76.61
N ASN C 151 -97.82 -34.79 76.00
CA ASN C 151 -96.62 -34.12 76.48
C ASN C 151 -96.89 -32.61 76.58
N THR C 152 -96.16 -31.97 77.51
CA THR C 152 -96.33 -30.56 77.84
C THR C 152 -94.96 -29.91 78.02
N ILE C 153 -94.62 -29.00 77.11
CA ILE C 153 -93.43 -28.16 77.18
C ILE C 153 -93.83 -26.81 77.79
N VAL C 154 -92.94 -26.25 78.63
CA VAL C 154 -93.19 -25.02 79.36
C VAL C 154 -91.93 -24.16 79.35
N VAL C 155 -92.07 -22.91 78.89
CA VAL C 155 -90.99 -21.93 78.86
C VAL C 155 -91.39 -20.77 79.76
N LYS C 156 -90.54 -20.48 80.76
CA LYS C 156 -90.67 -19.31 81.62
C LYS C 156 -89.62 -18.26 81.21
N VAL C 157 -90.11 -17.11 80.75
CA VAL C 157 -89.31 -15.98 80.29
C VAL C 157 -89.34 -14.92 81.37
N GLU C 158 -88.16 -14.60 81.93
CA GLU C 158 -88.03 -13.53 82.93
C GLU C 158 -87.17 -12.40 82.35
N ASN C 159 -87.83 -11.44 81.69
CA ASN C 159 -87.20 -10.20 81.27
C ASN C 159 -87.27 -9.19 82.41
N ARG C 160 -86.37 -9.33 83.38
CA ARG C 160 -86.35 -8.42 84.51
C ARG C 160 -85.65 -7.16 84.05
N LEU C 161 -86.37 -6.03 83.99
CA LEU C 161 -85.79 -4.75 83.62
C LEU C 161 -84.91 -4.20 84.74
N PRO C 162 -83.89 -3.37 84.44
CA PRO C 162 -83.56 -2.97 83.06
C PRO C 162 -82.51 -3.90 82.42
N SER C 163 -82.71 -4.24 81.14
CA SER C 163 -81.85 -5.24 80.48
C SER C 163 -81.39 -4.81 79.08
N SER C 164 -81.68 -3.56 78.68
CA SER C 164 -81.43 -3.16 77.30
C SER C 164 -81.29 -1.65 77.18
N ARG C 165 -80.45 -1.19 76.24
CA ARG C 165 -80.31 0.23 75.94
C ARG C 165 -81.30 0.63 74.85
N TRP C 166 -82.04 -0.36 74.33
CA TRP C 166 -83.07 -0.19 73.33
C TRP C 166 -84.25 -1.10 73.68
N TYR C 167 -85.39 -0.95 72.98
CA TYR C 167 -86.53 -1.83 73.22
C TYR C 167 -86.18 -3.27 72.89
N SER C 168 -86.06 -4.11 73.92
CA SER C 168 -85.87 -5.56 73.78
C SER C 168 -87.13 -6.20 73.23
N GLY C 169 -88.29 -5.87 73.83
CA GLY C 169 -89.43 -6.77 73.81
C GLY C 169 -89.19 -7.93 74.76
N SER C 170 -90.20 -8.81 74.89
CA SER C 170 -90.15 -9.93 75.82
C SER C 170 -90.81 -11.15 75.18
N GLY C 171 -90.31 -12.33 75.55
CA GLY C 171 -90.97 -13.59 75.22
C GLY C 171 -90.26 -14.35 74.10
N ILE C 172 -91.03 -15.25 73.48
CA ILE C 172 -90.56 -16.10 72.38
C ILE C 172 -90.89 -15.36 71.10
N TYR C 173 -89.97 -14.45 70.73
CA TYR C 173 -90.20 -13.46 69.67
C TYR C 173 -89.71 -13.97 68.32
N ARG C 174 -89.34 -15.26 68.24
CA ARG C 174 -88.77 -15.86 67.03
C ARG C 174 -89.14 -17.34 66.95
N ASP C 175 -89.33 -17.81 65.70
CA ASP C 175 -89.84 -19.14 65.38
C ASP C 175 -89.20 -20.23 66.26
N VAL C 176 -90.06 -21.16 66.68
CA VAL C 176 -89.67 -22.39 67.34
C VAL C 176 -89.92 -23.54 66.36
N THR C 177 -89.12 -24.61 66.48
CA THR C 177 -89.25 -25.79 65.63
C THR C 177 -88.92 -27.06 66.43
N LEU C 178 -89.38 -28.20 65.90
CA LEU C 178 -89.08 -29.52 66.40
C LEU C 178 -88.24 -30.24 65.34
N THR C 179 -87.18 -30.91 65.81
CA THR C 179 -86.33 -31.73 64.97
C THR C 179 -86.46 -33.19 65.42
N VAL C 180 -86.98 -34.03 64.51
CA VAL C 180 -87.19 -35.45 64.73
C VAL C 180 -86.28 -36.22 63.76
N THR C 181 -85.47 -37.13 64.32
CA THR C 181 -84.45 -37.84 63.54
C THR C 181 -84.28 -39.27 64.05
N ASP C 182 -83.66 -40.09 63.18
CA ASP C 182 -83.17 -41.41 63.53
C ASP C 182 -82.13 -41.29 64.66
N GLY C 183 -81.81 -42.44 65.25
CA GLY C 183 -80.88 -42.45 66.37
C GLY C 183 -79.46 -42.17 65.90
N VAL C 184 -79.20 -42.52 64.64
CA VAL C 184 -77.99 -42.15 63.92
C VAL C 184 -78.37 -40.99 63.00
N HIS C 185 -77.77 -39.82 63.27
CA HIS C 185 -78.20 -38.58 62.65
C HIS C 185 -77.01 -37.62 62.55
N VAL C 186 -77.14 -36.68 61.60
CA VAL C 186 -76.24 -35.54 61.54
C VAL C 186 -76.53 -34.69 62.77
N GLY C 187 -75.48 -34.02 63.29
CA GLY C 187 -75.62 -33.25 64.51
C GLY C 187 -76.48 -32.00 64.30
N ASN C 188 -76.74 -31.29 65.39
CA ASN C 188 -77.26 -29.93 65.32
C ASN C 188 -76.28 -29.14 64.46
N ASN C 189 -76.80 -28.45 63.43
CA ASN C 189 -75.98 -27.61 62.57
C ASN C 189 -74.69 -28.34 62.18
N GLY C 190 -74.82 -29.62 61.82
CA GLY C 190 -73.71 -30.57 61.84
C GLY C 190 -72.72 -30.47 60.69
N VAL C 191 -73.03 -29.67 59.67
CA VAL C 191 -72.21 -29.64 58.47
C VAL C 191 -71.57 -28.27 58.33
N ALA C 192 -70.26 -28.28 58.09
CA ALA C 192 -69.46 -27.09 57.89
C ALA C 192 -68.77 -27.20 56.53
N ILE C 193 -68.91 -26.16 55.70
CA ILE C 193 -68.40 -26.16 54.35
C ILE C 193 -67.32 -25.10 54.21
N LYS C 194 -66.19 -25.46 53.59
CA LYS C 194 -65.09 -24.54 53.30
C LYS C 194 -64.65 -24.67 51.83
N THR C 195 -64.30 -23.55 51.19
CA THR C 195 -63.80 -23.53 49.83
C THR C 195 -62.56 -22.67 49.80
N PRO C 196 -61.43 -23.17 50.37
CA PRO C 196 -60.30 -22.31 50.75
C PRO C 196 -59.61 -21.68 49.55
N SER C 197 -59.88 -22.20 48.34
CA SER C 197 -59.14 -21.82 47.15
C SER C 197 -60.04 -21.15 46.10
N LEU C 198 -61.29 -20.84 46.47
CA LEU C 198 -62.27 -20.41 45.48
C LEU C 198 -61.70 -19.26 44.64
N ALA C 199 -61.03 -18.30 45.29
CA ALA C 199 -60.53 -17.11 44.63
C ALA C 199 -59.67 -17.48 43.42
N THR C 200 -58.88 -18.54 43.58
CA THR C 200 -57.95 -19.11 42.61
C THR C 200 -58.70 -20.01 41.62
N GLN C 201 -59.60 -20.87 42.14
CA GLN C 201 -60.25 -21.89 41.34
C GLN C 201 -61.43 -21.33 40.57
N ASN C 202 -61.81 -20.07 40.84
CA ASN C 202 -63.06 -19.53 40.30
C ASN C 202 -63.09 -19.73 38.79
N GLY C 203 -64.21 -20.23 38.29
CA GLY C 203 -64.37 -20.46 36.86
C GLY C 203 -64.11 -21.92 36.49
N GLY C 204 -63.19 -22.55 37.22
CA GLY C 204 -62.87 -23.96 37.04
C GLY C 204 -63.59 -24.82 38.06
N ASN C 205 -62.93 -25.90 38.45
CA ASN C 205 -63.39 -26.81 39.48
C ASN C 205 -63.01 -26.25 40.84
N VAL C 206 -63.98 -26.20 41.76
CA VAL C 206 -63.79 -25.65 43.10
C VAL C 206 -63.75 -26.80 44.10
N THR C 207 -62.71 -26.78 44.97
CA THR C 207 -62.59 -27.75 46.06
C THR C 207 -63.45 -27.28 47.24
N MET C 208 -64.39 -28.14 47.64
CA MET C 208 -65.21 -27.99 48.83
C MET C 208 -64.74 -29.01 49.87
N ASN C 209 -64.43 -28.53 51.08
CA ASN C 209 -64.06 -29.39 52.20
C ASN C 209 -65.15 -29.36 53.26
N LEU C 210 -65.86 -30.48 53.39
CA LEU C 210 -66.94 -30.63 54.36
C LEU C 210 -66.41 -31.33 55.60
N THR C 211 -66.94 -30.95 56.77
CA THR C 211 -66.82 -31.68 58.03
C THR C 211 -68.22 -31.82 58.60
N THR C 212 -68.60 -33.05 58.96
CA THR C 212 -69.95 -33.40 59.36
C THR C 212 -69.93 -34.20 60.65
N LYS C 213 -70.56 -33.68 61.71
CA LYS C 213 -70.74 -34.43 62.94
C LYS C 213 -71.89 -35.41 62.71
N VAL C 214 -71.56 -36.71 62.83
CA VAL C 214 -72.55 -37.77 62.83
C VAL C 214 -72.59 -38.35 64.23
N ALA C 215 -73.77 -38.30 64.86
CA ALA C 215 -73.95 -38.83 66.21
C ALA C 215 -74.59 -40.20 66.11
N ASN C 216 -74.05 -41.15 66.89
CA ASN C 216 -74.63 -42.47 67.03
C ASN C 216 -75.31 -42.58 68.38
N ASP C 217 -76.56 -42.09 68.46
CA ASP C 217 -77.33 -42.08 69.70
C ASP C 217 -78.21 -43.32 69.76
N THR C 218 -77.58 -44.49 69.56
CA THR C 218 -78.24 -45.79 69.66
C THR C 218 -77.45 -46.67 70.62
N LYS C 219 -77.94 -47.90 70.83
CA LYS C 219 -77.34 -48.83 71.78
C LYS C 219 -76.39 -49.79 71.07
N ALA C 220 -76.02 -49.47 69.84
CA ALA C 220 -75.27 -50.34 68.95
C ALA C 220 -74.19 -49.52 68.26
N ALA C 221 -72.98 -50.07 68.13
CA ALA C 221 -72.01 -49.53 67.19
C ALA C 221 -72.68 -49.47 65.81
N ALA C 222 -72.28 -48.49 64.98
CA ALA C 222 -72.89 -48.27 63.68
C ALA C 222 -71.81 -48.08 62.62
N ASN C 223 -72.07 -48.60 61.42
CA ASN C 223 -71.19 -48.45 60.27
C ASN C 223 -71.86 -47.55 59.25
N ILE C 224 -71.27 -46.39 59.05
CA ILE C 224 -71.91 -45.26 58.39
C ILE C 224 -71.07 -44.85 57.18
N THR C 225 -71.77 -44.47 56.10
CA THR C 225 -71.16 -43.71 55.02
C THR C 225 -72.02 -42.46 54.77
N LEU C 226 -71.38 -41.38 54.32
CA LEU C 226 -72.07 -40.15 53.95
C LEU C 226 -72.13 -40.04 52.44
N LYS C 227 -73.30 -39.68 51.90
CA LYS C 227 -73.43 -39.37 50.49
C LYS C 227 -73.88 -37.92 50.36
N GLN C 228 -72.94 -37.05 49.98
CA GLN C 228 -73.17 -35.62 49.90
C GLN C 228 -73.29 -35.18 48.43
N THR C 229 -74.17 -34.21 48.17
CA THR C 229 -74.50 -33.73 46.83
C THR C 229 -74.75 -32.22 46.84
N VAL C 230 -74.11 -31.49 45.92
CA VAL C 230 -74.24 -30.05 45.81
C VAL C 230 -75.02 -29.76 44.53
N PHE C 231 -76.22 -29.19 44.67
CA PHE C 231 -77.10 -28.93 43.54
C PHE C 231 -77.80 -27.60 43.75
N PRO C 232 -78.32 -26.93 42.67
CA PRO C 232 -78.84 -25.57 42.80
C PRO C 232 -80.08 -25.57 43.69
N LYS C 233 -80.19 -24.59 44.60
CA LYS C 233 -81.28 -24.56 45.56
C LYS C 233 -82.60 -24.48 44.78
N GLY C 234 -83.55 -25.37 45.10
CA GLY C 234 -84.84 -25.37 44.44
C GLY C 234 -84.89 -26.23 43.18
N GLY C 235 -83.74 -26.69 42.71
CA GLY C 235 -83.63 -27.58 41.56
C GLY C 235 -83.62 -29.04 42.00
N LYS C 236 -83.50 -29.95 41.02
CA LYS C 236 -83.52 -31.39 41.25
C LYS C 236 -82.09 -31.88 41.46
N THR C 237 -81.92 -33.05 42.10
CA THR C 237 -80.61 -33.58 42.48
C THR C 237 -79.77 -33.94 41.24
N ASP C 238 -80.45 -34.17 40.12
CA ASP C 238 -79.77 -34.62 38.90
C ASP C 238 -78.99 -33.46 38.26
N ALA C 239 -79.20 -32.23 38.76
CA ALA C 239 -78.48 -31.05 38.29
C ALA C 239 -77.31 -30.75 39.21
N ALA C 240 -76.92 -31.72 40.04
CA ALA C 240 -75.78 -31.61 40.93
C ALA C 240 -74.55 -31.20 40.12
N ILE C 241 -73.62 -30.50 40.79
CA ILE C 241 -72.36 -30.07 40.19
C ILE C 241 -71.21 -30.67 40.98
N GLY C 242 -71.54 -31.64 41.84
CA GLY C 242 -70.56 -32.36 42.65
C GLY C 242 -71.24 -33.34 43.59
N THR C 243 -70.59 -34.51 43.78
CA THR C 243 -71.00 -35.55 44.70
C THR C 243 -69.77 -36.16 45.32
N VAL C 244 -69.93 -36.73 46.53
CA VAL C 244 -68.96 -37.61 47.12
C VAL C 244 -69.69 -38.63 47.97
N THR C 245 -69.07 -39.82 48.12
CA THR C 245 -69.47 -40.85 49.06
C THR C 245 -68.24 -41.23 49.87
N THR C 246 -68.36 -41.18 51.21
CA THR C 246 -67.22 -41.38 52.10
C THR C 246 -66.96 -42.88 52.25
N ALA C 247 -65.74 -43.19 52.69
CA ALA C 247 -65.43 -44.52 53.19
C ALA C 247 -66.29 -44.78 54.43
N SER C 248 -66.49 -46.07 54.73
CA SER C 248 -67.17 -46.47 55.95
C SER C 248 -66.39 -45.96 57.17
N LYS C 249 -67.07 -45.28 58.09
CA LYS C 249 -66.56 -44.96 59.42
C LYS C 249 -67.43 -45.73 60.43
N SER C 250 -66.76 -46.38 61.37
CA SER C 250 -67.40 -47.06 62.47
C SER C 250 -67.56 -46.08 63.62
N ILE C 251 -68.80 -45.86 64.09
CA ILE C 251 -69.08 -44.95 65.18
C ILE C 251 -69.67 -45.74 66.35
N ALA C 252 -68.96 -45.70 67.51
CA ALA C 252 -69.34 -46.48 68.68
C ALA C 252 -70.72 -46.07 69.20
N ALA C 253 -71.33 -46.92 70.03
CA ALA C 253 -72.63 -46.62 70.61
C ALA C 253 -72.55 -45.39 71.50
N GLY C 254 -73.50 -44.45 71.32
CA GLY C 254 -73.61 -43.24 72.11
C GLY C 254 -72.44 -42.28 71.89
N ALA C 255 -71.63 -42.57 70.86
CA ALA C 255 -70.52 -41.71 70.47
C ALA C 255 -70.92 -40.89 69.26
N SER C 256 -70.03 -39.99 68.83
CA SER C 256 -70.19 -39.28 67.58
C SER C 256 -68.82 -39.04 66.96
N ALA C 257 -68.79 -38.71 65.67
CA ALA C 257 -67.57 -38.55 64.90
C ALA C 257 -67.71 -37.39 63.92
N ASP C 258 -66.60 -36.68 63.72
CA ASP C 258 -66.51 -35.68 62.67
C ASP C 258 -66.02 -36.37 61.42
N VAL C 259 -66.82 -36.35 60.35
CA VAL C 259 -66.53 -37.07 59.11
C VAL C 259 -66.14 -36.07 58.03
N THR C 260 -64.85 -36.06 57.69
CA THR C 260 -64.34 -35.20 56.62
C THR C 260 -64.64 -35.81 55.25
N SER C 261 -65.03 -34.94 54.31
CA SER C 261 -65.21 -35.29 52.91
C SER C 261 -64.70 -34.13 52.06
N THR C 262 -64.50 -34.41 50.76
CA THR C 262 -64.27 -33.38 49.76
C THR C 262 -65.21 -33.59 48.58
N ILE C 263 -65.77 -32.49 48.09
CA ILE C 263 -66.55 -32.46 46.86
C ILE C 263 -65.82 -31.53 45.90
N THR C 264 -65.82 -31.90 44.61
CA THR C 264 -65.31 -31.02 43.57
C THR C 264 -66.50 -30.42 42.82
N ALA C 265 -66.69 -29.11 42.97
CA ALA C 265 -67.80 -28.42 42.34
C ALA C 265 -67.40 -28.03 40.92
N ALA C 266 -68.16 -28.54 39.96
CA ALA C 266 -67.99 -28.25 38.54
C ALA C 266 -68.48 -26.84 38.24
N SER C 267 -67.53 -25.90 38.22
CA SER C 267 -67.75 -24.51 37.82
C SER C 267 -69.00 -23.93 38.49
N PRO C 268 -69.04 -23.87 39.84
CA PRO C 268 -70.23 -23.37 40.53
C PRO C 268 -70.46 -21.89 40.19
N LYS C 269 -71.74 -21.49 40.14
CA LYS C 269 -72.10 -20.10 39.93
C LYS C 269 -71.93 -19.32 41.23
N LEU C 270 -71.19 -18.22 41.16
CA LEU C 270 -70.88 -17.43 42.35
C LEU C 270 -72.13 -16.80 42.94
N TRP C 271 -72.23 -16.77 44.28
CA TRP C 271 -73.16 -15.92 45.02
C TRP C 271 -72.59 -14.50 45.06
N SER C 272 -73.38 -13.53 44.58
CA SER C 272 -72.97 -12.13 44.49
C SER C 272 -74.14 -11.24 44.89
N ILE C 273 -73.89 -9.94 45.06
CA ILE C 273 -74.94 -9.01 45.46
C ILE C 273 -76.00 -8.94 44.37
N LYS C 274 -75.56 -8.82 43.10
CA LYS C 274 -76.48 -8.70 41.99
C LYS C 274 -77.14 -10.06 41.72
N ASN C 275 -76.40 -11.15 41.94
CA ASN C 275 -76.87 -12.48 41.57
C ASN C 275 -76.64 -13.45 42.73
N PRO C 276 -77.52 -13.40 43.75
CA PRO C 276 -77.36 -14.26 44.94
C PRO C 276 -77.73 -15.72 44.75
N ASN C 277 -76.95 -16.43 43.92
CA ASN C 277 -77.21 -17.82 43.58
C ASN C 277 -76.86 -18.70 44.77
N LEU C 278 -77.84 -19.50 45.20
CA LEU C 278 -77.70 -20.42 46.31
C LEU C 278 -77.67 -21.87 45.80
N TYR C 279 -76.97 -22.71 46.55
CA TYR C 279 -76.92 -24.15 46.32
C TYR C 279 -77.41 -24.83 47.59
N THR C 280 -77.92 -26.06 47.44
CA THR C 280 -78.22 -26.91 48.58
C THR C 280 -77.13 -27.97 48.67
N VAL C 281 -76.71 -28.30 49.90
CA VAL C 281 -75.70 -29.32 50.11
C VAL C 281 -76.31 -30.39 51.01
N ARG C 282 -76.80 -31.43 50.34
CA ARG C 282 -77.51 -32.53 50.99
C ARG C 282 -76.51 -33.58 51.45
N THR C 283 -76.62 -33.96 52.73
CA THR C 283 -75.79 -34.98 53.35
C THR C 283 -76.73 -36.10 53.82
N GLU C 284 -76.55 -37.29 53.24
CA GLU C 284 -77.32 -38.48 53.57
C GLU C 284 -76.43 -39.40 54.39
N VAL C 285 -76.99 -39.88 55.52
CA VAL C 285 -76.29 -40.81 56.40
C VAL C 285 -76.82 -42.20 56.09
N LEU C 286 -75.90 -43.09 55.68
CA LEU C 286 -76.25 -44.40 55.16
C LEU C 286 -75.72 -45.48 56.10
N ASN C 287 -76.60 -46.45 56.40
CA ASN C 287 -76.26 -47.70 57.08
C ASN C 287 -76.88 -48.85 56.29
N GLY C 288 -76.03 -49.81 55.89
CA GLY C 288 -76.41 -50.77 54.88
C GLY C 288 -76.86 -50.04 53.61
N GLY C 289 -78.00 -50.47 53.07
CA GLY C 289 -78.58 -49.84 51.89
C GLY C 289 -79.30 -48.55 52.24
N LYS C 290 -79.91 -48.52 53.44
CA LYS C 290 -80.92 -47.53 53.79
C LYS C 290 -80.29 -46.20 54.23
N VAL C 291 -81.00 -45.13 53.87
CA VAL C 291 -80.73 -43.76 54.29
C VAL C 291 -81.37 -43.55 55.67
N LEU C 292 -80.56 -43.26 56.70
CA LEU C 292 -81.05 -43.09 58.06
C LEU C 292 -81.42 -41.63 58.37
N ASP C 293 -80.64 -40.69 57.81
CA ASP C 293 -80.87 -39.28 58.04
C ASP C 293 -80.44 -38.51 56.80
N THR C 294 -81.15 -37.41 56.54
CA THR C 294 -80.87 -36.53 55.41
C THR C 294 -80.89 -35.08 55.89
N TYR C 295 -79.73 -34.41 55.76
CA TYR C 295 -79.52 -33.08 56.31
C TYR C 295 -79.07 -32.12 55.20
N ASP C 296 -79.91 -31.11 54.94
CA ASP C 296 -79.63 -30.07 53.95
C ASP C 296 -79.10 -28.82 54.66
N THR C 297 -78.26 -28.06 53.93
CA THR C 297 -77.70 -26.79 54.35
C THR C 297 -77.51 -25.90 53.12
N GLU C 298 -78.02 -24.67 53.18
CA GLU C 298 -77.96 -23.70 52.09
C GLU C 298 -76.55 -23.12 52.05
N TYR C 299 -75.98 -23.01 50.83
CA TYR C 299 -74.62 -22.53 50.64
C TYR C 299 -74.56 -21.58 49.45
N GLY C 300 -73.54 -20.72 49.46
CA GLY C 300 -73.20 -19.86 48.34
C GLY C 300 -71.71 -19.92 48.06
N PHE C 301 -71.34 -19.80 46.78
CA PHE C 301 -69.91 -19.74 46.45
C PHE C 301 -69.51 -18.27 46.35
N ARG C 302 -68.67 -17.82 47.27
CA ARG C 302 -68.26 -16.43 47.30
C ARG C 302 -67.00 -16.31 48.16
N TRP C 303 -66.22 -15.25 47.91
CA TRP C 303 -65.08 -14.94 48.78
C TRP C 303 -64.96 -13.42 48.95
N THR C 304 -64.34 -13.02 50.07
CA THR C 304 -64.13 -11.61 50.32
C THR C 304 -62.63 -11.36 50.41
N GLY C 305 -62.26 -10.08 50.36
CA GLY C 305 -60.94 -9.64 50.78
C GLY C 305 -60.98 -8.24 51.36
N PHE C 306 -60.04 -7.99 52.27
CA PHE C 306 -59.85 -6.69 52.89
C PHE C 306 -58.42 -6.29 52.65
N ASP C 307 -58.23 -5.14 52.00
CA ASP C 307 -56.91 -4.54 51.82
C ASP C 307 -56.90 -3.27 52.67
N ALA C 308 -55.79 -3.01 53.36
CA ALA C 308 -55.76 -1.91 54.33
C ALA C 308 -55.77 -0.54 53.64
N THR C 309 -55.69 -0.54 52.29
CA THR C 309 -55.53 0.68 51.51
C THR C 309 -56.70 0.92 50.55
N SER C 310 -57.16 -0.15 49.89
CA SER C 310 -58.20 -0.14 48.87
C SER C 310 -59.53 -0.73 49.37
N GLY C 311 -59.51 -1.23 50.61
CA GLY C 311 -60.74 -1.59 51.31
C GLY C 311 -61.29 -2.97 50.91
N PHE C 312 -62.63 -3.04 50.83
CA PHE C 312 -63.33 -4.30 50.72
C PHE C 312 -63.46 -4.68 49.25
N SER C 313 -63.64 -5.99 49.04
CA SER C 313 -63.83 -6.63 47.74
C SER C 313 -64.61 -7.93 47.92
N LEU C 314 -65.62 -8.14 47.05
CA LEU C 314 -66.42 -9.36 46.99
C LEU C 314 -66.23 -10.04 45.62
N ASN C 315 -65.71 -11.27 45.67
CA ASN C 315 -65.50 -12.14 44.51
C ASN C 315 -64.55 -11.48 43.52
N GLY C 316 -63.55 -10.76 44.01
CA GLY C 316 -62.59 -10.19 43.08
C GLY C 316 -62.87 -8.73 42.75
N GLU C 317 -64.14 -8.31 42.80
CA GLU C 317 -64.57 -6.95 42.53
C GLU C 317 -64.48 -6.07 43.77
N LYS C 318 -64.01 -4.82 43.59
CA LYS C 318 -63.99 -3.89 44.69
C LYS C 318 -65.41 -3.41 44.97
N VAL C 319 -65.83 -3.48 46.23
CA VAL C 319 -67.18 -3.05 46.61
C VAL C 319 -67.07 -2.12 47.82
N LYS C 320 -67.92 -1.09 47.82
CA LYS C 320 -68.02 -0.21 48.97
C LYS C 320 -69.13 -0.73 49.90
N LEU C 321 -68.81 -0.93 51.18
CA LEU C 321 -69.81 -1.36 52.13
C LEU C 321 -70.71 -0.16 52.46
N LYS C 322 -71.84 -0.11 51.74
CA LYS C 322 -72.86 0.91 51.92
C LYS C 322 -73.89 0.34 52.87
N GLY C 323 -73.66 0.58 54.18
CA GLY C 323 -74.28 -0.22 55.23
C GLY C 323 -75.21 0.58 56.14
N VAL C 324 -76.17 -0.12 56.74
CA VAL C 324 -76.99 0.43 57.80
C VAL C 324 -76.87 -0.52 58.99
N SER C 325 -76.89 0.06 60.19
CA SER C 325 -77.16 -0.67 61.42
C SER C 325 -78.67 -0.88 61.53
N MET C 326 -79.10 -2.07 62.00
CA MET C 326 -80.52 -2.39 62.20
C MET C 326 -80.69 -3.14 63.52
N HIS C 327 -81.57 -2.61 64.37
CA HIS C 327 -82.00 -3.34 65.55
C HIS C 327 -83.06 -4.34 65.11
N HIS C 328 -83.53 -5.18 66.04
CA HIS C 328 -84.33 -6.33 65.65
C HIS C 328 -85.82 -6.00 65.57
N ASP C 329 -86.32 -5.07 66.39
CA ASP C 329 -87.76 -4.89 66.42
C ASP C 329 -88.32 -4.50 65.06
N GLN C 330 -89.61 -4.80 64.87
CA GLN C 330 -90.30 -4.56 63.61
C GLN C 330 -91.43 -3.55 63.84
N GLY C 331 -91.08 -2.46 64.52
CA GLY C 331 -91.98 -1.34 64.70
C GLY C 331 -93.22 -1.71 65.52
N SER C 332 -94.39 -1.47 64.91
CA SER C 332 -95.65 -1.65 65.61
C SER C 332 -95.85 -3.11 66.03
N LEU C 333 -95.18 -4.05 65.36
CA LEU C 333 -95.29 -5.46 65.71
C LEU C 333 -94.38 -5.83 66.88
N GLY C 334 -93.56 -4.89 67.38
CA GLY C 334 -92.64 -5.18 68.47
C GLY C 334 -91.47 -6.08 68.03
N ALA C 335 -90.94 -6.86 68.97
CA ALA C 335 -89.76 -7.69 68.76
C ALA C 335 -90.03 -8.84 67.79
N VAL C 336 -91.32 -9.14 67.57
CA VAL C 336 -91.75 -10.25 66.75
C VAL C 336 -90.97 -10.25 65.43
N ALA C 337 -90.28 -11.37 65.16
CA ALA C 337 -89.43 -11.50 63.99
C ALA C 337 -90.20 -12.13 62.85
N ASN C 338 -91.26 -11.44 62.40
CA ASN C 338 -92.08 -11.87 61.27
C ASN C 338 -91.26 -11.81 59.98
N ARG C 339 -91.20 -12.92 59.25
CA ARG C 339 -90.34 -13.03 58.07
C ARG C 339 -90.64 -11.92 57.06
N ARG C 340 -91.92 -11.64 56.80
CA ARG C 340 -92.28 -10.65 55.80
C ARG C 340 -91.90 -9.24 56.27
N ALA C 341 -92.16 -8.95 57.54
CA ALA C 341 -91.74 -7.70 58.16
C ALA C 341 -90.26 -7.46 57.85
N ILE C 342 -89.44 -8.45 58.22
CA ILE C 342 -88.00 -8.44 58.06
C ILE C 342 -87.62 -8.27 56.59
N GLU C 343 -88.31 -9.03 55.72
CA GLU C 343 -88.07 -8.99 54.28
C GLU C 343 -88.34 -7.58 53.75
N ARG C 344 -89.48 -7.00 54.13
CA ARG C 344 -89.90 -5.66 53.73
C ARG C 344 -88.80 -4.66 54.05
N GLN C 345 -88.25 -4.75 55.28
CA GLN C 345 -87.18 -3.85 55.70
C GLN C 345 -86.02 -3.90 54.68
N VAL C 346 -85.55 -5.12 54.39
CA VAL C 346 -84.43 -5.29 53.49
C VAL C 346 -84.75 -4.68 52.12
N GLU C 347 -85.99 -4.92 51.65
CA GLU C 347 -86.41 -4.44 50.35
C GLU C 347 -86.26 -2.92 50.26
N ILE C 348 -86.77 -2.24 51.29
CA ILE C 348 -86.76 -0.79 51.38
C ILE C 348 -85.31 -0.29 51.43
N LEU C 349 -84.46 -1.00 52.20
CA LEU C 349 -83.06 -0.66 52.31
C LEU C 349 -82.38 -0.81 50.96
N GLN C 350 -82.66 -1.92 50.25
CA GLN C 350 -82.06 -2.15 48.95
C GLN C 350 -82.40 -1.02 47.99
N LYS C 351 -83.65 -0.56 48.01
CA LYS C 351 -84.10 0.54 47.16
C LYS C 351 -83.32 1.82 47.47
N MET C 352 -82.83 1.94 48.71
CA MET C 352 -82.02 3.09 49.11
C MET C 352 -80.61 2.97 48.53
N GLY C 353 -80.24 1.77 48.05
CA GLY C 353 -78.89 1.53 47.56
C GLY C 353 -77.99 0.79 48.58
N VAL C 354 -78.58 0.32 49.68
CA VAL C 354 -77.88 -0.41 50.74
C VAL C 354 -77.45 -1.76 50.18
N ASN C 355 -76.28 -2.26 50.63
CA ASN C 355 -75.80 -3.58 50.23
C ASN C 355 -75.32 -4.37 51.44
N SER C 356 -75.47 -3.81 52.63
CA SER C 356 -74.95 -4.45 53.83
C SER C 356 -75.71 -4.01 55.08
N ILE C 357 -75.93 -4.97 55.98
CA ILE C 357 -76.60 -4.74 57.27
C ILE C 357 -75.71 -5.25 58.39
N ARG C 358 -75.54 -4.41 59.42
CA ARG C 358 -74.88 -4.78 60.66
C ARG C 358 -75.97 -5.09 61.67
N THR C 359 -75.95 -6.32 62.20
CA THR C 359 -76.96 -6.77 63.14
C THR C 359 -76.67 -6.25 64.55
N THR C 360 -76.89 -4.94 64.71
CA THR C 360 -76.59 -4.19 65.92
C THR C 360 -77.66 -4.46 66.97
N HIS C 361 -77.25 -4.88 68.16
CA HIS C 361 -75.93 -5.37 68.52
C HIS C 361 -76.07 -6.76 69.13
N ASN C 362 -76.43 -7.72 68.27
CA ASN C 362 -76.89 -9.02 68.73
C ASN C 362 -77.16 -9.92 67.52
N PRO C 363 -77.15 -11.27 67.68
CA PRO C 363 -77.42 -12.15 66.55
C PRO C 363 -78.79 -11.82 65.97
N ALA C 364 -78.89 -11.82 64.63
CA ALA C 364 -80.15 -11.65 63.91
C ALA C 364 -81.05 -12.87 64.09
N ALA C 365 -82.34 -12.71 63.79
CA ALA C 365 -83.25 -13.83 63.55
C ALA C 365 -82.76 -14.59 62.33
N LYS C 366 -82.87 -15.93 62.36
CA LYS C 366 -82.44 -16.71 61.21
C LYS C 366 -83.11 -16.15 59.96
N ALA C 367 -84.37 -15.72 60.13
CA ALA C 367 -85.13 -15.15 59.04
C ALA C 367 -84.35 -14.07 58.31
N LEU C 368 -83.63 -13.22 59.07
CA LEU C 368 -82.92 -12.13 58.41
C LEU C 368 -81.80 -12.69 57.56
N ILE C 369 -81.07 -13.66 58.16
CA ILE C 369 -79.98 -14.31 57.46
C ILE C 369 -80.50 -14.97 56.20
N ASP C 370 -81.62 -15.71 56.34
CA ASP C 370 -82.30 -16.36 55.22
C ASP C 370 -82.57 -15.32 54.13
N VAL C 371 -83.16 -14.19 54.53
CA VAL C 371 -83.58 -13.16 53.58
C VAL C 371 -82.35 -12.65 52.84
N CYS C 372 -81.33 -12.28 53.61
CA CYS C 372 -80.12 -11.72 53.02
C CYS C 372 -79.46 -12.71 52.07
N ASN C 373 -79.49 -14.01 52.41
CA ASN C 373 -78.99 -15.03 51.52
C ASN C 373 -79.69 -14.96 50.17
N GLU C 374 -81.04 -14.85 50.18
CA GLU C 374 -81.74 -14.94 48.91
C GLU C 374 -81.74 -13.59 48.19
N LYS C 375 -81.74 -12.49 48.95
CA LYS C 375 -81.88 -11.15 48.40
C LYS C 375 -80.52 -10.56 47.99
N GLY C 376 -79.43 -11.15 48.50
CA GLY C 376 -78.09 -10.71 48.14
C GLY C 376 -77.66 -9.44 48.88
N VAL C 377 -77.55 -9.54 50.22
CA VAL C 377 -77.16 -8.43 51.08
C VAL C 377 -76.10 -8.92 52.05
N LEU C 378 -75.02 -8.15 52.19
CA LEU C 378 -73.90 -8.56 53.05
C LEU C 378 -74.23 -8.25 54.51
N VAL C 379 -74.16 -9.28 55.36
CA VAL C 379 -74.47 -9.17 56.78
C VAL C 379 -73.17 -9.21 57.57
N VAL C 380 -73.01 -8.23 58.46
CA VAL C 380 -72.01 -8.31 59.52
C VAL C 380 -72.78 -8.69 60.78
N GLU C 381 -72.70 -9.98 61.16
CA GLU C 381 -73.48 -10.47 62.28
C GLU C 381 -72.73 -10.22 63.57
N GLU C 382 -73.25 -9.29 64.37
CA GLU C 382 -72.71 -8.93 65.68
C GLU C 382 -73.37 -9.80 66.73
N VAL C 383 -72.58 -10.35 67.65
CA VAL C 383 -73.04 -11.29 68.67
C VAL C 383 -73.33 -10.58 69.99
N PHE C 384 -72.56 -9.54 70.31
CA PHE C 384 -72.61 -8.92 71.62
C PHE C 384 -72.64 -7.39 71.54
N ASP C 385 -73.25 -6.77 72.56
CA ASP C 385 -73.11 -5.33 72.77
C ASP C 385 -72.04 -5.14 73.83
N MET C 386 -72.44 -5.24 75.10
CA MET C 386 -71.48 -5.12 76.19
C MET C 386 -70.83 -6.48 76.38
N TRP C 387 -69.75 -6.52 77.18
CA TRP C 387 -69.13 -7.78 77.54
C TRP C 387 -69.39 -8.09 79.01
N ASN C 388 -68.36 -7.97 79.86
CA ASN C 388 -68.43 -8.34 81.26
C ASN C 388 -68.87 -7.16 82.15
N ARG C 389 -69.08 -5.99 81.56
CA ARG C 389 -69.49 -4.83 82.35
C ARG C 389 -70.78 -4.27 81.76
N SER C 390 -71.78 -4.01 82.59
CA SER C 390 -73.10 -3.69 82.07
C SER C 390 -73.14 -2.21 81.77
N LYS C 391 -74.07 -1.82 80.89
CA LYS C 391 -74.08 -0.44 80.42
C LYS C 391 -75.31 0.25 81.00
N ASN C 392 -75.14 1.53 81.33
CA ASN C 392 -76.22 2.44 81.67
C ASN C 392 -76.99 1.93 82.89
N GLY C 393 -76.31 1.20 83.78
CA GLY C 393 -76.92 0.68 85.00
C GLY C 393 -78.09 -0.26 84.71
N ASN C 394 -78.12 -0.81 83.49
CA ASN C 394 -78.99 -1.91 83.14
C ASN C 394 -78.44 -3.19 83.77
N THR C 395 -78.70 -3.35 85.08
CA THR C 395 -78.00 -4.34 85.88
C THR C 395 -78.35 -5.77 85.44
N GLU C 396 -79.47 -5.90 84.72
CA GLU C 396 -80.01 -7.17 84.28
C GLU C 396 -79.65 -7.50 82.83
N ASP C 397 -78.86 -6.64 82.18
CA ASP C 397 -78.37 -6.81 80.81
C ASP C 397 -77.32 -7.92 80.77
N TYR C 398 -76.99 -8.41 79.56
CA TYR C 398 -76.19 -9.63 79.42
C TYR C 398 -74.84 -9.54 80.12
N GLY C 399 -74.42 -8.32 80.46
CA GLY C 399 -73.21 -8.10 81.24
C GLY C 399 -73.19 -9.00 82.47
N LYS C 400 -74.37 -9.17 83.08
CA LYS C 400 -74.59 -9.96 84.28
C LYS C 400 -74.10 -11.39 84.05
N TRP C 401 -74.24 -11.87 82.80
CA TRP C 401 -74.11 -13.29 82.51
C TRP C 401 -72.84 -13.64 81.70
N PHE C 402 -72.30 -12.64 80.98
CA PHE C 402 -71.26 -12.83 80.00
C PHE C 402 -70.15 -13.75 80.52
N GLY C 403 -69.73 -13.54 81.77
CA GLY C 403 -68.55 -14.25 82.27
C GLY C 403 -68.90 -15.42 83.20
N GLN C 404 -70.20 -15.70 83.37
CA GLN C 404 -70.65 -16.75 84.26
C GLN C 404 -70.51 -18.11 83.57
N ALA C 405 -70.18 -19.13 84.36
CA ALA C 405 -70.05 -20.50 83.89
C ALA C 405 -71.44 -21.11 83.69
N ILE C 406 -71.54 -22.21 82.95
CA ILE C 406 -72.85 -22.86 82.75
C ILE C 406 -73.00 -23.96 83.79
N ALA C 407 -74.22 -24.13 84.32
CA ALA C 407 -74.47 -25.12 85.35
C ALA C 407 -74.33 -26.53 84.78
N GLY C 408 -73.81 -27.46 85.60
CA GLY C 408 -73.66 -28.84 85.20
C GLY C 408 -74.99 -29.48 84.83
N ASP C 409 -76.04 -29.11 85.57
CA ASP C 409 -77.37 -29.68 85.41
C ASP C 409 -78.13 -28.98 84.27
N ASN C 410 -77.51 -27.96 83.66
CA ASN C 410 -78.13 -27.19 82.59
C ASN C 410 -77.88 -27.85 81.23
N ALA C 411 -78.96 -28.35 80.61
CA ALA C 411 -78.88 -29.23 79.45
C ALA C 411 -79.13 -28.46 78.15
N VAL C 412 -78.97 -27.13 78.21
CA VAL C 412 -79.14 -26.29 77.03
C VAL C 412 -78.09 -26.68 75.99
N LEU C 413 -78.44 -26.51 74.71
CA LEU C 413 -77.60 -26.94 73.60
C LEU C 413 -77.49 -25.85 72.53
N GLY C 414 -76.37 -25.88 71.81
CA GLY C 414 -76.25 -25.07 70.61
C GLY C 414 -74.82 -24.61 70.38
N GLY C 415 -74.06 -24.46 71.47
CA GLY C 415 -72.69 -23.97 71.47
C GLY C 415 -71.89 -24.68 72.54
N ASP C 416 -70.62 -24.28 72.72
CA ASP C 416 -69.69 -24.93 73.64
C ASP C 416 -70.05 -24.55 75.09
N LYS C 417 -70.12 -25.55 75.95
CA LYS C 417 -70.58 -25.35 77.31
C LYS C 417 -69.42 -25.38 78.31
N ASP C 418 -68.18 -25.39 77.81
CA ASP C 418 -67.05 -25.72 78.66
C ASP C 418 -66.46 -24.48 79.30
N GLU C 419 -66.94 -23.28 78.94
CA GLU C 419 -66.38 -22.08 79.54
C GLU C 419 -67.50 -21.17 80.04
N THR C 420 -67.62 -19.97 79.45
CA THR C 420 -68.59 -18.99 79.88
C THR C 420 -69.75 -18.92 78.88
N TRP C 421 -70.80 -18.20 79.28
CA TRP C 421 -71.97 -18.00 78.44
C TRP C 421 -71.56 -17.34 77.13
N ALA C 422 -70.58 -16.43 77.24
CA ALA C 422 -70.03 -15.70 76.11
C ALA C 422 -69.64 -16.69 75.02
N LYS C 423 -68.84 -17.70 75.39
CA LYS C 423 -68.39 -18.71 74.44
C LYS C 423 -69.59 -19.44 73.84
N PHE C 424 -70.52 -19.86 74.71
CA PHE C 424 -71.70 -20.61 74.28
C PHE C 424 -72.52 -19.82 73.25
N ASP C 425 -72.79 -18.54 73.58
CA ASP C 425 -73.66 -17.71 72.76
C ASP C 425 -72.98 -17.38 71.44
N LEU C 426 -71.65 -17.20 71.49
CA LEU C 426 -70.85 -16.90 70.31
C LEU C 426 -70.82 -18.10 69.39
N THR C 427 -70.39 -19.25 69.96
CA THR C 427 -70.25 -20.49 69.21
C THR C 427 -71.60 -20.97 68.68
N SER C 428 -72.67 -20.73 69.45
CA SER C 428 -74.00 -21.10 69.00
C SER C 428 -74.37 -20.28 67.75
N THR C 429 -74.12 -18.97 67.79
CA THR C 429 -74.52 -18.14 66.68
C THR C 429 -73.76 -18.57 65.41
N ILE C 430 -72.44 -18.76 65.57
CA ILE C 430 -71.59 -19.15 64.45
C ILE C 430 -72.06 -20.50 63.89
N ASN C 431 -72.35 -21.46 64.78
CA ASN C 431 -72.84 -22.77 64.37
C ASN C 431 -74.07 -22.67 63.47
N ARG C 432 -74.97 -21.73 63.81
CA ARG C 432 -76.20 -21.57 63.07
C ARG C 432 -75.94 -21.01 61.66
N ASP C 433 -74.99 -20.05 61.57
CA ASP C 433 -74.90 -19.18 60.41
C ASP C 433 -73.65 -19.42 59.57
N ARG C 434 -72.88 -20.46 59.93
CA ARG C 434 -71.53 -20.66 59.39
C ARG C 434 -71.57 -20.86 57.88
N ASN C 435 -72.74 -21.25 57.33
CA ASN C 435 -72.78 -21.61 55.92
C ASN C 435 -73.46 -20.53 55.08
N ALA C 436 -73.86 -19.44 55.75
CA ALA C 436 -74.64 -18.41 55.09
C ALA C 436 -73.72 -17.55 54.23
N PRO C 437 -73.86 -17.56 52.88
CA PRO C 437 -73.05 -16.70 52.02
C PRO C 437 -73.09 -15.23 52.41
N SER C 438 -74.22 -14.76 52.96
CA SER C 438 -74.45 -13.35 53.22
C SER C 438 -73.56 -12.82 54.35
N VAL C 439 -73.21 -13.69 55.30
CA VAL C 439 -72.45 -13.28 56.47
C VAL C 439 -70.98 -13.16 56.07
N ILE C 440 -70.41 -11.96 56.20
CA ILE C 440 -69.06 -11.70 55.76
C ILE C 440 -68.10 -11.60 56.95
N MET C 441 -68.60 -11.14 58.11
CA MET C 441 -67.80 -10.98 59.32
C MET C 441 -68.61 -11.30 60.59
N TRP C 442 -67.91 -11.75 61.64
CA TRP C 442 -68.47 -11.87 62.98
C TRP C 442 -68.02 -10.68 63.82
N SER C 443 -68.95 -9.78 64.19
CA SER C 443 -68.68 -8.67 65.10
C SER C 443 -68.84 -9.16 66.53
N LEU C 444 -67.82 -8.93 67.36
CA LEU C 444 -67.67 -9.59 68.65
C LEU C 444 -68.01 -8.67 69.84
N GLY C 445 -68.46 -7.45 69.56
CA GLY C 445 -68.80 -6.48 70.59
C GLY C 445 -69.00 -5.09 69.99
N ASN C 446 -69.64 -4.21 70.76
CA ASN C 446 -69.95 -2.86 70.33
C ASN C 446 -69.77 -1.90 71.51
N GLU C 447 -68.99 -0.84 71.31
CA GLU C 447 -68.73 0.15 72.34
C GLU C 447 -68.57 -0.54 73.69
N MET C 448 -67.64 -1.51 73.75
CA MET C 448 -67.47 -2.37 74.91
C MET C 448 -67.19 -1.56 76.17
N MET C 449 -66.66 -0.35 76.00
CA MET C 449 -66.14 0.42 77.12
C MET C 449 -66.95 1.71 77.32
N GLU C 450 -68.17 1.76 76.75
CA GLU C 450 -69.02 2.95 76.84
C GLU C 450 -70.17 2.66 77.79
N GLY C 451 -70.48 3.61 78.69
CA GLY C 451 -71.64 3.52 79.56
C GLY C 451 -71.40 2.56 80.73
N ILE C 452 -70.12 2.38 81.10
CA ILE C 452 -69.71 1.40 82.08
C ILE C 452 -68.87 2.09 83.14
N SER C 453 -68.48 1.34 84.19
CA SER C 453 -67.74 1.88 85.33
C SER C 453 -66.47 1.07 85.55
N GLY C 454 -65.46 1.73 86.15
CA GLY C 454 -64.33 1.01 86.69
C GLY C 454 -63.26 0.74 85.65
N SER C 455 -62.21 0.00 86.03
CA SER C 455 -61.02 -0.18 85.21
C SER C 455 -61.43 -0.83 83.90
N VAL C 456 -60.71 -0.50 82.82
CA VAL C 456 -60.94 -1.14 81.55
C VAL C 456 -59.72 -1.95 81.14
N SER C 457 -58.72 -2.02 82.03
CA SER C 457 -57.44 -2.65 81.73
C SER C 457 -57.64 -4.13 81.40
N GLY C 458 -58.77 -4.69 81.81
CA GLY C 458 -59.08 -6.09 81.58
C GLY C 458 -59.59 -6.37 80.17
N PHE C 459 -60.11 -5.32 79.52
CA PHE C 459 -60.82 -5.44 78.26
C PHE C 459 -59.97 -6.08 77.15
N PRO C 460 -58.75 -5.59 76.86
CA PRO C 460 -57.94 -6.16 75.79
C PRO C 460 -57.74 -7.67 75.92
N ALA C 461 -57.68 -8.16 77.17
CA ALA C 461 -57.55 -9.58 77.43
C ALA C 461 -58.84 -10.33 77.07
N THR C 462 -59.99 -9.76 77.46
CA THR C 462 -61.30 -10.29 77.15
C THR C 462 -61.50 -10.31 75.64
N SER C 463 -61.06 -9.24 74.94
CA SER C 463 -61.15 -9.18 73.50
C SER C 463 -60.45 -10.40 72.88
N ALA C 464 -59.19 -10.63 73.28
CA ALA C 464 -58.37 -11.68 72.69
C ALA C 464 -59.04 -13.04 72.85
N LYS C 465 -59.62 -13.26 74.04
CA LYS C 465 -60.31 -14.51 74.37
C LYS C 465 -61.43 -14.76 73.36
N LEU C 466 -62.20 -13.71 73.05
CA LEU C 466 -63.32 -13.78 72.13
C LEU C 466 -62.82 -14.01 70.71
N VAL C 467 -61.76 -13.29 70.32
CA VAL C 467 -61.12 -13.43 69.03
C VAL C 467 -60.71 -14.88 68.82
N ALA C 468 -59.98 -15.44 69.79
CA ALA C 468 -59.51 -16.82 69.75
C ALA C 468 -60.68 -17.78 69.51
N TRP C 469 -61.76 -17.61 70.29
CA TRP C 469 -62.92 -18.48 70.20
C TRP C 469 -63.49 -18.46 68.80
N THR C 470 -63.59 -17.25 68.23
CA THR C 470 -64.18 -17.02 66.92
C THR C 470 -63.34 -17.72 65.87
N LYS C 471 -62.02 -17.48 65.90
CA LYS C 471 -61.09 -18.05 64.95
C LYS C 471 -61.27 -19.57 64.94
N ALA C 472 -61.40 -20.16 66.14
CA ALA C 472 -61.49 -21.59 66.31
C ALA C 472 -62.87 -22.08 65.86
N ALA C 473 -63.87 -21.20 65.92
CA ALA C 473 -65.23 -21.58 65.60
C ALA C 473 -65.46 -21.52 64.08
N ASP C 474 -64.84 -20.56 63.40
CA ASP C 474 -65.00 -20.39 61.96
C ASP C 474 -63.79 -19.64 61.41
N SER C 475 -62.86 -20.38 60.79
CA SER C 475 -61.64 -19.83 60.21
C SER C 475 -61.97 -18.96 59.00
N THR C 476 -63.18 -19.10 58.45
CA THR C 476 -63.40 -18.68 57.08
C THR C 476 -63.74 -17.20 56.94
N ARG C 477 -64.05 -16.52 58.05
CA ARG C 477 -64.53 -15.15 57.98
C ARG C 477 -63.73 -14.29 58.97
N PRO C 478 -63.36 -13.06 58.63
CA PRO C 478 -62.71 -12.19 59.61
C PRO C 478 -63.65 -11.82 60.75
N MET C 479 -63.11 -11.82 61.98
CA MET C 479 -63.85 -11.29 63.12
C MET C 479 -63.56 -9.80 63.23
N THR C 480 -64.39 -9.08 63.99
CA THR C 480 -64.34 -7.63 64.09
C THR C 480 -65.14 -7.22 65.33
N TYR C 481 -65.19 -5.92 65.58
CA TYR C 481 -65.98 -5.30 66.63
C TYR C 481 -66.20 -3.85 66.23
N GLY C 482 -66.91 -3.11 67.08
CA GLY C 482 -67.19 -1.71 66.81
C GLY C 482 -66.83 -0.91 68.04
N ASP C 483 -65.67 -0.23 67.98
CA ASP C 483 -65.05 0.41 69.10
C ASP C 483 -65.11 1.91 68.91
N ASN C 484 -65.54 2.63 69.96
CA ASN C 484 -65.75 4.07 69.90
C ASN C 484 -64.68 4.79 70.71
N LYS C 485 -63.71 4.04 71.23
CA LYS C 485 -62.57 4.64 71.91
C LYS C 485 -61.33 4.63 71.02
N ILE C 486 -61.45 4.12 69.79
CA ILE C 486 -60.38 4.30 68.80
C ILE C 486 -60.24 5.79 68.53
N LYS C 487 -61.37 6.50 68.43
CA LYS C 487 -61.35 7.93 68.16
C LYS C 487 -60.73 8.69 69.33
N ALA C 488 -60.75 8.11 70.54
CA ALA C 488 -60.19 8.74 71.73
C ALA C 488 -58.75 8.29 71.98
N ASN C 489 -58.22 7.44 71.10
CA ASN C 489 -56.86 6.92 71.18
C ASN C 489 -56.57 6.26 72.52
N TRP C 490 -57.56 5.55 73.09
CA TRP C 490 -57.35 4.76 74.29
C TRP C 490 -56.37 3.63 74.01
N ASN C 491 -55.51 3.35 74.98
CA ASN C 491 -54.49 2.32 74.88
C ASN C 491 -55.16 0.98 74.62
N GLU C 492 -56.08 0.62 75.50
CA GLU C 492 -56.87 -0.59 75.38
C GLU C 492 -57.31 -0.79 73.92
N SER C 493 -57.86 0.28 73.31
CA SER C 493 -58.44 0.23 71.97
C SER C 493 -57.41 -0.15 70.91
N ASN C 494 -56.16 0.30 71.13
CA ASN C 494 -55.02 0.09 70.24
C ASN C 494 -54.54 -1.35 70.35
N THR C 495 -54.31 -1.83 71.58
CA THR C 495 -53.90 -3.21 71.83
C THR C 495 -54.87 -4.16 71.14
N MET C 496 -56.17 -3.85 71.27
CA MET C 496 -57.25 -4.75 70.85
C MET C 496 -57.28 -4.89 69.33
N GLY C 497 -56.99 -3.77 68.64
CA GLY C 497 -56.98 -3.71 67.19
C GLY C 497 -55.78 -4.43 66.58
N ASP C 498 -54.63 -4.36 67.27
CA ASP C 498 -53.47 -5.11 66.87
C ASP C 498 -53.82 -6.60 66.88
N ASN C 499 -54.41 -7.05 67.99
CA ASN C 499 -54.77 -8.45 68.17
C ASN C 499 -55.86 -8.86 67.19
N LEU C 500 -56.81 -7.95 66.90
CA LEU C 500 -57.75 -8.19 65.83
C LEU C 500 -56.99 -8.44 64.53
N THR C 501 -56.15 -7.48 64.16
CA THR C 501 -55.40 -7.51 62.92
C THR C 501 -54.58 -8.81 62.86
N ALA C 502 -53.96 -9.17 64.00
CA ALA C 502 -53.06 -10.30 64.07
C ALA C 502 -53.77 -11.62 63.81
N ASN C 503 -55.09 -11.65 63.98
CA ASN C 503 -55.85 -12.89 63.83
C ASN C 503 -56.78 -12.77 62.63
N GLY C 504 -56.41 -11.87 61.70
CA GLY C 504 -57.07 -11.75 60.42
C GLY C 504 -58.39 -11.00 60.53
N GLY C 505 -58.47 -10.12 61.54
CA GLY C 505 -59.65 -9.31 61.77
C GLY C 505 -59.60 -7.98 61.01
N VAL C 506 -60.80 -7.40 60.85
CA VAL C 506 -60.98 -6.03 60.40
C VAL C 506 -61.43 -5.20 61.61
N VAL C 507 -60.94 -3.95 61.71
CA VAL C 507 -61.17 -3.10 62.87
C VAL C 507 -62.28 -2.11 62.55
N GLY C 508 -63.34 -2.12 63.36
CA GLY C 508 -64.43 -1.19 63.21
C GLY C 508 -64.29 -0.02 64.19
N THR C 509 -64.14 1.20 63.63
CA THR C 509 -64.18 2.41 64.42
C THR C 509 -65.58 3.01 64.33
N ASN C 510 -66.11 3.40 65.49
CA ASN C 510 -67.42 4.01 65.63
C ASN C 510 -67.23 5.51 65.75
N TYR C 511 -67.97 6.26 64.91
CA TYR C 511 -68.13 7.70 65.05
C TYR C 511 -66.80 8.43 64.89
N SER C 512 -66.02 8.04 63.84
CA SER C 512 -64.80 8.75 63.48
C SER C 512 -65.07 9.78 62.41
N ASP C 513 -64.48 10.98 62.52
CA ASP C 513 -64.53 11.95 61.42
C ASP C 513 -63.43 11.61 60.43
N GLY C 514 -63.44 12.27 59.26
CA GLY C 514 -62.40 12.05 58.26
C GLY C 514 -61.00 12.19 58.84
N ALA C 515 -60.81 13.22 59.67
CA ALA C 515 -59.51 13.52 60.25
C ALA C 515 -59.00 12.34 61.06
N ASN C 516 -59.92 11.68 61.79
CA ASN C 516 -59.63 10.56 62.65
C ASN C 516 -59.36 9.31 61.80
N TYR C 517 -60.13 9.10 60.73
CA TYR C 517 -59.86 8.02 59.79
C TYR C 517 -58.39 8.09 59.37
N ASP C 518 -57.92 9.30 59.05
CA ASP C 518 -56.56 9.52 58.63
C ASP C 518 -55.58 9.25 59.78
N LYS C 519 -55.90 9.70 60.99
CA LYS C 519 -54.99 9.47 62.12
C LYS C 519 -54.80 7.96 62.28
N ILE C 520 -55.89 7.19 62.12
CA ILE C 520 -55.86 5.75 62.29
C ILE C 520 -54.92 5.12 61.25
N ARG C 521 -55.10 5.51 59.98
CA ARG C 521 -54.34 4.91 58.91
C ARG C 521 -52.85 5.12 59.15
N THR C 522 -52.50 6.34 59.57
CA THR C 522 -51.11 6.73 59.81
C THR C 522 -50.55 5.95 61.00
N THR C 523 -51.30 5.98 62.11
CA THR C 523 -50.89 5.40 63.37
C THR C 523 -50.94 3.87 63.34
N HIS C 524 -51.73 3.27 62.43
CA HIS C 524 -51.95 1.83 62.38
C HIS C 524 -52.06 1.38 60.93
N PRO C 525 -50.93 1.34 60.18
CA PRO C 525 -50.95 0.97 58.77
C PRO C 525 -51.41 -0.46 58.53
N SER C 526 -51.21 -1.33 59.54
CA SER C 526 -51.55 -2.76 59.48
C SER C 526 -53.05 -2.96 59.44
N TRP C 527 -53.80 -2.05 60.11
CA TRP C 527 -55.23 -2.22 60.30
C TRP C 527 -55.95 -2.01 58.98
N ALA C 528 -56.89 -2.92 58.68
CA ALA C 528 -57.94 -2.65 57.70
C ALA C 528 -59.14 -2.11 58.47
N ILE C 529 -59.69 -0.97 58.05
CA ILE C 529 -60.70 -0.30 58.87
C ILE C 529 -61.97 0.01 58.10
N TYR C 530 -63.09 0.07 58.84
CA TYR C 530 -64.37 0.53 58.31
C TYR C 530 -65.06 1.38 59.38
N GLY C 531 -66.09 2.14 58.97
CA GLY C 531 -66.95 2.79 59.93
C GLY C 531 -68.05 1.84 60.42
N SER C 532 -67.80 1.22 61.58
CA SER C 532 -68.68 0.20 62.14
C SER C 532 -70.01 0.80 62.57
N GLU C 533 -70.00 2.08 62.99
CA GLU C 533 -71.21 2.81 63.34
C GLU C 533 -70.96 4.30 63.08
N THR C 534 -71.80 4.92 62.27
CA THR C 534 -71.57 6.26 61.75
C THR C 534 -72.85 7.08 61.77
N ALA C 535 -72.68 8.41 61.76
CA ALA C 535 -73.78 9.36 61.62
C ALA C 535 -74.53 9.59 62.93
N SER C 536 -75.51 8.72 63.23
CA SER C 536 -76.39 8.93 64.36
C SER C 536 -77.08 10.29 64.24
N ALA C 537 -77.51 10.61 63.01
CA ALA C 537 -78.27 11.82 62.74
C ALA C 537 -79.69 11.62 63.25
N ILE C 538 -80.27 12.70 63.85
CA ILE C 538 -81.59 12.63 64.44
C ILE C 538 -82.55 13.57 63.73
N ASN C 539 -83.56 12.99 63.06
CA ASN C 539 -84.55 13.69 62.24
C ASN C 539 -85.90 12.99 62.39
N SER C 540 -87.01 13.73 62.27
CA SER C 540 -88.36 13.16 62.16
C SER C 540 -88.75 13.17 60.69
N ARG C 541 -89.91 12.59 60.33
CA ARG C 541 -90.37 12.63 58.95
C ARG C 541 -91.24 13.85 58.66
N GLY C 542 -90.91 14.59 57.59
CA GLY C 542 -91.80 15.60 57.03
C GLY C 542 -91.89 16.90 57.81
N ILE C 543 -90.93 17.16 58.71
CA ILE C 543 -90.88 18.39 59.50
C ILE C 543 -89.95 19.40 58.83
N TYR C 544 -90.45 20.63 58.57
CA TYR C 544 -89.74 21.59 57.74
C TYR C 544 -89.74 23.01 58.28
N ASN C 545 -90.50 23.24 59.37
CA ASN C 545 -90.76 24.59 59.85
C ASN C 545 -89.52 25.20 60.50
N ARG C 546 -88.51 24.38 60.79
CA ARG C 546 -87.19 24.86 61.19
C ARG C 546 -86.15 24.07 60.40
N THR C 547 -84.88 24.50 60.49
CA THR C 547 -83.80 23.79 59.80
C THR C 547 -82.67 23.43 60.77
N THR C 548 -83.00 23.40 62.06
CA THR C 548 -82.00 23.16 63.09
C THR C 548 -82.48 22.04 64.00
N GLY C 549 -81.55 21.42 64.72
CA GLY C 549 -81.95 20.36 65.63
C GLY C 549 -80.82 19.98 66.56
N GLY C 550 -80.65 18.68 66.76
CA GLY C 550 -79.57 18.17 67.58
C GLY C 550 -79.84 18.40 69.06
N ALA C 551 -81.04 18.90 69.37
CA ALA C 551 -81.44 19.17 70.74
C ALA C 551 -82.95 19.03 70.87
N GLN C 552 -83.38 18.91 72.14
CA GLN C 552 -84.80 18.78 72.46
C GLN C 552 -85.57 19.97 71.91
N SER C 553 -86.58 19.70 71.08
CA SER C 553 -87.52 20.68 70.56
C SER C 553 -88.72 20.83 71.50
N SER C 554 -89.47 21.91 71.31
CA SER C 554 -90.72 22.17 71.99
C SER C 554 -91.81 21.17 71.56
N ASP C 555 -91.83 20.84 70.26
CA ASP C 555 -92.90 20.06 69.66
C ASP C 555 -92.59 18.57 69.58
N LYS C 556 -91.52 18.13 70.26
CA LYS C 556 -91.16 16.71 70.40
C LYS C 556 -90.89 16.06 69.04
N GLN C 557 -90.44 16.84 68.06
CA GLN C 557 -90.00 16.36 66.75
C GLN C 557 -88.72 17.08 66.36
N LEU C 558 -88.10 16.67 65.24
CA LEU C 558 -86.83 17.21 64.78
C LEU C 558 -86.86 17.41 63.27
N THR C 559 -86.18 18.47 62.82
CA THR C 559 -86.15 18.86 61.41
C THR C 559 -85.78 17.68 60.51
N SER C 560 -86.37 17.65 59.31
CA SER C 560 -86.08 16.62 58.31
C SER C 560 -84.88 17.02 57.45
N TYR C 561 -84.49 18.30 57.52
CA TYR C 561 -83.27 18.79 56.90
C TYR C 561 -82.10 18.12 57.59
N ASP C 562 -80.99 17.92 56.86
CA ASP C 562 -79.88 17.15 57.38
C ASP C 562 -78.90 18.01 58.15
N ASN C 563 -79.37 18.62 59.25
CA ASN C 563 -78.58 19.57 60.02
C ASN C 563 -78.67 19.22 61.50
N SER C 564 -79.29 18.07 61.78
CA SER C 564 -79.56 17.64 63.14
C SER C 564 -78.86 16.30 63.37
N ALA C 565 -78.01 16.25 64.42
CA ALA C 565 -77.27 15.06 64.82
C ALA C 565 -76.88 15.14 66.29
N VAL C 566 -76.60 13.97 66.89
CA VAL C 566 -76.16 13.90 68.28
C VAL C 566 -74.76 14.48 68.40
N GLY C 567 -74.31 14.68 69.64
CA GLY C 567 -73.07 15.33 69.94
C GLY C 567 -71.85 14.52 69.49
N TRP C 568 -71.97 13.20 69.52
CA TRP C 568 -70.87 12.29 69.19
C TRP C 568 -70.83 11.99 67.70
N GLY C 569 -71.96 12.17 67.03
CA GLY C 569 -72.12 11.79 65.64
C GLY C 569 -71.83 12.91 64.65
N ALA C 570 -72.51 12.86 63.50
CA ALA C 570 -72.43 13.83 62.42
C ALA C 570 -73.59 13.59 61.45
N VAL C 571 -73.97 14.64 60.69
CA VAL C 571 -75.04 14.57 59.71
C VAL C 571 -74.66 13.64 58.56
N ALA C 572 -75.67 13.22 57.78
CA ALA C 572 -75.50 12.23 56.72
C ALA C 572 -74.42 12.67 55.73
N SER C 573 -74.61 13.87 55.17
CA SER C 573 -73.68 14.49 54.24
C SER C 573 -72.25 14.31 54.74
N SER C 574 -72.04 14.52 56.05
CA SER C 574 -70.71 14.54 56.63
C SER C 574 -70.10 13.15 56.71
N ALA C 575 -70.85 12.20 57.27
CA ALA C 575 -70.35 10.87 57.54
C ALA C 575 -70.13 10.08 56.26
N TRP C 576 -70.91 10.40 55.21
CA TRP C 576 -70.70 9.79 53.91
C TRP C 576 -69.50 10.39 53.18
N TYR C 577 -69.40 11.73 53.22
CA TYR C 577 -68.33 12.45 52.56
C TYR C 577 -67.00 11.95 53.07
N ASP C 578 -66.85 11.91 54.40
CA ASP C 578 -65.64 11.44 55.05
C ASP C 578 -65.27 10.03 54.60
N VAL C 579 -66.27 9.22 54.22
CA VAL C 579 -66.04 7.83 53.88
C VAL C 579 -65.76 7.67 52.39
N VAL C 580 -66.55 8.31 51.53
CA VAL C 580 -66.58 8.00 50.11
C VAL C 580 -65.22 8.34 49.48
N GLN C 581 -64.61 9.42 49.98
CA GLN C 581 -63.33 9.97 49.54
C GLN C 581 -62.15 9.04 49.87
N ARG C 582 -62.27 8.24 50.93
CA ARG C 582 -61.18 7.41 51.38
C ARG C 582 -61.37 5.93 51.03
N ASP C 583 -60.58 5.43 50.06
CA ASP C 583 -60.62 4.05 49.63
C ASP C 583 -60.27 3.09 50.77
N PHE C 584 -59.52 3.58 51.77
CA PHE C 584 -59.00 2.76 52.87
C PHE C 584 -60.02 2.61 54.00
N VAL C 585 -61.12 3.36 53.91
CA VAL C 585 -62.27 3.20 54.77
C VAL C 585 -63.28 2.34 54.00
N ALA C 586 -63.33 1.04 54.35
CA ALA C 586 -63.92 0.01 53.50
C ALA C 586 -65.41 0.26 53.25
N GLY C 587 -66.08 0.88 54.23
CA GLY C 587 -67.48 1.26 54.14
C GLY C 587 -67.99 1.90 55.44
N THR C 588 -69.31 2.19 55.45
CA THR C 588 -70.01 2.82 56.56
C THR C 588 -71.19 1.92 56.94
N TYR C 589 -71.52 1.87 58.23
CA TYR C 589 -72.77 1.26 58.71
C TYR C 589 -73.56 2.28 59.53
N VAL C 590 -74.45 2.99 58.84
CA VAL C 590 -75.12 4.18 59.36
C VAL C 590 -76.06 3.77 60.49
N TRP C 591 -76.09 4.61 61.52
CA TRP C 591 -77.02 4.48 62.62
C TRP C 591 -78.19 5.45 62.41
N THR C 592 -79.38 4.91 62.10
CA THR C 592 -79.64 3.54 61.74
C THR C 592 -80.45 3.50 60.45
N GLY C 593 -80.65 2.29 59.91
CA GLY C 593 -81.46 2.11 58.72
C GLY C 593 -82.92 2.47 58.98
N PHE C 594 -83.49 1.84 60.01
CA PHE C 594 -84.87 2.06 60.45
C PHE C 594 -84.89 2.50 61.92
N ASP C 595 -85.81 3.41 62.23
CA ASP C 595 -86.10 3.79 63.60
C ASP C 595 -86.46 2.53 64.40
N TYR C 596 -86.10 2.50 65.67
CA TYR C 596 -86.41 1.37 66.53
C TYR C 596 -87.12 1.88 67.80
N LEU C 597 -87.89 1.01 68.47
CA LEU C 597 -88.51 1.43 69.73
C LEU C 597 -87.42 1.60 70.79
N GLY C 598 -87.53 2.67 71.60
CA GLY C 598 -86.57 2.96 72.65
C GLY C 598 -85.55 4.03 72.22
N GLU C 599 -84.51 4.22 73.04
CA GLU C 599 -83.43 5.16 72.76
C GLU C 599 -83.95 6.40 72.04
N PRO C 600 -84.83 7.19 72.69
CA PRO C 600 -85.45 8.33 72.04
C PRO C 600 -84.56 9.58 72.06
N THR C 601 -83.24 9.38 72.07
CA THR C 601 -82.29 10.49 72.00
C THR C 601 -82.77 11.47 70.92
N PRO C 602 -82.82 12.81 71.16
CA PRO C 602 -82.28 13.45 72.37
C PRO C 602 -83.07 13.43 73.67
N TRP C 603 -84.25 12.78 73.69
CA TRP C 603 -85.06 12.62 74.89
C TRP C 603 -84.84 11.26 75.55
N ASN C 604 -83.57 10.90 75.79
CA ASN C 604 -83.24 9.57 76.26
C ASN C 604 -83.28 9.52 77.80
N GLY C 605 -83.45 8.33 78.35
CA GLY C 605 -83.46 8.17 79.80
C GLY C 605 -82.99 6.76 80.19
N THR C 606 -81.83 6.71 80.87
CA THR C 606 -81.26 5.48 81.39
C THR C 606 -81.85 5.19 82.76
N GLY C 607 -82.51 6.19 83.36
CA GLY C 607 -83.18 6.05 84.65
C GLY C 607 -84.70 6.06 84.51
N SER C 608 -85.37 5.61 85.58
CA SER C 608 -86.82 5.63 85.70
C SER C 608 -87.36 7.06 85.61
N GLY C 609 -88.50 7.26 84.93
CA GLY C 609 -89.15 8.56 84.88
C GLY C 609 -89.32 9.09 83.46
N ALA C 610 -90.38 9.88 83.23
CA ALA C 610 -90.63 10.55 81.96
C ALA C 610 -89.58 11.61 81.65
N VAL C 611 -89.40 11.91 80.36
CA VAL C 611 -88.40 12.86 79.88
C VAL C 611 -89.13 13.97 79.14
N GLY C 612 -89.06 15.19 79.67
CA GLY C 612 -89.95 16.25 79.22
C GLY C 612 -91.39 15.93 79.65
N SER C 613 -92.35 16.65 79.06
CA SER C 613 -93.74 16.36 79.36
C SER C 613 -94.13 15.03 78.74
N TRP C 614 -94.93 14.25 79.48
CA TRP C 614 -95.57 13.03 78.99
C TRP C 614 -96.76 13.43 78.12
N PRO C 615 -97.05 12.73 76.99
CA PRO C 615 -96.33 11.52 76.59
C PRO C 615 -94.95 11.87 76.01
N SER C 616 -93.90 11.23 76.54
CA SER C 616 -92.53 11.45 76.13
C SER C 616 -92.24 10.65 74.85
N PRO C 617 -91.24 11.05 74.01
CA PRO C 617 -90.93 10.27 72.82
C PRO C 617 -90.46 8.90 73.29
N LYS C 618 -91.00 7.85 72.64
CA LYS C 618 -90.83 6.46 73.07
C LYS C 618 -90.04 5.63 72.05
N ASN C 619 -89.71 6.22 70.90
CA ASN C 619 -88.94 5.54 69.87
C ASN C 619 -87.82 6.46 69.33
N SER C 620 -87.06 5.97 68.34
CA SER C 620 -85.80 6.58 67.91
C SER C 620 -86.02 7.68 66.87
N TYR C 621 -84.98 8.52 66.71
CA TYR C 621 -84.99 9.54 65.67
C TYR C 621 -83.89 9.28 64.63
N PHE C 622 -83.12 8.19 64.82
CA PHE C 622 -81.90 7.92 64.08
C PHE C 622 -82.16 7.40 62.66
N GLY C 623 -83.23 6.63 62.52
CA GLY C 623 -83.59 5.95 61.28
C GLY C 623 -83.62 6.87 60.06
N ILE C 624 -83.11 6.33 58.94
CA ILE C 624 -83.33 6.91 57.61
C ILE C 624 -84.79 6.73 57.26
N VAL C 625 -85.37 5.64 57.78
CA VAL C 625 -86.75 5.25 57.57
C VAL C 625 -87.40 5.10 58.95
N ASP C 626 -88.65 5.58 59.08
CA ASP C 626 -89.35 5.53 60.36
C ASP C 626 -89.93 4.13 60.57
N THR C 627 -90.42 3.90 61.80
CA THR C 627 -90.83 2.56 62.24
C THR C 627 -91.83 1.95 61.26
N ALA C 628 -92.58 2.79 60.54
CA ALA C 628 -93.63 2.31 59.66
C ALA C 628 -93.07 1.87 58.30
N GLY C 629 -91.86 2.33 57.98
CA GLY C 629 -91.29 2.00 56.70
C GLY C 629 -91.46 3.15 55.71
N PHE C 630 -91.83 4.31 56.25
CA PHE C 630 -91.89 5.53 55.47
C PHE C 630 -90.52 6.20 55.47
N PRO C 631 -89.92 6.44 54.29
CA PRO C 631 -88.63 7.11 54.20
C PRO C 631 -88.70 8.54 54.74
N LYS C 632 -87.64 8.98 55.43
CA LYS C 632 -87.43 10.39 55.72
C LYS C 632 -86.72 10.98 54.51
N ASP C 633 -86.47 12.29 54.51
CA ASP C 633 -86.02 12.93 53.29
C ASP C 633 -84.59 12.52 52.98
N THR C 634 -83.79 12.41 54.04
CA THR C 634 -82.40 12.00 54.02
C THR C 634 -82.22 10.73 53.17
N TYR C 635 -83.27 9.89 53.09
CA TYR C 635 -83.30 8.62 52.39
C TYR C 635 -82.88 8.81 50.94
N TYR C 636 -83.39 9.89 50.32
CA TYR C 636 -83.13 10.17 48.92
C TYR C 636 -81.73 10.73 48.73
N PHE C 637 -81.17 11.35 49.76
CA PHE C 637 -79.76 11.66 49.73
C PHE C 637 -78.96 10.36 49.60
N TYR C 638 -79.18 9.40 50.53
CA TYR C 638 -78.47 8.14 50.50
C TYR C 638 -78.66 7.46 49.13
N GLN C 639 -79.89 7.47 48.63
CA GLN C 639 -80.20 6.88 47.34
C GLN C 639 -79.37 7.54 46.25
N SER C 640 -79.25 8.87 46.31
CA SER C 640 -78.51 9.65 45.33
C SER C 640 -77.05 9.22 45.35
N GLN C 641 -76.58 8.80 46.53
CA GLN C 641 -75.19 8.47 46.76
C GLN C 641 -74.91 6.98 46.55
N TRP C 642 -75.93 6.10 46.62
CA TRP C 642 -75.68 4.65 46.76
C TRP C 642 -76.30 3.78 45.67
N ASN C 643 -77.48 4.16 45.15
CA ASN C 643 -78.19 3.31 44.19
C ASN C 643 -77.83 3.72 42.75
N ASP C 644 -77.08 2.81 42.10
CA ASP C 644 -76.61 3.06 40.74
C ASP C 644 -77.53 2.34 39.75
N ASP C 645 -78.68 1.83 40.22
CA ASP C 645 -79.67 1.17 39.37
C ASP C 645 -80.92 2.04 39.20
N VAL C 646 -80.95 3.21 39.85
CA VAL C 646 -82.01 4.19 39.68
C VAL C 646 -81.39 5.59 39.64
N HIS C 647 -82.24 6.54 39.23
CA HIS C 647 -81.91 7.97 39.26
C HIS C 647 -82.80 8.68 40.27
N THR C 648 -82.16 9.32 41.25
CA THR C 648 -82.85 10.08 42.27
C THR C 648 -82.90 11.54 41.85
N LEU C 649 -84.09 12.14 41.99
CA LEU C 649 -84.29 13.57 41.90
C LEU C 649 -85.42 13.95 42.85
N HIS C 650 -85.05 14.49 44.02
CA HIS C 650 -85.94 14.67 45.16
C HIS C 650 -85.76 16.06 45.75
N ILE C 651 -86.90 16.73 46.03
CA ILE C 651 -86.95 18.09 46.57
C ILE C 651 -87.60 18.07 47.95
N LEU C 652 -87.04 18.90 48.84
CA LEU C 652 -87.69 19.31 50.06
C LEU C 652 -87.42 20.80 50.27
N PRO C 653 -88.20 21.56 51.09
CA PRO C 653 -89.33 21.00 51.85
C PRO C 653 -90.63 20.97 51.06
N ALA C 654 -91.72 20.60 51.73
CA ALA C 654 -93.07 20.72 51.19
C ALA C 654 -93.41 22.20 51.09
N TRP C 655 -94.38 22.55 50.22
CA TRP C 655 -94.51 23.94 49.80
C TRP C 655 -95.86 24.55 50.21
N ASN C 656 -96.11 24.61 51.54
CA ASN C 656 -97.27 25.23 52.16
C ASN C 656 -96.79 26.28 53.15
N GLU C 657 -97.48 27.42 53.21
CA GLU C 657 -97.17 28.53 54.10
C GLU C 657 -96.69 28.05 55.48
N ASN C 658 -97.48 27.16 56.07
CA ASN C 658 -97.44 26.87 57.50
C ASN C 658 -96.31 25.90 57.89
N VAL C 659 -95.64 25.28 56.90
CA VAL C 659 -94.69 24.19 57.15
C VAL C 659 -93.25 24.62 56.85
N VAL C 660 -93.04 25.57 55.90
CA VAL C 660 -91.73 26.00 55.46
C VAL C 660 -91.05 26.84 56.56
N ALA C 661 -89.73 27.02 56.43
CA ALA C 661 -89.01 27.88 57.35
C ALA C 661 -88.57 29.17 56.65
N LYS C 662 -89.32 30.24 56.91
CA LYS C 662 -88.99 31.52 56.31
C LYS C 662 -87.98 32.21 57.19
N GLY C 663 -87.06 32.92 56.54
CA GLY C 663 -86.07 33.77 57.16
C GLY C 663 -85.35 34.46 56.02
N SER C 664 -84.39 35.35 56.33
CA SER C 664 -83.76 36.22 55.34
C SER C 664 -84.80 36.63 54.29
N GLY C 665 -85.83 37.36 54.76
CA GLY C 665 -86.87 37.96 53.96
C GLY C 665 -87.71 36.97 53.16
N ASN C 666 -88.25 35.94 53.82
CA ASN C 666 -89.14 34.99 53.17
C ASN C 666 -88.41 34.03 52.24
N ASN C 667 -87.09 33.92 52.42
CA ASN C 667 -86.30 32.93 51.71
C ASN C 667 -86.36 31.60 52.48
N VAL C 668 -86.74 30.54 51.75
CA VAL C 668 -86.85 29.17 52.26
C VAL C 668 -85.76 28.32 51.61
N PRO C 669 -84.90 27.65 52.40
CA PRO C 669 -83.89 26.75 51.83
C PRO C 669 -84.60 25.59 51.16
N VAL C 670 -84.43 25.50 49.84
CA VAL C 670 -84.90 24.37 49.04
C VAL C 670 -83.69 23.49 48.75
N VAL C 671 -83.81 22.19 49.05
CA VAL C 671 -82.73 21.23 48.93
C VAL C 671 -83.13 20.18 47.89
N VAL C 672 -82.16 19.77 47.07
CA VAL C 672 -82.33 18.76 46.05
C VAL C 672 -81.27 17.69 46.25
N TYR C 673 -81.74 16.43 46.32
CA TYR C 673 -80.89 15.25 46.33
C TYR C 673 -80.99 14.58 44.96
N THR C 674 -79.85 14.36 44.29
CA THR C 674 -79.91 13.78 42.95
C THR C 674 -78.57 13.18 42.52
N ASP C 675 -78.64 12.15 41.64
CA ASP C 675 -77.46 11.51 41.09
C ASP C 675 -77.17 12.08 39.70
N ALA C 676 -77.95 13.10 39.31
CA ALA C 676 -77.81 13.76 38.02
C ALA C 676 -76.59 14.68 38.02
N ALA C 677 -76.10 14.97 36.80
CA ALA C 677 -74.95 15.85 36.59
C ALA C 677 -75.32 17.33 36.71
N LYS C 678 -76.51 17.71 36.18
CA LYS C 678 -77.00 19.08 36.18
C LYS C 678 -78.48 19.12 36.52
N VAL C 679 -78.87 20.13 37.32
CA VAL C 679 -80.24 20.34 37.76
C VAL C 679 -80.64 21.79 37.51
N LYS C 680 -81.73 21.98 36.75
CA LYS C 680 -82.41 23.26 36.57
C LYS C 680 -83.66 23.23 37.47
N LEU C 681 -83.79 24.27 38.31
CA LEU C 681 -84.90 24.40 39.23
C LEU C 681 -85.85 25.48 38.71
N TYR C 682 -87.13 25.10 38.51
CA TYR C 682 -88.20 26.00 38.06
C TYR C 682 -89.21 26.24 39.18
N PHE C 683 -89.91 27.39 39.11
CA PHE C 683 -91.01 27.77 39.99
C PHE C 683 -92.18 28.27 39.16
N THR C 684 -93.37 27.71 39.42
CA THR C 684 -94.60 28.02 38.71
C THR C 684 -95.64 28.54 39.69
N PRO C 685 -96.05 29.84 39.64
CA PRO C 685 -96.99 30.39 40.62
C PRO C 685 -98.36 29.73 40.44
N LYS C 686 -99.18 29.77 41.51
CA LYS C 686 -100.46 29.06 41.53
C LYS C 686 -101.35 29.55 40.39
N GLY C 687 -102.10 28.62 39.79
CA GLY C 687 -103.07 28.90 38.74
C GLY C 687 -102.44 29.41 37.43
N SER C 688 -101.12 29.59 37.43
CA SER C 688 -100.34 29.90 36.25
C SER C 688 -99.83 28.61 35.61
N THR C 689 -99.34 28.71 34.37
CA THR C 689 -98.92 27.54 33.62
C THR C 689 -97.53 27.78 33.01
N GLU C 690 -96.85 28.83 33.51
CA GLU C 690 -95.57 29.27 32.98
C GLU C 690 -94.50 29.08 34.04
N LYS C 691 -93.58 28.13 33.81
CA LYS C 691 -92.47 27.79 34.70
C LYS C 691 -91.36 28.84 34.57
N ARG C 692 -90.91 29.41 35.71
CA ARG C 692 -89.83 30.39 35.72
C ARG C 692 -88.56 29.76 36.31
N LEU C 693 -87.51 29.65 35.48
CA LEU C 693 -86.22 29.10 35.88
C LEU C 693 -85.60 29.93 37.01
N ILE C 694 -85.40 29.31 38.19
CA ILE C 694 -84.85 29.97 39.38
C ILE C 694 -83.32 29.91 39.37
N GLY C 695 -82.75 28.94 38.65
CA GLY C 695 -81.32 28.70 38.73
C GLY C 695 -80.98 27.31 38.16
N GLU C 696 -79.68 27.05 38.08
CA GLU C 696 -79.13 25.88 37.43
C GLU C 696 -77.79 25.61 38.11
N LYS C 697 -77.54 24.33 38.47
CA LYS C 697 -76.31 23.93 39.15
C LYS C 697 -75.78 22.63 38.54
N SER C 698 -74.45 22.56 38.42
CA SER C 698 -73.77 21.39 37.87
C SER C 698 -72.82 20.77 38.90
N PHE C 699 -72.85 19.44 38.97
CA PHE C 699 -71.98 18.69 39.86
C PHE C 699 -70.62 18.48 39.19
N THR C 700 -69.65 18.08 40.02
CA THR C 700 -68.30 17.69 39.60
C THR C 700 -68.14 16.21 39.94
N LYS C 701 -67.90 15.35 38.93
CA LYS C 701 -67.90 13.92 39.12
C LYS C 701 -66.48 13.39 39.32
N LYS C 702 -66.04 13.44 40.59
CA LYS C 702 -64.77 12.86 41.02
C LYS C 702 -64.90 11.34 41.17
N THR C 703 -63.79 10.63 40.93
CA THR C 703 -63.64 9.19 41.06
C THR C 703 -62.29 8.88 41.71
N THR C 704 -62.28 8.07 42.77
CA THR C 704 -61.08 7.83 43.55
C THR C 704 -60.19 6.82 42.83
N ALA C 705 -58.98 6.62 43.37
CA ALA C 705 -58.02 5.73 42.78
C ALA C 705 -58.62 4.32 42.59
N ALA C 706 -59.24 3.80 43.65
CA ALA C 706 -59.83 2.48 43.66
C ALA C 706 -61.04 2.39 42.72
N GLY C 707 -61.60 3.54 42.36
CA GLY C 707 -62.59 3.57 41.29
C GLY C 707 -64.01 3.90 41.76
N TYR C 708 -64.14 4.35 43.02
CA TYR C 708 -65.41 4.78 43.56
C TYR C 708 -65.64 6.22 43.15
N THR C 709 -66.80 6.50 42.53
CA THR C 709 -67.06 7.79 41.93
C THR C 709 -68.25 8.50 42.61
N TYR C 710 -68.02 9.73 43.09
CA TYR C 710 -69.03 10.54 43.77
C TYR C 710 -69.15 11.93 43.14
N GLN C 711 -70.14 12.72 43.61
CA GLN C 711 -70.39 14.05 43.04
C GLN C 711 -70.41 15.11 44.15
N VAL C 712 -69.64 16.18 43.97
CA VAL C 712 -69.69 17.36 44.81
C VAL C 712 -69.95 18.60 43.95
N TYR C 713 -70.61 19.61 44.54
CA TYR C 713 -70.89 20.88 43.88
C TYR C 713 -69.78 21.88 44.22
N GLU C 714 -69.18 22.48 43.18
CA GLU C 714 -68.02 23.31 43.35
C GLU C 714 -68.17 24.70 42.73
N GLY C 715 -69.42 25.10 42.42
CA GLY C 715 -69.76 26.43 41.94
C GLY C 715 -69.46 27.54 42.97
N ALA C 716 -69.63 28.80 42.56
CA ALA C 716 -69.24 29.94 43.38
C ALA C 716 -70.13 30.05 44.61
N ASP C 717 -71.41 29.67 44.47
CA ASP C 717 -72.41 29.75 45.53
C ASP C 717 -72.39 28.49 46.40
N LYS C 718 -71.36 27.66 46.26
CA LYS C 718 -71.19 26.44 47.05
C LYS C 718 -71.13 26.77 48.53
N ASP C 719 -71.60 25.83 49.35
CA ASP C 719 -71.64 25.98 50.81
C ASP C 719 -70.20 26.04 51.30
N SER C 720 -69.98 26.82 52.37
CA SER C 720 -68.65 27.01 52.93
C SER C 720 -68.13 25.71 53.55
N THR C 721 -69.01 24.98 54.25
CA THR C 721 -68.71 23.67 54.80
C THR C 721 -68.91 22.61 53.71
N ALA C 722 -67.84 21.85 53.41
CA ALA C 722 -67.69 21.13 52.15
C ALA C 722 -68.74 20.04 51.95
N HIS C 723 -69.02 19.28 53.02
CA HIS C 723 -69.83 18.08 52.92
C HIS C 723 -71.25 18.37 52.43
N LYS C 724 -71.76 19.56 52.73
CA LYS C 724 -73.11 19.97 52.36
C LYS C 724 -73.23 20.12 50.84
N ASN C 725 -72.09 20.14 50.14
CA ASN C 725 -72.05 20.27 48.70
C ASN C 725 -72.21 18.91 48.03
N MET C 726 -72.56 17.89 48.81
CA MET C 726 -72.90 16.60 48.23
C MET C 726 -74.32 16.64 47.69
N TYR C 727 -75.06 17.70 48.07
CA TYR C 727 -76.39 18.04 47.56
C TYR C 727 -76.43 19.52 47.18
N LEU C 728 -77.53 19.91 46.51
CA LEU C 728 -77.78 21.27 46.01
C LEU C 728 -78.80 22.00 46.86
N THR C 729 -78.54 23.29 47.13
CA THR C 729 -79.42 24.12 47.93
C THR C 729 -79.60 25.48 47.25
N TRP C 730 -80.87 25.83 46.97
CA TRP C 730 -81.30 27.13 46.51
C TRP C 730 -82.10 27.83 47.61
N ASN C 731 -82.12 29.17 47.58
CA ASN C 731 -82.97 29.96 48.45
C ASN C 731 -84.10 30.59 47.64
N VAL C 732 -85.26 29.91 47.61
CA VAL C 732 -86.43 30.39 46.90
C VAL C 732 -87.28 31.23 47.88
N PRO C 733 -87.89 32.35 47.43
CA PRO C 733 -88.80 33.12 48.29
C PRO C 733 -90.17 32.44 48.31
N TRP C 734 -90.83 32.48 49.49
CA TRP C 734 -92.08 31.76 49.67
C TRP C 734 -93.19 32.40 48.84
N ALA C 735 -93.87 31.58 48.04
CA ALA C 735 -95.00 32.01 47.25
C ALA C 735 -95.78 30.77 46.83
N GLU C 736 -97.11 30.81 46.97
CA GLU C 736 -97.95 29.69 46.59
C GLU C 736 -97.63 29.27 45.15
N GLY C 737 -97.39 27.97 44.96
CA GLY C 737 -97.08 27.44 43.63
C GLY C 737 -96.43 26.06 43.67
N THR C 738 -95.65 25.76 42.63
CA THR C 738 -95.04 24.47 42.39
C THR C 738 -93.55 24.65 42.09
N ILE C 739 -92.69 24.23 43.04
CA ILE C 739 -91.25 24.14 42.77
C ILE C 739 -90.97 22.78 42.12
N SER C 740 -90.61 22.80 40.83
CA SER C 740 -90.23 21.60 40.09
C SER C 740 -88.75 21.68 39.76
N ALA C 741 -88.17 20.53 39.36
CA ALA C 741 -86.77 20.45 38.96
C ALA C 741 -86.65 19.45 37.81
N GLU C 742 -85.80 19.79 36.83
CA GLU C 742 -85.44 18.87 35.77
C GLU C 742 -83.95 18.52 35.89
N ALA C 743 -83.60 17.34 35.38
CA ALA C 743 -82.27 16.77 35.58
C ALA C 743 -81.67 16.34 34.24
N TYR C 744 -80.37 16.62 34.07
CA TYR C 744 -79.61 16.28 32.88
C TYR C 744 -78.39 15.45 33.27
N ASP C 745 -78.04 14.47 32.43
CA ASP C 745 -76.87 13.63 32.59
C ASP C 745 -75.59 14.34 32.12
N GLU C 746 -74.46 13.62 32.19
CA GLU C 746 -73.14 14.16 31.85
C GLU C 746 -73.11 14.69 30.40
N ASN C 747 -73.79 13.97 29.48
CA ASN C 747 -73.87 14.34 28.07
C ASN C 747 -74.94 15.40 27.80
N ASN C 748 -75.56 15.90 28.88
CA ASN C 748 -76.51 16.99 28.82
C ASN C 748 -77.88 16.55 28.26
N ARG C 749 -78.04 15.24 28.01
CA ARG C 749 -79.32 14.63 27.70
C ARG C 749 -80.23 14.74 28.94
N LEU C 750 -81.43 15.27 28.74
CA LEU C 750 -82.42 15.36 29.81
C LEU C 750 -82.77 13.97 30.34
N ILE C 751 -82.94 13.86 31.67
CA ILE C 751 -83.43 12.65 32.32
C ILE C 751 -84.95 12.64 32.21
N PRO C 752 -85.56 11.60 31.58
CA PRO C 752 -87.00 11.57 31.33
C PRO C 752 -87.85 11.84 32.58
N GLU C 753 -88.95 12.59 32.42
CA GLU C 753 -89.74 13.12 33.52
C GLU C 753 -90.31 12.01 34.40
N GLY C 754 -90.64 10.87 33.79
CA GLY C 754 -91.25 9.77 34.51
C GLY C 754 -90.28 9.01 35.43
N SER C 755 -89.02 8.85 34.99
CA SER C 755 -88.11 7.81 35.46
C SER C 755 -87.44 8.13 36.80
N THR C 756 -87.57 9.36 37.29
CA THR C 756 -86.95 9.79 38.53
C THR C 756 -87.57 9.08 39.74
N GLU C 757 -86.79 8.98 40.83
CA GLU C 757 -87.24 8.53 42.15
C GLU C 757 -87.23 9.72 43.09
N GLY C 758 -88.20 9.73 44.03
CA GLY C 758 -88.40 10.86 44.91
C GLY C 758 -89.24 11.94 44.25
N ASN C 759 -89.60 12.97 45.03
CA ASN C 759 -90.48 14.05 44.61
C ASN C 759 -89.75 15.03 43.70
N ALA C 760 -90.05 14.94 42.40
CA ALA C 760 -89.44 15.79 41.37
C ALA C 760 -89.94 17.23 41.46
N SER C 761 -91.02 17.42 42.25
CA SER C 761 -91.69 18.69 42.48
C SER C 761 -92.50 18.63 43.76
N VAL C 762 -92.45 19.73 44.53
CA VAL C 762 -93.41 19.99 45.61
C VAL C 762 -94.37 21.05 45.08
N THR C 763 -95.58 21.08 45.66
CA THR C 763 -96.63 21.99 45.26
C THR C 763 -97.42 22.42 46.50
N THR C 764 -98.00 23.62 46.47
CA THR C 764 -98.85 24.10 47.55
C THR C 764 -100.17 23.35 47.50
N THR C 765 -100.56 22.75 48.64
CA THR C 765 -101.68 21.81 48.65
C THR C 765 -102.94 22.48 49.21
N GLY C 766 -104.09 21.92 48.80
CA GLY C 766 -105.39 22.29 49.33
C GLY C 766 -105.57 21.76 50.75
N LYS C 767 -106.78 21.88 51.28
CA LYS C 767 -107.09 21.33 52.59
C LYS C 767 -107.20 19.81 52.47
N ALA C 768 -107.08 19.11 53.62
CA ALA C 768 -107.25 17.66 53.68
C ALA C 768 -108.61 17.28 53.11
N ALA C 769 -108.63 16.35 52.14
CA ALA C 769 -109.84 16.05 51.38
C ALA C 769 -110.08 14.54 51.23
N LYS C 770 -109.05 13.79 50.84
CA LYS C 770 -109.21 12.36 50.61
C LYS C 770 -108.12 11.55 51.31
N LEU C 771 -108.45 10.27 51.58
CA LEU C 771 -107.50 9.23 51.91
C LEU C 771 -107.25 8.41 50.65
N LYS C 772 -105.97 8.26 50.27
CA LYS C 772 -105.52 7.30 49.27
C LYS C 772 -104.82 6.19 50.06
N ALA C 773 -105.29 4.95 49.87
CA ALA C 773 -104.72 3.79 50.54
C ALA C 773 -104.26 2.76 49.51
N ASP C 774 -102.98 2.35 49.61
CA ASP C 774 -102.42 1.30 48.79
C ASP C 774 -101.85 0.21 49.70
N ALA C 775 -101.98 -1.06 49.26
CA ALA C 775 -101.40 -2.21 49.94
C ALA C 775 -100.19 -2.70 49.14
N ASP C 776 -99.09 -3.01 49.86
CA ASP C 776 -97.83 -3.34 49.22
C ASP C 776 -97.98 -4.60 48.36
N ARG C 777 -98.70 -5.60 48.88
CA ARG C 777 -98.94 -6.83 48.13
C ARG C 777 -100.43 -7.15 48.15
N LYS C 778 -101.00 -7.34 46.94
CA LYS C 778 -102.43 -7.48 46.77
C LYS C 778 -102.83 -8.95 46.94
N THR C 779 -101.82 -9.83 47.01
CA THR C 779 -101.96 -11.25 47.30
C THR C 779 -100.91 -11.66 48.32
N ILE C 780 -101.34 -12.42 49.34
CA ILE C 780 -100.46 -12.93 50.39
C ILE C 780 -100.79 -14.39 50.64
N THR C 781 -99.96 -15.08 51.43
CA THR C 781 -100.17 -16.50 51.71
C THR C 781 -101.07 -16.65 52.93
N ALA C 782 -101.98 -17.62 52.85
CA ALA C 782 -102.95 -17.88 53.91
C ALA C 782 -102.37 -18.92 54.87
N ASP C 783 -101.39 -18.48 55.68
CA ASP C 783 -100.62 -19.36 56.55
C ASP C 783 -100.67 -18.86 57.99
N GLY C 784 -101.35 -17.72 58.21
CA GLY C 784 -101.42 -17.10 59.52
C GLY C 784 -100.14 -16.32 59.83
N LYS C 785 -99.35 -16.06 58.79
CA LYS C 785 -97.98 -15.55 58.91
C LYS C 785 -97.81 -14.31 58.04
N ASP C 786 -97.98 -14.46 56.72
CA ASP C 786 -97.73 -13.41 55.74
C ASP C 786 -98.49 -12.11 56.11
N LEU C 787 -97.91 -10.96 55.73
CA LEU C 787 -98.49 -9.66 56.00
C LEU C 787 -98.69 -8.88 54.71
N SER C 788 -99.76 -8.07 54.70
CA SER C 788 -99.93 -6.96 53.76
C SER C 788 -99.77 -5.64 54.50
N TYR C 789 -98.91 -4.76 53.98
CA TYR C 789 -98.64 -3.45 54.56
C TYR C 789 -99.43 -2.41 53.78
N ILE C 790 -100.33 -1.69 54.47
CA ILE C 790 -101.24 -0.73 53.85
C ILE C 790 -100.85 0.69 54.26
N GLU C 791 -100.25 1.42 53.31
CA GLU C 791 -99.94 2.83 53.45
C GLU C 791 -101.22 3.62 53.17
N VAL C 792 -101.48 4.63 54.01
CA VAL C 792 -102.57 5.57 53.81
C VAL C 792 -102.00 6.99 53.84
N ASP C 793 -102.12 7.69 52.71
CA ASP C 793 -101.76 9.09 52.60
C ASP C 793 -103.01 9.96 52.71
N VAL C 794 -102.84 11.15 53.30
CA VAL C 794 -103.87 12.17 53.38
C VAL C 794 -103.57 13.21 52.30
N THR C 795 -104.39 13.23 51.24
CA THR C 795 -104.21 14.14 50.11
C THR C 795 -105.26 15.25 50.11
N ASP C 796 -105.01 16.30 49.32
CA ASP C 796 -106.00 17.31 48.97
C ASP C 796 -106.87 16.75 47.84
N ALA C 797 -107.73 17.60 47.28
CA ALA C 797 -108.73 17.20 46.30
C ALA C 797 -108.08 16.61 45.04
N ASN C 798 -106.84 17.04 44.75
CA ASN C 798 -106.12 16.68 43.53
C ASN C 798 -105.17 15.51 43.76
N GLY C 799 -105.01 15.09 45.02
CA GLY C 799 -104.20 13.93 45.36
C GLY C 799 -102.81 14.29 45.86
N HIS C 800 -102.58 15.58 46.19
CA HIS C 800 -101.31 16.05 46.74
C HIS C 800 -101.29 15.78 48.24
N ILE C 801 -100.29 15.00 48.71
CA ILE C 801 -100.18 14.64 50.10
C ILE C 801 -100.09 15.92 50.93
N VAL C 802 -100.90 16.03 51.97
CA VAL C 802 -100.94 17.27 52.74
C VAL C 802 -99.84 17.21 53.81
N PRO C 803 -98.82 18.11 53.72
CA PRO C 803 -97.64 18.07 54.58
C PRO C 803 -97.86 17.80 56.06
N ASP C 804 -98.80 18.50 56.70
CA ASP C 804 -98.87 18.47 58.14
C ASP C 804 -100.07 17.66 58.62
N ALA C 805 -100.82 17.06 57.68
CA ALA C 805 -102.02 16.31 58.00
C ALA C 805 -101.78 15.35 59.16
N ALA C 806 -102.69 15.34 60.14
CA ALA C 806 -102.59 14.47 61.31
C ALA C 806 -103.95 13.84 61.65
N ASN C 807 -104.79 13.71 60.62
CA ASN C 807 -106.17 13.24 60.74
C ASN C 807 -106.18 11.78 61.20
N ARG C 808 -106.84 11.51 62.32
CA ARG C 808 -107.03 10.18 62.86
C ARG C 808 -107.76 9.29 61.86
N VAL C 809 -107.10 8.20 61.46
CA VAL C 809 -107.65 7.26 60.48
C VAL C 809 -108.05 5.98 61.21
N THR C 810 -109.21 5.44 60.82
CA THR C 810 -109.77 4.23 61.42
C THR C 810 -109.86 3.16 60.33
N PHE C 811 -109.39 1.96 60.68
CA PHE C 811 -109.28 0.85 59.73
C PHE C 811 -110.35 -0.17 60.03
N ASP C 812 -111.09 -0.55 58.98
CA ASP C 812 -112.12 -1.57 59.03
C ASP C 812 -111.63 -2.78 58.23
N VAL C 813 -111.14 -3.81 58.93
CA VAL C 813 -110.65 -5.02 58.29
C VAL C 813 -111.72 -6.10 58.35
N LYS C 814 -112.25 -6.48 57.18
CA LYS C 814 -113.23 -7.54 57.05
C LYS C 814 -112.68 -8.56 56.05
N GLY C 815 -112.72 -9.85 56.41
CA GLY C 815 -112.35 -10.91 55.48
C GLY C 815 -111.47 -11.98 56.10
N ALA C 816 -110.69 -12.68 55.26
CA ALA C 816 -109.76 -13.72 55.67
C ALA C 816 -108.42 -13.14 56.12
N GLY C 817 -108.51 -12.08 56.94
CA GLY C 817 -107.36 -11.42 57.56
C GLY C 817 -107.73 -10.79 58.92
N LYS C 818 -106.82 -10.01 59.50
CA LYS C 818 -107.07 -9.21 60.67
C LYS C 818 -105.94 -8.21 60.90
N LEU C 819 -106.29 -7.04 61.48
CA LEU C 819 -105.33 -5.98 61.69
C LEU C 819 -104.41 -6.32 62.86
N VAL C 820 -103.10 -6.32 62.61
CA VAL C 820 -102.12 -6.71 63.63
C VAL C 820 -101.33 -5.48 64.11
N GLY C 821 -101.37 -4.38 63.33
CA GLY C 821 -100.74 -3.15 63.79
C GLY C 821 -101.15 -1.92 62.98
N VAL C 822 -100.97 -0.75 63.63
CA VAL C 822 -101.07 0.57 63.02
C VAL C 822 -99.90 1.44 63.53
N ASP C 823 -99.36 2.31 62.66
CA ASP C 823 -98.16 3.07 62.98
C ASP C 823 -98.10 4.35 62.16
N ASN C 824 -97.29 5.31 62.63
CA ASN C 824 -97.00 6.58 61.96
C ASN C 824 -95.53 6.99 62.14
N GLY C 825 -94.76 6.23 62.94
CA GLY C 825 -93.35 6.51 63.14
C GLY C 825 -93.12 7.84 63.86
N SER C 826 -94.16 8.26 64.62
CA SER C 826 -94.11 9.42 65.48
C SER C 826 -93.69 9.01 66.89
N SER C 827 -92.56 9.58 67.33
CA SER C 827 -91.87 9.15 68.53
C SER C 827 -92.73 9.34 69.77
N PRO C 828 -93.44 10.49 69.92
CA PRO C 828 -94.19 10.76 71.15
C PRO C 828 -95.66 10.33 71.13
N ASP C 829 -96.10 9.71 70.02
CA ASP C 829 -97.46 9.18 69.93
C ASP C 829 -97.51 7.86 70.71
N HIS C 830 -98.30 7.84 71.80
CA HIS C 830 -98.40 6.66 72.66
C HIS C 830 -99.65 5.82 72.35
N ASP C 831 -100.43 6.19 71.31
CA ASP C 831 -101.60 5.40 70.95
C ASP C 831 -101.18 3.94 70.76
N SER C 832 -102.04 3.02 71.21
CA SER C 832 -101.81 1.59 71.10
C SER C 832 -101.55 1.20 69.65
N TYR C 833 -100.52 0.37 69.46
CA TYR C 833 -100.13 -0.21 68.17
C TYR C 833 -101.20 -1.22 67.73
N GLN C 834 -101.87 -1.81 68.73
CA GLN C 834 -102.88 -2.85 68.56
C GLN C 834 -104.28 -2.24 68.57
N ALA C 835 -104.43 -1.03 68.05
CA ALA C 835 -105.71 -0.35 67.95
C ALA C 835 -106.15 -0.33 66.48
N ASP C 836 -107.39 0.09 66.23
CA ASP C 836 -107.94 0.07 64.88
C ASP C 836 -107.85 1.46 64.25
N ASN C 837 -107.23 2.39 64.99
CA ASN C 837 -107.13 3.77 64.56
C ASN C 837 -105.80 4.37 65.03
N ARG C 838 -105.33 5.38 64.28
CA ARG C 838 -104.15 6.13 64.69
C ARG C 838 -104.10 7.41 63.86
N LYS C 839 -103.59 8.48 64.48
CA LYS C 839 -103.37 9.75 63.80
C LYS C 839 -102.40 9.50 62.65
N ALA C 840 -102.67 10.08 61.48
CA ALA C 840 -101.63 10.29 60.49
C ALA C 840 -100.57 11.19 61.10
N PHE C 841 -99.36 11.12 60.55
CA PHE C 841 -98.30 12.02 60.94
C PHE C 841 -97.57 12.45 59.68
N SER C 842 -97.27 13.74 59.58
CA SER C 842 -96.82 14.33 58.33
C SER C 842 -97.48 13.61 57.14
N GLY C 843 -98.80 13.45 57.21
CA GLY C 843 -99.62 13.10 56.05
C GLY C 843 -99.63 11.61 55.72
N LYS C 844 -99.23 10.76 56.68
CA LYS C 844 -99.13 9.33 56.40
C LYS C 844 -99.49 8.52 57.64
N VAL C 845 -100.09 7.35 57.42
CA VAL C 845 -100.33 6.36 58.47
C VAL C 845 -100.28 4.97 57.85
N LEU C 846 -99.83 3.98 58.64
CA LEU C 846 -99.66 2.61 58.18
C LEU C 846 -100.58 1.68 58.98
N ALA C 847 -101.17 0.70 58.26
CA ALA C 847 -101.91 -0.41 58.83
C ALA C 847 -101.32 -1.71 58.30
N ILE C 848 -101.03 -2.63 59.23
CA ILE C 848 -100.47 -3.94 58.91
C ILE C 848 -101.55 -4.99 59.14
N VAL C 849 -101.84 -5.75 58.08
CA VAL C 849 -102.87 -6.77 58.07
C VAL C 849 -102.22 -8.13 57.86
N GLN C 850 -102.61 -9.12 58.68
CA GLN C 850 -102.08 -10.48 58.61
C GLN C 850 -103.14 -11.44 58.06
N SER C 851 -102.68 -12.51 57.41
CA SER C 851 -103.58 -13.51 56.85
C SER C 851 -104.12 -14.43 57.94
N THR C 852 -105.12 -15.24 57.57
CA THR C 852 -105.56 -16.38 58.37
C THR C 852 -105.00 -17.64 57.73
N LYS C 853 -105.40 -18.80 58.26
CA LYS C 853 -104.91 -20.09 57.79
C LYS C 853 -105.88 -20.71 56.77
N GLU C 854 -106.98 -19.97 56.48
CA GLU C 854 -107.92 -20.33 55.43
C GLU C 854 -107.86 -19.27 54.34
N ALA C 855 -107.87 -19.74 53.09
CA ALA C 855 -107.87 -18.87 51.93
C ALA C 855 -109.10 -17.97 51.93
N GLY C 856 -109.06 -16.87 51.18
CA GLY C 856 -110.18 -15.96 51.14
C GLY C 856 -109.82 -14.59 50.54
N GLU C 857 -110.57 -13.56 50.97
CA GLU C 857 -110.37 -12.19 50.56
C GLU C 857 -110.39 -11.29 51.79
N ILE C 858 -109.57 -10.23 51.78
CA ILE C 858 -109.56 -9.21 52.82
C ILE C 858 -109.95 -7.89 52.17
N THR C 859 -110.98 -7.24 52.73
CA THR C 859 -111.34 -5.87 52.41
C THR C 859 -110.92 -5.01 53.59
N VAL C 860 -110.08 -3.99 53.31
CA VAL C 860 -109.68 -3.03 54.33
C VAL C 860 -110.12 -1.65 53.88
N THR C 861 -110.65 -0.87 54.85
CA THR C 861 -111.25 0.42 54.60
C THR C 861 -110.68 1.46 55.57
N ALA C 862 -110.06 2.49 54.98
CA ALA C 862 -109.52 3.63 55.69
C ALA C 862 -110.58 4.72 55.71
N LYS C 863 -110.95 5.17 56.91
CA LYS C 863 -112.01 6.14 57.14
C LYS C 863 -111.49 7.22 58.08
N ALA C 864 -111.95 8.46 57.85
CA ALA C 864 -111.65 9.61 58.71
C ALA C 864 -112.69 10.72 58.47
N ASP C 865 -112.96 11.50 59.53
CA ASP C 865 -114.10 12.40 59.52
C ASP C 865 -113.91 13.45 58.43
N GLY C 866 -114.85 13.45 57.48
CA GLY C 866 -114.95 14.51 56.49
C GLY C 866 -113.96 14.35 55.34
N LEU C 867 -113.40 13.13 55.20
CA LEU C 867 -112.47 12.81 54.13
C LEU C 867 -112.98 11.58 53.39
N GLN C 868 -112.75 11.55 52.08
CA GLN C 868 -113.22 10.46 51.24
C GLN C 868 -112.47 9.18 51.61
N SER C 869 -113.23 8.16 52.06
CA SER C 869 -112.70 6.86 52.41
C SER C 869 -111.94 6.24 51.23
N SER C 870 -111.06 5.29 51.56
CA SER C 870 -110.36 4.47 50.58
C SER C 870 -110.41 3.02 51.03
N THR C 871 -110.45 2.11 50.04
CA THR C 871 -110.65 0.69 50.26
C THR C 871 -109.67 -0.11 49.40
N VAL C 872 -109.06 -1.14 50.00
CA VAL C 872 -108.13 -2.02 49.32
C VAL C 872 -108.57 -3.47 49.52
N LYS C 873 -108.31 -4.29 48.49
CA LYS C 873 -108.66 -5.72 48.51
C LYS C 873 -107.39 -6.56 48.42
N ILE C 874 -107.27 -7.53 49.33
CA ILE C 874 -106.12 -8.42 49.45
C ILE C 874 -106.62 -9.85 49.46
N ALA C 875 -106.10 -10.67 48.52
CA ALA C 875 -106.46 -12.07 48.38
C ALA C 875 -105.44 -12.95 49.09
N THR C 876 -105.94 -13.90 49.92
CA THR C 876 -105.08 -14.85 50.61
C THR C 876 -105.22 -16.22 49.93
N THR C 877 -104.09 -16.77 49.43
CA THR C 877 -104.06 -18.05 48.74
C THR C 877 -103.56 -19.15 49.69
N ALA C 878 -104.19 -20.33 49.62
CA ALA C 878 -103.90 -21.39 50.58
C ALA C 878 -102.54 -22.01 50.28
N VAL C 879 -101.92 -22.57 51.34
CA VAL C 879 -100.60 -23.16 51.24
C VAL C 879 -100.72 -24.44 50.43
N PRO C 880 -99.87 -24.66 49.39
CA PRO C 880 -99.97 -25.87 48.56
C PRO C 880 -100.07 -27.13 49.44
N GLY C 881 -100.99 -28.00 49.06
CA GLY C 881 -101.16 -29.28 49.74
C GLY C 881 -102.11 -29.25 50.93
N THR C 882 -102.69 -28.10 51.28
CA THR C 882 -103.80 -28.06 52.22
C THR C 882 -105.06 -28.63 51.54
N SER C 883 -105.81 -29.45 52.30
CA SER C 883 -106.88 -30.29 51.80
C SER C 883 -108.15 -29.48 51.57
N THR C 884 -108.73 -29.61 50.36
CA THR C 884 -109.97 -28.92 50.02
C THR C 884 -111.13 -29.43 50.88
N GLU C 885 -111.08 -30.71 51.30
CA GLU C 885 -112.06 -31.28 52.21
C GLU C 885 -111.93 -30.68 53.62
N LYS C 886 -113.08 -30.46 54.31
CA LYS C 886 -113.14 -29.91 55.65
C LYS C 886 -112.45 -30.87 56.64
N THR C 887 -111.72 -30.30 57.60
CA THR C 887 -110.90 -31.04 58.56
C THR C 887 -111.33 -30.65 59.98
N VAL C 888 -110.99 -31.50 60.98
CA VAL C 888 -111.22 -31.18 62.39
C VAL C 888 -110.21 -30.12 62.83
N ARG C 889 -110.69 -29.01 63.43
CA ARG C 889 -109.85 -27.87 63.79
C ARG C 889 -109.52 -27.89 65.28
N SER C 890 -110.56 -27.86 66.12
CA SER C 890 -110.42 -27.76 67.56
C SER C 890 -111.69 -28.26 68.26
N PHE C 891 -111.58 -28.47 69.58
CA PHE C 891 -112.66 -28.92 70.44
C PHE C 891 -112.86 -27.93 71.58
N TYR C 892 -114.13 -27.54 71.81
CA TYR C 892 -114.49 -26.58 72.85
C TYR C 892 -115.14 -27.31 74.03
N TYR C 893 -114.40 -27.39 75.14
CA TYR C 893 -114.81 -28.12 76.34
C TYR C 893 -113.87 -27.79 77.50
N SER C 894 -114.30 -28.14 78.71
CA SER C 894 -113.49 -27.99 79.92
C SER C 894 -112.64 -29.23 80.12
N ARG C 895 -111.32 -29.04 80.31
CA ARG C 895 -110.42 -30.20 80.40
C ARG C 895 -109.96 -30.46 81.83
N ASN C 896 -110.32 -29.57 82.77
CA ASN C 896 -109.87 -29.73 84.15
C ASN C 896 -111.04 -29.93 85.11
N TYR C 897 -110.97 -31.02 85.90
CA TYR C 897 -112.02 -31.45 86.82
C TYR C 897 -111.40 -31.81 88.18
N TYR C 898 -111.91 -31.18 89.24
CA TYR C 898 -111.48 -31.43 90.61
C TYR C 898 -112.68 -32.01 91.37
N VAL C 899 -112.60 -33.30 91.72
CA VAL C 899 -113.70 -34.03 92.31
C VAL C 899 -113.35 -34.42 93.75
N LYS C 900 -114.33 -34.33 94.65
CA LYS C 900 -114.18 -34.78 96.03
C LYS C 900 -114.02 -36.31 96.01
N THR C 901 -113.18 -36.83 96.91
CA THR C 901 -112.91 -38.26 97.00
C THR C 901 -114.18 -39.01 97.34
N GLY C 902 -114.30 -40.23 96.82
CA GLY C 902 -115.47 -41.06 97.02
C GLY C 902 -116.61 -40.71 96.06
N ASN C 903 -116.48 -39.61 95.31
CA ASN C 903 -117.47 -39.24 94.30
C ASN C 903 -116.93 -39.55 92.91
N LYS C 904 -117.80 -40.15 92.09
CA LYS C 904 -117.57 -40.46 90.69
C LYS C 904 -117.39 -39.17 89.90
N PRO C 905 -116.40 -39.12 88.96
CA PRO C 905 -116.22 -37.95 88.10
C PRO C 905 -117.37 -37.87 87.08
N ILE C 906 -118.07 -36.73 87.06
CA ILE C 906 -119.15 -36.49 86.11
C ILE C 906 -118.55 -35.79 84.89
N LEU C 907 -118.38 -36.53 83.78
CA LEU C 907 -117.78 -35.99 82.56
C LEU C 907 -118.90 -35.55 81.63
N PRO C 908 -118.65 -34.61 80.69
CA PRO C 908 -119.71 -34.15 79.77
C PRO C 908 -119.99 -35.21 78.69
N SER C 909 -121.26 -35.31 78.27
CA SER C 909 -121.67 -36.27 77.27
C SER C 909 -121.18 -35.87 75.88
N ASP C 910 -121.19 -34.56 75.60
CA ASP C 910 -120.87 -34.03 74.29
C ASP C 910 -119.85 -32.89 74.40
N VAL C 911 -119.17 -32.63 73.28
CA VAL C 911 -118.17 -31.59 73.13
C VAL C 911 -118.39 -30.91 71.76
N GLU C 912 -118.28 -29.58 71.74
CA GLU C 912 -118.37 -28.82 70.50
C GLU C 912 -117.10 -29.03 69.66
N VAL C 913 -117.28 -29.40 68.39
CA VAL C 913 -116.18 -29.60 67.45
C VAL C 913 -116.22 -28.48 66.40
N ARG C 914 -115.04 -27.95 66.06
CA ARG C 914 -114.87 -26.97 64.99
C ARG C 914 -114.16 -27.62 63.80
N TYR C 915 -114.39 -27.05 62.62
CA TYR C 915 -113.86 -27.54 61.36
C TYR C 915 -113.23 -26.38 60.59
N SER C 916 -112.50 -26.71 59.51
CA SER C 916 -111.79 -25.74 58.70
C SER C 916 -112.73 -24.66 58.16
N ASP C 917 -113.98 -25.06 57.87
CA ASP C 917 -115.02 -24.17 57.37
C ASP C 917 -115.42 -23.12 58.41
N GLY C 918 -115.05 -23.36 59.68
CA GLY C 918 -115.52 -22.55 60.79
C GLY C 918 -116.91 -23.00 61.27
N THR C 919 -117.36 -24.16 60.77
CA THR C 919 -118.60 -24.80 61.17
C THR C 919 -118.40 -25.48 62.52
N SER C 920 -119.47 -25.58 63.33
CA SER C 920 -119.42 -26.12 64.68
C SER C 920 -120.54 -27.15 64.89
N ASP C 921 -120.16 -28.44 65.03
CA ASP C 921 -121.11 -29.51 65.31
C ASP C 921 -120.80 -30.05 66.71
N ARG C 922 -121.81 -30.16 67.58
CA ARG C 922 -121.61 -30.79 68.87
C ARG C 922 -121.76 -32.30 68.66
N GLN C 923 -120.76 -33.12 69.01
CA GLN C 923 -120.83 -34.57 68.87
C GLN C 923 -120.48 -35.25 70.20
N ASN C 924 -120.86 -36.52 70.37
CA ASN C 924 -120.78 -37.20 71.65
C ASN C 924 -119.39 -37.82 71.84
N VAL C 925 -119.02 -38.04 73.12
CA VAL C 925 -117.73 -38.52 73.55
C VAL C 925 -117.90 -39.79 74.36
N THR C 926 -117.13 -40.83 74.01
CA THR C 926 -117.10 -42.09 74.74
C THR C 926 -115.87 -42.14 75.65
N TRP C 927 -116.09 -41.82 76.93
CA TRP C 927 -115.03 -41.65 77.90
C TRP C 927 -114.57 -43.00 78.43
N ASP C 928 -113.28 -43.10 78.78
CA ASP C 928 -112.71 -44.27 79.42
C ASP C 928 -113.22 -44.40 80.86
N ALA C 929 -113.11 -45.64 81.37
CA ALA C 929 -113.61 -46.01 82.68
C ALA C 929 -112.70 -45.44 83.76
N VAL C 930 -113.30 -45.15 84.92
CA VAL C 930 -112.61 -44.65 86.10
C VAL C 930 -112.59 -45.75 87.17
N SER C 931 -111.39 -46.17 87.60
CA SER C 931 -111.23 -47.22 88.61
C SER C 931 -111.88 -46.79 89.93
N ASP C 932 -112.44 -47.77 90.64
CA ASP C 932 -113.04 -47.59 91.97
C ASP C 932 -111.95 -47.08 92.92
N ASP C 933 -110.75 -47.69 92.82
CA ASP C 933 -109.57 -47.33 93.58
C ASP C 933 -109.21 -45.87 93.35
N GLN C 934 -109.26 -45.46 92.08
CA GLN C 934 -108.92 -44.11 91.65
C GLN C 934 -109.84 -43.06 92.30
N ILE C 935 -111.14 -43.40 92.47
CA ILE C 935 -112.15 -42.48 92.97
C ILE C 935 -111.84 -42.04 94.40
N ALA C 936 -111.34 -42.96 95.24
CA ALA C 936 -111.01 -42.64 96.63
C ALA C 936 -109.51 -42.40 96.83
N LYS C 937 -108.73 -42.40 95.74
CA LYS C 937 -107.27 -42.39 95.78
C LYS C 937 -106.70 -41.05 96.23
N ALA C 938 -107.43 -39.96 95.99
CA ALA C 938 -107.06 -38.62 96.42
C ALA C 938 -105.76 -38.16 95.74
N GLY C 939 -105.68 -38.36 94.42
CA GLY C 939 -104.57 -37.89 93.59
C GLY C 939 -105.05 -37.42 92.22
N SER C 940 -104.13 -37.14 91.31
CA SER C 940 -104.48 -36.70 89.96
C SER C 940 -104.26 -37.83 88.94
N PHE C 941 -105.14 -37.89 87.93
CA PHE C 941 -105.06 -38.81 86.81
C PHE C 941 -105.75 -38.21 85.58
N SER C 942 -105.50 -38.81 84.40
CA SER C 942 -106.08 -38.34 83.14
C SER C 942 -107.10 -39.35 82.61
N VAL C 943 -108.05 -38.87 81.79
CA VAL C 943 -109.14 -39.65 81.20
C VAL C 943 -109.18 -39.38 79.70
N ALA C 944 -109.15 -40.46 78.91
CA ALA C 944 -109.24 -40.39 77.46
C ALA C 944 -110.69 -40.59 77.00
N GLY C 945 -111.05 -39.94 75.88
CA GLY C 945 -112.31 -40.13 75.19
C GLY C 945 -112.09 -40.10 73.69
N THR C 946 -113.13 -40.36 72.88
CA THR C 946 -113.00 -40.35 71.44
C THR C 946 -114.21 -39.63 70.81
N VAL C 947 -113.91 -38.70 69.88
CA VAL C 947 -114.92 -37.98 69.10
C VAL C 947 -114.37 -37.78 67.69
N ALA C 948 -115.25 -37.90 66.68
CA ALA C 948 -114.92 -37.83 65.27
C ALA C 948 -113.57 -38.48 64.98
N GLY C 949 -113.31 -39.64 65.62
CA GLY C 949 -112.15 -40.47 65.41
C GLY C 949 -110.83 -39.82 65.85
N GLN C 950 -110.89 -38.81 66.73
CA GLN C 950 -109.70 -38.24 67.35
C GLN C 950 -109.82 -38.40 68.86
N LYS C 951 -108.66 -38.48 69.54
CA LYS C 951 -108.59 -38.75 70.98
C LYS C 951 -108.48 -37.45 71.76
N ILE C 952 -109.47 -37.18 72.62
CA ILE C 952 -109.46 -36.06 73.55
C ILE C 952 -109.06 -36.59 74.92
N SER C 953 -108.61 -35.69 75.82
CA SER C 953 -108.23 -36.07 77.18
C SER C 953 -108.69 -34.99 78.18
N VAL C 954 -108.88 -35.43 79.44
CA VAL C 954 -109.30 -34.58 80.54
C VAL C 954 -108.48 -34.96 81.78
N ARG C 955 -108.08 -33.95 82.57
CA ARG C 955 -107.32 -34.15 83.79
C ARG C 955 -108.25 -34.07 84.98
N VAL C 956 -108.22 -35.10 85.84
CA VAL C 956 -109.03 -35.16 87.05
C VAL C 956 -108.12 -35.27 88.28
N THR C 957 -108.31 -34.37 89.25
CA THR C 957 -107.61 -34.39 90.53
C THR C 957 -108.60 -34.63 91.66
N MET C 958 -108.36 -35.68 92.46
CA MET C 958 -109.22 -36.07 93.57
C MET C 958 -108.71 -35.43 94.86
N ILE C 959 -109.63 -34.81 95.61
CA ILE C 959 -109.28 -34.11 96.84
C ILE C 959 -110.12 -34.65 98.00
N ASP C 960 -109.42 -35.10 99.06
CA ASP C 960 -109.95 -35.72 100.24
C ASP C 960 -110.63 -34.70 101.14
N GLU C 961 -109.86 -33.64 101.49
CA GLU C 961 -110.29 -32.48 102.24
C GLU C 961 -109.28 -31.36 101.94
N ILE C 962 -109.70 -30.11 102.18
CA ILE C 962 -108.80 -28.96 102.06
C ILE C 962 -108.65 -28.31 103.44
N GLY C 963 -107.44 -28.36 104.00
CA GLY C 963 -107.08 -27.68 105.25
C GLY C 963 -107.24 -26.16 105.14
N ALA C 964 -106.55 -25.56 104.15
CA ALA C 964 -106.65 -24.13 103.85
C ALA C 964 -106.06 -23.83 102.47
N LEU C 965 -106.28 -22.60 101.99
CA LEU C 965 -105.63 -22.10 100.79
C LEU C 965 -104.42 -21.25 101.20
N LEU C 966 -103.28 -21.49 100.54
CA LEU C 966 -102.02 -20.84 100.87
C LEU C 966 -102.17 -19.33 100.74
N ASN C 967 -101.69 -18.61 101.76
CA ASN C 967 -101.66 -17.15 101.76
C ASN C 967 -100.61 -16.67 100.77
N TYR C 968 -100.66 -15.36 100.45
CA TYR C 968 -99.80 -14.76 99.45
C TYR C 968 -99.05 -13.58 100.05
N SER C 969 -97.83 -13.37 99.53
CA SER C 969 -96.99 -12.24 99.87
C SER C 969 -96.25 -11.79 98.61
N ALA C 970 -96.09 -10.47 98.44
CA ALA C 970 -95.31 -9.88 97.36
C ALA C 970 -94.68 -8.56 97.82
N SER C 971 -93.91 -7.96 96.92
CA SER C 971 -93.38 -6.60 97.07
C SER C 971 -93.75 -5.81 95.83
N THR C 972 -94.01 -4.51 96.01
CA THR C 972 -94.23 -3.63 94.89
C THR C 972 -93.46 -2.32 95.11
N PRO C 973 -92.95 -1.69 94.04
CA PRO C 973 -92.40 -0.33 94.15
C PRO C 973 -93.50 0.64 94.57
N VAL C 974 -93.14 1.65 95.38
CA VAL C 974 -94.04 2.75 95.67
C VAL C 974 -94.51 3.35 94.34
N GLY C 975 -95.83 3.57 94.23
CA GLY C 975 -96.37 4.21 93.04
C GLY C 975 -96.84 3.20 92.00
N THR C 976 -96.50 1.92 92.20
CA THR C 976 -97.01 0.84 91.36
C THR C 976 -97.87 -0.09 92.21
N PRO C 977 -99.21 -0.17 91.95
CA PRO C 977 -100.09 -1.07 92.71
C PRO C 977 -99.69 -2.51 92.46
N ALA C 978 -99.73 -3.34 93.49
CA ALA C 978 -99.43 -4.77 93.42
C ALA C 978 -100.45 -5.51 92.56
N VAL C 979 -99.96 -6.42 91.71
CA VAL C 979 -100.84 -7.30 90.94
C VAL C 979 -101.13 -8.56 91.73
N LEU C 980 -102.41 -8.73 92.14
CA LEU C 980 -102.80 -9.83 92.99
C LEU C 980 -103.08 -11.10 92.17
N PRO C 981 -102.72 -12.29 92.69
CA PRO C 981 -102.89 -13.55 91.96
C PRO C 981 -104.34 -13.81 91.55
N GLY C 982 -104.53 -14.38 90.35
CA GLY C 982 -105.83 -14.84 89.89
C GLY C 982 -106.45 -15.92 90.78
N SER C 983 -105.58 -16.74 91.41
CA SER C 983 -105.93 -17.93 92.16
C SER C 983 -104.89 -18.18 93.25
N ARG C 984 -105.19 -19.09 94.19
CA ARG C 984 -104.27 -19.51 95.23
C ARG C 984 -104.32 -21.03 95.39
N PRO C 985 -103.15 -21.70 95.64
CA PRO C 985 -103.10 -23.16 95.78
C PRO C 985 -103.78 -23.64 97.05
N ALA C 986 -104.11 -24.94 97.08
CA ALA C 986 -104.75 -25.59 98.21
C ALA C 986 -103.73 -26.39 99.01
N VAL C 987 -103.88 -26.36 100.34
CA VAL C 987 -103.04 -27.10 101.26
C VAL C 987 -103.91 -28.11 102.00
N LEU C 988 -103.49 -29.38 102.04
CA LEU C 988 -104.21 -30.45 102.71
C LEU C 988 -104.02 -30.29 104.23
N PRO C 989 -104.82 -30.97 105.09
CA PRO C 989 -104.53 -30.97 106.54
C PRO C 989 -103.14 -31.57 106.78
N ASP C 990 -102.76 -32.52 105.91
CA ASP C 990 -101.41 -33.04 105.73
C ASP C 990 -100.55 -31.90 105.18
N GLY C 991 -99.25 -31.90 105.50
CA GLY C 991 -98.29 -30.93 105.02
C GLY C 991 -98.41 -30.59 103.53
N THR C 992 -98.88 -31.54 102.71
CA THR C 992 -98.75 -31.49 101.25
C THR C 992 -99.47 -30.27 100.70
N VAL C 993 -98.81 -29.56 99.77
CA VAL C 993 -99.37 -28.44 99.02
C VAL C 993 -99.74 -28.94 97.62
N THR C 994 -101.00 -28.74 97.22
CA THR C 994 -101.49 -29.21 95.93
C THR C 994 -101.08 -28.25 94.82
N SER C 995 -101.01 -28.76 93.57
CA SER C 995 -100.80 -27.90 92.41
C SER C 995 -102.13 -27.36 91.90
N ALA C 996 -103.22 -27.73 92.61
CA ALA C 996 -104.57 -27.31 92.30
C ALA C 996 -104.88 -25.96 92.94
N ASN C 997 -105.23 -24.99 92.09
CA ASN C 997 -105.40 -23.59 92.44
C ASN C 997 -106.87 -23.21 92.30
N PHE C 998 -107.38 -22.38 93.22
CA PHE C 998 -108.78 -21.99 93.29
C PHE C 998 -108.90 -20.47 93.20
N ALA C 999 -109.77 -20.01 92.29
CA ALA C 999 -109.97 -18.60 91.96
C ALA C 999 -110.36 -17.81 93.21
N VAL C 1000 -109.67 -16.68 93.44
CA VAL C 1000 -109.87 -15.84 94.62
C VAL C 1000 -110.45 -14.49 94.19
N ASP C 1001 -111.42 -13.98 94.97
CA ASP C 1001 -111.91 -12.63 94.81
C ASP C 1001 -111.42 -11.76 95.95
N TRP C 1002 -110.69 -10.68 95.57
CA TRP C 1002 -110.03 -9.79 96.53
C TRP C 1002 -110.91 -8.56 96.77
N THR C 1003 -111.02 -8.21 98.06
CA THR C 1003 -111.62 -6.95 98.48
C THR C 1003 -110.52 -5.88 98.47
N LYS C 1004 -110.30 -5.32 97.27
CA LYS C 1004 -109.13 -4.53 96.91
C LYS C 1004 -109.23 -3.13 97.51
N PRO C 1005 -108.24 -2.65 98.32
CA PRO C 1005 -108.14 -1.23 98.69
C PRO C 1005 -107.95 -0.33 97.47
N ALA C 1006 -107.92 1.00 97.69
CA ALA C 1006 -107.70 1.97 96.62
C ALA C 1006 -106.24 1.91 96.15
N ASP C 1007 -106.02 2.29 94.88
CA ASP C 1007 -104.70 2.29 94.26
C ASP C 1007 -103.76 3.25 94.99
N THR C 1008 -104.37 4.27 95.61
CA THR C 1008 -103.65 5.32 96.31
C THR C 1008 -102.85 4.76 97.48
N VAL C 1009 -103.30 3.63 98.06
CA VAL C 1009 -102.68 3.04 99.25
C VAL C 1009 -101.23 2.66 98.98
N TYR C 1010 -100.93 2.32 97.72
CA TYR C 1010 -99.62 1.86 97.28
C TYR C 1010 -98.67 3.02 96.98
N ASN C 1011 -99.11 4.26 97.30
CA ASN C 1011 -98.34 5.45 96.97
C ASN C 1011 -97.58 5.96 98.19
N THR C 1012 -97.52 5.12 99.25
CA THR C 1012 -96.64 5.36 100.38
C THR C 1012 -95.98 4.05 100.79
N ALA C 1013 -94.79 4.19 101.37
CA ALA C 1013 -94.00 3.06 101.86
C ALA C 1013 -94.67 2.48 103.11
N GLY C 1014 -94.64 1.15 103.22
CA GLY C 1014 -95.23 0.41 104.32
C GLY C 1014 -95.78 -0.93 103.86
N THR C 1015 -96.37 -1.71 104.79
CA THR C 1015 -97.01 -2.97 104.46
C THR C 1015 -98.51 -2.72 104.30
N VAL C 1016 -99.18 -3.53 103.45
CA VAL C 1016 -100.58 -3.41 103.08
C VAL C 1016 -101.20 -4.82 103.02
N LYS C 1017 -102.24 -5.08 103.84
CA LYS C 1017 -102.98 -6.34 103.84
C LYS C 1017 -104.25 -6.20 103.00
N VAL C 1018 -104.51 -7.23 102.17
CA VAL C 1018 -105.67 -7.30 101.30
C VAL C 1018 -106.38 -8.63 101.54
N PRO C 1019 -107.65 -8.62 102.04
CA PRO C 1019 -108.42 -9.85 102.20
C PRO C 1019 -109.04 -10.31 100.88
N GLY C 1020 -109.16 -11.64 100.75
CA GLY C 1020 -109.79 -12.27 99.61
C GLY C 1020 -110.31 -13.67 99.98
N THR C 1021 -111.40 -14.08 99.30
CA THR C 1021 -112.08 -15.33 99.61
C THR C 1021 -112.41 -16.08 98.31
N ALA C 1022 -112.37 -17.41 98.41
CA ALA C 1022 -112.61 -18.34 97.34
C ALA C 1022 -113.48 -19.47 97.85
N THR C 1023 -114.45 -19.89 97.03
CA THR C 1023 -115.40 -20.94 97.38
C THR C 1023 -114.93 -22.25 96.78
N VAL C 1024 -114.47 -23.17 97.64
CA VAL C 1024 -113.93 -24.48 97.29
C VAL C 1024 -114.92 -25.54 97.75
N PHE C 1025 -115.55 -26.24 96.79
CA PHE C 1025 -116.60 -27.22 97.05
C PHE C 1025 -117.70 -26.59 97.89
N GLY C 1026 -118.14 -25.39 97.49
CA GLY C 1026 -119.20 -24.67 98.18
C GLY C 1026 -118.69 -23.85 99.38
N LYS C 1027 -117.64 -24.36 100.05
CA LYS C 1027 -117.12 -23.84 101.31
C LYS C 1027 -116.08 -22.75 101.07
N GLU C 1028 -116.41 -21.52 101.50
CA GLU C 1028 -115.59 -20.34 101.32
C GLU C 1028 -114.38 -20.40 102.25
N PHE C 1029 -113.20 -20.05 101.72
CA PHE C 1029 -111.95 -19.96 102.46
C PHE C 1029 -111.43 -18.52 102.44
N LYS C 1030 -110.83 -18.11 103.58
CA LYS C 1030 -110.36 -16.75 103.82
C LYS C 1030 -108.83 -16.72 103.66
N VAL C 1031 -108.35 -15.86 102.74
CA VAL C 1031 -106.95 -15.72 102.37
C VAL C 1031 -106.52 -14.27 102.57
N THR C 1032 -105.27 -14.09 103.02
CA THR C 1032 -104.68 -12.76 103.20
C THR C 1032 -103.46 -12.60 102.30
N ALA C 1033 -103.46 -11.53 101.49
CA ALA C 1033 -102.31 -11.07 100.73
C ALA C 1033 -101.66 -9.88 101.42
N THR C 1034 -100.42 -10.08 101.88
CA THR C 1034 -99.62 -9.07 102.55
C THR C 1034 -98.54 -8.56 101.58
N ILE C 1035 -98.73 -7.35 101.04
CA ILE C 1035 -97.81 -6.75 100.09
C ILE C 1035 -97.00 -5.66 100.78
N ARG C 1036 -95.68 -5.61 100.49
CA ARG C 1036 -94.80 -4.60 101.05
C ARG C 1036 -94.44 -3.59 99.97
N VAL C 1037 -94.82 -2.31 100.18
CA VAL C 1037 -94.48 -1.24 99.26
C VAL C 1037 -93.12 -0.69 99.66
N GLN C 1038 -92.20 -0.61 98.69
CA GLN C 1038 -90.81 -0.24 98.97
C GLN C 1038 -90.35 0.84 97.99
N ARG C 1039 -89.36 1.63 98.45
CA ARG C 1039 -88.68 2.63 97.63
C ARG C 1039 -87.45 2.00 96.99
N SER C 1040 -86.95 2.59 95.89
CA SER C 1040 -85.75 2.12 95.21
C SER C 1040 -84.58 2.14 96.19
N GLN C 1041 -83.67 1.18 96.02
CA GLN C 1041 -82.46 1.14 96.84
C GLN C 1041 -81.29 1.65 96.00
N VAL C 1042 -80.79 2.84 96.33
CA VAL C 1042 -79.71 3.51 95.60
C VAL C 1042 -78.34 3.10 96.18
N THR C 1043 -77.42 2.73 95.28
CA THR C 1043 -76.01 2.55 95.63
C THR C 1043 -75.15 3.44 94.74
N ILE C 1044 -74.25 4.24 95.37
CA ILE C 1044 -73.38 5.17 94.65
C ILE C 1044 -72.14 4.43 94.19
N GLY C 1045 -71.78 4.60 92.90
CA GLY C 1045 -70.71 3.87 92.25
C GLY C 1045 -69.40 4.66 92.23
N SER C 1046 -68.58 4.42 91.20
CA SER C 1046 -67.29 5.08 91.05
C SER C 1046 -67.37 6.20 90.03
N SER C 1047 -66.33 7.05 89.99
CA SER C 1047 -66.21 8.17 89.06
C SER C 1047 -66.30 7.66 87.62
N VAL C 1048 -66.90 8.46 86.73
CA VAL C 1048 -66.92 8.17 85.31
C VAL C 1048 -66.43 9.40 84.56
N SER C 1049 -65.65 10.23 85.27
CA SER C 1049 -65.08 11.43 84.68
C SER C 1049 -64.16 11.03 83.53
N GLY C 1050 -63.42 9.93 83.73
CA GLY C 1050 -62.60 9.27 82.72
C GLY C 1050 -63.29 9.11 81.38
N ASN C 1051 -64.53 8.62 81.38
CA ASN C 1051 -65.26 8.26 80.16
C ASN C 1051 -65.85 9.47 79.44
N ALA C 1052 -65.46 10.69 79.82
CA ALA C 1052 -66.03 11.86 79.17
C ALA C 1052 -65.71 11.87 77.68
N LEU C 1053 -66.71 12.16 76.85
CA LEU C 1053 -66.48 12.38 75.43
C LEU C 1053 -65.67 13.65 75.18
N ARG C 1054 -65.95 14.70 75.96
CA ARG C 1054 -65.31 15.99 75.81
C ARG C 1054 -65.34 16.72 77.15
N LEU C 1055 -64.30 17.53 77.38
CA LEU C 1055 -64.16 18.36 78.57
C LEU C 1055 -63.65 19.72 78.15
N THR C 1056 -64.57 20.69 78.04
CA THR C 1056 -64.26 22.03 77.57
C THR C 1056 -64.21 23.02 78.74
N GLN C 1057 -63.95 24.30 78.42
CA GLN C 1057 -63.69 25.36 79.38
C GLN C 1057 -64.39 26.64 78.89
N ASN C 1058 -64.87 27.46 79.83
CA ASN C 1058 -65.53 28.72 79.49
C ASN C 1058 -64.51 29.69 78.93
N ILE C 1059 -63.30 29.64 79.50
CA ILE C 1059 -62.20 30.58 79.30
C ILE C 1059 -61.67 30.47 77.87
N PRO C 1060 -61.46 31.61 77.15
CA PRO C 1060 -60.84 31.62 75.84
C PRO C 1060 -59.45 30.99 75.86
N ALA C 1061 -59.01 30.54 74.68
CA ALA C 1061 -57.80 29.74 74.51
C ALA C 1061 -56.56 30.43 75.10
N ASP C 1062 -56.39 31.73 74.80
CA ASP C 1062 -55.19 32.49 75.11
C ASP C 1062 -55.04 32.73 76.61
N LYS C 1063 -56.18 32.77 77.33
CA LYS C 1063 -56.22 33.15 78.73
C LYS C 1063 -56.37 31.94 79.66
N GLN C 1064 -56.12 30.73 79.14
CA GLN C 1064 -56.22 29.51 79.94
C GLN C 1064 -54.91 29.30 80.68
N SER C 1065 -54.98 28.67 81.86
CA SER C 1065 -53.79 28.40 82.66
C SER C 1065 -53.87 26.98 83.24
N ASP C 1066 -52.76 26.26 83.21
CA ASP C 1066 -52.63 24.91 83.75
C ASP C 1066 -53.43 23.94 82.88
N THR C 1067 -53.46 22.65 83.26
CA THR C 1067 -53.96 21.60 82.39
C THR C 1067 -55.37 21.17 82.81
N LEU C 1068 -56.32 21.24 81.87
CA LEU C 1068 -57.72 20.95 82.17
C LEU C 1068 -57.93 19.45 82.33
N ASP C 1069 -57.42 18.67 81.35
CA ASP C 1069 -57.63 17.24 81.28
C ASP C 1069 -57.17 16.54 82.54
N ALA C 1070 -56.51 17.29 83.42
CA ALA C 1070 -55.97 16.76 84.67
C ALA C 1070 -57.10 16.38 85.61
N ILE C 1071 -58.31 16.93 85.39
CA ILE C 1071 -59.38 16.84 86.37
C ILE C 1071 -60.17 15.53 86.21
N LYS C 1072 -59.85 14.75 85.16
CA LYS C 1072 -60.42 13.44 84.93
C LYS C 1072 -59.37 12.33 84.93
N ASP C 1073 -58.15 12.65 85.37
CA ASP C 1073 -57.03 11.72 85.31
C ASP C 1073 -57.06 10.69 86.44
N GLY C 1074 -58.03 10.81 87.34
CA GLY C 1074 -58.22 9.82 88.40
C GLY C 1074 -57.28 9.98 89.60
N SER C 1075 -56.46 11.05 89.63
CA SER C 1075 -55.61 11.39 90.76
C SER C 1075 -56.07 12.71 91.37
N THR C 1076 -55.93 12.88 92.70
CA THR C 1076 -56.51 14.02 93.41
C THR C 1076 -55.45 15.00 93.92
N THR C 1077 -54.16 14.61 93.90
CA THR C 1077 -53.10 15.36 94.58
C THR C 1077 -52.58 16.49 93.70
N VAL C 1078 -51.92 17.50 94.30
CA VAL C 1078 -51.29 18.59 93.54
C VAL C 1078 -49.78 18.44 93.56
N ASP C 1079 -49.17 18.57 92.36
CA ASP C 1079 -47.75 18.82 92.23
C ASP C 1079 -47.51 20.27 92.63
N ALA C 1080 -46.49 20.49 93.46
CA ALA C 1080 -46.18 21.80 94.02
C ALA C 1080 -45.77 22.80 92.94
N ASN C 1081 -45.27 22.30 91.80
CA ASN C 1081 -44.98 23.08 90.60
C ASN C 1081 -44.22 24.37 90.96
N THR C 1082 -43.15 24.21 91.75
CA THR C 1082 -42.33 25.30 92.22
C THR C 1082 -41.40 25.74 91.08
N GLY C 1083 -41.29 27.06 90.91
CA GLY C 1083 -40.51 27.66 89.83
C GLY C 1083 -41.30 27.76 88.54
N GLY C 1084 -42.63 27.66 88.62
CA GLY C 1084 -43.54 28.07 87.57
C GLY C 1084 -43.57 27.09 86.39
N GLY C 1085 -44.28 27.49 85.33
CA GLY C 1085 -44.68 26.59 84.25
C GLY C 1085 -46.04 25.96 84.54
N ALA C 1086 -46.78 25.65 83.47
CA ALA C 1086 -48.10 25.02 83.55
C ALA C 1086 -48.06 23.77 84.44
N ASN C 1087 -49.02 23.68 85.38
CA ASN C 1087 -49.12 22.57 86.32
C ASN C 1087 -49.79 21.38 85.63
N PRO C 1088 -49.10 20.21 85.57
CA PRO C 1088 -49.64 19.04 84.89
C PRO C 1088 -50.68 18.28 85.70
N SER C 1089 -50.81 18.62 87.00
CA SER C 1089 -51.60 17.84 87.94
C SER C 1089 -53.00 18.42 88.12
N ALA C 1090 -53.17 19.70 87.77
CA ALA C 1090 -54.37 20.44 88.18
C ALA C 1090 -54.75 21.49 87.13
N TRP C 1091 -55.97 22.01 87.28
CA TRP C 1091 -56.51 23.13 86.51
C TRP C 1091 -56.71 24.32 87.45
N THR C 1092 -56.63 25.53 86.87
CA THR C 1092 -56.92 26.77 87.58
C THR C 1092 -57.49 27.77 86.58
N ASN C 1093 -57.90 28.93 87.07
CA ASN C 1093 -58.34 30.02 86.23
C ASN C 1093 -57.46 31.25 86.43
N TRP C 1094 -56.23 31.03 86.93
CA TRP C 1094 -55.29 32.08 87.30
C TRP C 1094 -55.25 33.17 86.23
N ALA C 1095 -54.98 32.77 84.98
CA ALA C 1095 -54.90 33.69 83.86
C ALA C 1095 -56.17 34.56 83.78
N TYR C 1096 -57.34 33.91 83.70
CA TYR C 1096 -58.61 34.61 83.52
C TYR C 1096 -58.95 35.43 84.76
N SER C 1097 -58.55 34.94 85.95
CA SER C 1097 -58.68 35.64 87.22
C SER C 1097 -57.92 36.96 87.20
N LYS C 1098 -56.66 36.92 86.73
CA LYS C 1098 -55.77 38.08 86.65
C LYS C 1098 -56.40 39.14 85.75
N ALA C 1099 -56.97 38.70 84.63
CA ALA C 1099 -57.71 39.55 83.71
C ALA C 1099 -59.02 40.04 84.31
N GLY C 1100 -59.26 39.69 85.59
CA GLY C 1100 -60.37 40.21 86.39
C GLY C 1100 -61.70 39.48 86.17
N HIS C 1101 -61.65 38.19 85.80
CA HIS C 1101 -62.84 37.40 85.54
C HIS C 1101 -63.14 36.52 86.74
N ASN C 1102 -64.38 36.67 87.25
CA ASN C 1102 -64.73 36.22 88.59
C ASN C 1102 -64.99 34.72 88.63
N THR C 1103 -65.42 34.20 87.49
CA THR C 1103 -65.91 32.83 87.38
C THR C 1103 -65.24 32.09 86.22
N ALA C 1104 -65.63 30.82 86.05
CA ALA C 1104 -65.24 29.94 84.97
C ALA C 1104 -66.23 28.78 84.95
N GLU C 1105 -66.47 28.22 83.76
CA GLU C 1105 -67.40 27.11 83.59
C GLU C 1105 -66.72 25.94 82.86
N ILE C 1106 -66.52 24.84 83.60
CA ILE C 1106 -66.03 23.58 83.09
C ILE C 1106 -67.24 22.70 82.70
N THR C 1107 -67.23 22.12 81.49
CA THR C 1107 -68.33 21.29 81.00
C THR C 1107 -67.83 19.93 80.53
N PHE C 1108 -68.32 18.87 81.20
CA PHE C 1108 -68.17 17.50 80.75
C PHE C 1108 -69.32 17.16 79.83
N GLU C 1109 -68.99 16.54 78.68
CA GLU C 1109 -69.97 15.96 77.75
C GLU C 1109 -69.72 14.46 77.66
N TYR C 1110 -70.80 13.69 77.56
CA TYR C 1110 -70.78 12.23 77.46
C TYR C 1110 -71.49 11.82 76.16
N ALA C 1111 -71.20 10.59 75.71
CA ALA C 1111 -71.85 10.07 74.50
C ALA C 1111 -73.12 9.31 74.86
N THR C 1112 -73.16 8.81 76.11
CA THR C 1112 -74.35 8.20 76.69
C THR C 1112 -74.71 8.96 77.97
N GLU C 1113 -76.01 9.17 78.19
CA GLU C 1113 -76.51 9.75 79.44
C GLU C 1113 -75.98 8.94 80.62
N GLN C 1114 -75.35 9.64 81.57
CA GLN C 1114 -74.86 9.07 82.82
C GLN C 1114 -75.90 9.26 83.94
N GLN C 1115 -76.09 8.20 84.74
CA GLN C 1115 -76.91 8.27 85.93
C GLN C 1115 -76.03 8.66 87.13
N LEU C 1116 -75.96 9.96 87.44
CA LEU C 1116 -75.11 10.48 88.51
C LEU C 1116 -75.83 10.39 89.85
N GLY C 1117 -75.05 10.10 90.91
CA GLY C 1117 -75.56 9.97 92.27
C GLY C 1117 -74.75 10.76 93.30
N GLN C 1118 -73.63 11.35 92.87
CA GLN C 1118 -72.77 12.15 93.73
C GLN C 1118 -71.68 12.82 92.88
N ILE C 1119 -71.20 13.97 93.33
CA ILE C 1119 -70.06 14.66 92.70
C ILE C 1119 -69.10 15.07 93.82
N VAL C 1120 -67.82 14.76 93.64
CA VAL C 1120 -66.79 15.20 94.59
C VAL C 1120 -65.80 16.08 93.83
N MET C 1121 -65.63 17.33 94.29
CA MET C 1121 -64.69 18.26 93.70
C MET C 1121 -63.50 18.41 94.63
N TYR C 1122 -62.29 18.20 94.09
CA TYR C 1122 -61.04 18.30 94.82
C TYR C 1122 -60.42 19.64 94.48
N PHE C 1123 -60.84 20.68 95.19
CA PHE C 1123 -60.22 21.99 95.10
C PHE C 1123 -58.89 21.95 95.86
N PHE C 1124 -57.94 22.78 95.39
CA PHE C 1124 -56.63 22.92 96.01
C PHE C 1124 -56.34 24.40 96.23
N ARG C 1125 -55.26 24.67 96.99
CA ARG C 1125 -54.77 26.00 97.27
C ARG C 1125 -53.24 26.00 97.20
N ASP C 1126 -52.67 27.15 96.80
CA ASP C 1126 -51.24 27.44 96.88
C ASP C 1126 -51.04 28.64 97.82
N SER C 1127 -49.80 29.14 97.91
CA SER C 1127 -49.51 30.24 98.81
C SER C 1127 -49.83 31.60 98.18
N ASN C 1128 -49.55 31.73 96.88
CA ASN C 1128 -49.65 33.01 96.19
C ASN C 1128 -51.10 33.43 95.91
N ALA C 1129 -51.90 32.52 95.31
CA ALA C 1129 -53.12 32.92 94.63
C ALA C 1129 -54.29 31.95 94.87
N VAL C 1130 -54.12 30.68 94.50
CA VAL C 1130 -55.20 29.71 94.49
C VAL C 1130 -55.71 29.48 95.91
N ARG C 1131 -57.04 29.61 96.08
CA ARG C 1131 -57.72 29.46 97.37
C ARG C 1131 -58.99 28.61 97.19
N PHE C 1132 -59.22 27.75 98.20
CA PHE C 1132 -60.43 26.94 98.31
C PHE C 1132 -61.63 27.87 98.22
N PRO C 1133 -62.67 27.54 97.41
CA PRO C 1133 -63.78 28.47 97.17
C PRO C 1133 -64.66 28.61 98.41
N ASP C 1134 -65.47 29.68 98.46
CA ASP C 1134 -66.38 29.93 99.57
C ASP C 1134 -67.53 28.94 99.55
N ALA C 1135 -68.10 28.66 100.73
CA ALA C 1135 -69.13 27.64 100.84
C ALA C 1135 -70.40 28.09 100.12
N GLY C 1136 -71.02 27.15 99.39
CA GLY C 1136 -72.33 27.37 98.81
C GLY C 1136 -72.28 28.16 97.50
N LYS C 1137 -71.08 28.49 97.02
CA LYS C 1137 -70.95 29.40 95.88
C LYS C 1137 -70.77 28.61 94.59
N THR C 1138 -70.05 27.48 94.66
CA THR C 1138 -69.85 26.59 93.52
C THR C 1138 -71.19 26.01 93.13
N LYS C 1139 -71.52 26.01 91.83
CA LYS C 1139 -72.83 25.60 91.32
C LYS C 1139 -72.70 24.61 90.16
N ILE C 1140 -73.64 23.65 90.08
CA ILE C 1140 -73.66 22.59 89.09
C ILE C 1140 -74.94 22.68 88.25
N GLN C 1141 -74.87 22.28 86.97
CA GLN C 1141 -76.03 22.17 86.09
C GLN C 1141 -75.88 20.96 85.18
N ILE C 1142 -76.99 20.49 84.62
CA ILE C 1142 -77.07 19.26 83.82
C ILE C 1142 -77.93 19.53 82.59
N SER C 1143 -77.68 18.80 81.49
CA SER C 1143 -78.58 18.78 80.33
C SER C 1143 -78.45 17.49 79.55
N ALA C 1144 -79.40 17.29 78.61
CA ALA C 1144 -79.46 16.12 77.74
C ALA C 1144 -78.86 16.48 76.38
N ASP C 1145 -79.25 17.64 75.85
CA ASP C 1145 -78.57 18.29 74.74
C ASP C 1145 -77.64 19.30 75.39
N GLY C 1146 -76.67 19.81 74.62
CA GLY C 1146 -75.75 20.79 75.20
C GLY C 1146 -76.36 22.17 75.42
N LYS C 1147 -77.67 22.31 75.10
CA LYS C 1147 -78.31 23.61 74.90
C LYS C 1147 -79.20 23.99 76.09
N ASN C 1148 -80.15 23.10 76.47
CA ASN C 1148 -81.12 23.36 77.52
C ASN C 1148 -80.61 22.81 78.86
N TRP C 1149 -80.32 23.73 79.81
CA TRP C 1149 -79.71 23.43 81.08
C TRP C 1149 -80.73 23.41 82.22
N THR C 1150 -80.30 22.96 83.40
CA THR C 1150 -81.13 22.68 84.56
C THR C 1150 -80.25 22.61 85.80
N ASP C 1151 -80.67 23.32 86.86
CA ASP C 1151 -79.84 23.42 88.05
C ASP C 1151 -79.93 22.11 88.82
N LEU C 1152 -78.79 21.63 89.30
CA LEU C 1152 -78.75 20.40 90.05
C LEU C 1152 -79.03 20.76 91.50
N ALA C 1153 -80.10 20.22 92.07
CA ALA C 1153 -80.43 20.50 93.45
C ALA C 1153 -79.46 19.74 94.33
N ALA C 1154 -78.52 20.43 94.99
CA ALA C 1154 -77.53 19.65 95.70
C ALA C 1154 -77.17 20.25 97.06
N THR C 1155 -76.58 19.42 97.94
CA THR C 1155 -76.04 19.87 99.21
C THR C 1155 -74.53 19.81 99.09
N GLU C 1156 -73.81 20.81 99.58
CA GLU C 1156 -72.35 20.83 99.56
C GLU C 1156 -71.83 20.50 100.96
N THR C 1157 -70.88 19.57 101.04
CA THR C 1157 -70.25 19.29 102.32
C THR C 1157 -68.74 19.44 102.17
N ILE C 1158 -68.16 20.53 102.69
CA ILE C 1158 -66.72 20.74 102.66
C ILE C 1158 -66.09 19.97 103.80
N ALA C 1159 -65.22 19.01 103.45
CA ALA C 1159 -64.66 18.05 104.38
C ALA C 1159 -63.85 18.78 105.46
N ALA C 1160 -63.82 18.17 106.67
CA ALA C 1160 -63.12 18.73 107.81
C ALA C 1160 -61.61 18.84 107.53
N GLN C 1161 -60.99 17.72 107.09
CA GLN C 1161 -59.56 17.62 106.86
C GLN C 1161 -59.25 17.58 105.36
N GLU C 1162 -58.03 17.98 104.98
CA GLU C 1162 -57.57 17.88 103.61
C GLU C 1162 -57.32 16.43 103.24
N SER C 1163 -57.66 16.05 102.00
CA SER C 1163 -57.45 14.70 101.51
C SER C 1163 -55.96 14.44 101.24
N SER C 1164 -55.28 15.46 100.69
CA SER C 1164 -53.84 15.46 100.42
C SER C 1164 -53.36 16.90 100.65
N GLU C 1165 -52.06 17.08 100.83
CA GLU C 1165 -51.55 18.40 101.17
C GLU C 1165 -52.12 19.43 100.19
N ARG C 1166 -52.88 20.39 100.75
CA ARG C 1166 -53.46 21.54 100.07
C ARG C 1166 -54.57 21.19 99.07
N VAL C 1167 -55.27 20.07 99.32
CA VAL C 1167 -56.43 19.65 98.56
C VAL C 1167 -57.56 19.32 99.57
N LYS C 1168 -58.72 19.94 99.37
CA LYS C 1168 -59.91 19.69 100.17
C LYS C 1168 -61.05 19.24 99.26
N PRO C 1169 -61.65 18.06 99.54
CA PRO C 1169 -62.78 17.58 98.75
C PRO C 1169 -64.12 18.18 99.20
N TYR C 1170 -64.79 18.85 98.25
CA TYR C 1170 -66.17 19.32 98.39
C TYR C 1170 -67.11 18.28 97.78
N THR C 1171 -67.96 17.66 98.61
CA THR C 1171 -68.86 16.60 98.17
C THR C 1171 -70.28 17.14 97.96
N TYR C 1172 -70.81 16.92 96.76
CA TYR C 1172 -72.13 17.35 96.37
C TYR C 1172 -73.07 16.16 96.33
N ASP C 1173 -74.18 16.28 97.07
CA ASP C 1173 -75.16 15.22 97.21
C ASP C 1173 -76.49 15.65 96.65
N PHE C 1174 -77.22 14.68 96.10
CA PHE C 1174 -78.44 14.94 95.35
C PHE C 1174 -79.05 13.61 94.97
N ALA C 1175 -80.37 13.61 94.68
CA ALA C 1175 -81.01 12.38 94.23
C ALA C 1175 -80.51 12.04 92.83
N PRO C 1176 -80.31 10.73 92.52
CA PRO C 1176 -79.97 10.28 91.16
C PRO C 1176 -80.63 11.10 90.04
N VAL C 1177 -79.81 11.58 89.09
CA VAL C 1177 -80.30 12.27 87.90
C VAL C 1177 -79.50 11.81 86.68
N GLY C 1178 -80.19 11.72 85.53
CA GLY C 1178 -79.55 11.46 84.26
C GLY C 1178 -79.02 12.74 83.64
N ALA C 1179 -77.75 12.70 83.22
CA ALA C 1179 -77.04 13.85 82.67
C ALA C 1179 -76.16 13.36 81.52
N THR C 1180 -76.33 13.93 80.33
CA THR C 1180 -75.35 13.67 79.29
C THR C 1180 -74.30 14.78 79.31
N PHE C 1181 -74.65 15.94 79.88
CA PHE C 1181 -73.70 17.03 80.12
C PHE C 1181 -73.77 17.48 81.58
N VAL C 1182 -72.62 17.89 82.14
CA VAL C 1182 -72.51 18.44 83.48
C VAL C 1182 -71.62 19.69 83.45
N LYS C 1183 -72.22 20.87 83.71
CA LYS C 1183 -71.50 22.15 83.72
C LYS C 1183 -71.35 22.67 85.15
N VAL C 1184 -70.11 22.58 85.66
CA VAL C 1184 -69.71 23.14 86.94
C VAL C 1184 -69.25 24.59 86.75
N THR C 1185 -69.91 25.53 87.43
CA THR C 1185 -69.56 26.95 87.43
C THR C 1185 -68.81 27.28 88.71
N VAL C 1186 -67.51 27.55 88.60
CA VAL C 1186 -66.61 27.83 89.72
C VAL C 1186 -66.49 29.34 89.90
N THR C 1187 -66.79 29.83 91.11
CA THR C 1187 -66.67 31.24 91.46
C THR C 1187 -65.58 31.35 92.52
N ASN C 1188 -64.65 32.30 92.32
CA ASN C 1188 -63.45 32.46 93.14
C ASN C 1188 -63.83 32.82 94.56
N ALA C 1189 -62.91 32.53 95.49
CA ALA C 1189 -63.12 32.95 96.87
C ALA C 1189 -63.15 34.48 96.95
N ASP C 1190 -63.77 34.98 98.02
CA ASP C 1190 -63.85 36.39 98.33
C ASP C 1190 -62.84 36.68 99.44
N THR C 1191 -61.56 36.55 99.08
CA THR C 1191 -60.44 36.77 99.98
C THR C 1191 -59.37 37.54 99.21
N THR C 1192 -58.30 37.96 99.90
CA THR C 1192 -57.15 38.58 99.25
C THR C 1192 -55.92 37.71 99.48
N THR C 1193 -54.99 37.80 98.52
CA THR C 1193 -53.87 36.88 98.43
C THR C 1193 -52.58 37.70 98.37
N PRO C 1194 -51.42 37.13 98.79
CA PRO C 1194 -50.12 37.75 98.57
C PRO C 1194 -49.93 38.29 97.15
N SER C 1195 -50.29 37.49 96.14
CA SER C 1195 -50.17 37.89 94.75
C SER C 1195 -51.07 39.08 94.43
N GLY C 1196 -52.17 39.23 95.20
CA GLY C 1196 -53.19 40.22 94.90
C GLY C 1196 -54.10 39.80 93.76
N VAL C 1197 -54.01 38.51 93.39
CA VAL C 1197 -54.88 37.83 92.44
C VAL C 1197 -55.47 36.61 93.16
N VAL C 1198 -56.80 36.54 93.23
CA VAL C 1198 -57.46 35.39 93.83
C VAL C 1198 -57.87 34.42 92.73
N CYS C 1199 -57.61 33.14 93.00
CA CYS C 1199 -57.81 32.08 92.02
C CYS C 1199 -58.49 30.88 92.67
N ALA C 1200 -59.04 30.00 91.83
CA ALA C 1200 -59.61 28.73 92.25
C ALA C 1200 -58.93 27.60 91.49
N GLY C 1201 -58.76 26.44 92.14
CA GLY C 1201 -58.03 25.37 91.49
C GLY C 1201 -58.56 23.98 91.85
N LEU C 1202 -58.58 23.12 90.83
CA LEU C 1202 -59.10 21.75 90.90
C LEU C 1202 -58.04 20.78 90.40
N THR C 1203 -57.87 19.68 91.17
CA THR C 1203 -57.09 18.53 90.72
C THR C 1203 -58.00 17.50 90.06
N GLU C 1204 -59.24 17.39 90.54
CA GLU C 1204 -60.17 16.37 90.08
C GLU C 1204 -61.61 16.81 90.33
N ILE C 1205 -62.50 16.42 89.41
CA ILE C 1205 -63.94 16.41 89.61
C ILE C 1205 -64.42 14.99 89.35
N GLU C 1206 -64.74 14.25 90.41
CA GLU C 1206 -65.29 12.91 90.29
C GLU C 1206 -66.80 13.00 90.09
N LEU C 1207 -67.30 12.52 88.94
CA LEU C 1207 -68.74 12.38 88.70
C LEU C 1207 -69.11 10.91 88.93
N LYS C 1208 -69.59 10.60 90.13
CA LYS C 1208 -69.93 9.23 90.53
C LYS C 1208 -71.33 8.87 90.05
N THR C 1209 -71.47 7.63 89.56
CA THR C 1209 -72.74 7.15 89.06
C THR C 1209 -73.49 6.58 90.24
N ALA C 1210 -74.78 6.28 90.00
CA ALA C 1210 -75.58 5.54 90.95
C ALA C 1210 -76.50 4.58 90.21
N THR C 1211 -76.77 3.46 90.88
CA THR C 1211 -77.71 2.46 90.40
C THR C 1211 -78.84 2.34 91.42
N SER C 1212 -80.05 2.03 90.92
CA SER C 1212 -81.25 1.77 91.69
C SER C 1212 -81.74 0.34 91.44
N LYS C 1213 -81.95 -0.42 92.53
CA LYS C 1213 -82.59 -1.73 92.46
C LYS C 1213 -83.84 -1.72 93.34
N PHE C 1214 -84.81 -2.56 92.96
CA PHE C 1214 -85.92 -2.89 93.85
C PHE C 1214 -85.73 -4.31 94.39
N VAL C 1215 -85.23 -4.44 95.62
CA VAL C 1215 -84.92 -5.73 96.22
C VAL C 1215 -86.21 -6.36 96.74
N THR C 1216 -86.50 -7.60 96.30
CA THR C 1216 -87.55 -8.40 96.92
C THR C 1216 -86.86 -9.57 97.64
N ASN C 1217 -87.30 -9.90 98.86
CA ASN C 1217 -86.58 -10.76 99.78
C ASN C 1217 -86.70 -12.24 99.41
N THR C 1218 -85.73 -13.05 99.85
CA THR C 1218 -85.72 -14.50 99.67
C THR C 1218 -85.34 -15.10 101.02
N SER C 1219 -85.74 -16.36 101.24
CA SER C 1219 -85.30 -17.12 102.41
C SER C 1219 -85.75 -16.41 103.69
N ALA C 1220 -86.97 -15.87 103.65
CA ALA C 1220 -87.53 -15.19 104.81
C ALA C 1220 -88.15 -16.24 105.73
N ALA C 1221 -87.48 -16.51 106.86
CA ALA C 1221 -87.97 -17.46 107.86
C ALA C 1221 -89.11 -16.82 108.66
N LEU C 1222 -89.71 -17.56 109.59
CA LEU C 1222 -90.74 -17.01 110.46
C LEU C 1222 -90.16 -15.94 111.37
N SER C 1223 -91.03 -14.99 111.77
CA SER C 1223 -90.72 -13.96 112.73
C SER C 1223 -91.91 -13.75 113.67
N SER C 1224 -91.70 -13.17 114.86
CA SER C 1224 -92.79 -12.73 115.73
C SER C 1224 -93.70 -13.89 116.17
N ALA C 1253 -98.03 -14.90 113.77
CA ALA C 1253 -96.61 -14.64 113.45
C ALA C 1253 -96.54 -13.72 112.23
N GLU C 1254 -95.32 -13.31 111.86
CA GLU C 1254 -95.06 -12.46 110.69
C GLU C 1254 -93.84 -12.96 109.95
N GLY C 1255 -93.74 -12.67 108.66
CA GLY C 1255 -92.62 -13.03 107.81
C GLY C 1255 -91.37 -12.21 108.15
N GLU C 1256 -90.21 -12.86 108.18
CA GLU C 1256 -88.96 -12.14 108.41
C GLU C 1256 -88.80 -11.03 107.36
N GLY C 1257 -89.01 -11.40 106.09
CA GLY C 1257 -88.99 -10.47 105.00
C GLY C 1257 -90.26 -10.63 104.17
N ASN C 1258 -91.39 -10.33 104.81
CA ASN C 1258 -92.72 -10.39 104.20
C ASN C 1258 -92.88 -11.75 103.56
N ALA C 1259 -92.48 -12.80 104.31
CA ALA C 1259 -92.77 -14.16 103.85
C ALA C 1259 -94.24 -14.45 104.17
N SER C 1260 -94.99 -15.08 103.25
CA SER C 1260 -96.39 -15.41 103.51
C SER C 1260 -96.51 -16.40 104.66
N VAL C 1261 -97.27 -16.01 105.70
CA VAL C 1261 -97.49 -16.82 106.89
C VAL C 1261 -98.83 -17.52 106.73
N THR C 1262 -98.80 -18.87 106.70
CA THR C 1262 -99.98 -19.68 106.53
C THR C 1262 -100.08 -20.69 107.69
N VAL C 1263 -101.29 -20.77 108.26
CA VAL C 1263 -101.58 -21.49 109.50
C VAL C 1263 -102.78 -22.42 109.25
N VAL C 1273 -97.17 -24.18 110.37
CA VAL C 1273 -96.82 -22.96 109.61
C VAL C 1273 -95.96 -23.35 108.41
N ILE C 1274 -96.56 -23.30 107.22
CA ILE C 1274 -95.86 -23.33 105.94
C ILE C 1274 -95.71 -21.88 105.45
N THR C 1275 -94.53 -21.57 104.90
CA THR C 1275 -94.17 -20.21 104.50
C THR C 1275 -93.70 -20.19 103.04
N GLU C 1276 -93.79 -18.99 102.44
CA GLU C 1276 -93.39 -18.72 101.08
C GLU C 1276 -92.67 -17.36 101.05
N SER C 1277 -91.46 -17.35 100.48
CA SER C 1277 -90.63 -16.14 100.36
C SER C 1277 -91.31 -15.11 99.44
N GLU C 1278 -90.88 -13.85 99.57
CA GLU C 1278 -91.43 -12.73 98.80
C GLU C 1278 -91.32 -13.01 97.30
N ASP C 1279 -90.14 -13.42 96.83
CA ASP C 1279 -90.01 -14.09 95.55
C ASP C 1279 -90.62 -15.48 95.73
N HIS C 1280 -91.64 -15.78 94.94
CA HIS C 1280 -92.47 -16.94 95.16
C HIS C 1280 -91.76 -18.19 94.63
N VAL C 1281 -90.63 -18.55 95.28
CA VAL C 1281 -89.71 -19.55 94.75
C VAL C 1281 -89.52 -20.68 95.76
N THR C 1282 -89.24 -20.30 97.02
CA THR C 1282 -88.93 -21.25 98.07
C THR C 1282 -90.03 -21.24 99.13
N ARG C 1283 -90.75 -22.38 99.25
CA ARG C 1283 -91.72 -22.64 100.30
C ARG C 1283 -91.17 -23.69 101.25
N LYS C 1284 -90.94 -23.30 102.52
CA LYS C 1284 -90.36 -24.18 103.54
C LYS C 1284 -91.32 -24.34 104.72
N THR C 1285 -91.95 -25.52 104.81
CA THR C 1285 -92.87 -25.93 105.88
C THR C 1285 -92.07 -26.26 107.14
N PHE C 1286 -92.47 -25.67 108.27
CA PHE C 1286 -91.74 -25.78 109.54
C PHE C 1286 -92.73 -25.89 110.69
N ARG D 6 53.83 43.84 -50.93
CA ARG D 6 54.37 42.55 -50.37
C ARG D 6 53.20 41.68 -49.92
N SER D 7 53.18 41.38 -48.60
CA SER D 7 52.10 40.58 -48.01
C SER D 7 51.34 41.40 -46.97
N ASP D 8 50.27 42.07 -47.40
CA ASP D 8 49.40 42.87 -46.54
C ASP D 8 48.21 41.99 -46.13
N SER D 9 48.24 41.42 -44.93
CA SER D 9 47.19 40.51 -44.51
C SER D 9 45.82 41.16 -44.67
N THR D 10 44.89 40.40 -45.25
CA THR D 10 43.49 40.74 -45.47
C THR D 10 43.32 41.87 -46.48
N THR D 11 44.43 42.37 -47.02
CA THR D 11 44.39 43.46 -47.98
C THR D 11 44.77 42.87 -49.35
N GLN D 12 46.08 42.68 -49.57
CA GLN D 12 46.56 42.07 -50.79
C GLN D 12 47.78 41.20 -50.52
N MET D 13 47.86 40.09 -51.26
CA MET D 13 49.08 39.31 -51.37
C MET D 13 49.50 39.31 -52.83
N SER D 14 50.83 39.33 -52.98
CA SER D 14 51.47 39.33 -54.27
C SER D 14 52.30 38.04 -54.44
N SER D 15 52.50 37.63 -55.70
CA SER D 15 53.47 36.63 -56.11
C SER D 15 54.88 37.14 -55.84
N THR D 16 55.84 36.23 -55.66
CA THR D 16 57.21 36.70 -55.46
C THR D 16 57.75 37.23 -56.79
N PRO D 17 58.72 38.17 -56.78
CA PRO D 17 59.20 38.81 -58.00
C PRO D 17 59.86 37.80 -58.93
N GLU D 18 59.39 37.79 -60.19
CA GLU D 18 59.89 36.92 -61.25
C GLU D 18 60.51 37.79 -62.33
N VAL D 19 61.44 37.21 -63.11
CA VAL D 19 62.00 37.91 -64.27
C VAL D 19 60.96 37.88 -65.39
N VAL D 20 60.46 39.05 -65.79
CA VAL D 20 59.49 39.17 -66.86
C VAL D 20 60.21 39.64 -68.12
N TYR D 21 60.15 38.78 -69.15
CA TYR D 21 60.64 39.02 -70.49
C TYR D 21 59.41 39.38 -71.31
N SER D 22 59.49 40.48 -72.09
CA SER D 22 58.43 40.77 -73.05
C SER D 22 58.73 40.07 -74.37
N SER D 23 57.86 39.13 -74.71
CA SER D 23 57.95 38.37 -75.95
C SER D 23 56.88 38.94 -76.88
N ALA D 24 57.25 39.27 -78.11
CA ALA D 24 56.35 39.98 -79.01
C ALA D 24 56.39 39.34 -80.40
N VAL D 25 55.22 39.26 -81.04
CA VAL D 25 55.10 38.80 -82.41
C VAL D 25 54.53 39.96 -83.24
N ASP D 26 55.36 40.52 -84.13
CA ASP D 26 54.97 41.59 -85.02
C ASP D 26 55.31 41.17 -86.45
N SER D 27 54.96 42.02 -87.41
CA SER D 27 55.11 41.77 -88.83
C SER D 27 56.53 42.07 -89.28
N LYS D 28 57.32 42.74 -88.43
CA LYS D 28 58.74 42.96 -88.70
C LYS D 28 59.50 41.64 -88.77
N GLN D 29 58.99 40.60 -88.08
CA GLN D 29 59.62 39.27 -88.02
C GLN D 29 59.46 38.55 -89.36
N ASN D 30 60.30 37.51 -89.56
CA ASN D 30 60.26 36.71 -90.78
C ASN D 30 59.08 35.75 -90.73
N ARG D 31 58.71 35.19 -91.89
CA ARG D 31 57.52 34.38 -92.07
C ARG D 31 57.46 33.32 -90.97
N THR D 32 58.57 32.61 -90.83
CA THR D 32 58.81 31.64 -89.77
C THR D 32 59.94 32.15 -88.89
N SER D 33 59.67 32.23 -87.57
CA SER D 33 60.53 32.87 -86.58
C SER D 33 60.78 31.92 -85.41
N ASP D 34 61.98 31.98 -84.82
CA ASP D 34 62.37 31.19 -83.66
C ASP D 34 61.48 31.59 -82.49
N PHE D 35 60.85 30.61 -81.84
CA PHE D 35 59.93 30.87 -80.75
C PHE D 35 60.40 30.14 -79.48
N ASP D 36 61.72 29.94 -79.36
CA ASP D 36 62.31 29.03 -78.39
C ASP D 36 62.44 29.67 -77.01
N ALA D 37 62.54 31.00 -76.99
CA ALA D 37 63.02 31.73 -75.84
C ALA D 37 61.89 32.01 -74.85
N ASN D 38 62.25 32.10 -73.55
CA ASN D 38 61.42 32.64 -72.48
C ASN D 38 60.15 31.82 -72.29
N TRP D 39 60.31 30.54 -71.97
CA TRP D 39 59.20 29.70 -71.56
C TRP D 39 59.28 29.46 -70.06
N LYS D 40 58.13 29.22 -69.45
CA LYS D 40 58.08 28.79 -68.07
C LYS D 40 57.77 27.30 -68.04
N PHE D 41 58.50 26.57 -67.19
CA PHE D 41 58.35 25.14 -67.07
C PHE D 41 58.11 24.76 -65.61
N MET D 42 57.32 23.70 -65.41
CA MET D 42 57.12 23.10 -64.10
C MET D 42 56.86 21.61 -64.28
N LEU D 43 57.65 20.78 -63.59
CA LEU D 43 57.37 19.34 -63.49
C LEU D 43 56.35 19.11 -62.38
N SER D 44 55.16 18.61 -62.74
CA SER D 44 54.10 18.36 -61.76
C SER D 44 52.99 17.49 -62.32
N ASP D 45 52.77 16.37 -61.65
CA ASP D 45 51.76 15.39 -62.01
C ASP D 45 50.35 15.92 -61.72
N SER D 46 50.24 17.00 -60.94
CA SER D 46 49.00 17.40 -60.28
C SER D 46 48.44 18.71 -60.82
N VAL D 47 49.31 19.69 -61.10
CA VAL D 47 48.94 21.05 -61.48
C VAL D 47 47.99 21.06 -62.67
N GLN D 48 47.17 22.12 -62.76
CA GLN D 48 46.34 22.42 -63.92
C GLN D 48 46.62 23.85 -64.41
N ALA D 49 47.48 23.99 -65.42
CA ALA D 49 48.03 25.30 -65.77
C ALA D 49 47.56 25.80 -67.13
N GLN D 50 46.40 25.30 -67.62
CA GLN D 50 45.91 25.61 -68.96
C GLN D 50 45.40 27.04 -69.09
N ASP D 51 44.69 27.51 -68.05
CA ASP D 51 44.06 28.82 -68.02
C ASP D 51 45.12 29.92 -68.04
N PRO D 52 44.99 30.99 -68.87
CA PRO D 52 46.02 32.02 -68.95
C PRO D 52 46.25 32.77 -67.63
N ALA D 53 45.29 32.65 -66.71
CA ALA D 53 45.28 33.38 -65.45
C ALA D 53 46.27 32.78 -64.45
N PHE D 54 46.55 31.48 -64.60
CA PHE D 54 47.36 30.70 -63.66
C PHE D 54 48.64 31.45 -63.28
N ASP D 55 49.04 31.31 -62.00
CA ASP D 55 50.19 31.99 -61.43
C ASP D 55 51.47 31.21 -61.69
N ASP D 56 52.14 31.51 -62.82
CA ASP D 56 53.35 30.82 -63.25
C ASP D 56 54.59 31.57 -62.79
N SER D 57 54.39 32.53 -61.88
CA SER D 57 55.45 33.37 -61.33
C SER D 57 56.54 32.51 -60.68
N ALA D 58 56.10 31.43 -60.01
CA ALA D 58 56.97 30.53 -59.26
C ALA D 58 57.88 29.73 -60.20
N TRP D 59 57.43 29.56 -61.46
CA TRP D 59 57.93 28.56 -62.38
C TRP D 59 59.30 28.96 -62.90
N GLN D 60 60.07 27.93 -63.29
CA GLN D 60 61.41 28.07 -63.82
C GLN D 60 61.35 28.63 -65.25
N GLN D 61 62.19 29.63 -65.55
CA GLN D 61 62.36 30.12 -66.90
C GLN D 61 63.39 29.28 -67.64
N VAL D 62 63.04 28.82 -68.85
CA VAL D 62 63.87 27.96 -69.68
C VAL D 62 63.82 28.44 -71.13
N ASP D 63 64.89 28.20 -71.87
CA ASP D 63 64.89 28.34 -73.33
C ASP D 63 64.81 26.96 -73.95
N LEU D 64 63.86 26.74 -74.86
CA LEU D 64 63.77 25.52 -75.65
C LEU D 64 64.93 25.49 -76.66
N PRO D 65 65.45 24.31 -77.05
CA PRO D 65 64.87 23.03 -76.66
C PRO D 65 65.31 22.61 -75.25
N HIS D 66 64.54 21.71 -74.64
CA HIS D 66 64.61 21.43 -73.22
C HIS D 66 64.13 20.00 -72.96
N ASP D 67 64.91 19.25 -72.17
CA ASP D 67 64.60 17.90 -71.76
C ASP D 67 64.48 17.86 -70.23
N TYR D 68 63.29 17.52 -69.73
CA TYR D 68 63.01 17.59 -68.31
C TYR D 68 63.21 16.24 -67.61
N SER D 69 63.64 15.21 -68.37
CA SER D 69 64.01 13.92 -67.80
C SER D 69 65.46 13.96 -67.31
N ILE D 70 66.31 14.70 -68.01
CA ILE D 70 67.75 14.60 -67.84
C ILE D 70 68.18 15.26 -66.53
N THR D 71 67.29 16.07 -65.94
CA THR D 71 67.62 16.87 -64.76
C THR D 71 67.13 16.18 -63.48
N GLN D 72 66.11 15.31 -63.58
CA GLN D 72 65.69 14.44 -62.47
C GLN D 72 66.80 13.45 -62.12
N LYS D 73 66.72 12.86 -60.91
CA LYS D 73 67.80 12.03 -60.37
C LYS D 73 67.51 10.58 -60.73
N TYR D 74 68.58 9.79 -60.95
CA TYR D 74 68.45 8.38 -61.29
C TYR D 74 67.73 7.65 -60.15
N SER D 75 67.06 6.53 -60.45
CA SER D 75 66.36 5.76 -59.43
C SER D 75 66.14 4.30 -59.89
N GLN D 76 66.49 3.35 -59.01
CA GLN D 76 66.39 1.93 -59.30
C GLN D 76 64.94 1.48 -59.49
N SER D 77 63.96 2.29 -59.07
CA SER D 77 62.56 1.95 -59.24
C SER D 77 62.16 2.06 -60.72
N ASN D 78 62.95 2.84 -61.47
CA ASN D 78 62.83 2.97 -62.91
C ASN D 78 63.50 1.79 -63.59
N GLU D 79 63.58 1.83 -64.94
CA GLU D 79 64.07 0.73 -65.75
C GLU D 79 65.36 1.11 -66.43
N ALA D 80 66.22 0.12 -66.66
CA ALA D 80 67.55 0.30 -67.25
C ALA D 80 67.46 0.81 -68.68
N GLU D 81 66.60 0.17 -69.49
CA GLU D 81 66.41 0.54 -70.89
C GLU D 81 66.27 2.06 -71.03
N SER D 82 65.54 2.70 -70.11
CA SER D 82 65.19 4.11 -70.15
C SER D 82 66.13 4.97 -69.28
N ALA D 83 67.31 4.39 -68.92
CA ALA D 83 68.47 5.02 -68.27
C ALA D 83 68.28 5.22 -66.76
N TYR D 84 67.35 4.44 -66.18
CA TYR D 84 66.89 4.57 -64.80
C TYR D 84 66.37 5.97 -64.52
N LEU D 85 66.14 6.77 -65.57
CA LEU D 85 65.61 8.12 -65.38
C LEU D 85 64.10 8.13 -65.60
N PRO D 86 63.39 9.03 -64.88
CA PRO D 86 61.92 9.09 -64.94
C PRO D 86 61.44 10.07 -66.01
N GLY D 87 60.14 10.01 -66.28
CA GLY D 87 59.54 10.95 -67.22
C GLY D 87 58.53 11.87 -66.52
N GLY D 88 57.24 11.54 -66.68
CA GLY D 88 56.17 12.16 -65.93
C GLY D 88 55.60 13.35 -66.71
N THR D 89 54.88 14.22 -65.99
CA THR D 89 54.07 15.27 -66.58
C THR D 89 54.79 16.62 -66.45
N GLY D 90 55.08 17.23 -67.60
CA GLY D 90 55.72 18.54 -67.68
C GLY D 90 54.78 19.56 -68.30
N TRP D 91 54.81 20.79 -67.74
CA TRP D 91 53.99 21.89 -68.21
C TRP D 91 54.91 23.00 -68.71
N TYR D 92 54.67 23.43 -69.95
CA TYR D 92 55.31 24.59 -70.51
C TYR D 92 54.25 25.66 -70.76
N ARG D 93 54.58 26.90 -70.35
CA ARG D 93 53.73 28.06 -70.56
C ARG D 93 54.60 29.18 -71.12
N LYS D 94 54.06 29.92 -72.10
CA LYS D 94 54.71 31.11 -72.62
C LYS D 94 53.62 32.15 -72.90
N SER D 95 53.81 33.35 -72.33
CA SER D 95 52.94 34.48 -72.53
C SER D 95 53.64 35.52 -73.40
N PHE D 96 52.89 36.11 -74.33
CA PHE D 96 53.46 36.97 -75.36
C PHE D 96 52.36 37.86 -75.94
N THR D 97 52.76 39.05 -76.36
CA THR D 97 51.88 39.96 -77.07
C THR D 97 51.96 39.62 -78.55
N ILE D 98 50.81 39.77 -79.23
CA ILE D 98 50.74 39.78 -80.69
C ILE D 98 50.42 41.22 -81.08
N ASP D 99 51.40 41.92 -81.69
CA ASP D 99 51.26 43.31 -82.12
C ASP D 99 50.04 43.42 -83.04
N ARG D 100 49.37 44.58 -83.00
CA ARG D 100 48.12 44.74 -83.73
C ARG D 100 48.37 44.84 -85.25
N ASP D 101 49.64 44.97 -85.65
CA ASP D 101 50.00 45.01 -87.06
C ASP D 101 49.75 43.65 -87.71
N LEU D 102 49.55 42.60 -86.89
CA LEU D 102 49.32 41.24 -87.38
C LEU D 102 47.83 40.98 -87.57
N ALA D 103 46.99 41.96 -87.23
CA ALA D 103 45.56 41.85 -87.52
C ALA D 103 45.41 41.54 -89.00
N GLY D 104 44.56 40.55 -89.29
CA GLY D 104 44.38 40.14 -90.68
C GLY D 104 45.20 38.90 -90.99
N LYS D 105 46.40 38.79 -90.39
CA LYS D 105 47.36 37.74 -90.68
C LYS D 105 46.93 36.43 -90.02
N ARG D 106 47.49 35.31 -90.54
CA ARG D 106 47.32 33.98 -89.98
C ARG D 106 48.57 33.58 -89.18
N ILE D 107 48.38 32.92 -88.04
CA ILE D 107 49.47 32.54 -87.15
C ILE D 107 49.35 31.05 -86.83
N ALA D 108 50.48 30.35 -86.87
CA ALA D 108 50.56 28.95 -86.49
C ALA D 108 51.81 28.69 -85.65
N ILE D 109 51.73 27.73 -84.71
CA ILE D 109 52.88 27.25 -83.95
C ILE D 109 53.32 25.87 -84.49
N ASN D 110 54.64 25.68 -84.59
CA ASN D 110 55.19 24.46 -85.17
C ASN D 110 56.18 23.84 -84.19
N PHE D 111 55.90 22.58 -83.82
CA PHE D 111 56.76 21.78 -82.96
C PHE D 111 57.46 20.72 -83.82
N ASP D 112 58.80 20.65 -83.72
CA ASP D 112 59.55 19.67 -84.49
C ASP D 112 59.54 18.34 -83.76
N GLY D 113 59.42 18.41 -82.44
CA GLY D 113 59.25 17.22 -81.61
C GLY D 113 58.85 17.60 -80.20
N VAL D 114 57.99 16.77 -79.59
CA VAL D 114 57.59 16.87 -78.19
C VAL D 114 57.31 15.45 -77.70
N TYR D 115 58.16 14.95 -76.77
CA TYR D 115 58.06 13.61 -76.23
C TYR D 115 57.55 13.65 -74.80
N MET D 116 56.34 13.12 -74.56
CA MET D 116 55.35 12.73 -75.56
C MET D 116 53.94 12.96 -74.98
N ASN D 117 52.91 12.48 -75.69
CA ASN D 117 51.52 12.73 -75.35
C ASN D 117 51.30 14.20 -75.02
N ALA D 118 51.48 15.07 -76.02
CA ALA D 118 51.37 16.50 -75.83
C ALA D 118 49.91 16.92 -75.94
N THR D 119 49.54 17.94 -75.16
CA THR D 119 48.22 18.58 -75.18
C THR D 119 48.47 20.08 -75.23
N VAL D 120 47.79 20.75 -76.16
CA VAL D 120 48.08 22.16 -76.40
C VAL D 120 46.80 22.98 -76.20
N TRP D 121 46.93 24.04 -75.38
CA TRP D 121 45.92 25.07 -75.21
C TRP D 121 46.49 26.40 -75.71
N PHE D 122 45.63 27.20 -76.34
CA PHE D 122 45.94 28.60 -76.64
C PHE D 122 44.85 29.49 -76.07
N ASN D 123 45.27 30.41 -75.18
CA ASN D 123 44.37 31.29 -74.45
C ASN D 123 43.21 30.47 -73.90
N GLY D 124 43.54 29.37 -73.21
CA GLY D 124 42.50 28.61 -72.52
C GLY D 124 41.68 27.67 -73.43
N VAL D 125 41.66 27.91 -74.74
CA VAL D 125 41.03 26.96 -75.66
C VAL D 125 41.98 25.78 -75.91
N LYS D 126 41.44 24.56 -75.78
CA LYS D 126 42.19 23.33 -75.96
C LYS D 126 42.22 22.98 -77.45
N LEU D 127 43.40 23.00 -78.05
CA LEU D 127 43.55 22.86 -79.50
C LEU D 127 43.51 21.40 -79.91
N GLY D 128 44.29 20.56 -79.22
CA GLY D 128 44.30 19.13 -79.45
C GLY D 128 45.50 18.46 -78.80
N THR D 129 45.80 17.25 -79.30
CA THR D 129 46.82 16.39 -78.71
C THR D 129 47.66 15.76 -79.81
N HIS D 130 48.87 15.32 -79.43
CA HIS D 130 49.78 14.63 -80.33
C HIS D 130 50.59 13.58 -79.57
N PRO D 131 50.25 12.27 -79.73
CA PRO D 131 50.88 11.20 -78.97
C PRO D 131 52.36 10.96 -79.25
N TYR D 132 52.74 10.81 -80.53
CA TYR D 132 54.08 10.39 -80.91
C TYR D 132 55.12 11.43 -80.51
N GLY D 133 56.27 10.93 -80.04
CA GLY D 133 57.27 11.81 -79.46
C GLY D 133 58.33 12.33 -80.44
N TYR D 134 58.38 11.81 -81.68
CA TYR D 134 59.48 12.17 -82.58
C TYR D 134 59.02 12.75 -83.92
N SER D 135 57.72 12.64 -84.25
CA SER D 135 57.20 13.23 -85.48
C SER D 135 56.84 14.69 -85.24
N PRO D 136 57.01 15.58 -86.24
CA PRO D 136 56.72 17.01 -86.09
C PRO D 136 55.24 17.27 -86.31
N PHE D 137 54.72 18.40 -85.77
CA PHE D 137 53.31 18.77 -85.86
C PHE D 137 53.09 20.27 -85.55
N SER D 138 51.88 20.74 -85.90
CA SER D 138 51.53 22.17 -85.89
C SER D 138 50.13 22.37 -85.33
N PHE D 139 49.87 23.58 -84.81
CA PHE D 139 48.52 24.03 -84.51
C PHE D 139 48.28 25.44 -85.03
N ASP D 140 47.08 25.68 -85.58
CA ASP D 140 46.66 27.04 -85.93
C ASP D 140 46.30 27.81 -84.66
N LEU D 141 46.75 29.07 -84.58
CA LEU D 141 46.46 29.93 -83.45
C LEU D 141 45.55 31.09 -83.85
N THR D 142 45.36 31.28 -85.17
CA THR D 142 44.66 32.43 -85.73
C THR D 142 43.34 32.64 -85.00
N GLY D 143 42.48 31.62 -85.04
CA GLY D 143 41.09 31.75 -84.61
C GLY D 143 40.93 32.15 -83.14
N ASN D 144 41.96 31.91 -82.32
CA ASN D 144 41.87 32.06 -80.88
C ASN D 144 42.81 33.16 -80.37
N ALA D 145 43.59 33.75 -81.29
CA ALA D 145 44.53 34.79 -80.92
C ALA D 145 43.76 36.03 -80.47
N LYS D 146 44.32 36.75 -79.48
CA LYS D 146 43.91 38.09 -79.12
C LYS D 146 44.91 39.06 -79.70
N PHE D 147 44.51 39.79 -80.74
CA PHE D 147 45.42 40.64 -81.49
C PHE D 147 45.61 41.96 -80.75
N GLY D 148 46.83 42.49 -80.80
CA GLY D 148 47.24 43.64 -79.99
C GLY D 148 47.12 43.40 -78.50
N GLY D 149 47.18 42.14 -78.06
CA GLY D 149 46.95 41.80 -76.66
C GLY D 149 47.89 40.71 -76.15
N GLU D 150 47.70 40.35 -74.86
CA GLU D 150 48.45 39.30 -74.21
C GLU D 150 47.84 37.95 -74.59
N ASN D 151 48.70 37.00 -74.99
CA ASN D 151 48.31 35.64 -75.30
C ASN D 151 49.19 34.67 -74.53
N THR D 152 48.66 33.47 -74.29
CA THR D 152 49.31 32.43 -73.49
C THR D 152 49.11 31.06 -74.16
N ILE D 153 50.21 30.47 -74.63
CA ILE D 153 50.24 29.11 -75.14
C ILE D 153 50.74 28.19 -74.02
N VAL D 154 50.15 26.98 -73.95
CA VAL D 154 50.42 26.02 -72.88
C VAL D 154 50.51 24.63 -73.48
N VAL D 155 51.64 23.94 -73.21
CA VAL D 155 51.88 22.58 -73.68
C VAL D 155 52.05 21.69 -72.45
N LYS D 156 51.19 20.65 -72.35
CA LYS D 156 51.30 19.64 -71.31
C LYS D 156 51.84 18.36 -71.93
N VAL D 157 53.04 17.96 -71.46
CA VAL D 157 53.76 16.78 -71.92
C VAL D 157 53.60 15.68 -70.87
N GLU D 158 52.98 14.56 -71.24
CA GLU D 158 52.82 13.40 -70.36
C GLU D 158 53.61 12.21 -70.92
N ASN D 159 54.90 12.13 -70.53
CA ASN D 159 55.73 10.96 -70.81
C ASN D 159 55.52 9.93 -69.70
N ARG D 160 54.44 9.16 -69.79
CA ARG D 160 54.16 8.14 -68.79
C ARG D 160 55.01 6.94 -69.16
N LEU D 161 55.97 6.58 -68.30
CA LEU D 161 56.81 5.41 -68.51
C LEU D 161 56.01 4.12 -68.25
N PRO D 162 56.36 2.97 -68.87
CA PRO D 162 57.47 2.89 -69.82
C PRO D 162 57.05 3.12 -71.27
N SER D 163 57.85 3.90 -72.03
CA SER D 163 57.45 4.31 -73.37
C SER D 163 58.58 4.16 -74.40
N SER D 164 59.73 3.62 -73.99
CA SER D 164 60.88 3.57 -74.88
C SER D 164 61.77 2.40 -74.50
N ARG D 165 62.47 1.85 -75.49
CA ARG D 165 63.46 0.81 -75.26
C ARG D 165 64.80 1.50 -75.03
N TRP D 166 64.81 2.84 -75.12
CA TRP D 166 66.02 3.63 -74.96
C TRP D 166 65.68 4.90 -74.20
N TYR D 167 66.68 5.68 -73.80
CA TYR D 167 66.37 6.96 -73.16
C TYR D 167 65.65 7.89 -74.15
N SER D 168 64.35 8.12 -73.91
CA SER D 168 63.55 9.07 -74.65
C SER D 168 63.97 10.50 -74.32
N GLY D 169 64.11 10.78 -73.02
CA GLY D 169 63.98 12.14 -72.54
C GLY D 169 62.51 12.55 -72.56
N SER D 170 62.22 13.78 -72.07
CA SER D 170 60.87 14.27 -71.92
C SER D 170 60.84 15.76 -72.26
N GLY D 171 59.71 16.19 -72.82
CA GLY D 171 59.42 17.61 -73.00
C GLY D 171 59.57 18.07 -74.46
N ILE D 172 59.76 19.39 -74.61
CA ILE D 172 59.91 20.05 -75.89
C ILE D 172 61.40 20.10 -76.18
N TYR D 173 61.90 18.98 -76.75
CA TYR D 173 63.32 18.72 -76.87
C TYR D 173 63.85 19.20 -78.23
N ARG D 174 63.03 19.94 -78.99
CA ARG D 174 63.35 20.39 -80.34
C ARG D 174 62.65 21.71 -80.64
N ASP D 175 63.33 22.54 -81.45
CA ASP D 175 62.94 23.91 -81.75
C ASP D 175 61.44 24.03 -82.04
N VAL D 176 60.87 25.12 -81.50
CA VAL D 176 59.53 25.57 -81.81
C VAL D 176 59.66 26.83 -82.65
N THR D 177 58.67 27.07 -83.51
CA THR D 177 58.61 28.27 -84.35
C THR D 177 57.18 28.73 -84.54
N LEU D 178 57.03 30.02 -84.93
CA LEU D 178 55.78 30.63 -85.30
C LEU D 178 55.80 30.96 -86.78
N THR D 179 54.70 30.65 -87.48
CA THR D 179 54.55 30.97 -88.89
C THR D 179 53.40 31.96 -89.05
N VAL D 180 53.75 33.16 -89.55
CA VAL D 180 52.83 34.26 -89.78
C VAL D 180 52.75 34.53 -91.28
N THR D 181 51.53 34.54 -91.84
CA THR D 181 51.32 34.63 -93.28
C THR D 181 50.04 35.40 -93.62
N ASP D 182 49.97 35.82 -94.89
CA ASP D 182 48.77 36.40 -95.45
C ASP D 182 47.65 35.35 -95.45
N GLY D 183 46.41 35.81 -95.74
CA GLY D 183 45.25 34.95 -95.78
C GLY D 183 45.32 33.99 -96.96
N VAL D 184 45.97 34.47 -98.04
CA VAL D 184 46.34 33.64 -99.19
C VAL D 184 47.82 33.32 -99.04
N HIS D 185 48.12 32.03 -98.89
CA HIS D 185 49.46 31.59 -98.51
C HIS D 185 49.72 30.20 -99.07
N VAL D 186 51.01 29.87 -99.21
CA VAL D 186 51.45 28.52 -99.50
C VAL D 186 51.15 27.71 -98.24
N GLY D 187 50.84 26.42 -98.43
CA GLY D 187 50.48 25.57 -97.31
C GLY D 187 51.66 25.27 -96.41
N ASN D 188 51.39 24.60 -95.29
CA ASN D 188 52.43 23.96 -94.49
C ASN D 188 53.19 23.02 -95.43
N ASN D 189 54.52 23.15 -95.47
CA ASN D 189 55.37 22.28 -96.28
C ASN D 189 54.77 22.13 -97.68
N GLY D 190 54.34 23.26 -98.26
CA GLY D 190 53.41 23.29 -99.38
C GLY D 190 54.00 22.93 -100.74
N VAL D 191 55.34 22.85 -100.84
CA VAL D 191 55.95 22.70 -102.14
C VAL D 191 56.68 21.36 -102.20
N ALA D 192 56.41 20.64 -103.30
CA ALA D 192 57.04 19.37 -103.59
C ALA D 192 57.74 19.48 -104.94
N ILE D 193 59.02 19.08 -104.98
CA ILE D 193 59.84 19.18 -106.16
C ILE D 193 60.21 17.78 -106.64
N LYS D 194 60.10 17.55 -107.96
CA LYS D 194 60.50 16.30 -108.60
C LYS D 194 61.33 16.60 -109.84
N THR D 195 62.37 15.77 -110.07
CA THR D 195 63.22 15.87 -111.25
C THR D 195 63.33 14.48 -111.85
N PRO D 196 62.25 13.98 -112.51
CA PRO D 196 62.10 12.56 -112.80
C PRO D 196 63.14 12.05 -113.82
N SER D 197 63.81 12.98 -114.50
CA SER D 197 64.69 12.65 -115.61
C SER D 197 66.14 13.05 -115.33
N LEU D 198 66.46 13.44 -114.10
CA LEU D 198 67.76 14.02 -113.81
C LEU D 198 68.87 13.11 -114.33
N ALA D 199 68.74 11.80 -114.09
CA ALA D 199 69.78 10.84 -114.44
C ALA D 199 70.15 10.94 -115.91
N THR D 200 69.13 11.19 -116.76
CA THR D 200 69.19 11.37 -118.19
C THR D 200 69.66 12.77 -118.56
N GLN D 201 69.09 13.79 -117.90
CA GLN D 201 69.30 15.18 -118.29
C GLN D 201 70.59 15.74 -117.70
N ASN D 202 71.26 14.96 -116.82
CA ASN D 202 72.38 15.48 -116.04
C ASN D 202 73.39 16.12 -116.98
N GLY D 203 73.82 17.34 -116.62
CA GLY D 203 74.79 18.09 -117.41
C GLY D 203 74.12 19.10 -118.31
N GLY D 204 72.93 18.76 -118.80
CA GLY D 204 72.14 19.64 -119.66
C GLY D 204 71.08 20.40 -118.87
N ASN D 205 69.94 20.66 -119.52
CA ASN D 205 68.79 21.28 -118.89
C ASN D 205 68.00 20.20 -118.14
N VAL D 206 67.67 20.49 -116.87
CA VAL D 206 66.93 19.55 -116.03
C VAL D 206 65.48 20.04 -115.87
N THR D 207 64.52 19.13 -116.10
CA THR D 207 63.11 19.40 -115.88
C THR D 207 62.79 19.20 -114.39
N MET D 208 62.28 20.27 -113.77
CA MET D 208 61.76 20.28 -112.41
C MET D 208 60.25 20.41 -112.48
N ASN D 209 59.54 19.49 -111.81
CA ASN D 209 58.08 19.52 -111.70
C ASN D 209 57.67 19.85 -110.26
N LEU D 210 57.14 21.06 -110.06
CA LEU D 210 56.70 21.52 -108.76
C LEU D 210 55.19 21.31 -108.62
N THR D 211 54.74 20.98 -107.41
CA THR D 211 53.35 21.02 -107.00
C THR D 211 53.28 21.79 -105.70
N THR D 212 52.40 22.80 -105.64
CA THR D 212 52.35 23.77 -104.54
C THR D 212 50.90 23.91 -104.06
N LYS D 213 50.65 23.62 -102.79
CA LYS D 213 49.36 23.87 -102.18
C LYS D 213 49.28 25.35 -101.84
N VAL D 214 48.30 26.03 -102.46
CA VAL D 214 47.99 27.42 -102.14
C VAL D 214 46.63 27.43 -101.46
N ALA D 215 46.58 27.93 -100.22
CA ALA D 215 45.34 28.01 -99.47
C ALA D 215 44.78 29.43 -99.57
N ASN D 216 43.46 29.50 -99.82
CA ASN D 216 42.75 30.76 -99.81
C ASN D 216 41.91 30.86 -98.54
N ASP D 217 42.56 31.32 -97.45
CA ASP D 217 41.90 31.42 -96.15
C ASP D 217 41.37 32.84 -95.98
N THR D 218 40.62 33.33 -96.98
CA THR D 218 39.98 34.64 -96.95
C THR D 218 38.49 34.45 -97.27
N LYS D 219 37.77 35.58 -97.26
CA LYS D 219 36.32 35.61 -97.43
C LYS D 219 35.94 35.84 -98.90
N ALA D 220 36.93 35.73 -99.79
CA ALA D 220 36.80 36.13 -101.18
C ALA D 220 37.48 35.08 -102.04
N ALA D 221 36.87 34.73 -103.18
CA ALA D 221 37.61 34.03 -104.22
C ALA D 221 38.86 34.84 -104.54
N ALA D 222 39.94 34.13 -104.92
CA ALA D 222 41.24 34.77 -105.16
C ALA D 222 41.82 34.29 -106.47
N ASN D 223 42.47 35.22 -107.19
CA ASN D 223 43.11 34.91 -108.47
C ASN D 223 44.61 35.03 -108.30
N ILE D 224 45.27 33.88 -108.43
CA ILE D 224 46.63 33.69 -107.96
C ILE D 224 47.49 33.26 -109.13
N THR D 225 48.72 33.79 -109.15
CA THR D 225 49.79 33.25 -109.98
C THR D 225 51.00 32.98 -109.08
N LEU D 226 51.77 31.94 -109.43
CA LEU D 226 52.98 31.60 -108.69
C LEU D 226 54.19 32.02 -109.52
N LYS D 227 55.16 32.66 -108.85
CA LYS D 227 56.42 33.01 -109.48
C LYS D 227 57.52 32.29 -108.72
N GLN D 228 58.05 31.21 -109.31
CA GLN D 228 59.03 30.35 -108.69
C GLN D 228 60.39 30.56 -109.34
N THR D 229 61.46 30.47 -108.52
CA THR D 229 62.83 30.78 -108.91
C THR D 229 63.81 29.84 -108.21
N VAL D 230 64.71 29.19 -108.97
CA VAL D 230 65.71 28.28 -108.44
C VAL D 230 67.07 28.95 -108.54
N PHE D 231 67.69 29.23 -107.38
CA PHE D 231 68.97 29.91 -107.33
C PHE D 231 69.84 29.30 -106.22
N PRO D 232 71.19 29.47 -106.25
CA PRO D 232 72.07 28.75 -105.32
C PRO D 232 71.84 29.24 -103.90
N LYS D 233 71.78 28.29 -102.95
CA LYS D 233 71.39 28.59 -101.57
C LYS D 233 72.36 29.62 -101.01
N GLY D 234 71.80 30.71 -100.45
CA GLY D 234 72.62 31.71 -99.80
C GLY D 234 73.06 32.82 -100.75
N GLY D 235 72.85 32.61 -102.06
CA GLY D 235 73.23 33.59 -103.07
C GLY D 235 72.04 34.49 -103.40
N LYS D 236 72.23 35.38 -104.39
CA LYS D 236 71.23 36.36 -104.79
C LYS D 236 70.37 35.76 -105.91
N THR D 237 69.14 36.28 -106.06
CA THR D 237 68.14 35.77 -106.99
C THR D 237 68.60 35.93 -108.44
N ASP D 238 69.52 36.86 -108.68
CA ASP D 238 69.96 37.18 -110.03
C ASP D 238 70.86 36.06 -110.59
N ALA D 239 71.26 35.13 -109.73
CA ALA D 239 72.05 33.97 -110.12
C ALA D 239 71.16 32.75 -110.36
N ALA D 240 69.85 32.99 -110.50
CA ALA D 240 68.87 31.94 -110.77
C ALA D 240 69.31 31.16 -111.99
N ILE D 241 68.92 29.87 -112.05
CA ILE D 241 69.23 28.98 -113.17
C ILE D 241 67.92 28.47 -113.75
N GLY D 242 66.81 29.12 -113.35
CA GLY D 242 65.48 28.74 -113.79
C GLY D 242 64.40 29.56 -113.08
N THR D 243 63.36 29.93 -113.85
CA THR D 243 62.19 30.65 -113.36
C THR D 243 60.97 30.11 -114.08
N VAL D 244 59.80 30.26 -113.44
CA VAL D 244 58.51 30.10 -114.11
C VAL D 244 57.51 31.01 -113.42
N THR D 245 56.51 31.43 -114.19
CA THR D 245 55.32 32.12 -113.71
C THR D 245 54.11 31.39 -114.27
N THR D 246 53.20 30.97 -113.38
CA THR D 246 52.07 30.14 -113.76
C THR D 246 50.98 31.01 -114.38
N ALA D 247 50.08 30.35 -115.12
CA ALA D 247 48.82 30.96 -115.51
C ALA D 247 48.00 31.22 -114.23
N SER D 248 47.05 32.15 -114.33
CA SER D 248 46.14 32.43 -113.23
C SER D 248 45.33 31.18 -112.89
N LYS D 249 45.32 30.79 -111.59
CA LYS D 249 44.36 29.84 -111.04
C LYS D 249 43.44 30.60 -110.09
N SER D 250 42.14 30.37 -110.25
CA SER D 250 41.12 30.90 -109.35
C SER D 250 40.92 29.92 -108.19
N ILE D 251 41.10 30.37 -106.96
CA ILE D 251 40.90 29.54 -105.77
C ILE D 251 39.75 30.10 -104.95
N ALA D 252 38.70 29.29 -104.75
CA ALA D 252 37.48 29.70 -104.06
C ALA D 252 37.77 30.13 -102.62
N ALA D 253 36.84 30.87 -102.00
CA ALA D 253 37.02 31.31 -100.63
C ALA D 253 37.07 30.10 -99.69
N GLY D 254 38.06 30.11 -98.79
CA GLY D 254 38.24 29.06 -97.79
C GLY D 254 38.59 27.70 -98.39
N ALA D 255 38.95 27.71 -99.68
CA ALA D 255 39.39 26.51 -100.38
C ALA D 255 40.91 26.57 -100.50
N SER D 256 41.47 25.49 -101.04
CA SER D 256 42.88 25.49 -101.42
C SER D 256 43.05 24.62 -102.65
N ALA D 257 44.18 24.78 -103.36
CA ALA D 257 44.41 24.15 -104.65
C ALA D 257 45.88 23.77 -104.79
N ASP D 258 46.12 22.64 -105.46
CA ASP D 258 47.47 22.23 -105.80
C ASP D 258 47.80 22.81 -107.17
N VAL D 259 48.84 23.65 -107.23
CA VAL D 259 49.22 24.37 -108.43
C VAL D 259 50.49 23.76 -109.01
N THR D 260 50.34 23.06 -110.15
CA THR D 260 51.49 22.48 -110.85
C THR D 260 52.22 23.56 -111.67
N SER D 261 53.55 23.48 -111.67
CA SER D 261 54.43 24.28 -112.49
C SER D 261 55.59 23.40 -112.96
N THR D 262 56.33 23.90 -113.97
CA THR D 262 57.61 23.33 -114.37
C THR D 262 58.65 24.44 -114.47
N ILE D 263 59.84 24.14 -113.96
CA ILE D 263 61.02 24.98 -114.15
C ILE D 263 62.04 24.16 -114.93
N THR D 264 62.76 24.84 -115.83
CA THR D 264 63.88 24.22 -116.52
C THR D 264 65.17 24.76 -115.93
N ALA D 265 65.92 23.87 -115.23
CA ALA D 265 67.14 24.28 -114.57
C ALA D 265 68.29 24.18 -115.56
N ALA D 266 68.94 25.33 -115.76
CA ALA D 266 70.11 25.46 -116.62
C ALA D 266 71.32 24.82 -115.94
N SER D 267 71.59 23.56 -116.31
CA SER D 267 72.78 22.82 -115.90
C SER D 267 73.02 22.95 -114.40
N PRO D 268 72.07 22.49 -113.55
CA PRO D 268 72.22 22.64 -112.10
C PRO D 268 73.42 21.82 -111.63
N LYS D 269 74.11 22.33 -110.60
CA LYS D 269 75.20 21.61 -109.94
C LYS D 269 74.63 20.50 -109.04
N LEU D 270 75.10 19.27 -109.26
CA LEU D 270 74.60 18.12 -108.52
C LEU D 270 74.95 18.23 -107.03
N TRP D 271 74.02 17.83 -106.16
CA TRP D 271 74.30 17.54 -104.75
C TRP D 271 74.93 16.16 -104.65
N SER D 272 76.13 16.08 -104.04
CA SER D 272 76.89 14.85 -103.89
C SER D 272 77.53 14.78 -102.50
N ILE D 273 78.10 13.62 -102.14
CA ILE D 273 78.73 13.47 -100.83
C ILE D 273 79.91 14.42 -100.72
N LYS D 274 80.75 14.45 -101.77
CA LYS D 274 81.95 15.29 -101.78
C LYS D 274 81.55 16.76 -101.93
N ASN D 275 80.48 17.02 -102.70
CA ASN D 275 80.10 18.38 -103.06
C ASN D 275 78.61 18.58 -102.82
N PRO D 276 78.18 18.77 -101.55
CA PRO D 276 76.77 18.92 -101.22
C PRO D 276 76.15 20.29 -101.57
N ASN D 277 76.07 20.59 -102.86
CA ASN D 277 75.58 21.86 -103.37
C ASN D 277 74.07 21.92 -103.20
N LEU D 278 73.61 22.97 -102.51
CA LEU D 278 72.19 23.20 -102.27
C LEU D 278 71.70 24.40 -103.10
N TYR D 279 70.41 24.36 -103.45
CA TYR D 279 69.71 25.45 -104.12
C TYR D 279 68.51 25.84 -103.27
N THR D 280 68.05 27.09 -103.41
CA THR D 280 66.81 27.54 -102.81
C THR D 280 65.76 27.62 -103.91
N VAL D 281 64.52 27.22 -103.59
CA VAL D 281 63.43 27.27 -104.55
C VAL D 281 62.33 28.14 -103.95
N ARG D 282 62.36 29.41 -104.35
CA ARG D 282 61.46 30.43 -103.83
C ARG D 282 60.18 30.44 -104.65
N THR D 283 59.04 30.39 -103.95
CA THR D 283 57.71 30.42 -104.53
C THR D 283 57.01 31.66 -103.97
N GLU D 284 56.65 32.59 -104.87
CA GLU D 284 55.92 33.79 -104.54
C GLU D 284 54.49 33.63 -105.02
N VAL D 285 53.54 33.96 -104.14
CA VAL D 285 52.12 33.93 -104.44
C VAL D 285 51.69 35.36 -104.76
N LEU D 286 51.18 35.55 -105.97
CA LEU D 286 50.86 36.87 -106.51
C LEU D 286 49.36 36.99 -106.71
N ASN D 287 48.82 38.15 -106.29
CA ASN D 287 47.47 38.60 -106.56
C ASN D 287 47.53 40.05 -107.00
N GLY D 288 46.97 40.34 -108.18
CA GLY D 288 47.23 41.60 -108.85
C GLY D 288 48.74 41.78 -109.04
N GLY D 289 49.23 42.98 -108.69
CA GLY D 289 50.66 43.26 -108.79
C GLY D 289 51.43 42.65 -107.61
N LYS D 290 50.78 42.61 -106.45
CA LYS D 290 51.44 42.44 -105.16
C LYS D 290 51.72 40.97 -104.86
N VAL D 291 52.87 40.75 -104.19
CA VAL D 291 53.29 39.47 -103.64
C VAL D 291 52.62 39.29 -102.28
N LEU D 292 51.78 38.25 -102.12
CA LEU D 292 51.05 38.01 -100.89
C LEU D 292 51.81 37.11 -99.92
N ASP D 293 52.55 36.12 -100.46
CA ASP D 293 53.29 35.18 -99.66
C ASP D 293 54.54 34.75 -100.42
N THR D 294 55.61 34.48 -99.67
CA THR D 294 56.87 34.02 -100.23
C THR D 294 57.40 32.83 -99.41
N TYR D 295 57.53 31.67 -100.07
CA TYR D 295 57.85 30.40 -99.43
C TYR D 295 59.10 29.78 -100.06
N ASP D 296 60.16 29.62 -99.24
CA ASP D 296 61.41 29.00 -99.67
C ASP D 296 61.46 27.53 -99.21
N THR D 297 62.17 26.69 -99.98
CA THR D 297 62.51 25.33 -99.61
C THR D 297 63.86 24.98 -100.23
N GLU D 298 64.71 24.37 -99.38
CA GLU D 298 66.06 23.95 -99.74
C GLU D 298 65.95 22.69 -100.59
N TYR D 299 66.75 22.64 -101.68
CA TYR D 299 66.73 21.52 -102.62
C TYR D 299 68.15 21.16 -103.03
N GLY D 300 68.32 19.90 -103.46
CA GLY D 300 69.55 19.42 -104.07
C GLY D 300 69.22 18.64 -105.34
N PHE D 301 70.10 18.71 -106.34
CA PHE D 301 69.88 17.90 -107.54
C PHE D 301 70.72 16.63 -107.40
N ARG D 302 70.04 15.48 -107.27
CA ARG D 302 70.73 14.22 -107.06
C ARG D 302 69.78 13.08 -107.37
N TRP D 303 70.33 11.89 -107.67
CA TRP D 303 69.51 10.70 -107.87
C TRP D 303 70.22 9.45 -107.34
N THR D 304 69.44 8.43 -106.99
CA THR D 304 70.01 7.20 -106.49
C THR D 304 69.63 6.06 -107.42
N GLY D 305 70.30 4.92 -107.27
CA GLY D 305 69.84 3.66 -107.83
C GLY D 305 70.25 2.49 -106.93
N PHE D 306 69.45 1.44 -106.97
CA PHE D 306 69.71 0.20 -106.25
C PHE D 306 69.65 -0.92 -107.28
N ASP D 307 70.75 -1.68 -107.37
CA ASP D 307 70.79 -2.88 -108.19
C ASP D 307 70.89 -4.07 -107.24
N ALA D 308 70.18 -5.17 -107.54
CA ALA D 308 70.11 -6.29 -106.63
C ALA D 308 71.43 -7.06 -106.55
N THR D 309 72.40 -6.68 -107.39
CA THR D 309 73.65 -7.42 -107.56
C THR D 309 74.86 -6.56 -107.20
N SER D 310 74.88 -5.30 -107.66
CA SER D 310 75.98 -4.35 -107.52
C SER D 310 75.69 -3.25 -106.49
N GLY D 311 74.48 -3.28 -105.94
CA GLY D 311 74.16 -2.47 -104.77
C GLY D 311 73.81 -1.01 -105.08
N PHE D 312 74.28 -0.11 -104.21
CA PHE D 312 73.83 1.28 -104.23
C PHE D 312 74.71 2.09 -105.17
N SER D 313 74.14 3.22 -105.63
CA SER D 313 74.77 4.21 -106.49
C SER D 313 74.13 5.57 -106.28
N LEU D 314 74.98 6.62 -106.14
CA LEU D 314 74.57 8.01 -106.05
C LEU D 314 75.11 8.82 -107.25
N ASN D 315 74.16 9.38 -108.02
CA ASN D 315 74.42 10.24 -109.18
C ASN D 315 75.23 9.49 -110.24
N GLY D 316 74.95 8.19 -110.40
CA GLY D 316 75.64 7.45 -111.44
C GLY D 316 76.87 6.68 -110.94
N GLU D 317 77.50 7.15 -109.86
CA GLU D 317 78.66 6.49 -109.26
C GLU D 317 78.23 5.42 -108.26
N LYS D 318 78.91 4.27 -108.26
CA LYS D 318 78.67 3.24 -107.28
C LYS D 318 79.23 3.69 -105.93
N VAL D 319 78.41 3.60 -104.88
CA VAL D 319 78.82 3.98 -103.54
C VAL D 319 78.46 2.87 -102.55
N LYS D 320 79.35 2.63 -101.58
CA LYS D 320 79.06 1.68 -100.52
C LYS D 320 78.48 2.44 -99.33
N LEU D 321 77.30 2.00 -98.86
CA LEU D 321 76.68 2.65 -97.72
C LEU D 321 77.43 2.25 -96.45
N LYS D 322 78.37 3.13 -96.06
CA LYS D 322 79.17 2.96 -94.86
C LYS D 322 78.48 3.72 -93.74
N GLY D 323 77.59 3.01 -93.03
CA GLY D 323 76.56 3.66 -92.23
C GLY D 323 76.67 3.38 -90.73
N VAL D 324 76.13 4.30 -89.94
CA VAL D 324 75.94 4.10 -88.51
C VAL D 324 74.46 4.35 -88.22
N SER D 325 73.93 3.57 -87.26
CA SER D 325 72.69 3.89 -86.57
C SER D 325 72.99 4.95 -85.51
N MET D 326 72.09 5.93 -85.33
CA MET D 326 72.21 6.97 -84.31
C MET D 326 70.86 7.21 -83.65
N HIS D 327 70.83 7.10 -82.32
CA HIS D 327 69.67 7.55 -81.57
C HIS D 327 69.74 9.06 -81.43
N HIS D 328 68.73 9.67 -80.80
CA HIS D 328 68.60 11.12 -80.91
C HIS D 328 69.33 11.85 -79.81
N ASP D 329 69.42 11.25 -78.61
CA ASP D 329 69.99 11.99 -77.50
C ASP D 329 71.42 12.46 -77.79
N GLN D 330 71.81 13.53 -77.10
CA GLN D 330 73.10 14.16 -77.26
C GLN D 330 73.89 14.04 -75.95
N GLY D 331 73.93 12.82 -75.41
CA GLY D 331 74.73 12.51 -74.24
C GLY D 331 74.31 13.29 -73.00
N SER D 332 75.27 14.03 -72.44
CA SER D 332 75.07 14.75 -71.19
C SER D 332 73.97 15.81 -71.32
N LEU D 333 73.69 16.28 -72.56
CA LEU D 333 72.63 17.24 -72.77
C LEU D 333 71.24 16.59 -72.82
N GLY D 334 71.18 15.25 -72.80
CA GLY D 334 69.91 14.55 -72.92
C GLY D 334 69.31 14.64 -74.32
N ALA D 335 67.97 14.60 -74.42
CA ALA D 335 67.25 14.53 -75.68
C ALA D 335 67.39 15.83 -76.48
N VAL D 336 67.80 16.91 -75.78
CA VAL D 336 67.91 18.23 -76.38
C VAL D 336 68.59 18.14 -77.75
N ALA D 337 67.91 18.61 -78.79
CA ALA D 337 68.42 18.54 -80.16
C ALA D 337 69.13 19.83 -80.52
N ASN D 338 70.20 20.13 -79.79
CA ASN D 338 71.04 21.30 -80.03
C ASN D 338 71.76 21.14 -81.36
N ARG D 339 71.63 22.14 -82.25
CA ARG D 339 72.15 22.05 -83.61
C ARG D 339 73.66 21.70 -83.62
N ARG D 340 74.44 22.39 -82.76
CA ARG D 340 75.88 22.19 -82.75
C ARG D 340 76.22 20.80 -82.23
N ALA D 341 75.54 20.36 -81.18
CA ALA D 341 75.69 19.00 -80.66
C ALA D 341 75.57 18.01 -81.82
N ILE D 342 74.45 18.11 -82.54
CA ILE D 342 74.10 17.25 -83.66
C ILE D 342 75.17 17.35 -84.75
N GLU D 343 75.58 18.58 -85.06
CA GLU D 343 76.59 18.84 -86.07
C GLU D 343 77.91 18.16 -85.71
N ARG D 344 78.33 18.32 -84.44
CA ARG D 344 79.56 17.74 -83.92
C ARG D 344 79.56 16.22 -84.15
N GLN D 345 78.42 15.57 -83.84
CA GLN D 345 78.31 14.13 -84.04
C GLN D 345 78.65 13.77 -85.48
N VAL D 346 77.98 14.45 -86.43
CA VAL D 346 78.17 14.16 -87.84
C VAL D 346 79.64 14.33 -88.21
N GLU D 347 80.25 15.40 -87.70
CA GLU D 347 81.63 15.72 -88.02
C GLU D 347 82.55 14.56 -87.65
N ILE D 348 82.37 14.07 -86.42
CA ILE D 348 83.17 12.98 -85.87
C ILE D 348 82.94 11.71 -86.71
N LEU D 349 81.68 11.47 -87.09
CA LEU D 349 81.32 10.33 -87.90
C LEU D 349 82.01 10.42 -89.26
N GLN D 350 81.96 11.61 -89.87
CA GLN D 350 82.58 11.81 -91.18
C GLN D 350 84.07 11.49 -91.12
N LYS D 351 84.74 11.93 -90.05
CA LYS D 351 86.16 11.66 -89.86
C LYS D 351 86.43 10.16 -89.78
N MET D 352 85.43 9.38 -89.34
CA MET D 352 85.55 7.94 -89.26
C MET D 352 85.45 7.32 -90.66
N GLY D 353 84.96 8.10 -91.64
CA GLY D 353 84.72 7.58 -92.98
C GLY D 353 83.25 7.28 -93.27
N VAL D 354 82.35 7.64 -92.33
CA VAL D 354 80.91 7.40 -92.46
C VAL D 354 80.37 8.28 -93.59
N ASN D 355 79.38 7.76 -94.33
CA ASN D 355 78.73 8.54 -95.40
C ASN D 355 77.21 8.47 -95.29
N SER D 356 76.72 7.76 -94.26
CA SER D 356 75.28 7.55 -94.13
C SER D 356 74.88 7.33 -92.68
N ILE D 357 73.73 7.89 -92.29
CA ILE D 357 73.16 7.76 -90.97
C ILE D 357 71.73 7.24 -91.08
N ARG D 358 71.41 6.22 -90.29
CA ARG D 358 70.06 5.70 -90.13
C ARG D 358 69.50 6.29 -88.84
N THR D 359 68.37 7.01 -88.95
CA THR D 359 67.75 7.69 -87.83
C THR D 359 66.93 6.71 -87.00
N THR D 360 67.66 5.85 -86.28
CA THR D 360 67.10 4.74 -85.52
C THR D 360 66.53 5.27 -84.21
N HIS D 361 65.26 4.96 -83.93
CA HIS D 361 64.28 4.39 -84.83
C HIS D 361 63.06 5.30 -84.84
N ASN D 362 63.23 6.48 -85.46
CA ASN D 362 62.27 7.55 -85.34
C ASN D 362 62.71 8.73 -86.20
N PRO D 363 61.81 9.66 -86.60
CA PRO D 363 62.20 10.81 -87.41
C PRO D 363 63.27 11.59 -86.66
N ALA D 364 64.28 12.07 -87.39
CA ALA D 364 65.33 12.96 -86.87
C ALA D 364 64.76 14.34 -86.56
N ALA D 365 65.50 15.11 -85.75
CA ALA D 365 65.31 16.55 -85.66
C ALA D 365 65.59 17.18 -87.01
N LYS D 366 64.81 18.21 -87.39
CA LYS D 366 65.05 18.85 -88.67
C LYS D 366 66.52 19.25 -88.74
N ALA D 367 67.05 19.70 -87.59
CA ALA D 367 68.44 20.10 -87.51
C ALA D 367 69.37 19.04 -88.11
N LEU D 368 69.10 17.75 -87.85
CA LEU D 368 69.99 16.72 -88.36
C LEU D 368 69.92 16.69 -89.88
N ILE D 369 68.66 16.74 -90.38
CA ILE D 369 68.42 16.74 -91.81
C ILE D 369 69.14 17.93 -92.43
N ASP D 370 68.96 19.11 -91.82
CA ASP D 370 69.62 20.33 -92.25
C ASP D 370 71.14 20.08 -92.33
N VAL D 371 71.71 19.53 -91.27
CA VAL D 371 73.15 19.33 -91.17
C VAL D 371 73.59 18.41 -92.32
N CYS D 372 72.91 17.27 -92.46
CA CYS D 372 73.28 16.30 -93.46
C CYS D 372 73.18 16.90 -94.87
N ASN D 373 72.17 17.74 -95.09
CA ASN D 373 72.05 18.45 -96.36
C ASN D 373 73.31 19.25 -96.63
N GLU D 374 73.82 19.99 -95.65
CA GLU D 374 74.92 20.90 -95.94
C GLU D 374 76.26 20.14 -95.90
N LYS D 375 76.34 19.10 -95.06
CA LYS D 375 77.60 18.39 -94.83
C LYS D 375 77.79 17.26 -95.83
N GLY D 376 76.72 16.85 -96.51
CA GLY D 376 76.80 15.82 -97.53
C GLY D 376 76.86 14.40 -96.97
N VAL D 377 75.80 13.99 -96.26
CA VAL D 377 75.71 12.68 -95.63
C VAL D 377 74.33 12.09 -95.96
N LEU D 378 74.32 10.81 -96.38
CA LEU D 378 73.09 10.16 -96.78
C LEU D 378 72.31 9.70 -95.55
N VAL D 379 71.05 10.13 -95.46
CA VAL D 379 70.17 9.83 -94.34
C VAL D 379 69.14 8.79 -94.79
N VAL D 380 69.02 7.73 -93.99
CA VAL D 380 67.88 6.83 -94.10
C VAL D 380 66.97 7.20 -92.93
N GLU D 381 65.90 7.95 -93.21
CA GLU D 381 65.05 8.47 -92.16
C GLU D 381 63.99 7.44 -91.83
N GLU D 382 64.12 6.83 -90.64
CA GLU D 382 63.21 5.83 -90.13
C GLU D 382 62.12 6.54 -89.33
N VAL D 383 60.86 6.16 -89.53
CA VAL D 383 59.71 6.82 -88.93
C VAL D 383 59.25 6.09 -87.67
N PHE D 384 59.37 4.76 -87.67
CA PHE D 384 58.81 3.94 -86.61
C PHE D 384 59.80 2.89 -86.09
N ASP D 385 59.62 2.50 -84.83
CA ASP D 385 60.24 1.31 -84.30
C ASP D 385 59.22 0.20 -84.34
N MET D 386 58.35 0.13 -83.33
CA MET D 386 57.30 -0.87 -83.31
C MET D 386 56.14 -0.35 -84.14
N TRP D 387 55.18 -1.25 -84.44
CA TRP D 387 53.97 -0.84 -85.13
C TRP D 387 52.79 -0.89 -84.17
N ASN D 388 51.87 -1.84 -84.39
CA ASN D 388 50.62 -1.95 -83.64
C ASN D 388 50.79 -2.78 -82.37
N ARG D 389 51.99 -3.29 -82.14
CA ARG D 389 52.24 -4.13 -80.98
C ARG D 389 53.43 -3.54 -80.23
N SER D 390 53.27 -3.32 -78.92
CA SER D 390 54.30 -2.65 -78.14
C SER D 390 55.43 -3.63 -77.82
N LYS D 391 56.62 -3.10 -77.55
CA LYS D 391 57.79 -3.93 -77.33
C LYS D 391 58.18 -3.85 -75.86
N ASN D 392 58.68 -4.97 -75.33
CA ASN D 392 59.33 -5.06 -74.03
C ASN D 392 58.38 -4.62 -72.93
N GLY D 393 57.07 -4.79 -73.13
CA GLY D 393 56.05 -4.44 -72.16
C GLY D 393 56.09 -2.95 -71.78
N ASN D 394 56.67 -2.16 -72.68
CA ASN D 394 56.55 -0.70 -72.66
C ASN D 394 55.14 -0.31 -73.10
N THR D 395 54.18 -0.44 -72.17
CA THR D 395 52.77 -0.40 -72.51
C THR D 395 52.36 0.98 -73.03
N GLU D 396 53.18 2.00 -72.71
CA GLU D 396 52.89 3.38 -73.03
C GLU D 396 53.65 3.85 -74.30
N ASP D 397 54.39 2.93 -74.96
CA ASP D 397 55.13 3.19 -76.18
C ASP D 397 54.18 3.35 -77.36
N TYR D 398 54.69 3.87 -78.50
CA TYR D 398 53.83 4.30 -79.59
C TYR D 398 52.91 3.19 -80.11
N GLY D 399 53.24 1.94 -79.77
CA GLY D 399 52.39 0.79 -80.09
C GLY D 399 50.94 1.06 -79.67
N LYS D 400 50.79 1.74 -78.53
CA LYS D 400 49.50 2.09 -77.95
C LYS D 400 48.68 2.89 -78.94
N TRP D 401 49.36 3.71 -79.75
CA TRP D 401 48.69 4.74 -80.53
C TRP D 401 48.69 4.47 -82.03
N PHE D 402 49.61 3.62 -82.50
CA PHE D 402 49.89 3.41 -83.90
C PHE D 402 48.59 3.24 -84.70
N GLY D 403 47.66 2.45 -84.17
CA GLY D 403 46.47 2.08 -84.93
C GLY D 403 45.22 2.87 -84.54
N GLN D 404 45.36 3.82 -83.62
CA GLN D 404 44.22 4.58 -83.11
C GLN D 404 43.88 5.69 -84.10
N ALA D 405 42.59 5.99 -84.21
CA ALA D 405 42.05 7.06 -85.03
C ALA D 405 42.29 8.40 -84.36
N ILE D 406 42.23 9.51 -85.12
CA ILE D 406 42.44 10.83 -84.53
C ILE D 406 41.08 11.41 -84.17
N ALA D 407 41.02 12.11 -83.04
CA ALA D 407 39.75 12.65 -82.54
C ALA D 407 39.26 13.76 -83.45
N GLY D 408 37.94 13.85 -83.60
CA GLY D 408 37.32 14.89 -84.42
C GLY D 408 37.65 16.30 -83.91
N ASP D 409 37.75 16.44 -82.58
CA ASP D 409 37.97 17.73 -81.97
C ASP D 409 39.46 18.07 -81.94
N ASN D 410 40.31 17.13 -82.41
CA ASN D 410 41.76 17.29 -82.40
C ASN D 410 42.26 18.02 -83.64
N ALA D 411 42.78 19.24 -83.45
CA ALA D 411 43.07 20.16 -84.52
C ALA D 411 44.55 20.15 -84.89
N VAL D 412 45.24 19.08 -84.49
CA VAL D 412 46.65 18.92 -84.78
C VAL D 412 46.82 18.86 -86.30
N LEU D 413 47.98 19.35 -86.79
CA LEU D 413 48.25 19.46 -88.21
C LEU D 413 49.64 18.93 -88.53
N GLY D 414 49.79 18.47 -89.78
CA GLY D 414 51.11 18.18 -90.29
C GLY D 414 51.11 17.04 -91.30
N GLY D 415 50.15 16.11 -91.11
CA GLY D 415 50.00 14.92 -91.93
C GLY D 415 48.51 14.60 -92.09
N ASP D 416 48.21 13.47 -92.74
CA ASP D 416 46.84 13.08 -93.08
C ASP D 416 46.10 12.59 -91.82
N LYS D 417 44.90 13.10 -91.61
CA LYS D 417 44.16 12.83 -90.40
C LYS D 417 43.04 11.83 -90.63
N ASP D 418 42.99 11.21 -91.80
CA ASP D 418 41.80 10.48 -92.21
C ASP D 418 41.88 9.02 -91.79
N GLU D 419 43.05 8.57 -91.26
CA GLU D 419 43.14 7.18 -90.87
C GLU D 419 43.66 7.08 -89.44
N THR D 420 44.86 6.48 -89.29
CA THR D 420 45.45 6.24 -87.99
C THR D 420 46.61 7.21 -87.77
N TRP D 421 47.11 7.23 -86.53
CA TRP D 421 48.22 8.07 -86.14
C TRP D 421 49.43 7.74 -86.99
N ALA D 422 49.56 6.45 -87.30
CA ALA D 422 50.66 5.92 -88.11
C ALA D 422 50.73 6.72 -89.41
N LYS D 423 49.60 6.85 -90.10
CA LYS D 423 49.54 7.58 -91.36
C LYS D 423 49.94 9.03 -91.13
N PHE D 424 49.37 9.65 -90.09
CA PHE D 424 49.62 11.05 -89.77
C PHE D 424 51.11 11.30 -89.53
N ASP D 425 51.72 10.44 -88.70
CA ASP D 425 53.10 10.64 -88.27
C ASP D 425 54.04 10.38 -89.45
N LEU D 426 53.67 9.41 -90.29
CA LEU D 426 54.45 9.04 -91.47
C LEU D 426 54.39 10.18 -92.48
N THR D 427 53.16 10.57 -92.85
CA THR D 427 52.94 11.61 -93.84
C THR D 427 53.48 12.96 -93.36
N SER D 428 53.39 13.22 -92.05
CA SER D 428 53.96 14.44 -91.50
C SER D 428 55.48 14.47 -91.71
N THR D 429 56.15 13.34 -91.39
CA THR D 429 57.59 13.32 -91.50
C THR D 429 58.01 13.56 -92.95
N ILE D 430 57.35 12.84 -93.87
CA ILE D 430 57.64 12.93 -95.29
C ILE D 430 57.42 14.37 -95.76
N ASN D 431 56.29 14.97 -95.37
CA ASN D 431 55.98 16.34 -95.74
C ASN D 431 57.10 17.31 -95.37
N ARG D 432 57.71 17.08 -94.20
CA ARG D 432 58.75 17.96 -93.71
C ARG D 432 60.03 17.81 -94.54
N ASP D 433 60.35 16.56 -94.94
CA ASP D 433 61.69 16.23 -95.41
C ASP D 433 61.74 15.88 -96.89
N ARG D 434 60.61 16.06 -97.59
CA ARG D 434 60.45 15.53 -98.95
C ARG D 434 61.46 16.15 -99.91
N ASN D 435 62.01 17.32 -99.56
CA ASN D 435 62.85 18.04 -100.51
C ASN D 435 64.33 17.93 -100.14
N ALA D 436 64.61 17.20 -99.06
CA ALA D 436 65.95 17.13 -98.53
C ALA D 436 66.79 16.19 -99.37
N PRO D 437 67.83 16.69 -100.09
CA PRO D 437 68.70 15.83 -100.89
C PRO D 437 69.31 14.68 -100.11
N SER D 438 69.55 14.88 -98.80
CA SER D 438 70.28 13.90 -97.99
C SER D 438 69.47 12.63 -97.75
N VAL D 439 68.14 12.74 -97.72
CA VAL D 439 67.26 11.62 -97.41
C VAL D 439 67.14 10.75 -98.65
N ILE D 440 67.59 9.49 -98.55
CA ILE D 440 67.61 8.60 -99.71
C ILE D 440 66.48 7.55 -99.63
N MET D 441 66.09 7.17 -98.40
CA MET D 441 65.03 6.20 -98.19
C MET D 441 64.20 6.55 -96.96
N TRP D 442 62.91 6.16 -96.98
CA TRP D 442 62.04 6.16 -95.82
C TRP D 442 61.98 4.77 -95.22
N SER D 443 62.54 4.58 -94.01
CA SER D 443 62.45 3.32 -93.27
C SER D 443 61.17 3.34 -92.46
N LEU D 444 60.36 2.28 -92.60
CA LEU D 444 58.97 2.28 -92.17
C LEU D 444 58.76 1.45 -90.90
N GLY D 445 59.85 0.93 -90.32
CA GLY D 445 59.77 0.16 -89.10
C GLY D 445 61.10 -0.54 -88.83
N ASN D 446 61.26 -1.02 -87.59
CA ASN D 446 62.47 -1.68 -87.15
C ASN D 446 62.11 -2.85 -86.24
N GLU D 447 62.63 -4.03 -86.54
CA GLU D 447 62.37 -5.23 -85.76
C GLU D 447 60.91 -5.27 -85.31
N MET D 448 60.00 -5.14 -86.27
CA MET D 448 58.58 -4.98 -86.02
C MET D 448 58.04 -6.13 -85.17
N MET D 449 58.67 -7.29 -85.30
CA MET D 449 58.11 -8.51 -84.72
C MET D 449 58.93 -9.03 -83.55
N GLU D 450 59.87 -8.18 -83.06
CA GLU D 450 60.78 -8.47 -81.98
C GLU D 450 60.25 -7.81 -80.72
N GLY D 451 60.30 -8.54 -79.59
CA GLY D 451 60.00 -7.97 -78.29
C GLY D 451 58.50 -7.83 -78.05
N ILE D 452 57.69 -8.61 -78.76
CA ILE D 452 56.24 -8.43 -78.76
C ILE D 452 55.56 -9.77 -78.47
N SER D 453 54.22 -9.77 -78.37
CA SER D 453 53.45 -10.96 -78.05
C SER D 453 52.37 -11.20 -79.09
N GLY D 454 51.92 -12.45 -79.20
CA GLY D 454 50.70 -12.78 -79.93
C GLY D 454 51.02 -13.03 -81.40
N SER D 455 49.96 -13.28 -82.20
CA SER D 455 50.14 -13.70 -83.59
C SER D 455 50.85 -12.58 -84.33
N VAL D 456 51.61 -12.96 -85.36
CA VAL D 456 52.25 -11.96 -86.21
C VAL D 456 51.67 -12.01 -87.62
N SER D 457 50.63 -12.84 -87.80
CA SER D 457 50.04 -13.09 -89.11
C SER D 457 49.50 -11.79 -89.72
N GLY D 458 49.23 -10.80 -88.86
CA GLY D 458 48.68 -9.53 -89.31
C GLY D 458 49.73 -8.59 -89.87
N PHE D 459 51.00 -8.84 -89.53
CA PHE D 459 52.09 -7.92 -89.81
C PHE D 459 52.26 -7.63 -91.30
N PRO D 460 52.37 -8.66 -92.18
CA PRO D 460 52.58 -8.40 -93.61
C PRO D 460 51.51 -7.47 -94.20
N ALA D 461 50.28 -7.54 -93.68
CA ALA D 461 49.21 -6.67 -94.10
C ALA D 461 49.45 -5.22 -93.66
N THR D 462 49.87 -5.05 -92.39
CA THR D 462 50.22 -3.76 -91.84
C THR D 462 51.40 -3.15 -92.62
N SER D 463 52.39 -3.98 -92.97
CA SER D 463 53.52 -3.53 -93.77
C SER D 463 53.02 -2.88 -95.06
N ALA D 464 52.18 -3.62 -95.80
CA ALA D 464 51.72 -3.20 -97.11
C ALA D 464 51.00 -1.85 -97.01
N LYS D 465 50.17 -1.70 -95.96
CA LYS D 465 49.42 -0.47 -95.71
C LYS D 465 50.38 0.72 -95.62
N LEU D 466 51.49 0.53 -94.88
CA LEU D 466 52.49 1.57 -94.65
C LEU D 466 53.22 1.87 -95.96
N VAL D 467 53.59 0.80 -96.69
CA VAL D 467 54.26 0.91 -97.98
C VAL D 467 53.40 1.76 -98.93
N ALA D 468 52.12 1.40 -99.06
CA ALA D 468 51.16 2.13 -99.89
C ALA D 468 51.16 3.61 -99.55
N TRP D 469 51.02 3.92 -98.25
CA TRP D 469 50.95 5.29 -97.80
C TRP D 469 52.18 6.07 -98.23
N THR D 470 53.35 5.43 -98.06
CA THR D 470 54.65 6.03 -98.35
C THR D 470 54.74 6.33 -99.84
N LYS D 471 54.41 5.33 -100.66
CA LYS D 471 54.46 5.46 -102.10
C LYS D 471 53.65 6.67 -102.52
N ALA D 472 52.47 6.82 -101.93
CA ALA D 472 51.53 7.87 -102.28
C ALA D 472 52.02 9.20 -101.73
N ALA D 473 52.83 9.17 -100.67
CA ALA D 473 53.30 10.37 -99.99
C ALA D 473 54.52 10.95 -100.71
N ASP D 474 55.38 10.07 -101.25
CA ASP D 474 56.57 10.50 -101.96
C ASP D 474 57.02 9.40 -102.90
N SER D 475 56.71 9.57 -104.18
CA SER D 475 57.05 8.62 -105.24
C SER D 475 58.56 8.56 -105.45
N THR D 476 59.30 9.54 -104.94
CA THR D 476 60.63 9.78 -105.45
C THR D 476 61.70 8.93 -104.76
N ARG D 477 61.37 8.29 -103.63
CA ARG D 477 62.38 7.62 -102.83
C ARG D 477 61.92 6.22 -102.46
N PRO D 478 62.79 5.19 -102.50
CA PRO D 478 62.37 3.85 -102.09
C PRO D 478 62.08 3.85 -100.58
N MET D 479 61.03 3.10 -100.22
CA MET D 479 60.76 2.82 -98.82
C MET D 479 61.48 1.53 -98.45
N THR D 480 61.64 1.30 -97.16
CA THR D 480 62.41 0.19 -96.61
C THR D 480 61.99 0.00 -95.15
N TYR D 481 62.60 -0.99 -94.51
CA TYR D 481 62.45 -1.27 -93.09
C TYR D 481 63.68 -2.05 -92.65
N GLY D 482 63.74 -2.40 -91.37
CA GLY D 482 64.86 -3.17 -90.84
C GLY D 482 64.30 -4.35 -90.08
N ASP D 483 64.38 -5.53 -90.70
CA ASP D 483 63.70 -6.72 -90.22
C ASP D 483 64.76 -7.72 -89.76
N ASN D 484 64.56 -8.29 -88.57
CA ASN D 484 65.53 -9.17 -87.95
C ASN D 484 65.02 -10.61 -87.95
N LYS D 485 63.87 -10.84 -88.61
CA LYS D 485 63.34 -12.18 -88.78
C LYS D 485 63.59 -12.71 -90.20
N ILE D 486 64.23 -11.88 -91.05
CA ILE D 486 64.69 -12.36 -92.35
C ILE D 486 65.72 -13.47 -92.10
N LYS D 487 66.58 -13.26 -91.10
CA LYS D 487 67.62 -14.23 -90.77
C LYS D 487 67.00 -15.53 -90.26
N ALA D 488 65.78 -15.47 -89.72
CA ALA D 488 65.10 -16.65 -89.20
C ALA D 488 64.17 -17.27 -90.22
N ASN D 489 64.12 -16.69 -91.43
CA ASN D 489 63.29 -17.16 -92.53
C ASN D 489 61.83 -17.27 -92.14
N TRP D 490 61.33 -16.34 -91.31
CA TRP D 490 59.91 -16.28 -91.01
C TRP D 490 59.11 -15.97 -92.28
N ASN D 491 57.94 -16.61 -92.39
CA ASN D 491 57.07 -16.44 -93.54
C ASN D 491 56.73 -14.98 -93.72
N GLU D 492 56.17 -14.38 -92.66
CA GLU D 492 55.82 -12.98 -92.60
C GLU D 492 56.93 -12.14 -93.25
N SER D 493 58.18 -12.39 -92.86
CA SER D 493 59.35 -11.61 -93.26
C SER D 493 59.56 -11.65 -94.78
N ASN D 494 59.23 -12.81 -95.38
CA ASN D 494 59.38 -13.09 -96.79
C ASN D 494 58.29 -12.36 -97.58
N THR D 495 57.02 -12.53 -97.16
CA THR D 495 55.90 -11.85 -97.80
C THR D 495 56.18 -10.35 -97.84
N MET D 496 56.70 -9.81 -96.74
CA MET D 496 56.85 -8.38 -96.52
C MET D 496 57.89 -7.80 -97.47
N GLY D 497 58.95 -8.57 -97.72
CA GLY D 497 60.05 -8.18 -98.60
C GLY D 497 59.64 -8.21 -100.07
N ASP D 498 58.79 -9.18 -100.43
CA ASP D 498 58.24 -9.21 -101.77
C ASP D 498 57.47 -7.92 -102.01
N ASN D 499 56.58 -7.57 -101.07
CA ASN D 499 55.74 -6.40 -101.18
C ASN D 499 56.60 -5.13 -101.19
N LEU D 500 57.65 -5.11 -100.37
CA LEU D 500 58.62 -4.03 -100.44
C LEU D 500 59.15 -3.93 -101.86
N THR D 501 59.72 -5.03 -102.35
CA THR D 501 60.34 -5.10 -103.65
C THR D 501 59.34 -4.64 -104.71
N ALA D 502 58.10 -5.11 -104.59
CA ALA D 502 57.05 -4.87 -105.58
C ALA D 502 56.70 -3.40 -105.70
N ASN D 503 57.00 -2.61 -104.67
CA ASN D 503 56.63 -1.20 -104.67
C ASN D 503 57.89 -0.35 -104.71
N GLY D 504 58.97 -0.95 -105.21
CA GLY D 504 60.22 -0.23 -105.47
C GLY D 504 61.02 0.00 -104.20
N GLY D 505 60.83 -0.88 -103.21
CA GLY D 505 61.53 -0.81 -101.95
C GLY D 505 62.86 -1.56 -101.96
N VAL D 506 63.73 -1.19 -101.01
CA VAL D 506 64.94 -1.94 -100.67
C VAL D 506 64.70 -2.62 -99.33
N VAL D 507 65.20 -3.87 -99.18
CA VAL D 507 64.93 -4.69 -98.01
C VAL D 507 66.12 -4.62 -97.05
N GLY D 508 65.86 -4.21 -95.82
CA GLY D 508 66.90 -4.16 -94.80
C GLY D 508 66.82 -5.39 -93.89
N THR D 509 67.89 -6.19 -93.91
CA THR D 509 68.05 -7.29 -92.97
C THR D 509 68.92 -6.83 -91.81
N ASN D 510 68.47 -7.15 -90.60
CA ASN D 510 69.17 -6.81 -89.35
C ASN D 510 69.91 -8.05 -88.88
N TYR D 511 71.21 -7.87 -88.62
CA TYR D 511 72.03 -8.85 -87.91
C TYR D 511 72.10 -10.17 -88.68
N SER D 512 72.36 -10.09 -89.99
CA SER D 512 72.63 -11.25 -90.83
C SER D 512 74.13 -11.49 -90.92
N ASP D 513 74.56 -12.76 -90.83
CA ASP D 513 75.94 -13.09 -91.14
C ASP D 513 76.11 -13.22 -92.66
N GLY D 514 77.36 -13.33 -93.11
CA GLY D 514 77.64 -13.52 -94.53
C GLY D 514 76.83 -14.65 -95.13
N ALA D 515 76.75 -15.78 -94.39
CA ALA D 515 76.08 -16.98 -94.85
C ALA D 515 74.60 -16.70 -95.15
N ASN D 516 73.99 -15.86 -94.30
CA ASN D 516 72.60 -15.50 -94.40
C ASN D 516 72.40 -14.50 -95.56
N TYR D 517 73.32 -13.53 -95.72
CA TYR D 517 73.28 -12.63 -96.87
C TYR D 517 73.17 -13.47 -98.15
N ASP D 518 73.95 -14.54 -98.23
CA ASP D 518 73.96 -15.42 -99.39
C ASP D 518 72.65 -16.18 -99.50
N LYS D 519 72.11 -16.69 -98.37
CA LYS D 519 70.85 -17.42 -98.42
C LYS D 519 69.78 -16.50 -99.02
N ILE D 520 69.80 -15.20 -98.61
CA ILE D 520 68.82 -14.23 -99.05
C ILE D 520 68.92 -14.05 -100.55
N ARG D 521 70.13 -13.82 -101.06
CA ARG D 521 70.34 -13.55 -102.47
C ARG D 521 69.78 -14.70 -103.31
N THR D 522 70.06 -15.93 -102.88
CA THR D 522 69.66 -17.13 -103.57
C THR D 522 68.14 -17.27 -103.52
N THR D 523 67.59 -17.16 -102.30
CA THR D 523 66.16 -17.37 -102.04
C THR D 523 65.32 -16.23 -102.57
N HIS D 524 65.89 -15.03 -102.76
CA HIS D 524 65.15 -13.82 -103.14
C HIS D 524 65.97 -12.98 -104.11
N PRO D 525 66.11 -13.42 -105.37
CA PRO D 525 66.94 -12.71 -106.35
C PRO D 525 66.42 -11.31 -106.68
N SER D 526 65.10 -11.10 -106.51
CA SER D 526 64.44 -9.83 -106.80
C SER D 526 64.85 -8.74 -105.83
N TRP D 527 65.15 -9.16 -104.59
CA TRP D 527 65.39 -8.22 -103.50
C TRP D 527 66.72 -7.52 -103.73
N ALA D 528 66.73 -6.19 -103.56
CA ALA D 528 67.96 -5.45 -103.28
C ALA D 528 68.06 -5.33 -101.76
N ILE D 529 69.22 -5.69 -101.19
CA ILE D 529 69.35 -5.80 -99.75
C ILE D 529 70.53 -4.96 -99.21
N TYR D 530 70.41 -4.56 -97.95
CA TYR D 530 71.49 -3.94 -97.20
C TYR D 530 71.42 -4.46 -95.75
N GLY D 531 72.51 -4.25 -94.99
CA GLY D 531 72.49 -4.48 -93.56
C GLY D 531 71.93 -3.27 -92.81
N SER D 532 70.62 -3.34 -92.51
CA SER D 532 69.90 -2.22 -91.91
C SER D 532 70.37 -1.95 -90.49
N GLU D 533 70.82 -3.00 -89.79
CA GLU D 533 71.37 -2.89 -88.46
C GLU D 533 72.36 -4.04 -88.26
N THR D 534 73.61 -3.70 -87.92
CA THR D 534 74.70 -4.66 -87.92
C THR D 534 75.59 -4.48 -86.70
N ALA D 535 76.33 -5.55 -86.35
CA ALA D 535 77.36 -5.52 -85.32
C ALA D 535 76.77 -5.61 -83.91
N SER D 536 76.36 -4.48 -83.33
CA SER D 536 75.93 -4.40 -81.94
C SER D 536 77.05 -4.94 -81.04
N ALA D 537 78.29 -4.54 -81.35
CA ALA D 537 79.45 -4.86 -80.54
C ALA D 537 79.43 -4.00 -79.28
N ILE D 538 79.82 -4.60 -78.15
CA ILE D 538 79.77 -3.91 -76.86
C ILE D 538 81.17 -3.79 -76.27
N ASN D 539 81.66 -2.54 -76.16
CA ASN D 539 82.99 -2.18 -75.71
C ASN D 539 82.91 -0.88 -74.90
N SER D 540 83.80 -0.70 -73.91
CA SER D 540 84.00 0.58 -73.21
C SER D 540 85.21 1.26 -73.83
N ARG D 541 85.51 2.51 -73.42
CA ARG D 541 86.70 3.19 -73.94
C ARG D 541 87.91 2.94 -73.05
N GLY D 542 89.03 2.52 -73.66
CA GLY D 542 90.32 2.53 -72.99
C GLY D 542 90.55 1.38 -72.00
N ILE D 543 89.73 0.32 -72.07
CA ILE D 543 89.84 -0.84 -71.21
C ILE D 543 90.64 -1.94 -71.91
N TYR D 544 91.73 -2.42 -71.27
CA TYR D 544 92.69 -3.31 -71.93
C TYR D 544 93.13 -4.51 -71.09
N ASN D 545 92.70 -4.55 -69.83
CA ASN D 545 93.22 -5.50 -68.86
C ASN D 545 92.69 -6.91 -69.13
N ARG D 546 91.66 -7.02 -69.98
CA ARG D 546 91.22 -8.31 -70.51
C ARG D 546 91.02 -8.16 -72.02
N THR D 547 90.79 -9.29 -72.73
CA THR D 547 90.52 -9.22 -74.16
C THR D 547 89.23 -9.96 -74.51
N THR D 548 88.36 -10.13 -73.51
CA THR D 548 87.13 -10.88 -73.68
C THR D 548 85.97 -10.04 -73.19
N GLY D 549 84.76 -10.41 -73.63
CA GLY D 549 83.59 -9.69 -73.17
C GLY D 549 82.32 -10.42 -73.58
N GLY D 550 81.34 -9.65 -74.04
CA GLY D 550 80.07 -10.19 -74.47
C GLY D 550 79.23 -10.67 -73.28
N ALA D 551 79.71 -10.35 -72.06
CA ALA D 551 78.98 -10.71 -70.86
C ALA D 551 79.28 -9.69 -69.76
N GLN D 552 78.39 -9.69 -68.75
CA GLN D 552 78.52 -8.82 -67.58
C GLN D 552 79.86 -9.07 -66.91
N SER D 553 80.66 -8.00 -66.79
CA SER D 553 81.93 -8.00 -66.07
C SER D 553 81.69 -7.65 -64.60
N SER D 554 82.71 -7.91 -63.79
CA SER D 554 82.75 -7.53 -62.38
C SER D 554 82.87 -6.01 -62.24
N ASP D 555 83.65 -5.38 -63.13
CA ASP D 555 84.00 -3.97 -63.01
C ASP D 555 83.09 -3.05 -63.82
N LYS D 556 81.97 -3.60 -64.33
CA LYS D 556 80.93 -2.83 -65.00
C LYS D 556 81.44 -2.08 -66.24
N GLN D 557 82.48 -2.65 -66.88
CA GLN D 557 83.03 -2.16 -68.14
C GLN D 557 83.33 -3.36 -69.04
N LEU D 558 83.72 -3.09 -70.31
CA LEU D 558 83.94 -4.13 -71.30
C LEU D 558 85.18 -3.78 -72.13
N THR D 559 85.92 -4.83 -72.53
CA THR D 559 87.17 -4.69 -73.25
C THR D 559 87.02 -3.78 -74.48
N SER D 560 88.07 -3.02 -74.79
CA SER D 560 88.10 -2.15 -75.96
C SER D 560 88.56 -2.92 -77.21
N TYR D 561 89.14 -4.11 -76.99
CA TYR D 561 89.50 -5.02 -78.08
C TYR D 561 88.21 -5.46 -78.72
N ASP D 562 88.26 -5.78 -80.03
CA ASP D 562 87.05 -6.07 -80.78
C ASP D 562 86.66 -7.55 -80.70
N ASN D 563 86.38 -8.02 -79.48
CA ASN D 563 86.13 -9.43 -79.21
C ASN D 563 84.86 -9.58 -78.40
N SER D 564 84.18 -8.45 -78.19
CA SER D 564 83.01 -8.39 -77.34
C SER D 564 81.82 -7.93 -78.16
N ALA D 565 80.75 -8.74 -78.15
CA ALA D 565 79.51 -8.45 -78.86
C ALA D 565 78.35 -9.20 -78.22
N VAL D 566 77.12 -8.71 -78.46
CA VAL D 566 75.91 -9.34 -77.98
C VAL D 566 75.70 -10.67 -78.70
N GLY D 567 74.77 -11.47 -78.19
CA GLY D 567 74.53 -12.81 -78.68
C GLY D 567 74.00 -12.84 -80.11
N TRP D 568 73.21 -11.84 -80.49
CA TRP D 568 72.56 -11.79 -81.79
C TRP D 568 73.45 -11.12 -82.82
N GLY D 569 74.42 -10.34 -82.36
CA GLY D 569 75.26 -9.53 -83.23
C GLY D 569 76.56 -10.23 -83.62
N ALA D 570 77.59 -9.41 -83.84
CA ALA D 570 78.93 -9.82 -84.22
C ALA D 570 79.89 -8.65 -84.05
N VAL D 571 81.18 -8.94 -83.88
CA VAL D 571 82.23 -7.93 -83.73
C VAL D 571 82.40 -7.16 -85.05
N ALA D 572 83.05 -6.00 -84.96
CA ALA D 572 83.19 -5.08 -86.07
C ALA D 572 83.84 -5.76 -87.27
N SER D 573 85.02 -6.34 -87.04
CA SER D 573 85.76 -7.10 -88.05
C SER D 573 84.81 -8.01 -88.83
N SER D 574 83.89 -8.68 -88.12
CA SER D 574 83.03 -9.69 -88.71
C SER D 574 81.95 -9.07 -89.60
N ALA D 575 81.23 -8.08 -89.06
CA ALA D 575 80.08 -7.50 -89.73
C ALA D 575 80.49 -6.68 -90.93
N TRP D 576 81.71 -6.11 -90.90
CA TRP D 576 82.23 -5.39 -92.05
C TRP D 576 82.73 -6.36 -93.13
N TYR D 577 83.46 -7.40 -92.70
CA TYR D 577 84.03 -8.38 -93.62
C TYR D 577 82.91 -9.00 -94.45
N ASP D 578 81.86 -9.46 -93.75
CA ASP D 578 80.69 -10.07 -94.39
C ASP D 578 80.09 -9.13 -95.44
N VAL D 579 80.23 -7.82 -95.24
CA VAL D 579 79.58 -6.83 -96.10
C VAL D 579 80.50 -6.45 -97.25
N VAL D 580 81.77 -6.17 -96.96
CA VAL D 580 82.64 -5.50 -97.93
C VAL D 580 82.85 -6.38 -99.16
N GLN D 581 82.92 -7.70 -98.92
CA GLN D 581 83.12 -8.74 -99.90
C GLN D 581 81.95 -8.88 -100.87
N ARG D 582 80.73 -8.54 -100.43
CA ARG D 582 79.53 -8.77 -101.21
C ARG D 582 78.97 -7.48 -101.80
N ASP D 583 79.12 -7.31 -103.11
CA ASP D 583 78.65 -6.15 -103.83
C ASP D 583 77.13 -6.01 -103.74
N PHE D 584 76.43 -7.13 -103.51
CA PHE D 584 74.97 -7.21 -103.52
C PHE D 584 74.38 -6.83 -102.15
N VAL D 585 75.25 -6.66 -101.15
CA VAL D 585 74.89 -6.08 -99.87
C VAL D 585 75.30 -4.61 -99.91
N ALA D 586 74.31 -3.74 -100.15
CA ALA D 586 74.52 -2.37 -100.61
C ALA D 586 75.33 -1.55 -99.61
N GLY D 587 75.20 -1.87 -98.32
CA GLY D 587 75.96 -1.28 -97.23
C GLY D 587 75.58 -1.81 -95.86
N THR D 588 76.17 -1.22 -94.81
CA THR D 588 75.97 -1.58 -93.41
C THR D 588 75.55 -0.32 -92.65
N TYR D 589 74.67 -0.46 -91.63
CA TYR D 589 74.37 0.60 -90.68
C TYR D 589 74.63 0.11 -89.25
N VAL D 590 75.85 0.34 -88.78
CA VAL D 590 76.39 -0.26 -87.58
C VAL D 590 75.64 0.28 -86.36
N TRP D 591 75.38 -0.62 -85.42
CA TRP D 591 74.79 -0.29 -84.13
C TRP D 591 75.90 -0.21 -83.09
N THR D 592 76.21 1.00 -82.60
CA THR D 592 75.74 2.28 -83.13
C THR D 592 76.94 3.21 -83.34
N GLY D 593 76.70 4.36 -83.97
CA GLY D 593 77.74 5.37 -84.17
C GLY D 593 78.25 5.91 -82.85
N PHE D 594 77.30 6.40 -82.02
CA PHE D 594 77.57 6.97 -80.70
C PHE D 594 76.75 6.20 -79.66
N ASP D 595 77.35 6.02 -78.48
CA ASP D 595 76.63 5.49 -77.31
C ASP D 595 75.45 6.42 -77.03
N TYR D 596 74.36 5.83 -76.54
CA TYR D 596 73.17 6.59 -76.19
C TYR D 596 72.76 6.27 -74.75
N LEU D 597 72.00 7.16 -74.10
CA LEU D 597 71.53 6.88 -72.75
C LEU D 597 70.49 5.75 -72.83
N GLY D 598 70.57 4.81 -71.88
CA GLY D 598 69.66 3.67 -71.82
C GLY D 598 70.28 2.42 -72.43
N GLU D 599 69.46 1.37 -72.59
CA GLU D 599 69.84 0.11 -73.19
C GLU D 599 71.29 -0.24 -72.83
N PRO D 600 71.56 -0.47 -71.52
CA PRO D 600 72.92 -0.72 -71.06
C PRO D 600 73.34 -2.19 -71.24
N THR D 601 72.79 -2.87 -72.25
CA THR D 601 73.17 -4.23 -72.58
C THR D 601 74.70 -4.32 -72.55
N PRO D 602 75.32 -5.35 -71.89
CA PRO D 602 74.63 -6.51 -71.32
C PRO D 602 73.91 -6.41 -69.97
N TRP D 603 73.91 -5.21 -69.36
CA TRP D 603 73.20 -4.96 -68.11
C TRP D 603 71.84 -4.30 -68.35
N ASN D 604 71.04 -4.89 -69.25
CA ASN D 604 69.80 -4.26 -69.67
C ASN D 604 68.65 -4.68 -68.74
N GLY D 605 67.59 -3.87 -68.72
CA GLY D 605 66.43 -4.17 -67.90
C GLY D 605 65.16 -3.57 -68.48
N THR D 606 64.24 -4.43 -68.93
CA THR D 606 62.95 -4.04 -69.46
C THR D 606 61.94 -3.88 -68.32
N GLY D 607 62.32 -4.39 -67.14
CA GLY D 607 61.50 -4.29 -65.93
C GLY D 607 62.10 -3.31 -64.91
N SER D 608 61.29 -2.95 -63.91
CA SER D 608 61.68 -2.09 -62.82
C SER D 608 62.78 -2.75 -61.99
N GLY D 609 63.77 -1.97 -61.52
CA GLY D 609 64.78 -2.50 -60.62
C GLY D 609 66.20 -2.37 -61.16
N ALA D 610 67.19 -2.23 -60.25
CA ALA D 610 68.60 -2.14 -60.62
C ALA D 610 69.12 -3.47 -61.16
N VAL D 611 70.19 -3.40 -61.97
CA VAL D 611 70.76 -4.56 -62.64
C VAL D 611 72.21 -4.69 -62.19
N GLY D 612 72.52 -5.78 -61.50
CA GLY D 612 73.77 -5.86 -60.75
C GLY D 612 73.74 -4.87 -59.59
N SER D 613 74.91 -4.62 -59.00
CA SER D 613 74.97 -3.66 -57.91
C SER D 613 74.78 -2.26 -58.47
N TRP D 614 74.01 -1.43 -57.73
CA TRP D 614 73.87 -0.01 -57.97
C TRP D 614 75.13 0.71 -57.51
N PRO D 615 75.65 1.75 -58.22
CA PRO D 615 75.00 2.29 -59.39
C PRO D 615 75.19 1.38 -60.61
N SER D 616 74.07 1.04 -61.28
CA SER D 616 74.07 0.15 -62.43
C SER D 616 74.47 0.93 -63.69
N PRO D 617 74.98 0.28 -64.76
CA PRO D 617 75.28 1.00 -65.99
C PRO D 617 73.97 1.58 -66.52
N LYS D 618 74.00 2.87 -66.91
CA LYS D 618 72.81 3.64 -67.26
C LYS D 618 72.80 4.06 -68.73
N ASN D 619 73.89 3.78 -69.47
CA ASN D 619 73.99 4.12 -70.87
C ASN D 619 74.57 2.94 -71.67
N SER D 620 74.77 3.13 -73.00
CA SER D 620 75.04 2.04 -73.94
C SER D 620 76.52 1.69 -74.00
N TYR D 621 76.80 0.49 -74.54
CA TYR D 621 78.17 0.08 -74.81
C TYR D 621 78.41 -0.11 -76.31
N PHE D 622 77.39 0.15 -77.12
CA PHE D 622 77.37 -0.20 -78.55
C PHE D 622 78.19 0.74 -79.40
N GLY D 623 78.20 2.02 -79.01
CA GLY D 623 78.84 3.10 -79.74
C GLY D 623 80.28 2.82 -80.15
N ILE D 624 80.63 3.23 -81.36
CA ILE D 624 82.01 3.36 -81.81
C ILE D 624 82.63 4.50 -81.02
N VAL D 625 81.80 5.49 -80.67
CA VAL D 625 82.18 6.69 -79.95
C VAL D 625 81.29 6.77 -78.70
N ASP D 626 81.87 7.16 -77.57
CA ASP D 626 81.12 7.24 -76.31
C ASP D 626 80.32 8.54 -76.26
N THR D 627 79.44 8.64 -75.26
CA THR D 627 78.47 9.73 -75.16
C THR D 627 79.14 11.10 -75.26
N ALA D 628 80.41 11.17 -74.86
CA ALA D 628 81.13 12.44 -74.82
C ALA D 628 81.69 12.82 -76.18
N GLY D 629 81.80 11.83 -77.07
CA GLY D 629 82.36 12.12 -78.38
C GLY D 629 83.82 11.69 -78.46
N PHE D 630 84.23 10.90 -77.45
CA PHE D 630 85.56 10.30 -77.42
C PHE D 630 85.50 8.97 -78.18
N PRO D 631 86.32 8.80 -79.24
CA PRO D 631 86.35 7.54 -79.98
C PRO D 631 86.82 6.39 -79.10
N LYS D 632 86.23 5.20 -79.30
CA LYS D 632 86.80 3.96 -78.79
C LYS D 632 87.79 3.46 -79.83
N ASP D 633 88.48 2.35 -79.54
CA ASP D 633 89.61 1.97 -80.37
C ASP D 633 89.12 1.51 -81.73
N THR D 634 88.00 0.78 -81.69
CA THR D 634 87.30 0.22 -82.84
C THR D 634 87.13 1.28 -83.93
N TYR D 635 87.06 2.57 -83.53
CA TYR D 635 86.84 3.72 -84.40
C TYR D 635 87.87 3.76 -85.51
N TYR D 636 89.13 3.47 -85.13
CA TYR D 636 90.24 3.53 -86.07
C TYR D 636 90.25 2.32 -86.98
N PHE D 637 89.66 1.19 -86.52
CA PHE D 637 89.39 0.11 -87.42
C PHE D 637 88.47 0.60 -88.54
N TYR D 638 87.30 1.16 -88.16
CA TYR D 638 86.34 1.64 -89.15
C TYR D 638 87.01 2.66 -90.08
N GLN D 639 87.79 3.57 -89.50
CA GLN D 639 88.50 4.58 -90.28
C GLN D 639 89.40 3.90 -91.30
N SER D 640 90.11 2.85 -90.86
CA SER D 640 91.03 2.12 -91.71
C SER D 640 90.28 1.52 -92.89
N GLN D 641 89.01 1.19 -92.65
CA GLN D 641 88.18 0.49 -93.61
C GLN D 641 87.36 1.45 -94.47
N TRP D 642 87.12 2.71 -94.02
CA TRP D 642 86.09 3.56 -94.63
C TRP D 642 86.60 4.91 -95.18
N ASN D 643 87.59 5.53 -94.52
CA ASN D 643 88.04 6.87 -94.88
C ASN D 643 89.20 6.82 -95.86
N ASP D 644 88.90 7.21 -97.10
CA ASP D 644 89.88 7.19 -98.19
C ASP D 644 90.46 8.59 -98.38
N ASP D 645 90.19 9.50 -97.43
CA ASP D 645 90.73 10.85 -97.46
C ASP D 645 91.80 11.03 -96.38
N VAL D 646 92.06 9.98 -95.58
CA VAL D 646 93.13 9.99 -94.60
C VAL D 646 93.78 8.60 -94.56
N HIS D 647 94.93 8.54 -93.87
CA HIS D 647 95.64 7.31 -93.58
C HIS D 647 95.64 7.04 -92.07
N THR D 648 95.07 5.89 -91.70
CA THR D 648 94.98 5.43 -90.32
C THR D 648 96.17 4.54 -90.02
N LEU D 649 96.81 4.80 -88.87
CA LEU D 649 97.78 3.91 -88.26
C LEU D 649 97.66 4.06 -86.74
N HIS D 650 96.98 3.09 -86.12
CA HIS D 650 96.57 3.16 -84.73
C HIS D 650 96.91 1.85 -84.01
N ILE D 651 97.47 1.99 -82.79
CA ILE D 651 97.89 0.88 -81.95
C ILE D 651 97.09 0.89 -80.67
N LEU D 652 96.77 -0.32 -80.20
CA LEU D 652 96.34 -0.56 -78.82
C LEU D 652 96.97 -1.87 -78.36
N PRO D 653 97.05 -2.19 -77.03
CA PRO D 653 96.56 -1.33 -75.96
C PRO D 653 97.55 -0.27 -75.51
N ALA D 654 97.19 0.47 -74.44
CA ALA D 654 98.08 1.37 -73.75
C ALA D 654 99.14 0.52 -73.04
N TRP D 655 100.30 1.13 -72.73
CA TRP D 655 101.48 0.35 -72.40
C TRP D 655 101.99 0.60 -70.98
N ASN D 656 101.14 0.29 -69.98
CA ASN D 656 101.46 0.36 -68.56
C ASN D 656 101.16 -1.00 -67.94
N GLU D 657 102.04 -1.41 -66.99
CA GLU D 657 101.94 -2.68 -66.31
C GLU D 657 100.49 -3.04 -65.97
N ASN D 658 99.77 -2.10 -65.36
CA ASN D 658 98.53 -2.35 -64.64
C ASN D 658 97.31 -2.46 -65.54
N VAL D 659 97.44 -2.13 -66.85
CA VAL D 659 96.30 -2.00 -67.75
C VAL D 659 96.28 -3.10 -68.83
N VAL D 660 97.47 -3.64 -69.18
CA VAL D 660 97.62 -4.62 -70.26
C VAL D 660 97.08 -5.97 -69.81
N ALA D 661 96.83 -6.86 -70.77
CA ALA D 661 96.41 -8.23 -70.47
C ALA D 661 97.52 -9.19 -70.90
N LYS D 662 98.14 -9.85 -69.91
CA LYS D 662 99.26 -10.75 -70.20
C LYS D 662 98.87 -12.22 -70.03
N GLY D 663 98.76 -12.93 -71.16
CA GLY D 663 98.67 -14.38 -71.18
C GLY D 663 99.97 -14.90 -71.78
N SER D 664 100.04 -16.22 -72.02
CA SER D 664 101.16 -16.83 -72.71
C SER D 664 102.45 -16.21 -72.18
N GLY D 665 102.70 -16.37 -70.87
CA GLY D 665 103.81 -15.71 -70.18
C GLY D 665 103.52 -14.23 -69.96
N ASN D 666 104.42 -13.35 -70.41
CA ASN D 666 104.20 -11.93 -70.37
C ASN D 666 103.71 -11.41 -71.72
N ASN D 667 103.04 -12.25 -72.53
CA ASN D 667 102.68 -11.81 -73.88
C ASN D 667 101.36 -11.02 -73.87
N VAL D 668 101.38 -9.81 -74.45
CA VAL D 668 100.25 -8.90 -74.53
C VAL D 668 99.84 -8.76 -76.00
N PRO D 669 98.58 -9.06 -76.38
CA PRO D 669 98.14 -8.88 -77.75
C PRO D 669 98.16 -7.38 -78.08
N VAL D 670 99.02 -7.01 -79.03
CA VAL D 670 99.08 -5.68 -79.60
C VAL D 670 98.37 -5.72 -80.95
N VAL D 671 97.42 -4.79 -81.15
CA VAL D 671 96.60 -4.73 -82.35
C VAL D 671 96.88 -3.41 -83.09
N VAL D 672 96.93 -3.49 -84.42
CA VAL D 672 97.13 -2.34 -85.28
C VAL D 672 96.01 -2.28 -86.31
N TYR D 673 95.38 -1.10 -86.39
CA TYR D 673 94.39 -0.78 -87.42
C TYR D 673 95.05 0.19 -88.41
N THR D 674 95.04 -0.14 -89.71
CA THR D 674 95.69 0.73 -90.67
C THR D 674 95.23 0.46 -92.11
N ASP D 675 95.28 1.51 -92.94
CA ASP D 675 94.91 1.41 -94.34
C ASP D 675 96.17 1.27 -95.19
N ALA D 676 97.32 1.15 -94.50
CA ALA D 676 98.62 0.99 -95.15
C ALA D 676 98.77 -0.43 -95.69
N ALA D 677 99.68 -0.59 -96.66
CA ALA D 677 99.97 -1.87 -97.28
C ALA D 677 100.87 -2.75 -96.39
N LYS D 678 101.87 -2.12 -95.73
CA LYS D 678 102.82 -2.81 -94.88
C LYS D 678 103.06 -2.03 -93.59
N VAL D 679 103.19 -2.76 -92.47
CA VAL D 679 103.45 -2.20 -91.14
C VAL D 679 104.63 -2.94 -90.49
N LYS D 680 105.66 -2.17 -90.11
CA LYS D 680 106.76 -2.62 -89.27
C LYS D 680 106.51 -2.10 -87.86
N LEU D 681 106.53 -3.01 -86.88
CA LEU D 681 106.30 -2.71 -85.48
C LEU D 681 107.63 -2.75 -84.73
N TYR D 682 107.98 -1.63 -84.08
CA TYR D 682 109.19 -1.49 -83.27
C TYR D 682 108.85 -1.36 -81.78
N PHE D 683 109.82 -1.73 -80.93
CA PHE D 683 109.75 -1.59 -79.47
C PHE D 683 111.06 -0.95 -78.97
N THR D 684 110.93 0.11 -78.16
CA THR D 684 112.06 0.84 -77.60
C THR D 684 111.97 0.79 -76.08
N PRO D 685 112.90 0.11 -75.36
CA PRO D 685 112.84 0.02 -73.90
C PRO D 685 113.04 1.39 -73.27
N LYS D 686 112.53 1.59 -72.04
CA LYS D 686 112.47 2.91 -71.43
C LYS D 686 113.88 3.46 -71.28
N GLY D 687 114.04 4.77 -71.46
CA GLY D 687 115.31 5.46 -71.28
C GLY D 687 116.35 5.14 -72.36
N SER D 688 116.12 4.06 -73.12
CA SER D 688 116.90 3.70 -74.30
C SER D 688 116.43 4.54 -75.49
N THR D 689 117.22 4.55 -76.56
CA THR D 689 116.92 5.37 -77.73
C THR D 689 117.02 4.52 -79.00
N GLU D 690 117.05 3.19 -78.82
CA GLU D 690 117.33 2.25 -79.90
C GLU D 690 116.09 1.38 -80.11
N LYS D 691 115.41 1.56 -81.26
CA LYS D 691 114.19 0.85 -81.62
C LYS D 691 114.51 -0.55 -82.10
N ARG D 692 113.86 -1.58 -81.53
CA ARG D 692 114.05 -2.96 -81.95
C ARG D 692 112.83 -3.47 -82.72
N LEU D 693 113.01 -3.79 -84.00
CA LEU D 693 111.96 -4.31 -84.86
C LEU D 693 111.40 -5.64 -84.31
N ILE D 694 110.11 -5.66 -83.97
CA ILE D 694 109.45 -6.83 -83.39
C ILE D 694 108.88 -7.72 -84.50
N GLY D 695 108.64 -7.16 -85.67
CA GLY D 695 107.93 -7.86 -86.72
C GLY D 695 107.47 -6.93 -87.84
N GLU D 696 106.98 -7.54 -88.92
CA GLU D 696 106.61 -6.83 -90.12
C GLU D 696 105.51 -7.65 -90.80
N LYS D 697 104.42 -6.99 -91.23
CA LYS D 697 103.29 -7.67 -91.85
C LYS D 697 102.78 -6.86 -93.05
N SER D 698 102.39 -7.58 -94.11
CA SER D 698 101.89 -7.00 -95.35
C SER D 698 100.47 -7.46 -95.65
N PHE D 699 99.65 -6.52 -96.11
CA PHE D 699 98.26 -6.80 -96.46
C PHE D 699 98.18 -7.33 -97.89
N THR D 700 97.01 -7.88 -98.23
CA THR D 700 96.65 -8.31 -99.57
C THR D 700 95.47 -7.44 -100.02
N LYS D 701 95.64 -6.67 -101.11
CA LYS D 701 94.66 -5.67 -101.52
C LYS D 701 93.71 -6.23 -102.58
N LYS D 702 92.67 -6.95 -102.11
CA LYS D 702 91.58 -7.42 -102.95
C LYS D 702 90.63 -6.27 -103.32
N THR D 703 90.02 -6.37 -104.51
CA THR D 703 89.02 -5.46 -105.05
C THR D 703 87.91 -6.28 -105.70
N THR D 704 86.63 -6.00 -105.36
CA THR D 704 85.50 -6.81 -105.82
C THR D 704 85.15 -6.42 -107.25
N ALA D 705 84.23 -7.19 -107.83
CA ALA D 705 83.81 -6.97 -109.21
C ALA D 705 83.33 -5.53 -109.39
N ALA D 706 82.45 -5.07 -108.50
CA ALA D 706 81.86 -3.75 -108.55
C ALA D 706 82.90 -2.65 -108.30
N GLY D 707 84.03 -3.02 -107.72
CA GLY D 707 85.17 -2.11 -107.68
C GLY D 707 85.50 -1.60 -106.29
N TYR D 708 84.88 -2.21 -105.26
CA TYR D 708 85.17 -1.87 -103.87
C TYR D 708 86.40 -2.67 -103.44
N THR D 709 87.41 -1.97 -102.90
CA THR D 709 88.71 -2.57 -102.62
C THR D 709 89.02 -2.52 -101.11
N TYR D 710 89.32 -3.69 -100.53
CA TYR D 710 89.65 -3.84 -99.11
C TYR D 710 90.97 -4.59 -98.93
N GLN D 711 91.44 -4.69 -97.66
CA GLN D 711 92.70 -5.35 -97.35
C GLN D 711 92.50 -6.42 -96.27
N VAL D 712 92.99 -7.63 -96.54
CA VAL D 712 93.07 -8.71 -95.55
C VAL D 712 94.51 -9.20 -95.45
N TYR D 713 94.90 -9.71 -94.27
CA TYR D 713 96.22 -10.28 -94.04
C TYR D 713 96.16 -11.79 -94.23
N GLU D 714 97.07 -12.31 -95.07
CA GLU D 714 97.03 -13.73 -95.44
C GLU D 714 98.37 -14.43 -95.22
N GLY D 715 99.24 -13.85 -94.37
CA GLY D 715 100.52 -14.42 -94.00
C GLY D 715 100.40 -15.72 -93.20
N ALA D 716 101.55 -16.28 -92.79
CA ALA D 716 101.59 -17.58 -92.16
C ALA D 716 100.98 -17.54 -90.76
N ASP D 717 101.18 -16.41 -90.06
CA ASP D 717 100.74 -16.21 -88.69
C ASP D 717 99.33 -15.61 -88.67
N LYS D 718 98.63 -15.61 -89.82
CA LYS D 718 97.26 -15.11 -89.93
C LYS D 718 96.35 -15.86 -88.96
N ASP D 719 95.31 -15.15 -88.47
CA ASP D 719 94.35 -15.70 -87.52
C ASP D 719 93.56 -16.78 -88.24
N SER D 720 93.17 -17.82 -87.47
CA SER D 720 92.43 -18.94 -88.01
C SER D 720 91.03 -18.50 -88.46
N THR D 721 90.39 -17.64 -87.67
CA THR D 721 89.10 -17.03 -88.02
C THR D 721 89.36 -15.81 -88.91
N ALA D 722 88.77 -15.83 -90.12
CA ALA D 722 89.20 -15.00 -91.25
C ALA D 722 89.06 -13.50 -90.98
N HIS D 723 87.92 -13.11 -90.39
CA HIS D 723 87.54 -11.71 -90.31
C HIS D 723 88.54 -10.89 -89.50
N LYS D 724 89.19 -11.54 -88.53
CA LYS D 724 90.16 -10.88 -87.65
C LYS D 724 91.40 -10.43 -88.43
N ASN D 725 91.53 -10.94 -89.65
CA ASN D 725 92.68 -10.63 -90.50
C ASN D 725 92.43 -9.33 -91.27
N MET D 726 91.36 -8.61 -90.91
CA MET D 726 91.15 -7.29 -91.48
C MET D 726 92.04 -6.27 -90.76
N TYR D 727 92.61 -6.70 -89.63
CA TYR D 727 93.62 -5.99 -88.86
C TYR D 727 94.80 -6.91 -88.55
N LEU D 728 95.89 -6.32 -88.01
CA LEU D 728 97.14 -7.00 -87.66
C LEU D 728 97.27 -7.14 -86.14
N THR D 729 97.76 -8.31 -85.70
CA THR D 729 97.94 -8.60 -84.29
C THR D 729 99.31 -9.24 -84.07
N TRP D 730 100.13 -8.61 -83.20
CA TRP D 730 101.39 -9.14 -82.70
C TRP D 730 101.25 -9.49 -81.22
N ASN D 731 102.08 -10.41 -80.74
CA ASN D 731 102.21 -10.70 -79.33
C ASN D 731 103.55 -10.20 -78.81
N VAL D 732 103.55 -8.99 -78.24
CA VAL D 732 104.75 -8.39 -77.67
C VAL D 732 104.81 -8.77 -76.18
N PRO D 733 106.01 -9.07 -75.63
CA PRO D 733 106.15 -9.32 -74.19
C PRO D 733 106.19 -7.99 -73.43
N TRP D 734 105.59 -7.97 -72.24
CA TRP D 734 105.43 -6.74 -71.47
C TRP D 734 106.78 -6.27 -70.97
N ALA D 735 107.10 -5.00 -71.25
CA ALA D 735 108.32 -4.36 -70.82
C ALA D 735 108.12 -2.85 -70.81
N GLU D 736 108.57 -2.13 -69.77
CA GLU D 736 108.44 -0.68 -69.82
C GLU D 736 109.08 -0.16 -71.11
N GLY D 737 108.37 0.70 -71.85
CA GLY D 737 108.91 1.24 -73.09
C GLY D 737 107.86 1.91 -73.99
N THR D 738 108.18 1.96 -75.28
CA THR D 738 107.39 2.62 -76.31
C THR D 738 107.22 1.66 -77.49
N ILE D 739 105.99 1.14 -77.68
CA ILE D 739 105.67 0.41 -78.89
C ILE D 739 105.25 1.39 -79.99
N SER D 740 106.09 1.53 -81.02
CA SER D 740 105.81 2.37 -82.18
C SER D 740 105.60 1.49 -83.40
N ALA D 741 105.05 2.07 -84.47
CA ALA D 741 104.84 1.40 -85.73
C ALA D 741 105.05 2.40 -86.87
N GLU D 742 105.68 1.92 -87.95
CA GLU D 742 105.80 2.69 -89.18
C GLU D 742 105.01 2.00 -90.29
N ALA D 743 104.59 2.79 -91.29
CA ALA D 743 103.65 2.33 -92.31
C ALA D 743 104.18 2.67 -93.70
N TYR D 744 104.04 1.70 -94.62
CA TYR D 744 104.50 1.84 -96.00
C TYR D 744 103.33 1.55 -96.94
N ASP D 745 103.28 2.30 -98.07
CA ASP D 745 102.28 2.13 -99.12
C ASP D 745 102.64 0.95 -100.04
N GLU D 746 101.82 0.75 -101.07
CA GLU D 746 101.98 -0.36 -102.01
C GLU D 746 103.35 -0.34 -102.69
N ASN D 747 103.85 0.86 -103.02
CA ASN D 747 105.15 1.04 -103.65
C ASN D 747 106.30 1.03 -102.64
N ASN D 748 105.97 0.77 -101.38
CA ASN D 748 106.95 0.61 -100.31
C ASN D 748 107.53 1.95 -99.85
N ARG D 749 107.02 3.07 -100.39
CA ARG D 749 107.28 4.41 -99.89
C ARG D 749 106.72 4.52 -98.46
N LEU D 750 107.57 4.96 -97.52
CA LEU D 750 107.16 5.18 -96.14
C LEU D 750 106.07 6.25 -96.09
N ILE D 751 105.08 6.03 -95.21
CA ILE D 751 104.04 7.03 -94.92
C ILE D 751 104.61 8.00 -93.89
N PRO D 752 104.69 9.32 -94.20
CA PRO D 752 105.32 10.31 -93.31
C PRO D 752 104.80 10.26 -91.88
N GLU D 753 105.68 10.44 -90.90
CA GLU D 753 105.42 10.20 -89.49
C GLU D 753 104.28 11.08 -88.97
N GLY D 754 104.20 12.32 -89.49
CA GLY D 754 103.21 13.29 -89.04
C GLY D 754 101.78 12.99 -89.49
N SER D 755 101.62 12.46 -90.72
CA SER D 755 100.36 12.45 -91.46
C SER D 755 99.38 11.36 -91.02
N THR D 756 99.80 10.42 -90.16
CA THR D 756 98.95 9.34 -89.72
C THR D 756 97.82 9.85 -88.82
N GLU D 757 96.71 9.09 -88.78
CA GLU D 757 95.61 9.31 -87.84
C GLU D 757 95.61 8.15 -86.83
N GLY D 758 95.25 8.45 -85.58
CA GLY D 758 95.31 7.49 -84.49
C GLY D 758 96.70 7.44 -83.89
N ASN D 759 96.85 6.67 -82.80
CA ASN D 759 98.09 6.56 -82.04
C ASN D 759 99.11 5.68 -82.77
N ALA D 760 100.11 6.34 -83.38
CA ALA D 760 101.19 5.69 -84.10
C ALA D 760 102.15 4.97 -83.15
N SER D 761 102.00 5.26 -81.84
CA SER D 761 102.82 4.70 -80.77
C SER D 761 102.12 4.86 -79.41
N VAL D 762 102.19 3.81 -78.59
CA VAL D 762 101.86 3.87 -77.17
C VAL D 762 103.18 3.89 -76.41
N THR D 763 103.15 4.39 -75.17
CA THR D 763 104.33 4.48 -74.33
C THR D 763 103.94 4.26 -72.87
N THR D 764 104.88 3.76 -72.05
CA THR D 764 104.65 3.61 -70.62
C THR D 764 104.66 5.00 -69.97
N THR D 765 103.60 5.31 -69.20
CA THR D 765 103.38 6.67 -68.71
C THR D 765 103.77 6.78 -67.24
N GLY D 766 104.08 8.02 -66.82
CA GLY D 766 104.31 8.36 -65.42
C GLY D 766 102.99 8.40 -64.67
N LYS D 767 103.04 8.84 -63.41
CA LYS D 767 101.81 9.04 -62.63
C LYS D 767 101.13 10.32 -63.12
N ALA D 768 99.83 10.43 -62.78
CA ALA D 768 99.00 11.56 -63.13
C ALA D 768 99.65 12.84 -62.64
N ALA D 769 99.83 13.82 -63.54
CA ALA D 769 100.60 15.02 -63.24
C ALA D 769 99.90 16.31 -63.71
N LYS D 770 99.42 16.34 -64.95
CA LYS D 770 98.80 17.55 -65.51
C LYS D 770 97.46 17.25 -66.16
N LEU D 771 96.62 18.29 -66.23
CA LEU D 771 95.46 18.35 -67.10
C LEU D 771 95.81 19.18 -68.34
N LYS D 772 95.60 18.60 -69.53
CA LYS D 772 95.61 19.32 -70.79
C LYS D 772 94.16 19.47 -71.25
N ALA D 773 93.73 20.70 -71.48
CA ALA D 773 92.36 21.01 -71.89
C ALA D 773 92.36 21.78 -73.22
N ASP D 774 91.62 21.26 -74.20
CA ASP D 774 91.40 21.96 -75.44
C ASP D 774 89.90 22.10 -75.70
N ALA D 775 89.50 23.25 -76.28
CA ALA D 775 88.13 23.53 -76.71
C ALA D 775 88.03 23.40 -78.23
N ASP D 776 86.98 22.71 -78.69
CA ASP D 776 86.86 22.33 -80.10
C ASP D 776 86.79 23.57 -80.99
N ARG D 777 86.04 24.59 -80.54
CA ARG D 777 85.96 25.85 -81.26
C ARG D 777 86.26 27.01 -80.31
N LYS D 778 87.22 27.86 -80.74
CA LYS D 778 87.73 28.92 -79.89
C LYS D 778 86.85 30.16 -80.01
N THR D 779 85.95 30.14 -81.02
CA THR D 779 84.94 31.17 -81.24
C THR D 779 83.60 30.51 -81.51
N ILE D 780 82.54 31.00 -80.86
CA ILE D 780 81.19 30.52 -81.02
C ILE D 780 80.24 31.71 -81.13
N THR D 781 78.97 31.46 -81.48
CA THR D 781 78.00 32.53 -81.67
C THR D 781 77.33 32.82 -80.33
N ALA D 782 77.11 34.12 -80.08
CA ALA D 782 76.49 34.58 -78.85
C ALA D 782 74.97 34.68 -79.04
N ASP D 783 74.32 33.51 -79.09
CA ASP D 783 72.91 33.40 -79.44
C ASP D 783 72.15 32.63 -78.36
N GLY D 784 72.88 32.16 -77.34
CA GLY D 784 72.30 31.35 -76.28
C GLY D 784 72.10 29.90 -76.72
N LYS D 785 72.77 29.54 -77.83
CA LYS D 785 72.55 28.29 -78.55
C LYS D 785 73.88 27.55 -78.75
N ASP D 786 74.82 28.18 -79.46
CA ASP D 786 76.09 27.57 -79.85
C ASP D 786 76.82 26.98 -78.64
N LEU D 787 77.59 25.90 -78.87
CA LEU D 787 78.35 25.24 -77.82
C LEU D 787 79.83 25.19 -78.18
N SER D 788 80.67 25.27 -77.14
CA SER D 788 82.07 24.86 -77.20
C SER D 788 82.26 23.58 -76.38
N TYR D 789 82.87 22.57 -77.00
CA TYR D 789 83.13 21.28 -76.37
C TYR D 789 84.58 21.25 -75.89
N ILE D 790 84.79 21.08 -74.58
CA ILE D 790 86.10 21.13 -73.95
C ILE D 790 86.52 19.74 -73.49
N GLU D 791 87.46 19.13 -74.22
CA GLU D 791 88.09 17.87 -73.87
C GLU D 791 89.17 18.18 -72.84
N VAL D 792 89.23 17.35 -71.79
CA VAL D 792 90.29 17.42 -70.79
C VAL D 792 90.90 16.02 -70.66
N ASP D 793 92.20 15.91 -70.99
CA ASP D 793 92.99 14.70 -70.80
C ASP D 793 93.80 14.82 -69.53
N VAL D 794 94.01 13.68 -68.85
CA VAL D 794 94.89 13.56 -67.71
C VAL D 794 96.19 12.92 -68.19
N THR D 795 97.27 13.73 -68.24
CA THR D 795 98.58 13.30 -68.72
C THR D 795 99.56 13.16 -67.56
N ASP D 796 100.69 12.49 -67.82
CA ASP D 796 101.86 12.48 -66.96
C ASP D 796 102.65 13.76 -67.22
N ALA D 797 103.85 13.86 -66.63
CA ALA D 797 104.65 15.07 -66.65
C ALA D 797 105.05 15.47 -68.08
N ASN D 798 105.10 14.49 -68.99
CA ASN D 798 105.57 14.67 -70.36
C ASN D 798 104.41 14.87 -71.32
N GLY D 799 103.17 14.68 -70.84
CA GLY D 799 101.98 14.92 -71.64
C GLY D 799 101.37 13.63 -72.20
N HIS D 800 101.81 12.47 -71.69
CA HIS D 800 101.27 11.18 -72.09
C HIS D 800 99.98 10.89 -71.32
N ILE D 801 98.87 10.70 -72.04
CA ILE D 801 97.57 10.46 -71.42
C ILE D 801 97.68 9.24 -70.52
N VAL D 802 97.21 9.35 -69.28
CA VAL D 802 97.37 8.24 -68.35
C VAL D 802 96.21 7.28 -68.52
N PRO D 803 96.48 6.04 -68.98
CA PRO D 803 95.44 5.06 -69.30
C PRO D 803 94.25 4.93 -68.35
N ASP D 804 94.50 4.82 -67.05
CA ASP D 804 93.43 4.44 -66.14
C ASP D 804 93.01 5.62 -65.25
N ALA D 805 93.58 6.80 -65.52
CA ALA D 805 93.30 8.01 -64.76
C ALA D 805 91.80 8.18 -64.56
N ALA D 806 91.38 8.46 -63.32
CA ALA D 806 89.97 8.67 -62.99
C ALA D 806 89.80 9.88 -62.07
N ASN D 807 90.75 10.83 -62.16
CA ASN D 807 90.84 11.98 -61.29
C ASN D 807 89.63 12.90 -61.51
N ARG D 808 88.88 13.17 -60.44
CA ARG D 808 87.75 14.09 -60.47
C ARG D 808 88.22 15.49 -60.88
N VAL D 809 87.65 15.99 -61.98
CA VAL D 809 88.01 17.30 -62.52
C VAL D 809 86.86 18.26 -62.24
N THR D 810 87.20 19.48 -61.83
CA THR D 810 86.25 20.53 -61.50
C THR D 810 86.45 21.69 -62.47
N PHE D 811 85.33 22.18 -63.02
CA PHE D 811 85.34 23.19 -64.06
C PHE D 811 84.89 24.52 -63.45
N ASP D 812 85.69 25.56 -63.72
CA ASP D 812 85.38 26.93 -63.35
C ASP D 812 85.08 27.70 -64.62
N VAL D 813 83.79 27.95 -64.91
CA VAL D 813 83.38 28.72 -66.06
C VAL D 813 83.07 30.16 -65.63
N LYS D 814 83.88 31.10 -66.12
CA LYS D 814 83.66 32.53 -65.91
C LYS D 814 83.61 33.21 -67.28
N GLY D 815 82.60 34.07 -67.48
CA GLY D 815 82.53 34.89 -68.68
C GLY D 815 81.14 34.87 -69.33
N ALA D 816 81.11 35.13 -70.65
CA ALA D 816 79.88 35.19 -71.43
C ALA D 816 79.45 33.81 -71.91
N GLY D 817 79.51 32.84 -70.99
CA GLY D 817 79.07 31.47 -71.18
C GLY D 817 78.48 30.88 -69.89
N LYS D 818 78.24 29.57 -69.90
CA LYS D 818 77.88 28.80 -68.71
C LYS D 818 77.96 27.30 -69.03
N LEU D 819 78.33 26.51 -68.02
CA LEU D 819 78.52 25.07 -68.21
C LEU D 819 77.17 24.38 -68.28
N VAL D 820 76.93 23.64 -69.38
CA VAL D 820 75.65 22.99 -69.60
C VAL D 820 75.77 21.47 -69.44
N GLY D 821 77.01 20.96 -69.46
CA GLY D 821 77.20 19.53 -69.21
C GLY D 821 78.65 19.16 -68.95
N VAL D 822 78.81 18.01 -68.27
CA VAL D 822 80.08 17.29 -68.09
C VAL D 822 79.83 15.80 -68.29
N ASP D 823 80.80 15.09 -68.89
CA ASP D 823 80.61 13.69 -69.30
C ASP D 823 81.94 12.98 -69.39
N ASN D 824 81.88 11.64 -69.31
CA ASN D 824 83.03 10.74 -69.48
C ASN D 824 82.66 9.48 -70.27
N GLY D 825 81.38 9.30 -70.59
CA GLY D 825 80.94 8.17 -71.40
C GLY D 825 81.11 6.85 -70.65
N SER D 826 81.15 6.96 -69.31
CA SER D 826 81.20 5.83 -68.41
C SER D 826 79.79 5.43 -68.01
N SER D 827 79.44 4.18 -68.35
CA SER D 827 78.07 3.72 -68.27
C SER D 827 77.56 3.72 -66.84
N PRO D 828 78.35 3.29 -65.84
CA PRO D 828 77.87 3.19 -64.47
C PRO D 828 78.10 4.42 -63.58
N ASP D 829 78.69 5.48 -64.15
CA ASP D 829 78.89 6.73 -63.42
C ASP D 829 77.56 7.49 -63.39
N HIS D 830 77.00 7.66 -62.18
CA HIS D 830 75.71 8.32 -62.01
C HIS D 830 75.85 9.79 -61.58
N ASP D 831 77.07 10.34 -61.56
CA ASP D 831 77.23 11.74 -61.19
C ASP D 831 76.38 12.61 -62.12
N SER D 832 75.78 13.66 -61.57
CA SER D 832 74.96 14.60 -62.31
C SER D 832 75.73 15.15 -63.52
N TYR D 833 75.03 15.16 -64.66
CA TYR D 833 75.51 15.73 -65.91
C TYR D 833 75.60 17.26 -65.79
N GLN D 834 74.73 17.81 -64.92
CA GLN D 834 74.59 19.24 -64.68
C GLN D 834 75.37 19.66 -63.44
N ALA D 835 76.53 19.03 -63.21
CA ALA D 835 77.42 19.37 -62.12
C ALA D 835 78.65 20.07 -62.68
N ASP D 836 79.49 20.63 -61.79
CA ASP D 836 80.65 21.40 -62.22
C ASP D 836 81.90 20.53 -62.15
N ASN D 837 81.71 19.24 -61.82
CA ASN D 837 82.80 18.30 -61.68
C ASN D 837 82.35 16.90 -62.13
N ARG D 838 83.33 16.11 -62.57
CA ARG D 838 83.09 14.71 -62.89
C ARG D 838 84.44 13.99 -62.96
N LYS D 839 84.43 12.71 -62.54
CA LYS D 839 85.61 11.87 -62.68
C LYS D 839 85.99 11.77 -64.15
N ALA D 840 87.28 11.87 -64.45
CA ALA D 840 87.78 11.37 -65.71
C ALA D 840 87.51 9.86 -65.78
N PHE D 841 87.50 9.34 -67.00
CA PHE D 841 87.40 7.90 -67.20
C PHE D 841 88.35 7.54 -68.32
N SER D 842 89.11 6.44 -68.14
CA SER D 842 90.20 6.14 -69.03
C SER D 842 90.88 7.42 -69.49
N GLY D 843 91.16 8.34 -68.55
CA GLY D 843 92.06 9.46 -68.77
C GLY D 843 91.45 10.64 -69.51
N LYS D 844 90.11 10.71 -69.55
CA LYS D 844 89.45 11.75 -70.31
C LYS D 844 88.17 12.18 -69.60
N VAL D 845 87.84 13.48 -69.74
CA VAL D 845 86.57 14.02 -69.30
C VAL D 845 86.19 15.19 -70.22
N LEU D 846 84.88 15.37 -70.42
CA LEU D 846 84.35 16.42 -71.30
C LEU D 846 83.53 17.41 -70.50
N ALA D 847 83.68 18.69 -70.85
CA ALA D 847 82.85 19.78 -70.37
C ALA D 847 82.28 20.53 -71.58
N ILE D 848 80.95 20.72 -71.57
CA ILE D 848 80.22 21.43 -72.63
C ILE D 848 79.79 22.79 -72.09
N VAL D 849 80.23 23.84 -72.79
CA VAL D 849 79.95 25.22 -72.40
C VAL D 849 79.09 25.86 -73.50
N GLN D 850 78.02 26.56 -73.08
CA GLN D 850 77.10 27.23 -73.99
C GLN D 850 77.27 28.75 -73.90
N SER D 851 76.98 29.45 -75.01
CA SER D 851 77.08 30.90 -75.07
C SER D 851 75.92 31.56 -74.35
N THR D 852 76.04 32.87 -74.14
CA THR D 852 74.93 33.73 -73.74
C THR D 852 74.47 34.50 -74.97
N LYS D 853 73.54 35.43 -74.78
CA LYS D 853 72.97 36.21 -75.88
C LYS D 853 73.67 37.56 -76.00
N GLU D 854 74.68 37.78 -75.13
CA GLU D 854 75.55 38.94 -75.22
C GLU D 854 76.96 38.46 -75.56
N ALA D 855 77.61 39.18 -76.47
CA ALA D 855 78.98 38.90 -76.88
C ALA D 855 79.91 39.00 -75.67
N GLY D 856 81.10 38.40 -75.77
CA GLY D 856 82.04 38.44 -74.67
C GLY D 856 83.15 37.41 -74.80
N GLU D 857 83.69 37.01 -73.64
CA GLU D 857 84.76 36.02 -73.54
C GLU D 857 84.38 35.00 -72.47
N ILE D 858 84.76 33.74 -72.70
CA ILE D 858 84.56 32.67 -71.71
C ILE D 858 85.95 32.14 -71.35
N THR D 859 86.24 32.17 -70.04
CA THR D 859 87.42 31.52 -69.49
C THR D 859 86.94 30.28 -68.74
N VAL D 860 87.48 29.12 -69.13
CA VAL D 860 87.16 27.87 -68.47
C VAL D 860 88.46 27.27 -67.93
N THR D 861 88.37 26.75 -66.69
CA THR D 861 89.52 26.25 -65.95
C THR D 861 89.24 24.86 -65.39
N ALA D 862 90.07 23.91 -65.82
CA ALA D 862 90.04 22.53 -65.38
C ALA D 862 91.02 22.39 -64.23
N LYS D 863 90.52 21.93 -63.08
CA LYS D 863 91.29 21.81 -61.85
C LYS D 863 91.04 20.43 -61.27
N ALA D 864 92.08 19.86 -60.64
CA ALA D 864 91.99 18.58 -59.95
C ALA D 864 93.12 18.47 -58.93
N ASP D 865 92.86 17.71 -57.85
CA ASP D 865 93.74 17.67 -56.71
C ASP D 865 95.13 17.18 -57.13
N GLY D 866 96.12 18.04 -56.96
CA GLY D 866 97.52 17.69 -57.11
C GLY D 866 97.98 17.61 -58.56
N LEU D 867 97.19 18.20 -59.48
CA LEU D 867 97.50 18.20 -60.91
C LEU D 867 97.50 19.63 -61.43
N GLN D 868 98.38 19.89 -62.40
CA GLN D 868 98.53 21.21 -62.99
C GLN D 868 97.26 21.58 -63.75
N SER D 869 96.60 22.66 -63.32
CA SER D 869 95.40 23.19 -63.95
C SER D 869 95.65 23.50 -65.43
N SER D 870 94.55 23.53 -66.20
CA SER D 870 94.55 23.97 -67.59
C SER D 870 93.38 24.93 -67.80
N THR D 871 93.59 25.91 -68.69
CA THR D 871 92.68 27.01 -68.91
C THR D 871 92.53 27.27 -70.40
N VAL D 872 91.27 27.46 -70.84
CA VAL D 872 90.94 27.71 -72.24
C VAL D 872 90.08 28.96 -72.32
N LYS D 873 90.25 29.72 -73.42
CA LYS D 873 89.50 30.94 -73.69
C LYS D 873 88.66 30.77 -74.96
N ILE D 874 87.38 31.12 -74.86
CA ILE D 874 86.41 31.01 -75.94
C ILE D 874 85.72 32.37 -76.08
N ALA D 875 85.76 32.93 -77.30
CA ALA D 875 85.15 34.21 -77.63
C ALA D 875 83.76 33.98 -78.23
N THR D 876 82.75 34.71 -77.73
CA THR D 876 81.40 34.66 -78.27
C THR D 876 81.14 35.95 -79.05
N THR D 877 80.82 35.82 -80.35
CA THR D 877 80.56 36.95 -81.24
C THR D 877 79.06 37.15 -81.40
N ALA D 878 78.63 38.42 -81.42
CA ALA D 878 77.21 38.75 -81.41
C ALA D 878 76.58 38.43 -82.75
N VAL D 879 75.26 38.16 -82.72
CA VAL D 879 74.48 37.80 -83.89
C VAL D 879 74.41 39.02 -84.81
N PRO D 880 74.70 38.88 -86.12
CA PRO D 880 74.69 40.01 -87.04
C PRO D 880 73.48 40.90 -86.84
N GLY D 881 73.75 42.21 -86.78
CA GLY D 881 72.72 43.22 -86.68
C GLY D 881 72.24 43.55 -85.28
N THR D 882 72.79 42.91 -84.23
CA THR D 882 72.46 43.33 -82.87
C THR D 882 73.17 44.66 -82.57
N SER D 883 72.46 45.61 -81.93
CA SER D 883 72.97 46.94 -81.64
C SER D 883 73.90 46.92 -80.43
N THR D 884 75.13 47.44 -80.59
CA THR D 884 76.08 47.48 -79.49
C THR D 884 75.60 48.46 -78.42
N GLU D 885 74.84 49.50 -78.81
CA GLU D 885 74.21 50.42 -77.87
C GLU D 885 73.09 49.74 -77.08
N LYS D 886 73.00 50.09 -75.77
CA LYS D 886 72.33 49.28 -74.76
C LYS D 886 70.84 49.31 -75.01
N THR D 887 70.20 48.14 -74.82
CA THR D 887 68.77 47.93 -75.05
C THR D 887 68.15 47.40 -73.75
N VAL D 888 66.82 47.50 -73.63
CA VAL D 888 66.09 46.94 -72.49
C VAL D 888 66.01 45.41 -72.66
N ARG D 889 66.39 44.64 -71.62
CA ARG D 889 66.41 43.17 -71.69
C ARG D 889 65.17 42.58 -71.02
N SER D 890 64.95 42.90 -69.74
CA SER D 890 63.88 42.32 -68.94
C SER D 890 63.59 43.20 -67.72
N PHE D 891 62.45 42.92 -67.07
CA PHE D 891 62.00 43.63 -65.88
C PHE D 891 61.79 42.65 -64.74
N TYR D 892 62.34 42.96 -63.55
CA TYR D 892 62.24 42.13 -62.36
C TYR D 892 61.22 42.75 -61.39
N TYR D 893 60.06 42.10 -61.26
CA TYR D 893 58.94 42.56 -60.46
C TYR D 893 57.89 41.46 -60.31
N SER D 894 56.98 41.64 -59.36
CA SER D 894 55.85 40.74 -59.17
C SER D 894 54.70 41.18 -60.07
N ARG D 895 54.16 40.24 -60.87
CA ARG D 895 53.15 40.60 -61.85
C ARG D 895 51.77 40.10 -61.45
N ASN D 896 51.68 39.37 -60.33
CA ASN D 896 50.42 38.77 -59.90
C ASN D 896 50.05 39.33 -58.53
N TYR D 897 48.84 39.92 -58.45
CA TYR D 897 48.29 40.55 -57.25
C TYR D 897 46.88 40.03 -57.02
N TYR D 898 46.64 39.50 -55.81
CA TYR D 898 45.31 39.16 -55.33
C TYR D 898 44.93 40.12 -54.21
N VAL D 899 43.92 40.96 -54.47
CA VAL D 899 43.51 42.00 -53.54
C VAL D 899 42.09 41.69 -53.05
N LYS D 900 41.85 41.93 -51.76
CA LYS D 900 40.52 41.80 -51.18
C LYS D 900 39.61 42.86 -51.80
N THR D 901 38.34 42.50 -52.05
CA THR D 901 37.39 43.39 -52.71
C THR D 901 37.17 44.62 -51.82
N GLY D 902 36.92 45.77 -52.48
CA GLY D 902 36.74 47.03 -51.78
C GLY D 902 38.06 47.71 -51.43
N ASN D 903 39.19 47.02 -51.60
CA ASN D 903 40.50 47.60 -51.35
C ASN D 903 41.18 47.91 -52.69
N LYS D 904 41.78 49.10 -52.76
CA LYS D 904 42.55 49.56 -53.90
C LYS D 904 43.81 48.71 -54.06
N PRO D 905 44.17 48.33 -55.32
CA PRO D 905 45.40 47.57 -55.55
C PRO D 905 46.64 48.44 -55.32
N ILE D 906 47.54 48.00 -54.41
CA ILE D 906 48.78 48.71 -54.17
C ILE D 906 49.85 48.13 -55.11
N LEU D 907 50.20 48.88 -56.15
CA LEU D 907 51.19 48.46 -57.14
C LEU D 907 52.53 49.08 -56.76
N PRO D 908 53.69 48.52 -57.21
CA PRO D 908 54.99 49.07 -56.83
C PRO D 908 55.31 50.33 -57.62
N SER D 909 55.99 51.28 -56.98
CA SER D 909 56.35 52.55 -57.60
C SER D 909 57.46 52.36 -58.64
N ASP D 910 58.40 51.46 -58.34
CA ASP D 910 59.58 51.22 -59.18
C ASP D 910 59.75 49.72 -59.44
N VAL D 911 60.45 49.42 -60.55
CA VAL D 911 60.72 48.07 -61.03
C VAL D 911 62.18 48.02 -61.50
N GLU D 912 62.88 46.92 -61.19
CA GLU D 912 64.24 46.71 -61.65
C GLU D 912 64.25 46.39 -63.14
N VAL D 913 65.05 47.14 -63.91
CA VAL D 913 65.21 46.97 -65.34
C VAL D 913 66.62 46.42 -65.60
N ARG D 914 66.72 45.45 -66.52
CA ARG D 914 67.98 44.93 -67.01
C ARG D 914 68.21 45.40 -68.45
N TYR D 915 69.50 45.45 -68.84
CA TYR D 915 69.93 45.93 -70.14
C TYR D 915 70.88 44.92 -70.78
N SER D 916 71.18 45.14 -72.07
CA SER D 916 72.08 44.28 -72.83
C SER D 916 73.45 44.20 -72.16
N ASP D 917 73.89 45.29 -71.51
CA ASP D 917 75.15 45.36 -70.79
C ASP D 917 75.16 44.43 -69.58
N GLY D 918 73.98 43.96 -69.16
CA GLY D 918 73.86 43.22 -67.90
C GLY D 918 73.75 44.15 -66.70
N THR D 919 73.61 45.46 -66.98
CA THR D 919 73.43 46.50 -65.97
C THR D 919 71.98 46.48 -65.49
N SER D 920 71.76 46.89 -64.23
CA SER D 920 70.45 46.89 -63.60
C SER D 920 70.17 48.24 -62.94
N ASP D 921 69.14 48.95 -63.45
CA ASP D 921 68.60 50.16 -62.82
C ASP D 921 67.28 49.86 -62.13
N ARG D 922 66.77 50.83 -61.35
CA ARG D 922 65.45 50.72 -60.74
C ARG D 922 64.63 51.97 -61.11
N GLN D 923 64.05 51.96 -62.31
CA GLN D 923 63.31 53.12 -62.79
C GLN D 923 61.83 53.01 -62.41
N ASN D 924 61.13 54.14 -62.46
CA ASN D 924 59.78 54.28 -61.95
C ASN D 924 58.77 53.86 -63.03
N VAL D 925 57.56 53.48 -62.58
CA VAL D 925 56.47 53.00 -63.41
C VAL D 925 55.24 53.88 -63.19
N THR D 926 54.65 54.33 -64.29
CA THR D 926 53.42 55.12 -64.29
C THR D 926 52.23 54.23 -64.63
N TRP D 927 51.52 53.77 -63.59
CA TRP D 927 50.47 52.77 -63.74
C TRP D 927 49.17 53.43 -64.19
N ASP D 928 48.37 52.70 -64.99
CA ASP D 928 47.07 53.15 -65.43
C ASP D 928 46.09 53.10 -64.27
N ALA D 929 45.00 53.87 -64.41
CA ALA D 929 44.01 54.03 -63.36
C ALA D 929 43.15 52.77 -63.27
N VAL D 930 42.67 52.48 -62.04
CA VAL D 930 41.87 51.31 -61.72
C VAL D 930 40.45 51.77 -61.41
N SER D 931 39.45 51.26 -62.15
CA SER D 931 38.06 51.66 -62.02
C SER D 931 37.55 51.35 -60.62
N ASP D 932 36.68 52.23 -60.09
CA ASP D 932 36.02 52.03 -58.81
C ASP D 932 35.18 50.76 -58.87
N ASP D 933 34.48 50.57 -60.01
CA ASP D 933 33.71 49.38 -60.33
C ASP D 933 34.55 48.13 -60.19
N GLN D 934 35.75 48.19 -60.76
CA GLN D 934 36.70 47.08 -60.79
C GLN D 934 37.09 46.65 -59.38
N ILE D 935 37.24 47.62 -58.46
CA ILE D 935 37.75 47.37 -57.11
C ILE D 935 36.80 46.47 -56.32
N ALA D 936 35.48 46.67 -56.48
CA ALA D 936 34.49 45.88 -55.77
C ALA D 936 33.89 44.76 -56.65
N LYS D 937 34.45 44.56 -57.86
CA LYS D 937 33.89 43.68 -58.87
C LYS D 937 34.05 42.19 -58.51
N ALA D 938 35.10 41.86 -57.76
CA ALA D 938 35.38 40.49 -57.33
C ALA D 938 35.66 39.57 -58.53
N GLY D 939 36.50 40.04 -59.45
CA GLY D 939 36.94 39.26 -60.60
C GLY D 939 38.40 39.55 -60.94
N SER D 940 38.88 39.08 -62.11
CA SER D 940 40.24 39.35 -62.54
C SER D 940 40.26 40.39 -63.66
N PHE D 941 41.34 41.19 -63.69
CA PHE D 941 41.63 42.19 -64.74
C PHE D 941 43.14 42.46 -64.78
N SER D 942 43.60 43.10 -65.86
CA SER D 942 44.99 43.48 -66.04
C SER D 942 45.18 44.99 -65.95
N VAL D 943 46.39 45.44 -65.59
CA VAL D 943 46.75 46.84 -65.41
C VAL D 943 48.07 47.11 -66.14
N ALA D 944 48.07 48.16 -66.99
CA ALA D 944 49.23 48.57 -67.76
C ALA D 944 50.00 49.68 -67.05
N GLY D 945 51.33 49.72 -67.27
CA GLY D 945 52.23 50.77 -66.84
C GLY D 945 53.27 51.02 -67.92
N THR D 946 54.16 52.01 -67.73
CA THR D 946 55.20 52.33 -68.72
C THR D 946 56.52 52.59 -68.00
N VAL D 947 57.59 51.94 -68.49
CA VAL D 947 58.97 52.14 -68.03
C VAL D 947 59.90 52.02 -69.23
N ALA D 948 60.96 52.85 -69.24
CA ALA D 948 61.93 52.96 -70.32
C ALA D 948 61.25 52.78 -71.69
N GLY D 949 60.09 53.42 -71.84
CA GLY D 949 59.33 53.49 -73.09
C GLY D 949 58.79 52.14 -73.56
N GLN D 950 58.67 51.15 -72.66
CA GLN D 950 58.02 49.89 -72.98
C GLN D 950 56.84 49.70 -72.02
N LYS D 951 55.84 48.90 -72.43
CA LYS D 951 54.63 48.65 -71.67
C LYS D 951 54.74 47.39 -70.83
N ILE D 952 54.67 47.56 -69.49
CA ILE D 952 54.60 46.47 -68.54
C ILE D 952 53.12 46.26 -68.20
N SER D 953 52.77 45.07 -67.70
CA SER D 953 51.42 44.76 -67.26
C SER D 953 51.46 43.91 -65.99
N VAL D 954 50.37 44.00 -65.23
CA VAL D 954 50.17 43.25 -63.99
C VAL D 954 48.74 42.71 -63.98
N ARG D 955 48.59 41.47 -63.51
CA ARG D 955 47.30 40.81 -63.40
C ARG D 955 46.82 40.92 -61.96
N VAL D 956 45.58 41.44 -61.80
CA VAL D 956 44.96 41.61 -60.50
C VAL D 956 43.65 40.82 -60.48
N THR D 957 43.52 39.96 -59.45
CA THR D 957 42.30 39.21 -59.19
C THR D 957 41.71 39.66 -57.85
N MET D 958 40.46 40.10 -57.87
CA MET D 958 39.74 40.61 -56.70
C MET D 958 38.96 39.46 -56.06
N ILE D 959 39.11 39.31 -54.73
CA ILE D 959 38.56 38.19 -54.00
C ILE D 959 37.70 38.70 -52.86
N ASP D 960 36.45 38.26 -52.88
CA ASP D 960 35.39 38.66 -51.99
C ASP D 960 35.56 37.99 -50.63
N GLU D 961 35.66 36.64 -50.63
CA GLU D 961 35.89 35.81 -49.46
C GLU D 961 35.99 34.35 -49.92
N ILE D 962 36.78 33.54 -49.21
CA ILE D 962 37.09 32.17 -49.59
C ILE D 962 36.55 31.21 -48.53
N GLY D 963 35.66 30.31 -48.97
CA GLY D 963 35.06 29.25 -48.19
C GLY D 963 36.09 28.28 -47.62
N ALA D 964 36.89 27.66 -48.51
CA ALA D 964 37.92 26.71 -48.13
C ALA D 964 38.88 26.46 -49.30
N LEU D 965 40.01 25.78 -49.00
CA LEU D 965 40.95 25.35 -50.02
C LEU D 965 40.70 23.87 -50.33
N LEU D 966 40.65 23.55 -51.64
CA LEU D 966 40.34 22.21 -52.09
C LEU D 966 41.34 21.19 -51.53
N ASN D 967 40.82 20.08 -51.02
CA ASN D 967 41.64 18.97 -50.54
C ASN D 967 42.26 18.25 -51.74
N TYR D 968 43.27 17.40 -51.46
CA TYR D 968 44.05 16.71 -52.47
C TYR D 968 44.03 15.21 -52.24
N SER D 969 44.10 14.47 -53.34
CA SER D 969 44.21 13.02 -53.35
C SER D 969 45.13 12.60 -54.48
N ALA D 970 45.96 11.57 -54.25
CA ALA D 970 46.82 10.96 -55.27
C ALA D 970 47.02 9.47 -54.97
N SER D 971 47.78 8.82 -55.84
CA SER D 971 48.27 7.46 -55.65
C SER D 971 49.78 7.45 -55.86
N THR D 972 50.47 6.59 -55.11
CA THR D 972 51.90 6.43 -55.29
C THR D 972 52.23 4.94 -55.26
N PRO D 973 53.23 4.48 -56.04
CA PRO D 973 53.73 3.12 -55.90
C PRO D 973 54.35 2.92 -54.51
N VAL D 974 54.19 1.72 -53.96
CA VAL D 974 54.90 1.34 -52.73
C VAL D 974 56.40 1.57 -52.97
N GLY D 975 57.05 2.23 -52.01
CA GLY D 975 58.48 2.43 -52.10
C GLY D 975 58.85 3.79 -52.69
N THR D 976 57.86 4.48 -53.28
CA THR D 976 58.06 5.82 -53.81
C THR D 976 57.19 6.80 -53.02
N PRO D 977 57.80 7.75 -52.25
CA PRO D 977 57.03 8.72 -51.50
C PRO D 977 56.26 9.63 -52.45
N ALA D 978 55.02 9.98 -52.08
CA ALA D 978 54.15 10.86 -52.83
C ALA D 978 54.74 12.27 -52.91
N VAL D 979 54.67 12.88 -54.10
CA VAL D 979 55.03 14.29 -54.26
C VAL D 979 53.79 15.15 -54.02
N LEU D 980 53.82 15.93 -52.93
CA LEU D 980 52.67 16.71 -52.50
C LEU D 980 52.66 18.07 -53.23
N PRO D 981 51.47 18.59 -53.61
CA PRO D 981 51.37 19.84 -54.37
C PRO D 981 52.03 21.02 -53.67
N GLY D 982 52.67 21.90 -54.45
CA GLY D 982 53.21 23.16 -53.95
C GLY D 982 52.14 24.07 -53.35
N SER D 983 50.91 23.99 -53.88
CA SER D 983 49.79 24.87 -53.60
C SER D 983 48.48 24.12 -53.79
N ARG D 984 47.37 24.70 -53.32
CA ARG D 984 46.02 24.15 -53.51
C ARG D 984 45.06 25.27 -53.89
N PRO D 985 44.08 24.99 -54.79
CA PRO D 985 43.13 26.01 -55.25
C PRO D 985 42.16 26.45 -54.17
N ALA D 986 41.53 27.62 -54.39
CA ALA D 986 40.57 28.20 -53.46
C ALA D 986 39.15 27.98 -53.97
N VAL D 987 38.25 27.64 -53.03
CA VAL D 987 36.84 27.46 -53.34
C VAL D 987 36.04 28.52 -52.59
N LEU D 988 35.17 29.24 -53.31
CA LEU D 988 34.30 30.27 -52.76
C LEU D 988 33.21 29.61 -51.91
N PRO D 989 32.45 30.36 -51.06
CA PRO D 989 31.27 29.79 -50.40
C PRO D 989 30.27 29.30 -51.46
N ASP D 990 30.25 29.98 -52.61
CA ASP D 990 29.64 29.54 -53.86
C ASP D 990 30.41 28.31 -54.35
N GLY D 991 29.72 27.39 -55.04
CA GLY D 991 30.33 26.18 -55.57
C GLY D 991 31.70 26.40 -56.27
N THR D 992 31.88 27.58 -56.86
CA THR D 992 32.93 27.85 -57.85
C THR D 992 34.30 27.58 -57.24
N VAL D 993 35.15 26.91 -58.04
CA VAL D 993 36.54 26.65 -57.74
C VAL D 993 37.40 27.63 -58.55
N THR D 994 38.25 28.41 -57.86
CA THR D 994 39.07 29.44 -58.48
C THR D 994 40.31 28.82 -59.10
N SER D 995 40.91 29.50 -60.09
CA SER D 995 42.20 29.09 -60.64
C SER D 995 43.34 29.72 -59.84
N ALA D 996 42.96 30.42 -58.75
CA ALA D 996 43.89 31.00 -57.79
C ALA D 996 44.29 29.97 -56.74
N ASN D 997 45.61 29.70 -56.66
CA ASN D 997 46.20 28.66 -55.81
C ASN D 997 47.03 29.33 -54.72
N PHE D 998 46.99 28.76 -53.51
CA PHE D 998 47.66 29.29 -52.34
C PHE D 998 48.62 28.26 -51.76
N ALA D 999 49.87 28.70 -51.51
CA ALA D 999 50.98 27.87 -51.06
C ALA D 999 50.63 27.14 -49.76
N VAL D 1000 50.87 25.82 -49.72
CA VAL D 1000 50.55 24.97 -48.58
C VAL D 1000 51.84 24.45 -47.95
N ASP D 1001 51.88 24.42 -46.61
CA ASP D 1001 52.96 23.80 -45.85
C ASP D 1001 52.43 22.52 -45.21
N TRP D 1002 53.06 21.38 -45.58
CA TRP D 1002 52.65 20.05 -45.16
C TRP D 1002 53.47 19.58 -43.97
N THR D 1003 52.77 19.02 -42.99
CA THR D 1003 53.38 18.31 -41.87
C THR D 1003 53.62 16.86 -42.29
N LYS D 1004 54.74 16.64 -42.99
CA LYS D 1004 55.07 15.42 -43.72
C LYS D 1004 55.43 14.27 -42.78
N PRO D 1005 54.75 13.10 -42.83
CA PRO D 1005 55.24 11.87 -42.18
C PRO D 1005 56.60 11.43 -42.71
N ALA D 1006 57.17 10.36 -42.13
CA ALA D 1006 58.44 9.80 -42.57
C ALA D 1006 58.27 9.09 -43.92
N ASP D 1007 59.36 9.03 -44.70
CA ASP D 1007 59.38 8.41 -46.01
C ASP D 1007 59.04 6.93 -45.92
N THR D 1008 59.34 6.35 -44.75
CA THR D 1008 59.15 4.94 -44.49
C THR D 1008 57.68 4.55 -44.57
N VAL D 1009 56.76 5.50 -44.30
CA VAL D 1009 55.33 5.24 -44.25
C VAL D 1009 54.82 4.75 -45.62
N TYR D 1010 55.49 5.19 -46.69
CA TYR D 1010 55.11 4.88 -48.07
C TYR D 1010 55.65 3.52 -48.51
N ASN D 1011 56.24 2.76 -47.58
CA ASN D 1011 56.90 1.50 -47.92
C ASN D 1011 55.99 0.32 -47.59
N THR D 1012 54.72 0.59 -47.29
CA THR D 1012 53.71 -0.47 -47.20
C THR D 1012 52.41 0.00 -47.85
N ALA D 1013 51.66 -0.98 -48.35
CA ALA D 1013 50.38 -0.77 -48.99
C ALA D 1013 49.35 -0.30 -47.97
N GLY D 1014 48.49 0.65 -48.39
CA GLY D 1014 47.45 1.23 -47.55
C GLY D 1014 47.25 2.70 -47.90
N THR D 1015 46.34 3.37 -47.17
CA THR D 1015 46.10 4.80 -47.34
C THR D 1015 46.89 5.56 -46.28
N VAL D 1016 47.29 6.81 -46.59
CA VAL D 1016 48.12 7.68 -45.77
C VAL D 1016 47.58 9.12 -45.83
N LYS D 1017 47.22 9.71 -44.67
CA LYS D 1017 46.75 11.09 -44.58
C LYS D 1017 47.90 12.00 -44.15
N VAL D 1018 48.02 13.16 -44.84
CA VAL D 1018 49.04 14.17 -44.55
C VAL D 1018 48.35 15.52 -44.35
N PRO D 1019 48.43 16.13 -43.15
CA PRO D 1019 47.86 17.46 -42.92
C PRO D 1019 48.78 18.58 -43.43
N GLY D 1020 48.16 19.67 -43.88
CA GLY D 1020 48.86 20.86 -44.34
C GLY D 1020 47.96 22.09 -44.25
N THR D 1021 48.59 23.25 -44.04
CA THR D 1021 47.88 24.50 -43.82
C THR D 1021 48.51 25.62 -44.64
N ALA D 1022 47.66 26.55 -45.07
CA ALA D 1022 48.04 27.72 -45.84
C ALA D 1022 47.31 28.94 -45.29
N THR D 1023 48.05 30.06 -45.22
CA THR D 1023 47.52 31.32 -44.70
C THR D 1023 47.09 32.19 -45.87
N VAL D 1024 45.77 32.36 -46.02
CA VAL D 1024 45.14 33.11 -47.10
C VAL D 1024 44.54 34.39 -46.51
N PHE D 1025 45.12 35.54 -46.89
CA PHE D 1025 44.82 36.83 -46.30
C PHE D 1025 44.90 36.76 -44.78
N GLY D 1026 45.98 36.15 -44.26
CA GLY D 1026 46.20 36.05 -42.83
C GLY D 1026 45.46 34.89 -42.15
N LYS D 1027 44.32 34.48 -42.75
CA LYS D 1027 43.45 33.44 -42.21
C LYS D 1027 43.91 32.06 -42.70
N GLU D 1028 44.39 31.24 -41.75
CA GLU D 1028 44.93 29.92 -42.02
C GLU D 1028 43.79 28.95 -42.34
N PHE D 1029 44.00 28.12 -43.36
CA PHE D 1029 43.06 27.09 -43.78
C PHE D 1029 43.70 25.70 -43.65
N LYS D 1030 42.88 24.70 -43.26
CA LYS D 1030 43.33 23.34 -42.98
C LYS D 1030 42.95 22.42 -44.15
N VAL D 1031 43.97 21.76 -44.73
CA VAL D 1031 43.85 20.90 -45.91
C VAL D 1031 44.38 19.50 -45.57
N THR D 1032 43.73 18.47 -46.13
CA THR D 1032 44.15 17.09 -45.98
C THR D 1032 44.48 16.51 -47.36
N ALA D 1033 45.68 15.93 -47.47
CA ALA D 1033 46.09 15.11 -48.59
C ALA D 1033 46.02 13.63 -48.23
N THR D 1034 45.12 12.90 -48.89
CA THR D 1034 44.94 11.47 -48.74
C THR D 1034 45.60 10.74 -49.92
N ILE D 1035 46.76 10.12 -49.67
CA ILE D 1035 47.50 9.39 -50.71
C ILE D 1035 47.31 7.89 -50.50
N ARG D 1036 47.10 7.15 -51.60
CA ARG D 1036 46.93 5.69 -51.55
C ARG D 1036 48.20 5.03 -52.09
N VAL D 1037 48.88 4.24 -51.25
CA VAL D 1037 50.08 3.52 -51.67
C VAL D 1037 49.64 2.17 -52.25
N GLN D 1038 50.10 1.85 -53.47
CA GLN D 1038 49.64 0.67 -54.19
C GLN D 1038 50.83 -0.13 -54.74
N ARG D 1039 50.62 -1.44 -54.91
CA ARG D 1039 51.56 -2.34 -55.55
C ARG D 1039 51.28 -2.41 -57.05
N SER D 1040 52.27 -2.79 -57.87
CA SER D 1040 52.06 -2.95 -59.31
C SER D 1040 50.95 -3.96 -59.55
N GLN D 1041 50.19 -3.78 -60.63
CA GLN D 1041 49.17 -4.73 -61.03
C GLN D 1041 49.69 -5.54 -62.23
N VAL D 1042 50.00 -6.83 -61.98
CA VAL D 1042 50.60 -7.72 -62.97
C VAL D 1042 49.52 -8.46 -63.76
N THR D 1043 49.66 -8.47 -65.10
CA THR D 1043 48.83 -9.27 -65.98
C THR D 1043 49.72 -10.19 -66.82
N ILE D 1044 49.41 -11.51 -66.84
CA ILE D 1044 50.24 -12.50 -67.51
C ILE D 1044 49.78 -12.60 -68.96
N GLY D 1045 50.73 -12.57 -69.91
CA GLY D 1045 50.47 -12.61 -71.34
C GLY D 1045 50.53 -14.03 -71.92
N SER D 1046 50.90 -14.13 -73.19
CA SER D 1046 50.95 -15.39 -73.93
C SER D 1046 52.40 -15.85 -74.09
N SER D 1047 52.59 -17.10 -74.55
CA SER D 1047 53.90 -17.71 -74.74
C SER D 1047 54.72 -16.89 -75.73
N VAL D 1048 56.03 -16.83 -75.54
CA VAL D 1048 56.93 -16.19 -76.49
C VAL D 1048 58.04 -17.18 -76.83
N SER D 1049 57.77 -18.46 -76.63
CA SER D 1049 58.74 -19.50 -76.90
C SER D 1049 59.10 -19.49 -78.39
N GLY D 1050 58.08 -19.25 -79.23
CA GLY D 1050 58.22 -19.06 -80.66
C GLY D 1050 59.32 -18.06 -81.04
N ASN D 1051 59.41 -16.92 -80.34
CA ASN D 1051 60.32 -15.85 -80.72
C ASN D 1051 61.77 -16.11 -80.27
N ALA D 1052 62.08 -17.33 -79.82
CA ALA D 1052 63.43 -17.61 -79.35
C ALA D 1052 64.46 -17.41 -80.48
N LEU D 1053 65.56 -16.70 -80.19
CA LEU D 1053 66.66 -16.57 -81.11
C LEU D 1053 67.39 -17.89 -81.31
N ARG D 1054 67.53 -18.68 -80.23
CA ARG D 1054 68.20 -19.97 -80.27
C ARG D 1054 67.61 -20.88 -79.18
N LEU D 1055 67.59 -22.18 -79.47
CA LEU D 1055 67.11 -23.19 -78.53
C LEU D 1055 68.07 -24.38 -78.59
N THR D 1056 69.00 -24.44 -77.63
CA THR D 1056 70.05 -25.45 -77.61
C THR D 1056 69.74 -26.52 -76.57
N GLN D 1057 70.66 -27.51 -76.46
CA GLN D 1057 70.52 -28.69 -75.62
C GLN D 1057 71.86 -28.96 -74.93
N ASN D 1058 71.81 -29.49 -73.70
CA ASN D 1058 73.01 -29.83 -72.94
C ASN D 1058 73.72 -30.99 -73.62
N ILE D 1059 72.90 -31.93 -74.12
CA ILE D 1059 73.29 -33.24 -74.58
C ILE D 1059 74.13 -33.11 -75.86
N PRO D 1060 75.29 -33.82 -75.97
CA PRO D 1060 76.09 -33.80 -77.21
C PRO D 1060 75.28 -34.32 -78.39
N ALA D 1061 75.74 -33.96 -79.59
CA ALA D 1061 75.01 -34.15 -80.83
C ALA D 1061 74.62 -35.63 -81.06
N ASP D 1062 75.57 -36.55 -80.84
CA ASP D 1062 75.43 -37.96 -81.19
C ASP D 1062 74.42 -38.66 -80.27
N LYS D 1063 74.25 -38.16 -79.04
CA LYS D 1063 73.46 -38.81 -78.01
C LYS D 1063 72.08 -38.15 -77.84
N GLN D 1064 71.67 -37.31 -78.81
CA GLN D 1064 70.38 -36.64 -78.75
C GLN D 1064 69.29 -37.56 -79.29
N SER D 1065 68.07 -37.41 -78.75
CA SER D 1065 66.94 -38.23 -79.19
C SER D 1065 65.71 -37.34 -79.35
N ASP D 1066 64.95 -37.58 -80.42
CA ASP D 1066 63.72 -36.87 -80.73
C ASP D 1066 64.02 -35.41 -81.08
N THR D 1067 62.99 -34.61 -81.36
CA THR D 1067 63.16 -33.28 -81.96
C THR D 1067 62.98 -32.19 -80.91
N LEU D 1068 64.01 -31.35 -80.75
CA LEU D 1068 64.03 -30.31 -79.73
C LEU D 1068 63.07 -29.17 -80.10
N ASP D 1069 63.18 -28.67 -81.35
CA ASP D 1069 62.45 -27.50 -81.82
C ASP D 1069 60.95 -27.69 -81.65
N ALA D 1070 60.54 -28.91 -81.30
CA ALA D 1070 59.14 -29.26 -81.13
C ALA D 1070 58.55 -28.52 -79.94
N ILE D 1071 59.41 -28.05 -79.02
CA ILE D 1071 58.94 -27.57 -77.73
C ILE D 1071 58.50 -26.10 -77.81
N LYS D 1072 58.71 -25.46 -78.96
CA LYS D 1072 58.27 -24.08 -79.22
C LYS D 1072 57.30 -24.00 -80.40
N ASP D 1073 56.81 -25.16 -80.86
CA ASP D 1073 55.97 -25.24 -82.04
C ASP D 1073 54.52 -24.86 -81.74
N GLY D 1074 54.20 -24.58 -80.48
CA GLY D 1074 52.88 -24.09 -80.11
C GLY D 1074 51.83 -25.19 -79.94
N SER D 1075 52.20 -26.47 -80.09
CA SER D 1075 51.31 -27.60 -79.84
C SER D 1075 51.78 -28.40 -78.62
N THR D 1076 50.84 -28.99 -77.86
CA THR D 1076 51.14 -29.61 -76.57
C THR D 1076 51.03 -31.13 -76.61
N THR D 1077 50.43 -31.70 -77.67
CA THR D 1077 50.06 -33.11 -77.73
C THR D 1077 51.26 -33.96 -78.17
N VAL D 1078 51.22 -35.28 -77.86
CA VAL D 1078 52.23 -36.22 -78.32
C VAL D 1078 51.68 -37.10 -79.42
N ASP D 1079 52.46 -37.23 -80.50
CA ASP D 1079 52.28 -38.32 -81.46
C ASP D 1079 52.78 -39.58 -80.78
N ALA D 1080 52.00 -40.67 -80.89
CA ALA D 1080 52.29 -41.94 -80.26
C ALA D 1080 53.59 -42.54 -80.82
N ASN D 1081 53.95 -42.16 -82.07
CA ASN D 1081 55.20 -42.55 -82.74
C ASN D 1081 55.41 -44.05 -82.60
N THR D 1082 54.34 -44.83 -82.86
CA THR D 1082 54.36 -46.28 -82.72
C THR D 1082 55.02 -46.85 -83.97
N GLY D 1083 55.97 -47.79 -83.77
CA GLY D 1083 56.91 -48.24 -84.78
C GLY D 1083 57.65 -47.08 -85.48
N GLY D 1084 57.93 -46.04 -84.70
CA GLY D 1084 58.52 -44.81 -85.20
C GLY D 1084 59.95 -44.64 -84.70
N GLY D 1085 60.73 -43.80 -85.40
CA GLY D 1085 62.08 -43.41 -85.01
C GLY D 1085 62.02 -42.12 -84.18
N ALA D 1086 62.74 -41.06 -84.58
CA ALA D 1086 62.63 -39.75 -83.96
C ALA D 1086 61.17 -39.29 -83.91
N ASN D 1087 60.70 -38.85 -82.73
CA ASN D 1087 59.35 -38.32 -82.54
C ASN D 1087 59.37 -36.85 -82.98
N PRO D 1088 58.51 -36.46 -83.95
CA PRO D 1088 58.50 -35.09 -84.45
C PRO D 1088 57.73 -34.12 -83.55
N SER D 1089 57.00 -34.66 -82.57
CA SER D 1089 56.06 -33.86 -81.77
C SER D 1089 56.68 -33.40 -80.45
N ALA D 1090 57.76 -34.06 -80.02
CA ALA D 1090 58.26 -33.90 -78.67
C ALA D 1090 59.78 -34.08 -78.61
N TRP D 1091 60.34 -33.69 -77.47
CA TRP D 1091 61.74 -33.91 -77.11
C TRP D 1091 61.81 -34.88 -75.93
N THR D 1092 62.95 -35.60 -75.84
CA THR D 1092 63.25 -36.48 -74.71
C THR D 1092 64.76 -36.50 -74.53
N ASN D 1093 65.22 -37.19 -73.47
CA ASN D 1093 66.64 -37.41 -73.24
C ASN D 1093 66.95 -38.91 -73.24
N TRP D 1094 66.07 -39.71 -73.88
CA TRP D 1094 66.15 -41.17 -73.89
C TRP D 1094 67.59 -41.64 -74.13
N ALA D 1095 68.19 -41.18 -75.23
CA ALA D 1095 69.55 -41.53 -75.58
C ALA D 1095 70.51 -41.28 -74.42
N TYR D 1096 70.54 -40.04 -73.92
CA TYR D 1096 71.47 -39.64 -72.87
C TYR D 1096 71.14 -40.33 -71.55
N SER D 1097 69.86 -40.62 -71.31
CA SER D 1097 69.36 -41.38 -70.17
C SER D 1097 69.95 -42.80 -70.18
N LYS D 1098 69.88 -43.47 -71.34
CA LYS D 1098 70.38 -44.82 -71.54
C LYS D 1098 71.87 -44.88 -71.23
N ALA D 1099 72.61 -43.87 -71.70
CA ALA D 1099 74.02 -43.69 -71.42
C ALA D 1099 74.27 -43.34 -69.95
N GLY D 1100 73.20 -43.34 -69.15
CA GLY D 1100 73.26 -43.20 -67.70
C GLY D 1100 73.38 -41.75 -67.19
N HIS D 1101 72.85 -40.78 -67.96
CA HIS D 1101 72.90 -39.37 -67.60
C HIS D 1101 71.56 -38.95 -67.00
N ASN D 1102 71.62 -38.43 -65.77
CA ASN D 1102 70.49 -38.26 -64.88
C ASN D 1102 69.63 -37.06 -65.31
N THR D 1103 70.30 -36.08 -65.93
CA THR D 1103 69.72 -34.77 -66.20
C THR D 1103 69.96 -34.38 -67.66
N ALA D 1104 69.44 -33.19 -68.01
CA ALA D 1104 69.58 -32.54 -69.30
C ALA D 1104 69.19 -31.08 -69.13
N GLU D 1105 69.81 -30.19 -69.91
CA GLU D 1105 69.57 -28.76 -69.81
C GLU D 1105 69.19 -28.16 -71.17
N ILE D 1106 67.92 -27.74 -71.30
CA ILE D 1106 67.40 -27.00 -72.45
C ILE D 1106 67.54 -25.50 -72.18
N THR D 1107 68.11 -24.76 -73.15
CA THR D 1107 68.34 -23.32 -73.00
C THR D 1107 67.72 -22.54 -74.17
N PHE D 1108 66.76 -21.66 -73.84
CA PHE D 1108 66.22 -20.65 -74.74
C PHE D 1108 67.09 -19.40 -74.63
N GLU D 1109 67.47 -18.84 -75.79
CA GLU D 1109 68.12 -17.54 -75.89
C GLU D 1109 67.22 -16.60 -76.69
N TYR D 1110 67.18 -15.32 -76.28
CA TYR D 1110 66.40 -14.27 -76.92
C TYR D 1110 67.33 -13.15 -77.34
N ALA D 1111 66.88 -12.31 -78.28
CA ALA D 1111 67.67 -11.18 -78.74
C ALA D 1111 67.34 -9.92 -77.92
N THR D 1112 66.13 -9.91 -77.33
CA THR D 1112 65.72 -8.90 -76.37
C THR D 1112 65.33 -9.59 -75.05
N GLU D 1113 65.71 -8.98 -73.92
CA GLU D 1113 65.26 -9.46 -72.62
C GLU D 1113 63.73 -9.57 -72.60
N GLN D 1114 63.24 -10.76 -72.22
CA GLN D 1114 61.82 -11.04 -72.04
C GLN D 1114 61.42 -10.86 -70.58
N GLN D 1115 60.28 -10.21 -70.34
CA GLN D 1115 59.70 -10.05 -69.02
C GLN D 1115 58.73 -11.21 -68.81
N LEU D 1116 59.23 -12.28 -68.16
CA LEU D 1116 58.47 -13.50 -67.93
C LEU D 1116 57.60 -13.36 -66.68
N GLY D 1117 56.41 -13.96 -66.72
CA GLY D 1117 55.46 -13.93 -65.62
C GLY D 1117 54.90 -15.31 -65.27
N GLN D 1118 55.24 -16.33 -66.08
CA GLN D 1118 54.80 -17.70 -65.85
C GLN D 1118 55.51 -18.62 -66.84
N ILE D 1119 55.70 -19.89 -66.47
CA ILE D 1119 56.20 -20.93 -67.36
C ILE D 1119 55.31 -22.17 -67.22
N VAL D 1120 54.87 -22.75 -68.33
CA VAL D 1120 54.13 -24.00 -68.31
C VAL D 1120 54.92 -25.04 -69.11
N MET D 1121 55.27 -26.15 -68.47
CA MET D 1121 55.95 -27.26 -69.11
C MET D 1121 54.98 -28.42 -69.31
N TYR D 1122 54.91 -28.89 -70.56
CA TYR D 1122 54.05 -30.00 -70.94
C TYR D 1122 54.91 -31.26 -71.02
N PHE D 1123 55.11 -31.90 -69.87
CA PHE D 1123 55.78 -33.20 -69.82
C PHE D 1123 54.80 -34.28 -70.31
N PHE D 1124 55.36 -35.33 -70.92
CA PHE D 1124 54.59 -36.48 -71.39
C PHE D 1124 55.24 -37.76 -70.87
N ARG D 1125 54.52 -38.87 -71.05
CA ARG D 1125 54.96 -40.21 -70.68
C ARG D 1125 54.55 -41.21 -71.78
N ASP D 1126 55.37 -42.25 -71.95
CA ASP D 1126 55.05 -43.44 -72.75
C ASP D 1126 54.99 -44.66 -71.84
N SER D 1127 54.86 -45.85 -72.43
CA SER D 1127 54.75 -47.08 -71.66
C SER D 1127 56.12 -47.61 -71.27
N ASN D 1128 57.10 -47.53 -72.19
CA ASN D 1128 58.41 -48.15 -72.00
C ASN D 1128 59.29 -47.39 -71.02
N ALA D 1129 59.43 -46.07 -71.20
CA ALA D 1129 60.55 -45.34 -70.61
C ALA D 1129 60.16 -43.96 -70.05
N VAL D 1130 59.62 -43.09 -70.92
CA VAL D 1130 59.37 -41.69 -70.58
C VAL D 1130 58.33 -41.62 -69.45
N ARG D 1131 58.68 -40.87 -68.39
CA ARG D 1131 57.83 -40.69 -67.20
C ARG D 1131 57.82 -39.22 -66.78
N PHE D 1132 56.62 -38.77 -66.36
CA PHE D 1132 56.41 -37.45 -65.76
C PHE D 1132 57.40 -37.27 -64.62
N PRO D 1133 58.12 -36.12 -64.52
CA PRO D 1133 59.17 -35.95 -63.51
C PRO D 1133 58.57 -35.83 -62.10
N ASP D 1134 59.40 -36.07 -61.07
CA ASP D 1134 58.99 -35.97 -59.68
C ASP D 1134 58.78 -34.50 -59.30
N ALA D 1135 57.89 -34.27 -58.32
CA ALA D 1135 57.52 -32.91 -57.95
C ALA D 1135 58.72 -32.18 -57.35
N GLY D 1136 58.90 -30.92 -57.74
CA GLY D 1136 59.86 -30.03 -57.10
C GLY D 1136 61.29 -30.25 -57.58
N LYS D 1137 61.50 -31.16 -58.54
CA LYS D 1137 62.84 -31.55 -58.94
C LYS D 1137 63.32 -30.76 -60.16
N THR D 1138 62.40 -30.47 -61.08
CA THR D 1138 62.65 -29.65 -62.25
C THR D 1138 63.03 -28.25 -61.80
N LYS D 1139 64.09 -27.67 -62.36
CA LYS D 1139 64.61 -26.38 -61.93
C LYS D 1139 64.85 -25.47 -63.14
N ILE D 1140 64.60 -24.15 -62.93
CA ILE D 1140 64.71 -23.11 -63.94
C ILE D 1140 65.75 -22.08 -63.49
N GLN D 1141 66.47 -21.50 -64.46
CA GLN D 1141 67.40 -20.42 -64.21
C GLN D 1141 67.34 -19.42 -65.36
N ILE D 1142 67.82 -18.19 -65.09
CA ILE D 1142 67.73 -17.05 -65.98
C ILE D 1142 69.09 -16.35 -66.01
N SER D 1143 69.43 -15.68 -67.13
CA SER D 1143 70.58 -14.77 -67.19
C SER D 1143 70.38 -13.71 -68.28
N ALA D 1144 71.27 -12.70 -68.25
CA ALA D 1144 71.28 -11.59 -69.18
C ALA D 1144 72.32 -11.86 -70.26
N ASP D 1145 73.51 -12.29 -69.85
CA ASP D 1145 74.49 -12.90 -70.73
C ASP D 1145 74.29 -14.40 -70.62
N GLY D 1146 74.86 -15.17 -71.56
CA GLY D 1146 74.69 -16.62 -71.49
C GLY D 1146 75.53 -17.29 -70.39
N LYS D 1147 76.27 -16.49 -69.62
CA LYS D 1147 77.35 -16.93 -68.76
C LYS D 1147 76.94 -16.97 -67.28
N ASN D 1148 76.47 -15.84 -66.73
CA ASN D 1148 76.14 -15.67 -65.31
C ASN D 1148 74.66 -15.94 -65.05
N TRP D 1149 74.38 -17.04 -64.34
CA TRP D 1149 73.03 -17.56 -64.12
C TRP D 1149 72.47 -17.18 -62.74
N THR D 1150 71.17 -17.48 -62.53
CA THR D 1150 70.40 -17.08 -61.36
C THR D 1150 69.15 -17.95 -61.25
N ASP D 1151 68.90 -18.46 -60.05
CA ASP D 1151 67.80 -19.41 -59.85
C ASP D 1151 66.48 -18.66 -59.84
N LEU D 1152 65.49 -19.21 -60.52
CA LEU D 1152 64.18 -18.58 -60.59
C LEU D 1152 63.40 -19.01 -59.35
N ALA D 1153 62.96 -18.05 -58.56
CA ALA D 1153 62.16 -18.36 -57.39
C ALA D 1153 60.74 -18.76 -57.79
N ALA D 1154 60.45 -20.05 -57.89
CA ALA D 1154 59.13 -20.39 -58.42
C ALA D 1154 58.41 -21.50 -57.66
N THR D 1155 57.09 -21.52 -57.78
CA THR D 1155 56.25 -22.56 -57.20
C THR D 1155 55.73 -23.44 -58.33
N GLU D 1156 55.87 -24.76 -58.19
CA GLU D 1156 55.46 -25.68 -59.24
C GLU D 1156 54.06 -26.19 -58.92
N THR D 1157 53.19 -26.26 -59.94
CA THR D 1157 51.88 -26.86 -59.77
C THR D 1157 51.68 -27.93 -60.83
N ILE D 1158 51.66 -29.20 -60.42
CA ILE D 1158 51.38 -30.31 -61.33
C ILE D 1158 49.87 -30.49 -61.39
N ALA D 1159 49.30 -30.32 -62.59
CA ALA D 1159 47.86 -30.30 -62.78
C ALA D 1159 47.25 -31.66 -62.40
N ALA D 1160 45.98 -31.60 -61.95
CA ALA D 1160 45.22 -32.77 -61.53
C ALA D 1160 45.11 -33.81 -62.65
N GLN D 1161 44.57 -33.40 -63.80
CA GLN D 1161 44.34 -34.25 -64.97
C GLN D 1161 45.33 -33.92 -66.08
N GLU D 1162 45.49 -34.88 -67.00
CA GLU D 1162 46.30 -34.69 -68.20
C GLU D 1162 45.57 -33.75 -69.18
N SER D 1163 46.33 -32.86 -69.81
CA SER D 1163 45.81 -31.92 -70.78
C SER D 1163 45.43 -32.62 -72.08
N SER D 1164 46.26 -33.60 -72.49
CA SER D 1164 46.06 -34.47 -73.63
C SER D 1164 46.59 -35.84 -73.25
N GLU D 1165 46.16 -36.89 -73.96
CA GLU D 1165 46.54 -38.24 -73.54
C GLU D 1165 48.05 -38.31 -73.34
N ARG D 1166 48.45 -38.60 -72.09
CA ARG D 1166 49.82 -38.82 -71.63
C ARG D 1166 50.68 -37.55 -71.64
N VAL D 1167 50.02 -36.40 -71.46
CA VAL D 1167 50.68 -35.10 -71.29
C VAL D 1167 50.09 -34.44 -70.05
N LYS D 1168 50.97 -34.02 -69.12
CA LYS D 1168 50.57 -33.30 -67.92
C LYS D 1168 51.30 -31.95 -67.87
N PRO D 1169 50.57 -30.83 -67.75
CA PRO D 1169 51.21 -29.52 -67.65
C PRO D 1169 51.64 -29.17 -66.23
N TYR D 1170 52.95 -28.93 -66.07
CA TYR D 1170 53.55 -28.39 -64.85
C TYR D 1170 53.69 -26.88 -64.97
N THR D 1171 52.96 -26.13 -64.13
CA THR D 1171 52.94 -24.68 -64.19
C THR D 1171 53.84 -24.09 -63.11
N TYR D 1172 54.77 -23.23 -63.54
CA TYR D 1172 55.72 -22.55 -62.67
C TYR D 1172 55.32 -21.09 -62.51
N ASP D 1173 55.17 -20.65 -61.26
CA ASP D 1173 54.70 -19.31 -60.92
C ASP D 1173 55.76 -18.58 -60.13
N PHE D 1174 55.80 -17.26 -60.34
CA PHE D 1174 56.86 -16.42 -59.82
C PHE D 1174 56.53 -14.97 -60.15
N ALA D 1175 57.09 -14.04 -59.37
CA ALA D 1175 56.92 -12.62 -59.68
C ALA D 1175 57.72 -12.29 -60.95
N PRO D 1176 57.17 -11.41 -61.82
CA PRO D 1176 57.85 -10.94 -63.02
C PRO D 1176 59.37 -10.79 -62.88
N VAL D 1177 60.12 -11.39 -63.82
CA VAL D 1177 61.57 -11.22 -63.91
C VAL D 1177 61.99 -11.12 -65.37
N GLY D 1178 63.03 -10.31 -65.63
CA GLY D 1178 63.61 -10.19 -66.96
C GLY D 1178 64.64 -11.29 -67.20
N ALA D 1179 64.55 -11.93 -68.36
CA ALA D 1179 65.45 -13.01 -68.76
C ALA D 1179 65.74 -12.86 -70.26
N THR D 1180 67.02 -12.79 -70.63
CA THR D 1180 67.35 -12.91 -72.05
C THR D 1180 67.66 -14.38 -72.37
N PHE D 1181 68.03 -15.16 -71.33
CA PHE D 1181 68.18 -16.60 -71.43
C PHE D 1181 67.37 -17.29 -70.35
N VAL D 1182 66.84 -18.49 -70.66
CA VAL D 1182 66.13 -19.35 -69.71
C VAL D 1182 66.64 -20.78 -69.87
N LYS D 1183 67.32 -21.30 -68.83
CA LYS D 1183 67.84 -22.66 -68.82
C LYS D 1183 67.04 -23.53 -67.85
N VAL D 1184 66.22 -24.42 -68.44
CA VAL D 1184 65.47 -25.44 -67.71
C VAL D 1184 66.33 -26.69 -67.57
N THR D 1185 66.60 -27.12 -66.33
CA THR D 1185 67.35 -28.34 -66.01
C THR D 1185 66.37 -29.42 -65.60
N VAL D 1186 66.20 -30.44 -66.48
CA VAL D 1186 65.24 -31.52 -66.28
C VAL D 1186 65.96 -32.71 -65.66
N THR D 1187 65.44 -33.19 -64.52
CA THR D 1187 65.97 -34.36 -63.82
C THR D 1187 64.90 -35.44 -63.91
N ASN D 1188 65.34 -36.66 -64.29
CA ASN D 1188 64.45 -37.79 -64.56
C ASN D 1188 63.71 -38.18 -63.30
N ALA D 1189 62.55 -38.84 -63.48
CA ALA D 1189 61.83 -39.40 -62.34
C ALA D 1189 62.70 -40.47 -61.66
N ASP D 1190 62.39 -40.71 -60.39
CA ASP D 1190 63.04 -41.71 -59.55
C ASP D 1190 62.10 -42.90 -59.44
N THR D 1191 61.91 -43.57 -60.59
CA THR D 1191 61.05 -44.73 -60.74
C THR D 1191 61.80 -45.70 -61.67
N THR D 1192 61.27 -46.92 -61.82
CA THR D 1192 61.79 -47.87 -62.79
C THR D 1192 60.70 -48.19 -63.81
N THR D 1193 61.15 -48.60 -65.00
CA THR D 1193 60.31 -48.68 -66.18
C THR D 1193 60.45 -50.08 -66.78
N PRO D 1194 59.44 -50.57 -67.55
CA PRO D 1194 59.59 -51.80 -68.33
C PRO D 1194 60.92 -51.89 -69.08
N SER D 1195 61.31 -50.81 -69.77
CA SER D 1195 62.55 -50.77 -70.53
C SER D 1195 63.76 -50.91 -69.61
N GLY D 1196 63.61 -50.50 -68.35
CA GLY D 1196 64.72 -50.42 -67.41
C GLY D 1196 65.60 -49.19 -67.66
N VAL D 1197 65.07 -48.27 -68.46
CA VAL D 1197 65.63 -46.94 -68.73
C VAL D 1197 64.56 -45.92 -68.38
N VAL D 1198 64.87 -45.01 -67.44
CA VAL D 1198 63.94 -43.94 -67.10
C VAL D 1198 64.30 -42.69 -67.90
N CYS D 1199 63.26 -42.05 -68.44
CA CYS D 1199 63.41 -40.90 -69.31
C CYS D 1199 62.40 -39.82 -68.93
N ALA D 1200 62.65 -38.59 -69.42
CA ALA D 1200 61.75 -37.46 -69.27
C ALA D 1200 61.43 -36.90 -70.66
N GLY D 1201 60.21 -36.40 -70.84
CA GLY D 1201 59.81 -35.94 -72.16
C GLY D 1201 58.89 -34.73 -72.14
N LEU D 1202 59.16 -33.80 -73.09
CA LEU D 1202 58.44 -32.54 -73.22
C LEU D 1202 57.90 -32.40 -74.65
N THR D 1203 56.63 -31.98 -74.75
CA THR D 1203 56.04 -31.55 -76.01
C THR D 1203 56.19 -30.03 -76.20
N GLU D 1204 56.12 -29.29 -75.10
CA GLU D 1204 56.14 -27.83 -75.14
C GLU D 1204 56.66 -27.25 -73.82
N ILE D 1205 57.37 -26.13 -73.92
CA ILE D 1205 57.65 -25.24 -72.80
C ILE D 1205 57.16 -23.84 -73.20
N GLU D 1206 56.03 -23.42 -72.62
CA GLU D 1206 55.50 -22.08 -72.83
C GLU D 1206 56.17 -21.10 -71.85
N LEU D 1207 56.91 -20.12 -72.38
CA LEU D 1207 57.44 -19.01 -71.58
C LEU D 1207 56.53 -17.79 -71.74
N LYS D 1208 55.59 -17.60 -70.81
CA LYS D 1208 54.61 -16.51 -70.85
C LYS D 1208 55.21 -15.21 -70.31
N THR D 1209 54.91 -14.10 -70.97
CA THR D 1209 55.38 -12.79 -70.57
C THR D 1209 54.40 -12.21 -69.57
N ALA D 1210 54.78 -11.09 -68.95
CA ALA D 1210 53.87 -10.33 -68.10
C ALA D 1210 54.16 -8.84 -68.23
N THR D 1211 53.12 -8.04 -67.98
CA THR D 1211 53.22 -6.58 -67.93
C THR D 1211 52.74 -6.11 -66.55
N SER D 1212 53.32 -4.98 -66.10
CA SER D 1212 52.97 -4.30 -64.85
C SER D 1212 52.46 -2.90 -65.14
N LYS D 1213 51.30 -2.56 -64.57
CA LYS D 1213 50.81 -1.18 -64.57
C LYS D 1213 50.62 -0.73 -63.12
N PHE D 1214 50.74 0.58 -62.89
CA PHE D 1214 50.25 1.21 -61.68
C PHE D 1214 48.97 1.98 -61.98
N VAL D 1215 47.82 1.38 -61.66
CA VAL D 1215 46.51 1.94 -61.98
C VAL D 1215 46.18 3.01 -60.94
N THR D 1216 45.88 4.23 -61.41
CA THR D 1216 45.31 5.27 -60.56
C THR D 1216 43.86 5.50 -61.02
N ASN D 1217 42.92 5.66 -60.08
CA ASN D 1217 41.49 5.57 -60.35
C ASN D 1217 40.95 6.84 -60.99
N THR D 1218 39.81 6.72 -61.70
CA THR D 1218 39.04 7.85 -62.20
C THR D 1218 37.58 7.71 -61.77
N SER D 1219 37.21 8.45 -60.73
CA SER D 1219 35.82 8.66 -60.38
C SER D 1219 35.76 9.82 -59.40
N ALA D 1220 34.65 10.56 -59.46
CA ALA D 1220 34.33 11.65 -58.55
C ALA D 1220 33.13 11.27 -57.68
N ALA D 1221 32.60 10.05 -57.86
CA ALA D 1221 31.45 9.57 -57.11
C ALA D 1221 31.85 9.25 -55.67
N LEU D 1222 30.85 9.02 -54.81
CA LEU D 1222 31.04 8.95 -53.36
C LEU D 1222 30.54 7.59 -52.85
N SER D 1223 31.05 7.17 -51.68
CA SER D 1223 30.75 5.89 -51.08
C SER D 1223 31.12 5.89 -49.59
N SER D 1224 30.10 5.80 -48.73
CA SER D 1224 30.25 5.71 -47.28
C SER D 1224 30.72 7.05 -46.69
N ALA D 1253 31.68 11.61 -45.57
CA ALA D 1253 31.67 11.07 -46.94
C ALA D 1253 33.06 10.55 -47.31
N GLU D 1254 33.12 9.75 -48.40
CA GLU D 1254 34.35 9.20 -48.94
C GLU D 1254 34.24 9.06 -50.45
N GLY D 1255 35.39 9.27 -51.13
CA GLY D 1255 35.47 9.13 -52.58
C GLY D 1255 35.69 7.67 -52.97
N GLU D 1256 34.92 7.22 -53.97
CA GLU D 1256 34.90 5.85 -54.44
C GLU D 1256 36.33 5.41 -54.78
N GLY D 1257 36.95 6.15 -55.70
CA GLY D 1257 38.29 5.83 -56.14
C GLY D 1257 39.35 6.62 -55.40
N ASN D 1258 39.25 6.66 -54.06
CA ASN D 1258 40.08 7.47 -53.19
C ASN D 1258 40.10 8.91 -53.70
N ALA D 1259 38.95 9.40 -54.18
CA ALA D 1259 38.80 10.76 -54.66
C ALA D 1259 38.85 11.72 -53.47
N SER D 1260 39.38 12.92 -53.71
CA SER D 1260 39.50 13.92 -52.65
C SER D 1260 38.11 14.37 -52.20
N VAL D 1261 37.87 14.24 -50.89
CA VAL D 1261 36.61 14.64 -50.27
C VAL D 1261 36.82 16.03 -49.65
N THR D 1262 36.05 17.01 -50.15
CA THR D 1262 36.09 18.39 -49.67
C THR D 1262 34.66 18.80 -49.28
N VAL D 1263 34.49 19.46 -48.11
CA VAL D 1263 33.16 19.89 -47.64
C VAL D 1263 33.18 21.35 -47.17
N LEU D 1264 32.34 22.18 -47.81
CA LEU D 1264 32.23 23.60 -47.53
C LEU D 1264 30.93 23.87 -46.77
N PRO D 1265 30.99 24.16 -45.44
CA PRO D 1265 29.79 24.42 -44.63
C PRO D 1265 29.30 25.87 -44.66
N ALA D 1266 27.97 26.04 -44.54
CA ALA D 1266 27.23 27.31 -44.49
C ALA D 1266 27.12 27.95 -45.88
N HIS D 1267 26.40 29.08 -45.97
CA HIS D 1267 26.36 29.99 -47.11
C HIS D 1267 24.93 30.49 -47.36
N ASP D 1268 24.66 30.90 -48.61
CA ASP D 1268 23.33 31.30 -49.08
C ASP D 1268 22.56 30.07 -49.59
N ASN D 1269 23.07 28.88 -49.21
CA ASN D 1269 22.42 27.58 -49.38
C ASN D 1269 22.46 26.81 -48.05
N VAL D 1270 23.30 25.75 -47.97
CA VAL D 1270 23.53 25.02 -46.71
C VAL D 1270 24.93 24.43 -46.57
N ILE D 1271 25.21 23.27 -47.18
CA ILE D 1271 26.53 22.61 -47.22
C ILE D 1271 26.71 21.88 -48.56
N ARG D 1272 27.96 21.89 -49.08
CA ARG D 1272 28.32 21.31 -50.38
C ARG D 1272 29.58 20.43 -50.28
N VAL D 1273 29.65 19.38 -51.14
CA VAL D 1273 30.71 18.38 -51.24
C VAL D 1273 31.17 18.26 -52.70
N ILE D 1274 32.34 18.84 -52.98
CA ILE D 1274 33.02 18.81 -54.27
C ILE D 1274 34.14 17.76 -54.18
N THR D 1275 34.31 16.98 -55.25
CA THR D 1275 35.24 15.87 -55.28
C THR D 1275 36.17 15.97 -56.50
N GLU D 1276 37.33 15.31 -56.40
CA GLU D 1276 38.35 15.27 -57.42
C GLU D 1276 38.92 13.85 -57.49
N SER D 1277 38.92 13.25 -58.68
CA SER D 1277 39.41 11.91 -58.92
C SER D 1277 40.91 11.80 -58.65
N GLU D 1278 41.38 10.56 -58.44
CA GLU D 1278 42.78 10.28 -58.15
C GLU D 1278 43.68 10.86 -59.24
N ASP D 1279 43.37 10.56 -60.50
CA ASP D 1279 43.90 11.34 -61.62
C ASP D 1279 43.18 12.68 -61.57
N HIS D 1280 43.95 13.75 -61.42
CA HIS D 1280 43.38 15.05 -61.11
C HIS D 1280 42.81 15.66 -62.39
N VAL D 1281 41.73 15.06 -62.92
CA VAL D 1281 41.20 15.38 -64.24
C VAL D 1281 39.73 15.80 -64.14
N THR D 1282 38.93 15.01 -63.41
CA THR D 1282 37.50 15.23 -63.32
C THR D 1282 37.12 15.61 -61.89
N ARG D 1283 36.65 16.86 -61.71
CA ARG D 1283 36.09 17.35 -60.45
C ARG D 1283 34.58 17.52 -60.62
N LYS D 1284 33.78 16.74 -59.86
CA LYS D 1284 32.32 16.76 -59.96
C LYS D 1284 31.70 17.13 -58.61
N THR D 1285 31.19 18.37 -58.52
CA THR D 1285 30.52 18.92 -57.34
C THR D 1285 29.11 18.35 -57.25
N PHE D 1286 28.73 17.88 -56.05
CA PHE D 1286 27.40 17.35 -55.77
C PHE D 1286 26.86 17.93 -54.44
N SER E 15 58.71 -62.83 11.08
CA SER E 15 58.16 -62.66 9.70
C SER E 15 58.76 -63.72 8.77
N THR E 16 58.05 -64.08 7.69
CA THR E 16 58.62 -65.02 6.74
C THR E 16 59.74 -64.32 5.95
N PRO E 17 60.71 -65.07 5.41
CA PRO E 17 61.87 -64.47 4.73
C PRO E 17 61.47 -63.68 3.49
N GLU E 18 61.92 -62.41 3.43
CA GLU E 18 61.71 -61.49 2.32
C GLU E 18 63.05 -61.17 1.64
N VAL E 19 63.00 -60.77 0.36
CA VAL E 19 64.21 -60.31 -0.33
C VAL E 19 64.53 -58.90 0.17
N VAL E 20 65.66 -58.73 0.84
CA VAL E 20 66.10 -57.42 1.32
C VAL E 20 67.20 -56.90 0.40
N TYR E 21 66.98 -55.71 -0.20
CA TYR E 21 67.91 -55.07 -1.11
C TYR E 21 68.81 -54.07 -0.40
N SER E 22 70.13 -54.20 -0.56
CA SER E 22 71.13 -53.36 0.09
C SER E 22 71.76 -52.50 -0.99
N SER E 23 71.74 -51.18 -0.78
CA SER E 23 72.39 -50.21 -1.64
C SER E 23 73.68 -49.75 -0.98
N ALA E 24 74.77 -49.75 -1.75
CA ALA E 24 76.10 -49.42 -1.28
C ALA E 24 76.80 -48.56 -2.34
N VAL E 25 77.66 -47.64 -1.89
CA VAL E 25 78.43 -46.77 -2.78
C VAL E 25 79.90 -47.03 -2.52
N ASP E 26 80.59 -47.61 -3.50
CA ASP E 26 82.03 -47.83 -3.45
C ASP E 26 82.68 -47.21 -4.68
N SER E 27 84.01 -47.29 -4.76
CA SER E 27 84.78 -46.68 -5.83
C SER E 27 84.80 -47.57 -7.06
N LYS E 28 84.35 -48.83 -6.92
CA LYS E 28 84.18 -49.73 -8.04
C LYS E 28 83.13 -49.19 -9.04
N GLN E 29 82.20 -48.36 -8.56
CA GLN E 29 81.14 -47.77 -9.39
C GLN E 29 81.67 -46.70 -10.34
N ASN E 30 80.91 -46.39 -11.38
CA ASN E 30 81.24 -45.36 -12.37
C ASN E 30 81.01 -43.98 -11.74
N ARG E 31 81.61 -42.95 -12.34
CA ARG E 31 81.65 -41.59 -11.80
C ARG E 31 80.23 -41.18 -11.40
N THR E 32 79.30 -41.37 -12.36
CA THR E 32 77.88 -41.16 -12.18
C THR E 32 77.17 -42.50 -12.30
N SER E 33 76.39 -42.85 -11.26
CA SER E 33 75.79 -44.17 -11.08
C SER E 33 74.29 -44.02 -10.82
N ASP E 34 73.49 -44.98 -11.32
CA ASP E 34 72.05 -45.03 -11.09
C ASP E 34 71.80 -45.21 -9.59
N PHE E 35 70.95 -44.35 -9.01
CA PHE E 35 70.68 -44.38 -7.59
C PHE E 35 69.18 -44.54 -7.34
N ASP E 36 68.51 -45.23 -8.26
CA ASP E 36 67.05 -45.26 -8.34
C ASP E 36 66.47 -46.31 -7.41
N ALA E 37 67.28 -47.34 -7.09
CA ALA E 37 66.80 -48.56 -6.48
C ALA E 37 66.68 -48.41 -4.96
N ASN E 38 65.75 -49.17 -4.36
CA ASN E 38 65.63 -49.42 -2.93
C ASN E 38 65.40 -48.12 -2.16
N TRP E 39 64.28 -47.45 -2.46
CA TRP E 39 63.83 -46.32 -1.66
C TRP E 39 62.61 -46.77 -0.86
N LYS E 40 62.42 -46.11 0.29
CA LYS E 40 61.21 -46.30 1.05
C LYS E 40 60.35 -45.06 0.84
N PHE E 41 59.05 -45.29 0.64
CA PHE E 41 58.10 -44.21 0.40
C PHE E 41 56.93 -44.33 1.37
N MET E 42 56.39 -43.16 1.75
CA MET E 42 55.18 -43.06 2.53
C MET E 42 54.44 -41.78 2.18
N LEU E 43 53.17 -41.90 1.78
CA LEU E 43 52.28 -40.75 1.62
C LEU E 43 51.71 -40.39 2.98
N SER E 44 52.05 -39.20 3.49
CA SER E 44 51.61 -38.77 4.80
C SER E 44 51.83 -37.27 5.01
N ASP E 45 50.72 -36.59 5.27
CA ASP E 45 50.69 -35.15 5.49
C ASP E 45 51.30 -34.80 6.85
N SER E 46 51.47 -35.80 7.72
CA SER E 46 51.68 -35.60 9.15
C SER E 46 53.09 -36.00 9.62
N VAL E 47 53.62 -37.11 9.09
CA VAL E 47 54.85 -37.72 9.57
C VAL E 47 56.02 -36.74 9.50
N GLN E 48 57.05 -36.97 10.34
CA GLN E 48 58.32 -36.26 10.30
C GLN E 48 59.48 -37.27 10.22
N ALA E 49 59.98 -37.53 9.01
CA ALA E 49 60.88 -38.66 8.77
C ALA E 49 62.31 -38.23 8.42
N GLN E 50 62.72 -37.01 8.81
CA GLN E 50 64.00 -36.44 8.39
C GLN E 50 65.19 -37.09 9.08
N ASP E 51 65.04 -37.39 10.38
CA ASP E 51 66.08 -37.96 11.21
C ASP E 51 66.41 -39.38 10.75
N PRO E 52 67.71 -39.76 10.63
CA PRO E 52 68.07 -41.09 10.14
C PRO E 52 67.56 -42.24 11.00
N ALA E 53 67.19 -41.93 12.25
CA ALA E 53 66.78 -42.90 13.25
C ALA E 53 65.38 -43.44 12.98
N PHE E 54 64.54 -42.62 12.30
CA PHE E 54 63.13 -42.89 12.09
C PHE E 54 62.91 -44.34 11.61
N ASP E 55 61.81 -44.95 12.09
CA ASP E 55 61.49 -46.34 11.78
C ASP E 55 60.71 -46.44 10.46
N ASP E 56 61.45 -46.61 9.35
CA ASP E 56 60.86 -46.69 8.02
C ASP E 56 60.63 -48.15 7.61
N SER E 57 60.72 -49.05 8.60
CA SER E 57 60.56 -50.48 8.39
C SER E 57 59.18 -50.78 7.79
N ALA E 58 58.18 -50.04 8.26
CA ALA E 58 56.79 -50.21 7.86
C ALA E 58 56.56 -49.78 6.40
N TRP E 59 57.44 -48.91 5.88
CA TRP E 59 57.23 -48.15 4.66
C TRP E 59 57.35 -49.05 3.44
N GLN E 60 56.69 -48.63 2.35
CA GLN E 60 56.68 -49.34 1.08
C GLN E 60 58.03 -49.18 0.39
N GLN E 61 58.57 -50.28 -0.13
CA GLN E 61 59.77 -50.22 -0.96
C GLN E 61 59.38 -49.94 -2.42
N VAL E 62 60.05 -48.94 -3.01
CA VAL E 62 59.81 -48.54 -4.40
C VAL E 62 61.15 -48.34 -5.09
N ASP E 63 61.17 -48.58 -6.40
CA ASP E 63 62.27 -48.16 -7.26
C ASP E 63 61.84 -46.91 -8.01
N LEU E 64 62.66 -45.85 -7.96
CA LEU E 64 62.45 -44.65 -8.74
C LEU E 64 62.73 -44.95 -10.21
N PRO E 65 62.07 -44.29 -11.18
CA PRO E 65 61.20 -43.15 -10.90
C PRO E 65 59.83 -43.62 -10.44
N HIS E 66 59.09 -42.72 -9.78
CA HIS E 66 57.87 -43.05 -9.06
C HIS E 66 56.96 -41.82 -9.00
N ASP E 67 55.67 -42.04 -9.31
CA ASP E 67 54.63 -41.03 -9.24
C ASP E 67 53.58 -41.46 -8.21
N TYR E 68 53.43 -40.68 -7.13
CA TYR E 68 52.56 -41.07 -6.03
C TYR E 68 51.16 -40.45 -6.14
N SER E 69 50.90 -39.71 -7.22
CA SER E 69 49.57 -39.20 -7.53
C SER E 69 48.76 -40.25 -8.28
N ILE E 70 49.43 -41.06 -9.11
CA ILE E 70 48.75 -41.90 -10.08
C ILE E 70 48.11 -43.09 -9.39
N THR E 71 48.52 -43.36 -8.14
CA THR E 71 48.08 -44.54 -7.41
C THR E 71 46.89 -44.22 -6.48
N GLN E 72 46.76 -42.95 -6.06
CA GLN E 72 45.60 -42.46 -5.34
C GLN E 72 44.35 -42.53 -6.23
N LYS E 73 43.16 -42.48 -5.58
CA LYS E 73 41.89 -42.74 -6.27
C LYS E 73 41.33 -41.40 -6.75
N TYR E 74 40.64 -41.41 -7.90
CA TYR E 74 40.02 -40.21 -8.44
C TYR E 74 38.98 -39.68 -7.44
N SER E 75 38.69 -38.37 -7.47
CA SER E 75 37.72 -37.78 -6.56
C SER E 75 37.22 -36.43 -7.09
N GLN E 76 35.89 -36.26 -7.10
CA GLN E 76 35.23 -35.07 -7.61
C GLN E 76 35.57 -33.80 -6.79
N SER E 77 36.12 -33.98 -5.59
CA SER E 77 36.49 -32.84 -4.76
C SER E 77 37.73 -32.16 -5.34
N ASN E 78 38.50 -32.93 -6.15
CA ASN E 78 39.65 -32.43 -6.89
C ASN E 78 39.17 -31.70 -8.15
N GLU E 79 40.11 -31.27 -9.01
CA GLU E 79 39.79 -30.48 -10.20
C GLU E 79 40.11 -31.28 -11.46
N ALA E 80 39.35 -30.99 -12.53
CA ALA E 80 39.44 -31.70 -13.81
C ALA E 80 40.80 -31.50 -14.48
N GLU E 81 41.26 -30.24 -14.53
CA GLU E 81 42.53 -29.88 -15.13
C GLU E 81 43.63 -30.85 -14.68
N SER E 82 43.63 -31.19 -13.37
CA SER E 82 44.66 -32.00 -12.73
C SER E 82 44.24 -33.47 -12.62
N ALA E 83 43.25 -33.89 -13.43
CA ALA E 83 42.80 -35.27 -13.70
C ALA E 83 41.93 -35.83 -12.57
N TYR E 84 41.34 -34.93 -11.77
CA TYR E 84 40.59 -35.26 -10.56
C TYR E 84 41.45 -36.08 -9.59
N LEU E 85 42.77 -36.10 -9.81
CA LEU E 85 43.68 -36.82 -8.92
C LEU E 85 44.34 -35.85 -7.94
N PRO E 86 44.67 -36.34 -6.72
CA PRO E 86 45.23 -35.51 -5.66
C PRO E 86 46.75 -35.53 -5.67
N GLY E 87 47.36 -34.65 -4.87
CA GLY E 87 48.81 -34.64 -4.74
C GLY E 87 49.26 -34.95 -3.32
N GLY E 88 49.63 -33.90 -2.58
CA GLY E 88 49.87 -33.98 -1.15
C GLY E 88 51.34 -34.23 -0.86
N THR E 89 51.63 -34.71 0.36
CA THR E 89 52.98 -34.77 0.89
C THR E 89 53.49 -36.21 0.84
N GLY E 90 54.59 -36.40 0.09
CA GLY E 90 55.26 -37.69 -0.04
C GLY E 90 56.65 -37.64 0.58
N TRP E 91 57.03 -38.74 1.26
CA TRP E 91 58.33 -38.88 1.89
C TRP E 91 59.07 -40.03 1.24
N TYR E 92 60.29 -39.73 0.78
CA TYR E 92 61.20 -40.75 0.27
C TYR E 92 62.41 -40.79 1.19
N ARG E 93 62.80 -42.01 1.58
CA ARG E 93 63.97 -42.24 2.40
C ARG E 93 64.77 -43.38 1.78
N LYS E 94 66.09 -43.22 1.76
CA LYS E 94 66.99 -44.28 1.30
C LYS E 94 68.21 -44.28 2.20
N SER E 95 68.48 -45.48 2.75
CA SER E 95 69.63 -45.73 3.60
C SER E 95 70.64 -46.60 2.83
N PHE E 96 71.93 -46.26 2.98
CA PHE E 96 72.96 -46.87 2.17
C PHE E 96 74.31 -46.66 2.87
N THR E 97 75.22 -47.63 2.67
CA THR E 97 76.58 -47.50 3.16
C THR E 97 77.41 -46.80 2.11
N ILE E 98 78.36 -46.00 2.56
CA ILE E 98 79.42 -45.43 1.73
C ILE E 98 80.70 -46.14 2.16
N ASP E 99 81.24 -47.01 1.28
CA ASP E 99 82.47 -47.75 1.53
C ASP E 99 83.60 -46.77 1.88
N ARG E 100 84.53 -47.20 2.74
CA ARG E 100 85.55 -46.28 3.24
C ARG E 100 86.59 -45.98 2.16
N ASP E 101 86.55 -46.70 1.05
CA ASP E 101 87.45 -46.46 -0.08
C ASP E 101 87.13 -45.10 -0.73
N LEU E 102 85.95 -44.53 -0.41
CA LEU E 102 85.50 -43.26 -0.94
C LEU E 102 85.95 -42.09 -0.06
N ALA E 103 86.62 -42.41 1.06
CA ALA E 103 87.23 -41.37 1.88
C ALA E 103 88.13 -40.52 1.00
N GLY E 104 87.99 -39.20 1.14
CA GLY E 104 88.75 -38.29 0.32
C GLY E 104 87.94 -37.79 -0.86
N LYS E 105 87.06 -38.66 -1.40
CA LYS E 105 86.28 -38.37 -2.59
C LYS E 105 85.14 -37.41 -2.26
N ARG E 106 84.60 -36.77 -3.32
CA ARG E 106 83.43 -35.89 -3.26
C ARG E 106 82.20 -36.66 -3.78
N ILE E 107 81.06 -36.48 -3.10
CA ILE E 107 79.82 -37.17 -3.45
C ILE E 107 78.71 -36.13 -3.60
N ALA E 108 77.91 -36.29 -4.65
CA ALA E 108 76.76 -35.44 -4.90
C ALA E 108 75.58 -36.28 -5.40
N ILE E 109 74.36 -35.87 -5.03
CA ILE E 109 73.12 -36.48 -5.54
C ILE E 109 72.48 -35.56 -6.59
N ASN E 110 71.97 -36.16 -7.67
CA ASN E 110 71.40 -35.41 -8.78
C ASN E 110 69.98 -35.90 -9.06
N PHE E 111 69.01 -34.98 -8.99
CA PHE E 111 67.61 -35.21 -9.30
C PHE E 111 67.30 -34.56 -10.66
N ASP E 112 66.69 -35.33 -11.56
CA ASP E 112 66.39 -34.82 -12.89
C ASP E 112 65.06 -34.09 -12.85
N GLY E 113 64.21 -34.50 -11.92
CA GLY E 113 62.95 -33.84 -11.64
C GLY E 113 62.33 -34.39 -10.37
N VAL E 114 61.66 -33.50 -9.62
CA VAL E 114 60.90 -33.83 -8.42
C VAL E 114 59.76 -32.82 -8.33
N TYR E 115 58.52 -33.30 -8.52
CA TYR E 115 57.32 -32.46 -8.51
C TYR E 115 56.50 -32.70 -7.24
N MET E 116 56.43 -31.69 -6.37
CA MET E 116 57.23 -30.47 -6.38
C MET E 116 57.47 -30.01 -4.93
N ASN E 117 58.04 -28.80 -4.77
CA ASN E 117 58.43 -28.27 -3.46
C ASN E 117 59.20 -29.32 -2.66
N ALA E 118 60.38 -29.69 -3.15
CA ALA E 118 61.18 -30.72 -2.52
C ALA E 118 62.01 -30.11 -1.40
N THR E 119 62.23 -30.90 -0.33
CA THR E 119 63.11 -30.57 0.78
C THR E 119 64.00 -31.76 1.01
N VAL E 120 65.31 -31.52 1.12
CA VAL E 120 66.27 -32.60 1.17
C VAL E 120 67.09 -32.51 2.46
N TRP E 121 67.13 -33.64 3.18
CA TRP E 121 68.02 -33.86 4.32
C TRP E 121 69.01 -34.96 3.96
N PHE E 122 70.26 -34.80 4.44
CA PHE E 122 71.24 -35.87 4.42
C PHE E 122 71.78 -36.07 5.83
N ASN E 123 71.61 -37.29 6.35
CA ASN E 123 71.98 -37.66 7.70
C ASN E 123 71.48 -36.58 8.65
N GLY E 124 70.19 -36.23 8.52
CA GLY E 124 69.59 -35.32 9.49
C GLY E 124 69.90 -33.84 9.26
N VAL E 125 70.99 -33.52 8.55
CA VAL E 125 71.24 -32.14 8.15
C VAL E 125 70.33 -31.77 6.96
N LYS E 126 69.66 -30.61 7.07
CA LYS E 126 68.77 -30.12 6.04
C LYS E 126 69.61 -29.37 5.00
N LEU E 127 69.64 -29.88 3.77
CA LEU E 127 70.50 -29.35 2.73
C LEU E 127 69.87 -28.12 2.08
N GLY E 128 68.59 -28.24 1.71
CA GLY E 128 67.84 -27.13 1.15
C GLY E 128 66.54 -27.59 0.48
N THR E 129 66.01 -26.74 -0.40
CA THR E 129 64.72 -26.93 -1.03
C THR E 129 64.82 -26.59 -2.51
N HIS E 130 63.84 -27.11 -3.29
CA HIS E 130 63.71 -26.83 -4.70
C HIS E 130 62.24 -26.83 -5.12
N PRO E 131 61.66 -25.62 -5.36
CA PRO E 131 60.23 -25.50 -5.67
C PRO E 131 59.77 -26.10 -6.99
N TYR E 132 60.46 -25.75 -8.10
CA TYR E 132 60.00 -26.12 -9.44
C TYR E 132 60.00 -27.64 -9.64
N GLY E 133 58.96 -28.11 -10.33
CA GLY E 133 58.73 -29.54 -10.47
C GLY E 133 59.38 -30.19 -11.69
N TYR E 134 59.91 -29.41 -12.64
CA TYR E 134 60.40 -29.99 -13.90
C TYR E 134 61.85 -29.66 -14.22
N SER E 135 62.48 -28.75 -13.47
CA SER E 135 63.89 -28.43 -13.71
C SER E 135 64.75 -29.37 -12.89
N PRO E 136 65.95 -29.76 -13.39
CA PRO E 136 66.84 -30.66 -12.65
C PRO E 136 67.65 -29.87 -11.63
N PHE E 137 68.16 -30.55 -10.58
CA PHE E 137 68.95 -29.95 -9.50
C PHE E 137 69.74 -31.00 -8.73
N SER E 138 70.72 -30.52 -7.93
CA SER E 138 71.74 -31.34 -7.27
C SER E 138 71.95 -30.86 -5.84
N PHE E 139 72.43 -31.76 -4.96
CA PHE E 139 72.98 -31.37 -3.67
C PHE E 139 74.32 -32.05 -3.42
N ASP E 140 75.27 -31.31 -2.83
CA ASP E 140 76.51 -31.91 -2.33
C ASP E 140 76.23 -32.68 -1.04
N LEU E 141 76.80 -33.88 -0.94
CA LEU E 141 76.65 -34.74 0.23
C LEU E 141 77.97 -34.88 0.97
N THR E 142 79.07 -34.44 0.35
CA THR E 142 80.43 -34.65 0.85
C THR E 142 80.50 -34.26 2.32
N GLY E 143 80.15 -32.99 2.60
CA GLY E 143 80.37 -32.38 3.90
C GLY E 143 79.70 -33.11 5.06
N ASN E 144 78.64 -33.87 4.78
CA ASN E 144 77.77 -34.46 5.77
C ASN E 144 77.80 -35.98 5.72
N ALA E 145 78.54 -36.54 4.76
CA ALA E 145 78.61 -37.99 4.60
C ALA E 145 79.33 -38.60 5.79
N LYS E 146 78.90 -39.79 6.21
CA LYS E 146 79.62 -40.62 7.17
C LYS E 146 80.29 -41.73 6.37
N PHE E 147 81.63 -41.64 6.24
CA PHE E 147 82.36 -42.55 5.37
C PHE E 147 82.61 -43.87 6.08
N GLY E 148 82.54 -44.97 5.31
CA GLY E 148 82.55 -46.31 5.87
C GLY E 148 81.38 -46.60 6.81
N GLY E 149 80.26 -45.88 6.65
CA GLY E 149 79.15 -46.00 7.56
C GLY E 149 77.78 -45.98 6.86
N GLU E 150 76.72 -46.08 7.65
CA GLU E 150 75.34 -45.99 7.19
C GLU E 150 75.00 -44.51 7.02
N ASN E 151 74.41 -44.17 5.87
CA ASN E 151 73.92 -42.83 5.56
C ASN E 151 72.47 -42.94 5.11
N THR E 152 71.74 -41.84 5.30
CA THR E 152 70.31 -41.76 5.04
C THR E 152 69.98 -40.40 4.40
N ILE E 153 69.54 -40.46 3.13
CA ILE E 153 69.02 -39.31 2.39
C ILE E 153 67.48 -39.34 2.47
N VAL E 154 66.87 -38.16 2.59
CA VAL E 154 65.43 -38.01 2.77
C VAL E 154 64.94 -36.83 1.92
N VAL E 155 63.94 -37.11 1.07
CA VAL E 155 63.32 -36.12 0.21
C VAL E 155 61.84 -36.03 0.59
N LYS E 156 61.40 -34.82 0.98
CA LYS E 156 60.00 -34.53 1.27
C LYS E 156 59.42 -33.71 0.11
N VAL E 157 58.44 -34.31 -0.59
CA VAL E 157 57.76 -33.74 -1.74
C VAL E 157 56.40 -33.23 -1.30
N GLU E 158 56.18 -31.91 -1.43
CA GLU E 158 54.89 -31.31 -1.13
C GLU E 158 54.27 -30.73 -2.40
N ASN E 159 53.49 -31.57 -3.10
CA ASN E 159 52.69 -31.12 -4.23
C ASN E 159 51.33 -30.65 -3.70
N ARG E 160 51.29 -29.41 -3.19
CA ARG E 160 50.05 -28.85 -2.68
C ARG E 160 49.28 -28.36 -3.89
N LEU E 161 48.11 -28.97 -4.15
CA LEU E 161 47.24 -28.54 -5.24
C LEU E 161 46.55 -27.23 -4.88
N PRO E 162 46.15 -26.38 -5.86
CA PRO E 162 46.37 -26.65 -7.30
C PRO E 162 47.67 -26.04 -7.82
N SER E 163 48.40 -26.81 -8.65
CA SER E 163 49.74 -26.40 -9.09
C SER E 163 49.97 -26.59 -10.58
N SER E 164 48.93 -26.94 -11.35
CA SER E 164 49.10 -27.31 -12.74
C SER E 164 47.81 -27.18 -13.53
N ARG E 165 47.91 -26.83 -14.82
CA ARG E 165 46.76 -26.79 -15.71
C ARG E 165 46.55 -28.14 -16.37
N TRP E 166 47.48 -29.08 -16.09
CA TRP E 166 47.45 -30.44 -16.60
C TRP E 166 47.90 -31.36 -15.46
N TYR E 167 47.74 -32.68 -15.66
CA TYR E 167 48.20 -33.63 -14.65
C TYR E 167 49.72 -33.53 -14.46
N SER E 168 50.14 -33.01 -13.30
CA SER E 168 51.53 -32.97 -12.87
C SER E 168 52.04 -34.38 -12.57
N GLY E 169 51.26 -35.14 -11.78
CA GLY E 169 51.81 -36.21 -10.96
C GLY E 169 52.57 -35.63 -9.78
N SER E 170 53.08 -36.53 -8.92
CA SER E 170 53.75 -36.15 -7.68
C SER E 170 54.93 -37.07 -7.43
N GLY E 171 55.99 -36.51 -6.83
CA GLY E 171 57.09 -37.31 -6.31
C GLY E 171 58.35 -37.20 -7.17
N ILE E 172 59.23 -38.20 -7.01
CA ILE E 172 60.48 -38.30 -7.73
C ILE E 172 60.21 -39.12 -8.97
N TYR E 173 59.74 -38.41 -10.02
CA TYR E 173 59.17 -39.04 -11.21
C TYR E 173 60.23 -39.23 -12.29
N ARG E 174 61.52 -39.01 -11.94
CA ARG E 174 62.64 -39.05 -12.87
C ARG E 174 63.92 -39.48 -12.17
N ASP E 175 64.77 -40.18 -12.93
CA ASP E 175 66.00 -40.81 -12.44
C ASP E 175 66.77 -39.92 -11.48
N VAL E 176 67.25 -40.54 -10.40
CA VAL E 176 68.22 -39.96 -9.48
C VAL E 176 69.55 -40.67 -9.71
N THR E 177 70.66 -39.94 -9.48
CA THR E 177 72.01 -40.47 -9.63
C THR E 177 72.94 -39.88 -8.58
N LEU E 178 74.06 -40.58 -8.35
CA LEU E 178 75.15 -40.15 -7.49
C LEU E 178 76.38 -39.90 -8.35
N THR E 179 77.06 -38.78 -8.07
CA THR E 179 78.32 -38.44 -8.71
C THR E 179 79.42 -38.46 -7.66
N VAL E 180 80.40 -39.36 -7.87
CA VAL E 180 81.58 -39.52 -7.02
C VAL E 180 82.81 -39.12 -7.82
N THR E 181 83.64 -38.20 -7.28
CA THR E 181 84.79 -37.64 -7.98
C THR E 181 85.94 -37.33 -7.05
N ASP E 182 87.13 -37.19 -7.64
CA ASP E 182 88.31 -36.70 -6.94
C ASP E 182 88.07 -35.26 -6.48
N GLY E 183 88.98 -34.76 -5.65
CA GLY E 183 88.92 -33.42 -5.10
C GLY E 183 89.15 -32.39 -6.17
N VAL E 184 89.96 -32.76 -7.16
CA VAL E 184 90.15 -32.00 -8.40
C VAL E 184 89.32 -32.68 -9.47
N HIS E 185 88.31 -31.96 -9.98
CA HIS E 185 87.29 -32.55 -10.82
C HIS E 185 86.75 -31.50 -11.79
N VAL E 186 86.18 -32.00 -12.90
CA VAL E 186 85.40 -31.17 -13.80
C VAL E 186 84.12 -30.82 -13.05
N GLY E 187 83.58 -29.63 -13.34
CA GLY E 187 82.38 -29.16 -12.66
C GLY E 187 81.15 -29.99 -13.02
N ASN E 188 80.04 -29.72 -12.34
CA ASN E 188 78.74 -30.19 -12.77
C ASN E 188 78.53 -29.64 -14.18
N ASN E 189 78.17 -30.49 -15.13
CA ASN E 189 77.90 -30.09 -16.49
C ASN E 189 79.01 -29.17 -17.00
N GLY E 190 80.26 -29.51 -16.70
CA GLY E 190 81.38 -28.58 -16.71
C GLY E 190 81.93 -28.24 -18.10
N VAL E 191 81.47 -28.95 -19.14
CA VAL E 191 82.08 -28.78 -20.45
C VAL E 191 81.05 -28.21 -21.40
N ALA E 192 81.46 -27.14 -22.10
CA ALA E 192 80.65 -26.46 -23.09
C ALA E 192 81.41 -26.46 -24.41
N ILE E 193 80.73 -26.91 -25.47
CA ILE E 193 81.35 -27.07 -26.78
C ILE E 193 80.70 -26.13 -27.77
N LYS E 194 81.52 -25.44 -28.57
CA LYS E 194 81.06 -24.55 -29.63
C LYS E 194 81.83 -24.82 -30.93
N THR E 195 81.10 -24.76 -32.06
CA THR E 195 81.70 -24.96 -33.37
C THR E 195 81.26 -23.81 -34.27
N PRO E 196 81.84 -22.60 -34.08
CA PRO E 196 81.23 -21.37 -34.59
C PRO E 196 81.27 -21.28 -36.11
N SER E 197 82.08 -22.14 -36.75
CA SER E 197 82.31 -22.05 -38.19
C SER E 197 81.84 -23.29 -38.93
N LEU E 198 81.10 -24.17 -38.24
CA LEU E 198 80.80 -25.48 -38.81
C LEU E 198 80.20 -25.33 -40.21
N ALA E 199 79.28 -24.37 -40.36
CA ALA E 199 78.56 -24.14 -41.60
C ALA E 199 79.53 -24.02 -42.78
N THR E 200 80.64 -23.32 -42.54
CA THR E 200 81.73 -23.05 -43.47
C THR E 200 82.66 -24.26 -43.57
N GLN E 201 83.04 -24.83 -42.42
CA GLN E 201 84.09 -25.84 -42.37
C GLN E 201 83.53 -27.23 -42.72
N ASN E 202 82.20 -27.35 -42.87
CA ASN E 202 81.57 -28.65 -43.01
C ASN E 202 82.25 -29.40 -44.15
N GLY E 203 82.58 -30.67 -43.88
CA GLY E 203 83.24 -31.53 -44.86
C GLY E 203 84.75 -31.56 -44.65
N GLY E 204 85.31 -30.42 -44.21
CA GLY E 204 86.73 -30.29 -43.93
C GLY E 204 87.02 -30.47 -42.44
N ASN E 205 88.05 -29.77 -41.95
CA ASN E 205 88.39 -29.74 -40.54
C ASN E 205 87.50 -28.74 -39.82
N VAL E 206 86.88 -29.15 -38.70
CA VAL E 206 85.98 -28.32 -37.93
C VAL E 206 86.66 -27.87 -36.64
N THR E 207 86.61 -26.55 -36.36
CA THR E 207 87.12 -25.99 -35.12
C THR E 207 86.08 -26.15 -34.04
N MET E 208 86.47 -26.83 -32.94
CA MET E 208 85.72 -26.97 -31.72
C MET E 208 86.40 -26.14 -30.64
N ASN E 209 85.62 -25.26 -29.99
CA ASN E 209 86.09 -24.47 -28.87
C ASN E 209 85.41 -24.95 -27.58
N LEU E 210 86.21 -25.58 -26.72
CA LEU E 210 85.73 -26.08 -25.44
C LEU E 210 86.05 -25.06 -24.35
N THR E 211 85.15 -24.96 -23.37
CA THR E 211 85.40 -24.32 -22.08
C THR E 211 84.99 -25.33 -21.01
N THR E 212 85.90 -25.55 -20.05
CA THR E 212 85.76 -26.59 -19.03
C THR E 212 86.03 -25.99 -17.64
N LYS E 213 85.02 -26.05 -16.77
CA LYS E 213 85.21 -25.63 -15.38
C LYS E 213 85.90 -26.77 -14.65
N VAL E 214 87.09 -26.49 -14.13
CA VAL E 214 87.84 -27.42 -13.30
C VAL E 214 87.86 -26.86 -11.89
N ALA E 215 87.31 -27.61 -10.93
CA ALA E 215 87.28 -27.16 -9.54
C ALA E 215 88.40 -27.85 -8.77
N ASN E 216 89.13 -27.06 -7.97
CA ASN E 216 90.15 -27.57 -7.07
C ASN E 216 89.62 -27.57 -5.64
N ASP E 217 88.88 -28.63 -5.28
CA ASP E 217 88.26 -28.76 -3.97
C ASP E 217 89.19 -29.54 -3.04
N THR E 218 90.47 -29.12 -2.98
CA THR E 218 91.48 -29.71 -2.12
C THR E 218 92.14 -28.61 -1.27
N LYS E 219 93.08 -29.01 -0.41
CA LYS E 219 93.76 -28.10 0.50
C LYS E 219 95.07 -27.59 -0.09
N ALA E 220 95.27 -27.81 -1.39
CA ALA E 220 96.54 -27.59 -2.06
C ALA E 220 96.27 -26.91 -3.40
N ALA E 221 97.10 -25.92 -3.75
CA ALA E 221 97.13 -25.47 -5.15
C ALA E 221 97.40 -26.68 -6.02
N ALA E 222 96.86 -26.67 -7.24
CA ALA E 222 96.95 -27.82 -8.14
C ALA E 222 97.38 -27.35 -9.52
N ASN E 223 98.23 -28.19 -10.15
CA ASN E 223 98.71 -27.93 -11.50
C ASN E 223 98.10 -28.97 -12.43
N ILE E 224 97.25 -28.49 -13.33
CA ILE E 224 96.32 -29.33 -14.06
C ILE E 224 96.58 -29.15 -15.55
N THR E 225 96.46 -30.26 -16.30
CA THR E 225 96.31 -30.22 -17.73
C THR E 225 95.06 -31.03 -18.10
N LEU E 226 94.40 -30.63 -19.20
CA LEU E 226 93.24 -31.35 -19.72
C LEU E 226 93.66 -32.12 -20.96
N LYS E 227 93.25 -33.39 -21.05
CA LYS E 227 93.42 -34.16 -22.27
C LYS E 227 92.04 -34.53 -22.80
N GLN E 228 91.62 -33.83 -23.86
CA GLN E 228 90.30 -33.96 -24.43
C GLN E 228 90.38 -34.70 -25.77
N THR E 229 89.34 -35.52 -26.05
CA THR E 229 89.31 -36.45 -27.16
C THR E 229 87.88 -36.56 -27.70
N VAL E 230 87.70 -36.37 -29.02
CA VAL E 230 86.39 -36.47 -29.67
C VAL E 230 86.38 -37.74 -30.50
N PHE E 231 85.52 -38.69 -30.14
CA PHE E 231 85.45 -39.98 -30.81
C PHE E 231 83.98 -40.43 -30.91
N PRO E 232 83.61 -41.34 -31.83
CA PRO E 232 82.22 -41.68 -32.10
C PRO E 232 81.59 -42.34 -30.86
N LYS E 233 80.36 -41.93 -30.53
CA LYS E 233 79.72 -42.38 -29.31
C LYS E 233 79.58 -43.89 -29.37
N GLY E 234 80.01 -44.56 -28.29
CA GLY E 234 79.88 -46.00 -28.18
C GLY E 234 81.12 -46.73 -28.69
N GLY E 235 82.00 -46.02 -29.40
CA GLY E 235 83.26 -46.59 -29.89
C GLY E 235 84.39 -46.34 -28.90
N LYS E 236 85.62 -46.74 -29.29
CA LYS E 236 86.81 -46.64 -28.45
C LYS E 236 87.53 -45.33 -28.78
N THR E 237 88.41 -44.88 -27.88
CA THR E 237 89.15 -43.64 -27.99
C THR E 237 90.08 -43.64 -29.20
N ASP E 238 90.45 -44.82 -29.67
CA ASP E 238 91.42 -44.95 -30.74
C ASP E 238 90.80 -44.53 -32.09
N ALA E 239 89.48 -44.34 -32.11
CA ALA E 239 88.77 -43.89 -33.30
C ALA E 239 88.55 -42.37 -33.27
N ALA E 240 89.30 -41.68 -32.40
CA ALA E 240 89.18 -40.24 -32.23
C ALA E 240 89.36 -39.54 -33.58
N ILE E 241 88.74 -38.36 -33.73
CA ILE E 241 88.83 -37.53 -34.92
C ILE E 241 89.40 -36.17 -34.52
N GLY E 242 89.91 -36.11 -33.28
CA GLY E 242 90.53 -34.90 -32.74
C GLY E 242 90.92 -35.08 -31.28
N THR E 243 92.09 -34.51 -30.92
CA THR E 243 92.61 -34.53 -29.57
C THR E 243 93.29 -33.20 -29.29
N VAL E 244 93.31 -32.82 -28.02
CA VAL E 244 94.16 -31.72 -27.56
C VAL E 244 94.59 -32.04 -26.14
N THR E 245 95.76 -31.49 -25.76
CA THR E 245 96.25 -31.45 -24.39
C THR E 245 96.64 -30.01 -24.10
N THR E 246 96.06 -29.47 -23.02
CA THR E 246 96.20 -28.05 -22.70
C THR E 246 97.55 -27.82 -22.05
N ALA E 247 97.98 -26.54 -22.07
CA ALA E 247 99.09 -26.13 -21.22
C ALA E 247 98.65 -26.26 -19.76
N SER E 248 99.63 -26.35 -18.86
CA SER E 248 99.38 -26.36 -17.43
C SER E 248 98.66 -25.08 -17.02
N LYS E 249 97.54 -25.21 -16.29
CA LYS E 249 96.89 -24.13 -15.56
C LYS E 249 97.01 -24.44 -14.07
N SER E 250 97.44 -23.43 -13.32
CA SER E 250 97.53 -23.49 -11.87
C SER E 250 96.21 -23.04 -11.28
N ILE E 251 95.57 -23.90 -10.47
CA ILE E 251 94.30 -23.58 -9.83
C ILE E 251 94.48 -23.59 -8.31
N ALA E 252 94.24 -22.44 -7.66
CA ALA E 252 94.44 -22.27 -6.23
C ALA E 252 93.58 -23.22 -5.41
N ALA E 253 93.93 -23.43 -4.13
CA ALA E 253 93.16 -24.31 -3.25
C ALA E 253 91.74 -23.78 -3.06
N GLY E 254 90.74 -24.67 -3.22
CA GLY E 254 89.34 -24.34 -3.05
C GLY E 254 88.81 -23.37 -4.09
N ALA E 255 89.60 -23.14 -5.14
CA ALA E 255 89.21 -22.29 -6.25
C ALA E 255 88.80 -23.17 -7.43
N SER E 256 88.32 -22.51 -8.50
CA SER E 256 88.07 -23.20 -9.75
C SER E 256 88.38 -22.26 -10.91
N ALA E 257 88.56 -22.84 -12.11
CA ALA E 257 88.99 -22.09 -13.28
C ALA E 257 88.30 -22.64 -14.53
N ASP E 258 87.98 -21.72 -15.45
CA ASP E 258 87.45 -22.09 -16.75
C ASP E 258 88.64 -22.26 -17.69
N VAL E 259 88.81 -23.47 -18.23
CA VAL E 259 89.96 -23.82 -19.05
C VAL E 259 89.51 -23.93 -20.51
N THR E 260 89.91 -22.94 -21.33
CA THR E 260 89.62 -22.96 -22.76
C THR E 260 90.62 -23.86 -23.49
N SER E 261 90.10 -24.62 -24.45
CA SER E 261 90.87 -25.49 -25.33
C SER E 261 90.24 -25.42 -26.73
N THR E 262 91.00 -25.90 -27.73
CA THR E 262 90.49 -26.09 -29.08
C THR E 262 90.87 -27.47 -29.57
N ILE E 263 89.90 -28.13 -30.20
CA ILE E 263 90.12 -29.38 -30.90
C ILE E 263 89.78 -29.12 -32.36
N THR E 264 90.56 -29.73 -33.25
CA THR E 264 90.26 -29.72 -34.67
C THR E 264 89.71 -31.09 -35.06
N ALA E 265 88.43 -31.13 -35.41
CA ALA E 265 87.76 -32.37 -35.74
C ALA E 265 87.98 -32.67 -37.23
N ALA E 266 88.58 -33.84 -37.46
CA ALA E 266 88.85 -34.35 -38.80
C ALA E 266 87.54 -34.81 -39.43
N SER E 267 86.96 -33.92 -40.24
CA SER E 267 85.80 -34.22 -41.06
C SER E 267 84.72 -34.94 -40.27
N PRO E 268 84.18 -34.32 -39.18
CA PRO E 268 83.19 -35.00 -38.34
C PRO E 268 81.93 -35.27 -39.15
N LYS E 269 81.26 -36.39 -38.85
CA LYS E 269 79.97 -36.71 -39.44
C LYS E 269 78.87 -35.85 -38.80
N LEU E 270 78.10 -35.15 -39.64
CA LEU E 270 77.06 -34.26 -39.15
C LEU E 270 75.96 -35.05 -38.45
N TRP E 271 75.42 -34.49 -37.35
CA TRP E 271 74.17 -34.93 -36.76
C TRP E 271 73.03 -34.33 -37.55
N SER E 272 72.13 -35.19 -38.06
CA SER E 272 70.99 -34.78 -38.89
C SER E 272 69.77 -35.61 -38.52
N ILE E 273 68.60 -35.23 -39.06
CA ILE E 273 67.38 -35.97 -38.71
C ILE E 273 67.48 -37.39 -39.27
N LYS E 274 67.94 -37.53 -40.51
CA LYS E 274 68.08 -38.83 -41.15
C LYS E 274 69.22 -39.62 -40.50
N ASN E 275 70.29 -38.93 -40.12
CA ASN E 275 71.51 -39.57 -39.66
C ASN E 275 71.97 -38.90 -38.37
N PRO E 276 71.35 -39.24 -37.22
CA PRO E 276 71.71 -38.63 -35.95
C PRO E 276 73.01 -39.14 -35.31
N ASN E 277 74.14 -38.84 -35.97
CA ASN E 277 75.44 -39.31 -35.54
C ASN E 277 75.89 -38.53 -34.32
N LEU E 278 76.21 -39.28 -33.25
CA LEU E 278 76.68 -38.69 -32.01
C LEU E 278 78.16 -38.99 -31.80
N TYR E 279 78.84 -38.08 -31.10
CA TYR E 279 80.21 -38.24 -30.69
C TYR E 279 80.27 -38.09 -29.17
N THR E 280 81.28 -38.67 -28.54
CA THR E 280 81.58 -38.44 -27.13
C THR E 280 82.80 -37.52 -27.04
N VAL E 281 82.78 -36.59 -26.08
CA VAL E 281 83.89 -35.68 -25.89
C VAL E 281 84.40 -35.85 -24.47
N ARG E 282 85.45 -36.67 -24.36
CA ARG E 282 86.03 -37.07 -23.09
C ARG E 282 87.08 -36.04 -22.68
N THR E 283 86.96 -35.57 -21.44
CA THR E 283 87.87 -34.61 -20.83
C THR E 283 88.48 -35.30 -19.62
N GLU E 284 89.81 -35.48 -19.65
CA GLU E 284 90.58 -36.05 -18.56
C GLU E 284 91.34 -34.92 -17.88
N VAL E 285 91.25 -34.90 -16.54
CA VAL E 285 91.96 -33.91 -15.74
C VAL E 285 93.20 -34.59 -15.17
N LEU E 286 94.37 -34.03 -15.51
CA LEU E 286 95.66 -34.64 -15.22
C LEU E 286 96.42 -33.77 -14.23
N ASN E 287 97.02 -34.43 -13.24
CA ASN E 287 98.03 -33.87 -12.35
C ASN E 287 99.23 -34.81 -12.32
N GLY E 288 100.39 -34.28 -12.69
CA GLY E 288 101.55 -35.12 -12.97
C GLY E 288 101.19 -36.16 -14.02
N GLY E 289 101.52 -37.43 -13.74
CA GLY E 289 101.22 -38.54 -14.63
C GLY E 289 99.75 -38.95 -14.55
N LYS E 290 99.16 -38.85 -13.35
CA LYS E 290 97.91 -39.52 -13.02
C LYS E 290 96.70 -38.71 -13.50
N VAL E 291 95.66 -39.45 -13.95
CA VAL E 291 94.35 -38.93 -14.31
C VAL E 291 93.52 -38.84 -13.04
N LEU E 292 93.08 -37.62 -12.68
CA LEU E 292 92.32 -37.39 -11.46
C LEU E 292 90.80 -37.51 -11.69
N ASP E 293 90.33 -37.06 -12.85
CA ASP E 293 88.91 -37.09 -13.17
C ASP E 293 88.74 -37.25 -14.68
N THR E 294 87.65 -37.95 -15.06
CA THR E 294 87.33 -38.19 -16.45
C THR E 294 85.85 -37.91 -16.68
N TYR E 295 85.56 -36.92 -17.54
CA TYR E 295 84.21 -36.40 -17.76
C TYR E 295 83.83 -36.47 -19.23
N ASP E 296 82.78 -37.25 -19.53
CA ASP E 296 82.24 -37.41 -20.89
C ASP E 296 81.03 -36.52 -21.08
N THR E 297 80.80 -36.09 -22.34
CA THR E 297 79.63 -35.31 -22.75
C THR E 297 79.29 -35.67 -24.20
N GLU E 298 78.03 -36.01 -24.45
CA GLU E 298 77.54 -36.40 -25.77
C GLU E 298 77.39 -35.15 -26.62
N TYR E 299 77.85 -35.22 -27.88
CA TYR E 299 77.84 -34.08 -28.79
C TYR E 299 77.40 -34.52 -30.19
N GLY E 300 76.86 -33.56 -30.94
CA GLY E 300 76.55 -33.72 -32.35
C GLY E 300 77.06 -32.53 -33.14
N PHE E 301 77.50 -32.76 -34.39
CA PHE E 301 77.93 -31.64 -35.21
C PHE E 301 76.75 -31.24 -36.10
N ARG E 302 76.23 -30.04 -35.87
CA ARG E 302 75.05 -29.60 -36.60
C ARG E 302 74.93 -28.09 -36.44
N TRP E 303 74.23 -27.44 -37.39
CA TRP E 303 73.92 -26.02 -37.28
C TRP E 303 72.54 -25.74 -37.83
N THR E 304 71.91 -24.68 -37.30
CA THR E 304 70.57 -24.32 -37.72
C THR E 304 70.60 -22.91 -38.28
N GLY E 305 69.51 -22.53 -38.97
CA GLY E 305 69.22 -21.13 -39.23
C GLY E 305 67.72 -20.88 -39.32
N PHE E 306 67.33 -19.66 -38.99
CA PHE E 306 65.96 -19.18 -39.21
C PHE E 306 66.04 -17.94 -40.08
N ASP E 307 65.34 -17.98 -41.23
CA ASP E 307 65.21 -16.84 -42.11
C ASP E 307 63.75 -16.39 -42.04
N ALA E 308 63.53 -15.07 -42.05
CA ALA E 308 62.21 -14.52 -41.82
C ALA E 308 61.24 -14.78 -42.98
N THR E 309 61.77 -15.34 -44.09
CA THR E 309 61.02 -15.48 -45.33
C THR E 309 60.90 -16.95 -45.75
N SER E 310 62.02 -17.69 -45.64
CA SER E 310 62.16 -19.07 -46.10
C SER E 310 62.17 -20.07 -44.92
N GLY E 311 62.14 -19.54 -43.70
CA GLY E 311 61.90 -20.35 -42.52
C GLY E 311 63.14 -21.08 -42.00
N PHE E 312 62.91 -22.34 -41.56
CA PHE E 312 63.94 -23.07 -40.84
C PHE E 312 64.82 -23.83 -41.82
N SER E 313 66.04 -24.13 -41.37
CA SER E 313 67.06 -24.87 -42.10
C SER E 313 67.99 -25.56 -41.11
N LEU E 314 68.27 -26.85 -41.37
CA LEU E 314 69.20 -27.67 -40.59
C LEU E 314 70.33 -28.15 -41.49
N ASN E 315 71.57 -27.75 -41.13
CA ASN E 315 72.81 -28.15 -41.78
C ASN E 315 72.81 -27.72 -43.23
N GLY E 316 72.25 -26.55 -43.53
CA GLY E 316 72.31 -26.05 -44.90
C GLY E 316 71.05 -26.36 -45.71
N GLU E 317 70.32 -27.43 -45.35
CA GLU E 317 69.10 -27.82 -46.03
C GLU E 317 67.90 -27.10 -45.39
N LYS E 318 66.95 -26.67 -46.23
CA LYS E 318 65.68 -26.17 -45.72
C LYS E 318 64.85 -27.33 -45.20
N VAL E 319 64.32 -27.19 -43.97
CA VAL E 319 63.48 -28.22 -43.36
C VAL E 319 62.21 -27.57 -42.79
N LYS E 320 61.08 -28.26 -42.91
CA LYS E 320 59.84 -27.79 -42.33
C LYS E 320 59.69 -28.40 -40.94
N LEU E 321 59.47 -27.56 -39.92
CA LEU E 321 59.26 -28.07 -38.57
C LEU E 321 57.84 -28.65 -38.50
N LYS E 322 57.79 -29.98 -38.68
CA LYS E 322 56.56 -30.75 -38.56
C LYS E 322 56.49 -31.28 -37.13
N GLY E 323 55.86 -30.48 -36.26
CA GLY E 323 56.05 -30.60 -34.82
C GLY E 323 54.78 -30.98 -34.06
N VAL E 324 54.98 -31.59 -32.90
CA VAL E 324 53.91 -31.82 -31.95
C VAL E 324 54.36 -31.21 -30.62
N SER E 325 53.39 -30.67 -29.88
CA SER E 325 53.51 -30.42 -28.46
C SER E 325 53.32 -31.71 -27.69
N MET E 326 54.13 -31.95 -26.64
CA MET E 326 54.02 -33.14 -25.80
C MET E 326 54.19 -32.73 -24.34
N HIS E 327 53.20 -33.10 -23.52
CA HIS E 327 53.34 -33.01 -22.08
C HIS E 327 54.18 -34.20 -21.60
N HIS E 328 54.48 -34.26 -20.31
CA HIS E 328 55.48 -35.20 -19.83
C HIS E 328 54.89 -36.55 -19.47
N ASP E 329 53.65 -36.60 -18.99
CA ASP E 329 53.15 -37.88 -18.49
C ASP E 329 53.18 -38.97 -19.57
N GLN E 330 53.24 -40.22 -19.10
CA GLN E 330 53.29 -41.38 -19.97
C GLN E 330 52.04 -42.23 -19.77
N GLY E 331 50.88 -41.56 -19.78
CA GLY E 331 49.59 -42.24 -19.76
C GLY E 331 49.36 -43.01 -18.47
N SER E 332 49.11 -44.31 -18.61
CA SER E 332 48.74 -45.15 -17.48
C SER E 332 49.87 -45.22 -16.44
N LEU E 333 51.12 -44.94 -16.86
CA LEU E 333 52.25 -44.93 -15.94
C LEU E 333 52.33 -43.63 -15.14
N GLY E 334 51.48 -42.64 -15.45
CA GLY E 334 51.55 -41.34 -14.81
C GLY E 334 52.78 -40.52 -15.24
N ALA E 335 53.28 -39.67 -14.33
CA ALA E 335 54.38 -38.75 -14.60
C ALA E 335 55.69 -39.50 -14.83
N VAL E 336 55.75 -40.76 -14.40
CA VAL E 336 56.95 -41.57 -14.42
C VAL E 336 57.62 -41.44 -15.78
N ALA E 337 58.89 -40.99 -15.79
CA ALA E 337 59.62 -40.75 -17.02
C ALA E 337 60.44 -41.98 -17.39
N ASN E 338 59.73 -43.09 -17.65
CA ASN E 338 60.35 -44.34 -18.06
C ASN E 338 60.97 -44.18 -19.45
N ARG E 339 62.27 -44.51 -19.61
CA ARG E 339 62.97 -44.26 -20.85
C ARG E 339 62.26 -44.92 -22.04
N ARG E 340 61.82 -46.17 -21.88
CA ARG E 340 61.20 -46.90 -22.97
C ARG E 340 59.83 -46.29 -23.32
N ALA E 341 59.06 -45.94 -22.30
CA ALA E 341 57.80 -45.24 -22.49
C ALA E 341 58.02 -44.04 -23.42
N ILE E 342 58.98 -43.19 -23.02
CA ILE E 342 59.35 -41.98 -23.71
C ILE E 342 59.82 -42.31 -25.14
N GLU E 343 60.65 -43.33 -25.26
CA GLU E 343 61.19 -43.76 -26.54
C GLU E 343 60.05 -44.17 -27.49
N ARG E 344 59.13 -45.00 -26.96
CA ARG E 344 57.98 -45.48 -27.70
C ARG E 344 57.20 -44.30 -28.29
N GLN E 345 56.96 -43.27 -27.47
CA GLN E 345 56.24 -42.09 -27.93
C GLN E 345 56.92 -41.52 -29.18
N VAL E 346 58.23 -41.28 -29.07
CA VAL E 346 58.97 -40.68 -30.16
C VAL E 346 58.84 -41.54 -31.41
N GLU E 347 58.96 -42.86 -31.24
CA GLU E 347 58.91 -43.80 -32.34
C GLU E 347 57.60 -43.64 -33.11
N ILE E 348 56.49 -43.61 -32.36
CA ILE E 348 55.15 -43.49 -32.92
C ILE E 348 55.02 -42.16 -33.65
N LEU E 349 55.57 -41.09 -33.06
CA LEU E 349 55.56 -39.76 -33.64
C LEU E 349 56.33 -39.77 -34.95
N GLN E 350 57.52 -40.39 -34.94
CA GLN E 350 58.36 -40.47 -36.13
C GLN E 350 57.59 -41.13 -37.28
N LYS E 351 56.88 -42.22 -36.97
CA LYS E 351 56.10 -42.94 -37.95
C LYS E 351 55.01 -42.05 -38.55
N MET E 352 54.55 -41.05 -37.78
CA MET E 352 53.56 -40.10 -38.25
C MET E 352 54.19 -39.10 -39.22
N GLY E 353 55.52 -39.03 -39.24
CA GLY E 353 56.23 -38.04 -40.04
C GLY E 353 56.74 -36.84 -39.25
N VAL E 354 56.60 -36.88 -37.91
CA VAL E 354 57.03 -35.82 -37.01
C VAL E 354 58.55 -35.75 -37.03
N ASN E 355 59.11 -34.52 -36.90
CA ASN E 355 60.56 -34.33 -36.86
C ASN E 355 60.94 -33.39 -35.72
N SER E 356 59.95 -32.95 -34.94
CA SER E 356 60.23 -31.98 -33.88
C SER E 356 59.20 -32.08 -32.75
N ILE E 357 59.69 -31.93 -31.51
CA ILE E 357 58.86 -31.96 -30.32
C ILE E 357 59.11 -30.70 -29.50
N ARG E 358 58.01 -30.05 -29.09
CA ARG E 358 58.05 -28.91 -28.19
C ARG E 358 57.69 -29.45 -26.80
N THR E 359 58.60 -29.25 -25.84
CA THR E 359 58.46 -29.80 -24.50
C THR E 359 57.55 -28.88 -23.69
N THR E 360 56.25 -28.99 -23.97
CA THR E 360 55.23 -28.06 -23.47
C THR E 360 54.59 -28.47 -22.14
N HIS E 361 54.85 -27.70 -21.08
CA HIS E 361 55.54 -26.41 -21.07
C HIS E 361 56.51 -26.46 -19.89
N ASN E 362 57.55 -27.28 -20.05
CA ASN E 362 58.45 -27.60 -18.94
C ASN E 362 59.71 -28.24 -19.50
N PRO E 363 60.88 -28.19 -18.82
CA PRO E 363 62.05 -28.95 -19.27
C PRO E 363 61.67 -30.42 -19.35
N ALA E 364 62.14 -31.13 -20.40
CA ALA E 364 61.97 -32.56 -20.56
C ALA E 364 62.80 -33.34 -19.55
N ALA E 365 62.45 -34.62 -19.36
CA ALA E 365 63.33 -35.59 -18.72
C ALA E 365 64.58 -35.75 -19.55
N LYS E 366 65.75 -35.90 -18.90
CA LYS E 366 66.97 -36.09 -19.68
C LYS E 366 66.75 -37.20 -20.67
N ALA E 367 66.03 -38.24 -20.23
CA ALA E 367 65.72 -39.38 -21.07
C ALA E 367 65.17 -38.94 -22.42
N LEU E 368 64.30 -37.92 -22.45
CA LEU E 368 63.71 -37.51 -23.72
C LEU E 368 64.79 -36.92 -24.61
N ILE E 369 65.61 -36.05 -24.00
CA ILE E 369 66.71 -35.43 -24.70
C ILE E 369 67.64 -36.50 -25.25
N ASP E 370 67.99 -37.47 -24.40
CA ASP E 370 68.82 -38.61 -24.78
C ASP E 370 68.21 -39.28 -26.00
N VAL E 371 66.91 -39.59 -25.93
CA VAL E 371 66.22 -40.31 -26.98
C VAL E 371 66.31 -39.52 -28.27
N CYS E 372 65.93 -38.24 -28.21
CA CYS E 372 65.90 -37.39 -29.38
C CYS E 372 67.28 -37.29 -30.01
N ASN E 373 68.32 -37.21 -29.16
CA ASN E 373 69.69 -37.21 -29.64
C ASN E 373 69.94 -38.45 -30.51
N GLU E 374 69.53 -39.63 -30.05
CA GLU E 374 69.93 -40.84 -30.77
C GLU E 374 68.96 -41.10 -31.91
N LYS E 375 67.69 -40.71 -31.76
CA LYS E 375 66.65 -41.03 -32.73
C LYS E 375 66.58 -39.97 -33.84
N GLY E 376 67.17 -38.79 -33.60
CA GLY E 376 67.19 -37.74 -34.61
C GLY E 376 65.88 -36.95 -34.70
N VAL E 377 65.49 -36.28 -33.61
CA VAL E 377 64.29 -35.45 -33.57
C VAL E 377 64.64 -34.10 -32.95
N LEU E 378 64.16 -33.02 -33.59
CA LEU E 378 64.47 -31.68 -33.13
C LEU E 378 63.58 -31.30 -31.94
N VAL E 379 64.23 -30.91 -30.83
CA VAL E 379 63.54 -30.56 -29.59
C VAL E 379 63.59 -29.04 -29.42
N VAL E 380 62.43 -28.45 -29.17
CA VAL E 380 62.34 -27.08 -28.69
C VAL E 380 62.04 -27.22 -27.20
N GLU E 381 63.07 -27.04 -26.36
CA GLU E 381 62.94 -27.28 -24.94
C GLU E 381 62.43 -26.00 -24.28
N GLU E 382 61.17 -26.06 -23.84
CA GLU E 382 60.49 -24.98 -23.14
C GLU E 382 60.73 -25.15 -21.65
N VAL E 383 61.08 -24.04 -20.97
CA VAL E 383 61.46 -24.05 -19.57
C VAL E 383 60.28 -23.71 -18.66
N PHE E 384 59.39 -22.82 -19.13
CA PHE E 384 58.35 -22.27 -18.28
C PHE E 384 56.99 -22.25 -18.99
N ASP E 385 55.91 -22.32 -18.19
CA ASP E 385 54.58 -22.01 -18.69
C ASP E 385 54.26 -20.57 -18.33
N MET E 386 53.80 -20.35 -17.10
CA MET E 386 53.54 -19.01 -16.62
C MET E 386 54.85 -18.42 -16.13
N TRP E 387 54.87 -17.11 -15.87
CA TRP E 387 56.02 -16.45 -15.30
C TRP E 387 55.73 -16.06 -13.85
N ASN E 388 55.61 -14.76 -13.60
CA ASN E 388 55.47 -14.17 -12.27
C ASN E 388 54.02 -14.16 -11.79
N ARG E 389 53.08 -14.60 -12.61
CA ARG E 389 51.67 -14.55 -12.24
C ARG E 389 51.08 -15.92 -12.49
N SER E 390 50.25 -16.42 -11.56
CA SER E 390 49.75 -17.78 -11.66
C SER E 390 48.54 -17.83 -12.58
N LYS E 391 48.29 -19.01 -13.15
CA LYS E 391 47.21 -19.14 -14.13
C LYS E 391 46.08 -19.95 -13.50
N ASN E 392 44.84 -19.56 -13.82
CA ASN E 392 43.64 -20.33 -13.54
C ASN E 392 43.49 -20.58 -12.04
N GLY E 393 44.01 -19.63 -11.24
CA GLY E 393 43.88 -19.69 -9.79
C GLY E 393 44.55 -20.91 -9.20
N ASN E 394 45.49 -21.50 -9.95
CA ASN E 394 46.42 -22.50 -9.46
C ASN E 394 47.46 -21.79 -8.58
N THR E 395 47.08 -21.45 -7.34
CA THR E 395 47.83 -20.53 -6.51
C THR E 395 49.18 -21.11 -6.12
N GLU E 396 49.31 -22.44 -6.24
CA GLU E 396 50.51 -23.17 -5.84
C GLU E 396 51.42 -23.50 -7.02
N ASP E 397 51.06 -23.04 -8.24
CA ASP E 397 51.83 -23.22 -9.47
C ASP E 397 53.09 -22.36 -9.44
N TYR E 398 54.02 -22.63 -10.35
CA TYR E 398 55.37 -22.06 -10.27
C TYR E 398 55.35 -20.53 -10.23
N GLY E 399 54.22 -19.93 -10.63
CA GLY E 399 54.04 -18.49 -10.55
C GLY E 399 54.41 -17.98 -9.17
N LYS E 400 54.08 -18.77 -8.15
CA LYS E 400 54.30 -18.46 -6.75
C LYS E 400 55.79 -18.20 -6.53
N TRP E 401 56.64 -18.92 -7.28
CA TRP E 401 58.06 -19.01 -6.97
C TRP E 401 58.95 -18.29 -7.98
N PHE E 402 58.44 -18.07 -9.20
CA PHE E 402 59.21 -17.56 -10.32
C PHE E 402 60.08 -16.39 -9.91
N GLY E 403 59.53 -15.46 -9.12
CA GLY E 403 60.24 -14.23 -8.81
C GLY E 403 60.89 -14.21 -7.43
N GLN E 404 60.77 -15.32 -6.67
CA GLN E 404 61.31 -15.40 -5.32
C GLN E 404 62.82 -15.60 -5.38
N ALA E 405 63.54 -15.00 -4.41
CA ALA E 405 64.99 -15.15 -4.30
C ALA E 405 65.31 -16.51 -3.65
N ILE E 406 66.55 -16.98 -3.75
CA ILE E 406 66.91 -18.27 -3.16
C ILE E 406 67.49 -18.02 -1.78
N ALA E 407 67.13 -18.89 -0.82
CA ALA E 407 67.54 -18.69 0.55
C ALA E 407 69.06 -18.88 0.68
N GLY E 408 69.67 -18.11 1.60
CA GLY E 408 71.09 -18.19 1.84
C GLY E 408 71.50 -19.57 2.34
N ASP E 409 70.64 -20.19 3.15
CA ASP E 409 70.89 -21.48 3.76
C ASP E 409 70.58 -22.61 2.78
N ASN E 410 70.06 -22.27 1.59
CA ASN E 410 69.63 -23.26 0.61
C ASN E 410 70.79 -23.64 -0.31
N ALA E 411 71.24 -24.90 -0.19
CA ALA E 411 72.48 -25.35 -0.81
C ALA E 411 72.22 -26.11 -2.12
N VAL E 412 71.03 -25.88 -2.69
CA VAL E 412 70.66 -26.51 -3.95
C VAL E 412 71.63 -26.03 -5.02
N LEU E 413 71.87 -26.89 -6.03
CA LEU E 413 72.84 -26.64 -7.08
C LEU E 413 72.25 -26.97 -8.46
N GLY E 414 72.80 -26.29 -9.47
CA GLY E 414 72.51 -26.69 -10.84
C GLY E 414 72.51 -25.51 -11.79
N GLY E 415 72.11 -24.34 -11.26
CA GLY E 415 71.99 -23.09 -12.00
C GLY E 415 72.43 -21.94 -11.12
N ASP E 416 72.29 -20.71 -11.63
CA ASP E 416 72.74 -19.50 -10.95
C ASP E 416 71.80 -19.15 -9.80
N LYS E 417 72.41 -18.87 -8.63
CA LYS E 417 71.63 -18.68 -7.43
C LYS E 417 71.53 -17.20 -7.05
N ASP E 418 71.99 -16.31 -7.93
CA ASP E 418 72.24 -14.93 -7.53
C ASP E 418 71.01 -14.06 -7.78
N GLU E 419 69.96 -14.61 -8.41
CA GLU E 419 68.78 -13.79 -8.64
C GLU E 419 67.53 -14.54 -8.17
N THR E 420 66.62 -14.85 -9.10
CA THR E 420 65.37 -15.51 -8.80
C THR E 420 65.42 -16.98 -9.22
N TRP E 421 64.39 -17.73 -8.81
CA TRP E 421 64.26 -19.13 -9.12
C TRP E 421 64.24 -19.30 -10.64
N ALA E 422 63.61 -18.33 -11.31
CA ALA E 422 63.47 -18.31 -12.76
C ALA E 422 64.85 -18.48 -13.40
N LYS E 423 65.81 -17.66 -12.96
CA LYS E 423 67.16 -17.71 -13.48
C LYS E 423 67.77 -19.10 -13.20
N PHE E 424 67.63 -19.56 -11.95
CA PHE E 424 68.19 -20.84 -11.52
C PHE E 424 67.67 -21.99 -12.38
N ASP E 425 66.33 -22.02 -12.56
CA ASP E 425 65.69 -23.13 -13.24
C ASP E 425 66.03 -23.11 -14.72
N LEU E 426 66.14 -21.89 -15.28
CA LEU E 426 66.48 -21.69 -16.68
C LEU E 426 67.91 -22.12 -16.92
N THR E 427 68.83 -21.53 -16.14
CA THR E 427 70.26 -21.81 -16.28
C THR E 427 70.57 -23.27 -15.99
N SER E 428 69.84 -23.87 -15.04
CA SER E 428 70.03 -25.28 -14.75
C SER E 428 69.67 -26.13 -15.97
N THR E 429 68.53 -25.82 -16.59
CA THR E 429 68.10 -26.62 -17.72
C THR E 429 69.12 -26.53 -18.85
N ILE E 430 69.54 -25.30 -19.15
CA ILE E 430 70.51 -25.03 -20.20
C ILE E 430 71.82 -25.78 -19.91
N ASN E 431 72.29 -25.69 -18.67
CA ASN E 431 73.53 -26.35 -18.27
C ASN E 431 73.49 -27.85 -18.57
N ARG E 432 72.32 -28.47 -18.35
CA ARG E 432 72.17 -29.90 -18.54
C ARG E 432 72.22 -30.25 -20.02
N ASP E 433 71.60 -29.41 -20.87
CA ASP E 433 71.26 -29.80 -22.23
C ASP E 433 72.07 -29.05 -23.29
N ARG E 434 73.08 -28.27 -22.86
CA ARG E 434 73.75 -27.32 -23.73
C ARG E 434 74.46 -28.01 -24.89
N ASN E 435 74.75 -29.32 -24.73
CA ASN E 435 75.56 -29.98 -25.75
C ASN E 435 74.70 -30.92 -26.60
N ALA E 436 73.40 -30.93 -26.35
CA ALA E 436 72.49 -31.86 -27.00
C ALA E 436 72.21 -31.39 -28.41
N PRO E 437 72.67 -32.11 -29.46
CA PRO E 437 72.39 -31.73 -30.84
C PRO E 437 70.90 -31.53 -31.15
N SER E 438 70.03 -32.27 -30.45
CA SER E 438 68.61 -32.30 -30.77
C SER E 438 67.93 -30.98 -30.40
N VAL E 439 68.44 -30.28 -29.39
CA VAL E 439 67.83 -29.07 -28.87
C VAL E 439 68.21 -27.94 -29.81
N ILE E 440 67.20 -27.30 -30.44
CA ILE E 440 67.43 -26.26 -31.44
C ILE E 440 67.14 -24.88 -30.86
N MET E 441 66.19 -24.79 -29.92
CA MET E 441 65.80 -23.53 -29.30
C MET E 441 65.43 -23.72 -27.84
N TRP E 442 65.62 -22.66 -27.04
CA TRP E 442 65.12 -22.54 -25.69
C TRP E 442 63.83 -21.70 -25.70
N SER E 443 62.67 -22.33 -25.44
CA SER E 443 61.40 -21.63 -25.29
C SER E 443 61.27 -21.17 -23.85
N LEU E 444 60.98 -19.86 -23.65
CA LEU E 444 61.14 -19.19 -22.37
C LEU E 444 59.80 -18.97 -21.66
N GLY E 445 58.69 -19.41 -22.26
CA GLY E 445 57.37 -19.23 -21.68
C GLY E 445 56.27 -19.59 -22.68
N ASN E 446 55.06 -19.86 -22.19
CA ASN E 446 53.91 -20.18 -23.02
C ASN E 446 52.67 -19.43 -22.49
N GLU E 447 51.98 -18.73 -23.41
CA GLU E 447 50.77 -18.00 -23.06
C GLU E 447 50.94 -17.28 -21.73
N MET E 448 52.02 -16.52 -21.59
CA MET E 448 52.44 -15.95 -20.31
C MET E 448 51.36 -15.05 -19.74
N MET E 449 50.54 -14.48 -20.62
CA MET E 449 49.61 -13.44 -20.20
C MET E 449 48.16 -13.92 -20.24
N GLU E 450 47.98 -15.24 -20.40
CA GLU E 450 46.69 -15.91 -20.48
C GLU E 450 46.36 -16.52 -19.12
N GLY E 451 45.10 -16.36 -18.70
CA GLY E 451 44.57 -17.00 -17.50
C GLY E 451 45.08 -16.38 -16.21
N ILE E 452 45.44 -15.09 -16.26
CA ILE E 452 46.11 -14.43 -15.15
C ILE E 452 45.38 -13.15 -14.73
N SER E 453 45.86 -12.50 -13.66
CA SER E 453 45.19 -11.33 -13.08
C SER E 453 46.09 -10.11 -13.07
N GLY E 454 45.50 -8.93 -13.26
CA GLY E 454 46.22 -7.68 -13.07
C GLY E 454 46.98 -7.25 -14.33
N SER E 455 47.72 -6.14 -14.20
CA SER E 455 48.36 -5.49 -15.34
C SER E 455 49.33 -6.47 -15.96
N VAL E 456 49.54 -6.31 -17.27
CA VAL E 456 50.52 -7.12 -17.98
C VAL E 456 51.67 -6.23 -18.46
N SER E 457 51.63 -4.94 -18.12
CA SER E 457 52.58 -3.97 -18.62
C SER E 457 54.00 -4.32 -18.19
N GLY E 458 54.12 -5.16 -17.15
CA GLY E 458 55.42 -5.56 -16.65
C GLY E 458 56.06 -6.68 -17.46
N PHE E 459 55.24 -7.41 -18.21
CA PHE E 459 55.64 -8.63 -18.89
C PHE E 459 56.79 -8.41 -19.88
N PRO E 460 56.73 -7.43 -20.81
CA PRO E 460 57.81 -7.22 -21.77
C PRO E 460 59.18 -7.03 -21.09
N ALA E 461 59.18 -6.44 -19.89
CA ALA E 461 60.41 -6.27 -19.12
C ALA E 461 60.91 -7.61 -18.58
N THR E 462 59.99 -8.43 -18.06
CA THR E 462 60.28 -9.78 -17.57
C THR E 462 60.80 -10.64 -18.72
N SER E 463 60.18 -10.51 -19.91
CA SER E 463 60.63 -11.23 -21.09
C SER E 463 62.10 -10.94 -21.36
N ALA E 464 62.45 -9.66 -21.43
CA ALA E 464 63.80 -9.23 -21.78
C ALA E 464 64.81 -9.82 -20.81
N LYS E 465 64.46 -9.81 -19.52
CA LYS E 465 65.31 -10.34 -18.46
C LYS E 465 65.63 -11.81 -18.74
N LEU E 466 64.61 -12.59 -19.15
CA LEU E 466 64.75 -14.01 -19.43
C LEU E 466 65.60 -14.21 -20.69
N VAL E 467 65.32 -13.40 -21.72
CA VAL E 467 66.07 -13.42 -22.97
C VAL E 467 67.55 -13.19 -22.68
N ALA E 468 67.87 -12.13 -21.92
CA ALA E 468 69.23 -11.79 -21.53
C ALA E 468 69.92 -12.99 -20.88
N TRP E 469 69.24 -13.59 -19.89
CA TRP E 469 69.79 -14.70 -19.15
C TRP E 469 70.16 -15.85 -20.09
N THR E 470 69.24 -16.14 -21.03
CA THR E 470 69.37 -17.23 -21.97
C THR E 470 70.59 -16.99 -22.86
N LYS E 471 70.65 -15.77 -23.43
CA LYS E 471 71.72 -15.38 -24.32
C LYS E 471 73.05 -15.64 -23.63
N ALA E 472 73.12 -15.24 -22.35
CA ALA E 472 74.35 -15.31 -21.58
C ALA E 472 74.65 -16.76 -21.20
N ALA E 473 73.60 -17.59 -21.14
CA ALA E 473 73.74 -18.97 -20.71
C ALA E 473 74.20 -19.85 -21.88
N ASP E 474 73.71 -19.56 -23.09
CA ASP E 474 74.05 -20.34 -24.26
C ASP E 474 73.85 -19.47 -25.50
N SER E 475 74.98 -18.99 -26.04
CA SER E 475 74.98 -18.13 -27.23
C SER E 475 74.52 -18.89 -28.47
N THR E 476 74.53 -20.22 -28.40
CA THR E 476 74.57 -21.03 -29.61
C THR E 476 73.19 -21.28 -30.21
N ARG E 477 72.12 -21.02 -29.46
CA ARG E 477 70.79 -21.41 -29.91
C ARG E 477 69.82 -20.24 -29.73
N PRO E 478 68.92 -19.99 -30.69
CA PRO E 478 67.93 -18.93 -30.51
C PRO E 478 66.97 -19.25 -29.37
N MET E 479 66.63 -18.23 -28.60
CA MET E 479 65.55 -18.31 -27.62
C MET E 479 64.24 -17.94 -28.30
N THR E 480 63.13 -18.31 -27.67
CA THR E 480 61.78 -18.15 -28.21
C THR E 480 60.78 -18.28 -27.07
N TYR E 481 59.49 -18.14 -27.40
CA TYR E 481 58.38 -18.35 -26.50
C TYR E 481 57.16 -18.66 -27.36
N GLY E 482 56.03 -18.89 -26.72
CA GLY E 482 54.81 -19.18 -27.45
C GLY E 482 53.71 -18.29 -26.92
N ASP E 483 53.39 -17.27 -27.73
CA ASP E 483 52.54 -16.17 -27.33
C ASP E 483 51.23 -16.26 -28.09
N ASN E 484 50.12 -16.11 -27.37
CA ASN E 484 48.78 -16.26 -27.95
C ASN E 484 48.10 -14.90 -28.03
N LYS E 485 48.83 -13.83 -27.68
CA LYS E 485 48.31 -12.48 -27.79
C LYS E 485 48.92 -11.76 -29.01
N ILE E 486 49.80 -12.44 -29.76
CA ILE E 486 50.25 -11.90 -31.03
C ILE E 486 49.04 -11.80 -31.96
N LYS E 487 48.17 -12.83 -31.92
CA LYS E 487 47.00 -12.84 -32.77
C LYS E 487 46.03 -11.72 -32.37
N ALA E 488 46.11 -11.24 -31.12
CA ALA E 488 45.24 -10.17 -30.64
C ALA E 488 45.91 -8.80 -30.76
N ASN E 489 47.12 -8.76 -31.30
CA ASN E 489 47.88 -7.54 -31.52
C ASN E 489 48.05 -6.73 -30.25
N TRP E 490 48.24 -7.39 -29.10
CA TRP E 490 48.56 -6.71 -27.86
C TRP E 490 49.91 -6.00 -27.98
N ASN E 491 50.01 -4.81 -27.39
CA ASN E 491 51.22 -4.02 -27.37
C ASN E 491 52.36 -4.82 -26.79
N GLU E 492 52.14 -5.31 -25.57
CA GLU E 492 53.11 -6.13 -24.86
C GLU E 492 53.71 -7.18 -25.82
N SER E 493 52.84 -7.87 -26.57
CA SER E 493 53.22 -8.97 -27.45
C SER E 493 54.19 -8.53 -28.54
N ASN E 494 54.01 -7.28 -29.01
CA ASN E 494 54.79 -6.66 -30.07
C ASN E 494 56.16 -6.27 -29.55
N THR E 495 56.20 -5.55 -28.40
CA THR E 495 57.45 -5.15 -27.79
C THR E 495 58.33 -6.39 -27.58
N MET E 496 57.70 -7.48 -27.12
CA MET E 496 58.41 -8.67 -26.67
C MET E 496 59.06 -9.39 -27.84
N GLY E 497 58.38 -9.38 -29.00
CA GLY E 497 58.85 -10.01 -30.22
C GLY E 497 60.00 -9.24 -30.85
N ASP E 498 59.96 -7.91 -30.76
CA ASP E 498 61.06 -7.08 -31.21
C ASP E 498 62.31 -7.47 -30.42
N ASN E 499 62.17 -7.54 -29.09
CA ASN E 499 63.29 -7.86 -28.20
C ASN E 499 63.76 -9.28 -28.44
N LEU E 500 62.83 -10.20 -28.70
CA LEU E 500 63.21 -11.55 -29.13
C LEU E 500 64.09 -11.45 -30.37
N THR E 501 63.54 -10.81 -31.40
CA THR E 501 64.20 -10.67 -32.69
C THR E 501 65.57 -10.06 -32.49
N ALA E 502 65.64 -9.02 -31.64
CA ALA E 502 66.85 -8.23 -31.46
C ALA E 502 67.97 -9.07 -30.85
N ASN E 503 67.63 -10.18 -30.19
CA ASN E 503 68.64 -10.98 -29.51
C ASN E 503 68.76 -12.34 -30.19
N GLY E 504 68.36 -12.37 -31.46
CA GLY E 504 68.55 -13.54 -32.30
C GLY E 504 67.51 -14.61 -32.03
N GLY E 505 66.35 -14.19 -31.54
CA GLY E 505 65.25 -15.10 -31.23
C GLY E 505 64.30 -15.33 -32.40
N VAL E 506 63.54 -16.41 -32.30
CA VAL E 506 62.42 -16.72 -33.19
C VAL E 506 61.13 -16.53 -32.38
N VAL E 507 60.08 -16.01 -33.02
CA VAL E 507 58.83 -15.64 -32.34
C VAL E 507 57.79 -16.72 -32.62
N GLY E 508 57.25 -17.29 -31.56
CA GLY E 508 56.21 -18.30 -31.69
C GLY E 508 54.83 -17.72 -31.44
N THR E 509 53.98 -17.76 -32.47
CA THR E 509 52.58 -17.39 -32.34
C THR E 509 51.74 -18.64 -32.14
N ASN E 510 50.81 -18.55 -31.18
CA ASN E 510 49.91 -19.63 -30.82
C ASN E 510 48.55 -19.37 -31.47
N TYR E 511 48.03 -20.37 -32.19
CA TYR E 511 46.66 -20.43 -32.67
C TYR E 511 46.36 -19.28 -33.63
N SER E 512 47.29 -19.01 -34.58
CA SER E 512 47.09 -18.03 -35.64
C SER E 512 46.52 -18.71 -36.88
N ASP E 513 45.54 -18.07 -37.54
CA ASP E 513 45.07 -18.56 -38.83
C ASP E 513 46.02 -18.04 -39.91
N GLY E 514 45.86 -18.54 -41.13
CA GLY E 514 46.66 -18.08 -42.25
C GLY E 514 46.66 -16.55 -42.37
N ALA E 515 45.47 -15.95 -42.21
CA ALA E 515 45.29 -14.52 -42.37
C ALA E 515 46.16 -13.75 -41.39
N ASN E 516 46.27 -14.29 -40.16
CA ASN E 516 47.03 -13.69 -39.08
C ASN E 516 48.53 -13.89 -39.32
N TYR E 517 48.93 -15.08 -39.81
CA TYR E 517 50.32 -15.30 -40.20
C TYR E 517 50.76 -14.18 -41.15
N ASP E 518 49.90 -13.84 -42.10
CA ASP E 518 50.18 -12.80 -43.09
C ASP E 518 50.22 -11.43 -42.41
N LYS E 519 49.28 -11.14 -41.49
CA LYS E 519 49.29 -9.85 -40.82
C LYS E 519 50.63 -9.68 -40.11
N ILE E 520 51.13 -10.77 -39.50
CA ILE E 520 52.38 -10.74 -38.74
C ILE E 520 53.54 -10.39 -39.67
N ARG E 521 53.62 -11.09 -40.80
CA ARG E 521 54.72 -10.90 -41.73
C ARG E 521 54.78 -9.44 -42.17
N THR E 522 53.61 -8.88 -42.49
CA THR E 522 53.48 -7.52 -42.97
C THR E 522 53.87 -6.54 -41.86
N THR E 523 53.29 -6.72 -40.69
CA THR E 523 53.44 -5.81 -39.55
C THR E 523 54.82 -5.93 -38.92
N HIS E 524 55.50 -7.08 -39.09
CA HIS E 524 56.77 -7.36 -38.43
C HIS E 524 57.71 -8.11 -39.38
N PRO E 525 58.27 -7.43 -40.40
CA PRO E 525 59.11 -8.10 -41.39
C PRO E 525 60.40 -8.68 -40.79
N SER E 526 60.86 -8.10 -39.67
CA SER E 526 62.08 -8.51 -38.99
C SER E 526 61.91 -9.89 -38.34
N TRP E 527 60.68 -10.19 -37.91
CA TRP E 527 60.41 -11.40 -37.15
C TRP E 527 60.57 -12.62 -38.02
N ALA E 528 61.27 -13.64 -37.48
CA ALA E 528 61.14 -15.00 -37.95
C ALA E 528 60.08 -15.69 -37.11
N ILE E 529 59.08 -16.34 -37.75
CA ILE E 529 57.95 -16.84 -37.00
C ILE E 529 57.68 -18.33 -37.27
N TYR E 530 57.05 -19.00 -36.29
CA TYR E 530 56.54 -20.35 -36.43
C TYR E 530 55.21 -20.45 -35.67
N GLY E 531 54.45 -21.51 -35.94
CA GLY E 531 53.27 -21.84 -35.13
C GLY E 531 53.67 -22.63 -33.89
N SER E 532 53.85 -21.94 -32.77
CA SER E 532 54.34 -22.55 -31.53
C SER E 532 53.30 -23.52 -30.96
N GLU E 533 52.03 -23.19 -31.13
CA GLU E 533 50.94 -24.05 -30.71
C GLU E 533 49.81 -23.90 -31.71
N THR E 534 49.35 -25.01 -32.28
CA THR E 534 48.39 -24.99 -33.38
C THR E 534 47.35 -26.09 -33.19
N ALA E 535 46.19 -25.91 -33.85
CA ALA E 535 45.13 -26.91 -33.94
C ALA E 535 44.29 -26.98 -32.67
N SER E 536 44.74 -27.75 -31.67
CA SER E 536 43.93 -28.03 -30.49
C SER E 536 42.60 -28.66 -30.91
N ALA E 537 42.67 -29.60 -31.87
CA ALA E 537 41.52 -30.37 -32.30
C ALA E 537 41.17 -31.41 -31.24
N ILE E 538 39.87 -31.62 -31.00
CA ILE E 538 39.40 -32.54 -29.97
C ILE E 538 38.60 -33.68 -30.59
N ASN E 539 39.15 -34.90 -30.48
CA ASN E 539 38.61 -36.13 -31.06
C ASN E 539 38.87 -37.30 -30.10
N SER E 540 38.00 -38.32 -30.11
CA SER E 540 38.25 -39.61 -29.46
C SER E 540 38.70 -40.60 -30.52
N ARG E 541 39.08 -41.82 -30.13
CA ARG E 541 39.46 -42.85 -31.10
C ARG E 541 38.25 -43.70 -31.50
N GLY E 542 38.04 -43.86 -32.81
CA GLY E 542 37.15 -44.87 -33.35
C GLY E 542 35.66 -44.54 -33.24
N ILE E 543 35.33 -43.26 -33.01
CA ILE E 543 33.94 -42.80 -32.91
C ILE E 543 33.49 -42.23 -34.25
N TYR E 544 32.37 -42.75 -34.80
CA TYR E 544 31.97 -42.45 -36.17
C TYR E 544 30.48 -42.15 -36.32
N ASN E 545 29.70 -42.31 -35.23
CA ASN E 545 28.25 -42.27 -35.32
C ASN E 545 27.75 -40.84 -35.54
N ARG E 546 28.62 -39.86 -35.32
CA ARG E 546 28.35 -38.48 -35.72
C ARG E 546 29.58 -37.93 -36.42
N THR E 547 29.46 -36.74 -37.04
CA THR E 547 30.60 -36.11 -37.71
C THR E 547 30.80 -34.69 -37.20
N THR E 548 30.29 -34.41 -36.00
CA THR E 548 30.34 -33.08 -35.44
C THR E 548 30.91 -33.16 -34.03
N GLY E 549 31.38 -32.02 -33.54
CA GLY E 549 31.92 -31.98 -32.20
C GLY E 549 32.19 -30.56 -31.75
N GLY E 550 33.34 -30.36 -31.12
CA GLY E 550 33.73 -29.05 -30.65
C GLY E 550 32.94 -28.62 -29.43
N ALA E 551 32.13 -29.55 -28.89
CA ALA E 551 31.30 -29.28 -27.73
C ALA E 551 31.04 -30.58 -26.97
N GLN E 552 30.59 -30.43 -25.72
CA GLN E 552 30.28 -31.55 -24.85
C GLN E 552 29.21 -32.41 -25.52
N SER E 553 29.53 -33.71 -25.71
CA SER E 553 28.61 -34.72 -26.18
C SER E 553 27.84 -35.34 -25.01
N SER E 554 26.76 -36.04 -25.35
CA SER E 554 25.98 -36.83 -24.40
C SER E 554 26.78 -38.04 -23.91
N ASP E 555 27.54 -38.66 -24.82
CA ASP E 555 28.20 -39.94 -24.56
C ASP E 555 29.66 -39.78 -24.10
N LYS E 556 30.07 -38.54 -23.77
CA LYS E 556 31.38 -38.26 -23.18
C LYS E 556 32.53 -38.67 -24.11
N GLN E 557 32.29 -38.65 -25.42
CA GLN E 557 33.29 -38.88 -26.46
C GLN E 557 33.09 -37.88 -27.58
N LEU E 558 34.02 -37.85 -28.55
CA LEU E 558 33.99 -36.89 -29.65
C LEU E 558 34.35 -37.58 -30.97
N THR E 559 33.72 -37.11 -32.06
CA THR E 559 33.90 -37.71 -33.38
C THR E 559 35.39 -37.84 -33.76
N SER E 560 35.70 -38.90 -34.51
CA SER E 560 37.06 -39.14 -34.99
C SER E 560 37.31 -38.43 -36.33
N TYR E 561 36.22 -37.98 -36.96
CA TYR E 561 36.30 -37.15 -38.17
C TYR E 561 36.94 -35.83 -37.75
N ASP E 562 37.65 -35.18 -38.70
CA ASP E 562 38.40 -33.98 -38.37
C ASP E 562 37.54 -32.73 -38.49
N ASN E 563 36.48 -32.64 -37.69
CA ASN E 563 35.50 -31.57 -37.76
C ASN E 563 35.25 -31.00 -36.37
N SER E 564 36.04 -31.46 -35.41
CA SER E 564 35.85 -31.11 -34.01
C SER E 564 37.13 -30.45 -33.52
N ALA E 565 36.99 -29.24 -32.98
CA ALA E 565 38.08 -28.46 -32.43
C ALA E 565 37.53 -27.45 -31.41
N VAL E 566 38.40 -26.96 -30.53
CA VAL E 566 38.05 -25.93 -29.57
C VAL E 566 37.83 -24.61 -30.31
N GLY E 567 37.25 -23.63 -29.61
CA GLY E 567 36.86 -22.37 -30.25
C GLY E 567 38.08 -21.58 -30.75
N TRP E 568 39.15 -21.62 -29.93
CA TRP E 568 40.32 -20.80 -30.22
C TRP E 568 41.18 -21.42 -31.32
N GLY E 569 41.04 -22.75 -31.48
CA GLY E 569 41.88 -23.51 -32.38
C GLY E 569 41.28 -23.66 -33.77
N ALA E 570 41.56 -24.80 -34.39
CA ALA E 570 41.11 -25.18 -35.72
C ALA E 570 41.43 -26.65 -35.96
N VAL E 571 40.71 -27.27 -36.90
CA VAL E 571 40.90 -28.67 -37.28
C VAL E 571 42.25 -28.87 -37.95
N ALA E 572 42.70 -30.13 -38.02
CA ALA E 572 44.03 -30.47 -38.50
C ALA E 572 44.24 -29.94 -39.92
N SER E 573 43.31 -30.31 -40.82
CA SER E 573 43.32 -29.86 -42.19
C SER E 573 43.62 -28.36 -42.27
N SER E 574 42.99 -27.58 -41.37
CA SER E 574 43.07 -26.13 -41.42
C SER E 574 44.45 -25.62 -41.00
N ALA E 575 44.92 -26.09 -39.83
CA ALA E 575 46.13 -25.57 -39.23
C ALA E 575 47.36 -25.97 -40.03
N TRP E 576 47.30 -27.13 -40.71
CA TRP E 576 48.38 -27.54 -41.59
C TRP E 576 48.37 -26.78 -42.90
N TYR E 577 47.18 -26.61 -43.49
CA TYR E 577 47.00 -25.93 -44.76
C TYR E 577 47.58 -24.52 -44.64
N ASP E 578 47.17 -23.80 -43.60
CA ASP E 578 47.63 -22.45 -43.34
C ASP E 578 49.16 -22.38 -43.24
N VAL E 579 49.79 -23.49 -42.82
CA VAL E 579 51.22 -23.50 -42.57
C VAL E 579 51.98 -23.92 -43.83
N VAL E 580 51.52 -24.99 -44.49
CA VAL E 580 52.32 -25.65 -45.51
C VAL E 580 52.59 -24.71 -46.68
N GLN E 581 51.58 -23.88 -46.97
CA GLN E 581 51.56 -22.89 -48.04
C GLN E 581 52.58 -21.77 -47.85
N ARG E 582 52.89 -21.44 -46.59
CA ARG E 582 53.71 -20.28 -46.27
C ARG E 582 55.12 -20.68 -45.82
N ASP E 583 56.11 -20.44 -46.69
CA ASP E 583 57.50 -20.74 -46.42
C ASP E 583 58.02 -19.96 -45.21
N PHE E 584 57.39 -18.81 -44.91
CA PHE E 584 57.82 -17.88 -43.85
C PHE E 584 57.31 -18.29 -42.47
N VAL E 585 56.40 -19.28 -42.45
CA VAL E 585 55.97 -19.93 -41.23
C VAL E 585 56.78 -21.22 -41.09
N ALA E 586 57.82 -21.17 -40.24
CA ALA E 586 58.92 -22.12 -40.24
C ALA E 586 58.47 -23.55 -39.99
N GLY E 587 57.40 -23.68 -39.19
CA GLY E 587 56.75 -24.95 -38.91
C GLY E 587 55.54 -24.81 -37.98
N THR E 588 54.96 -25.96 -37.61
CA THR E 588 53.82 -26.06 -36.70
C THR E 588 54.21 -26.99 -35.54
N TYR E 589 53.69 -26.71 -34.34
CA TYR E 589 53.78 -27.64 -33.21
C TYR E 589 52.37 -27.90 -32.67
N VAL E 590 51.77 -28.99 -33.20
CA VAL E 590 50.37 -29.31 -33.01
C VAL E 590 50.11 -29.65 -31.55
N TRP E 591 48.97 -29.18 -31.05
CA TRP E 591 48.47 -29.53 -29.72
C TRP E 591 47.41 -30.62 -29.86
N THR E 592 47.72 -31.85 -29.42
CA THR E 592 49.05 -32.31 -29.03
C THR E 592 49.37 -33.61 -29.75
N GLY E 593 50.62 -34.08 -29.61
CA GLY E 593 51.04 -35.34 -30.20
C GLY E 593 50.29 -36.52 -29.59
N PHE E 594 50.35 -36.60 -28.25
CA PHE E 594 49.68 -37.63 -27.47
C PHE E 594 48.75 -36.97 -26.45
N ASP E 595 47.60 -37.63 -26.21
CA ASP E 595 46.70 -37.26 -25.13
C ASP E 595 47.48 -37.27 -23.81
N TYR E 596 47.14 -36.35 -22.90
CA TYR E 596 47.78 -36.30 -21.59
C TYR E 596 46.71 -36.36 -20.51
N LEU E 597 47.07 -36.81 -19.29
CA LEU E 597 46.11 -36.81 -18.20
C LEU E 597 45.80 -35.36 -17.80
N GLY E 598 44.51 -35.07 -17.55
CA GLY E 598 44.06 -33.74 -17.18
C GLY E 598 43.53 -32.95 -18.38
N GLU E 599 43.24 -31.66 -18.17
CA GLU E 599 42.72 -30.77 -19.20
C GLU E 599 41.76 -31.52 -20.13
N PRO E 600 40.62 -32.00 -19.60
CA PRO E 600 39.67 -32.79 -20.40
C PRO E 600 38.73 -31.94 -21.25
N THR E 601 39.20 -30.76 -21.69
CA THR E 601 38.44 -29.91 -22.57
C THR E 601 37.84 -30.77 -23.68
N PRO E 602 36.53 -30.65 -24.04
CA PRO E 602 35.64 -29.60 -23.52
C PRO E 602 35.00 -29.73 -22.14
N TRP E 603 35.32 -30.81 -21.42
CA TRP E 603 34.83 -31.02 -20.05
C TRP E 603 35.86 -30.60 -19.00
N ASN E 604 36.40 -29.38 -19.14
CA ASN E 604 37.50 -28.94 -18.31
C ASN E 604 36.98 -28.26 -17.04
N GLY E 605 37.81 -28.21 -15.99
CA GLY E 605 37.43 -27.55 -14.76
C GLY E 605 38.66 -27.04 -14.01
N THR E 606 38.76 -25.72 -13.87
CA THR E 606 39.84 -25.07 -13.14
C THR E 606 39.49 -25.00 -11.65
N GLY E 607 38.20 -25.25 -11.33
CA GLY E 607 37.72 -25.29 -9.96
C GLY E 607 37.35 -26.70 -9.51
N SER E 608 37.22 -26.86 -8.18
CA SER E 608 36.87 -28.12 -7.54
C SER E 608 35.47 -28.57 -7.99
N GLY E 609 35.27 -29.88 -8.19
CA GLY E 609 33.96 -30.43 -8.52
C GLY E 609 33.91 -31.16 -9.86
N ALA E 610 33.02 -32.16 -9.98
CA ALA E 610 32.87 -32.94 -11.23
C ALA E 610 32.25 -32.09 -12.34
N VAL E 611 32.51 -32.49 -13.60
CA VAL E 611 32.04 -31.77 -14.77
C VAL E 611 31.15 -32.71 -15.58
N GLY E 612 29.86 -32.36 -15.67
CA GLY E 612 28.87 -33.32 -16.15
C GLY E 612 28.70 -34.44 -15.13
N SER E 613 28.06 -35.53 -15.55
CA SER E 613 27.88 -36.67 -14.66
C SER E 613 29.23 -37.34 -14.46
N TRP E 614 29.49 -37.77 -13.21
CA TRP E 614 30.61 -38.62 -12.85
C TRP E 614 30.31 -40.05 -13.29
N PRO E 615 31.29 -40.84 -13.79
CA PRO E 615 32.68 -40.41 -13.89
C PRO E 615 32.89 -39.42 -15.03
N SER E 616 33.51 -38.27 -14.72
CA SER E 616 33.77 -37.21 -15.67
C SER E 616 35.01 -37.54 -16.50
N PRO E 617 35.18 -36.99 -17.72
CA PRO E 617 36.40 -37.25 -18.49
C PRO E 617 37.57 -36.69 -17.69
N LYS E 618 38.64 -37.51 -17.56
CA LYS E 618 39.78 -37.23 -16.69
C LYS E 618 41.09 -37.00 -17.47
N ASN E 619 41.05 -37.17 -18.79
CA ASN E 619 42.21 -36.96 -19.64
C ASN E 619 41.84 -36.17 -20.89
N SER E 620 42.81 -35.92 -21.79
CA SER E 620 42.69 -34.98 -22.89
C SER E 620 42.03 -35.59 -24.13
N TYR E 621 41.54 -34.71 -25.02
CA TYR E 621 41.01 -35.13 -26.31
C TYR E 621 41.86 -34.61 -27.48
N PHE E 622 42.93 -33.88 -27.14
CA PHE E 622 43.72 -33.12 -28.11
C PHE E 622 44.64 -34.00 -28.95
N GLY E 623 45.16 -35.06 -28.34
CA GLY E 623 46.14 -35.96 -28.93
C GLY E 623 45.76 -36.48 -30.32
N ILE E 624 46.76 -36.54 -31.21
CA ILE E 624 46.67 -37.30 -32.44
C ILE E 624 46.63 -38.79 -32.08
N VAL E 625 47.30 -39.12 -30.97
CA VAL E 625 47.40 -40.46 -30.44
C VAL E 625 46.87 -40.43 -29.01
N ASP E 626 46.11 -41.46 -28.61
CA ASP E 626 45.55 -41.54 -27.27
C ASP E 626 46.62 -42.02 -26.28
N THR E 627 46.26 -41.92 -24.99
CA THR E 627 47.20 -42.17 -23.90
C THR E 627 47.91 -43.51 -24.05
N ALA E 628 47.26 -44.47 -24.71
CA ALA E 628 47.77 -45.83 -24.82
C ALA E 628 48.78 -45.94 -25.95
N GLY E 629 48.77 -44.97 -26.88
CA GLY E 629 49.68 -45.05 -28.01
C GLY E 629 48.95 -45.59 -29.24
N PHE E 630 47.62 -45.62 -29.15
CA PHE E 630 46.78 -45.98 -30.28
C PHE E 630 46.48 -44.73 -31.10
N PRO E 631 46.83 -44.71 -32.40
CA PRO E 631 46.56 -43.56 -33.26
C PRO E 631 45.05 -43.33 -33.41
N LYS E 632 44.64 -42.06 -33.45
CA LYS E 632 43.32 -41.68 -33.91
C LYS E 632 43.39 -41.56 -35.42
N ASP E 633 42.25 -41.29 -36.09
CA ASP E 633 42.23 -41.43 -37.54
C ASP E 633 43.05 -40.31 -38.17
N THR E 634 42.93 -39.12 -37.58
CA THR E 634 43.62 -37.90 -37.97
C THR E 634 45.12 -38.18 -38.17
N TYR E 635 45.66 -39.19 -37.47
CA TYR E 635 47.08 -39.58 -37.49
C TYR E 635 47.52 -39.85 -38.91
N TYR E 636 46.67 -40.54 -39.67
CA TYR E 636 47.00 -40.91 -41.04
C TYR E 636 46.87 -39.73 -41.99
N PHE E 637 46.05 -38.74 -41.62
CA PHE E 637 46.11 -37.47 -42.32
C PHE E 637 47.51 -36.87 -42.17
N TYR E 638 47.98 -36.70 -40.92
CA TYR E 638 49.29 -36.13 -40.68
C TYR E 638 50.36 -36.93 -41.43
N GLN E 639 50.26 -38.26 -41.38
CA GLN E 639 51.21 -39.13 -42.05
C GLN E 639 51.20 -38.84 -43.55
N SER E 640 49.99 -38.65 -44.11
CA SER E 640 49.83 -38.39 -45.53
C SER E 640 50.54 -37.09 -45.90
N GLN E 641 50.59 -36.17 -44.93
CA GLN E 641 51.11 -34.84 -45.15
C GLN E 641 52.60 -34.73 -44.77
N TRP E 642 53.14 -35.64 -43.94
CA TRP E 642 54.45 -35.42 -43.30
C TRP E 642 55.51 -36.49 -43.58
N ASN E 643 55.11 -37.76 -43.73
CA ASN E 643 56.06 -38.85 -43.84
C ASN E 643 56.36 -39.16 -45.32
N ASP E 644 57.60 -38.82 -45.71
CA ASP E 644 58.04 -39.01 -47.09
C ASP E 644 58.80 -40.32 -47.23
N ASP E 645 58.80 -41.14 -46.17
CA ASP E 645 59.45 -42.44 -46.16
C ASP E 645 58.43 -43.57 -46.20
N VAL E 646 57.13 -43.26 -46.21
CA VAL E 646 56.07 -44.23 -46.40
C VAL E 646 54.96 -43.64 -47.27
N HIS E 647 54.04 -44.52 -47.70
CA HIS E 647 52.85 -44.15 -48.43
C HIS E 647 51.61 -44.49 -47.61
N THR E 648 50.81 -43.46 -47.32
CA THR E 648 49.59 -43.60 -46.55
C THR E 648 48.41 -43.77 -47.51
N LEU E 649 47.55 -44.73 -47.21
CA LEU E 649 46.23 -44.88 -47.80
C LEU E 649 45.31 -45.46 -46.73
N HIS E 650 44.49 -44.58 -46.13
CA HIS E 650 43.69 -44.87 -44.97
C HIS E 650 42.25 -44.38 -45.16
N ILE E 651 41.29 -45.24 -44.79
CA ILE E 651 39.86 -44.98 -44.91
C ILE E 651 39.23 -44.95 -43.52
N LEU E 652 38.26 -44.05 -43.35
CA LEU E 652 37.29 -44.12 -42.27
C LEU E 652 35.92 -43.73 -42.85
N PRO E 653 34.78 -44.05 -42.19
CA PRO E 653 34.76 -44.74 -40.90
C PRO E 653 34.79 -46.26 -41.03
N ALA E 654 34.63 -46.95 -39.89
CA ALA E 654 34.41 -48.40 -39.86
C ALA E 654 33.02 -48.68 -40.43
N TRP E 655 32.80 -49.92 -40.91
CA TRP E 655 31.67 -50.18 -41.80
C TRP E 655 30.66 -51.16 -41.21
N ASN E 656 30.05 -50.78 -40.06
CA ASN E 656 28.99 -51.51 -39.40
C ASN E 656 27.79 -50.59 -39.21
N GLU E 657 26.59 -51.14 -39.38
CA GLU E 657 25.33 -50.40 -39.28
C GLU E 657 25.36 -49.39 -38.13
N ASN E 658 25.77 -49.86 -36.94
CA ASN E 658 25.50 -49.20 -35.67
C ASN E 658 26.48 -48.05 -35.38
N VAL E 659 27.57 -47.92 -36.16
CA VAL E 659 28.66 -47.01 -35.85
C VAL E 659 28.74 -45.84 -36.84
N VAL E 660 28.27 -46.03 -38.08
CA VAL E 660 28.36 -45.03 -39.14
C VAL E 660 27.37 -43.90 -38.88
N ALA E 661 27.57 -42.77 -39.56
CA ALA E 661 26.65 -41.65 -39.49
C ALA E 661 25.98 -41.47 -40.85
N LYS E 662 24.67 -41.71 -40.90
CA LYS E 662 23.87 -41.52 -42.10
C LYS E 662 22.88 -40.38 -41.85
N GLY E 663 22.58 -39.62 -42.92
CA GLY E 663 21.62 -38.54 -42.83
C GLY E 663 20.86 -38.28 -44.13
N SER E 664 21.56 -37.67 -45.09
CA SER E 664 21.07 -37.44 -46.44
C SER E 664 20.83 -38.80 -47.10
N GLY E 665 19.61 -39.34 -46.91
CA GLY E 665 19.30 -40.72 -47.23
C GLY E 665 20.15 -41.64 -46.36
N ASN E 666 20.68 -42.70 -46.95
CA ASN E 666 21.56 -43.60 -46.24
C ASN E 666 23.02 -43.27 -46.50
N ASN E 667 23.33 -41.98 -46.74
CA ASN E 667 24.67 -41.62 -47.20
C ASN E 667 25.58 -41.38 -46.00
N VAL E 668 26.75 -42.06 -46.02
CA VAL E 668 27.76 -42.00 -44.98
C VAL E 668 29.01 -41.33 -45.56
N PRO E 669 29.51 -40.23 -44.93
CA PRO E 669 30.75 -39.61 -45.39
C PRO E 669 31.91 -40.59 -45.18
N VAL E 670 32.50 -41.02 -46.29
CA VAL E 670 33.71 -41.83 -46.29
C VAL E 670 34.88 -40.90 -46.63
N VAL E 671 35.92 -40.92 -45.78
CA VAL E 671 37.09 -40.06 -45.91
C VAL E 671 38.33 -40.90 -46.17
N VAL E 672 39.21 -40.41 -47.05
CA VAL E 672 40.46 -41.06 -47.39
C VAL E 672 41.61 -40.07 -47.18
N TYR E 673 42.62 -40.51 -46.42
CA TYR E 673 43.87 -39.80 -46.24
C TYR E 673 44.94 -40.53 -47.03
N THR E 674 45.65 -39.82 -47.94
CA THR E 674 46.66 -40.49 -48.75
C THR E 674 47.67 -39.53 -49.35
N ASP E 675 48.89 -40.03 -49.59
CA ASP E 675 49.95 -39.24 -50.22
C ASP E 675 50.02 -39.58 -51.71
N ALA E 676 49.08 -40.41 -52.16
CA ALA E 676 48.99 -40.81 -53.57
C ALA E 676 48.43 -39.68 -54.43
N ALA E 677 48.69 -39.75 -55.74
CA ALA E 677 48.23 -38.76 -56.71
C ALA E 677 46.75 -38.97 -57.08
N LYS E 678 46.32 -40.24 -57.23
CA LYS E 678 44.95 -40.60 -57.61
C LYS E 678 44.47 -41.78 -56.75
N VAL E 679 43.17 -41.74 -56.38
CA VAL E 679 42.51 -42.78 -55.61
C VAL E 679 41.20 -43.18 -56.29
N LYS E 680 41.05 -44.49 -56.58
CA LYS E 680 39.80 -45.11 -57.00
C LYS E 680 39.22 -45.85 -55.78
N LEU E 681 37.96 -45.54 -55.46
CA LEU E 681 37.25 -46.14 -54.34
C LEU E 681 36.25 -47.17 -54.86
N TYR E 682 36.38 -48.42 -54.39
CA TYR E 682 35.50 -49.53 -54.73
C TYR E 682 34.65 -49.94 -53.52
N PHE E 683 33.49 -50.57 -53.79
CA PHE E 683 32.58 -51.15 -52.81
C PHE E 683 32.18 -52.56 -53.26
N THR E 684 32.32 -53.54 -52.35
CA THR E 684 32.01 -54.93 -52.61
C THR E 684 30.94 -55.40 -51.63
N PRO E 685 29.69 -55.72 -52.06
CA PRO E 685 28.63 -56.11 -51.12
C PRO E 685 28.96 -57.47 -50.50
N LYS E 686 28.38 -57.75 -49.32
CA LYS E 686 28.73 -58.91 -48.53
C LYS E 686 28.48 -60.18 -49.35
N GLY E 687 29.38 -61.16 -49.17
CA GLY E 687 29.25 -62.47 -49.80
C GLY E 687 29.50 -62.44 -51.31
N SER E 688 29.44 -61.26 -51.92
CA SER E 688 29.77 -61.03 -53.32
C SER E 688 31.29 -60.94 -53.49
N THR E 689 31.75 -61.03 -54.73
CA THR E 689 33.18 -61.07 -55.02
C THR E 689 33.52 -60.06 -56.12
N GLU E 690 32.57 -59.16 -56.40
CA GLU E 690 32.64 -58.23 -57.51
C GLU E 690 32.68 -56.80 -56.94
N LYS E 691 33.84 -56.14 -57.11
CA LYS E 691 34.09 -54.78 -56.66
C LYS E 691 33.42 -53.78 -57.60
N ARG E 692 32.61 -52.85 -57.07
CA ARG E 692 31.96 -51.82 -57.87
C ARG E 692 32.61 -50.46 -57.61
N LEU E 693 33.23 -49.88 -58.64
CA LEU E 693 33.87 -48.57 -58.57
C LEU E 693 32.86 -47.48 -58.21
N ILE E 694 33.07 -46.82 -57.07
CA ILE E 694 32.17 -45.78 -56.56
C ILE E 694 32.56 -44.41 -57.10
N GLY E 695 33.82 -44.26 -57.51
CA GLY E 695 34.34 -42.95 -57.86
C GLY E 695 35.87 -42.95 -57.91
N GLU E 696 36.41 -41.81 -58.37
CA GLU E 696 37.83 -41.67 -58.64
C GLU E 696 38.16 -40.18 -58.48
N LYS E 697 39.24 -39.86 -57.76
CA LYS E 697 39.62 -38.49 -57.48
C LYS E 697 41.14 -38.33 -57.59
N SER E 698 41.57 -37.19 -58.18
CA SER E 698 42.98 -36.88 -58.42
C SER E 698 43.40 -35.61 -57.71
N PHE E 699 44.59 -35.65 -57.09
CA PHE E 699 45.13 -34.51 -56.38
C PHE E 699 45.88 -33.59 -57.34
N THR E 700 46.19 -32.38 -56.86
CA THR E 700 46.99 -31.40 -57.54
C THR E 700 48.26 -31.17 -56.72
N LYS E 701 49.45 -31.49 -57.29
CA LYS E 701 50.68 -31.54 -56.50
C LYS E 701 51.47 -30.25 -56.63
N LYS E 702 51.11 -29.26 -55.82
CA LYS E 702 51.82 -28.00 -55.69
C LYS E 702 53.11 -28.18 -54.87
N THR E 703 54.13 -27.36 -55.17
CA THR E 703 55.40 -27.26 -54.44
C THR E 703 55.77 -25.79 -54.29
N THR E 704 56.09 -25.34 -53.06
CA THR E 704 56.34 -23.94 -52.77
C THR E 704 57.74 -23.55 -53.25
N ALA E 705 58.02 -22.24 -53.20
CA ALA E 705 59.30 -21.71 -53.65
C ALA E 705 60.44 -22.40 -52.92
N ALA E 706 60.32 -22.49 -51.59
CA ALA E 706 61.34 -23.07 -50.72
C ALA E 706 61.47 -24.57 -50.95
N GLY E 707 60.46 -25.19 -51.55
CA GLY E 707 60.60 -26.54 -52.07
C GLY E 707 59.76 -27.58 -51.32
N TYR E 708 58.83 -27.09 -50.48
CA TYR E 708 57.92 -27.96 -49.74
C TYR E 708 56.73 -28.25 -50.64
N THR E 709 56.42 -29.55 -50.81
CA THR E 709 55.44 -29.98 -51.79
C THR E 709 54.25 -30.68 -51.12
N TYR E 710 53.03 -30.20 -51.38
CA TYR E 710 51.79 -30.71 -50.80
C TYR E 710 50.76 -30.99 -51.88
N GLN E 711 49.60 -31.54 -51.51
CA GLN E 711 48.58 -31.91 -52.47
C GLN E 711 47.21 -31.44 -51.99
N VAL E 712 46.44 -30.81 -52.89
CA VAL E 712 45.07 -30.38 -52.61
C VAL E 712 44.15 -30.90 -53.72
N TYR E 713 42.86 -31.03 -53.44
CA TYR E 713 41.90 -31.53 -54.42
C TYR E 713 41.15 -30.36 -55.02
N GLU E 714 41.17 -30.25 -56.36
CA GLU E 714 40.62 -29.06 -57.02
C GLU E 714 39.51 -29.43 -58.01
N GLY E 715 39.00 -30.67 -57.94
CA GLY E 715 37.91 -31.14 -58.80
C GLY E 715 36.58 -30.46 -58.46
N ALA E 716 35.53 -30.69 -59.26
CA ALA E 716 34.25 -30.03 -59.07
C ALA E 716 33.58 -30.46 -57.77
N ASP E 717 33.76 -31.73 -57.42
CA ASP E 717 33.22 -32.27 -56.17
C ASP E 717 33.99 -31.69 -54.98
N LYS E 718 34.84 -30.68 -55.23
CA LYS E 718 35.68 -30.12 -54.18
C LYS E 718 34.83 -29.52 -53.07
N ASP E 719 35.33 -29.58 -51.83
CA ASP E 719 34.66 -28.94 -50.71
C ASP E 719 34.76 -27.44 -50.91
N SER E 720 33.73 -26.71 -50.47
CA SER E 720 33.70 -25.25 -50.62
C SER E 720 34.76 -24.59 -49.75
N THR E 721 34.94 -25.11 -48.52
CA THR E 721 36.00 -24.68 -47.62
C THR E 721 37.29 -25.41 -47.97
N ALA E 722 38.35 -24.65 -48.29
CA ALA E 722 39.50 -25.11 -49.07
C ALA E 722 40.29 -26.19 -48.36
N HIS E 723 40.52 -26.01 -47.06
CA HIS E 723 41.45 -26.82 -46.30
C HIS E 723 41.03 -28.30 -46.27
N LYS E 724 39.72 -28.55 -46.34
CA LYS E 724 39.16 -29.90 -46.29
C LYS E 724 39.56 -30.69 -47.54
N ASN E 725 40.07 -29.99 -48.55
CA ASN E 725 40.47 -30.60 -49.81
C ASN E 725 41.90 -31.10 -49.70
N MET E 726 42.46 -31.12 -48.49
CA MET E 726 43.76 -31.74 -48.29
C MET E 726 43.58 -33.26 -48.18
N TYR E 727 42.32 -33.69 -48.04
CA TYR E 727 41.88 -35.07 -48.09
C TYR E 727 40.67 -35.22 -49.02
N LEU E 728 40.30 -36.47 -49.32
CA LEU E 728 39.21 -36.84 -50.21
C LEU E 728 38.01 -37.37 -49.43
N THR E 729 36.80 -36.97 -49.85
CA THR E 729 35.56 -37.37 -49.19
C THR E 729 34.52 -37.78 -50.24
N TRP E 730 34.04 -39.03 -50.13
CA TRP E 730 32.93 -39.57 -50.91
C TRP E 730 31.72 -39.76 -49.99
N ASN E 731 30.51 -39.73 -50.59
CA ASN E 731 29.30 -40.12 -49.91
C ASN E 731 28.79 -41.46 -50.42
N VAL E 732 29.17 -42.54 -49.73
CA VAL E 732 28.71 -43.88 -50.06
C VAL E 732 27.43 -44.18 -49.30
N PRO E 733 26.44 -44.88 -49.90
CA PRO E 733 25.25 -45.32 -49.16
C PRO E 733 25.57 -46.56 -48.33
N TRP E 734 24.97 -46.65 -47.14
CA TRP E 734 25.23 -47.73 -46.20
C TRP E 734 24.71 -49.06 -46.75
N ALA E 735 25.59 -50.05 -46.80
CA ALA E 735 25.23 -51.41 -47.18
C ALA E 735 26.33 -52.35 -46.68
N GLU E 736 25.94 -53.47 -46.08
CA GLU E 736 26.88 -54.46 -45.58
C GLU E 736 27.87 -54.80 -46.69
N GLY E 737 29.18 -54.73 -46.38
CA GLY E 737 30.20 -55.06 -47.36
C GLY E 737 31.57 -54.52 -46.98
N THR E 738 32.40 -54.27 -48.01
CA THR E 738 33.80 -53.90 -47.89
C THR E 738 34.08 -52.70 -48.79
N ILE E 739 34.32 -51.52 -48.17
CA ILE E 739 34.81 -50.36 -48.90
C ILE E 739 36.33 -50.45 -48.98
N SER E 740 36.86 -50.68 -50.19
CA SER E 740 38.30 -50.68 -50.44
C SER E 740 38.68 -49.48 -51.29
N ALA E 741 39.98 -49.18 -51.36
CA ALA E 741 40.50 -48.09 -52.18
C ALA E 741 41.86 -48.48 -52.72
N GLU E 742 42.11 -48.15 -54.00
CA GLU E 742 43.40 -48.38 -54.64
C GLU E 742 44.00 -47.02 -55.00
N ALA E 743 45.34 -46.98 -55.09
CA ALA E 743 46.08 -45.73 -55.17
C ALA E 743 47.08 -45.77 -56.32
N TYR E 744 47.16 -44.67 -57.07
CA TYR E 744 48.03 -44.54 -58.24
C TYR E 744 48.92 -43.31 -58.08
N ASP E 745 50.18 -43.42 -58.54
CA ASP E 745 51.16 -42.33 -58.52
C ASP E 745 50.91 -41.35 -59.68
N GLU E 746 51.79 -40.33 -59.78
CA GLU E 746 51.66 -39.30 -60.80
C GLU E 746 51.65 -39.88 -62.22
N ASN E 747 52.48 -40.91 -62.44
CA ASN E 747 52.59 -41.59 -63.73
C ASN E 747 51.50 -42.64 -63.94
N ASN E 748 50.57 -42.72 -62.98
CA ASN E 748 49.40 -43.59 -63.07
C ASN E 748 49.74 -45.07 -62.85
N ARG E 749 50.99 -45.36 -62.47
CA ARG E 749 51.40 -46.67 -61.96
C ARG E 749 50.68 -46.91 -60.64
N LEU E 750 50.00 -48.07 -60.52
CA LEU E 750 49.32 -48.45 -59.30
C LEU E 750 50.33 -48.59 -58.15
N ILE E 751 49.94 -48.15 -56.95
CA ILE E 751 50.72 -48.36 -55.73
C ILE E 751 50.36 -49.74 -55.19
N PRO E 752 51.34 -50.67 -55.04
CA PRO E 752 51.05 -52.06 -54.67
C PRO E 752 50.19 -52.18 -53.42
N GLU E 753 49.24 -53.15 -53.41
CA GLU E 753 48.20 -53.26 -52.41
C GLU E 753 48.79 -53.47 -51.01
N GLY E 754 49.94 -54.16 -50.93
CA GLY E 754 50.60 -54.48 -49.69
C GLY E 754 51.27 -53.29 -48.99
N SER E 755 51.87 -52.39 -49.77
CA SER E 755 52.86 -51.41 -49.30
C SER E 755 52.27 -50.20 -48.58
N THR E 756 50.94 -50.04 -48.62
CA THR E 756 50.25 -48.93 -47.98
C THR E 756 50.35 -48.98 -46.46
N GLU E 757 50.21 -47.81 -45.82
CA GLU E 757 50.03 -47.65 -44.37
C GLU E 757 48.60 -47.19 -44.10
N GLY E 758 48.03 -47.61 -42.97
CA GLY E 758 46.65 -47.34 -42.62
C GLY E 758 45.71 -48.36 -43.29
N ASN E 759 44.41 -48.28 -42.95
CA ASN E 759 43.39 -49.19 -43.44
C ASN E 759 43.02 -48.90 -44.90
N ALA E 760 43.52 -49.74 -45.81
CA ALA E 760 43.27 -49.65 -47.23
C ALA E 760 41.82 -50.01 -47.56
N SER E 761 41.12 -50.62 -46.58
CA SER E 761 39.75 -51.09 -46.68
C SER E 761 39.15 -51.29 -45.29
N VAL E 762 37.89 -50.88 -45.15
CA VAL E 762 37.05 -51.22 -44.00
C VAL E 762 36.08 -52.27 -44.49
N THR E 763 35.55 -53.07 -43.55
CA THR E 763 34.61 -54.15 -43.86
C THR E 763 33.60 -54.30 -42.73
N THR E 764 32.39 -54.78 -43.05
CA THR E 764 31.37 -55.04 -42.04
C THR E 764 31.77 -56.27 -41.23
N THR E 765 31.78 -56.15 -39.89
CA THR E 765 32.35 -57.17 -39.02
C THR E 765 31.25 -57.99 -38.36
N GLY E 766 31.63 -59.22 -37.95
CA GLY E 766 30.79 -60.10 -37.15
C GLY E 766 30.72 -59.62 -35.71
N LYS E 767 30.11 -60.40 -34.83
CA LYS E 767 30.10 -60.09 -33.41
C LYS E 767 31.49 -60.44 -32.84
N ALA E 768 31.77 -59.87 -31.66
CA ALA E 768 33.01 -60.06 -30.92
C ALA E 768 33.25 -61.56 -30.73
N ALA E 769 34.44 -62.04 -31.12
CA ALA E 769 34.73 -63.47 -31.16
C ALA E 769 36.10 -63.83 -30.54
N LYS E 770 37.15 -63.12 -30.96
CA LYS E 770 38.50 -63.41 -30.49
C LYS E 770 39.23 -62.16 -30.01
N LEU E 771 40.22 -62.37 -29.12
CA LEU E 771 41.25 -61.40 -28.78
C LEU E 771 42.52 -61.77 -29.56
N LYS E 772 43.05 -60.81 -30.31
CA LYS E 772 44.40 -60.87 -30.85
C LYS E 772 45.27 -59.94 -30.02
N ALA E 773 46.36 -60.48 -29.46
CA ALA E 773 47.29 -59.73 -28.64
C ALA E 773 48.71 -59.83 -29.23
N ASP E 774 49.31 -58.66 -29.47
CA ASP E 774 50.69 -58.59 -29.90
C ASP E 774 51.48 -57.70 -28.92
N ALA E 775 52.75 -58.06 -28.69
CA ALA E 775 53.67 -57.29 -27.87
C ALA E 775 54.66 -56.58 -28.77
N ASP E 776 54.92 -55.29 -28.47
CA ASP E 776 55.74 -54.45 -29.33
C ASP E 776 57.15 -55.00 -29.43
N ARG E 777 57.71 -55.47 -28.31
CA ARG E 777 59.03 -56.07 -28.32
C ARG E 777 58.97 -57.41 -27.59
N LYS E 778 59.44 -58.46 -28.28
CA LYS E 778 59.32 -59.82 -27.80
C LYS E 778 60.51 -60.16 -26.89
N THR E 779 61.51 -59.25 -26.86
CA THR E 779 62.64 -59.32 -25.96
C THR E 779 62.87 -57.94 -25.33
N ILE E 780 63.09 -57.91 -24.00
CA ILE E 780 63.37 -56.67 -23.27
C ILE E 780 64.54 -56.93 -22.31
N THR E 781 65.06 -55.87 -21.69
CA THR E 781 66.19 -56.00 -20.78
C THR E 781 65.67 -56.27 -19.37
N ALA E 782 66.38 -57.15 -18.66
CA ALA E 782 66.03 -57.54 -17.31
C ALA E 782 66.74 -56.63 -16.31
N ASP E 783 66.27 -55.38 -16.21
CA ASP E 783 66.92 -54.34 -15.44
C ASP E 783 65.92 -53.72 -14.46
N GLY E 784 64.67 -54.18 -14.49
CA GLY E 784 63.62 -53.64 -13.65
C GLY E 784 63.07 -52.33 -14.21
N LYS E 785 63.40 -52.07 -15.50
CA LYS E 785 63.19 -50.79 -16.15
C LYS E 785 62.42 -50.98 -17.45
N ASP E 786 63.01 -51.73 -18.40
CA ASP E 786 62.47 -51.90 -19.75
C ASP E 786 60.99 -52.35 -19.71
N LEU E 787 60.23 -51.94 -20.73
CA LEU E 787 58.81 -52.29 -20.83
C LEU E 787 58.52 -53.01 -22.14
N SER E 788 57.56 -53.94 -22.08
CA SER E 788 56.87 -54.47 -23.25
C SER E 788 55.45 -53.95 -23.27
N TYR E 789 55.04 -53.37 -24.41
CA TYR E 789 53.70 -52.81 -24.60
C TYR E 789 52.87 -53.84 -25.39
N ILE E 790 51.77 -54.32 -24.77
CA ILE E 790 50.94 -55.36 -25.34
C ILE E 790 49.59 -54.76 -25.77
N GLU E 791 49.42 -54.63 -27.10
CA GLU E 791 48.17 -54.23 -27.71
C GLU E 791 47.27 -55.46 -27.78
N VAL E 792 45.99 -55.28 -27.41
CA VAL E 792 44.98 -56.31 -27.55
C VAL E 792 43.80 -55.73 -28.34
N ASP E 793 43.53 -56.31 -29.51
CA ASP E 793 42.37 -55.97 -30.33
C ASP E 793 41.27 -57.02 -30.12
N VAL E 794 40.01 -56.57 -30.19
CA VAL E 794 38.84 -57.42 -30.18
C VAL E 794 38.35 -57.57 -31.63
N THR E 795 38.54 -58.77 -32.20
CA THR E 795 38.16 -59.07 -33.57
C THR E 795 36.92 -59.97 -33.61
N ASP E 796 36.30 -60.06 -34.80
CA ASP E 796 35.29 -61.06 -35.11
C ASP E 796 36.01 -62.36 -35.47
N ALA E 797 35.23 -63.35 -35.96
CA ALA E 797 35.73 -64.70 -36.21
C ALA E 797 36.84 -64.70 -37.26
N ASN E 798 36.85 -63.70 -38.15
CA ASN E 798 37.78 -63.63 -39.28
C ASN E 798 38.97 -62.74 -38.96
N GLY E 799 38.93 -62.04 -37.82
CA GLY E 799 40.04 -61.21 -37.38
C GLY E 799 39.84 -59.72 -37.67
N HIS E 800 38.61 -59.33 -38.02
CA HIS E 800 38.25 -57.94 -38.25
C HIS E 800 37.97 -57.23 -36.91
N ILE E 801 38.74 -56.18 -36.61
CA ILE E 801 38.59 -55.45 -35.35
C ILE E 801 37.14 -54.96 -35.24
N VAL E 802 36.51 -55.22 -34.11
CA VAL E 802 35.11 -54.84 -33.96
C VAL E 802 35.04 -53.39 -33.51
N PRO E 803 34.48 -52.49 -34.36
CA PRO E 803 34.46 -51.05 -34.09
C PRO E 803 34.11 -50.60 -32.68
N ASP E 804 33.04 -51.13 -32.09
CA ASP E 804 32.52 -50.55 -30.86
C ASP E 804 32.80 -51.44 -29.65
N ALA E 805 33.53 -52.55 -29.88
CA ALA E 805 33.83 -53.52 -28.84
C ALA E 805 34.31 -52.82 -27.56
N ALA E 806 33.74 -53.21 -26.41
CA ALA E 806 34.13 -52.65 -25.11
C ALA E 806 34.30 -53.75 -24.05
N ASN E 807 34.62 -54.96 -24.51
CA ASN E 807 34.72 -56.16 -23.69
C ASN E 807 35.86 -56.02 -22.68
N ARG E 808 35.53 -56.13 -21.39
CA ARG E 808 36.52 -56.10 -20.31
C ARG E 808 37.54 -57.23 -20.48
N VAL E 809 38.81 -56.85 -20.60
CA VAL E 809 39.90 -57.79 -20.81
C VAL E 809 40.72 -57.88 -19.53
N THR E 810 41.06 -59.12 -19.16
CA THR E 810 41.80 -59.41 -17.94
C THR E 810 43.13 -60.02 -18.33
N PHE E 811 44.20 -59.50 -17.72
CA PHE E 811 45.56 -59.87 -18.07
C PHE E 811 46.14 -60.75 -16.97
N ASP E 812 46.70 -61.88 -17.38
CA ASP E 812 47.37 -62.82 -16.51
C ASP E 812 48.86 -62.79 -16.82
N VAL E 813 49.64 -62.11 -15.97
CA VAL E 813 51.08 -62.02 -16.14
C VAL E 813 51.77 -63.04 -15.23
N LYS E 814 52.43 -64.02 -15.84
CA LYS E 814 53.26 -64.99 -15.14
C LYS E 814 54.67 -64.93 -15.74
N GLY E 815 55.69 -64.89 -14.87
CA GLY E 815 57.08 -65.00 -15.31
C GLY E 815 57.99 -63.94 -14.69
N ALA E 816 59.11 -63.64 -15.39
CA ALA E 816 60.10 -62.67 -14.96
C ALA E 816 59.71 -61.24 -15.35
N GLY E 817 58.44 -60.90 -15.10
CA GLY E 817 57.87 -59.58 -15.31
C GLY E 817 56.73 -59.29 -14.35
N LYS E 818 56.00 -58.18 -14.57
CA LYS E 818 54.81 -57.84 -13.83
C LYS E 818 54.08 -56.68 -14.50
N LEU E 819 52.75 -56.67 -14.38
CA LEU E 819 51.92 -55.69 -15.06
C LEU E 819 52.01 -54.36 -14.33
N VAL E 820 52.39 -53.30 -15.07
CA VAL E 820 52.58 -51.98 -14.47
C VAL E 820 51.47 -51.02 -14.92
N GLY E 821 50.75 -51.38 -16.00
CA GLY E 821 49.61 -50.58 -16.40
C GLY E 821 48.70 -51.26 -17.41
N VAL E 822 47.45 -50.78 -17.43
CA VAL E 822 46.44 -51.08 -18.45
C VAL E 822 45.73 -49.79 -18.84
N ASP E 823 45.39 -49.64 -20.14
CA ASP E 823 44.86 -48.39 -20.67
C ASP E 823 44.03 -48.65 -21.92
N ASN E 824 43.16 -47.67 -22.24
CA ASN E 824 42.33 -47.65 -23.44
C ASN E 824 42.21 -46.24 -24.05
N GLY E 825 42.78 -45.23 -23.36
CA GLY E 825 42.77 -43.87 -23.87
C GLY E 825 41.37 -43.29 -23.92
N SER E 826 40.49 -43.85 -23.07
CA SER E 826 39.13 -43.39 -22.89
C SER E 826 39.09 -42.39 -21.73
N SER E 827 38.67 -41.16 -22.05
CA SER E 827 38.78 -40.04 -21.14
C SER E 827 37.94 -40.25 -19.88
N PRO E 828 36.70 -40.77 -19.98
CA PRO E 828 35.83 -40.90 -18.81
C PRO E 828 35.90 -42.25 -18.09
N ASP E 829 36.77 -43.15 -18.55
CA ASP E 829 36.97 -44.43 -17.87
C ASP E 829 37.87 -44.21 -16.66
N HIS E 830 37.32 -44.42 -15.45
CA HIS E 830 38.06 -44.20 -14.22
C HIS E 830 38.62 -45.49 -13.61
N ASP E 831 38.51 -46.62 -14.32
CA ASP E 831 39.08 -47.86 -13.81
C ASP E 831 40.56 -47.66 -13.51
N SER E 832 41.03 -48.26 -12.41
CA SER E 832 42.42 -48.17 -11.98
C SER E 832 43.36 -48.58 -13.12
N TYR E 833 44.42 -47.78 -13.30
CA TYR E 833 45.50 -48.03 -14.24
C TYR E 833 46.33 -49.21 -13.76
N GLN E 834 46.34 -49.42 -12.43
CA GLN E 834 47.13 -50.44 -11.75
C GLN E 834 46.37 -51.77 -11.59
N ALA E 835 45.20 -51.91 -12.19
CA ALA E 835 44.39 -53.11 -12.11
C ALA E 835 44.87 -54.13 -13.15
N ASP E 836 44.33 -55.35 -13.11
CA ASP E 836 44.73 -56.42 -14.00
C ASP E 836 43.74 -56.57 -15.16
N ASN E 837 42.76 -55.63 -15.20
CA ASN E 837 41.70 -55.67 -16.19
C ASN E 837 41.30 -54.25 -16.57
N ARG E 838 40.79 -54.11 -17.80
CA ARG E 838 40.17 -52.86 -18.24
C ARG E 838 39.30 -53.14 -19.45
N LYS E 839 38.21 -52.37 -19.59
CA LYS E 839 37.37 -52.43 -20.78
C LYS E 839 38.23 -52.08 -21.99
N ALA E 840 38.06 -52.82 -23.10
CA ALA E 840 38.47 -52.31 -24.39
C ALA E 840 37.65 -51.06 -24.69
N PHE E 841 38.19 -50.22 -25.58
CA PHE E 841 37.46 -49.06 -26.06
C PHE E 841 37.71 -48.95 -27.56
N SER E 842 36.63 -48.69 -28.31
CA SER E 842 36.67 -48.81 -29.75
C SER E 842 37.59 -49.96 -30.15
N GLY E 843 37.42 -51.12 -29.51
CA GLY E 843 37.96 -52.39 -29.97
C GLY E 843 39.44 -52.61 -29.62
N LYS E 844 39.95 -51.86 -28.65
CA LYS E 844 41.36 -51.93 -28.32
C LYS E 844 41.57 -51.73 -26.82
N VAL E 845 42.59 -52.41 -26.29
CA VAL E 845 43.05 -52.19 -24.92
C VAL E 845 44.55 -52.48 -24.86
N LEU E 846 45.25 -51.76 -23.98
CA LEU E 846 46.70 -51.87 -23.82
C LEU E 846 47.03 -52.39 -22.43
N ALA E 847 48.04 -53.28 -22.38
CA ALA E 847 48.67 -53.73 -21.15
C ALA E 847 50.17 -53.50 -21.25
N ILE E 848 50.74 -52.85 -20.22
CA ILE E 848 52.16 -52.54 -20.14
C ILE E 848 52.78 -53.46 -19.08
N VAL E 849 53.78 -54.23 -19.50
CA VAL E 849 54.47 -55.19 -18.66
C VAL E 849 55.93 -54.74 -18.51
N GLN E 850 56.44 -54.77 -17.27
CA GLN E 850 57.80 -54.37 -16.96
C GLN E 850 58.64 -55.60 -16.58
N SER E 851 59.96 -55.53 -16.83
CA SER E 851 60.87 -56.62 -16.51
C SER E 851 61.18 -56.63 -15.02
N THR E 852 61.83 -57.72 -14.57
CA THR E 852 62.47 -57.80 -13.26
C THR E 852 63.97 -57.65 -13.48
N LYS E 853 64.74 -57.82 -12.40
CA LYS E 853 66.20 -57.65 -12.46
C LYS E 853 66.89 -59.01 -12.64
N GLU E 854 66.09 -60.07 -12.79
CA GLU E 854 66.55 -61.41 -13.09
C GLU E 854 66.01 -61.79 -14.46
N ALA E 855 66.90 -62.38 -15.29
CA ALA E 855 66.53 -62.84 -16.62
C ALA E 855 65.43 -63.90 -16.51
N GLY E 856 64.72 -64.15 -17.62
CA GLY E 856 63.65 -65.12 -17.59
C GLY E 856 62.73 -65.01 -18.80
N GLU E 857 61.47 -65.42 -18.59
CA GLU E 857 60.43 -65.41 -19.61
C GLU E 857 59.17 -64.84 -18.96
N ILE E 858 58.41 -64.07 -19.74
CA ILE E 858 57.12 -63.54 -19.34
C ILE E 858 56.07 -64.14 -20.26
N THR E 859 55.05 -64.77 -19.65
CA THR E 859 53.87 -65.21 -20.36
C THR E 859 52.73 -64.28 -19.93
N VAL E 860 52.10 -63.63 -20.92
CA VAL E 860 50.96 -62.77 -20.66
C VAL E 860 49.77 -63.31 -21.44
N THR E 861 48.60 -63.33 -20.78
CA THR E 861 47.38 -63.91 -21.31
C THR E 861 46.23 -62.93 -21.19
N ALA E 862 45.66 -62.59 -22.36
CA ALA E 862 44.49 -61.75 -22.48
C ALA E 862 43.26 -62.65 -22.53
N LYS E 863 42.33 -62.42 -21.59
CA LYS E 863 41.13 -63.22 -21.42
C LYS E 863 39.93 -62.28 -21.32
N ALA E 864 38.79 -62.75 -21.85
CA ALA E 864 37.52 -62.06 -21.73
C ALA E 864 36.35 -63.04 -21.98
N ASP E 865 35.20 -62.75 -21.36
CA ASP E 865 34.11 -63.71 -21.31
C ASP E 865 33.63 -64.01 -22.72
N GLY E 866 33.75 -65.29 -23.12
CA GLY E 866 33.15 -65.79 -24.33
C GLY E 866 33.96 -65.46 -25.59
N LEU E 867 35.23 -65.07 -25.40
CA LEU E 867 36.12 -64.73 -26.50
C LEU E 867 37.40 -65.56 -26.39
N GLN E 868 37.94 -65.95 -27.54
CA GLN E 868 39.14 -66.77 -27.60
C GLN E 868 40.33 -65.97 -27.04
N SER E 869 40.91 -66.49 -25.95
CA SER E 869 42.07 -65.92 -25.30
C SER E 869 43.24 -65.79 -26.28
N SER E 870 44.17 -64.88 -25.96
CA SER E 870 45.42 -64.71 -26.68
C SER E 870 46.56 -64.63 -25.67
N THR E 871 47.72 -65.16 -26.09
CA THR E 871 48.87 -65.31 -25.21
C THR E 871 50.14 -64.86 -25.94
N VAL E 872 50.98 -64.09 -25.24
CA VAL E 872 52.22 -63.57 -25.78
C VAL E 872 53.36 -63.94 -24.83
N LYS E 873 54.53 -64.21 -25.42
CA LYS E 873 55.72 -64.58 -24.67
C LYS E 873 56.80 -63.52 -24.90
N ILE E 874 57.37 -63.02 -23.79
CA ILE E 874 58.38 -61.96 -23.78
C ILE E 874 59.58 -62.47 -22.96
N ALA E 875 60.76 -62.45 -23.58
CA ALA E 875 62.00 -62.88 -22.96
C ALA E 875 62.76 -61.69 -22.39
N THR E 876 63.20 -61.79 -21.14
CA THR E 876 64.01 -60.76 -20.49
C THR E 876 65.46 -61.26 -20.41
N THR E 877 66.39 -60.49 -21.02
CA THR E 877 67.81 -60.83 -21.05
C THR E 877 68.56 -60.02 -19.98
N ALA E 878 69.50 -60.67 -19.29
CA ALA E 878 70.17 -60.04 -18.16
C ALA E 878 71.16 -59.00 -18.67
N VAL E 879 71.43 -57.98 -17.84
CA VAL E 879 72.33 -56.90 -18.19
C VAL E 879 73.74 -57.47 -18.17
N PRO E 880 74.58 -57.27 -19.21
CA PRO E 880 75.95 -57.81 -19.19
C PRO E 880 76.67 -57.44 -17.90
N GLY E 881 76.68 -56.15 -17.58
CA GLY E 881 77.27 -55.63 -16.35
C GLY E 881 78.75 -55.27 -16.53
N THR E 882 79.24 -54.42 -15.63
CA THR E 882 80.61 -53.93 -15.65
C THR E 882 81.56 -55.06 -15.23
N SER E 883 82.68 -55.18 -15.93
CA SER E 883 83.44 -56.40 -16.14
C SER E 883 84.09 -57.05 -14.91
N THR E 884 84.50 -56.27 -13.89
CA THR E 884 85.33 -56.85 -12.82
C THR E 884 84.53 -57.86 -11.99
N GLU E 885 83.20 -57.65 -11.89
CA GLU E 885 82.27 -58.64 -11.37
C GLU E 885 82.37 -58.79 -9.84
N LYS E 886 81.90 -59.94 -9.38
CA LYS E 886 81.74 -60.36 -7.99
C LYS E 886 81.07 -59.32 -7.09
N THR E 887 79.80 -58.99 -7.37
CA THR E 887 79.08 -57.95 -6.63
C THR E 887 77.83 -58.53 -5.97
N VAL E 888 77.52 -57.99 -4.78
CA VAL E 888 76.39 -58.42 -3.97
C VAL E 888 75.13 -57.78 -4.55
N ARG E 889 74.06 -58.58 -4.73
CA ARG E 889 72.76 -58.12 -5.24
C ARG E 889 71.77 -57.87 -4.10
N SER E 890 71.48 -58.91 -3.30
CA SER E 890 70.46 -58.85 -2.25
C SER E 890 70.67 -59.98 -1.25
N PHE E 891 69.95 -59.91 -0.12
CA PHE E 891 70.01 -60.88 0.97
C PHE E 891 68.61 -61.41 1.26
N TYR E 892 68.47 -62.74 1.35
CA TYR E 892 67.19 -63.40 1.61
C TYR E 892 67.15 -63.92 3.05
N TYR E 893 66.33 -63.25 3.88
CA TYR E 893 66.23 -63.53 5.30
C TYR E 893 65.02 -62.79 5.88
N SER E 894 64.61 -63.18 7.09
CA SER E 894 63.54 -62.51 7.83
C SER E 894 64.15 -61.38 8.65
N ARG E 895 63.60 -60.17 8.50
CA ARG E 895 64.23 -59.00 9.10
C ARG E 895 63.39 -58.49 10.28
N ASN E 896 62.25 -59.13 10.55
CA ASN E 896 61.36 -58.70 11.62
C ASN E 896 61.22 -59.82 12.65
N TYR E 897 61.56 -59.49 13.90
CA TYR E 897 61.54 -60.39 15.05
C TYR E 897 60.75 -59.74 16.18
N TYR E 898 59.71 -60.44 16.64
CA TYR E 898 58.92 -60.03 17.80
C TYR E 898 59.14 -61.05 18.90
N VAL E 899 59.84 -60.63 19.96
CA VAL E 899 60.28 -61.52 21.03
C VAL E 899 59.56 -61.12 22.31
N LYS E 900 59.15 -62.13 23.09
CA LYS E 900 58.58 -61.92 24.41
C LYS E 900 59.65 -61.31 25.31
N THR E 901 59.26 -60.37 26.19
CA THR E 901 60.19 -59.67 27.07
C THR E 901 60.85 -60.68 28.02
N GLY E 902 62.11 -60.41 28.37
CA GLY E 902 62.88 -61.30 29.22
C GLY E 902 63.53 -62.45 28.45
N ASN E 903 63.15 -62.64 27.17
CA ASN E 903 63.76 -63.66 26.34
C ASN E 903 64.73 -63.03 25.35
N LYS E 904 65.90 -63.65 25.22
CA LYS E 904 66.94 -63.24 24.29
C LYS E 904 66.47 -63.43 22.86
N PRO E 905 66.76 -62.48 21.93
CA PRO E 905 66.45 -62.67 20.51
C PRO E 905 67.40 -63.70 19.91
N ILE E 906 66.84 -64.78 19.33
CA ILE E 906 67.63 -65.79 18.62
C ILE E 906 67.68 -65.38 17.15
N LEU E 907 68.85 -64.88 16.72
CA LEU E 907 69.04 -64.47 15.34
C LEU E 907 69.64 -65.62 14.52
N PRO E 908 69.43 -65.69 13.20
CA PRO E 908 69.95 -66.79 12.39
C PRO E 908 71.45 -66.65 12.17
N SER E 909 72.16 -67.79 12.13
CA SER E 909 73.59 -67.81 11.95
C SER E 909 73.99 -67.43 10.52
N ASP E 910 73.19 -67.86 9.54
CA ASP E 910 73.50 -67.63 8.12
C ASP E 910 72.30 -67.02 7.39
N VAL E 911 72.61 -66.36 6.27
CA VAL E 911 71.66 -65.67 5.40
C VAL E 911 72.05 -65.95 3.94
N GLU E 912 71.04 -66.18 3.08
CA GLU E 912 71.27 -66.38 1.66
C GLU E 912 71.64 -65.06 1.01
N VAL E 913 72.76 -65.04 0.27
CA VAL E 913 73.26 -63.89 -0.46
C VAL E 913 73.13 -64.17 -1.95
N ARG E 914 72.69 -63.16 -2.71
CA ARG E 914 72.64 -63.20 -4.17
C ARG E 914 73.71 -62.29 -4.75
N TYR E 915 74.16 -62.60 -5.98
CA TYR E 915 75.24 -61.89 -6.65
C TYR E 915 74.81 -61.49 -8.06
N SER E 916 75.65 -60.67 -8.73
CA SER E 916 75.39 -60.22 -10.09
C SER E 916 75.23 -61.40 -11.04
N ASP E 917 75.98 -62.49 -10.79
CA ASP E 917 75.93 -63.71 -11.59
C ASP E 917 74.57 -64.40 -11.47
N GLY E 918 73.78 -64.02 -10.46
CA GLY E 918 72.55 -64.73 -10.14
C GLY E 918 72.81 -65.96 -9.28
N THR E 919 74.06 -66.09 -8.81
CA THR E 919 74.50 -67.16 -7.91
C THR E 919 74.03 -66.85 -6.50
N SER E 920 73.78 -67.91 -5.70
CA SER E 920 73.29 -67.80 -4.34
C SER E 920 74.16 -68.63 -3.39
N ASP E 921 74.84 -67.94 -2.46
CA ASP E 921 75.54 -68.58 -1.35
C ASP E 921 74.75 -68.43 -0.06
N ARG E 922 75.17 -69.14 0.99
CA ARG E 922 74.61 -68.98 2.32
C ARG E 922 75.75 -68.70 3.31
N GLN E 923 76.17 -67.43 3.35
CA GLN E 923 77.31 -67.05 4.17
C GLN E 923 76.83 -66.63 5.56
N ASN E 924 77.77 -66.63 6.52
CA ASN E 924 77.45 -66.41 7.92
C ASN E 924 77.42 -64.92 8.23
N VAL E 925 76.69 -64.57 9.31
CA VAL E 925 76.45 -63.21 9.76
C VAL E 925 76.94 -63.08 11.20
N THR E 926 77.74 -62.03 11.45
CA THR E 926 78.22 -61.69 12.78
C THR E 926 77.37 -60.57 13.37
N TRP E 927 76.40 -60.94 14.20
CA TRP E 927 75.40 -60.03 14.73
C TRP E 927 75.96 -59.28 15.92
N ASP E 928 75.51 -58.03 16.09
CA ASP E 928 75.88 -57.20 17.22
C ASP E 928 75.20 -57.72 18.48
N ALA E 929 75.77 -57.35 19.63
CA ALA E 929 75.29 -57.78 20.93
C ALA E 929 74.01 -57.05 21.29
N VAL E 930 73.14 -57.72 22.06
CA VAL E 930 71.86 -57.21 22.50
C VAL E 930 71.92 -56.94 24.01
N SER E 931 71.67 -55.68 24.41
CA SER E 931 71.77 -55.26 25.80
C SER E 931 70.76 -56.03 26.65
N ASP E 932 71.16 -56.34 27.90
CA ASP E 932 70.31 -56.97 28.89
C ASP E 932 69.09 -56.08 29.16
N ASP E 933 69.34 -54.76 29.26
CA ASP E 933 68.35 -53.70 29.41
C ASP E 933 67.30 -53.80 28.31
N GLN E 934 67.79 -53.96 27.07
CA GLN E 934 66.97 -54.01 25.87
C GLN E 934 66.01 -55.19 25.92
N ILE E 935 66.45 -56.34 26.46
CA ILE E 935 65.70 -57.58 26.45
C ILE E 935 64.41 -57.46 27.25
N ALA E 936 64.46 -56.74 28.39
CA ALA E 936 63.29 -56.56 29.26
C ALA E 936 62.63 -55.19 29.05
N LYS E 937 63.10 -54.43 28.05
CA LYS E 937 62.69 -53.03 27.83
C LYS E 937 61.24 -52.92 27.32
N ALA E 938 60.76 -53.95 26.61
CA ALA E 938 59.40 -53.99 26.07
C ALA E 938 59.17 -52.86 25.05
N GLY E 939 60.11 -52.68 24.14
CA GLY E 939 60.01 -51.71 23.06
C GLY E 939 60.68 -52.23 21.78
N SER E 940 60.84 -51.37 20.77
CA SER E 940 61.46 -51.77 19.51
C SER E 940 62.89 -51.21 19.41
N PHE E 941 63.78 -51.97 18.76
CA PHE E 941 65.16 -51.59 18.47
C PHE E 941 65.65 -52.35 17.25
N SER E 942 66.78 -51.90 16.67
CA SER E 942 67.39 -52.54 15.51
C SER E 942 68.73 -53.19 15.88
N VAL E 943 69.13 -54.22 15.12
CA VAL E 943 70.35 -54.99 15.33
C VAL E 943 71.10 -55.10 14.01
N ALA E 944 72.40 -54.73 14.04
CA ALA E 944 73.27 -54.80 12.89
C ALA E 944 74.05 -56.11 12.85
N GLY E 945 74.36 -56.57 11.63
CA GLY E 945 75.25 -57.69 11.36
C GLY E 945 76.12 -57.36 10.14
N THR E 946 77.06 -58.26 9.80
CA THR E 946 77.92 -58.04 8.64
C THR E 946 78.07 -59.34 7.85
N VAL E 947 77.89 -59.25 6.52
CA VAL E 947 78.09 -60.35 5.59
C VAL E 947 78.66 -59.77 4.29
N ALA E 948 79.58 -60.53 3.67
CA ALA E 948 80.28 -60.16 2.44
C ALA E 948 80.60 -58.66 2.43
N GLY E 949 81.05 -58.15 3.59
CA GLY E 949 81.52 -56.78 3.76
C GLY E 949 80.43 -55.72 3.59
N GLN E 950 79.15 -56.10 3.71
CA GLN E 950 78.06 -55.13 3.74
C GLN E 950 77.30 -55.29 5.06
N LYS E 951 76.61 -54.21 5.49
CA LYS E 951 75.91 -54.17 6.76
C LYS E 951 74.43 -54.49 6.58
N ILE E 952 73.98 -55.59 7.20
CA ILE E 952 72.58 -56.01 7.24
C ILE E 952 72.01 -55.53 8.57
N SER E 953 70.68 -55.42 8.66
CA SER E 953 70.00 -55.05 9.89
C SER E 953 68.71 -55.85 10.07
N VAL E 954 68.30 -56.01 11.34
CA VAL E 954 67.06 -56.65 11.73
C VAL E 954 66.37 -55.79 12.78
N ARG E 955 65.04 -55.71 12.70
CA ARG E 955 64.21 -54.93 13.62
C ARG E 955 63.60 -55.90 14.62
N VAL E 956 63.80 -55.61 15.91
CA VAL E 956 63.31 -56.44 17.01
C VAL E 956 62.40 -55.60 17.89
N THR E 957 61.17 -56.09 18.10
CA THR E 957 60.18 -55.46 18.97
C THR E 957 59.87 -56.39 20.14
N MET E 958 60.05 -55.90 21.37
CA MET E 958 59.85 -56.67 22.60
C MET E 958 58.44 -56.43 23.12
N ILE E 959 57.73 -57.53 23.42
CA ILE E 959 56.31 -57.47 23.77
C ILE E 959 56.05 -58.25 25.05
N ASP E 960 55.17 -57.70 25.92
CA ASP E 960 54.74 -58.33 27.16
C ASP E 960 53.39 -59.05 27.00
N GLU E 961 52.49 -58.55 26.14
CA GLU E 961 51.16 -59.13 25.97
C GLU E 961 50.65 -58.96 24.54
N ILE E 962 49.82 -59.89 24.08
CA ILE E 962 49.44 -60.01 22.67
C ILE E 962 47.92 -59.90 22.54
N GLY E 963 47.46 -58.95 21.72
CA GLY E 963 46.05 -58.57 21.62
C GLY E 963 45.16 -59.70 21.10
N ALA E 964 45.48 -60.24 19.92
CA ALA E 964 44.78 -61.39 19.34
C ALA E 964 45.59 -62.02 18.21
N LEU E 965 45.13 -63.18 17.73
CA LEU E 965 45.54 -63.72 16.43
C LEU E 965 44.48 -63.38 15.40
N LEU E 966 44.90 -62.84 14.25
CA LEU E 966 44.02 -62.32 13.22
C LEU E 966 43.12 -63.45 12.71
N ASN E 967 41.82 -63.16 12.62
CA ASN E 967 40.82 -64.08 12.08
C ASN E 967 41.00 -64.16 10.57
N TYR E 968 40.37 -65.17 9.95
CA TYR E 968 40.52 -65.48 8.54
C TYR E 968 39.15 -65.51 7.85
N SER E 969 39.16 -65.13 6.57
CA SER E 969 37.99 -65.20 5.70
C SER E 969 38.46 -65.60 4.31
N ALA E 970 37.67 -66.41 3.59
CA ALA E 970 37.92 -66.79 2.21
C ALA E 970 36.59 -67.07 1.49
N SER E 971 36.69 -67.43 0.20
CA SER E 971 35.59 -67.95 -0.59
C SER E 971 36.01 -69.28 -1.20
N THR E 972 35.05 -70.19 -1.37
CA THR E 972 35.29 -71.47 -2.03
C THR E 972 34.14 -71.78 -2.99
N PRO E 973 34.39 -72.46 -4.13
CA PRO E 973 33.28 -72.92 -4.98
C PRO E 973 32.48 -74.01 -4.26
N VAL E 974 31.17 -74.09 -4.53
CA VAL E 974 30.37 -75.21 -4.05
C VAL E 974 31.00 -76.49 -4.58
N GLY E 975 31.17 -77.47 -3.69
CA GLY E 975 31.71 -78.76 -4.10
C GLY E 975 33.22 -78.84 -3.86
N THR E 976 33.85 -77.70 -3.58
CA THR E 976 35.28 -77.67 -3.27
C THR E 976 35.47 -77.21 -1.83
N PRO E 977 35.97 -78.09 -0.93
CA PRO E 977 36.19 -77.71 0.47
C PRO E 977 37.27 -76.63 0.54
N ALA E 978 37.09 -75.63 1.43
CA ALA E 978 38.10 -74.58 1.63
C ALA E 978 39.35 -75.17 2.28
N VAL E 979 40.55 -74.81 1.76
CA VAL E 979 41.80 -75.18 2.41
C VAL E 979 42.18 -74.06 3.38
N LEU E 980 42.17 -74.40 4.66
CA LEU E 980 42.34 -73.45 5.76
C LEU E 980 43.82 -73.19 6.01
N PRO E 981 44.20 -71.94 6.36
CA PRO E 981 45.62 -71.56 6.53
C PRO E 981 46.36 -72.43 7.53
N GLY E 982 47.63 -72.73 7.24
CA GLY E 982 48.51 -73.46 8.14
C GLY E 982 48.72 -72.73 9.47
N SER E 983 48.71 -71.39 9.41
CA SER E 983 49.00 -70.50 10.52
C SER E 983 48.19 -69.20 10.38
N ARG E 984 48.15 -68.40 11.46
CA ARG E 984 47.52 -67.10 11.44
C ARG E 984 48.41 -66.06 12.13
N PRO E 985 48.46 -64.80 11.62
CA PRO E 985 49.32 -63.76 12.16
C PRO E 985 48.92 -63.31 13.56
N ALA E 986 49.86 -62.64 14.25
CA ALA E 986 49.66 -62.09 15.57
C ALA E 986 49.42 -60.57 15.51
N VAL E 987 48.47 -60.10 16.32
CA VAL E 987 48.12 -58.69 16.42
C VAL E 987 48.44 -58.19 17.82
N LEU E 988 49.19 -57.07 17.90
CA LEU E 988 49.57 -56.43 19.15
C LEU E 988 48.36 -55.70 19.73
N PRO E 989 48.39 -55.35 21.06
CA PRO E 989 47.25 -54.68 21.68
C PRO E 989 47.04 -53.33 21.02
N ASP E 990 48.15 -52.73 20.53
CA ASP E 990 48.10 -51.45 19.86
C ASP E 990 47.27 -51.50 18.58
N GLY E 991 47.34 -52.65 17.89
CA GLY E 991 46.55 -52.86 16.67
C GLY E 991 47.39 -53.25 15.45
N THR E 992 48.70 -52.96 15.47
CA THR E 992 49.64 -53.39 14.44
C THR E 992 49.59 -54.91 14.27
N VAL E 993 49.55 -55.37 13.01
CA VAL E 993 49.46 -56.78 12.67
C VAL E 993 50.83 -57.26 12.20
N THR E 994 51.37 -58.29 12.86
CA THR E 994 52.70 -58.81 12.57
C THR E 994 52.64 -59.75 11.36
N SER E 995 53.76 -59.91 10.67
CA SER E 995 53.89 -60.92 9.63
C SER E 995 54.35 -62.26 10.23
N ALA E 996 54.43 -62.28 11.56
CA ALA E 996 54.78 -63.47 12.34
C ALA E 996 53.53 -64.29 12.63
N ASN E 997 53.56 -65.56 12.17
CA ASN E 997 52.42 -66.46 12.14
C ASN E 997 52.60 -67.60 13.14
N PHE E 998 51.49 -68.03 13.75
CA PHE E 998 51.47 -69.12 14.72
C PHE E 998 50.52 -70.22 14.24
N ALA E 999 51.01 -71.47 14.27
CA ALA E 999 50.31 -72.65 13.78
C ALA E 999 48.96 -72.82 14.48
N VAL E 1000 47.90 -73.04 13.68
CA VAL E 1000 46.54 -73.18 14.17
C VAL E 1000 46.05 -74.60 13.89
N ASP E 1001 45.32 -75.19 14.86
CA ASP E 1001 44.62 -76.45 14.66
C ASP E 1001 43.13 -76.19 14.57
N TRP E 1002 42.54 -76.60 13.43
CA TRP E 1002 41.13 -76.34 13.12
C TRP E 1002 40.28 -77.56 13.47
N THR E 1003 39.14 -77.29 14.11
CA THR E 1003 38.09 -78.28 14.31
C THR E 1003 37.19 -78.29 13.07
N LYS E 1004 37.65 -79.02 12.04
CA LYS E 1004 37.13 -78.99 10.68
C LYS E 1004 35.78 -79.69 10.58
N PRO E 1005 34.70 -79.02 10.09
CA PRO E 1005 33.45 -79.71 9.73
C PRO E 1005 33.67 -80.73 8.61
N ALA E 1006 32.60 -81.47 8.27
CA ALA E 1006 32.63 -82.46 7.20
C ALA E 1006 32.72 -81.76 5.84
N ASP E 1007 33.30 -82.45 4.87
CA ASP E 1007 33.49 -81.94 3.52
C ASP E 1007 32.12 -81.69 2.86
N THR E 1008 31.12 -82.44 3.33
CA THR E 1008 29.76 -82.35 2.82
C THR E 1008 29.17 -80.97 3.04
N VAL E 1009 29.62 -80.25 4.08
CA VAL E 1009 29.08 -78.94 4.44
C VAL E 1009 29.33 -77.94 3.31
N TYR E 1010 30.41 -78.14 2.54
CA TYR E 1010 30.81 -77.24 1.47
C TYR E 1010 30.07 -77.56 0.17
N ASN E 1011 29.08 -78.46 0.23
CA ASN E 1011 28.34 -78.87 -0.95
C ASN E 1011 27.01 -78.11 -1.06
N THR E 1012 26.85 -77.08 -0.22
CA THR E 1012 25.72 -76.18 -0.32
C THR E 1012 26.19 -74.74 -0.21
N ALA E 1013 25.48 -73.85 -0.92
CA ALA E 1013 25.74 -72.43 -0.89
C ALA E 1013 25.38 -71.86 0.47
N GLY E 1014 26.19 -70.92 0.96
CA GLY E 1014 25.99 -70.26 2.25
C GLY E 1014 27.33 -69.97 2.92
N THR E 1015 27.28 -69.42 4.14
CA THR E 1015 28.48 -69.12 4.90
C THR E 1015 28.75 -70.26 5.88
N VAL E 1016 30.04 -70.53 6.16
CA VAL E 1016 30.49 -71.64 6.98
C VAL E 1016 31.60 -71.16 7.93
N LYS E 1017 31.35 -71.25 9.25
CA LYS E 1017 32.34 -70.89 10.28
C LYS E 1017 33.05 -72.16 10.76
N VAL E 1018 34.39 -72.05 10.89
CA VAL E 1018 35.26 -73.12 11.35
C VAL E 1018 36.09 -72.60 12.53
N PRO E 1019 35.95 -73.16 13.75
CA PRO E 1019 36.79 -72.77 14.88
C PRO E 1019 38.16 -73.44 14.84
N GLY E 1020 39.16 -72.72 15.36
CA GLY E 1020 40.52 -73.21 15.46
C GLY E 1020 41.29 -72.47 16.54
N THR E 1021 42.25 -73.18 17.16
CA THR E 1021 42.98 -72.67 18.31
C THR E 1021 44.47 -72.96 18.16
N ALA E 1022 45.28 -72.01 18.68
CA ALA E 1022 46.73 -72.08 18.67
C ALA E 1022 47.20 -71.63 20.05
N THR E 1023 48.27 -72.27 20.53
CA THR E 1023 48.95 -71.90 21.77
C THR E 1023 50.15 -71.01 21.43
N VAL E 1024 50.03 -69.72 21.77
CA VAL E 1024 51.03 -68.69 21.49
C VAL E 1024 51.67 -68.27 22.81
N PHE E 1025 52.95 -68.60 22.99
CA PHE E 1025 53.67 -68.40 24.24
C PHE E 1025 52.89 -68.98 25.43
N GLY E 1026 52.39 -70.22 25.27
CA GLY E 1026 51.67 -70.90 26.33
C GLY E 1026 50.19 -70.52 26.41
N LYS E 1027 49.84 -69.30 25.96
CA LYS E 1027 48.48 -68.78 26.00
C LYS E 1027 47.70 -69.19 24.75
N GLU E 1028 46.68 -70.04 24.92
CA GLU E 1028 45.83 -70.53 23.84
C GLU E 1028 44.91 -69.41 23.36
N PHE E 1029 44.77 -69.26 22.04
CA PHE E 1029 43.92 -68.27 21.41
C PHE E 1029 42.86 -68.96 20.56
N LYS E 1030 41.64 -68.38 20.54
CA LYS E 1030 40.51 -68.85 19.74
C LYS E 1030 40.37 -67.96 18.48
N VAL E 1031 40.42 -68.61 17.31
CA VAL E 1031 40.37 -67.98 15.99
C VAL E 1031 39.20 -68.57 15.20
N THR E 1032 38.53 -67.72 14.41
CA THR E 1032 37.40 -68.13 13.58
C THR E 1032 37.73 -67.88 12.11
N ALA E 1033 37.56 -68.93 11.29
CA ALA E 1033 37.64 -68.87 9.84
C ALA E 1033 36.23 -68.94 9.25
N THR E 1034 35.78 -67.83 8.66
CA THR E 1034 34.45 -67.67 8.10
C THR E 1034 34.56 -67.68 6.56
N ILE E 1035 34.22 -68.82 5.95
CA ILE E 1035 34.37 -69.03 4.51
C ILE E 1035 33.00 -68.99 3.85
N ARG E 1036 32.90 -68.39 2.65
CA ARG E 1036 31.65 -68.27 1.93
C ARG E 1036 31.66 -69.23 0.74
N VAL E 1037 30.73 -70.19 0.72
CA VAL E 1037 30.61 -71.15 -0.37
C VAL E 1037 29.72 -70.55 -1.45
N GLN E 1038 30.21 -70.51 -2.71
CA GLN E 1038 29.53 -69.79 -3.79
C GLN E 1038 29.39 -70.67 -5.03
N ARG E 1039 28.41 -70.35 -5.89
CA ARG E 1039 28.22 -71.01 -7.17
C ARG E 1039 28.92 -70.20 -8.26
N SER E 1040 29.24 -70.84 -9.39
CA SER E 1040 29.82 -70.18 -10.55
C SER E 1040 28.90 -69.04 -10.98
N GLN E 1041 29.50 -67.99 -11.55
CA GLN E 1041 28.74 -66.98 -12.28
C GLN E 1041 28.83 -67.26 -13.77
N VAL E 1042 27.74 -67.80 -14.33
CA VAL E 1042 27.68 -68.30 -15.69
C VAL E 1042 27.16 -67.20 -16.60
N THR E 1043 27.89 -66.94 -17.70
CA THR E 1043 27.46 -66.00 -18.73
C THR E 1043 27.35 -66.73 -20.07
N ILE E 1044 26.17 -66.60 -20.67
CA ILE E 1044 25.75 -67.39 -21.83
C ILE E 1044 26.21 -66.63 -23.07
N GLY E 1045 26.83 -67.35 -24.02
CA GLY E 1045 27.35 -66.77 -25.25
C GLY E 1045 26.36 -66.84 -26.42
N SER E 1046 26.89 -66.88 -27.64
CA SER E 1046 26.10 -66.90 -28.87
C SER E 1046 26.09 -68.32 -29.44
N SER E 1047 25.24 -68.55 -30.47
CA SER E 1047 25.17 -69.82 -31.20
C SER E 1047 26.54 -70.16 -31.80
N VAL E 1048 26.87 -71.45 -31.83
CA VAL E 1048 28.08 -71.91 -32.49
C VAL E 1048 27.71 -73.01 -33.48
N SER E 1049 26.44 -72.99 -33.91
CA SER E 1049 25.95 -73.98 -34.86
C SER E 1049 26.73 -73.85 -36.17
N GLY E 1050 27.02 -72.59 -36.54
CA GLY E 1050 27.84 -72.25 -37.69
C GLY E 1050 29.17 -73.02 -37.74
N ASN E 1051 29.86 -73.13 -36.59
CA ASN E 1051 31.20 -73.70 -36.54
C ASN E 1051 31.19 -75.23 -36.55
N ALA E 1052 30.06 -75.85 -36.85
CA ALA E 1052 30.01 -77.31 -36.85
C ALA E 1052 30.98 -77.90 -37.86
N LEU E 1053 31.75 -78.91 -37.45
CA LEU E 1053 32.62 -79.65 -38.36
C LEU E 1053 31.80 -80.47 -39.35
N ARG E 1054 30.69 -81.05 -38.88
CA ARG E 1054 29.79 -81.85 -39.69
C ARG E 1054 28.38 -81.76 -39.14
N LEU E 1055 27.39 -81.84 -40.05
CA LEU E 1055 25.98 -81.86 -39.70
C LEU E 1055 25.28 -82.91 -40.55
N THR E 1056 25.07 -84.09 -39.96
CA THR E 1056 24.52 -85.24 -40.66
C THR E 1056 23.05 -85.45 -40.28
N GLN E 1057 22.44 -86.50 -40.86
CA GLN E 1057 21.03 -86.84 -40.73
C GLN E 1057 20.88 -88.34 -40.54
N ASN E 1058 19.88 -88.77 -39.77
CA ASN E 1058 19.59 -90.18 -39.55
C ASN E 1058 19.11 -90.80 -40.85
N ILE E 1059 18.32 -90.02 -41.59
CA ILE E 1059 17.53 -90.44 -42.74
C ILE E 1059 18.47 -90.81 -43.89
N PRO E 1060 18.25 -91.96 -44.58
CA PRO E 1060 19.04 -92.32 -45.77
C PRO E 1060 18.91 -91.27 -46.86
N ALA E 1061 19.89 -91.26 -47.76
CA ALA E 1061 20.09 -90.20 -48.76
C ALA E 1061 18.84 -89.99 -49.62
N ASP E 1062 18.24 -91.09 -50.11
CA ASP E 1062 17.16 -91.07 -51.09
C ASP E 1062 15.87 -90.50 -50.50
N LYS E 1063 15.68 -90.66 -49.17
CA LYS E 1063 14.43 -90.35 -48.48
C LYS E 1063 14.52 -89.02 -47.72
N GLN E 1064 15.55 -88.20 -48.02
CA GLN E 1064 15.73 -86.90 -47.37
C GLN E 1064 14.86 -85.85 -48.07
N SER E 1065 14.40 -84.86 -47.30
CA SER E 1065 13.57 -83.80 -47.85
C SER E 1065 14.03 -82.47 -47.28
N ASP E 1066 14.09 -81.46 -48.17
CA ASP E 1066 14.43 -80.09 -47.82
C ASP E 1066 15.92 -80.03 -47.43
N THR E 1067 16.40 -78.83 -47.06
CA THR E 1067 17.82 -78.57 -46.92
C THR E 1067 18.23 -78.57 -45.45
N LEU E 1068 19.20 -79.43 -45.11
CA LEU E 1068 19.63 -79.61 -43.72
C LEU E 1068 20.48 -78.42 -43.28
N ASP E 1069 21.47 -78.05 -44.10
CA ASP E 1069 22.45 -77.02 -43.78
C ASP E 1069 21.78 -75.70 -43.42
N ALA E 1070 20.46 -75.63 -43.66
CA ALA E 1070 19.68 -74.43 -43.42
C ALA E 1070 19.60 -74.13 -41.93
N ILE E 1071 19.86 -75.14 -41.09
CA ILE E 1071 19.55 -75.09 -39.66
C ILE E 1071 20.68 -74.40 -38.90
N LYS E 1072 21.81 -74.12 -39.57
CA LYS E 1072 22.96 -73.43 -38.97
C LYS E 1072 23.26 -72.12 -39.71
N ASP E 1073 22.36 -71.70 -40.61
CA ASP E 1073 22.58 -70.54 -41.47
C ASP E 1073 22.34 -69.22 -40.72
N GLY E 1074 21.92 -69.29 -39.46
CA GLY E 1074 21.79 -68.09 -38.64
C GLY E 1074 20.49 -67.32 -38.85
N SER E 1075 19.58 -67.82 -39.70
CA SER E 1075 18.26 -67.23 -39.90
C SER E 1075 17.17 -68.18 -39.40
N THR E 1076 16.05 -67.64 -38.89
CA THR E 1076 15.05 -68.46 -38.20
C THR E 1076 13.73 -68.58 -38.99
N THR E 1077 13.57 -67.78 -40.05
CA THR E 1077 12.30 -67.64 -40.75
C THR E 1077 12.11 -68.77 -41.77
N VAL E 1078 10.85 -69.04 -42.17
CA VAL E 1078 10.53 -70.00 -43.21
C VAL E 1078 10.10 -69.27 -44.48
N ASP E 1079 10.65 -69.70 -45.62
CA ASP E 1079 10.05 -69.42 -46.93
C ASP E 1079 8.82 -70.32 -47.05
N ALA E 1080 7.66 -69.75 -47.44
CA ALA E 1080 6.36 -70.38 -47.21
C ALA E 1080 6.20 -71.65 -48.05
N ASN E 1081 6.86 -71.68 -49.21
CA ASN E 1081 7.05 -72.83 -50.10
C ASN E 1081 6.01 -73.93 -49.97
N THR E 1082 4.71 -73.64 -50.07
CA THR E 1082 3.70 -74.71 -50.19
C THR E 1082 3.70 -75.22 -51.63
N GLY E 1083 3.70 -76.56 -51.78
CA GLY E 1083 3.69 -77.23 -53.07
C GLY E 1083 5.06 -77.29 -53.75
N GLY E 1084 6.08 -76.59 -53.21
CA GLY E 1084 7.17 -76.07 -54.03
C GLY E 1084 8.24 -77.07 -54.48
N GLY E 1085 8.39 -78.20 -53.78
CA GLY E 1085 9.64 -78.97 -53.80
C GLY E 1085 10.59 -78.44 -52.72
N ALA E 1086 11.90 -78.64 -52.89
CA ALA E 1086 12.88 -78.49 -51.82
C ALA E 1086 12.84 -77.09 -51.22
N ASN E 1087 12.69 -76.99 -49.89
CA ASN E 1087 12.67 -75.71 -49.19
C ASN E 1087 14.10 -75.33 -48.87
N PRO E 1088 14.59 -74.16 -49.34
CA PRO E 1088 15.97 -73.75 -49.06
C PRO E 1088 16.18 -73.16 -47.67
N SER E 1089 15.08 -72.88 -46.96
CA SER E 1089 15.12 -72.11 -45.72
C SER E 1089 15.13 -73.03 -44.49
N ALA E 1090 14.70 -74.29 -44.66
CA ALA E 1090 14.39 -75.15 -43.53
C ALA E 1090 14.66 -76.61 -43.86
N TRP E 1091 14.66 -77.44 -42.81
CA TRP E 1091 14.73 -78.90 -42.89
C TRP E 1091 13.41 -79.50 -42.41
N THR E 1092 13.10 -80.70 -42.93
CA THR E 1092 11.94 -81.47 -42.51
C THR E 1092 12.28 -82.95 -42.66
N ASN E 1093 11.36 -83.82 -42.22
CA ASN E 1093 11.48 -85.25 -42.42
C ASN E 1093 10.31 -85.78 -43.25
N TRP E 1094 9.67 -84.89 -44.02
CA TRP E 1094 8.47 -85.18 -44.80
C TRP E 1094 8.60 -86.52 -45.53
N ALA E 1095 9.66 -86.67 -46.32
CA ALA E 1095 9.92 -87.88 -47.08
C ALA E 1095 9.89 -89.11 -46.17
N TYR E 1096 10.71 -89.10 -45.11
CA TYR E 1096 10.86 -90.24 -44.20
C TYR E 1096 9.57 -90.46 -43.40
N SER E 1097 8.86 -89.37 -43.10
CA SER E 1097 7.54 -89.40 -42.46
C SER E 1097 6.52 -90.16 -43.31
N LYS E 1098 6.47 -89.84 -44.61
CA LYS E 1098 5.57 -90.44 -45.57
C LYS E 1098 5.82 -91.95 -45.63
N ALA E 1099 7.11 -92.35 -45.64
CA ALA E 1099 7.53 -93.73 -45.59
C ALA E 1099 7.23 -94.36 -44.23
N GLY E 1100 6.56 -93.61 -43.34
CA GLY E 1100 6.03 -94.11 -42.08
C GLY E 1100 7.06 -94.14 -40.95
N HIS E 1101 8.06 -93.26 -40.99
CA HIS E 1101 9.10 -93.20 -39.96
C HIS E 1101 8.80 -92.07 -38.98
N ASN E 1102 8.70 -92.44 -37.70
CA ASN E 1102 8.08 -91.63 -36.65
C ASN E 1102 9.05 -90.53 -36.20
N THR E 1103 10.36 -90.80 -36.34
CA THR E 1103 11.40 -89.97 -35.80
C THR E 1103 12.46 -89.66 -36.86
N ALA E 1104 13.47 -88.90 -36.44
CA ALA E 1104 14.63 -88.50 -37.23
C ALA E 1104 15.67 -87.93 -36.29
N GLU E 1105 16.97 -88.15 -36.60
CA GLU E 1105 18.06 -87.73 -35.73
C GLU E 1105 19.07 -86.87 -36.50
N ILE E 1106 19.13 -85.59 -36.13
CA ILE E 1106 20.11 -84.62 -36.62
C ILE E 1106 21.29 -84.62 -35.66
N THR E 1107 22.52 -84.73 -36.19
CA THR E 1107 23.73 -84.77 -35.37
C THR E 1107 24.73 -83.70 -35.83
N PHE E 1108 25.04 -82.78 -34.91
CA PHE E 1108 26.15 -81.85 -35.04
C PHE E 1108 27.40 -82.49 -34.47
N GLU E 1109 28.50 -82.42 -35.23
CA GLU E 1109 29.83 -82.81 -34.77
C GLU E 1109 30.73 -81.57 -34.79
N TYR E 1110 31.61 -81.48 -33.77
CA TYR E 1110 32.57 -80.41 -33.62
C TYR E 1110 33.98 -81.00 -33.57
N ALA E 1111 34.99 -80.17 -33.83
CA ALA E 1111 36.38 -80.59 -33.80
C ALA E 1111 36.97 -80.33 -32.42
N THR E 1112 36.37 -79.37 -31.70
CA THR E 1112 36.67 -79.08 -30.30
C THR E 1112 35.38 -79.22 -29.48
N GLU E 1113 35.50 -79.84 -28.30
CA GLU E 1113 34.39 -79.89 -27.35
C GLU E 1113 33.86 -78.48 -27.10
N GLN E 1114 32.54 -78.31 -27.29
CA GLN E 1114 31.84 -77.06 -27.02
C GLN E 1114 31.22 -77.09 -25.62
N GLN E 1115 31.35 -75.96 -24.91
CA GLN E 1115 30.75 -75.76 -23.60
C GLN E 1115 29.37 -75.12 -23.79
N LEU E 1116 28.33 -75.96 -23.91
CA LEU E 1116 26.97 -75.52 -24.19
C LEU E 1116 26.27 -75.09 -22.90
N GLY E 1117 25.44 -74.05 -23.01
CA GLY E 1117 24.66 -73.53 -21.89
C GLY E 1117 23.18 -73.32 -22.21
N GLN E 1118 22.80 -73.53 -23.48
CA GLN E 1118 21.42 -73.40 -23.90
C GLN E 1118 21.28 -73.89 -25.34
N ILE E 1119 20.09 -74.38 -25.71
CA ILE E 1119 19.76 -74.76 -27.08
C ILE E 1119 18.39 -74.17 -27.41
N VAL E 1120 18.26 -73.48 -28.55
CA VAL E 1120 16.98 -72.98 -29.00
C VAL E 1120 16.68 -73.61 -30.35
N MET E 1121 15.54 -74.31 -30.44
CA MET E 1121 15.09 -74.94 -31.67
C MET E 1121 13.91 -74.15 -32.23
N TYR E 1122 14.04 -73.76 -33.51
CA TYR E 1122 13.01 -73.02 -34.22
C TYR E 1122 12.25 -73.99 -35.11
N PHE E 1123 11.24 -74.64 -34.51
CA PHE E 1123 10.32 -75.49 -35.25
C PHE E 1123 9.35 -74.59 -36.02
N PHE E 1124 8.89 -75.09 -37.18
CA PHE E 1124 7.91 -74.41 -38.01
C PHE E 1124 6.78 -75.38 -38.35
N ARG E 1125 5.70 -74.82 -38.92
CA ARG E 1125 4.54 -75.56 -39.39
C ARG E 1125 4.08 -74.98 -40.73
N ASP E 1126 3.49 -75.85 -41.58
CA ASP E 1126 2.77 -75.46 -42.78
C ASP E 1126 1.31 -75.91 -42.64
N SER E 1127 0.52 -75.77 -43.72
CA SER E 1127 -0.88 -76.14 -43.68
C SER E 1127 -1.09 -77.63 -43.93
N ASN E 1128 -0.31 -78.21 -44.83
CA ASN E 1128 -0.50 -79.57 -45.30
C ASN E 1128 -0.06 -80.62 -44.28
N ALA E 1129 1.17 -80.49 -43.75
CA ALA E 1129 1.84 -81.61 -43.11
C ALA E 1129 2.62 -81.20 -41.85
N VAL E 1130 3.59 -80.28 -42.01
CA VAL E 1130 4.54 -79.94 -40.95
C VAL E 1130 3.79 -79.33 -39.76
N ARG E 1131 4.04 -79.88 -38.57
CA ARG E 1131 3.42 -79.44 -37.32
C ARG E 1131 4.47 -79.32 -36.21
N PHE E 1132 4.32 -78.27 -35.39
CA PHE E 1132 5.09 -78.05 -34.17
C PHE E 1132 5.04 -79.31 -33.32
N PRO E 1133 6.18 -79.81 -32.79
CA PRO E 1133 6.18 -81.08 -32.05
C PRO E 1133 5.47 -80.94 -30.69
N ASP E 1134 5.05 -82.07 -30.12
CA ASP E 1134 4.37 -82.11 -28.83
C ASP E 1134 5.36 -81.80 -27.71
N ALA E 1135 4.86 -81.25 -26.60
CA ALA E 1135 5.74 -80.81 -25.51
C ALA E 1135 6.44 -82.01 -24.86
N GLY E 1136 7.74 -81.85 -24.59
CA GLY E 1136 8.51 -82.81 -23.82
C GLY E 1136 8.94 -84.03 -24.62
N LYS E 1137 8.64 -84.07 -25.92
CA LYS E 1137 8.85 -85.27 -26.73
C LYS E 1137 10.17 -85.17 -27.49
N THR E 1138 10.55 -83.95 -27.93
CA THR E 1138 11.83 -83.68 -28.55
C THR E 1138 12.91 -83.92 -27.50
N LYS E 1139 13.99 -84.63 -27.88
CA LYS E 1139 15.03 -85.05 -26.97
C LYS E 1139 16.42 -84.76 -27.55
N ILE E 1140 17.36 -84.42 -26.66
CA ILE E 1140 18.75 -84.08 -26.98
C ILE E 1140 19.69 -85.07 -26.29
N GLN E 1141 20.82 -85.36 -26.94
CA GLN E 1141 21.89 -86.18 -26.37
C GLN E 1141 23.24 -85.60 -26.77
N ILE E 1142 24.27 -85.94 -26.00
CA ILE E 1142 25.63 -85.42 -26.11
C ILE E 1142 26.61 -86.59 -26.03
N SER E 1143 27.78 -86.44 -26.68
CA SER E 1143 28.91 -87.36 -26.49
C SER E 1143 30.23 -86.67 -26.82
N ALA E 1144 31.32 -87.36 -26.45
CA ALA E 1144 32.69 -86.91 -26.66
C ALA E 1144 33.26 -87.60 -27.90
N ASP E 1145 33.04 -88.92 -27.98
CA ASP E 1145 33.20 -89.66 -29.23
C ASP E 1145 31.82 -89.74 -29.87
N GLY E 1146 31.76 -90.10 -31.15
CA GLY E 1146 30.45 -90.19 -31.82
C GLY E 1146 29.64 -91.41 -31.41
N LYS E 1147 30.17 -92.22 -30.47
CA LYS E 1147 29.72 -93.58 -30.22
C LYS E 1147 28.89 -93.67 -28.94
N ASN E 1148 29.45 -93.22 -27.80
CA ASN E 1148 28.85 -93.33 -26.48
C ASN E 1148 28.08 -92.05 -26.14
N TRP E 1149 26.74 -92.18 -26.04
CA TRP E 1149 25.82 -91.06 -25.89
C TRP E 1149 25.34 -90.94 -24.44
N THR E 1150 24.64 -89.82 -24.15
CA THR E 1150 24.23 -89.41 -22.81
C THR E 1150 23.10 -88.39 -22.95
N ASP E 1151 22.03 -88.59 -22.17
CA ASP E 1151 20.86 -87.72 -22.28
C ASP E 1151 21.16 -86.38 -21.64
N LEU E 1152 20.74 -85.31 -22.31
CA LEU E 1152 20.93 -83.97 -21.77
C LEU E 1152 19.76 -83.70 -20.83
N ALA E 1153 20.08 -83.45 -19.56
CA ALA E 1153 19.03 -83.19 -18.59
C ALA E 1153 18.60 -81.74 -18.76
N ALA E 1154 17.54 -81.53 -19.54
CA ALA E 1154 17.16 -80.18 -19.88
C ALA E 1154 15.65 -79.96 -19.69
N THR E 1155 15.28 -78.68 -19.55
CA THR E 1155 13.89 -78.24 -19.46
C THR E 1155 13.49 -77.51 -20.74
N GLU E 1156 12.38 -77.96 -21.32
CA GLU E 1156 11.84 -77.38 -22.53
C GLU E 1156 10.89 -76.24 -22.19
N THR E 1157 11.01 -75.12 -22.93
CA THR E 1157 10.08 -74.03 -22.82
C THR E 1157 9.61 -73.66 -24.22
N ILE E 1158 8.32 -73.92 -24.51
CA ILE E 1158 7.71 -73.54 -25.78
C ILE E 1158 7.16 -72.13 -25.62
N ALA E 1159 7.68 -71.20 -26.43
CA ALA E 1159 7.38 -69.78 -26.30
C ALA E 1159 5.90 -69.55 -26.56
N ALA E 1160 5.37 -68.49 -25.91
CA ALA E 1160 3.97 -68.10 -26.00
C ALA E 1160 3.58 -67.80 -27.44
N GLN E 1161 4.30 -66.88 -28.10
CA GLN E 1161 4.01 -66.40 -29.44
C GLN E 1161 5.05 -66.93 -30.43
N GLU E 1162 4.69 -66.92 -31.72
CA GLU E 1162 5.62 -67.28 -32.80
C GLU E 1162 6.65 -66.17 -32.97
N SER E 1163 7.91 -66.57 -33.23
CA SER E 1163 8.99 -65.64 -33.48
C SER E 1163 8.85 -64.98 -34.86
N SER E 1164 8.41 -65.78 -35.85
CA SER E 1164 8.12 -65.35 -37.22
C SER E 1164 6.97 -66.20 -37.71
N GLU E 1165 6.26 -65.76 -38.76
CA GLU E 1165 5.06 -66.45 -39.20
C GLU E 1165 5.36 -67.95 -39.32
N ARG E 1166 4.66 -68.74 -38.49
CA ARG E 1166 4.65 -70.21 -38.47
C ARG E 1166 5.99 -70.82 -38.00
N VAL E 1167 6.69 -70.09 -37.13
CA VAL E 1167 7.90 -70.55 -36.46
C VAL E 1167 7.73 -70.27 -34.96
N LYS E 1168 7.92 -71.32 -34.14
CA LYS E 1168 7.88 -71.20 -32.69
C LYS E 1168 9.20 -71.71 -32.11
N PRO E 1169 9.91 -70.88 -31.30
CA PRO E 1169 11.15 -71.31 -30.67
C PRO E 1169 10.91 -72.10 -29.38
N TYR E 1170 11.42 -73.34 -29.37
CA TYR E 1170 11.51 -74.19 -28.20
C TYR E 1170 12.90 -74.04 -27.57
N THR E 1171 12.96 -73.50 -26.35
CA THR E 1171 14.22 -73.23 -25.66
C THR E 1171 14.49 -74.33 -24.62
N TYR E 1172 15.68 -74.95 -24.74
CA TYR E 1172 16.14 -75.98 -23.85
C TYR E 1172 17.20 -75.42 -22.91
N ASP E 1173 16.96 -75.60 -21.60
CA ASP E 1173 17.83 -75.07 -20.56
C ASP E 1173 18.40 -76.22 -19.74
N PHE E 1174 19.62 -76.01 -19.27
CA PHE E 1174 20.38 -77.06 -18.61
C PHE E 1174 21.67 -76.43 -18.08
N ALA E 1175 22.27 -77.09 -17.08
CA ALA E 1175 23.55 -76.64 -16.56
C ALA E 1175 24.62 -76.87 -17.61
N PRO E 1176 25.60 -75.94 -17.73
CA PRO E 1176 26.73 -76.08 -18.66
C PRO E 1176 27.24 -77.52 -18.77
N VAL E 1177 27.38 -78.03 -20.01
CA VAL E 1177 27.95 -79.33 -20.29
C VAL E 1177 28.86 -79.24 -21.52
N GLY E 1178 29.94 -80.02 -21.51
CA GLY E 1178 30.82 -80.20 -22.66
C GLY E 1178 30.24 -81.24 -23.61
N ALA E 1179 30.18 -80.88 -24.91
CA ALA E 1179 29.71 -81.77 -25.95
C ALA E 1179 30.57 -81.57 -27.19
N THR E 1180 31.15 -82.65 -27.71
CA THR E 1180 31.77 -82.56 -29.02
C THR E 1180 30.77 -82.97 -30.10
N PHE E 1181 29.75 -83.76 -29.69
CA PHE E 1181 28.62 -84.10 -30.55
C PHE E 1181 27.31 -83.79 -29.83
N VAL E 1182 26.30 -83.38 -30.61
CA VAL E 1182 24.95 -83.11 -30.13
C VAL E 1182 23.95 -83.72 -31.10
N LYS E 1183 23.23 -84.76 -30.63
CA LYS E 1183 22.21 -85.45 -31.42
C LYS E 1183 20.82 -85.10 -30.92
N VAL E 1184 20.11 -84.30 -31.72
CA VAL E 1184 18.70 -83.97 -31.51
C VAL E 1184 17.83 -85.03 -32.19
N THR E 1185 16.98 -85.72 -31.40
CA THR E 1185 16.03 -86.71 -31.88
C THR E 1185 14.65 -86.06 -31.94
N VAL E 1186 14.16 -85.82 -33.15
CA VAL E 1186 12.87 -85.17 -33.38
C VAL E 1186 11.81 -86.25 -33.60
N THR E 1187 10.74 -86.20 -32.79
CA THR E 1187 9.60 -87.09 -32.90
C THR E 1187 8.40 -86.25 -33.33
N ASN E 1188 7.66 -86.75 -34.33
CA ASN E 1188 6.57 -86.03 -34.97
C ASN E 1188 5.45 -85.79 -33.97
N ALA E 1189 4.62 -84.77 -34.24
CA ALA E 1189 3.44 -84.52 -33.43
C ALA E 1189 2.49 -85.71 -33.54
N ASP E 1190 1.62 -85.82 -32.53
CA ASP E 1190 0.56 -86.83 -32.48
C ASP E 1190 -0.74 -86.13 -32.87
N THR E 1191 -0.81 -85.76 -34.14
CA THR E 1191 -1.96 -85.12 -34.76
C THR E 1191 -2.14 -85.72 -36.15
N THR E 1192 -3.25 -85.39 -36.81
CA THR E 1192 -3.44 -85.74 -38.22
C THR E 1192 -3.60 -84.46 -39.03
N THR E 1193 -3.25 -84.54 -40.31
CA THR E 1193 -3.04 -83.36 -41.16
C THR E 1193 -3.91 -83.50 -42.41
N PRO E 1194 -4.27 -82.39 -43.09
CA PRO E 1194 -4.90 -82.46 -44.41
C PRO E 1194 -4.23 -83.47 -45.35
N SER E 1195 -2.90 -83.43 -45.44
CA SER E 1195 -2.15 -84.33 -46.29
C SER E 1195 -2.31 -85.79 -45.85
N GLY E 1196 -2.59 -86.00 -44.56
CA GLY E 1196 -2.63 -87.33 -43.96
C GLY E 1196 -1.22 -87.87 -43.69
N VAL E 1197 -0.23 -86.98 -43.78
CA VAL E 1197 1.16 -87.21 -43.43
C VAL E 1197 1.55 -86.16 -42.38
N VAL E 1198 1.98 -86.62 -41.20
CA VAL E 1198 2.42 -85.70 -40.17
C VAL E 1198 3.93 -85.57 -40.22
N CYS E 1199 4.42 -84.32 -40.13
CA CYS E 1199 5.82 -84.01 -40.30
C CYS E 1199 6.27 -83.02 -39.22
N ALA E 1200 7.60 -82.92 -39.05
CA ALA E 1200 8.22 -81.94 -38.17
C ALA E 1200 9.24 -81.12 -38.97
N GLY E 1201 9.38 -79.84 -38.61
CA GLY E 1201 10.24 -78.98 -39.40
C GLY E 1201 10.98 -77.94 -38.58
N LEU E 1202 12.25 -77.73 -38.96
CA LEU E 1202 13.17 -76.81 -38.29
C LEU E 1202 13.77 -75.84 -39.30
N THR E 1203 13.81 -74.54 -38.93
CA THR E 1203 14.56 -73.53 -39.67
C THR E 1203 15.97 -73.38 -39.08
N GLU E 1204 16.09 -73.55 -37.75
CA GLU E 1204 17.34 -73.32 -37.06
C GLU E 1204 17.39 -74.12 -35.75
N ILE E 1205 18.59 -74.58 -35.40
CA ILE E 1205 18.95 -75.07 -34.09
C ILE E 1205 20.16 -74.26 -33.62
N GLU E 1206 19.94 -73.31 -32.69
CA GLU E 1206 21.03 -72.56 -32.09
C GLU E 1206 21.61 -73.34 -30.92
N LEU E 1207 22.90 -73.72 -31.00
CA LEU E 1207 23.63 -74.29 -29.88
C LEU E 1207 24.49 -73.21 -29.21
N LYS E 1208 23.96 -72.59 -28.15
CA LYS E 1208 24.63 -71.49 -27.46
C LYS E 1208 25.65 -71.99 -26.43
N THR E 1209 26.79 -71.32 -26.34
CA THR E 1209 27.87 -71.70 -25.43
C THR E 1209 27.71 -70.94 -24.11
N ALA E 1210 28.55 -71.28 -23.10
CA ALA E 1210 28.62 -70.52 -21.85
C ALA E 1210 30.00 -70.62 -21.19
N THR E 1211 30.37 -69.63 -20.35
CA THR E 1211 31.59 -69.62 -19.55
C THR E 1211 31.26 -69.33 -18.08
N SER E 1212 32.09 -69.80 -17.12
CA SER E 1212 31.89 -69.68 -15.67
C SER E 1212 33.07 -68.98 -14.98
N LYS E 1213 32.79 -68.04 -14.07
CA LYS E 1213 33.81 -67.35 -13.27
C LYS E 1213 33.41 -67.42 -11.80
N PHE E 1214 34.41 -67.47 -10.89
CA PHE E 1214 34.17 -67.45 -9.46
C PHE E 1214 34.67 -66.14 -8.87
N VAL E 1215 33.76 -65.18 -8.65
CA VAL E 1215 34.11 -63.86 -8.12
C VAL E 1215 34.32 -63.95 -6.61
N THR E 1216 35.48 -63.48 -6.12
CA THR E 1216 35.73 -63.28 -4.69
C THR E 1216 35.81 -61.76 -4.42
N ASN E 1217 35.27 -61.28 -3.28
CA ASN E 1217 35.07 -59.86 -3.03
C ASN E 1217 36.36 -59.16 -2.62
N THR E 1218 36.41 -57.83 -2.80
CA THR E 1218 37.43 -56.96 -2.24
C THR E 1218 36.76 -55.79 -1.52
N SER E 1219 36.74 -55.86 -0.18
CA SER E 1219 36.49 -54.69 0.65
C SER E 1219 36.93 -55.01 2.07
N ALA E 1220 37.36 -53.95 2.80
CA ALA E 1220 37.70 -54.02 4.21
C ALA E 1220 36.68 -53.25 5.06
N ALA E 1221 35.66 -52.67 4.41
CA ALA E 1221 34.63 -51.88 5.08
C ALA E 1221 33.68 -52.79 5.87
N LEU E 1222 32.87 -52.17 6.74
CA LEU E 1222 32.05 -52.88 7.71
C LEU E 1222 30.57 -52.58 7.51
N SER E 1223 29.70 -53.50 7.95
CA SER E 1223 28.26 -53.42 7.75
C SER E 1223 27.52 -54.33 8.72
N SER E 1224 26.77 -53.71 9.64
CA SER E 1224 25.97 -54.40 10.65
C SER E 1224 26.89 -55.01 11.72
N ALA E 1253 30.20 -56.42 14.83
CA ALA E 1253 30.50 -55.90 13.48
C ALA E 1253 30.55 -57.05 12.47
N GLU E 1254 30.46 -56.70 11.19
CA GLU E 1254 30.54 -57.64 10.07
C GLU E 1254 31.20 -56.99 8.86
N GLY E 1255 31.94 -57.81 8.10
CA GLY E 1255 32.63 -57.34 6.90
C GLY E 1255 31.70 -57.34 5.69
N GLU E 1256 31.74 -56.24 4.93
CA GLU E 1256 30.86 -56.01 3.80
C GLU E 1256 30.98 -57.17 2.81
N GLY E 1257 32.20 -57.42 2.35
CA GLY E 1257 32.46 -58.47 1.36
C GLY E 1257 32.92 -59.75 2.04
N ASN E 1258 32.20 -60.17 3.09
CA ASN E 1258 32.56 -61.30 3.93
C ASN E 1258 34.00 -61.15 4.41
N ALA E 1259 34.42 -59.92 4.71
CA ALA E 1259 35.75 -59.63 5.19
C ALA E 1259 35.92 -60.16 6.62
N SER E 1260 37.13 -60.60 6.97
CA SER E 1260 37.41 -61.13 8.29
C SER E 1260 37.27 -60.04 9.34
N VAL E 1261 36.43 -60.27 10.34
CA VAL E 1261 36.20 -59.36 11.45
C VAL E 1261 37.04 -59.82 12.64
N THR E 1262 37.97 -58.97 13.08
CA THR E 1262 38.85 -59.22 14.21
C THR E 1262 38.74 -58.07 15.21
N VAL E 1263 38.74 -58.39 16.52
CA VAL E 1263 38.69 -57.41 17.62
C VAL E 1263 39.88 -57.62 18.58
N VAL E 1273 38.91 -52.87 15.75
CA VAL E 1273 38.41 -53.75 14.64
C VAL E 1273 39.29 -53.54 13.40
N ILE E 1274 40.19 -54.51 13.17
CA ILE E 1274 40.99 -54.64 11.95
C ILE E 1274 40.32 -55.70 11.07
N THR E 1275 40.28 -55.44 9.76
CA THR E 1275 39.57 -56.26 8.79
C THR E 1275 40.50 -56.66 7.63
N GLU E 1276 40.13 -57.75 6.94
CA GLU E 1276 40.85 -58.31 5.82
C GLU E 1276 39.83 -58.77 4.78
N SER E 1277 39.99 -58.30 3.53
CA SER E 1277 39.09 -58.61 2.42
C SER E 1277 39.16 -60.09 2.05
N GLU E 1278 38.14 -60.57 1.32
CA GLU E 1278 38.05 -61.97 0.92
C GLU E 1278 39.31 -62.40 0.16
N ASP E 1279 39.68 -61.63 -0.86
CA ASP E 1279 41.03 -61.69 -1.40
C ASP E 1279 41.94 -61.07 -0.35
N HIS E 1280 42.89 -61.86 0.14
CA HIS E 1280 43.68 -61.46 1.30
C HIS E 1280 44.76 -60.47 0.88
N VAL E 1281 44.31 -59.26 0.47
CA VAL E 1281 45.18 -58.27 -0.16
C VAL E 1281 45.16 -56.96 0.63
N THR E 1282 43.95 -56.49 0.97
CA THR E 1282 43.78 -55.21 1.65
C THR E 1282 43.26 -55.43 3.07
N ARG E 1283 44.09 -55.11 4.07
CA ARG E 1283 43.72 -55.11 5.48
C ARG E 1283 43.66 -53.66 5.97
N LYS E 1284 42.46 -53.19 6.37
CA LYS E 1284 42.24 -51.81 6.80
C LYS E 1284 41.70 -51.78 8.23
N THR E 1285 42.58 -51.37 9.17
CA THR E 1285 42.28 -51.19 10.58
C THR E 1285 41.49 -49.90 10.78
N PHE E 1286 40.41 -49.98 11.57
CA PHE E 1286 39.56 -48.85 11.92
C PHE E 1286 39.29 -48.84 13.44
N ARG F 6 -51.64 -101.65 33.83
CA ARG F 6 -51.31 -101.43 35.27
C ARG F 6 -50.17 -102.36 35.66
N SER F 7 -49.14 -101.78 36.28
CA SER F 7 -48.25 -102.55 37.15
C SER F 7 -48.99 -102.86 38.44
N ASP F 8 -48.75 -104.05 39.00
CA ASP F 8 -49.45 -104.48 40.20
C ASP F 8 -48.57 -104.27 41.42
N SER F 9 -48.83 -103.18 42.16
CA SER F 9 -48.17 -102.78 43.41
C SER F 9 -47.03 -103.70 43.85
N THR F 10 -47.25 -104.51 44.89
CA THR F 10 -46.19 -105.29 45.54
C THR F 10 -45.81 -106.53 44.73
N THR F 11 -46.62 -106.88 43.72
CA THR F 11 -46.39 -108.10 42.96
C THR F 11 -45.37 -107.90 41.84
N GLN F 12 -45.72 -107.19 40.75
CA GLN F 12 -44.81 -106.99 39.64
C GLN F 12 -44.98 -105.61 39.03
N MET F 13 -43.86 -105.03 38.54
CA MET F 13 -43.80 -103.80 37.77
C MET F 13 -43.08 -104.06 36.46
N SER F 14 -43.38 -103.29 35.41
CA SER F 14 -42.80 -103.46 34.08
C SER F 14 -42.41 -102.13 33.46
N SER F 15 -41.39 -102.13 32.58
CA SER F 15 -40.97 -101.01 31.76
C SER F 15 -42.11 -100.59 30.82
N THR F 16 -42.13 -99.32 30.38
CA THR F 16 -43.16 -98.92 29.42
C THR F 16 -42.84 -99.53 28.05
N PRO F 17 -43.84 -99.74 27.18
CA PRO F 17 -43.62 -100.42 25.90
C PRO F 17 -42.68 -99.64 24.98
N GLU F 18 -41.65 -100.33 24.49
CA GLU F 18 -40.63 -99.81 23.57
C GLU F 18 -40.71 -100.55 22.24
N VAL F 19 -40.24 -99.92 21.15
CA VAL F 19 -40.14 -100.59 19.86
C VAL F 19 -38.94 -101.53 19.90
N VAL F 20 -39.21 -102.85 19.80
CA VAL F 20 -38.16 -103.85 19.83
C VAL F 20 -37.92 -104.35 18.40
N TYR F 21 -36.67 -104.19 17.94
CA TYR F 21 -36.18 -104.75 16.69
C TYR F 21 -35.43 -106.05 17.02
N SER F 22 -35.77 -107.15 16.32
CA SER F 22 -35.22 -108.45 16.67
C SER F 22 -33.94 -108.70 15.88
N SER F 23 -32.82 -108.80 16.61
CA SER F 23 -31.52 -109.09 16.03
C SER F 23 -31.19 -110.54 16.30
N ALA F 24 -30.81 -111.27 15.25
CA ALA F 24 -30.56 -112.70 15.35
C ALA F 24 -29.30 -113.04 14.57
N VAL F 25 -28.48 -113.94 15.13
CA VAL F 25 -27.27 -114.42 14.49
C VAL F 25 -27.44 -115.92 14.30
N ASP F 26 -27.56 -116.34 13.03
CA ASP F 26 -27.68 -117.75 12.68
C ASP F 26 -26.60 -118.08 11.64
N SER F 27 -26.54 -119.36 11.24
CA SER F 27 -25.51 -119.84 10.33
C SER F 27 -25.87 -119.54 8.87
N LYS F 28 -27.13 -119.14 8.63
CA LYS F 28 -27.58 -118.71 7.32
C LYS F 28 -26.81 -117.46 6.86
N GLN F 29 -26.32 -116.65 7.82
CA GLN F 29 -25.62 -115.40 7.55
C GLN F 29 -24.23 -115.65 6.98
N ASN F 30 -23.69 -114.62 6.27
CA ASN F 30 -22.35 -114.67 5.71
C ASN F 30 -21.31 -114.54 6.81
N ARG F 31 -20.08 -114.97 6.46
CA ARG F 31 -18.99 -115.14 7.41
C ARG F 31 -18.86 -113.88 8.26
N THR F 32 -18.76 -112.75 7.55
CA THR F 32 -18.76 -111.42 8.12
C THR F 32 -20.04 -110.70 7.68
N SER F 33 -20.79 -110.19 8.66
CA SER F 33 -22.11 -109.61 8.49
C SER F 33 -22.14 -108.22 9.12
N ASP F 34 -22.90 -107.30 8.48
CA ASP F 34 -23.11 -105.95 9.01
C ASP F 34 -23.85 -106.04 10.34
N PHE F 35 -23.31 -105.39 11.37
CA PHE F 35 -23.88 -105.48 12.71
C PHE F 35 -24.22 -104.08 13.22
N ASP F 36 -24.55 -103.17 12.29
CA ASP F 36 -24.65 -101.74 12.54
C ASP F 36 -26.01 -101.38 13.14
N ALA F 37 -27.02 -102.21 12.85
CA ALA F 37 -28.41 -101.83 13.05
C ALA F 37 -28.84 -102.11 14.49
N ASN F 38 -29.80 -101.30 14.97
CA ASN F 38 -30.58 -101.55 16.18
C ASN F 38 -29.70 -101.58 17.42
N TRP F 39 -29.02 -100.46 17.69
CA TRP F 39 -28.31 -100.28 18.94
C TRP F 39 -29.09 -99.30 19.81
N LYS F 40 -28.92 -99.44 21.13
CA LYS F 40 -29.46 -98.47 22.05
C LYS F 40 -28.31 -97.61 22.55
N PHE F 41 -28.53 -96.30 22.60
CA PHE F 41 -27.52 -95.35 23.00
C PHE F 41 -28.05 -94.46 24.11
N MET F 42 -27.16 -94.07 25.01
CA MET F 42 -27.44 -93.08 26.04
C MET F 42 -26.16 -92.32 26.37
N LEU F 43 -26.21 -90.98 26.27
CA LEU F 43 -25.14 -90.13 26.76
C LEU F 43 -25.33 -89.92 28.26
N SER F 44 -24.38 -90.41 29.07
CA SER F 44 -24.50 -90.32 30.51
C SER F 44 -23.18 -90.60 31.22
N ASP F 45 -22.75 -89.59 31.97
CA ASP F 45 -21.51 -89.63 32.73
C ASP F 45 -21.62 -90.57 33.92
N SER F 46 -22.86 -90.96 34.29
CA SER F 46 -23.17 -91.52 35.60
C SER F 46 -23.59 -92.99 35.51
N VAL F 47 -24.38 -93.35 34.49
CA VAL F 47 -25.02 -94.65 34.38
C VAL F 47 -23.98 -95.79 34.41
N GLN F 48 -24.43 -96.98 34.85
CA GLN F 48 -23.68 -98.22 34.78
C GLN F 48 -24.50 -99.29 34.06
N ALA F 49 -24.26 -99.47 32.74
CA ALA F 49 -25.16 -100.25 31.91
C ALA F 49 -24.54 -101.54 31.40
N GLN F 50 -23.52 -102.07 32.09
CA GLN F 50 -22.76 -103.23 31.64
C GLN F 50 -23.54 -104.54 31.73
N ASP F 51 -24.30 -104.69 32.83
CA ASP F 51 -25.06 -105.90 33.13
C ASP F 51 -26.19 -106.08 32.11
N PRO F 52 -26.40 -107.29 31.54
CA PRO F 52 -27.45 -107.50 30.53
C PRO F 52 -28.87 -107.19 31.01
N ALA F 53 -29.04 -107.14 32.35
CA ALA F 53 -30.33 -106.98 33.00
C ALA F 53 -30.83 -105.53 32.90
N PHE F 54 -29.89 -104.58 32.78
CA PHE F 54 -30.15 -103.15 32.82
C PHE F 54 -31.33 -102.80 31.91
N ASP F 55 -32.16 -101.84 32.35
CA ASP F 55 -33.37 -101.44 31.65
C ASP F 55 -33.06 -100.35 30.62
N ASP F 56 -32.77 -100.78 29.38
CA ASP F 56 -32.39 -99.87 28.31
C ASP F 56 -33.62 -99.50 27.48
N SER F 57 -34.81 -99.81 28.00
CA SER F 57 -36.08 -99.54 27.35
C SER F 57 -36.22 -98.05 27.05
N ALA F 58 -35.74 -97.21 27.97
CA ALA F 58 -35.82 -95.77 27.87
C ALA F 58 -34.94 -95.20 26.75
N TRP F 59 -33.90 -95.96 26.38
CA TRP F 59 -32.77 -95.48 25.59
C TRP F 59 -33.17 -95.28 24.14
N GLN F 60 -32.44 -94.38 23.47
CA GLN F 60 -32.63 -94.03 22.08
C GLN F 60 -32.13 -95.16 21.18
N GLN F 61 -32.92 -95.53 20.18
CA GLN F 61 -32.49 -96.48 19.16
C GLN F 61 -31.75 -95.74 18.05
N VAL F 62 -30.55 -96.23 17.69
CA VAL F 62 -29.71 -95.64 16.66
C VAL F 62 -29.13 -96.75 15.77
N ASP F 63 -28.85 -96.41 14.51
CA ASP F 63 -28.07 -97.27 13.62
C ASP F 63 -26.64 -96.72 13.53
N LEU F 64 -25.64 -97.57 13.75
CA LEU F 64 -24.24 -97.21 13.54
C LEU F 64 -23.98 -97.12 12.02
N PRO F 65 -23.06 -96.26 11.55
CA PRO F 65 -22.17 -95.49 12.44
C PRO F 65 -22.86 -94.26 12.99
N HIS F 66 -22.33 -93.74 14.10
CA HIS F 66 -23.01 -92.77 14.95
C HIS F 66 -21.97 -91.93 15.70
N ASP F 67 -22.16 -90.60 15.66
CA ASP F 67 -21.33 -89.63 16.35
C ASP F 67 -22.18 -88.87 17.35
N TYR F 68 -21.87 -89.02 18.65
CA TYR F 68 -22.70 -88.46 19.71
C TYR F 68 -22.19 -87.09 20.17
N SER F 69 -21.13 -86.57 19.54
CA SER F 69 -20.64 -85.22 19.76
C SER F 69 -21.41 -84.22 18.89
N ILE F 70 -21.80 -84.64 17.69
CA ILE F 70 -22.27 -83.74 16.66
C ILE F 70 -23.69 -83.25 16.99
N THR F 71 -24.37 -83.96 17.91
CA THR F 71 -25.77 -83.69 18.22
C THR F 71 -25.89 -82.81 19.47
N GLN F 72 -24.89 -82.83 20.36
CA GLN F 72 -24.79 -81.91 21.49
C GLN F 72 -24.62 -80.46 20.98
N LYS F 73 -24.90 -79.48 21.87
CA LYS F 73 -24.98 -78.08 21.49
C LYS F 73 -23.60 -77.44 21.68
N TYR F 74 -23.24 -76.47 20.82
CA TYR F 74 -21.98 -75.75 20.92
C TYR F 74 -21.92 -75.02 22.26
N SER F 75 -20.70 -74.78 22.78
CA SER F 75 -20.55 -74.11 24.06
C SER F 75 -19.15 -73.51 24.22
N GLN F 76 -19.10 -72.23 24.61
CA GLN F 76 -17.85 -71.48 24.76
C GLN F 76 -16.95 -72.05 25.87
N SER F 77 -17.51 -72.90 26.74
CA SER F 77 -16.72 -73.50 27.81
C SER F 77 -15.79 -74.57 27.23
N ASN F 78 -16.13 -75.06 26.04
CA ASN F 78 -15.31 -75.99 25.27
C ASN F 78 -14.22 -75.21 24.52
N GLU F 79 -13.45 -75.91 23.69
CA GLU F 79 -12.29 -75.33 23.01
C GLU F 79 -12.54 -75.26 21.51
N ALA F 80 -11.93 -74.26 20.86
CA ALA F 80 -12.12 -74.00 19.43
C ALA F 80 -11.58 -75.14 18.57
N GLU F 81 -10.36 -75.60 18.88
CA GLU F 81 -9.71 -76.67 18.16
C GLU F 81 -10.69 -77.84 17.94
N SER F 82 -11.47 -78.17 18.97
CA SER F 82 -12.39 -79.31 18.97
C SER F 82 -13.84 -78.91 18.62
N ALA F 83 -14.00 -77.73 17.99
CA ALA F 83 -15.21 -77.20 17.34
C ALA F 83 -16.22 -76.63 18.35
N TYR F 84 -15.72 -76.29 19.55
CA TYR F 84 -16.53 -75.88 20.70
C TYR F 84 -17.58 -76.94 21.05
N LEU F 85 -17.43 -78.16 20.50
CA LEU F 85 -18.35 -79.25 20.81
C LEU F 85 -17.77 -80.16 21.87
N PRO F 86 -18.64 -80.77 22.71
CA PRO F 86 -18.21 -81.59 23.84
C PRO F 86 -18.11 -83.07 23.47
N GLY F 87 -17.52 -83.86 24.37
CA GLY F 87 -17.44 -85.30 24.15
C GLY F 87 -18.23 -86.07 25.20
N GLY F 88 -17.48 -86.62 26.17
CA GLY F 88 -18.05 -87.22 27.37
C GLY F 88 -18.25 -88.72 27.18
N THR F 89 -19.11 -89.30 28.03
CA THR F 89 -19.27 -90.74 28.17
C THR F 89 -20.54 -91.19 27.47
N GLY F 90 -20.38 -92.06 26.45
CA GLY F 90 -21.49 -92.64 25.71
C GLY F 90 -21.57 -94.14 25.93
N TRP F 91 -22.80 -94.65 26.04
CA TRP F 91 -23.05 -96.08 26.25
C TRP F 91 -23.85 -96.59 25.06
N TYR F 92 -23.32 -97.66 24.44
CA TYR F 92 -24.03 -98.40 23.41
C TYR F 92 -24.31 -99.81 23.94
N ARG F 93 -25.56 -100.25 23.74
CA ARG F 93 -26.02 -101.57 24.10
C ARG F 93 -26.76 -102.17 22.91
N LYS F 94 -26.51 -103.46 22.64
CA LYS F 94 -27.25 -104.20 21.62
C LYS F 94 -27.49 -105.61 22.14
N SER F 95 -28.77 -106.01 22.14
CA SER F 95 -29.21 -107.32 22.55
C SER F 95 -29.67 -108.11 21.33
N PHE F 96 -29.34 -109.40 21.32
CA PHE F 96 -29.53 -110.24 20.14
C PHE F 96 -29.49 -111.70 20.55
N THR F 97 -30.27 -112.53 19.83
CA THR F 97 -30.23 -113.97 20.01
C THR F 97 -29.14 -114.54 19.12
N ILE F 98 -28.48 -115.59 19.62
CA ILE F 98 -27.59 -116.42 18.82
C ILE F 98 -28.28 -117.77 18.66
N ASP F 99 -28.72 -118.08 17.43
CA ASP F 99 -29.39 -119.34 17.10
C ASP F 99 -28.50 -120.51 17.53
N ARG F 100 -29.13 -121.62 17.94
CA ARG F 100 -28.38 -122.75 18.50
C ARG F 100 -27.62 -123.51 17.42
N ASP F 101 -27.90 -123.19 16.14
CA ASP F 101 -27.18 -123.80 15.02
C ASP F 101 -25.72 -123.34 15.00
N LEU F 102 -25.41 -122.28 15.77
CA LEU F 102 -24.07 -121.71 15.85
C LEU F 102 -23.27 -122.37 16.97
N ALA F 103 -23.89 -123.28 17.72
CA ALA F 103 -23.17 -124.06 18.71
C ALA F 103 -21.96 -124.70 18.03
N GLY F 104 -20.79 -124.58 18.65
CA GLY F 104 -19.58 -125.10 18.06
C GLY F 104 -18.80 -124.03 17.30
N LYS F 105 -19.52 -123.07 16.69
CA LYS F 105 -18.94 -122.02 15.85
C LYS F 105 -18.29 -120.95 16.74
N ARG F 106 -17.41 -120.14 16.13
CA ARG F 106 -16.71 -119.04 16.77
C ARG F 106 -17.30 -117.71 16.32
N ILE F 107 -17.43 -116.75 17.24
CA ILE F 107 -18.03 -115.46 16.98
C ILE F 107 -17.09 -114.37 17.47
N ALA F 108 -16.92 -113.33 16.66
CA ALA F 108 -16.09 -112.18 17.01
C ALA F 108 -16.78 -110.90 16.52
N ILE F 109 -16.61 -109.81 17.29
CA ILE F 109 -17.10 -108.48 16.93
C ILE F 109 -15.93 -107.61 16.49
N ASN F 110 -16.12 -106.84 15.40
CA ASN F 110 -15.04 -106.05 14.81
C ASN F 110 -15.48 -104.59 14.69
N PHE F 111 -14.70 -103.70 15.32
CA PHE F 111 -14.89 -102.26 15.29
C PHE F 111 -13.83 -101.64 14.38
N ASP F 112 -14.25 -100.83 13.40
CA ASP F 112 -13.30 -100.19 12.49
C ASP F 112 -12.76 -98.92 13.15
N GLY F 113 -13.57 -98.33 14.01
CA GLY F 113 -13.15 -97.19 14.82
C GLY F 113 -14.17 -96.92 15.91
N VAL F 114 -13.66 -96.49 17.08
CA VAL F 114 -14.45 -96.03 18.21
C VAL F 114 -13.63 -94.97 18.93
N TYR F 115 -14.10 -93.71 18.88
CA TYR F 115 -13.42 -92.57 19.49
C TYR F 115 -14.16 -92.11 20.74
N MET F 116 -13.54 -92.28 21.93
CA MET F 116 -12.34 -93.07 22.16
C MET F 116 -12.42 -93.70 23.56
N ASN F 117 -11.32 -94.31 24.02
CA ASN F 117 -11.25 -95.02 25.30
C ASN F 117 -12.47 -95.94 25.45
N ALA F 118 -12.53 -96.96 24.58
CA ALA F 118 -13.66 -97.88 24.58
C ALA F 118 -13.44 -98.97 25.63
N THR F 119 -14.54 -99.42 26.24
CA THR F 119 -14.57 -100.54 27.16
C THR F 119 -15.72 -101.44 26.72
N VAL F 120 -15.43 -102.74 26.60
CA VAL F 120 -16.40 -103.67 26.03
C VAL F 120 -16.72 -104.76 27.04
N TRP F 121 -18.02 -104.98 27.28
CA TRP F 121 -18.56 -106.11 28.01
C TRP F 121 -19.40 -106.96 27.06
N PHE F 122 -19.32 -108.28 27.25
CA PHE F 122 -20.25 -109.22 26.62
C PHE F 122 -20.90 -110.08 27.69
N ASN F 123 -22.24 -110.01 27.74
CA ASN F 123 -23.02 -110.71 28.74
C ASN F 123 -22.40 -110.51 30.12
N GLY F 124 -22.14 -109.25 30.46
CA GLY F 124 -21.69 -108.93 31.81
C GLY F 124 -20.18 -109.15 32.04
N VAL F 125 -19.54 -110.02 31.24
CA VAL F 125 -18.10 -110.18 31.33
C VAL F 125 -17.39 -109.02 30.61
N LYS F 126 -16.41 -108.42 31.30
CA LYS F 126 -15.65 -107.30 30.78
C LYS F 126 -14.49 -107.84 29.93
N LEU F 127 -14.53 -107.55 28.63
CA LEU F 127 -13.60 -108.15 27.67
C LEU F 127 -12.27 -107.40 27.68
N GLY F 128 -12.34 -106.07 27.59
CA GLY F 128 -11.15 -105.23 27.66
C GLY F 128 -11.43 -103.81 27.20
N THR F 129 -10.35 -103.11 26.86
CA THR F 129 -10.39 -101.70 26.52
C THR F 129 -9.53 -101.42 25.29
N HIS F 130 -9.81 -100.30 24.62
CA HIS F 130 -9.06 -99.83 23.47
C HIS F 130 -9.01 -98.31 23.44
N PRO F 131 -7.85 -97.70 23.80
CA PRO F 131 -7.73 -96.24 23.91
C PRO F 131 -7.86 -95.46 22.61
N TYR F 132 -7.08 -95.83 21.58
CA TYR F 132 -6.97 -95.04 20.37
C TYR F 132 -8.29 -94.97 19.61
N GLY F 133 -8.57 -93.78 19.07
CA GLY F 133 -9.87 -93.50 18.49
C GLY F 133 -9.99 -93.79 16.99
N TYR F 134 -8.87 -94.06 16.30
CA TYR F 134 -8.91 -94.20 14.84
C TYR F 134 -8.38 -95.55 14.32
N SER F 135 -7.71 -96.35 15.16
CA SER F 135 -7.23 -97.66 14.76
C SER F 135 -8.35 -98.68 14.95
N PRO F 136 -8.46 -99.72 14.07
CA PRO F 136 -9.50 -100.76 14.18
C PRO F 136 -9.09 -101.81 15.20
N PHE F 137 -10.08 -102.55 15.75
CA PHE F 137 -9.87 -103.60 16.75
C PHE F 137 -11.05 -104.55 16.86
N SER F 138 -10.84 -105.70 17.53
CA SER F 138 -11.79 -106.81 17.61
C SER F 138 -11.83 -107.37 19.03
N PHE F 139 -12.96 -108.04 19.36
CA PHE F 139 -13.04 -108.91 20.53
C PHE F 139 -13.67 -110.25 20.17
N ASP F 140 -13.13 -111.34 20.74
CA ASP F 140 -13.77 -112.65 20.66
C ASP F 140 -14.96 -112.68 21.62
N LEU F 141 -16.09 -113.24 21.15
CA LEU F 141 -17.30 -113.36 21.95
C LEU F 141 -17.62 -114.83 22.27
N THR F 142 -16.92 -115.75 21.59
CA THR F 142 -17.20 -117.17 21.65
C THR F 142 -17.33 -117.62 23.10
N GLY F 143 -16.27 -117.40 23.89
CA GLY F 143 -16.11 -117.93 25.23
C GLY F 143 -17.25 -117.56 26.18
N ASN F 144 -17.92 -116.44 25.90
CA ASN F 144 -18.89 -115.84 26.80
C ASN F 144 -20.29 -115.84 26.21
N ALA F 145 -20.43 -116.32 24.97
CA ALA F 145 -21.72 -116.34 24.29
C ALA F 145 -22.64 -117.34 24.98
N LYS F 146 -23.94 -117.01 25.04
CA LYS F 146 -24.98 -117.95 25.40
C LYS F 146 -25.68 -118.40 24.12
N PHE F 147 -25.45 -119.65 23.74
CA PHE F 147 -25.94 -120.17 22.46
C PHE F 147 -27.40 -120.57 22.58
N GLY F 148 -28.17 -120.31 21.52
CA GLY F 148 -29.63 -120.44 21.53
C GLY F 148 -30.32 -119.52 22.55
N GLY F 149 -29.67 -118.41 22.91
CA GLY F 149 -30.17 -117.53 23.95
C GLY F 149 -30.01 -116.05 23.64
N GLU F 150 -30.46 -115.21 24.58
CA GLU F 150 -30.33 -113.76 24.49
C GLU F 150 -28.92 -113.37 24.94
N ASN F 151 -28.26 -112.52 24.14
CA ASN F 151 -26.94 -111.99 24.44
C ASN F 151 -26.97 -110.47 24.32
N THR F 152 -26.07 -109.82 25.07
CA THR F 152 -26.01 -108.36 25.19
C THR F 152 -24.55 -107.91 25.20
N ILE F 153 -24.18 -107.18 24.13
CA ILE F 153 -22.90 -106.50 24.01
C ILE F 153 -23.07 -105.04 24.43
N VAL F 154 -22.05 -104.51 25.13
CA VAL F 154 -22.07 -103.16 25.68
C VAL F 154 -20.71 -102.49 25.46
N VAL F 155 -20.74 -101.31 24.83
CA VAL F 155 -19.55 -100.51 24.56
C VAL F 155 -19.70 -99.18 25.30
N LYS F 156 -18.75 -98.89 26.19
CA LYS F 156 -18.67 -97.60 26.89
C LYS F 156 -17.53 -96.78 26.27
N VAL F 157 -17.90 -95.65 25.66
CA VAL F 157 -17.00 -94.71 25.00
C VAL F 157 -16.79 -93.52 25.93
N GLU F 158 -15.53 -93.29 26.34
CA GLU F 158 -15.17 -92.14 27.15
C GLU F 158 -14.23 -91.24 26.35
N ASN F 159 -14.82 -90.29 25.60
CA ASN F 159 -14.05 -89.22 24.97
C ASN F 159 -13.92 -88.07 25.96
N ARG F 160 -12.98 -88.18 26.89
CA ARG F 160 -12.74 -87.13 27.86
C ARG F 160 -11.89 -86.08 27.16
N LEU F 161 -12.45 -84.87 26.98
CA LEU F 161 -11.73 -83.76 26.37
C LEU F 161 -10.69 -83.22 27.35
N PRO F 162 -9.58 -82.59 26.89
CA PRO F 162 -9.30 -82.44 25.46
C PRO F 162 -8.44 -83.58 24.90
N SER F 163 -8.78 -84.06 23.68
CA SER F 163 -8.15 -85.26 23.12
C SER F 163 -7.75 -85.10 21.65
N SER F 164 -7.87 -83.88 21.10
CA SER F 164 -7.72 -83.69 19.67
C SER F 164 -7.40 -82.25 19.34
N ARG F 165 -6.60 -82.02 18.28
CA ARG F 165 -6.31 -80.67 17.80
C ARG F 165 -7.35 -80.27 16.74
N TRP F 166 -8.24 -81.20 16.42
CA TRP F 166 -9.32 -81.03 15.46
C TRP F 166 -10.57 -81.72 16.00
N TYR F 167 -11.74 -81.50 15.36
CA TYR F 167 -12.96 -82.17 15.79
C TYR F 167 -12.83 -83.68 15.65
N SER F 168 -12.75 -84.38 16.79
CA SER F 168 -12.77 -85.84 16.84
C SER F 168 -14.15 -86.37 16.47
N GLY F 169 -15.19 -85.82 17.10
CA GLY F 169 -16.43 -86.54 17.27
C GLY F 169 -16.28 -87.60 18.36
N SER F 170 -17.38 -88.30 18.68
CA SER F 170 -17.42 -89.27 19.76
C SER F 170 -18.29 -90.45 19.37
N GLY F 171 -17.91 -91.64 19.87
CA GLY F 171 -18.74 -92.83 19.76
C GLY F 171 -18.23 -93.82 18.70
N ILE F 172 -19.15 -94.68 18.26
CA ILE F 172 -18.90 -95.72 17.28
C ILE F 172 -19.21 -95.12 15.91
N TYR F 173 -18.22 -94.40 15.35
CA TYR F 173 -18.41 -93.56 14.20
C TYR F 173 -18.09 -94.30 12.89
N ARG F 174 -17.91 -95.64 12.97
CA ARG F 174 -17.52 -96.47 11.84
C ARG F 174 -18.07 -97.89 11.99
N ASP F 175 -18.37 -98.52 10.83
CA ASP F 175 -19.08 -99.80 10.75
C ASP F 175 -18.53 -100.82 11.74
N VAL F 176 -19.48 -101.55 12.37
CA VAL F 176 -19.21 -102.71 13.20
C VAL F 176 -19.70 -103.94 12.42
N THR F 177 -19.05 -105.09 12.66
CA THR F 177 -19.41 -106.35 12.02
C THR F 177 -19.18 -107.52 12.99
N LEU F 178 -19.85 -108.65 12.68
CA LEU F 178 -19.68 -109.92 13.36
C LEU F 178 -19.05 -110.90 12.37
N THR F 179 -18.05 -111.64 12.88
CA THR F 179 -17.41 -112.71 12.12
C THR F 179 -17.70 -114.03 12.80
N VAL F 180 -18.41 -114.92 12.08
CA VAL F 180 -18.81 -116.23 12.53
C VAL F 180 -18.10 -117.26 11.64
N THR F 181 -17.38 -118.20 12.27
CA THR F 181 -16.53 -119.15 11.56
C THR F 181 -16.50 -120.50 12.25
N ASP F 182 -16.05 -121.51 11.50
CA ASP F 182 -15.76 -122.83 12.03
C ASP F 182 -14.64 -122.71 13.08
N GLY F 183 -14.43 -123.81 13.82
CA GLY F 183 -13.42 -123.85 14.86
C GLY F 183 -12.03 -123.83 14.26
N VAL F 184 -11.91 -124.37 13.04
CA VAL F 184 -10.73 -124.26 12.20
C VAL F 184 -11.01 -123.17 11.16
N HIS F 185 -10.25 -122.08 11.23
CA HIS F 185 -10.55 -120.87 10.48
C HIS F 185 -9.27 -120.10 10.16
N VAL F 186 -9.36 -119.28 9.10
CA VAL F 186 -8.35 -118.28 8.80
C VAL F 186 -8.42 -117.24 9.91
N GLY F 187 -7.26 -116.65 10.24
CA GLY F 187 -7.20 -115.68 11.32
C GLY F 187 -7.87 -114.36 10.94
N ASN F 188 -7.95 -113.46 11.91
CA ASN F 188 -8.26 -112.06 11.66
C ASN F 188 -7.26 -111.55 10.64
N ASN F 189 -7.74 -110.94 9.55
CA ASN F 189 -6.88 -110.37 8.52
C ASN F 189 -5.77 -111.34 8.17
N GLY F 190 -6.12 -112.63 8.03
CA GLY F 190 -5.18 -113.74 8.11
C GLY F 190 -4.27 -113.92 6.91
N VAL F 191 -4.55 -113.22 5.81
CA VAL F 191 -3.83 -113.49 4.57
C VAL F 191 -3.03 -112.25 4.19
N ALA F 192 -1.74 -112.51 3.89
CA ALA F 192 -0.80 -111.50 3.45
C ALA F 192 -0.24 -111.91 2.10
N ILE F 193 -0.30 -110.99 1.14
CA ILE F 193 0.11 -111.26 -0.23
C ILE F 193 1.30 -110.38 -0.57
N LYS F 194 2.32 -110.99 -1.20
CA LYS F 194 3.51 -110.30 -1.69
C LYS F 194 3.80 -110.70 -3.13
N THR F 195 4.22 -109.73 -3.94
CA THR F 195 4.60 -109.98 -5.32
C THR F 195 5.96 -109.34 -5.56
N PRO F 196 7.06 -109.94 -5.01
CA PRO F 196 8.31 -109.23 -4.82
C PRO F 196 9.00 -108.87 -6.12
N SER F 197 8.56 -109.50 -7.23
CA SER F 197 9.23 -109.38 -8.50
C SER F 197 8.35 -108.72 -9.57
N LEU F 198 7.20 -108.16 -9.16
CA LEU F 198 6.22 -107.73 -10.14
C LEU F 198 6.85 -106.82 -11.19
N ALA F 199 7.71 -105.89 -10.75
CA ALA F 199 8.31 -104.90 -11.62
C ALA F 199 9.03 -105.58 -12.78
N THR F 200 9.67 -106.72 -12.49
CA THR F 200 10.41 -107.59 -13.41
C THR F 200 9.46 -108.47 -14.22
N GLN F 201 8.48 -109.09 -13.54
CA GLN F 201 7.64 -110.11 -14.14
C GLN F 201 6.47 -109.48 -14.92
N ASN F 202 6.31 -108.15 -14.83
CA ASN F 202 5.14 -107.50 -15.37
C ASN F 202 4.97 -107.90 -16.84
N GLY F 203 3.74 -108.27 -17.20
CA GLY F 203 3.41 -108.69 -18.55
C GLY F 203 3.36 -110.20 -18.65
N GLY F 204 4.26 -110.87 -17.91
CA GLY F 204 4.35 -112.32 -17.89
C GLY F 204 3.60 -112.94 -16.71
N ASN F 205 4.15 -114.04 -16.22
CA ASN F 205 3.66 -114.73 -15.04
C ASN F 205 4.23 -114.03 -13.80
N VAL F 206 3.34 -113.71 -12.84
CA VAL F 206 3.73 -113.02 -11.61
C VAL F 206 3.71 -114.01 -10.45
N THR F 207 4.79 -114.02 -9.66
CA THR F 207 4.88 -114.82 -8.45
C THR F 207 4.19 -114.07 -7.31
N MET F 208 3.19 -114.73 -6.71
CA MET F 208 2.50 -114.29 -5.51
C MET F 208 2.91 -115.21 -4.36
N ASN F 209 3.39 -114.62 -3.26
CA ASN F 209 3.73 -115.35 -2.05
C ASN F 209 2.73 -115.01 -0.94
N LEU F 210 1.88 -115.98 -0.61
CA LEU F 210 0.89 -115.84 0.43
C LEU F 210 1.43 -116.42 1.74
N THR F 211 1.06 -115.78 2.86
CA THR F 211 1.18 -116.33 4.20
C THR F 211 -0.19 -116.19 4.85
N THR F 212 -0.69 -117.31 5.42
CA THR F 212 -2.05 -117.40 5.93
C THR F 212 -2.02 -118.00 7.34
N LYS F 213 -2.52 -117.24 8.33
CA LYS F 213 -2.68 -117.78 9.67
C LYS F 213 -3.95 -118.64 9.67
N VAL F 214 -3.78 -119.93 9.98
CA VAL F 214 -4.88 -120.86 10.17
C VAL F 214 -4.89 -121.24 11.65
N ALA F 215 -5.99 -120.94 12.34
CA ALA F 215 -6.12 -121.28 13.75
C ALA F 215 -6.95 -122.55 13.88
N ASN F 216 -6.48 -123.48 14.73
CA ASN F 216 -7.22 -124.68 15.09
C ASN F 216 -7.79 -124.52 16.49
N ASP F 217 -8.95 -123.86 16.59
CA ASP F 217 -9.60 -123.56 17.85
C ASP F 217 -10.64 -124.65 18.14
N THR F 218 -10.21 -125.91 18.05
CA THR F 218 -11.01 -127.08 18.38
C THR F 218 -10.26 -127.93 19.40
N LYS F 219 -10.90 -129.02 19.84
CA LYS F 219 -10.30 -129.88 20.86
C LYS F 219 -9.61 -131.09 20.23
N ALA F 220 -9.32 -130.98 18.95
CA ALA F 220 -8.77 -132.06 18.14
C ALA F 220 -7.65 -131.50 17.27
N ALA F 221 -6.54 -132.24 17.14
CA ALA F 221 -5.59 -131.98 16.07
C ALA F 221 -6.37 -131.99 14.74
N ALA F 222 -5.90 -131.19 13.78
CA ALA F 222 -6.58 -131.03 12.49
C ALA F 222 -5.57 -131.13 11.36
N ASN F 223 -6.00 -131.77 10.26
CA ASN F 223 -5.19 -131.91 9.06
C ASN F 223 -5.82 -131.08 7.95
N ILE F 224 -5.07 -130.04 7.55
CA ILE F 224 -5.62 -128.93 6.79
C ILE F 224 -4.84 -128.81 5.49
N THR F 225 -5.57 -128.50 4.42
CA THR F 225 -4.98 -127.99 3.20
C THR F 225 -5.68 -126.68 2.84
N LEU F 226 -4.92 -125.77 2.20
CA LEU F 226 -5.46 -124.51 1.73
C LEU F 226 -5.63 -124.57 0.22
N LYS F 227 -6.78 -124.12 -0.28
CA LYS F 227 -7.02 -124.01 -1.71
C LYS F 227 -7.29 -122.54 -2.01
N GLN F 228 -6.28 -121.88 -2.59
CA GLN F 228 -6.30 -120.45 -2.84
C GLN F 228 -6.47 -120.21 -4.34
N THR F 229 -7.20 -119.14 -4.69
CA THR F 229 -7.61 -118.83 -6.06
C THR F 229 -7.65 -117.31 -6.25
N VAL F 230 -6.99 -116.83 -7.31
CA VAL F 230 -6.95 -115.40 -7.64
C VAL F 230 -7.80 -115.19 -8.87
N PHE F 231 -8.89 -114.43 -8.74
CA PHE F 231 -9.83 -114.19 -9.83
C PHE F 231 -10.31 -112.75 -9.79
N PRO F 232 -10.81 -112.17 -10.90
CA PRO F 232 -11.12 -110.75 -10.96
C PRO F 232 -12.29 -110.44 -10.02
N LYS F 233 -12.17 -109.34 -9.26
CA LYS F 233 -13.13 -109.00 -8.23
C LYS F 233 -14.51 -108.86 -8.87
N GLY F 234 -15.50 -109.57 -8.30
CA GLY F 234 -16.86 -109.48 -8.78
C GLY F 234 -17.19 -110.50 -9.86
N GLY F 235 -16.18 -111.19 -10.40
CA GLY F 235 -16.36 -112.26 -11.37
C GLY F 235 -16.49 -113.62 -10.68
N LYS F 236 -16.61 -114.71 -11.46
CA LYS F 236 -16.74 -116.07 -10.93
C LYS F 236 -15.34 -116.70 -10.83
N THR F 237 -15.20 -117.77 -10.03
CA THR F 237 -13.93 -118.44 -9.78
C THR F 237 -13.36 -119.07 -11.06
N ASP F 238 -14.22 -119.32 -12.05
CA ASP F 238 -13.80 -119.99 -13.27
C ASP F 238 -12.95 -119.06 -14.14
N ALA F 239 -12.90 -117.77 -13.79
CA ALA F 239 -12.08 -116.78 -14.49
C ALA F 239 -10.73 -116.58 -13.79
N ALA F 240 -10.40 -117.49 -12.86
CA ALA F 240 -9.17 -117.42 -12.09
C ALA F 240 -7.98 -117.31 -13.04
N ILE F 241 -6.89 -116.67 -12.55
CA ILE F 241 -5.65 -116.49 -13.29
C ILE F 241 -4.51 -117.14 -12.50
N GLY F 242 -4.89 -117.94 -11.49
CA GLY F 242 -3.93 -118.68 -10.67
C GLY F 242 -4.66 -119.41 -9.54
N THR F 243 -4.15 -120.61 -9.24
CA THR F 243 -4.62 -121.45 -8.14
C THR F 243 -3.43 -122.14 -7.50
N VAL F 244 -3.57 -122.50 -6.23
CA VAL F 244 -2.66 -123.45 -5.59
C VAL F 244 -3.46 -124.21 -4.55
N THR F 245 -3.01 -125.44 -4.26
CA THR F 245 -3.47 -126.26 -3.15
C THR F 245 -2.23 -126.72 -2.40
N THR F 246 -2.21 -126.46 -1.08
CA THR F 246 -1.04 -126.73 -0.26
C THR F 246 -0.97 -128.22 0.07
N ALA F 247 0.22 -128.68 0.44
CA ALA F 247 0.35 -129.98 1.08
C ALA F 247 -0.35 -129.91 2.44
N SER F 248 -0.72 -131.07 2.98
CA SER F 248 -1.33 -131.18 4.29
C SER F 248 -0.37 -130.61 5.34
N LYS F 249 -0.87 -129.70 6.19
CA LYS F 249 -0.22 -129.29 7.43
C LYS F 249 -1.10 -129.76 8.58
N SER F 250 -0.45 -130.39 9.56
CA SER F 250 -1.08 -130.81 10.80
C SER F 250 -1.01 -129.66 11.79
N ILE F 251 -2.18 -129.21 12.29
CA ILE F 251 -2.23 -128.13 13.28
C ILE F 251 -2.81 -128.68 14.58
N ALA F 252 -2.03 -128.61 15.67
CA ALA F 252 -2.41 -129.17 16.96
C ALA F 252 -3.66 -128.49 17.51
N ALA F 253 -4.32 -129.13 18.48
CA ALA F 253 -5.51 -128.57 19.10
C ALA F 253 -5.18 -127.26 19.81
N GLY F 254 -6.02 -126.24 19.55
CA GLY F 254 -5.89 -124.93 20.17
C GLY F 254 -4.62 -124.18 19.75
N ALA F 255 -3.94 -124.70 18.72
CA ALA F 255 -2.76 -124.07 18.15
C ALA F 255 -3.16 -123.37 16.86
N SER F 256 -2.20 -122.66 16.27
CA SER F 256 -2.37 -122.09 14.94
C SER F 256 -1.03 -122.12 14.21
N ALA F 257 -1.07 -121.95 12.88
CA ALA F 257 0.09 -122.07 12.02
C ALA F 257 0.02 -121.03 10.91
N ASP F 258 1.20 -120.50 10.54
CA ASP F 258 1.32 -119.66 9.37
C ASP F 258 1.63 -120.59 8.18
N VAL F 259 0.74 -120.59 7.18
CA VAL F 259 0.84 -121.51 6.05
C VAL F 259 1.28 -120.72 4.82
N THR F 260 2.53 -120.93 4.40
CA THR F 260 3.05 -120.32 3.19
C THR F 260 2.59 -121.09 1.95
N SER F 261 2.23 -120.33 0.92
CA SER F 261 1.88 -120.84 -0.40
C SER F 261 2.46 -119.90 -1.45
N THR F 262 2.48 -120.37 -2.70
CA THR F 262 2.76 -119.54 -3.85
C THR F 262 1.70 -119.79 -4.93
N ILE F 263 1.25 -118.71 -5.53
CA ILE F 263 0.39 -118.75 -6.71
C ILE F 263 1.15 -118.07 -7.84
N THR F 264 0.99 -118.60 -9.05
CA THR F 264 1.54 -117.97 -10.24
C THR F 264 0.38 -117.34 -11.00
N ALA F 265 0.39 -116.01 -11.05
CA ALA F 265 -0.67 -115.26 -11.70
C ALA F 265 -0.36 -115.13 -13.18
N ALA F 266 -1.29 -115.64 -13.99
CA ALA F 266 -1.22 -115.60 -15.44
C ALA F 266 -1.51 -114.18 -15.92
N SER F 267 -0.44 -113.41 -16.15
CA SER F 267 -0.51 -112.08 -16.74
C SER F 267 -1.60 -111.24 -16.08
N PRO F 268 -1.52 -110.97 -14.76
CA PRO F 268 -2.55 -110.20 -14.06
C PRO F 268 -2.60 -108.78 -14.62
N LYS F 269 -3.81 -108.20 -14.67
CA LYS F 269 -3.99 -106.81 -15.06
C LYS F 269 -3.58 -105.89 -13.90
N LEU F 270 -2.68 -104.94 -14.21
CA LEU F 270 -2.15 -104.03 -13.20
C LEU F 270 -3.26 -103.14 -12.64
N TRP F 271 -3.21 -102.90 -11.32
CA TRP F 271 -3.96 -101.81 -10.70
C TRP F 271 -3.20 -100.51 -10.92
N SER F 272 -3.87 -99.51 -11.50
CA SER F 272 -3.30 -98.21 -11.83
C SER F 272 -4.30 -97.10 -11.51
N ILE F 273 -3.87 -95.83 -11.56
CA ILE F 273 -4.75 -94.71 -11.27
C ILE F 273 -5.86 -94.67 -12.32
N LYS F 274 -5.49 -94.81 -13.60
CA LYS F 274 -6.45 -94.76 -14.69
C LYS F 274 -7.31 -96.02 -14.69
N ASN F 275 -6.72 -97.16 -14.33
CA ASN F 275 -7.38 -98.46 -14.45
C ASN F 275 -7.21 -99.24 -13.16
N PRO F 276 -8.00 -98.91 -12.12
CA PRO F 276 -7.88 -99.59 -10.82
C PRO F 276 -8.47 -100.99 -10.74
N ASN F 277 -7.87 -101.93 -11.49
CA ASN F 277 -8.33 -103.31 -11.58
C ASN F 277 -8.02 -104.05 -10.29
N LEU F 278 -9.07 -104.62 -9.68
CA LEU F 278 -8.97 -105.37 -8.44
C LEU F 278 -9.19 -106.87 -8.71
N TYR F 279 -8.56 -107.69 -7.87
CA TYR F 279 -8.73 -109.14 -7.87
C TYR F 279 -9.19 -109.55 -6.47
N THR F 280 -9.87 -110.70 -6.38
CA THR F 280 -10.17 -111.33 -5.10
C THR F 280 -9.25 -112.52 -4.92
N VAL F 281 -8.77 -112.73 -3.70
CA VAL F 281 -7.91 -113.86 -3.40
C VAL F 281 -8.59 -114.70 -2.32
N ARG F 282 -9.29 -115.73 -2.79
CA ARG F 282 -10.07 -116.62 -1.94
C ARG F 282 -9.17 -117.73 -1.40
N THR F 283 -9.23 -117.91 -0.08
CA THR F 283 -8.52 -118.96 0.63
C THR F 283 -9.56 -119.84 1.30
N GLU F 284 -9.59 -121.12 0.89
CA GLU F 284 -10.47 -122.12 1.46
C GLU F 284 -9.63 -123.04 2.34
N VAL F 285 -10.12 -123.28 3.57
CA VAL F 285 -9.50 -124.20 4.51
C VAL F 285 -10.25 -125.52 4.42
N LEU F 286 -9.52 -126.58 4.07
CA LEU F 286 -10.10 -127.88 3.77
C LEU F 286 -9.62 -128.89 4.81
N ASN F 287 -10.59 -129.70 5.28
CA ASN F 287 -10.36 -130.89 6.07
C ASN F 287 -11.16 -132.04 5.48
N GLY F 288 -10.47 -133.12 5.13
CA GLY F 288 -11.05 -134.15 4.28
C GLY F 288 -11.55 -133.53 2.97
N GLY F 289 -12.78 -133.87 2.60
CA GLY F 289 -13.41 -133.34 1.40
C GLY F 289 -13.94 -131.92 1.63
N LYS F 290 -14.40 -131.64 2.86
CA LYS F 290 -15.23 -130.49 3.16
C LYS F 290 -14.40 -129.22 3.37
N VAL F 291 -14.96 -128.09 2.90
CA VAL F 291 -14.45 -126.75 3.12
C VAL F 291 -14.94 -126.27 4.49
N LEU F 292 -14.02 -125.96 5.41
CA LEU F 292 -14.37 -125.53 6.76
C LEU F 292 -14.52 -124.02 6.88
N ASP F 293 -13.68 -123.27 6.15
CA ASP F 293 -13.68 -121.82 6.20
C ASP F 293 -13.25 -121.27 4.84
N THR F 294 -13.84 -120.12 4.48
CA THR F 294 -13.55 -119.46 3.22
C THR F 294 -13.35 -117.96 3.44
N TYR F 295 -12.14 -117.48 3.14
CA TYR F 295 -11.70 -116.13 3.47
C TYR F 295 -11.22 -115.40 2.22
N ASP F 296 -11.92 -114.31 1.87
CA ASP F 296 -11.60 -113.46 0.72
C ASP F 296 -10.83 -112.23 1.19
N THR F 297 -9.97 -111.69 0.31
CA THR F 297 -9.20 -110.46 0.51
C THR F 297 -8.99 -109.79 -0.85
N GLU F 298 -9.29 -108.49 -0.93
CA GLU F 298 -9.19 -107.70 -2.14
C GLU F 298 -7.71 -107.39 -2.39
N TYR F 299 -7.26 -107.53 -3.65
CA TYR F 299 -5.88 -107.31 -4.03
C TYR F 299 -5.79 -106.53 -5.34
N GLY F 300 -4.65 -105.85 -5.55
CA GLY F 300 -4.31 -105.22 -6.82
C GLY F 300 -2.85 -105.50 -7.13
N PHE F 301 -2.54 -105.62 -8.43
CA PHE F 301 -1.17 -105.84 -8.83
C PHE F 301 -0.58 -104.48 -9.21
N ARG F 302 0.40 -104.02 -8.43
CA ARG F 302 1.01 -102.72 -8.66
C ARG F 302 2.35 -102.62 -7.94
N TRP F 303 3.23 -101.70 -8.35
CA TRP F 303 4.46 -101.41 -7.61
C TRP F 303 4.80 -99.92 -7.71
N THR F 304 5.55 -99.41 -6.74
CA THR F 304 5.96 -98.00 -6.75
C THR F 304 7.48 -97.93 -6.80
N GLY F 305 7.99 -96.73 -7.10
CA GLY F 305 9.40 -96.42 -6.92
C GLY F 305 9.58 -94.94 -6.56
N PHE F 306 10.62 -94.66 -5.75
CA PHE F 306 10.98 -93.32 -5.36
C PHE F 306 12.45 -93.12 -5.74
N ASP F 307 12.71 -92.11 -6.56
CA ASP F 307 14.08 -91.74 -6.92
C ASP F 307 14.33 -90.39 -6.29
N ALA F 308 15.53 -90.20 -5.72
CA ALA F 308 15.82 -88.99 -4.95
C ALA F 308 15.92 -87.75 -5.85
N THR F 309 15.87 -87.96 -7.17
CA THR F 309 16.11 -86.91 -8.15
C THR F 309 14.89 -86.65 -9.04
N SER F 310 14.25 -87.73 -9.52
CA SER F 310 13.14 -87.71 -10.46
C SER F 310 11.79 -88.05 -9.80
N GLY F 311 11.84 -88.38 -8.51
CA GLY F 311 10.63 -88.47 -7.70
C GLY F 311 9.88 -89.78 -7.83
N PHE F 312 8.54 -89.68 -7.83
CA PHE F 312 7.69 -90.87 -7.68
C PHE F 312 7.40 -91.46 -9.05
N SER F 313 7.05 -92.75 -9.03
CA SER F 313 6.64 -93.56 -10.19
C SER F 313 5.74 -94.71 -9.73
N LEU F 314 4.65 -94.94 -10.47
CA LEU F 314 3.72 -96.04 -10.25
C LEU F 314 3.69 -96.96 -11.47
N ASN F 315 4.06 -98.24 -11.24
CA ASN F 315 4.08 -99.30 -12.24
C ASN F 315 5.02 -98.95 -13.39
N GLY F 316 6.14 -98.30 -13.09
CA GLY F 316 7.08 -97.98 -14.16
C GLY F 316 6.91 -96.55 -14.72
N GLU F 317 5.70 -95.99 -14.64
CA GLU F 317 5.40 -94.66 -15.19
C GLU F 317 5.66 -93.58 -14.13
N LYS F 318 6.26 -92.46 -14.56
CA LYS F 318 6.52 -91.35 -13.64
C LYS F 318 5.20 -90.64 -13.32
N VAL F 319 4.91 -90.43 -12.03
CA VAL F 319 3.70 -89.73 -11.62
C VAL F 319 4.04 -88.65 -10.59
N LYS F 320 3.36 -87.51 -10.67
CA LYS F 320 3.51 -86.46 -9.66
C LYS F 320 2.43 -86.65 -8.60
N LEU F 321 2.83 -86.72 -7.32
CA LEU F 321 1.87 -86.86 -6.24
C LEU F 321 1.16 -85.52 -6.03
N LYS F 322 -0.01 -85.41 -6.66
CA LYS F 322 -0.88 -84.25 -6.56
C LYS F 322 -1.89 -84.56 -5.45
N GLY F 323 -1.53 -84.17 -4.21
CA GLY F 323 -2.16 -84.70 -3.01
C GLY F 323 -2.89 -83.66 -2.17
N VAL F 324 -3.87 -84.12 -1.40
CA VAL F 324 -4.52 -83.33 -0.38
C VAL F 324 -4.42 -84.10 0.92
N SER F 325 -4.27 -83.35 2.02
CA SER F 325 -4.53 -83.84 3.37
C SER F 325 -6.04 -83.84 3.61
N MET F 326 -6.56 -84.87 4.28
CA MET F 326 -7.98 -84.99 4.62
C MET F 326 -8.13 -85.52 6.04
N HIS F 327 -8.86 -84.76 6.88
CA HIS F 327 -9.29 -85.27 8.16
C HIS F 327 -10.51 -86.15 7.94
N HIS F 328 -11.02 -86.76 9.01
CA HIS F 328 -11.98 -87.84 8.83
C HIS F 328 -13.42 -87.35 8.79
N ASP F 329 -13.74 -86.27 9.50
CA ASP F 329 -15.14 -85.88 9.62
C ASP F 329 -15.76 -85.60 8.24
N GLN F 330 -17.08 -85.75 8.17
CA GLN F 330 -17.84 -85.57 6.96
C GLN F 330 -18.80 -84.39 7.10
N GLY F 331 -18.25 -83.26 7.59
CA GLY F 331 -18.99 -82.02 7.70
C GLY F 331 -20.20 -82.12 8.64
N SER F 332 -21.37 -81.80 8.09
CA SER F 332 -22.60 -81.74 8.85
C SER F 332 -22.95 -83.09 9.48
N LEU F 333 -22.44 -84.19 8.91
CA LEU F 333 -22.69 -85.52 9.47
C LEU F 333 -21.76 -85.84 10.64
N GLY F 334 -20.79 -84.97 10.92
CA GLY F 334 -19.81 -85.22 11.98
C GLY F 334 -18.81 -86.32 11.60
N ALA F 335 -18.31 -87.05 12.62
CA ALA F 335 -17.27 -88.06 12.44
C ALA F 335 -17.79 -89.27 11.66
N VAL F 336 -19.12 -89.40 11.58
CA VAL F 336 -19.76 -90.54 10.95
C VAL F 336 -19.09 -90.83 9.62
N ALA F 337 -18.57 -92.06 9.45
CA ALA F 337 -17.85 -92.46 8.26
C ALA F 337 -18.80 -93.15 7.29
N ASN F 338 -19.79 -92.38 6.82
CA ASN F 338 -20.77 -92.84 5.85
C ASN F 338 -20.06 -93.08 4.51
N ARG F 339 -20.23 -94.28 3.95
CA ARG F 339 -19.50 -94.68 2.74
C ARG F 339 -19.69 -93.67 1.61
N ARG F 340 -20.94 -93.25 1.38
CA ARG F 340 -21.25 -92.35 0.28
C ARG F 340 -20.65 -90.98 0.52
N ALA F 341 -20.76 -90.48 1.76
CA ALA F 341 -20.12 -89.22 2.15
C ALA F 341 -18.66 -89.24 1.72
N ILE F 342 -17.95 -90.29 2.18
CA ILE F 342 -16.53 -90.50 1.92
C ILE F 342 -16.27 -90.59 0.42
N GLU F 343 -17.12 -91.36 -0.28
CA GLU F 343 -17.01 -91.54 -1.72
C GLU F 343 -17.12 -90.20 -2.43
N ARG F 344 -18.15 -89.41 -2.06
CA ARG F 344 -18.41 -88.09 -2.62
C ARG F 344 -17.17 -87.21 -2.52
N GLN F 345 -16.54 -87.21 -1.34
CA GLN F 345 -15.33 -86.42 -1.14
C GLN F 345 -14.28 -86.78 -2.20
N VAL F 346 -13.99 -88.08 -2.33
CA VAL F 346 -12.99 -88.55 -3.26
C VAL F 346 -13.33 -88.08 -4.67
N GLU F 347 -14.62 -88.21 -5.03
CA GLU F 347 -15.09 -87.87 -6.36
C GLU F 347 -14.77 -86.42 -6.68
N ILE F 348 -15.09 -85.53 -5.74
CA ILE F 348 -14.88 -84.10 -5.88
C ILE F 348 -13.38 -83.81 -5.99
N LEU F 349 -12.58 -84.52 -5.18
CA LEU F 349 -11.13 -84.37 -5.21
C LEU F 349 -10.59 -84.80 -6.57
N GLN F 350 -11.08 -85.95 -7.08
CA GLN F 350 -10.64 -86.47 -8.36
C GLN F 350 -10.89 -85.44 -9.45
N LYS F 351 -12.08 -84.82 -9.42
CA LYS F 351 -12.47 -83.80 -10.39
C LYS F 351 -11.51 -82.62 -10.33
N MET F 352 -10.90 -82.37 -9.17
CA MET F 352 -9.93 -81.30 -9.01
C MET F 352 -8.60 -81.68 -9.66
N GLY F 353 -8.41 -82.97 -9.95
CA GLY F 353 -7.15 -83.46 -10.48
C GLY F 353 -6.26 -84.15 -9.44
N VAL F 354 -6.80 -84.36 -8.24
CA VAL F 354 -6.11 -85.03 -7.14
C VAL F 354 -5.91 -86.50 -7.52
N ASN F 355 -4.79 -87.08 -7.09
CA ASN F 355 -4.51 -88.50 -7.33
C ASN F 355 -4.03 -89.19 -6.06
N SER F 356 -4.00 -88.43 -4.95
CA SER F 356 -3.46 -88.97 -3.72
C SER F 356 -4.04 -88.24 -2.50
N ILE F 357 -4.31 -89.02 -1.44
CA ILE F 357 -4.83 -88.51 -0.18
C ILE F 357 -3.92 -88.99 0.95
N ARG F 358 -3.55 -88.04 1.83
CA ARG F 358 -2.83 -88.32 3.06
C ARG F 358 -3.87 -88.32 4.18
N THR F 359 -3.96 -89.45 4.88
CA THR F 359 -4.96 -89.64 5.93
C THR F 359 -4.49 -88.98 7.22
N THR F 360 -4.53 -87.63 7.20
CA THR F 360 -4.01 -86.79 8.28
C THR F 360 -5.02 -86.76 9.42
N HIS F 361 -4.57 -87.09 10.64
CA HIS F 361 -3.30 -87.70 10.96
C HIS F 361 -3.62 -88.96 11.78
N ASN F 362 -4.16 -89.96 11.08
CA ASN F 362 -4.74 -91.12 11.74
C ASN F 362 -5.21 -92.13 10.69
N PRO F 363 -5.34 -93.44 11.01
CA PRO F 363 -5.83 -94.41 10.04
C PRO F 363 -7.20 -93.98 9.53
N ALA F 364 -7.43 -94.14 8.21
CA ALA F 364 -8.72 -93.90 7.56
C ALA F 364 -9.74 -94.96 7.99
N ALA F 365 -11.03 -94.67 7.76
CA ALA F 365 -12.08 -95.66 7.76
C ALA F 365 -11.80 -96.67 6.64
N LYS F 366 -12.08 -97.95 6.88
CA LYS F 366 -11.84 -98.94 5.83
C LYS F 366 -12.55 -98.47 4.56
N ALA F 367 -13.74 -97.88 4.75
CA ALA F 367 -14.52 -97.35 3.64
C ALA F 367 -13.68 -96.49 2.71
N LEU F 368 -12.80 -95.65 3.27
CA LEU F 368 -12.00 -94.77 2.43
C LEU F 368 -11.04 -95.60 1.59
N ILE F 369 -10.38 -96.56 2.27
CA ILE F 369 -9.44 -97.45 1.62
C ILE F 369 -10.17 -98.21 0.51
N ASP F 370 -11.35 -98.76 0.84
CA ASP F 370 -12.20 -99.45 -0.12
C ASP F 370 -12.43 -98.55 -1.33
N VAL F 371 -12.85 -97.31 -1.08
CA VAL F 371 -13.19 -96.37 -2.13
C VAL F 371 -11.97 -96.15 -3.02
N CYS F 372 -10.85 -95.82 -2.39
CA CYS F 372 -9.63 -95.52 -3.12
C CYS F 372 -9.19 -96.72 -3.96
N ASN F 373 -9.36 -97.92 -3.42
CA ASN F 373 -9.07 -99.14 -4.17
C ASN F 373 -9.87 -99.16 -5.46
N GLU F 374 -11.17 -98.86 -5.40
CA GLU F 374 -11.99 -99.03 -6.59
C GLU F 374 -11.88 -97.81 -7.51
N LYS F 375 -11.66 -96.63 -6.92
CA LYS F 375 -11.68 -95.37 -7.66
C LYS F 375 -10.30 -95.05 -8.24
N GLY F 376 -9.25 -95.70 -7.70
CA GLY F 376 -7.90 -95.50 -8.20
C GLY F 376 -7.24 -94.20 -7.69
N VAL F 377 -7.05 -94.12 -6.37
CA VAL F 377 -6.44 -92.97 -5.72
C VAL F 377 -5.38 -93.45 -4.74
N LEU F 378 -4.19 -92.82 -4.79
CA LEU F 378 -3.08 -93.25 -3.96
C LEU F 378 -3.24 -92.70 -2.55
N VAL F 379 -3.22 -93.61 -1.56
CA VAL F 379 -3.39 -93.27 -0.15
C VAL F 379 -2.03 -93.37 0.55
N VAL F 380 -1.67 -92.31 1.26
CA VAL F 380 -0.59 -92.37 2.23
C VAL F 380 -1.28 -92.46 3.59
N GLU F 381 -1.34 -93.67 4.16
CA GLU F 381 -2.10 -93.90 5.37
C GLU F 381 -1.21 -93.60 6.57
N GLU F 382 -1.53 -92.48 7.26
CA GLU F 382 -0.83 -92.02 8.42
C GLU F 382 -1.50 -92.62 9.64
N VAL F 383 -0.70 -93.13 10.59
CA VAL F 383 -1.20 -93.89 11.73
C VAL F 383 -1.31 -92.98 12.96
N PHE F 384 -0.39 -92.02 13.09
CA PHE F 384 -0.26 -91.23 14.31
C PHE F 384 -0.10 -89.74 13.99
N ASP F 385 -0.53 -88.91 14.96
CA ASP F 385 -0.17 -87.50 14.95
C ASP F 385 1.01 -87.33 15.89
N MET F 386 0.72 -87.21 17.20
CA MET F 386 1.78 -87.10 18.19
C MET F 386 2.27 -88.50 18.52
N TRP F 387 3.40 -88.60 19.23
CA TRP F 387 3.89 -89.88 19.71
C TRP F 387 3.69 -89.99 21.22
N ASN F 388 4.81 -90.01 21.96
CA ASN F 388 4.82 -90.24 23.40
C ASN F 388 4.58 -88.96 24.20
N ARG F 389 4.42 -87.84 23.50
CA ARG F 389 4.24 -86.56 24.19
C ARG F 389 3.00 -85.90 23.59
N SER F 390 2.10 -85.38 24.44
CA SER F 390 0.83 -84.86 23.96
C SER F 390 1.01 -83.45 23.42
N LYS F 391 0.09 -83.00 22.56
CA LYS F 391 0.20 -81.71 21.92
C LYS F 391 -0.85 -80.76 22.47
N ASN F 392 -0.46 -79.48 22.62
CA ASN F 392 -1.37 -78.38 22.90
C ASN F 392 -2.14 -78.61 24.19
N GLY F 393 -1.50 -79.33 25.13
CA GLY F 393 -2.09 -79.59 26.44
C GLY F 393 -3.41 -80.35 26.35
N ASN F 394 -3.60 -81.04 25.23
CA ASN F 394 -4.65 -82.04 25.08
C ASN F 394 -4.23 -83.29 25.86
N THR F 395 -4.41 -83.24 27.18
CA THR F 395 -3.79 -84.21 28.08
C THR F 395 -4.36 -85.61 27.86
N GLU F 396 -5.55 -85.67 27.24
CA GLU F 396 -6.29 -86.90 27.03
C GLU F 396 -6.09 -87.47 25.62
N ASP F 397 -5.24 -86.81 24.81
CA ASP F 397 -4.90 -87.23 23.44
C ASP F 397 -4.01 -88.47 23.49
N TYR F 398 -3.85 -89.15 22.34
CA TYR F 398 -3.24 -90.46 22.29
C TYR F 398 -1.83 -90.48 22.89
N GLY F 399 -1.21 -89.30 23.02
CA GLY F 399 0.08 -89.17 23.68
C GLY F 399 0.08 -89.88 25.03
N LYS F 400 -1.06 -89.81 25.73
CA LYS F 400 -1.27 -90.40 27.03
C LYS F 400 -0.99 -91.90 26.98
N TRP F 401 -1.30 -92.51 25.83
CA TRP F 401 -1.39 -93.96 25.72
C TRP F 401 -0.26 -94.56 24.87
N PHE F 402 0.34 -93.76 23.99
CA PHE F 402 1.29 -94.21 22.98
C PHE F 402 2.30 -95.18 23.57
N GLY F 403 2.84 -94.85 24.76
CA GLY F 403 3.95 -95.62 25.30
C GLY F 403 3.54 -96.60 26.40
N GLN F 404 2.23 -96.67 26.68
CA GLN F 404 1.72 -97.54 27.75
C GLN F 404 1.64 -98.97 27.25
N ALA F 405 1.91 -99.92 28.16
CA ALA F 405 1.78 -101.34 27.91
C ALA F 405 0.31 -101.74 27.91
N ILE F 406 -0.02 -102.91 27.36
CA ILE F 406 -1.40 -103.38 27.35
C ILE F 406 -1.61 -104.29 28.55
N ALA F 407 -2.79 -104.21 29.17
CA ALA F 407 -3.07 -105.02 30.36
C ALA F 407 -3.17 -106.49 29.97
N GLY F 408 -2.71 -107.39 30.86
CA GLY F 408 -2.78 -108.82 30.60
C GLY F 408 -4.22 -109.32 30.44
N ASP F 409 -5.11 -108.73 31.22
CA ASP F 409 -6.52 -109.11 31.26
C ASP F 409 -7.30 -108.45 30.13
N ASN F 410 -6.61 -107.59 29.33
CA ASN F 410 -7.21 -106.92 28.18
C ASN F 410 -7.15 -107.82 26.95
N ALA F 411 -8.33 -108.24 26.48
CA ALA F 411 -8.46 -109.27 25.45
C ALA F 411 -8.71 -108.65 24.08
N VAL F 412 -8.38 -107.37 23.93
CA VAL F 412 -8.54 -106.68 22.66
C VAL F 412 -7.64 -107.35 21.63
N LEU F 413 -8.08 -107.31 20.35
CA LEU F 413 -7.38 -107.99 19.26
C LEU F 413 -7.23 -107.07 18.05
N GLY F 414 -6.18 -107.34 17.25
CA GLY F 414 -6.07 -106.66 15.97
C GLY F 414 -4.62 -106.46 15.55
N GLY F 415 -3.75 -106.27 16.54
CA GLY F 415 -2.33 -106.00 16.36
C GLY F 415 -1.52 -106.69 17.46
N ASP F 416 -0.20 -106.46 17.48
CA ASP F 416 0.70 -107.11 18.42
C ASP F 416 0.53 -106.50 19.81
N LYS F 417 0.40 -107.37 20.81
CA LYS F 417 0.08 -106.90 22.15
C LYS F 417 1.30 -106.92 23.07
N ASP F 418 2.48 -107.19 22.51
CA ASP F 418 3.63 -107.56 23.31
C ASP F 418 4.44 -106.32 23.71
N GLU F 419 4.10 -105.13 23.20
CA GLU F 419 4.87 -103.96 23.58
C GLU F 419 3.92 -102.83 24.02
N THR F 420 3.91 -101.73 23.27
CA THR F 420 3.11 -100.57 23.61
C THR F 420 1.89 -100.48 22.69
N TRP F 421 0.97 -99.58 23.05
CA TRP F 421 -0.24 -99.34 22.26
C TRP F 421 0.15 -98.93 20.85
N ALA F 422 1.25 -98.17 20.76
CA ALA F 422 1.78 -97.68 19.50
C ALA F 422 1.96 -98.85 18.55
N LYS F 423 2.66 -99.90 19.00
CA LYS F 423 2.89 -101.07 18.19
C LYS F 423 1.56 -101.70 17.79
N PHE F 424 0.66 -101.88 18.76
CA PHE F 424 -0.65 -102.50 18.54
C PHE F 424 -1.44 -101.75 17.48
N ASP F 425 -1.52 -100.43 17.61
CA ASP F 425 -2.35 -99.59 16.75
C ASP F 425 -1.74 -99.53 15.35
N LEU F 426 -0.40 -99.53 15.28
CA LEU F 426 0.33 -99.49 14.02
C LEU F 426 0.12 -100.82 13.29
N THR F 427 0.45 -101.92 13.99
CA THR F 427 0.35 -103.26 13.41
C THR F 427 -1.09 -103.61 13.08
N SER F 428 -2.04 -103.12 13.88
CA SER F 428 -3.45 -103.35 13.58
C SER F 428 -3.82 -102.67 12.27
N THR F 429 -3.39 -101.42 12.08
CA THR F 429 -3.76 -100.69 10.87
C THR F 429 -3.19 -101.41 9.65
N ILE F 430 -1.90 -101.77 9.75
CA ILE F 430 -1.20 -102.44 8.66
C ILE F 430 -1.90 -103.77 8.35
N ASN F 431 -2.24 -104.55 9.38
CA ASN F 431 -2.91 -105.83 9.21
C ASN F 431 -4.21 -105.68 8.41
N ARG F 432 -4.94 -104.59 8.66
CA ARG F 432 -6.21 -104.34 7.98
C ARG F 432 -5.98 -104.02 6.51
N ASP F 433 -4.93 -103.24 6.20
CA ASP F 433 -4.82 -102.57 4.92
C ASP F 433 -3.66 -103.09 4.07
N ARG F 434 -3.03 -104.18 4.52
CA ARG F 434 -1.76 -104.64 3.94
C ARG F 434 -1.94 -105.04 2.47
N ASN F 435 -3.17 -105.33 2.05
CA ASN F 435 -3.39 -105.87 0.73
C ASN F 435 -4.01 -104.83 -0.19
N ALA F 436 -4.20 -103.61 0.34
CA ALA F 436 -4.90 -102.58 -0.40
C ALA F 436 -3.95 -101.96 -1.42
N PRO F 437 -4.19 -102.14 -2.74
CA PRO F 437 -3.34 -101.53 -3.76
C PRO F 437 -3.17 -100.03 -3.63
N SER F 438 -4.18 -99.34 -3.09
CA SER F 438 -4.20 -97.88 -3.04
C SER F 438 -3.17 -97.31 -2.06
N VAL F 439 -2.86 -98.08 -1.01
CA VAL F 439 -1.95 -97.61 0.04
C VAL F 439 -0.52 -97.76 -0.48
N ILE F 440 0.20 -96.64 -0.60
CA ILE F 440 1.53 -96.63 -1.18
C ILE F 440 2.61 -96.48 -0.09
N MET F 441 2.28 -95.79 1.01
CA MET F 441 3.19 -95.59 2.13
C MET F 441 2.45 -95.64 3.47
N TRP F 442 3.19 -96.06 4.52
CA TRP F 442 2.76 -95.90 5.90
C TRP F 442 3.42 -94.67 6.51
N SER F 443 2.64 -93.60 6.80
CA SER F 443 3.14 -92.42 7.51
C SER F 443 3.04 -92.68 9.00
N LEU F 444 4.16 -92.47 9.73
CA LEU F 444 4.33 -92.98 11.08
C LEU F 444 4.19 -91.88 12.14
N GLY F 445 3.90 -90.65 11.71
CA GLY F 445 3.74 -89.53 12.63
C GLY F 445 3.69 -88.22 11.86
N ASN F 446 3.23 -87.16 12.56
CA ASN F 446 3.09 -85.83 11.97
C ASN F 446 3.49 -84.78 12.99
N GLU F 447 4.41 -83.89 12.60
CA GLU F 447 4.89 -82.83 13.48
C GLU F 447 5.07 -83.36 14.91
N MET F 448 5.80 -84.47 15.04
CA MET F 448 5.93 -85.22 16.27
C MET F 448 6.46 -84.34 17.40
N MET F 449 7.23 -83.30 17.04
CA MET F 449 7.97 -82.53 18.02
C MET F 449 7.42 -81.11 18.17
N GLU F 450 6.24 -80.86 17.58
CA GLU F 450 5.55 -79.59 17.57
C GLU F 450 4.45 -79.61 18.63
N GLY F 451 4.33 -78.52 19.39
CA GLY F 451 3.22 -78.33 20.33
C GLY F 451 3.36 -79.17 21.60
N ILE F 452 4.60 -79.53 21.97
CA ILE F 452 4.87 -80.47 23.03
C ILE F 452 5.85 -79.89 24.04
N SER F 453 6.13 -80.64 25.12
CA SER F 453 6.94 -80.16 26.24
C SER F 453 8.16 -81.03 26.50
N GLY F 454 9.25 -80.41 26.92
CA GLY F 454 10.40 -81.17 27.39
C GLY F 454 11.34 -81.56 26.25
N SER F 455 12.37 -82.33 26.60
CA SER F 455 13.45 -82.67 25.69
C SER F 455 12.87 -83.45 24.52
N VAL F 456 13.50 -83.33 23.37
CA VAL F 456 13.10 -84.10 22.20
C VAL F 456 14.20 -85.09 21.82
N SER F 457 15.25 -85.18 22.64
CA SER F 457 16.42 -85.99 22.35
C SER F 457 16.04 -87.47 22.23
N GLY F 458 14.88 -87.83 22.80
CA GLY F 458 14.43 -89.21 22.77
C GLY F 458 13.76 -89.58 21.44
N PHE F 459 13.30 -88.57 20.70
CA PHE F 459 12.47 -88.75 19.52
C PHE F 459 13.13 -89.60 18.44
N PRO F 460 14.38 -89.31 18.00
CA PRO F 460 15.02 -90.12 16.96
C PRO F 460 15.03 -91.61 17.27
N ALA F 461 15.14 -91.95 18.56
CA ALA F 461 15.09 -93.33 19.00
C ALA F 461 13.69 -93.92 18.84
N THR F 462 12.67 -93.15 19.23
CA THR F 462 11.28 -93.53 19.09
C THR F 462 10.94 -93.70 17.61
N SER F 463 11.45 -92.82 16.75
CA SER F 463 11.24 -92.92 15.32
C SER F 463 11.72 -94.29 14.82
N ALA F 464 12.96 -94.64 15.16
CA ALA F 464 13.60 -95.87 14.68
C ALA F 464 12.75 -97.08 15.08
N LYS F 465 12.26 -97.07 16.32
CA LYS F 465 11.46 -98.15 16.87
C LYS F 465 10.22 -98.36 16.01
N LEU F 466 9.57 -97.25 15.60
CA LEU F 466 8.36 -97.29 14.78
C LEU F 466 8.70 -97.78 13.37
N VAL F 467 9.82 -97.27 12.83
CA VAL F 467 10.31 -97.68 11.52
C VAL F 467 10.51 -99.19 11.50
N ALA F 468 11.26 -99.70 12.50
CA ALA F 468 11.53 -101.13 12.64
C ALA F 468 10.24 -101.94 12.63
N TRP F 469 9.28 -101.53 13.47
CA TRP F 469 8.01 -102.23 13.59
C TRP F 469 7.32 -102.31 12.24
N THR F 470 7.32 -101.19 11.50
CA THR F 470 6.66 -101.05 10.22
C THR F 470 7.30 -102.01 9.22
N LYS F 471 8.63 -101.96 9.14
CA LYS F 471 9.38 -102.78 8.21
C LYS F 471 9.01 -104.24 8.44
N ALA F 472 8.94 -104.63 9.71
CA ALA F 472 8.67 -106.01 10.10
C ALA F 472 7.21 -106.37 9.84
N ALA F 473 6.34 -105.35 9.83
CA ALA F 473 4.91 -105.56 9.68
C ALA F 473 4.53 -105.69 8.20
N ASP F 474 5.22 -104.92 7.33
CA ASP F 474 4.94 -104.92 5.91
C ASP F 474 6.18 -104.44 5.16
N SER F 475 6.93 -105.39 4.60
CA SER F 475 8.15 -105.11 3.85
C SER F 475 7.84 -104.38 2.55
N THR F 476 6.58 -104.39 2.13
CA THR F 476 6.27 -104.14 0.73
C THR F 476 6.14 -102.66 0.41
N ARG F 477 6.04 -101.78 1.43
CA ARG F 477 5.76 -100.38 1.19
C ARG F 477 6.73 -99.51 1.98
N PRO F 478 7.23 -98.40 1.42
CA PRO F 478 8.08 -97.49 2.20
C PRO F 478 7.28 -96.83 3.33
N MET F 479 7.92 -96.71 4.50
CA MET F 479 7.38 -95.93 5.60
C MET F 479 7.88 -94.49 5.46
N THR F 480 7.22 -93.57 6.16
CA THR F 480 7.47 -92.14 6.06
C THR F 480 6.86 -91.46 7.29
N TYR F 481 7.01 -90.13 7.36
CA TYR F 481 6.40 -89.27 8.36
C TYR F 481 6.34 -87.87 7.78
N GLY F 482 5.79 -86.94 8.56
CA GLY F 482 5.68 -85.56 8.10
C GLY F 482 6.25 -84.66 9.18
N ASP F 483 7.46 -84.18 8.91
CA ASP F 483 8.28 -83.49 9.89
C ASP F 483 8.39 -82.01 9.49
N ASN F 484 8.16 -81.12 10.46
CA ASN F 484 8.13 -79.69 10.22
C ASN F 484 9.36 -79.03 10.84
N LYS F 485 10.29 -79.85 11.37
CA LYS F 485 11.55 -79.35 11.90
C LYS F 485 12.70 -79.63 10.93
N ILE F 486 12.40 -80.27 9.79
CA ILE F 486 13.39 -80.40 8.74
C ILE F 486 13.75 -79.00 8.24
N LYS F 487 12.71 -78.14 8.11
CA LYS F 487 12.92 -76.78 7.63
C LYS F 487 13.75 -75.99 8.65
N ALA F 488 13.74 -76.39 9.92
CA ALA F 488 14.49 -75.70 10.98
C ALA F 488 15.85 -76.34 11.21
N ASN F 489 16.18 -77.39 10.44
CA ASN F 489 17.46 -78.09 10.52
C ASN F 489 17.75 -78.59 11.93
N TRP F 490 16.73 -79.05 12.65
CA TRP F 490 16.93 -79.69 13.96
C TRP F 490 17.74 -80.98 13.80
N ASN F 491 18.63 -81.23 14.76
CA ASN F 491 19.45 -82.44 14.76
C ASN F 491 18.58 -83.68 14.69
N GLU F 492 17.66 -83.78 15.64
CA GLU F 492 16.72 -84.87 15.73
C GLU F 492 16.16 -85.18 14.34
N SER F 493 15.73 -84.14 13.61
CA SER F 493 15.04 -84.26 12.33
C SER F 493 15.94 -84.92 11.28
N ASN F 494 17.25 -84.64 11.37
CA ASN F 494 18.28 -85.13 10.46
C ASN F 494 18.55 -86.60 10.72
N THR F 495 18.82 -86.95 11.98
CA THR F 495 19.08 -88.33 12.37
C THR F 495 17.92 -89.20 11.87
N MET F 496 16.68 -88.70 12.05
CA MET F 496 15.47 -89.47 11.83
C MET F 496 15.28 -89.79 10.36
N GLY F 497 15.65 -88.83 9.50
CA GLY F 497 15.55 -88.95 8.05
C GLY F 497 16.59 -89.91 7.49
N ASP F 498 17.79 -89.91 8.07
CA ASP F 498 18.80 -90.88 7.69
C ASP F 498 18.25 -92.28 7.94
N ASN F 499 17.71 -92.50 9.14
CA ASN F 499 17.18 -93.79 9.53
C ASN F 499 15.96 -94.16 8.67
N LEU F 500 15.13 -93.17 8.34
CA LEU F 500 14.06 -93.39 7.37
C LEU F 500 14.68 -93.92 6.07
N THR F 501 15.61 -93.13 5.52
CA THR F 501 16.25 -93.43 4.25
C THR F 501 16.86 -94.83 4.30
N ALA F 502 17.53 -95.14 5.42
CA ALA F 502 18.27 -96.38 5.59
C ALA F 502 17.36 -97.60 5.56
N ASN F 503 16.07 -97.42 5.82
CA ASN F 503 15.14 -98.54 5.88
C ASN F 503 14.14 -98.43 4.75
N GLY F 504 14.54 -97.70 3.68
CA GLY F 504 13.79 -97.63 2.45
C GLY F 504 12.59 -96.70 2.57
N GLY F 505 12.72 -95.71 3.46
CA GLY F 505 11.68 -94.72 3.68
C GLY F 505 11.83 -93.51 2.77
N VAL F 506 10.71 -92.78 2.63
CA VAL F 506 10.66 -91.48 1.98
C VAL F 506 10.45 -90.45 3.08
N VAL F 507 11.10 -89.28 2.97
CA VAL F 507 11.09 -88.25 4.01
C VAL F 507 10.11 -87.16 3.63
N GLY F 508 9.13 -86.92 4.50
CA GLY F 508 8.15 -85.86 4.28
C GLY F 508 8.51 -84.61 5.06
N THR F 509 8.77 -83.51 4.34
CA THR F 509 8.95 -82.21 4.95
C THR F 509 7.64 -81.43 4.88
N ASN F 510 7.29 -80.81 6.01
CA ASN F 510 6.08 -80.01 6.15
C ASN F 510 6.46 -78.54 6.04
N TYR F 511 5.76 -77.83 5.15
CA TYR F 511 5.79 -76.37 5.05
C TYR F 511 7.18 -75.86 4.70
N SER F 512 7.83 -76.50 3.70
CA SER F 512 9.10 -76.03 3.14
C SER F 512 8.86 -75.14 1.92
N ASP F 513 9.59 -74.03 1.81
CA ASP F 513 9.57 -73.23 0.57
C ASP F 513 10.53 -73.86 -0.43
N GLY F 514 10.49 -73.37 -1.68
CA GLY F 514 11.39 -73.86 -2.71
C GLY F 514 12.85 -73.84 -2.25
N ALA F 515 13.25 -72.75 -1.58
CA ALA F 515 14.62 -72.55 -1.15
C ALA F 515 15.05 -73.66 -0.20
N ASN F 516 14.12 -74.09 0.67
CA ASN F 516 14.34 -75.12 1.67
C ASN F 516 14.37 -76.49 1.00
N TYR F 517 13.48 -76.74 0.02
CA TYR F 517 13.54 -77.96 -0.77
C TYR F 517 14.96 -78.16 -1.30
N ASP F 518 15.56 -77.08 -1.81
CA ASP F 518 16.89 -77.12 -2.36
C ASP F 518 17.92 -77.37 -1.26
N LYS F 519 17.77 -76.70 -0.11
CA LYS F 519 18.73 -76.90 0.98
C LYS F 519 18.73 -78.38 1.35
N ILE F 520 17.55 -79.02 1.39
CA ILE F 520 17.41 -80.40 1.80
C ILE F 520 18.16 -81.28 0.82
N ARG F 521 17.93 -81.08 -0.49
CA ARG F 521 18.55 -81.97 -1.46
C ARG F 521 20.06 -81.91 -1.27
N THR F 522 20.58 -80.69 -1.20
CA THR F 522 22.02 -80.49 -1.12
C THR F 522 22.57 -81.06 0.19
N THR F 523 21.89 -80.77 1.29
CA THR F 523 22.34 -81.23 2.60
C THR F 523 22.13 -82.73 2.76
N HIS F 524 21.15 -83.31 2.06
CA HIS F 524 20.79 -84.71 2.24
C HIS F 524 20.53 -85.39 0.89
N PRO F 525 21.59 -85.73 0.12
CA PRO F 525 21.42 -86.26 -1.23
C PRO F 525 20.73 -87.62 -1.26
N SER F 526 20.89 -88.38 -0.16
CA SER F 526 20.35 -89.73 -0.02
C SER F 526 18.83 -89.71 0.06
N TRP F 527 18.29 -88.63 0.65
CA TRP F 527 16.87 -88.54 0.95
C TRP F 527 16.07 -88.42 -0.34
N ALA F 528 15.00 -89.21 -0.44
CA ALA F 528 13.91 -88.96 -1.37
C ALA F 528 12.85 -88.18 -0.60
N ILE F 529 12.40 -87.04 -1.15
CA ILE F 529 11.56 -86.13 -0.37
C ILE F 529 10.27 -85.77 -1.10
N TYR F 530 9.25 -85.43 -0.32
CA TYR F 530 8.00 -84.88 -0.82
C TYR F 530 7.51 -83.80 0.17
N GLY F 531 6.57 -82.97 -0.26
CA GLY F 531 5.88 -82.07 0.65
C GLY F 531 4.72 -82.77 1.36
N SER F 532 4.99 -83.25 2.57
CA SER F 532 4.04 -84.05 3.34
C SER F 532 2.84 -83.20 3.78
N GLU F 533 3.06 -81.90 3.99
CA GLU F 533 1.99 -80.97 4.33
C GLU F 533 2.39 -79.59 3.83
N THR F 534 1.54 -78.98 3.00
CA THR F 534 1.90 -77.78 2.27
C THR F 534 0.74 -76.79 2.25
N ALA F 535 1.07 -75.50 2.01
CA ALA F 535 0.10 -74.43 1.79
C ALA F 535 -0.50 -73.91 3.11
N SER F 536 -1.54 -74.60 3.61
CA SER F 536 -2.31 -74.12 4.75
C SER F 536 -2.85 -72.72 4.46
N ALA F 537 -3.34 -72.53 3.23
CA ALA F 537 -3.99 -71.29 2.82
C ALA F 537 -5.37 -71.20 3.46
N ILE F 538 -5.76 -69.99 3.91
CA ILE F 538 -7.03 -69.79 4.61
C ILE F 538 -7.92 -68.84 3.83
N ASN F 539 -9.05 -69.37 3.33
CA ASN F 539 -10.02 -68.67 2.48
C ASN F 539 -11.42 -69.14 2.84
N SER F 540 -12.44 -68.27 2.70
CA SER F 540 -13.85 -68.66 2.76
C SER F 540 -14.36 -68.79 1.34
N ARG F 541 -15.62 -69.24 1.16
CA ARG F 541 -16.19 -69.36 -0.18
C ARG F 541 -16.92 -68.08 -0.59
N GLY F 542 -16.61 -67.56 -1.77
CA GLY F 542 -17.42 -66.53 -2.42
C GLY F 542 -17.26 -65.12 -1.85
N ILE F 543 -16.19 -64.87 -1.09
CA ILE F 543 -15.90 -63.57 -0.50
C ILE F 543 -14.92 -62.81 -1.39
N TYR F 544 -15.29 -61.58 -1.81
CA TYR F 544 -14.54 -60.86 -2.84
C TYR F 544 -14.31 -59.38 -2.53
N ASN F 545 -14.92 -58.89 -1.44
CA ASN F 545 -14.96 -57.47 -1.15
C ASN F 545 -13.60 -56.96 -0.69
N ARG F 546 -12.68 -57.87 -0.34
CA ARG F 546 -11.28 -57.53 -0.11
C ARG F 546 -10.42 -58.55 -0.85
N THR F 547 -9.11 -58.31 -0.93
CA THR F 547 -8.20 -59.25 -1.58
C THR F 547 -7.04 -59.61 -0.64
N THR F 548 -7.24 -59.40 0.65
CA THR F 548 -6.20 -59.65 1.64
C THR F 548 -6.76 -60.54 2.74
N GLY F 549 -5.85 -61.15 3.52
CA GLY F 549 -6.28 -62.00 4.60
C GLY F 549 -5.10 -62.41 5.48
N GLY F 550 -5.07 -63.68 5.84
CA GLY F 550 -4.00 -64.21 6.66
C GLY F 550 -4.10 -63.75 8.11
N ALA F 551 -5.23 -63.09 8.43
CA ALA F 551 -5.46 -62.58 9.78
C ALA F 551 -6.96 -62.54 10.06
N GLN F 552 -7.29 -62.44 11.36
CA GLN F 552 -8.67 -62.31 11.81
C GLN F 552 -9.31 -61.09 11.16
N SER F 553 -10.42 -61.32 10.44
CA SER F 553 -11.26 -60.27 9.88
C SER F 553 -12.32 -59.84 10.88
N SER F 554 -12.95 -58.69 10.61
CA SER F 554 -14.08 -58.19 11.36
C SER F 554 -15.32 -59.05 11.13
N ASP F 555 -15.50 -59.52 9.87
CA ASP F 555 -16.73 -60.21 9.47
C ASP F 555 -16.62 -61.74 9.57
N LYS F 556 -15.56 -62.24 10.21
CA LYS F 556 -15.41 -63.66 10.54
C LYS F 556 -15.35 -64.52 9.28
N GLN F 557 -14.88 -63.94 8.16
CA GLN F 557 -14.64 -64.65 6.91
C GLN F 557 -13.31 -64.17 6.32
N LEU F 558 -12.86 -64.81 5.23
CA LEU F 558 -11.58 -64.53 4.60
C LEU F 558 -11.72 -64.54 3.09
N THR F 559 -10.94 -63.67 2.41
CA THR F 559 -11.01 -63.50 0.97
C THR F 559 -10.89 -64.84 0.24
N SER F 560 -11.58 -64.96 -0.90
CA SER F 560 -11.52 -66.15 -1.75
C SER F 560 -10.37 -66.05 -2.74
N TYR F 561 -9.81 -64.85 -2.90
CA TYR F 561 -8.60 -64.65 -3.69
C TYR F 561 -7.47 -65.38 -2.97
N ASP F 562 -6.47 -65.85 -3.74
CA ASP F 562 -5.41 -66.68 -3.18
C ASP F 562 -4.26 -65.83 -2.65
N ASN F 563 -4.56 -64.99 -1.65
CA ASN F 563 -3.61 -64.05 -1.09
C ASN F 563 -3.61 -64.17 0.43
N SER F 564 -4.33 -65.18 0.93
CA SER F 564 -4.52 -65.37 2.35
C SER F 564 -3.98 -66.74 2.73
N ALA F 565 -3.06 -66.75 3.71
CA ALA F 565 -2.44 -67.95 4.24
C ALA F 565 -1.92 -67.70 5.66
N VAL F 566 -1.73 -68.77 6.44
CA VAL F 566 -1.17 -68.69 7.77
C VAL F 566 0.30 -68.29 7.68
N GLY F 567 0.88 -67.94 8.83
CA GLY F 567 2.22 -67.40 8.90
C GLY F 567 3.28 -68.42 8.50
N TRP F 568 3.04 -69.70 8.79
CA TRP F 568 4.00 -70.76 8.56
C TRP F 568 3.89 -71.30 7.14
N GLY F 569 2.72 -71.11 6.53
CA GLY F 569 2.41 -71.71 5.24
C GLY F 569 2.74 -70.79 4.06
N ALA F 570 1.94 -70.90 2.99
CA ALA F 570 2.04 -70.12 1.77
C ALA F 570 0.77 -70.33 0.93
N VAL F 571 0.48 -69.37 0.04
CA VAL F 571 -0.67 -69.44 -0.86
C VAL F 571 -0.49 -70.58 -1.87
N ALA F 572 -1.61 -70.98 -2.49
CA ALA F 572 -1.64 -72.13 -3.39
C ALA F 572 -0.63 -71.97 -4.52
N SER F 573 -0.73 -70.84 -5.24
CA SER F 573 0.19 -70.49 -6.31
C SER F 573 1.63 -70.78 -5.90
N SER F 574 1.98 -70.41 -4.66
CA SER F 574 3.35 -70.47 -4.18
C SER F 574 3.80 -71.93 -3.93
N ALA F 575 2.98 -72.67 -3.18
CA ALA F 575 3.34 -74.01 -2.72
C ALA F 575 3.35 -74.99 -3.88
N TRP F 576 2.52 -74.74 -4.90
CA TRP F 576 2.53 -75.56 -6.10
C TRP F 576 3.72 -75.23 -7.01
N TYR F 577 3.98 -73.93 -7.19
CA TYR F 577 5.07 -73.46 -8.03
C TYR F 577 6.39 -74.06 -7.53
N ASP F 578 6.63 -73.93 -6.22
CA ASP F 578 7.84 -74.46 -5.59
C ASP F 578 7.98 -75.97 -5.87
N VAL F 579 6.86 -76.67 -6.04
CA VAL F 579 6.86 -78.12 -6.18
C VAL F 579 6.99 -78.52 -7.65
N VAL F 580 6.21 -77.91 -8.53
CA VAL F 580 6.03 -78.41 -9.88
C VAL F 580 7.35 -78.38 -10.64
N GLN F 581 8.14 -77.32 -10.37
CA GLN F 581 9.44 -77.02 -10.97
C GLN F 581 10.50 -78.05 -10.59
N ARG F 582 10.38 -78.68 -9.41
CA ARG F 582 11.40 -79.56 -8.90
C ARG F 582 10.98 -81.03 -8.99
N ASP F 583 11.60 -81.76 -9.92
CA ASP F 583 11.34 -83.18 -10.12
C ASP F 583 11.66 -84.00 -8.88
N PHE F 584 12.57 -83.49 -8.03
CA PHE F 584 13.09 -84.19 -6.87
C PHE F 584 12.17 -84.04 -5.65
N VAL F 585 11.16 -83.17 -5.77
CA VAL F 585 10.07 -83.06 -4.81
C VAL F 585 8.91 -83.86 -5.37
N ALA F 586 8.73 -85.08 -4.85
CA ALA F 586 7.95 -86.13 -5.49
C ALA F 586 6.49 -85.74 -5.67
N GLY F 587 5.99 -84.90 -4.75
CA GLY F 587 4.65 -84.33 -4.80
C GLY F 587 4.35 -83.44 -3.59
N THR F 588 3.08 -83.00 -3.51
CA THR F 588 2.56 -82.12 -2.47
C THR F 588 1.31 -82.78 -1.87
N TYR F 589 1.09 -82.59 -0.57
CA TYR F 589 -0.18 -82.95 0.09
C TYR F 589 -0.75 -81.72 0.80
N VAL F 590 -1.60 -81.00 0.08
CA VAL F 590 -2.07 -79.68 0.45
C VAL F 590 -2.95 -79.79 1.70
N TRP F 591 -2.79 -78.81 2.59
CA TRP F 591 -3.62 -78.66 3.77
C TRP F 591 -4.67 -77.59 3.51
N THR F 592 -5.94 -77.99 3.36
CA THR F 592 -6.41 -79.35 3.23
C THR F 592 -7.34 -79.45 2.01
N GLY F 593 -7.73 -80.68 1.66
CA GLY F 593 -8.65 -80.92 0.56
C GLY F 593 -10.03 -80.33 0.86
N PHE F 594 -10.58 -80.71 2.02
CA PHE F 594 -11.87 -80.25 2.51
C PHE F 594 -11.71 -79.61 3.88
N ASP F 595 -12.50 -78.55 4.13
CA ASP F 595 -12.63 -77.96 5.44
C ASP F 595 -13.07 -79.05 6.42
N TYR F 596 -12.59 -78.96 7.66
CA TYR F 596 -12.98 -79.92 8.69
C TYR F 596 -13.50 -79.15 9.92
N LEU F 597 -14.32 -79.80 10.75
CA LEU F 597 -14.78 -79.18 11.98
C LEU F 597 -13.60 -79.01 12.93
N GLY F 598 -13.51 -77.85 13.58
CA GLY F 598 -12.43 -77.55 14.52
C GLY F 598 -11.34 -76.71 13.87
N GLU F 599 -10.21 -76.55 14.60
CA GLU F 599 -9.05 -75.80 14.13
C GLU F 599 -9.47 -74.61 13.26
N PRO F 600 -10.19 -73.63 13.83
CA PRO F 600 -10.72 -72.51 13.06
C PRO F 600 -9.69 -71.41 12.82
N THR F 601 -8.41 -71.76 12.76
CA THR F 601 -7.34 -70.82 12.46
C THR F 601 -7.80 -69.95 11.28
N PRO F 602 -7.65 -68.60 11.33
CA PRO F 602 -6.93 -67.87 12.39
C PRO F 602 -7.61 -67.60 13.74
N TRP F 603 -8.85 -68.08 13.93
CA TRP F 603 -9.57 -67.94 15.19
C TRP F 603 -9.47 -69.22 16.03
N ASN F 604 -8.25 -69.73 16.23
CA ASN F 604 -8.05 -71.02 16.88
C ASN F 604 -7.95 -70.85 18.39
N GLY F 605 -8.22 -71.93 19.15
CA GLY F 605 -8.09 -71.89 20.60
C GLY F 605 -7.80 -73.28 21.19
N THR F 606 -6.60 -73.41 21.79
CA THR F 606 -6.18 -74.66 22.43
C THR F 606 -6.70 -74.72 23.86
N GLY F 607 -7.15 -73.57 24.37
CA GLY F 607 -7.74 -73.46 25.70
C GLY F 607 -9.25 -73.23 25.67
N SER F 608 -9.89 -73.42 26.82
CA SER F 608 -11.32 -73.20 27.01
C SER F 608 -11.68 -71.73 26.76
N GLY F 609 -12.83 -71.47 26.14
CA GLY F 609 -13.32 -70.11 25.95
C GLY F 609 -13.51 -69.73 24.48
N ALA F 610 -14.48 -68.85 24.20
CA ALA F 610 -14.74 -68.32 22.86
C ALA F 610 -13.58 -67.46 22.34
N VAL F 611 -13.46 -67.36 21.01
CA VAL F 611 -12.40 -66.63 20.35
C VAL F 611 -13.04 -65.54 19.50
N GLY F 612 -12.77 -64.27 19.85
CA GLY F 612 -13.54 -63.17 19.32
C GLY F 612 -14.97 -63.23 19.86
N SER F 613 -15.87 -62.48 19.22
CA SER F 613 -17.27 -62.51 19.63
C SER F 613 -17.87 -63.86 19.24
N TRP F 614 -18.70 -64.40 20.13
CA TRP F 614 -19.54 -65.57 19.88
C TRP F 614 -20.73 -65.13 19.03
N PRO F 615 -21.20 -65.93 18.04
CA PRO F 615 -20.68 -67.26 17.77
C PRO F 615 -19.33 -67.20 17.07
N SER F 616 -18.33 -67.91 17.62
CA SER F 616 -16.98 -67.93 17.09
C SER F 616 -16.90 -68.90 15.92
N PRO F 617 -15.93 -68.77 14.98
CA PRO F 617 -15.81 -69.74 13.88
C PRO F 617 -15.50 -71.10 14.53
N LYS F 618 -16.22 -72.14 14.08
CA LYS F 618 -16.20 -73.46 14.70
C LYS F 618 -15.59 -74.53 13.77
N ASN F 619 -15.28 -74.14 12.52
CA ASN F 619 -14.69 -75.06 11.55
C ASN F 619 -13.52 -74.38 10.82
N SER F 620 -12.90 -75.08 9.86
CA SER F 620 -11.61 -74.70 9.26
C SER F 620 -11.78 -73.74 8.08
N TYR F 621 -10.70 -73.06 7.71
CA TYR F 621 -10.66 -72.21 6.53
C TYR F 621 -9.69 -72.76 5.48
N PHE F 622 -9.04 -73.89 5.78
CA PHE F 622 -7.92 -74.41 5.01
C PHE F 622 -8.36 -75.08 3.71
N GLY F 623 -9.54 -75.72 3.75
CA GLY F 623 -10.07 -76.50 2.65
C GLY F 623 -10.08 -75.77 1.30
N ILE F 624 -9.75 -76.51 0.25
CA ILE F 624 -10.00 -76.11 -1.12
C ILE F 624 -11.50 -76.13 -1.36
N VAL F 625 -12.17 -77.03 -0.63
CA VAL F 625 -13.61 -77.24 -0.69
C VAL F 625 -14.14 -77.10 0.74
N ASP F 626 -15.30 -76.45 0.89
CA ASP F 626 -15.90 -76.25 2.20
C ASP F 626 -16.64 -77.51 2.66
N THR F 627 -17.03 -77.51 3.94
CA THR F 627 -17.58 -78.70 4.59
C THR F 627 -18.72 -79.31 3.79
N ALA F 628 -19.42 -78.49 3.00
CA ALA F 628 -20.60 -78.94 2.28
C ALA F 628 -20.22 -79.63 0.97
N GLY F 629 -18.99 -79.38 0.51
CA GLY F 629 -18.56 -79.97 -0.75
C GLY F 629 -18.68 -78.95 -1.88
N PHE F 630 -18.86 -77.68 -1.50
CA PHE F 630 -18.85 -76.58 -2.45
C PHE F 630 -17.40 -76.11 -2.63
N PRO F 631 -16.88 -76.13 -3.88
CA PRO F 631 -15.52 -75.66 -4.16
C PRO F 631 -15.38 -74.18 -3.84
N LYS F 632 -14.22 -73.80 -3.29
CA LYS F 632 -13.79 -72.41 -3.25
C LYS F 632 -13.12 -72.10 -4.59
N ASP F 633 -12.71 -70.85 -4.79
CA ASP F 633 -12.29 -70.45 -6.13
C ASP F 633 -10.97 -71.12 -6.49
N THR F 634 -10.10 -71.18 -5.48
CA THR F 634 -8.77 -71.79 -5.54
C THR F 634 -8.85 -73.18 -6.18
N TYR F 635 -10.00 -73.86 -6.05
CA TYR F 635 -10.25 -75.21 -6.55
C TYR F 635 -9.93 -75.29 -8.04
N TYR F 636 -10.36 -74.27 -8.77
CA TYR F 636 -10.20 -74.24 -10.22
C TYR F 636 -8.77 -73.90 -10.60
N PHE F 637 -8.04 -73.21 -9.71
CA PHE F 637 -6.61 -73.11 -9.88
C PHE F 637 -5.98 -74.50 -9.86
N TYR F 638 -6.24 -75.27 -8.78
CA TYR F 638 -5.70 -76.62 -8.66
C TYR F 638 -6.08 -77.45 -9.89
N GLN F 639 -7.36 -77.35 -10.30
CA GLN F 639 -7.84 -78.09 -11.46
C GLN F 639 -7.03 -77.71 -12.70
N SER F 640 -6.76 -76.41 -12.85
CA SER F 640 -6.01 -75.89 -13.99
C SER F 640 -4.62 -76.50 -14.01
N GLN F 641 -4.10 -76.80 -12.81
CA GLN F 641 -2.74 -77.27 -12.63
C GLN F 641 -2.66 -78.80 -12.62
N TRP F 642 -3.77 -79.52 -12.35
CA TRP F 642 -3.69 -80.95 -12.01
C TRP F 642 -4.51 -81.88 -12.91
N ASN F 643 -5.67 -81.43 -13.40
CA ASN F 643 -6.57 -82.30 -14.15
C ASN F 643 -6.33 -82.18 -15.65
N ASP F 644 -5.74 -83.25 -16.22
CA ASP F 644 -5.41 -83.29 -17.63
C ASP F 644 -6.49 -84.05 -18.38
N ASP F 645 -7.62 -84.33 -17.72
CA ASP F 645 -8.77 -85.00 -18.34
C ASP F 645 -9.93 -84.02 -18.55
N VAL F 646 -9.76 -82.76 -18.14
CA VAL F 646 -10.73 -81.69 -18.40
C VAL F 646 -9.96 -80.40 -18.72
N HIS F 647 -10.71 -79.40 -19.19
CA HIS F 647 -10.22 -78.06 -19.43
C HIS F 647 -10.92 -77.07 -18.51
N THR F 648 -10.11 -76.39 -17.68
CA THR F 648 -10.58 -75.39 -16.75
C THR F 648 -10.50 -74.01 -17.41
N LEU F 649 -11.60 -73.25 -17.26
CA LEU F 649 -11.62 -71.83 -17.56
C LEU F 649 -12.60 -71.17 -16.60
N HIS F 650 -12.04 -70.52 -15.56
CA HIS F 650 -12.80 -70.03 -14.41
C HIS F 650 -12.38 -68.61 -14.07
N ILE F 651 -13.40 -67.75 -13.82
CA ILE F 651 -13.23 -66.34 -13.50
C ILE F 651 -13.74 -66.06 -12.08
N LEU F 652 -13.02 -65.17 -11.39
CA LEU F 652 -13.51 -64.50 -10.21
C LEU F 652 -13.03 -63.04 -10.27
N PRO F 653 -13.63 -62.08 -9.51
CA PRO F 653 -14.74 -62.35 -8.58
C PRO F 653 -16.11 -62.31 -9.26
N ALA F 654 -17.17 -62.42 -8.45
CA ALA F 654 -18.54 -62.16 -8.89
C ALA F 654 -18.68 -60.67 -9.19
N TRP F 655 -19.68 -60.30 -10.02
CA TRP F 655 -19.67 -58.99 -10.66
C TRP F 655 -20.88 -58.14 -10.26
N ASN F 656 -20.99 -57.84 -8.96
CA ASN F 656 -21.98 -56.95 -8.38
C ASN F 656 -21.27 -55.86 -7.59
N GLU F 657 -21.80 -54.63 -7.66
CA GLU F 657 -21.25 -53.45 -7.00
C GLU F 657 -20.72 -53.79 -5.60
N ASN F 658 -21.56 -54.47 -4.81
CA ASN F 658 -21.44 -54.53 -3.35
C ASN F 658 -20.41 -55.58 -2.91
N VAL F 659 -19.93 -56.44 -3.83
CA VAL F 659 -19.12 -57.60 -3.47
C VAL F 659 -17.66 -57.47 -3.94
N VAL F 660 -17.42 -56.71 -5.02
CA VAL F 660 -16.10 -56.57 -5.63
C VAL F 660 -15.21 -55.70 -4.74
N ALA F 661 -13.89 -55.76 -4.98
CA ALA F 661 -12.94 -54.91 -4.29
C ALA F 661 -12.31 -53.95 -5.28
N LYS F 662 -12.59 -52.66 -5.11
CA LYS F 662 -12.01 -51.62 -5.95
C LYS F 662 -11.07 -50.74 -5.11
N GLY F 663 -9.97 -50.31 -5.74
CA GLY F 663 -8.97 -49.48 -5.08
C GLY F 663 -8.34 -48.43 -5.99
N SER F 664 -7.40 -48.86 -6.84
CA SER F 664 -6.76 -48.00 -7.83
C SER F 664 -7.81 -47.56 -8.84
N GLY F 665 -8.46 -46.41 -8.54
CA GLY F 665 -9.67 -45.97 -9.22
C GLY F 665 -10.77 -46.99 -8.96
N ASN F 666 -11.54 -47.31 -10.00
CA ASN F 666 -12.60 -48.31 -9.90
C ASN F 666 -12.10 -49.67 -10.39
N ASN F 667 -10.80 -49.94 -10.23
CA ASN F 667 -10.23 -51.15 -10.81
C ASN F 667 -10.39 -52.32 -9.85
N VAL F 668 -10.96 -53.42 -10.38
CA VAL F 668 -11.19 -54.66 -9.66
C VAL F 668 -10.29 -55.74 -10.25
N PRO F 669 -9.43 -56.39 -9.44
CA PRO F 669 -8.60 -57.49 -9.93
C PRO F 669 -9.52 -58.64 -10.33
N VAL F 670 -9.52 -58.94 -11.64
CA VAL F 670 -10.20 -60.09 -12.20
C VAL F 670 -9.14 -61.16 -12.47
N VAL F 671 -9.39 -62.37 -11.95
CA VAL F 671 -8.45 -63.48 -12.01
C VAL F 671 -9.08 -64.61 -12.84
N VAL F 672 -8.23 -65.25 -13.65
CA VAL F 672 -8.63 -66.38 -14.48
C VAL F 672 -7.69 -67.55 -14.20
N TYR F 673 -8.29 -68.71 -13.89
CA TYR F 673 -7.60 -69.97 -13.75
C TYR F 673 -7.92 -70.83 -14.98
N THR F 674 -6.89 -71.30 -15.70
CA THR F 674 -7.15 -72.07 -16.91
C THR F 674 -5.94 -72.91 -17.33
N ASP F 675 -6.23 -74.05 -18.00
CA ASP F 675 -5.19 -74.92 -18.51
C ASP F 675 -4.96 -74.65 -19.99
N ALA F 676 -5.64 -73.61 -20.50
CA ALA F 676 -5.56 -73.22 -21.90
C ALA F 676 -4.24 -72.48 -22.14
N ALA F 677 -3.85 -72.43 -23.42
CA ALA F 677 -2.63 -71.76 -23.87
C ALA F 677 -2.82 -70.23 -23.94
N LYS F 678 -4.00 -69.80 -24.42
CA LYS F 678 -4.31 -68.39 -24.60
C LYS F 678 -5.75 -68.09 -24.13
N VAL F 679 -5.92 -66.92 -23.50
CA VAL F 679 -7.19 -66.44 -22.99
C VAL F 679 -7.42 -65.00 -23.45
N LYS F 680 -8.56 -64.78 -24.13
CA LYS F 680 -9.08 -63.46 -24.46
C LYS F 680 -10.21 -63.15 -23.48
N LEU F 681 -10.13 -62.00 -22.80
CA LEU F 681 -11.10 -61.56 -21.83
C LEU F 681 -11.95 -60.44 -22.43
N TYR F 682 -13.28 -60.65 -22.47
CA TYR F 682 -14.24 -59.68 -22.97
C TYR F 682 -15.11 -59.12 -21.83
N PHE F 683 -15.65 -57.91 -22.03
CA PHE F 683 -16.60 -57.25 -21.15
C PHE F 683 -17.77 -56.71 -21.97
N THR F 684 -18.99 -57.04 -21.54
CA THR F 684 -20.23 -56.65 -22.21
C THR F 684 -21.09 -55.84 -21.25
N PRO F 685 -21.33 -54.53 -21.48
CA PRO F 685 -22.13 -53.71 -20.56
C PRO F 685 -23.57 -54.21 -20.53
N LYS F 686 -24.30 -53.93 -19.44
CA LYS F 686 -25.58 -54.59 -19.21
C LYS F 686 -26.56 -54.17 -20.31
N GLY F 687 -27.42 -55.10 -20.73
CA GLY F 687 -28.45 -54.84 -21.72
C GLY F 687 -27.91 -54.64 -23.14
N SER F 688 -26.60 -54.39 -23.26
CA SER F 688 -25.88 -54.35 -24.52
C SER F 688 -25.60 -55.77 -25.01
N THR F 689 -25.21 -55.89 -26.28
CA THR F 689 -25.01 -57.20 -26.88
C THR F 689 -23.66 -57.25 -27.59
N GLU F 690 -22.81 -56.26 -27.29
CA GLU F 690 -21.53 -56.07 -27.96
C GLU F 690 -20.40 -56.27 -26.96
N LYS F 691 -19.65 -57.37 -27.12
CA LYS F 691 -18.52 -57.75 -26.27
C LYS F 691 -17.30 -56.90 -26.62
N ARG F 692 -16.67 -56.25 -25.62
CA ARG F 692 -15.47 -55.46 -25.84
C ARG F 692 -14.25 -56.18 -25.25
N LEU F 693 -13.31 -56.57 -26.12
CA LEU F 693 -12.08 -57.24 -25.75
C LEU F 693 -11.25 -56.36 -24.81
N ILE F 694 -11.02 -56.83 -23.57
CA ILE F 694 -10.28 -56.11 -22.55
C ILE F 694 -8.78 -56.39 -22.64
N GLY F 695 -8.44 -57.53 -23.25
CA GLY F 695 -7.05 -57.97 -23.28
C GLY F 695 -6.98 -59.45 -23.67
N GLU F 696 -5.73 -59.90 -23.84
CA GLU F 696 -5.41 -61.22 -24.32
C GLU F 696 -4.06 -61.58 -23.73
N LYS F 697 -3.94 -62.81 -23.19
CA LYS F 697 -2.72 -63.27 -22.55
C LYS F 697 -2.44 -64.72 -22.94
N SER F 698 -1.14 -65.00 -23.16
CA SER F 698 -0.65 -66.31 -23.58
C SER F 698 0.31 -66.88 -22.54
N PHE F 699 0.16 -68.18 -22.28
CA PHE F 699 1.02 -68.88 -21.33
C PHE F 699 2.31 -69.31 -22.01
N THR F 700 3.30 -69.71 -21.19
CA THR F 700 4.55 -70.31 -21.62
C THR F 700 4.58 -71.73 -21.06
N LYS F 701 4.63 -72.75 -21.95
CA LYS F 701 4.47 -74.14 -21.55
C LYS F 701 5.83 -74.80 -21.33
N LYS F 702 6.38 -74.61 -20.12
CA LYS F 702 7.59 -75.28 -19.67
C LYS F 702 7.29 -76.74 -19.29
N THR F 703 8.29 -77.62 -19.51
CA THR F 703 8.26 -79.03 -19.19
C THR F 703 9.61 -79.41 -18.58
N THR F 704 9.60 -80.07 -17.40
CA THR F 704 10.82 -80.36 -16.66
C THR F 704 11.52 -81.56 -17.28
N ALA F 705 12.73 -81.84 -16.77
CA ALA F 705 13.54 -82.94 -17.28
C ALA F 705 12.75 -84.25 -17.21
N ALA F 706 12.15 -84.52 -16.05
CA ALA F 706 11.39 -85.75 -15.79
C ALA F 706 10.12 -85.81 -16.64
N GLY F 707 9.68 -84.66 -17.16
CA GLY F 707 8.63 -84.65 -18.16
C GLY F 707 7.30 -84.07 -17.67
N TYR F 708 7.33 -83.43 -16.49
CA TYR F 708 6.15 -82.77 -15.94
C TYR F 708 6.08 -81.36 -16.55
N THR F 709 4.91 -81.04 -17.13
CA THR F 709 4.76 -79.82 -17.91
C THR F 709 3.72 -78.90 -17.27
N TYR F 710 4.13 -77.64 -17.00
CA TYR F 710 3.28 -76.63 -16.40
C TYR F 710 3.28 -75.34 -17.23
N GLN F 711 2.43 -74.37 -16.86
CA GLN F 711 2.30 -73.11 -17.58
C GLN F 711 2.48 -71.92 -16.63
N VAL F 712 3.37 -70.99 -17.00
CA VAL F 712 3.52 -69.70 -16.33
C VAL F 712 3.37 -68.59 -17.38
N TYR F 713 2.91 -67.40 -16.93
CA TYR F 713 2.76 -66.23 -17.78
C TYR F 713 4.00 -65.35 -17.64
N GLU F 714 4.60 -64.98 -18.77
CA GLU F 714 5.87 -64.25 -18.77
C GLU F 714 5.81 -62.98 -19.63
N GLY F 715 4.60 -62.48 -19.91
CA GLY F 715 4.39 -61.23 -20.63
C GLY F 715 4.89 -59.99 -19.87
N ALA F 716 4.70 -58.81 -20.47
CA ALA F 716 5.27 -57.57 -19.93
C ALA F 716 4.54 -57.17 -18.64
N ASP F 717 3.23 -57.45 -18.58
CA ASP F 717 2.37 -57.08 -17.46
C ASP F 717 2.35 -58.19 -16.40
N LYS F 718 3.29 -59.16 -16.51
CA LYS F 718 3.42 -60.25 -15.55
C LYS F 718 3.65 -59.70 -14.14
N ASP F 719 3.18 -60.42 -13.14
CA ASP F 719 3.31 -60.05 -11.74
C ASP F 719 4.80 -60.09 -11.37
N SER F 720 5.21 -59.19 -10.48
CA SER F 720 6.61 -59.09 -10.06
C SER F 720 7.02 -60.33 -9.27
N THR F 721 6.13 -60.81 -8.40
CA THR F 721 6.31 -62.06 -7.66
C THR F 721 5.87 -63.23 -8.53
N ALA F 722 6.81 -64.17 -8.78
CA ALA F 722 6.75 -65.12 -9.89
C ALA F 722 5.54 -66.06 -9.82
N HIS F 723 5.27 -66.59 -8.62
CA HIS F 723 4.32 -67.69 -8.46
C HIS F 723 2.91 -67.29 -8.90
N LYS F 724 2.58 -66.00 -8.76
CA LYS F 724 1.26 -65.46 -9.09
C LYS F 724 1.01 -65.55 -10.61
N ASN F 725 2.08 -65.80 -11.37
CA ASN F 725 2.00 -65.89 -12.82
C ASN F 725 1.59 -67.28 -13.26
N MET F 726 1.20 -68.13 -12.29
CA MET F 726 0.66 -69.44 -12.65
C MET F 726 -0.79 -69.28 -13.07
N TYR F 727 -1.36 -68.08 -12.80
CA TYR F 727 -2.67 -67.64 -13.26
C TYR F 727 -2.57 -66.25 -13.88
N LEU F 728 -3.66 -65.81 -14.52
CA LEU F 728 -3.78 -64.54 -15.24
C LEU F 728 -4.65 -63.56 -14.44
N THR F 729 -4.20 -62.30 -14.39
CA THR F 729 -4.90 -61.24 -13.67
C THR F 729 -4.98 -59.99 -14.53
N TRP F 730 -6.22 -59.54 -14.79
CA TRP F 730 -6.52 -58.27 -15.43
C TRP F 730 -7.13 -57.32 -14.40
N ASN F 731 -6.99 -56.01 -14.64
CA ASN F 731 -7.64 -54.98 -13.85
C ASN F 731 -8.75 -54.32 -14.65
N VAL F 732 -9.97 -54.83 -14.48
CA VAL F 732 -11.15 -54.30 -15.16
C VAL F 732 -11.77 -53.23 -14.28
N PRO F 733 -12.27 -52.10 -14.84
CA PRO F 733 -12.98 -51.10 -14.06
C PRO F 733 -14.43 -51.55 -13.84
N TRP F 734 -14.96 -51.25 -12.64
CA TRP F 734 -16.28 -51.74 -12.25
C TRP F 734 -17.36 -51.07 -13.09
N ALA F 735 -18.21 -51.88 -13.70
CA ALA F 735 -19.36 -51.41 -14.46
C ALA F 735 -20.33 -52.58 -14.61
N GLU F 736 -21.63 -52.33 -14.39
CA GLU F 736 -22.66 -53.35 -14.53
C GLU F 736 -22.49 -54.05 -15.88
N GLY F 737 -22.44 -55.39 -15.88
CA GLY F 737 -22.31 -56.15 -17.12
C GLY F 737 -21.87 -57.60 -16.90
N THR F 738 -21.23 -58.17 -17.93
CA THR F 738 -20.83 -59.56 -18.00
C THR F 738 -19.36 -59.64 -18.43
N ILE F 739 -18.48 -60.04 -17.49
CA ILE F 739 -17.10 -60.37 -17.85
C ILE F 739 -17.06 -61.84 -18.29
N SER F 740 -16.82 -62.06 -19.58
CA SER F 740 -16.67 -63.39 -20.15
C SER F 740 -15.22 -63.58 -20.60
N ALA F 741 -14.85 -64.84 -20.85
CA ALA F 741 -13.51 -65.20 -21.32
C ALA F 741 -13.64 -66.37 -22.29
N GLU F 742 -12.84 -66.31 -23.36
CA GLU F 742 -12.72 -67.41 -24.30
C GLU F 742 -11.29 -67.97 -24.24
N ALA F 743 -11.16 -69.26 -24.57
CA ALA F 743 -9.91 -69.99 -24.40
C ALA F 743 -9.51 -70.69 -25.69
N TYR F 744 -8.20 -70.62 -25.99
CA TYR F 744 -7.62 -71.23 -27.18
C TYR F 744 -6.48 -72.17 -26.77
N ASP F 745 -6.40 -73.31 -27.45
CA ASP F 745 -5.36 -74.32 -27.24
C ASP F 745 -4.04 -73.91 -27.91
N GLU F 746 -3.05 -74.79 -27.81
CA GLU F 746 -1.71 -74.55 -28.36
C GLU F 746 -1.76 -74.27 -29.87
N ASN F 747 -2.65 -74.96 -30.60
CA ASN F 747 -2.82 -74.80 -32.04
C ASN F 747 -3.71 -73.60 -32.38
N ASN F 748 -4.15 -72.87 -31.35
CA ASN F 748 -4.94 -71.66 -31.49
C ASN F 748 -6.40 -71.96 -31.86
N ARG F 749 -6.77 -73.25 -31.90
CA ARG F 749 -8.16 -73.69 -32.00
C ARG F 749 -8.90 -73.24 -30.74
N LEU F 750 -10.04 -72.57 -30.92
CA LEU F 750 -10.90 -72.16 -29.82
C LEU F 750 -11.38 -73.40 -29.05
N ILE F 751 -11.43 -73.27 -27.71
CA ILE F 751 -12.00 -74.29 -26.84
C ILE F 751 -13.51 -74.08 -26.80
N PRO F 752 -14.33 -75.09 -27.20
CA PRO F 752 -15.79 -74.94 -27.29
C PRO F 752 -16.42 -74.40 -26.00
N GLU F 753 -17.43 -73.52 -26.13
CA GLU F 753 -17.96 -72.76 -24.99
C GLU F 753 -18.57 -73.67 -23.93
N GLY F 754 -19.15 -74.79 -24.37
CA GLY F 754 -19.81 -75.74 -23.49
C GLY F 754 -18.87 -76.55 -22.60
N SER F 755 -17.70 -76.93 -23.13
CA SER F 755 -16.83 -77.97 -22.58
C SER F 755 -15.99 -77.52 -21.39
N THR F 756 -15.95 -76.21 -21.10
CA THR F 756 -15.12 -75.67 -20.03
C THR F 756 -15.66 -76.09 -18.67
N GLU F 757 -14.75 -76.12 -17.67
CA GLU F 757 -15.10 -76.30 -16.27
C GLU F 757 -14.86 -74.99 -15.53
N GLY F 758 -15.74 -74.71 -14.56
CA GLY F 758 -15.71 -73.44 -13.84
C GLY F 758 -16.49 -72.38 -14.60
N ASN F 759 -16.64 -71.20 -13.97
CA ASN F 759 -17.42 -70.09 -14.49
C ASN F 759 -16.66 -69.37 -15.61
N ALA F 760 -17.09 -69.61 -16.85
CA ALA F 760 -16.53 -69.02 -18.06
C ALA F 760 -16.86 -67.53 -18.15
N SER F 761 -17.81 -67.09 -17.32
CA SER F 761 -18.29 -65.70 -17.26
C SER F 761 -19.00 -65.44 -15.93
N VAL F 762 -18.71 -64.26 -15.35
CA VAL F 762 -19.51 -63.71 -14.26
C VAL F 762 -20.37 -62.61 -14.86
N THR F 763 -21.49 -62.30 -14.20
CA THR F 763 -22.44 -61.30 -14.67
C THR F 763 -23.04 -60.58 -13.46
N THR F 764 -23.47 -59.32 -13.65
CA THR F 764 -24.14 -58.56 -12.60
C THR F 764 -25.56 -59.11 -12.43
N THR F 765 -25.91 -59.46 -11.18
CA THR F 765 -27.13 -60.20 -10.91
C THR F 765 -28.22 -59.30 -10.36
N GLY F 766 -29.47 -59.73 -10.53
CA GLY F 766 -30.63 -59.09 -9.94
C GLY F 766 -30.71 -59.40 -8.45
N LYS F 767 -31.81 -59.00 -7.81
CA LYS F 767 -32.04 -59.35 -6.42
C LYS F 767 -32.45 -60.81 -6.34
N ALA F 768 -32.32 -61.38 -5.13
CA ALA F 768 -32.68 -62.76 -4.83
C ALA F 768 -34.12 -63.02 -5.26
N ALA F 769 -34.35 -64.07 -6.08
CA ALA F 769 -35.63 -64.30 -6.70
C ALA F 769 -36.09 -65.77 -6.61
N LYS F 770 -35.20 -66.69 -6.98
CA LYS F 770 -35.55 -68.11 -7.01
C LYS F 770 -34.52 -68.96 -6.29
N LEU F 771 -34.98 -70.15 -5.84
CA LEU F 771 -34.12 -71.25 -5.45
C LEU F 771 -34.09 -72.25 -6.60
N LYS F 772 -32.87 -72.60 -7.04
CA LYS F 772 -32.63 -73.74 -7.92
C LYS F 772 -31.99 -74.83 -7.06
N ALA F 773 -32.63 -76.01 -7.07
CA ALA F 773 -32.18 -77.15 -6.26
C ALA F 773 -31.94 -78.37 -7.15
N ASP F 774 -30.74 -78.95 -7.07
CA ASP F 774 -30.40 -80.17 -7.77
C ASP F 774 -29.87 -81.19 -6.76
N ALA F 775 -30.18 -82.48 -6.98
CA ALA F 775 -29.69 -83.60 -6.19
C ALA F 775 -28.62 -84.34 -6.98
N ASP F 776 -27.51 -84.71 -6.31
CA ASP F 776 -26.35 -85.28 -6.97
C ASP F 776 -26.71 -86.61 -7.63
N ARG F 777 -27.51 -87.43 -6.94
CA ARG F 777 -27.96 -88.70 -7.48
C ARG F 777 -29.47 -88.82 -7.34
N LYS F 778 -30.15 -89.11 -8.46
CA LYS F 778 -31.60 -89.10 -8.54
C LYS F 778 -32.17 -90.45 -8.09
N THR F 779 -31.26 -91.44 -7.96
CA THR F 779 -31.57 -92.76 -7.45
C THR F 779 -30.50 -93.15 -6.42
N ILE F 780 -30.95 -93.70 -5.27
CA ILE F 780 -30.07 -94.16 -4.22
C ILE F 780 -30.57 -95.52 -3.72
N THR F 781 -29.78 -96.19 -2.88
CA THR F 781 -30.13 -97.51 -2.38
C THR F 781 -30.94 -97.38 -1.11
N ALA F 782 -31.98 -98.22 -0.99
CA ALA F 782 -32.88 -98.20 0.15
C ALA F 782 -32.36 -99.17 1.21
N ASP F 783 -31.28 -98.76 1.90
CA ASP F 783 -30.56 -99.60 2.84
C ASP F 783 -30.45 -98.91 4.19
N GLY F 784 -30.96 -97.67 4.28
CA GLY F 784 -30.84 -96.87 5.49
C GLY F 784 -29.46 -96.24 5.61
N LYS F 785 -28.72 -96.23 4.49
CA LYS F 785 -27.31 -95.88 4.46
C LYS F 785 -27.04 -94.82 3.40
N ASP F 786 -27.33 -95.12 2.12
CA ASP F 786 -27.02 -94.27 0.98
C ASP F 786 -27.55 -92.85 1.20
N LEU F 787 -26.86 -91.85 0.62
CA LEU F 787 -27.25 -90.45 0.73
C LEU F 787 -27.44 -89.84 -0.66
N SER F 788 -28.39 -88.91 -0.75
CA SER F 788 -28.49 -87.94 -1.84
C SER F 788 -28.12 -86.56 -1.30
N TYR F 789 -27.19 -85.89 -2.01
CA TYR F 789 -26.71 -84.56 -1.64
C TYR F 789 -27.43 -83.53 -2.51
N ILE F 790 -28.18 -82.61 -1.87
CA ILE F 790 -29.01 -81.64 -2.56
C ILE F 790 -28.42 -80.23 -2.39
N GLU F 791 -27.83 -79.72 -3.49
CA GLU F 791 -27.33 -78.36 -3.58
C GLU F 791 -28.52 -77.45 -3.87
N VAL F 792 -28.58 -76.32 -3.15
CA VAL F 792 -29.56 -75.28 -3.40
C VAL F 792 -28.83 -73.95 -3.59
N ASP F 793 -28.95 -73.37 -4.79
CA ASP F 793 -28.43 -72.05 -5.12
C ASP F 793 -29.56 -71.03 -5.02
N VAL F 794 -29.19 -69.81 -4.60
CA VAL F 794 -30.07 -68.66 -4.60
C VAL F 794 -29.72 -67.81 -5.82
N THR F 795 -30.62 -67.81 -6.81
CA THR F 795 -30.43 -67.11 -8.08
C THR F 795 -31.34 -65.89 -8.14
N ASP F 796 -31.04 -65.00 -9.10
CA ASP F 796 -31.92 -63.93 -9.52
C ASP F 796 -32.96 -64.51 -10.48
N ALA F 797 -33.75 -63.63 -11.10
CA ALA F 797 -34.88 -64.00 -11.95
C ALA F 797 -34.43 -64.84 -13.14
N ASN F 798 -33.18 -64.65 -13.58
CA ASN F 798 -32.65 -65.27 -14.79
C ASN F 798 -31.84 -66.53 -14.46
N GLY F 799 -31.61 -66.78 -13.17
CA GLY F 799 -30.92 -67.99 -12.73
C GLY F 799 -29.44 -67.77 -12.38
N HIS F 800 -29.04 -66.50 -12.26
CA HIS F 800 -27.68 -66.12 -11.88
C HIS F 800 -27.52 -66.18 -10.36
N ILE F 801 -26.60 -67.02 -9.87
CA ILE F 801 -26.37 -67.19 -8.44
C ILE F 801 -26.06 -65.83 -7.83
N VAL F 802 -26.75 -65.48 -6.74
CA VAL F 802 -26.56 -64.16 -6.16
C VAL F 802 -25.38 -64.22 -5.19
N PRO F 803 -24.29 -63.49 -5.50
CA PRO F 803 -23.05 -63.55 -4.70
C PRO F 803 -23.18 -63.57 -3.18
N ASP F 804 -23.98 -62.68 -2.61
CA ASP F 804 -23.93 -62.48 -1.16
C ASP F 804 -25.18 -63.05 -0.48
N ALA F 805 -26.06 -63.68 -1.28
CA ALA F 805 -27.32 -64.22 -0.77
C ALA F 805 -27.09 -65.03 0.51
N ALA F 806 -27.91 -64.78 1.54
CA ALA F 806 -27.83 -65.50 2.80
C ALA F 806 -29.22 -65.92 3.31
N ASN F 807 -30.15 -66.08 2.36
CA ASN F 807 -31.55 -66.36 2.63
C ASN F 807 -31.71 -67.72 3.29
N ARG F 808 -32.32 -67.74 4.48
CA ARG F 808 -32.64 -68.96 5.20
C ARG F 808 -33.54 -69.87 4.37
N VAL F 809 -33.06 -71.08 4.09
CA VAL F 809 -33.78 -72.06 3.27
C VAL F 809 -34.27 -73.17 4.19
N THR F 810 -35.53 -73.59 3.97
CA THR F 810 -36.18 -74.62 4.76
C THR F 810 -36.49 -75.79 3.84
N PHE F 811 -36.13 -77.00 4.32
CA PHE F 811 -36.27 -78.21 3.54
C PHE F 811 -37.45 -79.03 4.06
N ASP F 812 -38.32 -79.42 3.12
CA ASP F 812 -39.46 -80.29 3.39
C ASP F 812 -39.19 -81.64 2.73
N VAL F 813 -38.81 -82.63 3.56
CA VAL F 813 -38.51 -83.97 3.07
C VAL F 813 -39.71 -84.87 3.34
N LYS F 814 -40.36 -85.33 2.28
CA LYS F 814 -41.48 -86.27 2.34
C LYS F 814 -41.15 -87.46 1.47
N GLY F 815 -41.38 -88.67 2.01
CA GLY F 815 -41.22 -89.90 1.23
C GLY F 815 -40.40 -90.96 1.97
N ALA F 816 -39.78 -91.86 1.18
CA ALA F 816 -38.97 -92.96 1.69
C ALA F 816 -37.53 -92.50 1.96
N GLY F 817 -37.41 -91.33 2.62
CA GLY F 817 -36.14 -90.76 3.07
C GLY F 817 -36.31 -89.91 4.33
N LYS F 818 -35.25 -89.19 4.73
CA LYS F 818 -35.27 -88.25 5.85
C LYS F 818 -34.01 -87.40 5.84
N LEU F 819 -34.15 -86.14 6.27
CA LEU F 819 -33.05 -85.19 6.23
C LEU F 819 -32.07 -85.49 7.37
N VAL F 820 -30.80 -85.71 7.03
CA VAL F 820 -29.78 -86.07 8.03
C VAL F 820 -28.82 -84.91 8.26
N GLY F 821 -28.80 -83.93 7.35
CA GLY F 821 -27.94 -82.76 7.55
C GLY F 821 -28.27 -81.60 6.62
N VAL F 822 -27.90 -80.40 7.07
CA VAL F 822 -27.89 -79.16 6.29
C VAL F 822 -26.59 -78.40 6.60
N ASP F 823 -26.02 -77.73 5.58
CA ASP F 823 -24.70 -77.11 5.71
C ASP F 823 -24.54 -75.98 4.70
N ASN F 824 -23.59 -75.08 4.99
CA ASN F 824 -23.20 -73.96 4.13
C ASN F 824 -21.68 -73.73 4.15
N GLY F 825 -20.96 -74.46 5.00
CA GLY F 825 -19.50 -74.35 5.07
C GLY F 825 -19.05 -72.98 5.55
N SER F 826 -19.96 -72.34 6.31
CA SER F 826 -19.70 -71.08 7.00
C SER F 826 -19.21 -71.38 8.41
N SER F 827 -17.98 -70.93 8.69
CA SER F 827 -17.25 -71.29 9.90
C SER F 827 -17.97 -70.80 11.14
N PRO F 828 -18.52 -69.56 11.17
CA PRO F 828 -19.12 -69.02 12.39
C PRO F 828 -20.63 -69.23 12.52
N ASP F 829 -21.25 -69.93 11.55
CA ASP F 829 -22.66 -70.28 11.63
C ASP F 829 -22.83 -71.47 12.58
N HIS F 830 -23.51 -71.24 13.72
CA HIS F 830 -23.69 -72.28 14.72
C HIS F 830 -25.06 -72.95 14.63
N ASP F 831 -25.87 -72.62 13.61
CA ASP F 831 -27.16 -73.29 13.47
C ASP F 831 -26.96 -74.80 13.45
N SER F 832 -27.88 -75.53 14.10
CA SER F 832 -27.86 -76.98 14.17
C SER F 832 -27.75 -77.58 12.77
N TYR F 833 -26.86 -78.58 12.65
CA TYR F 833 -26.67 -79.38 11.44
C TYR F 833 -27.88 -80.27 11.21
N GLN F 834 -28.56 -80.62 12.33
CA GLN F 834 -29.70 -81.53 12.35
C GLN F 834 -31.04 -80.80 12.19
N ALA F 835 -31.03 -79.52 11.87
CA ALA F 835 -32.24 -78.72 11.68
C ALA F 835 -32.75 -78.91 10.26
N ASP F 836 -33.95 -78.38 9.98
CA ASP F 836 -34.60 -78.53 8.68
C ASP F 836 -34.39 -77.26 7.84
N ASN F 837 -33.60 -76.34 8.38
CA ASN F 837 -33.36 -75.05 7.74
C ASN F 837 -31.95 -74.56 8.04
N ARG F 838 -31.41 -73.75 7.13
CA ARG F 838 -30.13 -73.09 7.36
C ARG F 838 -29.99 -71.94 6.37
N LYS F 839 -29.32 -70.87 6.81
CA LYS F 839 -28.99 -69.76 5.93
C LYS F 839 -28.15 -70.29 4.77
N ALA F 840 -28.45 -69.82 3.56
CA ALA F 840 -27.47 -69.88 2.48
C ALA F 840 -26.26 -69.06 2.89
N PHE F 841 -25.11 -69.36 2.29
CA PHE F 841 -23.92 -68.56 2.47
C PHE F 841 -23.27 -68.42 1.11
N SER F 842 -22.82 -67.20 0.80
CA SER F 842 -22.41 -66.86 -0.55
C SER F 842 -23.26 -67.62 -1.56
N GLY F 843 -24.58 -67.58 -1.38
CA GLY F 843 -25.55 -67.97 -2.38
C GLY F 843 -25.77 -69.48 -2.51
N LYS F 844 -25.36 -70.24 -1.50
CA LYS F 844 -25.45 -71.70 -1.59
C LYS F 844 -25.79 -72.28 -0.21
N VAL F 845 -26.54 -73.40 -0.24
CA VAL F 845 -26.82 -74.20 0.94
C VAL F 845 -27.00 -75.65 0.52
N LEU F 846 -26.59 -76.59 1.40
CA LEU F 846 -26.64 -78.01 1.13
C LEU F 846 -27.59 -78.69 2.11
N ALA F 847 -28.35 -79.66 1.57
CA ALA F 847 -29.18 -80.58 2.35
C ALA F 847 -28.80 -82.00 1.97
N ILE F 848 -28.54 -82.82 3.00
CA ILE F 848 -28.19 -84.23 2.87
C ILE F 848 -29.39 -85.06 3.30
N VAL F 849 -29.87 -85.90 2.38
CA VAL F 849 -31.04 -86.75 2.59
C VAL F 849 -30.59 -88.21 2.53
N GLN F 850 -31.03 -89.00 3.51
CA GLN F 850 -30.71 -90.43 3.61
C GLN F 850 -31.92 -91.29 3.28
N SER F 851 -31.68 -92.49 2.77
CA SER F 851 -32.74 -93.43 2.41
C SER F 851 -33.30 -94.10 3.67
N THR F 852 -34.41 -94.82 3.49
CA THR F 852 -34.94 -95.76 4.48
C THR F 852 -34.59 -97.16 3.99
N LYS F 853 -35.09 -98.18 4.72
CA LYS F 853 -34.79 -99.57 4.41
C LYS F 853 -35.91 -100.19 3.55
N GLU F 854 -36.93 -99.38 3.22
CA GLU F 854 -37.97 -99.75 2.28
C GLU F 854 -37.87 -98.86 1.05
N ALA F 855 -38.03 -99.47 -0.13
CA ALA F 855 -38.03 -98.78 -1.40
C ALA F 855 -39.13 -97.72 -1.43
N GLY F 856 -39.01 -96.74 -2.33
CA GLY F 856 -40.01 -95.69 -2.44
C GLY F 856 -39.51 -94.50 -3.25
N GLU F 857 -40.07 -93.32 -2.93
CA GLU F 857 -39.73 -92.06 -3.57
C GLU F 857 -39.54 -91.02 -2.46
N ILE F 858 -38.60 -90.09 -2.70
CA ILE F 858 -38.36 -88.95 -1.81
C ILE F 858 -38.64 -87.69 -2.62
N THR F 859 -39.54 -86.85 -2.09
CA THR F 859 -39.75 -85.50 -2.57
C THR F 859 -39.14 -84.55 -1.55
N VAL F 860 -38.22 -83.70 -2.03
CA VAL F 860 -37.62 -82.67 -1.20
C VAL F 860 -37.93 -81.31 -1.81
N THR F 861 -38.29 -80.37 -0.94
CA THR F 861 -38.73 -79.03 -1.32
C THR F 861 -37.95 -77.97 -0.56
N ALA F 862 -37.25 -77.12 -1.33
CA ALA F 862 -36.51 -75.99 -0.82
C ALA F 862 -37.41 -74.77 -0.90
N LYS F 863 -37.62 -74.12 0.25
CA LYS F 863 -38.52 -72.99 0.39
C LYS F 863 -37.78 -71.87 1.15
N ALA F 864 -38.09 -70.63 0.76
CA ALA F 864 -37.58 -69.45 1.45
C ALA F 864 -38.51 -68.25 1.21
N ASP F 865 -38.55 -67.32 2.18
CA ASP F 865 -39.53 -66.24 2.15
C ASP F 865 -39.33 -65.39 0.91
N GLY F 866 -40.36 -65.37 0.06
CA GLY F 866 -40.42 -64.45 -1.07
C GLY F 866 -39.59 -64.92 -2.27
N LEU F 867 -39.21 -66.20 -2.27
CA LEU F 867 -38.42 -66.79 -3.35
C LEU F 867 -39.14 -68.02 -3.88
N GLN F 868 -39.02 -68.24 -5.19
CA GLN F 868 -39.69 -69.35 -5.85
C GLN F 868 -39.08 -70.67 -5.37
N SER F 869 -39.93 -71.52 -4.76
CA SER F 869 -39.56 -72.84 -4.29
C SER F 869 -38.95 -73.68 -5.42
N SER F 870 -38.17 -74.69 -5.03
CA SER F 870 -37.64 -75.72 -5.92
C SER F 870 -37.86 -77.08 -5.28
N THR F 871 -38.09 -78.09 -6.12
CA THR F 871 -38.48 -79.43 -5.70
C THR F 871 -37.69 -80.46 -6.50
N VAL F 872 -37.16 -81.49 -5.80
CA VAL F 872 -36.39 -82.56 -6.40
C VAL F 872 -36.98 -83.89 -5.96
N LYS F 873 -36.92 -84.89 -6.86
CA LYS F 873 -37.42 -86.23 -6.63
C LYS F 873 -36.27 -87.23 -6.68
N ILE F 874 -36.20 -88.09 -5.66
CA ILE F 874 -35.15 -89.10 -5.50
C ILE F 874 -35.83 -90.44 -5.24
N ALA F 875 -35.49 -91.45 -6.08
CA ALA F 875 -36.05 -92.79 -5.98
C ALA F 875 -35.10 -93.70 -5.21
N THR F 876 -35.63 -94.44 -4.23
CA THR F 876 -34.86 -95.40 -3.45
C THR F 876 -35.22 -96.82 -3.91
N THR F 877 -34.21 -97.58 -4.37
CA THR F 877 -34.40 -98.96 -4.84
C THR F 877 -33.96 -99.94 -3.76
N ALA F 878 -34.74 -101.00 -3.54
CA ALA F 878 -34.52 -101.90 -2.41
C ALA F 878 -33.34 -102.83 -2.69
N VAL F 879 -32.91 -103.58 -1.66
CA VAL F 879 -31.94 -104.65 -1.80
C VAL F 879 -32.55 -105.76 -2.66
N PRO F 880 -31.84 -106.29 -3.68
CA PRO F 880 -32.31 -107.48 -4.39
C PRO F 880 -32.72 -108.60 -3.43
N GLY F 881 -31.92 -108.80 -2.37
CA GLY F 881 -32.17 -109.76 -1.31
C GLY F 881 -33.51 -109.62 -0.56
N THR F 882 -33.99 -108.38 -0.42
CA THR F 882 -35.23 -108.07 0.28
C THR F 882 -36.43 -108.59 -0.52
N SER F 883 -37.38 -109.20 0.18
CA SER F 883 -38.57 -109.82 -0.40
C SER F 883 -39.54 -108.76 -0.93
N THR F 884 -40.08 -108.92 -2.15
CA THR F 884 -41.12 -108.03 -2.65
C THR F 884 -42.39 -108.12 -1.79
N GLU F 885 -42.64 -109.30 -1.22
CA GLU F 885 -43.72 -109.54 -0.28
C GLU F 885 -43.46 -108.82 1.04
N LYS F 886 -44.53 -108.42 1.75
CA LYS F 886 -44.50 -107.77 3.05
C LYS F 886 -43.85 -108.66 4.11
N THR F 887 -42.96 -108.08 4.94
CA THR F 887 -42.21 -108.84 5.95
C THR F 887 -42.37 -108.15 7.30
N VAL F 888 -42.08 -108.87 8.39
CA VAL F 888 -42.14 -108.39 9.77
C VAL F 888 -41.05 -107.33 10.00
N ARG F 889 -41.42 -106.18 10.56
CA ARG F 889 -40.50 -105.05 10.79
C ARG F 889 -40.01 -105.03 12.25
N SER F 890 -40.95 -104.92 13.19
CA SER F 890 -40.63 -104.75 14.62
C SER F 890 -41.85 -105.10 15.47
N PHE F 891 -41.62 -105.23 16.79
CA PHE F 891 -42.64 -105.58 17.77
C PHE F 891 -42.70 -104.52 18.86
N TYR F 892 -43.92 -104.04 19.18
CA TYR F 892 -44.14 -103.01 20.20
C TYR F 892 -44.71 -103.65 21.47
N TYR F 893 -43.87 -103.70 22.52
CA TYR F 893 -44.19 -104.34 23.78
C TYR F 893 -43.14 -103.98 24.84
N SER F 894 -43.47 -104.25 26.12
CA SER F 894 -42.53 -104.06 27.22
C SER F 894 -41.74 -105.35 27.40
N ARG F 895 -40.40 -105.24 27.44
CA ARG F 895 -39.55 -106.42 27.46
C ARG F 895 -38.90 -106.60 28.84
N ASN F 896 -39.14 -105.68 29.76
CA ASN F 896 -38.51 -105.73 31.08
C ASN F 896 -39.58 -105.85 32.17
N TYR F 897 -39.48 -106.92 32.98
CA TYR F 897 -40.43 -107.27 34.03
C TYR F 897 -39.68 -107.57 35.34
N TYR F 898 -40.07 -106.89 36.42
CA TYR F 898 -39.56 -107.15 37.76
C TYR F 898 -40.71 -107.70 38.61
N VAL F 899 -40.62 -108.98 38.98
CA VAL F 899 -41.68 -109.67 39.71
C VAL F 899 -41.19 -110.01 41.12
N LYS F 900 -42.08 -109.85 42.10
CA LYS F 900 -41.84 -110.27 43.47
C LYS F 900 -41.70 -111.79 43.51
N THR F 901 -40.77 -112.29 44.34
CA THR F 901 -40.49 -113.72 44.44
C THR F 901 -41.73 -114.45 44.93
N GLY F 902 -41.88 -115.69 44.46
CA GLY F 902 -43.05 -116.51 44.80
C GLY F 902 -44.27 -116.21 43.94
N ASN F 903 -44.20 -115.13 43.13
CA ASN F 903 -45.29 -114.78 42.22
C ASN F 903 -44.88 -115.15 40.80
N LYS F 904 -45.82 -115.77 40.07
CA LYS F 904 -45.67 -116.13 38.68
C LYS F 904 -45.58 -114.87 37.83
N PRO F 905 -44.68 -114.84 36.81
CA PRO F 905 -44.58 -113.69 35.91
C PRO F 905 -45.80 -113.61 35.00
N ILE F 906 -46.50 -112.46 35.03
CA ILE F 906 -47.64 -112.25 34.14
C ILE F 906 -47.13 -111.56 32.88
N LEU F 907 -47.04 -112.33 31.79
CA LEU F 907 -46.57 -111.83 30.51
C LEU F 907 -47.80 -111.48 29.66
N PRO F 908 -47.69 -110.57 28.66
CA PRO F 908 -48.85 -110.17 27.87
C PRO F 908 -49.22 -111.25 26.86
N SER F 909 -50.53 -111.40 26.61
CA SER F 909 -51.05 -112.41 25.70
C SER F 909 -50.74 -112.05 24.25
N ASP F 910 -50.82 -110.75 23.92
CA ASP F 910 -50.63 -110.26 22.56
C ASP F 910 -49.62 -109.11 22.54
N VAL F 911 -49.02 -108.91 21.36
CA VAL F 911 -47.99 -107.90 21.09
C VAL F 911 -48.29 -107.27 19.74
N GLU F 912 -48.12 -105.95 19.63
CA GLU F 912 -48.29 -105.24 18.37
C GLU F 912 -47.11 -105.55 17.44
N VAL F 913 -47.42 -105.98 16.22
CA VAL F 913 -46.45 -106.29 15.19
C VAL F 913 -46.57 -105.23 14.08
N ARG F 914 -45.41 -104.78 13.58
CA ARG F 914 -45.32 -103.89 12.43
C ARG F 914 -44.79 -104.66 11.22
N TYR F 915 -45.12 -104.16 10.02
CA TYR F 915 -44.76 -104.80 8.75
C TYR F 915 -44.14 -103.76 7.81
N SER F 916 -43.60 -104.23 6.68
CA SER F 916 -42.99 -103.37 5.68
C SER F 916 -43.99 -102.34 5.16
N ASP F 917 -45.27 -102.73 5.08
CA ASP F 917 -46.36 -101.87 4.64
C ASP F 917 -46.57 -100.69 5.58
N GLY F 918 -46.04 -100.81 6.81
CA GLY F 918 -46.32 -99.84 7.87
C GLY F 918 -47.63 -100.17 8.58
N THR F 919 -48.20 -101.35 8.26
CA THR F 919 -49.41 -101.87 8.88
C THR F 919 -49.06 -102.44 10.24
N SER F 920 -50.02 -102.40 11.18
CA SER F 920 -49.85 -102.85 12.55
C SER F 920 -50.99 -103.80 12.93
N ASP F 921 -50.64 -105.07 13.21
CA ASP F 921 -51.55 -106.05 13.78
C ASP F 921 -51.23 -106.26 15.27
N ARG F 922 -52.12 -106.98 15.97
CA ARG F 922 -51.89 -107.37 17.35
C ARG F 922 -52.05 -108.89 17.49
N GLN F 923 -51.00 -109.62 17.12
CA GLN F 923 -51.04 -111.08 17.11
C GLN F 923 -50.59 -111.62 18.48
N ASN F 924 -50.96 -112.89 18.74
CA ASN F 924 -50.77 -113.52 20.03
C ASN F 924 -49.37 -114.12 20.12
N VAL F 925 -48.89 -114.29 21.36
CA VAL F 925 -47.56 -114.79 21.69
C VAL F 925 -47.70 -116.04 22.56
N THR F 926 -46.99 -117.11 22.16
CA THR F 926 -46.93 -118.35 22.92
C THR F 926 -45.62 -118.39 23.71
N TRP F 927 -45.70 -118.03 25.00
CA TRP F 927 -44.54 -117.87 25.86
C TRP F 927 -44.08 -119.22 26.37
N ASP F 928 -42.76 -119.36 26.56
CA ASP F 928 -42.16 -120.57 27.11
C ASP F 928 -42.46 -120.63 28.61
N ALA F 929 -42.37 -121.84 29.16
CA ALA F 929 -42.71 -122.12 30.54
C ALA F 929 -41.63 -121.56 31.47
N VAL F 930 -42.07 -121.15 32.67
CA VAL F 930 -41.23 -120.57 33.71
C VAL F 930 -41.12 -121.59 34.85
N SER F 931 -39.89 -122.01 35.17
CA SER F 931 -39.63 -123.02 36.19
C SER F 931 -40.15 -122.54 37.55
N ASP F 932 -40.66 -123.49 38.34
CA ASP F 932 -41.11 -123.27 39.70
C ASP F 932 -39.93 -122.74 40.54
N ASP F 933 -38.76 -123.36 40.33
CA ASP F 933 -37.47 -123.00 40.91
C ASP F 933 -37.17 -121.52 40.66
N GLN F 934 -37.36 -121.12 39.40
CA GLN F 934 -37.06 -119.78 38.90
C GLN F 934 -37.91 -118.74 39.63
N ILE F 935 -39.18 -119.07 39.93
CA ILE F 935 -40.14 -118.13 40.50
C ILE F 935 -39.69 -117.67 41.89
N ALA F 936 -39.13 -118.57 42.70
CA ALA F 936 -38.67 -118.24 44.04
C ALA F 936 -37.16 -118.01 44.11
N LYS F 937 -36.48 -118.01 42.95
CA LYS F 937 -35.02 -118.00 42.85
C LYS F 937 -34.42 -116.65 43.25
N ALA F 938 -35.17 -115.56 43.06
CA ALA F 938 -34.74 -114.21 43.39
C ALA F 938 -33.52 -113.79 42.59
N GLY F 939 -33.55 -114.04 41.27
CA GLY F 939 -32.51 -113.62 40.34
C GLY F 939 -33.12 -113.19 39.00
N SER F 940 -32.26 -112.95 37.99
CA SER F 940 -32.73 -112.55 36.67
C SER F 940 -32.61 -113.72 35.68
N PHE F 941 -33.55 -113.78 34.72
CA PHE F 941 -33.60 -114.76 33.65
C PHE F 941 -34.39 -114.18 32.46
N SER F 942 -34.25 -114.84 31.30
CA SER F 942 -34.97 -114.45 30.09
C SER F 942 -36.02 -115.49 29.70
N VAL F 943 -37.07 -115.04 28.97
CA VAL F 943 -38.20 -115.88 28.56
C VAL F 943 -38.44 -115.65 27.07
N ALA F 944 -38.51 -116.75 26.30
CA ALA F 944 -38.77 -116.74 24.87
C ALA F 944 -40.26 -116.92 24.58
N GLY F 945 -40.72 -116.33 23.47
CA GLY F 945 -42.05 -116.51 22.90
C GLY F 945 -41.95 -116.56 21.38
N THR F 946 -43.08 -116.81 20.69
CA THR F 946 -43.08 -116.85 19.23
C THR F 946 -44.29 -116.10 18.69
N VAL F 947 -44.06 -115.21 17.70
CA VAL F 947 -45.10 -114.49 16.98
C VAL F 947 -44.65 -114.33 15.53
N ALA F 948 -45.62 -114.43 14.59
CA ALA F 948 -45.40 -114.38 13.15
C ALA F 948 -44.09 -115.08 12.77
N GLY F 949 -43.86 -116.24 13.38
CA GLY F 949 -42.74 -117.12 13.08
C GLY F 949 -41.47 -116.81 13.88
N GLN F 950 -41.32 -115.54 14.27
CA GLN F 950 -40.04 -115.04 14.80
C GLN F 950 -40.05 -115.12 16.32
N LYS F 951 -38.85 -115.19 16.91
CA LYS F 951 -38.66 -115.39 18.34
C LYS F 951 -38.49 -114.04 19.04
N ILE F 952 -39.40 -113.74 19.97
CA ILE F 952 -39.33 -112.58 20.85
C ILE F 952 -38.78 -113.07 22.19
N SER F 953 -38.24 -112.15 23.00
CA SER F 953 -37.75 -112.45 24.33
C SER F 953 -38.08 -111.34 25.33
N VAL F 954 -38.18 -111.71 26.61
CA VAL F 954 -38.45 -110.80 27.72
C VAL F 954 -37.50 -111.14 28.87
N ARG F 955 -37.02 -110.10 29.54
CA ARG F 955 -36.09 -110.22 30.67
C ARG F 955 -36.89 -110.05 31.95
N VAL F 956 -36.80 -111.04 32.86
CA VAL F 956 -37.50 -111.05 34.13
C VAL F 956 -36.48 -111.13 35.26
N THR F 957 -36.58 -110.18 36.21
CA THR F 957 -35.75 -110.17 37.42
C THR F 957 -36.66 -110.36 38.64
N MET F 958 -36.36 -111.39 39.44
CA MET F 958 -37.13 -111.73 40.64
C MET F 958 -36.50 -111.06 41.86
N ILE F 959 -37.34 -110.40 42.66
CA ILE F 959 -36.88 -109.60 43.80
C ILE F 959 -37.63 -110.05 45.05
N ASP F 960 -36.89 -110.41 46.10
CA ASP F 960 -37.54 -110.84 47.34
C ASP F 960 -37.88 -109.61 48.18
N GLU F 961 -36.85 -108.80 48.43
CA GLU F 961 -36.91 -107.64 49.31
C GLU F 961 -35.71 -106.74 48.98
N ILE F 962 -35.95 -105.43 49.08
CA ILE F 962 -34.95 -104.40 48.82
C ILE F 962 -34.72 -103.62 50.11
N GLY F 963 -33.47 -103.64 50.59
CA GLY F 963 -32.98 -102.91 51.74
C GLY F 963 -33.13 -101.39 51.57
N ALA F 964 -32.51 -100.86 50.51
CA ALA F 964 -32.55 -99.44 50.17
C ALA F 964 -32.05 -99.21 48.74
N LEU F 965 -32.23 -97.98 48.24
CA LEU F 965 -31.69 -97.56 46.95
C LEU F 965 -30.41 -96.78 47.18
N LEU F 966 -29.37 -97.09 46.40
CA LEU F 966 -28.03 -96.53 46.54
C LEU F 966 -28.10 -95.01 46.39
N ASN F 967 -27.46 -94.30 47.33
CA ASN F 967 -27.36 -92.85 47.29
C ASN F 967 -26.41 -92.45 46.17
N TYR F 968 -26.43 -91.16 45.81
CA TYR F 968 -25.68 -90.60 44.69
C TYR F 968 -24.83 -89.44 45.17
N SER F 969 -23.67 -89.27 44.51
CA SER F 969 -22.76 -88.16 44.72
C SER F 969 -22.18 -87.76 43.36
N ALA F 970 -22.00 -86.45 43.15
CA ALA F 970 -21.32 -85.92 41.97
C ALA F 970 -20.58 -84.63 42.31
N SER F 971 -19.95 -84.04 41.29
CA SER F 971 -19.38 -82.71 41.33
C SER F 971 -19.94 -81.92 40.15
N THR F 972 -20.08 -80.61 40.33
CA THR F 972 -20.45 -79.72 39.24
C THR F 972 -19.62 -78.44 39.34
N PRO F 973 -19.23 -77.84 38.21
CA PRO F 973 -18.62 -76.50 38.23
C PRO F 973 -19.64 -75.48 38.76
N VAL F 974 -19.14 -74.47 39.49
CA VAL F 974 -19.93 -73.30 39.86
C VAL F 974 -20.55 -72.73 38.59
N GLY F 975 -21.86 -72.46 38.66
CA GLY F 975 -22.55 -71.82 37.55
C GLY F 975 -23.24 -72.85 36.65
N THR F 976 -22.91 -74.13 36.82
CA THR F 976 -23.53 -75.19 36.06
C THR F 976 -24.32 -76.09 37.00
N PRO F 977 -25.66 -76.14 36.91
CA PRO F 977 -26.47 -77.01 37.79
C PRO F 977 -26.15 -78.47 37.50
N ALA F 978 -26.09 -79.28 38.56
CA ALA F 978 -25.84 -80.72 38.49
C ALA F 978 -27.00 -81.42 37.77
N VAL F 979 -26.69 -82.35 36.85
CA VAL F 979 -27.69 -83.21 36.24
C VAL F 979 -27.85 -84.47 37.09
N LEU F 980 -29.03 -84.61 37.70
CA LEU F 980 -29.30 -85.67 38.64
C LEU F 980 -29.77 -86.93 37.90
N PRO F 981 -29.36 -88.14 38.35
CA PRO F 981 -29.66 -89.39 37.64
C PRO F 981 -31.15 -89.61 37.44
N GLY F 982 -31.51 -90.18 36.27
CA GLY F 982 -32.87 -90.60 35.96
C GLY F 982 -33.41 -91.65 36.94
N SER F 983 -32.50 -92.50 37.45
CA SER F 983 -32.83 -93.66 38.28
C SER F 983 -31.67 -93.93 39.24
N ARG F 984 -31.90 -94.79 40.24
CA ARG F 984 -30.85 -95.23 41.17
C ARG F 984 -30.95 -96.74 41.38
N PRO F 985 -29.81 -97.45 41.53
CA PRO F 985 -29.81 -98.91 41.75
C PRO F 985 -30.39 -99.31 43.10
N ALA F 986 -30.77 -100.59 43.21
CA ALA F 986 -31.32 -101.17 44.42
C ALA F 986 -30.24 -101.99 45.15
N VAL F 987 -30.23 -101.90 46.49
CA VAL F 987 -29.34 -102.67 47.34
C VAL F 987 -30.19 -103.60 48.20
N LEU F 988 -29.84 -104.90 48.21
CA LEU F 988 -30.55 -105.91 48.99
C LEU F 988 -30.20 -105.75 50.48
N PRO F 989 -30.94 -106.38 51.43
CA PRO F 989 -30.48 -106.44 52.82
C PRO F 989 -29.09 -107.06 52.91
N ASP F 990 -28.81 -108.00 51.99
CA ASP F 990 -27.49 -108.52 51.65
C ASP F 990 -26.67 -107.36 51.07
N GLY F 991 -25.35 -107.41 51.29
CA GLY F 991 -24.45 -106.31 50.94
C GLY F 991 -24.12 -106.29 49.43
N THR F 992 -25.13 -106.60 48.60
CA THR F 992 -25.03 -106.70 47.15
C THR F 992 -25.87 -105.60 46.50
N VAL F 993 -25.31 -105.00 45.44
CA VAL F 993 -25.92 -103.96 44.65
C VAL F 993 -26.46 -104.56 43.34
N THR F 994 -27.76 -104.38 43.08
CA THR F 994 -28.42 -104.93 41.91
C THR F 994 -28.15 -104.06 40.68
N SER F 995 -28.25 -104.66 39.49
CA SER F 995 -28.20 -103.92 38.24
C SER F 995 -29.59 -103.43 37.85
N ALA F 996 -30.56 -103.64 38.76
CA ALA F 996 -31.91 -103.11 38.64
C ALA F 996 -31.97 -101.68 39.20
N ASN F 997 -32.37 -100.74 38.34
CA ASN F 997 -32.51 -99.32 38.67
C ASN F 997 -33.98 -98.92 38.70
N PHE F 998 -34.33 -98.03 39.65
CA PHE F 998 -35.70 -97.57 39.86
C PHE F 998 -35.74 -96.05 39.73
N ALA F 999 -36.71 -95.55 38.93
CA ALA F 999 -36.89 -94.14 38.62
C ALA F 999 -37.08 -93.32 39.89
N VAL F 1000 -36.31 -92.22 40.02
CA VAL F 1000 -36.34 -91.36 41.20
C VAL F 1000 -36.89 -89.98 40.81
N ASP F 1001 -37.73 -89.41 41.69
CA ASP F 1001 -38.19 -88.03 41.56
C ASP F 1001 -37.53 -87.16 42.62
N TRP F 1002 -36.82 -86.14 42.15
CA TRP F 1002 -36.01 -85.25 43.00
C TRP F 1002 -36.79 -83.98 43.33
N THR F 1003 -36.75 -83.60 44.61
CA THR F 1003 -37.22 -82.30 45.07
C THR F 1003 -36.08 -81.29 44.92
N LYS F 1004 -35.93 -80.77 43.69
CA LYS F 1004 -34.80 -80.00 43.20
C LYS F 1004 -34.80 -78.59 43.81
N PRO F 1005 -33.71 -78.15 44.50
CA PRO F 1005 -33.51 -76.74 44.86
C PRO F 1005 -33.45 -75.85 43.62
N ALA F 1006 -33.34 -74.52 43.85
CA ALA F 1006 -33.25 -73.54 42.78
C ALA F 1006 -31.88 -73.63 42.11
N ASP F 1007 -31.83 -73.24 40.83
CA ASP F 1007 -30.62 -73.27 40.03
C ASP F 1007 -29.55 -72.34 40.62
N THR F 1008 -30.01 -71.32 41.35
CA THR F 1008 -29.15 -70.32 41.96
C THR F 1008 -28.21 -70.95 42.99
N VAL F 1009 -28.62 -72.08 43.60
CA VAL F 1009 -27.86 -72.72 44.68
C VAL F 1009 -26.50 -73.19 44.17
N TYR F 1010 -26.43 -73.51 42.87
CA TYR F 1010 -25.22 -74.03 42.23
C TYR F 1010 -24.28 -72.90 41.80
N ASN F 1011 -24.59 -71.66 42.19
CA ASN F 1011 -23.80 -70.50 41.77
C ASN F 1011 -22.83 -70.07 42.87
N THR F 1012 -22.71 -70.91 43.91
CA THR F 1012 -21.70 -70.69 44.94
C THR F 1012 -21.04 -72.00 45.31
N ALA F 1013 -19.76 -71.92 45.69
CA ALA F 1013 -18.96 -73.06 46.07
C ALA F 1013 -19.46 -73.61 47.41
N GLY F 1014 -19.48 -74.94 47.54
CA GLY F 1014 -19.93 -75.66 48.72
C GLY F 1014 -20.62 -76.96 48.34
N THR F 1015 -21.09 -77.72 49.36
CA THR F 1015 -21.81 -78.96 49.12
C THR F 1015 -23.32 -78.68 49.20
N VAL F 1016 -24.12 -79.45 48.44
CA VAL F 1016 -25.55 -79.24 48.24
C VAL F 1016 -26.25 -80.61 48.26
N LYS F 1017 -27.18 -80.81 49.19
CA LYS F 1017 -27.96 -82.05 49.32
C LYS F 1017 -29.32 -81.85 48.66
N VAL F 1018 -29.74 -82.86 47.87
CA VAL F 1018 -31.01 -82.87 47.15
C VAL F 1018 -31.74 -84.16 47.50
N PRO F 1019 -32.94 -84.09 48.14
CA PRO F 1019 -33.74 -85.28 48.44
C PRO F 1019 -34.54 -85.73 47.21
N GLY F 1020 -34.74 -87.05 47.13
CA GLY F 1020 -35.52 -87.69 46.07
C GLY F 1020 -36.04 -89.04 46.52
N THR F 1021 -37.21 -89.42 45.99
CA THR F 1021 -37.90 -90.63 46.40
C THR F 1021 -38.42 -91.38 45.17
N ALA F 1022 -38.45 -92.71 45.30
CA ALA F 1022 -38.93 -93.64 44.29
C ALA F 1022 -39.80 -94.69 44.98
N THR F 1023 -40.89 -95.09 44.31
CA THR F 1023 -41.81 -96.09 44.81
C THR F 1023 -41.46 -97.45 44.18
N VAL F 1024 -40.91 -98.36 45.00
CA VAL F 1024 -40.48 -99.69 44.60
C VAL F 1024 -41.44 -100.72 45.20
N PHE F 1025 -42.21 -101.40 44.33
CA PHE F 1025 -43.27 -102.31 44.74
C PHE F 1025 -44.21 -101.65 45.77
N GLY F 1026 -44.61 -100.41 45.49
CA GLY F 1026 -45.54 -99.68 46.35
C GLY F 1026 -44.86 -98.98 47.53
N LYS F 1027 -43.70 -99.49 47.96
CA LYS F 1027 -42.94 -98.96 49.10
C LYS F 1027 -42.00 -97.86 48.63
N GLU F 1028 -42.25 -96.61 49.07
CA GLU F 1028 -41.45 -95.45 48.73
C GLU F 1028 -40.12 -95.50 49.49
N PHE F 1029 -39.02 -95.20 48.79
CA PHE F 1029 -37.67 -95.17 49.36
C PHE F 1029 -37.08 -93.76 49.24
N LYS F 1030 -36.32 -93.36 50.28
CA LYS F 1030 -35.75 -92.03 50.42
C LYS F 1030 -34.25 -92.09 50.07
N VAL F 1031 -33.86 -91.26 49.09
CA VAL F 1031 -32.51 -91.20 48.53
C VAL F 1031 -31.99 -89.76 48.66
N THR F 1032 -30.68 -89.64 48.95
CA THR F 1032 -30.02 -88.33 49.01
C THR F 1032 -28.92 -88.26 47.95
N ALA F 1033 -28.97 -87.19 47.14
CA ALA F 1033 -27.92 -86.81 46.21
C ALA F 1033 -27.13 -85.63 46.78
N THR F 1034 -25.87 -85.89 47.13
CA THR F 1034 -24.97 -84.91 47.74
C THR F 1034 -23.93 -84.49 46.70
N ILE F 1035 -24.13 -83.31 46.11
CA ILE F 1035 -23.31 -82.82 45.01
C ILE F 1035 -22.41 -81.70 45.54
N ARG F 1036 -21.16 -81.67 45.07
CA ARG F 1036 -20.17 -80.67 45.48
C ARG F 1036 -19.97 -79.68 44.33
N VAL F 1037 -20.28 -78.40 44.57
CA VAL F 1037 -20.07 -77.34 43.59
C VAL F 1037 -18.65 -76.83 43.81
N GLN F 1038 -17.87 -76.79 42.72
CA GLN F 1038 -16.46 -76.45 42.81
C GLN F 1038 -16.12 -75.35 41.81
N ARG F 1039 -15.11 -74.57 42.20
CA ARG F 1039 -14.54 -73.52 41.36
C ARG F 1039 -13.41 -74.15 40.54
N SER F 1040 -13.07 -73.53 39.39
CA SER F 1040 -11.95 -73.98 38.57
C SER F 1040 -10.68 -73.97 39.42
N GLN F 1041 -9.79 -74.92 39.17
CA GLN F 1041 -8.55 -75.00 39.91
C GLN F 1041 -7.45 -74.47 38.98
N VAL F 1042 -7.06 -73.22 39.27
CA VAL F 1042 -6.25 -72.40 38.38
C VAL F 1042 -4.81 -72.52 38.86
N THR F 1043 -3.92 -72.88 37.91
CA THR F 1043 -2.50 -73.01 38.20
C THR F 1043 -1.76 -72.06 37.27
N ILE F 1044 -0.96 -71.19 37.91
CA ILE F 1044 -0.27 -70.10 37.23
C ILE F 1044 1.06 -70.66 36.69
N GLY F 1045 1.34 -70.36 35.42
CA GLY F 1045 2.49 -70.89 34.71
C GLY F 1045 3.68 -69.94 34.77
N SER F 1046 4.52 -70.00 33.71
CA SER F 1046 5.72 -69.19 33.62
C SER F 1046 5.47 -68.01 32.69
N SER F 1047 6.41 -67.03 32.74
CA SER F 1047 6.38 -65.84 31.89
C SER F 1047 6.35 -66.25 30.42
N VAL F 1048 5.64 -65.46 29.60
CA VAL F 1048 5.66 -65.66 28.15
C VAL F 1048 6.02 -64.33 27.50
N SER F 1049 6.68 -63.46 28.27
CA SER F 1049 7.08 -62.16 27.78
C SER F 1049 8.06 -62.35 26.61
N GLY F 1050 8.93 -63.37 26.75
CA GLY F 1050 9.87 -63.79 25.71
C GLY F 1050 9.21 -63.95 24.34
N ASN F 1051 8.05 -64.62 24.30
CA ASN F 1051 7.40 -65.02 23.06
C ASN F 1051 6.63 -63.87 22.40
N ALA F 1052 6.83 -62.63 22.86
CA ALA F 1052 6.09 -61.51 22.30
C ALA F 1052 6.41 -61.36 20.81
N LEU F 1053 5.37 -61.15 20.00
CA LEU F 1053 5.55 -60.84 18.59
C LEU F 1053 6.16 -59.45 18.41
N ARG F 1054 5.74 -58.50 19.25
CA ARG F 1054 6.21 -57.13 19.20
C ARG F 1054 6.11 -56.51 20.59
N LEU F 1055 7.03 -55.58 20.89
CA LEU F 1055 7.08 -54.85 22.14
C LEU F 1055 7.42 -53.39 21.81
N THR F 1056 6.38 -52.55 21.76
CA THR F 1056 6.51 -51.17 21.35
C THR F 1056 6.45 -50.24 22.58
N GLN F 1057 6.57 -48.93 22.33
CA GLN F 1057 6.69 -47.90 23.34
C GLN F 1057 5.83 -46.70 22.92
N ASN F 1058 5.23 -46.00 23.90
CA ASN F 1058 4.42 -44.82 23.64
C ASN F 1058 5.31 -43.70 23.13
N ILE F 1059 6.52 -43.63 23.70
CA ILE F 1059 7.46 -42.53 23.57
C ILE F 1059 8.01 -42.48 22.15
N PRO F 1060 8.06 -41.29 21.50
CA PRO F 1060 8.68 -41.16 20.17
C PRO F 1060 10.15 -41.59 20.19
N ALA F 1061 10.66 -41.93 19.00
CA ALA F 1061 11.95 -42.57 18.82
C ALA F 1061 13.10 -41.76 19.46
N ASP F 1062 13.11 -40.44 19.21
CA ASP F 1062 14.21 -39.56 19.58
C ASP F 1062 14.31 -39.37 21.10
N LYS F 1063 13.18 -39.51 21.80
CA LYS F 1063 13.08 -39.19 23.22
C LYS F 1063 13.07 -40.46 24.10
N GLN F 1064 13.46 -41.60 23.51
CA GLN F 1064 13.53 -42.86 24.24
C GLN F 1064 14.84 -42.95 25.00
N SER F 1065 14.82 -43.64 26.15
CA SER F 1065 16.00 -43.78 26.98
C SER F 1065 16.09 -45.22 27.48
N ASP F 1066 17.31 -45.78 27.43
CA ASP F 1066 17.61 -47.13 27.88
C ASP F 1066 16.95 -48.14 26.96
N THR F 1067 17.10 -49.45 27.25
CA THR F 1067 16.76 -50.51 26.32
C THR F 1067 15.42 -51.15 26.70
N LEU F 1068 14.47 -51.15 25.76
CA LEU F 1068 13.13 -51.65 26.01
C LEU F 1068 13.13 -53.18 26.09
N ASP F 1069 13.76 -53.81 25.08
CA ASP F 1069 13.74 -55.26 24.90
C ASP F 1069 14.26 -55.97 26.15
N ALA F 1070 14.83 -55.18 27.09
CA ALA F 1070 15.42 -55.71 28.30
C ALA F 1070 14.35 -56.30 29.21
N ILE F 1071 13.08 -55.91 28.99
CA ILE F 1071 12.02 -56.20 29.95
C ILE F 1071 11.43 -57.60 29.72
N LYS F 1072 11.86 -58.27 28.64
CA LYS F 1072 11.46 -59.63 28.31
C LYS F 1072 12.66 -60.59 28.28
N ASP F 1073 13.83 -60.13 28.75
CA ASP F 1073 15.06 -60.90 28.65
C ASP F 1073 15.16 -61.96 29.74
N GLY F 1074 14.17 -62.04 30.63
CA GLY F 1074 14.10 -63.11 31.61
C GLY F 1074 14.96 -62.87 32.86
N SER F 1075 15.64 -61.71 32.96
CA SER F 1075 16.41 -61.34 34.14
C SER F 1075 15.79 -60.12 34.82
N THR F 1076 15.90 -60.00 36.15
CA THR F 1076 15.17 -58.99 36.91
C THR F 1076 16.09 -57.90 37.48
N THR F 1077 17.42 -58.11 37.45
CA THR F 1077 18.38 -57.27 38.14
C THR F 1077 18.72 -56.03 37.32
N VAL F 1078 19.24 -54.97 37.98
CA VAL F 1078 19.71 -53.77 37.30
C VAL F 1078 21.24 -53.73 37.34
N ASP F 1079 21.83 -53.43 36.18
CA ASP F 1079 23.21 -52.96 36.11
C ASP F 1079 23.22 -51.52 36.62
N ALA F 1080 24.17 -51.22 37.51
CA ALA F 1080 24.24 -49.93 38.20
C ALA F 1080 24.54 -48.80 37.21
N ASN F 1081 25.17 -49.12 36.06
CA ASN F 1081 25.38 -48.23 34.92
C ASN F 1081 25.85 -46.85 35.38
N THR F 1082 26.85 -46.81 36.27
CA THR F 1082 27.37 -45.57 36.80
C THR F 1082 28.32 -44.96 35.76
N GLY F 1083 28.19 -43.64 35.56
CA GLY F 1083 28.97 -42.93 34.55
C GLY F 1083 28.27 -42.96 33.19
N GLY F 1084 26.94 -43.04 33.19
CA GLY F 1084 26.11 -42.61 32.08
C GLY F 1084 26.04 -43.61 30.94
N GLY F 1085 25.23 -43.29 29.93
CA GLY F 1085 25.02 -44.13 28.76
C GLY F 1085 23.80 -45.04 28.94
N ALA F 1086 23.25 -45.49 27.80
CA ALA F 1086 22.08 -46.36 27.77
C ALA F 1086 22.30 -47.62 28.63
N ASN F 1087 21.33 -47.92 29.51
CA ASN F 1087 21.39 -49.09 30.39
C ASN F 1087 20.91 -50.30 29.61
N PRO F 1088 21.74 -51.36 29.48
CA PRO F 1088 21.36 -52.55 28.72
C PRO F 1088 20.43 -53.50 29.48
N SER F 1089 20.27 -53.27 30.79
CA SER F 1089 19.58 -54.21 31.68
C SER F 1089 18.12 -53.84 31.88
N ALA F 1090 17.76 -52.59 31.60
CA ALA F 1090 16.47 -52.05 32.02
C ALA F 1090 15.96 -51.00 31.03
N TRP F 1091 14.68 -50.65 31.20
CA TRP F 1091 13.99 -49.57 30.49
C TRP F 1091 13.63 -48.47 31.49
N THR F 1092 13.54 -47.25 30.98
CA THR F 1092 13.08 -46.09 31.75
C THR F 1092 12.39 -45.12 30.79
N ASN F 1093 11.82 -44.04 31.36
CA ASN F 1093 11.25 -42.98 30.56
C ASN F 1093 11.96 -41.65 30.85
N TRP F 1094 13.20 -41.75 31.34
CA TRP F 1094 14.00 -40.61 31.78
C TRP F 1094 13.93 -39.46 30.78
N ALA F 1095 14.26 -39.75 29.52
CA ALA F 1095 14.23 -38.77 28.44
C ALA F 1095 12.88 -38.06 28.38
N TYR F 1096 11.80 -38.84 28.24
CA TYR F 1096 10.45 -38.31 28.08
C TYR F 1096 9.99 -37.61 29.36
N SER F 1097 10.44 -38.10 30.52
CA SER F 1097 10.20 -37.50 31.83
C SER F 1097 10.78 -36.09 31.90
N LYS F 1098 12.04 -35.95 31.47
CA LYS F 1098 12.77 -34.68 31.45
C LYS F 1098 12.02 -33.66 30.60
N ALA F 1099 11.53 -34.11 29.44
CA ALA F 1099 10.70 -33.31 28.55
C ALA F 1099 9.33 -33.03 29.15
N GLY F 1100 9.12 -33.47 30.40
CA GLY F 1100 7.94 -33.15 31.21
C GLY F 1100 6.72 -34.04 30.93
N HIS F 1101 6.94 -35.29 30.49
CA HIS F 1101 5.87 -36.22 30.18
C HIS F 1101 5.68 -37.19 31.34
N ASN F 1102 4.45 -37.22 31.85
CA ASN F 1102 4.16 -37.78 33.17
C ASN F 1102 4.07 -39.30 33.12
N THR F 1103 3.70 -39.80 31.94
CA THR F 1103 3.39 -41.21 31.73
C THR F 1103 4.15 -41.78 30.54
N ALA F 1104 3.91 -43.08 30.28
CA ALA F 1104 4.49 -43.87 29.20
C ALA F 1104 3.70 -45.16 29.10
N GLU F 1105 3.57 -45.70 27.89
CA GLU F 1105 2.78 -46.90 27.62
C GLU F 1105 3.61 -47.92 26.85
N ILE F 1106 3.93 -49.03 27.53
CA ILE F 1106 4.57 -50.19 26.94
C ILE F 1106 3.49 -51.18 26.49
N THR F 1107 3.57 -51.67 25.25
CA THR F 1107 2.58 -52.59 24.69
C THR F 1107 3.25 -53.86 24.15
N PHE F 1108 2.88 -55.01 24.74
CA PHE F 1108 3.21 -56.32 24.21
C PHE F 1108 2.11 -56.73 23.25
N GLU F 1109 2.51 -57.23 22.07
CA GLU F 1109 1.63 -57.87 21.11
C GLU F 1109 2.06 -59.31 20.92
N TYR F 1110 1.06 -60.19 20.78
CA TYR F 1110 1.25 -61.62 20.56
C TYR F 1110 0.58 -62.00 19.25
N ALA F 1111 0.98 -63.16 18.68
CA ALA F 1111 0.38 -63.68 17.47
C ALA F 1111 -0.75 -64.63 17.83
N THR F 1112 -0.71 -65.18 19.05
CA THR F 1112 -1.76 -66.01 19.61
C THR F 1112 -2.26 -65.35 20.90
N GLU F 1113 -3.59 -65.32 21.10
CA GLU F 1113 -4.15 -64.91 22.37
C GLU F 1113 -3.52 -65.71 23.51
N GLN F 1114 -2.97 -65.01 24.50
CA GLN F 1114 -2.39 -65.59 25.70
C GLN F 1114 -3.42 -65.62 26.83
N GLN F 1115 -3.46 -66.75 27.56
CA GLN F 1115 -4.28 -66.91 28.73
C GLN F 1115 -3.47 -66.51 29.96
N LEU F 1116 -3.57 -65.22 30.35
CA LEU F 1116 -2.79 -64.66 31.45
C LEU F 1116 -3.48 -64.94 32.78
N GLY F 1117 -2.65 -65.19 33.81
CA GLY F 1117 -3.15 -65.48 35.16
C GLY F 1117 -2.44 -64.68 36.24
N GLN F 1118 -1.41 -63.92 35.86
CA GLN F 1118 -0.65 -63.07 36.78
C GLN F 1118 0.33 -62.21 35.99
N ILE F 1119 0.66 -61.03 36.51
CA ILE F 1119 1.69 -60.16 35.95
C ILE F 1119 2.59 -59.70 37.10
N VAL F 1120 3.90 -59.83 36.93
CA VAL F 1120 4.84 -59.30 37.91
C VAL F 1120 5.72 -58.26 37.24
N MET F 1121 5.71 -57.02 37.76
CA MET F 1121 6.54 -55.95 37.25
C MET F 1121 7.67 -55.67 38.23
N TYR F 1122 8.90 -55.69 37.69
CA TYR F 1122 10.11 -55.45 38.44
C TYR F 1122 10.55 -54.02 38.18
N PHE F 1123 9.98 -53.09 38.97
CA PHE F 1123 10.41 -51.70 38.96
C PHE F 1123 11.73 -51.59 39.72
N PHE F 1124 12.55 -50.63 39.31
CA PHE F 1124 13.83 -50.34 39.95
C PHE F 1124 13.92 -48.84 40.25
N ARG F 1125 14.95 -48.47 41.04
CA ARG F 1125 15.25 -47.09 41.40
C ARG F 1125 16.76 -46.88 41.36
N ASP F 1126 17.18 -45.64 41.05
CA ASP F 1126 18.55 -45.16 41.21
C ASP F 1126 18.56 -44.02 42.22
N SER F 1127 19.71 -43.34 42.38
CA SER F 1127 19.83 -42.26 43.35
C SER F 1127 19.33 -40.94 42.79
N ASN F 1128 19.62 -40.67 41.50
CA ASN F 1128 19.33 -39.38 40.90
C ASN F 1128 17.85 -39.15 40.61
N ALA F 1129 17.21 -40.11 39.92
CA ALA F 1129 15.94 -39.85 39.24
C ALA F 1129 14.93 -40.99 39.38
N VAL F 1130 15.29 -42.20 38.94
CA VAL F 1130 14.35 -43.32 38.85
C VAL F 1130 13.86 -43.69 40.24
N ARG F 1131 12.52 -43.77 40.39
CA ARG F 1131 11.85 -44.09 41.64
C ARG F 1131 10.73 -45.11 41.41
N PHE F 1132 10.60 -46.05 42.35
CA PHE F 1132 9.50 -47.02 42.41
C PHE F 1132 8.18 -46.26 42.34
N PRO F 1133 7.21 -46.67 41.50
CA PRO F 1133 5.97 -45.91 41.31
C PRO F 1133 5.09 -45.97 42.56
N ASP F 1134 4.15 -45.02 42.67
CA ASP F 1134 3.21 -44.98 43.79
C ASP F 1134 2.19 -46.10 43.66
N ALA F 1135 1.66 -46.55 44.81
CA ALA F 1135 0.77 -47.70 44.82
C ALA F 1135 -0.53 -47.38 44.09
N GLY F 1136 -0.99 -48.34 43.29
CA GLY F 1136 -2.31 -48.28 42.67
C GLY F 1136 -2.37 -47.37 41.45
N LYS F 1137 -1.24 -46.80 41.05
CA LYS F 1137 -1.22 -45.81 39.97
C LYS F 1137 -0.88 -46.47 38.63
N THR F 1138 -0.01 -47.49 38.66
CA THR F 1138 0.30 -48.31 37.48
C THR F 1138 -0.97 -49.03 37.07
N LYS F 1139 -1.26 -49.01 35.75
CA LYS F 1139 -2.50 -49.59 35.21
C LYS F 1139 -2.19 -50.49 34.01
N ILE F 1140 -2.96 -51.57 33.88
CA ILE F 1140 -2.84 -52.56 32.81
C ILE F 1140 -4.15 -52.58 32.01
N GLN F 1141 -4.02 -52.84 30.69
CA GLN F 1141 -5.16 -53.04 29.80
C GLN F 1141 -4.86 -54.16 28.82
N ILE F 1142 -5.92 -54.73 28.24
CA ILE F 1142 -5.86 -55.89 27.35
C ILE F 1142 -6.76 -55.62 26.15
N SER F 1143 -6.43 -56.24 24.99
CA SER F 1143 -7.31 -56.27 23.84
C SER F 1143 -7.02 -57.48 22.96
N ALA F 1144 -7.94 -57.73 22.01
CA ALA F 1144 -7.86 -58.82 21.04
C ALA F 1144 -7.31 -58.28 19.72
N ASP F 1145 -7.85 -57.14 19.29
CA ASP F 1145 -7.24 -56.31 18.25
C ASP F 1145 -6.41 -55.26 18.96
N GLY F 1146 -5.52 -54.58 18.25
CA GLY F 1146 -4.69 -53.57 18.88
C GLY F 1146 -5.44 -52.27 19.20
N LYS F 1147 -6.75 -52.25 18.89
CA LYS F 1147 -7.53 -51.02 18.79
C LYS F 1147 -8.45 -50.83 20.01
N ASN F 1148 -9.30 -51.82 20.31
CA ASN F 1148 -10.30 -51.76 21.38
C ASN F 1148 -9.77 -52.36 22.67
N TRP F 1149 -9.59 -51.50 23.68
CA TRP F 1149 -8.94 -51.84 24.95
C TRP F 1149 -9.96 -52.06 26.06
N THR F 1150 -9.49 -52.56 27.21
CA THR F 1150 -10.29 -53.03 28.33
C THR F 1150 -9.40 -53.11 29.57
N ASP F 1151 -9.90 -52.57 30.69
CA ASP F 1151 -9.11 -52.49 31.90
C ASP F 1151 -9.02 -53.86 32.55
N LEU F 1152 -7.82 -54.21 33.01
CA LEU F 1152 -7.64 -55.48 33.69
C LEU F 1152 -8.03 -55.33 35.15
N ALA F 1153 -9.01 -56.11 35.60
CA ALA F 1153 -9.47 -55.99 36.97
C ALA F 1153 -8.50 -56.69 37.90
N ALA F 1154 -7.58 -55.93 38.53
CA ALA F 1154 -6.49 -56.61 39.24
C ALA F 1154 -6.14 -55.97 40.57
N THR F 1155 -5.48 -56.74 41.45
CA THR F 1155 -5.01 -56.26 42.75
C THR F 1155 -3.49 -56.18 42.73
N GLU F 1156 -2.93 -55.02 43.10
CA GLU F 1156 -1.50 -54.80 43.08
C GLU F 1156 -0.92 -55.12 44.47
N THR F 1157 0.19 -55.86 44.51
CA THR F 1157 0.86 -56.15 45.76
C THR F 1157 2.32 -55.75 45.63
N ILE F 1158 2.73 -54.68 46.32
CA ILE F 1158 4.11 -54.24 46.33
C ILE F 1158 4.84 -55.01 47.43
N ALA F 1159 5.85 -55.79 47.03
CA ALA F 1159 6.54 -56.70 47.94
C ALA F 1159 7.24 -55.92 49.06
N ALA F 1160 7.34 -56.57 50.23
CA ALA F 1160 7.92 -55.99 51.43
C ALA F 1160 9.38 -55.61 51.19
N GLN F 1161 10.21 -56.57 50.74
CA GLN F 1161 11.64 -56.40 50.53
C GLN F 1161 11.96 -56.43 49.03
N GLU F 1162 13.11 -55.85 48.65
CA GLU F 1162 13.56 -55.81 47.27
C GLU F 1162 14.03 -57.21 46.85
N SER F 1163 13.72 -57.57 45.60
CA SER F 1163 14.12 -58.86 45.04
C SER F 1163 15.63 -58.90 44.75
N SER F 1164 16.17 -57.77 44.26
CA SER F 1164 17.59 -57.54 44.02
C SER F 1164 17.87 -56.08 44.33
N GLU F 1165 19.14 -55.73 44.54
CA GLU F 1165 19.45 -54.37 44.96
C GLU F 1165 18.75 -53.37 44.03
N ARG F 1166 17.86 -52.57 44.63
CA ARG F 1166 17.12 -51.47 44.00
C ARG F 1166 16.09 -51.92 42.96
N VAL F 1167 15.55 -53.14 43.15
CA VAL F 1167 14.46 -53.68 42.36
C VAL F 1167 13.39 -54.21 43.31
N LYS F 1168 12.14 -53.75 43.11
CA LYS F 1168 10.99 -54.19 43.88
C LYS F 1168 9.93 -54.76 42.94
N PRO F 1169 9.49 -56.02 43.14
CA PRO F 1169 8.45 -56.61 42.31
C PRO F 1169 7.04 -56.22 42.76
N TYR F 1170 6.29 -55.60 41.84
CA TYR F 1170 4.86 -55.33 41.97
C TYR F 1170 4.09 -56.46 41.28
N THR F 1171 3.32 -57.24 42.06
CA THR F 1171 2.59 -58.39 41.54
C THR F 1171 1.12 -58.03 41.34
N TYR F 1172 0.62 -58.25 40.12
CA TYR F 1172 -0.75 -57.99 39.74
C TYR F 1172 -1.51 -59.31 39.63
N ASP F 1173 -2.62 -59.41 40.36
CA ASP F 1173 -3.40 -60.63 40.43
C ASP F 1173 -4.80 -60.37 39.90
N PHE F 1174 -5.38 -61.39 39.27
CA PHE F 1174 -6.64 -61.24 38.56
C PHE F 1174 -7.10 -62.61 38.09
N ALA F 1175 -8.40 -62.75 37.81
CA ALA F 1175 -8.91 -63.99 37.26
C ALA F 1175 -8.39 -64.17 35.84
N PRO F 1176 -8.05 -65.41 35.43
CA PRO F 1176 -7.61 -65.71 34.06
C PRO F 1176 -8.38 -64.92 32.99
N VAL F 1177 -7.65 -64.26 32.08
CA VAL F 1177 -8.22 -63.57 30.93
C VAL F 1177 -7.35 -63.81 29.69
N GLY F 1178 -8.02 -63.90 28.53
CA GLY F 1178 -7.36 -63.94 27.24
C GLY F 1178 -6.98 -62.54 26.78
N ALA F 1179 -5.72 -62.39 26.35
CA ALA F 1179 -5.19 -61.12 25.86
C ALA F 1179 -4.25 -61.43 24.68
N THR F 1180 -4.48 -60.79 23.52
CA THR F 1180 -3.49 -60.87 22.46
C THR F 1180 -2.57 -59.65 22.55
N PHE F 1181 -3.05 -58.57 23.18
CA PHE F 1181 -2.24 -57.40 23.49
C PHE F 1181 -2.37 -57.04 24.97
N VAL F 1182 -1.28 -56.52 25.55
CA VAL F 1182 -1.24 -56.07 26.94
C VAL F 1182 -0.50 -54.73 26.99
N LYS F 1183 -1.23 -53.66 27.34
CA LYS F 1183 -0.68 -52.32 27.43
C LYS F 1183 -0.60 -51.89 28.90
N VAL F 1184 0.64 -51.85 29.41
CA VAL F 1184 0.97 -51.32 30.73
C VAL F 1184 1.22 -49.82 30.61
N THR F 1185 0.42 -49.01 31.34
CA THR F 1185 0.56 -47.56 31.42
C THR F 1185 1.26 -47.20 32.73
N VAL F 1186 2.52 -46.75 32.65
CA VAL F 1186 3.32 -46.40 33.80
C VAL F 1186 3.23 -44.90 34.04
N THR F 1187 2.83 -44.51 35.27
CA THR F 1187 2.78 -43.13 35.72
C THR F 1187 3.84 -42.97 36.79
N ASN F 1188 4.66 -41.90 36.66
CA ASN F 1188 5.80 -41.64 37.51
C ASN F 1188 5.35 -41.43 38.95
N ALA F 1189 6.26 -41.66 39.90
CA ALA F 1189 5.99 -41.37 41.29
C ALA F 1189 5.75 -39.87 41.46
N ASP F 1190 5.06 -39.53 42.55
CA ASP F 1190 4.76 -38.17 42.93
C ASP F 1190 5.70 -37.80 44.07
N THR F 1191 6.99 -37.73 43.75
CA THR F 1191 8.07 -37.43 44.66
C THR F 1191 9.03 -36.49 43.95
N THR F 1192 10.01 -35.94 44.68
CA THR F 1192 11.07 -35.14 44.09
C THR F 1192 12.41 -35.83 44.32
N THR F 1193 13.35 -35.57 43.40
CA THR F 1193 14.59 -36.31 43.29
C THR F 1193 15.75 -35.32 43.32
N PRO F 1194 16.97 -35.76 43.75
CA PRO F 1194 18.17 -34.93 43.60
C PRO F 1194 18.28 -34.27 42.22
N SER F 1195 18.06 -35.03 41.15
CA SER F 1195 18.15 -34.51 39.79
C SER F 1195 17.08 -33.45 39.54
N GLY F 1196 15.97 -33.52 40.28
CA GLY F 1196 14.80 -32.67 40.03
C GLY F 1196 13.98 -33.15 38.82
N VAL F 1197 14.28 -34.37 38.38
CA VAL F 1197 13.54 -35.10 37.35
C VAL F 1197 13.13 -36.44 37.96
N VAL F 1198 11.81 -36.69 37.99
CA VAL F 1198 11.32 -37.97 38.49
C VAL F 1198 11.09 -38.92 37.31
N CYS F 1199 11.52 -40.17 37.50
CA CYS F 1199 11.47 -41.18 36.47
C CYS F 1199 10.95 -42.51 37.04
N ALA F 1200 10.54 -43.40 36.14
CA ALA F 1200 10.13 -44.76 36.48
C ALA F 1200 10.95 -45.75 35.67
N GLY F 1201 11.26 -46.90 36.27
CA GLY F 1201 12.14 -47.85 35.58
C GLY F 1201 11.79 -49.32 35.84
N LEU F 1202 11.89 -50.11 34.76
CA LEU F 1202 11.58 -51.53 34.76
C LEU F 1202 12.77 -52.33 34.23
N THR F 1203 13.07 -53.45 34.92
CA THR F 1203 14.01 -54.45 34.42
C THR F 1203 13.25 -55.56 33.69
N GLU F 1204 12.04 -55.87 34.16
CA GLU F 1204 11.27 -56.98 33.62
C GLU F 1204 9.78 -56.76 33.88
N ILE F 1205 8.96 -57.21 32.92
CA ILE F 1205 7.53 -57.43 33.09
C ILE F 1205 7.27 -58.89 32.72
N GLU F 1206 7.04 -59.74 33.72
CA GLU F 1206 6.67 -61.13 33.49
C GLU F 1206 5.15 -61.21 33.27
N LEU F 1207 4.73 -61.66 32.08
CA LEU F 1207 3.33 -61.97 31.81
C LEU F 1207 3.13 -63.49 31.92
N LYS F 1208 2.69 -63.94 33.10
CA LYS F 1208 2.55 -65.36 33.37
C LYS F 1208 1.19 -65.87 32.88
N THR F 1209 1.20 -67.07 32.30
CA THR F 1209 0.00 -67.69 31.79
C THR F 1209 -0.67 -68.46 32.93
N ALA F 1210 -1.89 -68.93 32.68
CA ALA F 1210 -2.58 -69.79 33.64
C ALA F 1210 -3.51 -70.75 32.92
N THR F 1211 -3.69 -71.95 33.51
CA THR F 1211 -4.57 -72.99 33.02
C THR F 1211 -5.56 -73.37 34.13
N SER F 1212 -6.76 -73.86 33.74
CA SER F 1212 -7.84 -74.22 34.64
C SER F 1212 -8.26 -75.68 34.43
N LYS F 1213 -8.39 -76.44 35.53
CA LYS F 1213 -8.98 -77.77 35.51
C LYS F 1213 -10.14 -77.82 36.50
N PHE F 1214 -11.14 -78.69 36.22
CA PHE F 1214 -12.16 -79.05 37.20
C PHE F 1214 -11.91 -80.47 37.69
N VAL F 1215 -11.28 -80.60 38.87
CA VAL F 1215 -10.92 -81.90 39.43
C VAL F 1215 -12.15 -82.52 40.09
N THR F 1216 -12.51 -83.76 39.72
CA THR F 1216 -13.50 -84.54 40.46
C THR F 1216 -12.78 -85.71 41.12
N ASN F 1217 -13.10 -86.03 42.39
CA ASN F 1217 -12.28 -86.91 43.23
C ASN F 1217 -12.51 -88.38 42.88
N THR F 1218 -11.52 -89.22 43.23
CA THR F 1218 -11.65 -90.67 43.22
C THR F 1218 -11.19 -91.22 44.58
N SER F 1219 -12.16 -91.59 45.40
CA SER F 1219 -11.93 -92.43 46.56
C SER F 1219 -13.28 -92.94 47.05
N ALA F 1220 -13.26 -94.15 47.62
CA ALA F 1220 -14.40 -94.78 48.26
C ALA F 1220 -14.19 -94.87 49.78
N ALA F 1221 -13.04 -94.38 50.27
CA ALA F 1221 -12.66 -94.41 51.67
C ALA F 1221 -13.51 -93.43 52.47
N LEU F 1222 -13.47 -93.56 53.80
CA LEU F 1222 -14.39 -92.86 54.70
C LEU F 1222 -13.61 -92.00 55.70
N SER F 1223 -14.27 -90.95 56.22
CA SER F 1223 -13.64 -89.96 57.09
C SER F 1223 -14.71 -89.14 57.82
N SER F 1224 -14.75 -89.27 59.15
CA SER F 1224 -15.69 -88.54 60.01
C SER F 1224 -17.10 -89.12 59.86
N ALA F 1253 -21.20 -91.37 59.11
CA ALA F 1253 -20.01 -91.53 58.26
C ALA F 1253 -20.02 -90.52 57.11
N GLU F 1254 -18.86 -90.32 56.50
CA GLU F 1254 -18.68 -89.42 55.37
C GLU F 1254 -17.61 -89.96 54.43
N GLY F 1255 -17.82 -89.71 53.13
CA GLY F 1255 -16.87 -90.08 52.09
C GLY F 1255 -15.76 -89.04 51.95
N GLU F 1256 -14.53 -89.54 51.88
CA GLU F 1256 -13.32 -88.72 51.84
C GLU F 1256 -13.43 -87.72 50.69
N GLY F 1257 -13.62 -88.25 49.48
CA GLY F 1257 -13.70 -87.42 48.29
C GLY F 1257 -15.15 -87.12 47.90
N ASN F 1258 -15.93 -86.70 48.90
CA ASN F 1258 -17.36 -86.48 48.76
C ASN F 1258 -18.03 -87.71 48.13
N ALA F 1259 -17.57 -88.89 48.52
CA ALA F 1259 -18.12 -90.14 48.03
C ALA F 1259 -19.52 -90.36 48.63
N SER F 1260 -20.41 -90.99 47.86
CA SER F 1260 -21.78 -91.25 48.31
C SER F 1260 -21.77 -92.22 49.48
N VAL F 1261 -22.36 -91.79 50.61
CA VAL F 1261 -22.48 -92.59 51.82
C VAL F 1261 -23.86 -93.23 51.84
N THR F 1262 -23.88 -94.57 51.83
CA THR F 1262 -25.11 -95.37 51.82
C THR F 1262 -25.07 -96.36 52.99
N VAL F 1263 -26.21 -96.49 53.70
CA VAL F 1263 -26.35 -97.27 54.93
C VAL F 1263 -27.52 -98.26 54.80
N VAL F 1273 -22.02 -99.92 55.32
CA VAL F 1273 -21.69 -98.67 54.57
C VAL F 1273 -20.96 -99.05 53.28
N ILE F 1274 -21.70 -99.00 52.16
CA ILE F 1274 -21.18 -99.08 50.80
C ILE F 1274 -21.05 -97.67 50.25
N THR F 1275 -19.96 -97.40 49.53
CA THR F 1275 -19.60 -96.07 49.06
C THR F 1275 -19.32 -96.08 47.56
N GLU F 1276 -19.45 -94.90 46.93
CA GLU F 1276 -19.23 -94.66 45.52
C GLU F 1276 -18.49 -93.34 45.36
N SER F 1277 -17.34 -93.37 44.66
CA SER F 1277 -16.49 -92.19 44.43
C SER F 1277 -17.22 -91.16 43.58
N GLU F 1278 -16.72 -89.91 43.62
CA GLU F 1278 -17.32 -88.79 42.90
C GLU F 1278 -17.42 -89.11 41.40
N ASP F 1279 -16.31 -89.54 40.80
CA ASP F 1279 -16.35 -90.24 39.52
C ASP F 1279 -16.97 -91.61 39.81
N HIS F 1280 -18.10 -91.89 39.16
CA HIS F 1280 -18.90 -93.05 39.52
C HIS F 1280 -18.27 -94.31 38.92
N VAL F 1281 -17.08 -94.68 39.42
CA VAL F 1281 -16.26 -95.72 38.83
C VAL F 1281 -15.99 -96.83 39.85
N THR F 1282 -15.57 -96.44 41.06
CA THR F 1282 -15.18 -97.38 42.10
C THR F 1282 -16.18 -97.33 43.26
N ARG F 1283 -16.91 -98.44 43.47
CA ARG F 1283 -17.78 -98.63 44.63
C ARG F 1283 -17.16 -99.69 45.55
N LYS F 1284 -16.75 -99.29 46.78
CA LYS F 1284 -16.06 -100.16 47.72
C LYS F 1284 -16.86 -100.27 49.03
N THR F 1285 -17.51 -101.42 49.24
CA THR F 1285 -18.28 -101.74 50.44
C THR F 1285 -17.33 -102.06 51.60
N PHE F 1286 -17.56 -101.43 52.77
CA PHE F 1286 -16.71 -101.55 53.93
C PHE F 1286 -17.56 -101.72 55.20
S SO4 G . 3.53 82.85 -55.44
O1 SO4 G . 4.02 83.75 -56.46
O2 SO4 G . 2.74 83.62 -54.48
O3 SO4 G . 4.69 82.26 -54.77
O4 SO4 G . 2.68 81.82 -56.07
C1 GOL H . -1.46 75.71 -23.37
O1 GOL H . -1.18 74.47 -24.01
C2 GOL H . -0.20 76.50 -23.05
O2 GOL H . -0.48 77.89 -23.15
C3 GOL H . 1.00 76.12 -23.92
O3 GOL H . 2.02 75.38 -23.25
C1 GOL I . -14.46 39.87 -19.04
O1 GOL I . -13.59 40.91 -18.59
C2 GOL I . -14.07 38.50 -18.48
O2 GOL I . -13.00 37.92 -19.23
C3 GOL I . -13.74 38.47 -16.98
O3 GOL I . -14.67 37.64 -16.27
CA CA J . -17.34 53.95 -20.50
C1 GOL K . -20.37 61.66 35.27
O1 GOL K . -20.28 62.21 33.95
C2 GOL K . -21.18 60.39 35.34
O2 GOL K . -20.86 59.69 36.56
C3 GOL K . -22.68 60.60 35.21
O3 GOL K . -23.21 61.42 36.26
CA CA L . -56.27 19.65 19.71
S SO4 M . -59.47 -10.28 46.05
O1 SO4 M . -60.52 -9.31 45.99
O2 SO4 M . -58.22 -9.59 46.29
O3 SO4 M . -59.38 -11.01 44.81
O4 SO4 M . -59.74 -11.21 47.14
C1 GOL N . -76.50 5.14 69.52
O1 GOL N . -75.63 6.22 69.21
C2 GOL N . -75.98 4.21 70.60
O2 GOL N . -76.41 2.86 70.35
C3 GOL N . -74.47 4.22 70.73
O3 GOL N . -74.00 5.45 71.29
CA CA O . -56.55 14.75 88.64
S SO4 P . 72.28 4.61 -111.75
O1 SO4 P . 73.24 4.77 -110.69
O2 SO4 P . 71.05 5.27 -111.38
O3 SO4 P . 72.82 5.22 -112.92
O4 SO4 P . 72.02 3.20 -111.99
C1 GOL Q . 67.44 -4.62 -80.38
O1 GOL Q . 67.64 -6.04 -80.33
C2 GOL Q . 68.69 -3.83 -80.10
O2 GOL Q . 68.46 -2.43 -80.33
C3 GOL Q . 69.91 -4.29 -80.88
O3 GOL Q . 71.12 -3.72 -80.41
C1 GOL R . 61.51 -43.16 -76.03
O1 GOL R . 60.65 -44.29 -76.21
C2 GOL R . 61.78 -42.39 -77.31
O2 GOL R . 60.68 -41.53 -77.62
C3 GOL R . 62.17 -43.24 -78.50
O3 GOL R . 62.38 -42.44 -79.67
CA CA S . 55.15 -28.70 -79.16
C1 GOL T . 46.10 -25.37 -24.44
O1 GOL T . 46.04 -24.28 -25.36
C2 GOL T . 46.94 -25.04 -23.22
O2 GOL T . 46.86 -26.10 -22.29
C3 GOL T . 48.39 -24.74 -23.53
O3 GOL T . 48.57 -23.41 -24.04
CA CA U . 18.14 -71.24 -40.65
S SO4 V . 11.09 -96.90 -12.65
O1 SO4 V . 10.00 -95.98 -12.85
O2 SO4 V . 12.23 -96.18 -12.15
O3 SO4 V . 11.43 -97.53 -13.90
O4 SO4 V . 10.69 -97.92 -11.70
C1 GOL W . -1.16 -80.16 11.38
O1 GOL W . -0.60 -79.00 10.77
C2 GOL W . -2.65 -80.23 11.08
O2 GOL W . -3.21 -81.39 11.69
C3 GOL W . -3.43 -79.02 11.54
O3 GOL W . -2.80 -77.79 11.19
CA CA X . 15.11 -58.00 32.18
#